data_3K3A
#
_entry.id   3K3A
#
_cell.length_a   111.802
_cell.length_b   123.836
_cell.length_c   123.967
_cell.angle_alpha   90.04
_cell.angle_beta   90.17
_cell.angle_gamma   90.10
#
_symmetry.space_group_name_H-M   'P 1'
#
loop_
_entity.id
_entity.type
_entity.pdbx_description
1 polymer Neuraminidase
2 non-polymer 2-acetamido-2-deoxy-beta-D-glucopyranose
3 non-polymer 'CALCIUM ION'
4 non-polymer '(3R,4R,5S)-4-(acetylamino)-5-amino-3-(pentan-3-yloxy)cyclohex-1-ene-1-carboxylic acid'
5 non-polymer 'YTTRIUM (III) ION'
6 water water
#
_entity_poly.entity_id   1
_entity_poly.type   'polypeptide(L)'
_entity_poly.pdbx_seq_one_letter_code
;GVTLLLPEPEWTYPRLSCPGSTFQKALLISPHRFGETKGNSAPLIIREPFIACGPKECKHFALTHYAAQPGGYYNGTRGD
RNKLRHLISVKLGKIPTVENSIFHMAAWSGSACHDGKEWTYIGVDGPENNALLKIKYGEAYTDTYHSYANNILRTQESAC
NCIGGNCYLMITDGSASGISECRFLKIREGRIIKEIFPTGRVKHTEECTCGFASNKTIECACRDNSYTAKRPFVKLNVET
DTAEIRLMCTETYLDTPRPDDGSITGPCESNGDKGSGGIKGGFVHQRMASKIGRWYSRTMSKTKRMGMGLYVKYDGDPWT
DSDALALSGVMVSMEEPGWYSFGFEIKDKKCDVPCIGIEMVHDGGKETWHSAATAIYCLMGSGQLLWDTVTGVDMAL
;
_entity_poly.pdbx_strand_id   A,B,C,D,E,F,G,H,I,J,K,L,M,N,O,P
#
loop_
_chem_comp.id
_chem_comp.type
_chem_comp.name
_chem_comp.formula
CA non-polymer 'CALCIUM ION' 'Ca 2'
G39 non-polymer '(3R,4R,5S)-4-(acetylamino)-5-amino-3-(pentan-3-yloxy)cyclohex-1-ene-1-carboxylic acid' 'C14 H24 N2 O4'
NAG D-saccharide, beta linking 2-acetamido-2-deoxy-beta-D-glucopyranose 'C8 H15 N O6'
YT3 non-polymer 'YTTRIUM (III) ION' 'Y 3'
#
# COMPACT_ATOMS: atom_id res chain seq x y z
N PRO A 9 18.17 -26.22 -31.25
CA PRO A 9 18.97 -27.45 -31.06
C PRO A 9 18.68 -28.52 -32.11
N GLU A 10 19.70 -29.34 -32.38
CA GLU A 10 19.67 -30.40 -33.36
C GLU A 10 20.05 -31.78 -32.74
N TRP A 11 19.77 -32.87 -33.49
CA TRP A 11 20.12 -34.21 -33.02
C TRP A 11 21.61 -34.40 -32.79
N THR A 12 21.93 -35.27 -31.83
CA THR A 12 23.31 -35.55 -31.51
C THR A 12 23.76 -36.85 -32.18
N TYR A 13 25.09 -36.95 -32.41
CA TYR A 13 25.77 -38.06 -33.08
C TYR A 13 27.07 -38.34 -32.33
N PRO A 14 27.55 -39.60 -32.35
CA PRO A 14 28.90 -39.84 -31.79
C PRO A 14 29.97 -39.10 -32.55
N ARG A 15 30.91 -38.47 -31.84
CA ARG A 15 32.04 -37.78 -32.44
C ARG A 15 33.38 -38.52 -32.17
N LEU A 16 34.47 -37.97 -32.68
CA LEU A 16 35.81 -38.49 -32.36
C LEU A 16 36.09 -38.21 -30.89
N SER A 17 36.66 -39.17 -30.17
CA SER A 17 36.96 -38.97 -28.75
C SER A 17 38.01 -37.89 -28.52
N CYS A 18 38.05 -37.33 -27.32
CA CYS A 18 39.05 -36.32 -27.00
C CYS A 18 40.42 -36.96 -26.89
N PRO A 19 41.48 -36.16 -27.11
CA PRO A 19 42.83 -36.69 -27.03
C PRO A 19 43.06 -37.28 -25.63
N GLY A 20 43.86 -38.36 -25.60
CA GLY A 20 44.33 -38.97 -24.38
C GLY A 20 44.64 -40.41 -24.62
N SER A 21 45.48 -40.95 -23.74
CA SER A 21 45.79 -42.37 -23.77
C SER A 21 45.70 -43.08 -22.42
N THR A 22 45.22 -42.41 -21.38
CA THR A 22 44.98 -43.08 -20.09
C THR A 22 43.71 -42.60 -19.37
N PHE A 23 43.04 -43.53 -18.68
CA PHE A 23 42.01 -43.14 -17.72
C PHE A 23 42.65 -42.67 -16.42
N GLN A 24 42.00 -41.69 -15.78
CA GLN A 24 42.40 -41.27 -14.44
C GLN A 24 41.18 -41.17 -13.57
N LYS A 25 41.39 -41.06 -12.26
CA LYS A 25 40.32 -40.92 -11.28
C LYS A 25 39.72 -39.54 -11.40
N ALA A 26 38.39 -39.45 -11.53
CA ALA A 26 37.74 -38.18 -11.80
C ALA A 26 36.94 -37.63 -10.62
N LEU A 27 36.00 -38.44 -10.14
CA LEU A 27 35.05 -37.97 -9.16
C LEU A 27 34.46 -39.12 -8.37
N LEU A 28 34.18 -38.87 -7.10
CA LEU A 28 33.47 -39.83 -6.27
C LEU A 28 32.13 -39.25 -5.85
N ILE A 29 31.06 -39.99 -6.07
CA ILE A 29 29.80 -39.68 -5.45
C ILE A 29 29.51 -40.71 -4.37
N SER A 30 29.83 -40.36 -3.13
CA SER A 30 29.56 -41.24 -2.00
C SER A 30 28.59 -40.58 -1.05
N PRO A 31 27.30 -40.70 -1.31
CA PRO A 31 26.33 -39.97 -0.53
C PRO A 31 26.20 -40.49 0.91
N HIS A 32 26.59 -41.74 1.17
CA HIS A 32 26.49 -42.27 2.52
C HIS A 32 27.54 -41.79 3.50
N ARG A 33 28.50 -41.03 2.97
CA ARG A 33 29.46 -40.28 3.79
C ARG A 33 28.70 -39.36 4.71
N PHE A 34 27.40 -39.27 4.45
CA PHE A 34 26.50 -38.25 5.04
C PHE A 34 25.27 -38.82 5.73
N GLY A 35 25.12 -40.15 5.72
CA GLY A 35 24.00 -40.81 6.38
C GLY A 35 24.37 -41.38 7.76
N GLU A 36 25.09 -40.63 8.58
CA GLU A 36 25.20 -41.01 9.98
C GLU A 36 23.99 -40.59 10.86
N THR A 37 23.67 -41.46 11.83
CA THR A 37 22.84 -41.17 12.99
C THR A 37 23.14 -39.77 13.51
N LYS A 38 24.41 -39.47 13.71
CA LYS A 38 24.86 -38.17 14.24
C LYS A 38 24.78 -36.99 13.27
N GLY A 39 24.44 -37.28 12.00
CA GLY A 39 24.35 -36.30 10.93
C GLY A 39 22.95 -35.74 10.71
N ASN A 40 22.78 -34.96 9.64
CA ASN A 40 21.53 -34.23 9.36
C ASN A 40 21.29 -34.17 7.86
N SER A 41 21.56 -35.27 7.18
CA SER A 41 21.41 -35.36 5.74
C SER A 41 20.58 -36.62 5.44
N ALA A 42 20.00 -36.67 4.24
CA ALA A 42 19.20 -37.79 3.80
C ALA A 42 19.60 -38.27 2.40
N PRO A 43 20.70 -39.03 2.30
CA PRO A 43 21.03 -39.65 1.03
C PRO A 43 20.07 -40.77 0.76
N LEU A 44 19.66 -40.91 -0.49
CA LEU A 44 18.67 -41.89 -0.88
C LEU A 44 19.32 -43.25 -0.97
N ILE A 45 18.60 -44.28 -0.55
CA ILE A 45 19.07 -45.67 -0.67
C ILE A 45 18.81 -46.13 -2.08
N ILE A 46 19.91 -46.45 -2.78
CA ILE A 46 19.82 -46.77 -4.20
C ILE A 46 20.59 -48.04 -4.52
N ARG A 47 20.55 -48.40 -5.82
CA ARG A 47 21.51 -49.29 -6.46
C ARG A 47 21.45 -49.05 -8.00
N GLU A 48 22.23 -49.80 -8.76
CA GLU A 48 22.23 -49.69 -10.21
C GLU A 48 22.33 -48.24 -10.68
N PRO A 49 23.31 -47.50 -10.13
CA PRO A 49 23.54 -46.16 -10.59
C PRO A 49 24.01 -46.18 -12.05
N PHE A 50 23.98 -45.03 -12.70
CA PHE A 50 24.56 -44.89 -14.04
C PHE A 50 24.46 -43.47 -14.48
N ILE A 51 25.40 -43.03 -15.29
CA ILE A 51 25.44 -41.67 -15.79
C ILE A 51 25.09 -41.63 -17.29
N ALA A 52 24.36 -40.61 -17.70
CA ALA A 52 24.09 -40.36 -19.11
C ALA A 52 24.25 -38.86 -19.30
N CYS A 53 24.84 -38.44 -20.41
CA CYS A 53 25.08 -37.02 -20.60
C CYS A 53 24.39 -36.49 -21.83
N GLY A 54 24.07 -35.20 -21.80
CA GLY A 54 23.59 -34.45 -22.99
C GLY A 54 24.58 -33.34 -23.32
N PRO A 55 24.26 -32.47 -24.30
CA PRO A 55 25.27 -31.49 -24.73
C PRO A 55 25.65 -30.49 -23.64
N LYS A 56 24.79 -30.22 -22.67
CA LYS A 56 25.19 -29.25 -21.61
C LYS A 56 25.29 -29.82 -20.17
N GLU A 57 24.69 -30.97 -19.92
CA GLU A 57 24.58 -31.53 -18.58
C GLU A 57 24.80 -33.07 -18.53
N CYS A 58 25.40 -33.54 -17.44
CA CYS A 58 25.53 -34.97 -17.17
C CYS A 58 24.68 -35.31 -15.97
N LYS A 59 23.80 -36.29 -16.11
CA LYS A 59 22.88 -36.69 -15.05
C LYS A 59 23.28 -38.02 -14.42
N HIS A 60 23.17 -38.10 -13.11
CA HIS A 60 23.59 -39.28 -12.36
C HIS A 60 22.33 -39.98 -12.01
N PHE A 61 22.08 -41.12 -12.64
CA PHE A 61 20.85 -41.85 -12.42
C PHE A 61 21.03 -43.02 -11.42
N ALA A 62 19.95 -43.47 -10.79
CA ALA A 62 20.01 -44.66 -9.93
C ALA A 62 18.63 -45.22 -9.71
N LEU A 63 18.54 -46.47 -9.24
CA LEU A 63 17.23 -47.03 -8.86
C LEU A 63 17.10 -46.96 -7.36
N THR A 64 16.18 -46.12 -6.85
CA THR A 64 15.96 -45.99 -5.39
C THR A 64 14.88 -46.92 -4.81
N HIS A 65 15.07 -47.34 -3.56
CA HIS A 65 14.07 -48.11 -2.80
C HIS A 65 13.07 -47.19 -2.10
N TYR A 66 13.13 -45.90 -2.41
CA TYR A 66 12.22 -44.92 -1.81
C TYR A 66 12.40 -44.83 -0.29
N ALA A 67 13.67 -44.87 0.12
CA ALA A 67 14.07 -44.80 1.52
C ALA A 67 15.35 -43.98 1.58
N ALA A 68 15.70 -43.51 2.78
CA ALA A 68 16.94 -42.76 2.98
C ALA A 68 17.66 -43.27 4.20
N GLN A 69 18.94 -42.94 4.30
CA GLN A 69 19.76 -43.23 5.44
C GLN A 69 20.12 -41.88 6.11
N PRO A 70 19.82 -41.73 7.42
CA PRO A 70 19.19 -42.75 8.25
C PRO A 70 17.70 -42.81 8.06
N GLY A 71 17.11 -43.99 8.20
CA GLY A 71 15.69 -44.13 8.00
C GLY A 71 15.14 -45.28 8.80
N GLY A 72 14.00 -45.79 8.38
CA GLY A 72 13.32 -46.85 9.10
C GLY A 72 12.78 -47.87 8.11
N TYR A 73 13.14 -47.71 6.83
CA TYR A 73 12.71 -48.66 5.80
C TYR A 73 13.89 -49.39 5.13
N TYR A 74 14.86 -49.80 5.95
CA TYR A 74 16.02 -50.59 5.52
C TYR A 74 15.61 -52.00 5.07
N ASN A 75 14.58 -52.57 5.69
CA ASN A 75 14.12 -53.90 5.32
C ASN A 75 13.57 -54.01 3.88
N GLY A 76 14.31 -54.76 3.04
CA GLY A 76 13.89 -55.01 1.66
C GLY A 76 14.65 -54.15 0.66
N THR A 77 15.68 -53.45 1.15
CA THR A 77 16.54 -52.66 0.28
C THR A 77 17.68 -53.51 -0.34
N ARG A 78 17.82 -54.76 0.15
CA ARG A 78 18.63 -55.81 -0.47
C ARG A 78 17.85 -56.62 -1.54
N GLY A 79 16.54 -56.40 -1.64
CA GLY A 79 15.73 -57.03 -2.70
C GLY A 79 15.97 -56.28 -4.00
N ASP A 80 15.24 -56.65 -5.05
CA ASP A 80 15.37 -55.89 -6.30
C ASP A 80 14.03 -55.32 -6.77
N ARG A 81 13.03 -56.17 -7.02
CA ARG A 81 11.78 -55.65 -7.59
C ARG A 81 10.66 -55.54 -6.59
N ASN A 82 10.37 -54.31 -6.18
CA ASN A 82 9.16 -54.01 -5.42
C ASN A 82 8.37 -52.86 -6.03
N LYS A 83 7.17 -52.61 -5.49
CA LYS A 83 6.26 -51.56 -5.92
C LYS A 83 6.63 -50.13 -5.54
N LEU A 84 7.71 -49.93 -4.77
CA LEU A 84 8.12 -48.58 -4.35
C LEU A 84 9.34 -48.07 -5.11
N ARG A 85 10.00 -48.98 -5.81
CA ARG A 85 11.23 -48.70 -6.52
C ARG A 85 11.02 -47.63 -7.60
N HIS A 86 11.97 -46.69 -7.68
CA HIS A 86 11.90 -45.58 -8.62
C HIS A 86 13.21 -45.21 -9.25
N LEU A 87 13.11 -44.82 -10.54
CA LEU A 87 14.20 -44.14 -11.24
C LEU A 87 14.32 -42.68 -10.78
N ILE A 88 15.49 -42.31 -10.32
CA ILE A 88 15.75 -40.96 -9.86
C ILE A 88 17.01 -40.43 -10.54
N SER A 89 17.20 -39.11 -10.45
CA SER A 89 18.34 -38.42 -11.02
C SER A 89 18.71 -37.15 -10.27
N VAL A 90 19.98 -36.79 -10.36
CA VAL A 90 20.49 -35.53 -9.92
C VAL A 90 21.48 -35.09 -10.98
N LYS A 91 21.82 -33.79 -10.99
CA LYS A 91 22.88 -33.33 -11.88
C LYS A 91 24.14 -33.98 -11.34
N LEU A 92 24.95 -34.57 -12.24
CA LEU A 92 26.15 -35.24 -11.80
C LEU A 92 27.01 -34.22 -11.07
N GLY A 93 27.45 -34.58 -9.86
CA GLY A 93 28.17 -33.69 -9.00
C GLY A 93 27.35 -33.32 -7.80
N LYS A 94 26.05 -33.55 -7.85
CA LYS A 94 25.18 -33.31 -6.69
C LYS A 94 24.94 -34.63 -5.95
N ILE A 95 24.93 -34.55 -4.62
CA ILE A 95 24.68 -35.71 -3.77
C ILE A 95 23.20 -36.07 -3.91
N PRO A 96 22.90 -37.32 -4.29
CA PRO A 96 21.50 -37.70 -4.47
C PRO A 96 20.80 -37.96 -3.11
N THR A 97 20.25 -36.88 -2.58
CA THR A 97 19.46 -36.91 -1.38
C THR A 97 17.99 -36.75 -1.73
N VAL A 98 17.14 -36.84 -0.74
CA VAL A 98 15.69 -36.76 -0.91
C VAL A 98 15.28 -35.50 -1.66
N GLU A 99 15.83 -34.37 -1.25
CA GLU A 99 15.48 -33.11 -1.82
C GLU A 99 16.18 -32.75 -3.14
N ASN A 100 17.46 -33.12 -3.28
CA ASN A 100 18.20 -32.90 -4.53
C ASN A 100 17.70 -33.70 -5.73
N SER A 101 17.26 -34.92 -5.48
CA SER A 101 16.81 -35.85 -6.52
C SER A 101 15.53 -35.41 -7.14
N ILE A 102 15.26 -35.91 -8.34
CA ILE A 102 13.96 -35.80 -8.95
C ILE A 102 13.53 -37.21 -9.24
N PHE A 103 12.28 -37.52 -8.97
CA PHE A 103 11.74 -38.85 -9.22
C PHE A 103 11.08 -38.87 -10.58
N HIS A 104 11.59 -39.73 -11.47
CA HIS A 104 11.15 -39.80 -12.86
C HIS A 104 9.94 -40.71 -13.06
N MET A 105 10.05 -41.95 -12.58
CA MET A 105 9.00 -42.94 -12.74
C MET A 105 9.20 -44.16 -11.87
N ALA A 106 8.13 -44.90 -11.59
CA ALA A 106 8.30 -46.16 -10.89
C ALA A 106 9.15 -47.08 -11.80
N ALA A 107 10.21 -47.68 -11.24
CA ALA A 107 11.04 -48.61 -12.01
C ALA A 107 11.87 -49.49 -11.11
N TRP A 108 11.98 -50.77 -11.43
CA TRP A 108 12.99 -51.61 -10.81
C TRP A 108 14.07 -52.07 -11.79
N SER A 109 14.04 -51.50 -13.00
CA SER A 109 15.10 -51.63 -13.99
C SER A 109 15.01 -50.39 -14.87
N GLY A 110 16.14 -49.81 -15.24
CA GLY A 110 16.12 -48.51 -15.89
C GLY A 110 17.24 -48.20 -16.89
N SER A 111 17.08 -47.05 -17.57
CA SER A 111 18.03 -46.50 -18.51
C SER A 111 17.57 -45.09 -18.86
N ALA A 112 18.48 -44.31 -19.46
CA ALA A 112 18.07 -43.00 -19.96
C ALA A 112 19.04 -42.51 -20.99
N CYS A 113 18.62 -41.59 -21.86
CA CYS A 113 19.53 -40.97 -22.85
C CYS A 113 19.04 -39.67 -23.44
N HIS A 114 19.99 -38.79 -23.76
CA HIS A 114 19.71 -37.54 -24.45
C HIS A 114 19.91 -37.68 -25.96
N ASP A 115 19.04 -37.07 -26.76
CA ASP A 115 19.17 -37.22 -28.22
C ASP A 115 19.62 -35.93 -28.92
N GLY A 116 20.10 -34.97 -28.14
CA GLY A 116 20.40 -33.64 -28.66
C GLY A 116 19.30 -32.66 -28.33
N LYS A 117 18.05 -33.11 -28.36
CA LYS A 117 16.88 -32.24 -28.10
C LYS A 117 16.23 -32.47 -26.75
N GLU A 118 16.09 -33.73 -26.32
CA GLU A 118 15.43 -34.04 -25.08
C GLU A 118 15.84 -35.37 -24.44
N TRP A 119 15.56 -35.52 -23.14
CA TRP A 119 15.87 -36.74 -22.36
C TRP A 119 14.80 -37.81 -22.58
N THR A 120 15.22 -39.01 -22.93
CA THR A 120 14.34 -40.17 -22.87
C THR A 120 14.66 -40.95 -21.57
N TYR A 121 13.65 -41.26 -20.76
CA TYR A 121 13.83 -42.07 -19.55
C TYR A 121 13.14 -43.45 -19.69
N ILE A 122 13.83 -44.51 -19.35
CA ILE A 122 13.25 -45.85 -19.48
C ILE A 122 13.17 -46.51 -18.10
N GLY A 123 12.10 -47.21 -17.84
CA GLY A 123 11.92 -47.84 -16.55
C GLY A 123 10.94 -48.98 -16.63
N VAL A 124 11.38 -50.13 -16.17
CA VAL A 124 10.53 -51.30 -16.16
C VAL A 124 10.01 -51.52 -14.74
N ASP A 125 8.71 -51.72 -14.63
CA ASP A 125 8.13 -52.31 -13.43
C ASP A 125 7.03 -53.28 -13.82
N GLY A 126 6.25 -53.74 -12.86
CA GLY A 126 5.17 -54.68 -13.13
C GLY A 126 5.40 -55.98 -12.37
N PRO A 127 4.44 -56.92 -12.47
CA PRO A 127 4.66 -58.22 -11.85
C PRO A 127 5.77 -58.95 -12.56
N GLU A 128 6.39 -59.90 -11.87
CA GLU A 128 7.52 -60.64 -12.41
C GLU A 128 7.19 -61.35 -13.73
N ASN A 129 5.95 -61.86 -13.84
CA ASN A 129 5.54 -62.76 -14.94
C ASN A 129 4.86 -62.00 -16.09
N ASN A 130 4.86 -60.67 -15.97
CA ASN A 130 4.26 -59.78 -16.93
C ASN A 130 4.68 -58.34 -16.66
N ALA A 131 5.97 -58.12 -16.41
CA ALA A 131 6.46 -56.78 -16.24
C ALA A 131 6.23 -55.93 -17.48
N LEU A 132 6.62 -54.66 -17.39
CA LEU A 132 6.27 -53.67 -18.39
C LEU A 132 7.27 -52.56 -18.44
N LEU A 133 7.89 -52.41 -19.59
CA LEU A 133 8.80 -51.31 -19.83
C LEU A 133 8.04 -50.07 -20.21
N LYS A 134 8.38 -48.98 -19.55
CA LYS A 134 7.73 -47.69 -19.78
C LYS A 134 8.75 -46.65 -20.24
N ILE A 135 8.29 -45.77 -21.11
CA ILE A 135 9.13 -44.70 -21.67
C ILE A 135 8.47 -43.33 -21.41
N LYS A 136 9.30 -42.39 -20.97
CA LYS A 136 8.95 -41.03 -20.65
C LYS A 136 9.92 -40.17 -21.47
N TYR A 137 9.36 -39.27 -22.27
CA TYR A 137 10.16 -38.31 -23.05
C TYR A 137 10.03 -36.93 -22.40
N GLY A 138 11.09 -36.46 -21.76
CA GLY A 138 11.01 -35.26 -20.93
C GLY A 138 10.00 -35.45 -19.80
N GLU A 139 8.87 -34.74 -19.90
CA GLU A 139 7.80 -34.80 -18.89
C GLU A 139 6.70 -35.81 -19.18
N ALA A 140 6.52 -36.13 -20.47
CA ALA A 140 5.43 -36.99 -20.94
C ALA A 140 5.72 -38.48 -20.90
N TYR A 141 4.75 -39.26 -20.45
CA TYR A 141 4.80 -40.72 -20.66
C TYR A 141 4.29 -41.01 -22.07
N THR A 142 5.11 -41.64 -22.90
CA THR A 142 4.87 -41.73 -24.37
C THR A 142 4.55 -43.13 -24.97
N ASP A 143 5.03 -44.18 -24.30
CA ASP A 143 4.98 -45.55 -24.86
C ASP A 143 5.31 -46.66 -23.84
N THR A 144 4.96 -47.89 -24.18
CA THR A 144 5.38 -49.04 -23.39
C THR A 144 5.65 -50.23 -24.28
N TYR A 145 6.36 -51.20 -23.72
CA TYR A 145 6.65 -52.45 -24.41
C TYR A 145 6.39 -53.55 -23.41
N HIS A 146 5.75 -54.61 -23.88
CA HIS A 146 5.32 -55.71 -23.03
C HIS A 146 6.29 -56.86 -22.90
N SER A 147 6.17 -57.55 -21.77
CA SER A 147 6.94 -58.75 -21.48
C SER A 147 6.64 -59.80 -22.55
N TYR A 148 7.69 -60.42 -23.09
CA TYR A 148 7.61 -61.43 -24.18
C TYR A 148 8.08 -62.86 -23.84
N ALA A 149 8.93 -63.00 -22.84
CA ALA A 149 9.19 -64.32 -22.29
C ALA A 149 8.55 -64.54 -20.90
N ASN A 150 7.65 -63.67 -20.48
CA ASN A 150 6.99 -63.79 -19.18
C ASN A 150 7.91 -64.25 -18.01
N ASN A 151 9.16 -63.81 -18.03
CA ASN A 151 10.01 -63.96 -16.86
C ASN A 151 10.94 -62.77 -16.65
N ILE A 152 10.44 -61.75 -15.97
CA ILE A 152 11.22 -60.56 -15.57
C ILE A 152 11.83 -59.79 -16.74
N LEU A 153 10.99 -59.03 -17.45
CA LEU A 153 11.44 -58.13 -18.47
C LEU A 153 12.37 -57.12 -17.85
N ARG A 154 13.58 -57.03 -18.39
CA ARG A 154 14.64 -56.22 -17.84
C ARG A 154 15.16 -55.25 -18.89
N THR A 155 15.80 -54.16 -18.43
CA THR A 155 16.64 -53.34 -19.34
C THR A 155 18.10 -53.10 -18.93
N GLN A 156 18.83 -52.25 -19.67
CA GLN A 156 20.28 -52.11 -19.54
C GLN A 156 20.91 -51.82 -18.18
N GLU A 157 20.18 -51.16 -17.30
CA GLU A 157 20.82 -50.62 -16.12
C GLU A 157 21.90 -49.59 -16.45
N SER A 158 21.92 -49.11 -17.70
CA SER A 158 22.78 -47.99 -18.12
C SER A 158 22.27 -47.22 -19.34
N ALA A 159 22.99 -46.15 -19.69
CA ALA A 159 22.61 -45.21 -20.75
C ALA A 159 22.26 -45.90 -22.04
N CYS A 160 21.18 -45.48 -22.67
CA CYS A 160 20.87 -45.86 -24.03
C CYS A 160 21.66 -44.94 -24.97
N ASN A 161 21.52 -45.12 -26.27
CA ASN A 161 22.42 -44.42 -27.18
C ASN A 161 21.67 -43.85 -28.36
N CYS A 162 21.74 -42.53 -28.51
CA CYS A 162 20.93 -41.92 -29.57
C CYS A 162 21.76 -41.39 -30.73
N ILE A 163 21.28 -41.65 -31.94
CA ILE A 163 21.97 -41.18 -33.14
C ILE A 163 20.92 -40.64 -34.08
N GLY A 164 21.11 -39.41 -34.54
CA GLY A 164 20.09 -38.79 -35.40
C GLY A 164 18.67 -38.92 -34.85
N GLY A 165 18.51 -38.81 -33.53
CA GLY A 165 17.20 -38.84 -32.91
C GLY A 165 16.64 -40.23 -32.70
N ASN A 166 17.36 -41.27 -33.13
CA ASN A 166 16.97 -42.64 -32.82
C ASN A 166 17.73 -43.24 -31.65
N CYS A 167 17.04 -43.43 -30.52
CA CYS A 167 17.66 -44.09 -29.38
C CYS A 167 17.46 -45.60 -29.44
N TYR A 168 18.54 -46.32 -29.20
CA TYR A 168 18.56 -47.77 -29.26
C TYR A 168 18.74 -48.35 -27.85
N LEU A 169 17.88 -49.29 -27.49
CA LEU A 169 17.87 -49.81 -26.12
C LEU A 169 17.83 -51.34 -26.04
N MET A 170 18.76 -51.95 -25.30
CA MET A 170 18.66 -53.39 -25.06
C MET A 170 17.56 -53.64 -24.00
N ILE A 171 16.70 -54.61 -24.28
CA ILE A 171 15.81 -55.20 -23.29
C ILE A 171 15.99 -56.71 -23.34
N THR A 172 15.85 -57.36 -22.18
CA THR A 172 15.88 -58.82 -22.11
C THR A 172 14.75 -59.37 -21.26
N ASP A 173 14.39 -60.62 -21.51
CA ASP A 173 13.31 -61.31 -20.83
C ASP A 173 13.71 -62.76 -20.81
N GLY A 174 13.59 -63.39 -19.65
CA GLY A 174 13.86 -64.81 -19.57
C GLY A 174 14.41 -65.18 -18.21
N SER A 175 14.64 -66.48 -18.03
CA SER A 175 15.12 -66.97 -16.76
C SER A 175 16.50 -66.49 -16.41
N ALA A 176 16.75 -66.32 -15.12
CA ALA A 176 18.10 -65.96 -14.69
C ALA A 176 19.13 -67.11 -14.80
N SER A 177 18.65 -68.33 -14.98
CA SER A 177 19.51 -69.53 -14.94
C SER A 177 19.21 -70.38 -16.16
N GLY A 178 18.61 -69.75 -17.18
CA GLY A 178 18.23 -70.39 -18.44
C GLY A 178 18.23 -69.33 -19.53
N ILE A 179 17.41 -69.57 -20.55
CA ILE A 179 17.37 -68.74 -21.74
C ILE A 179 16.85 -67.33 -21.42
N SER A 180 17.62 -66.31 -21.79
CA SER A 180 17.17 -64.93 -21.72
C SER A 180 17.51 -64.23 -23.02
N GLU A 181 16.88 -64.65 -24.11
CA GLU A 181 17.04 -64.02 -25.42
C GLU A 181 16.69 -62.52 -25.40
N CYS A 182 17.67 -61.65 -25.58
CA CYS A 182 17.43 -60.20 -25.60
C CYS A 182 16.93 -59.65 -26.95
N ARG A 183 16.53 -58.38 -26.92
CA ARG A 183 16.00 -57.64 -28.04
C ARG A 183 16.50 -56.20 -27.94
N PHE A 184 16.40 -55.45 -29.04
CA PHE A 184 16.70 -54.02 -29.00
C PHE A 184 15.49 -53.28 -29.46
N LEU A 185 15.20 -52.18 -28.80
CA LEU A 185 14.17 -51.29 -29.25
C LEU A 185 14.82 -50.09 -29.91
N LYS A 186 14.20 -49.58 -30.96
CA LYS A 186 14.61 -48.31 -31.55
C LYS A 186 13.53 -47.25 -31.21
N ILE A 187 13.94 -46.20 -30.52
CA ILE A 187 13.00 -45.24 -29.94
C ILE A 187 13.19 -43.83 -30.51
N ARG A 188 12.12 -43.23 -31.00
CA ARG A 188 12.22 -41.87 -31.54
C ARG A 188 11.19 -40.96 -30.87
N GLU A 189 11.68 -39.88 -30.27
CA GLU A 189 10.84 -38.98 -29.47
C GLU A 189 9.89 -39.77 -28.54
N GLY A 190 10.44 -40.77 -27.87
CA GLY A 190 9.75 -41.47 -26.80
C GLY A 190 8.93 -42.62 -27.26
N ARG A 191 8.87 -42.83 -28.58
CA ARG A 191 8.01 -43.87 -29.12
C ARG A 191 8.81 -44.92 -29.86
N ILE A 192 8.37 -46.16 -29.69
CA ILE A 192 9.02 -47.29 -30.27
C ILE A 192 8.65 -47.37 -31.76
N ILE A 193 9.67 -47.42 -32.62
CA ILE A 193 9.46 -47.44 -34.07
C ILE A 193 10.02 -48.69 -34.75
N LYS A 194 10.77 -49.50 -34.00
CA LYS A 194 11.23 -50.79 -34.49
C LYS A 194 11.68 -51.71 -33.36
N GLU A 195 11.29 -52.97 -33.49
CA GLU A 195 11.88 -54.10 -32.74
C GLU A 195 12.96 -54.76 -33.59
N ILE A 196 14.17 -54.87 -33.03
CA ILE A 196 15.31 -55.51 -33.70
C ILE A 196 15.63 -56.80 -32.97
N PHE A 197 15.52 -57.93 -33.68
CA PHE A 197 15.79 -59.25 -33.14
C PHE A 197 17.22 -59.69 -33.49
N PRO A 198 18.10 -59.79 -32.48
CA PRO A 198 19.48 -60.13 -32.84
C PRO A 198 19.64 -61.59 -33.30
N THR A 199 20.79 -61.90 -33.92
CA THR A 199 21.05 -63.21 -34.47
C THR A 199 22.40 -63.67 -33.92
N GLY A 200 22.75 -64.93 -34.10
CA GLY A 200 23.98 -65.42 -33.52
C GLY A 200 23.82 -66.05 -32.15
N ARG A 201 24.74 -65.74 -31.25
CA ARG A 201 24.71 -66.36 -29.91
C ARG A 201 23.73 -65.57 -29.05
N VAL A 202 22.49 -66.02 -28.97
CA VAL A 202 21.40 -65.27 -28.36
C VAL A 202 20.82 -66.04 -27.15
N LYS A 203 21.55 -67.07 -26.77
CA LYS A 203 21.17 -67.99 -25.71
C LYS A 203 20.83 -67.20 -24.46
N HIS A 204 21.71 -66.29 -24.06
CA HIS A 204 21.48 -65.51 -22.86
C HIS A 204 22.34 -64.26 -22.85
N THR A 205 21.67 -63.11 -22.71
CA THR A 205 22.32 -61.79 -22.82
C THR A 205 21.44 -60.85 -22.02
N GLU A 206 22.09 -60.11 -21.13
CA GLU A 206 21.39 -59.22 -20.24
C GLU A 206 22.29 -58.06 -19.79
N GLU A 207 21.70 -56.93 -19.45
CA GLU A 207 22.51 -55.77 -18.97
C GLU A 207 23.65 -55.35 -19.91
N CYS A 208 23.33 -55.19 -21.18
CA CYS A 208 24.31 -54.70 -22.14
C CYS A 208 24.78 -53.29 -21.82
N THR A 209 26.06 -53.10 -21.72
CA THR A 209 26.65 -51.80 -21.63
C THR A 209 27.02 -51.45 -23.07
N CYS A 210 26.17 -50.67 -23.72
CA CYS A 210 26.37 -50.30 -25.11
C CYS A 210 26.99 -48.94 -25.25
N GLY A 211 27.72 -48.74 -26.34
CA GLY A 211 28.29 -47.44 -26.75
C GLY A 211 28.45 -47.39 -28.28
N PHE A 212 28.69 -46.20 -28.82
CA PHE A 212 28.92 -46.10 -30.26
C PHE A 212 30.35 -46.43 -30.60
N ALA A 213 30.54 -47.51 -31.35
CA ALA A 213 31.86 -47.76 -31.92
C ALA A 213 32.12 -46.82 -33.11
N SER A 214 31.06 -46.23 -33.65
CA SER A 214 31.17 -45.30 -34.76
C SER A 214 29.76 -44.85 -35.12
N ASN A 215 29.63 -44.08 -36.20
CA ASN A 215 28.30 -43.68 -36.71
C ASN A 215 27.48 -44.84 -37.27
N LYS A 216 28.10 -45.96 -37.60
CA LYS A 216 27.35 -47.10 -38.16
C LYS A 216 27.01 -48.21 -37.15
N THR A 217 27.70 -48.25 -36.03
CA THR A 217 27.71 -49.45 -35.14
C THR A 217 27.64 -49.13 -33.65
N ILE A 218 26.65 -49.70 -32.98
CA ILE A 218 26.62 -49.72 -31.51
C ILE A 218 27.16 -51.08 -31.11
N GLU A 219 28.07 -51.11 -30.16
CA GLU A 219 28.58 -52.39 -29.62
C GLU A 219 28.28 -52.50 -28.16
N CYS A 220 27.90 -53.69 -27.69
CA CYS A 220 27.58 -53.89 -26.26
C CYS A 220 28.30 -55.05 -25.64
N ALA A 221 28.74 -54.89 -24.40
CA ALA A 221 29.35 -55.95 -23.61
C ALA A 221 28.35 -56.36 -22.50
N CYS A 222 27.85 -57.59 -22.55
CA CYS A 222 26.74 -57.97 -21.70
C CYS A 222 27.03 -59.05 -20.65
N ARG A 223 25.97 -59.46 -19.97
CA ARG A 223 26.07 -60.46 -18.92
C ARG A 223 25.34 -61.73 -19.33
N ASP A 224 26.02 -62.86 -19.24
CA ASP A 224 25.35 -64.14 -19.28
C ASP A 224 25.39 -64.68 -17.86
N ASN A 225 24.22 -64.93 -17.31
CA ASN A 225 24.06 -65.33 -15.93
C ASN A 225 23.92 -66.86 -15.76
N SER A 226 23.88 -67.56 -16.89
CA SER A 226 23.73 -69.04 -16.90
C SER A 226 24.97 -69.83 -17.34
N TYR A 227 25.52 -69.44 -18.49
CA TYR A 227 26.28 -70.41 -19.28
C TYR A 227 27.80 -70.21 -19.34
N THR A 228 28.27 -68.96 -19.35
CA THR A 228 29.67 -68.64 -19.55
C THR A 228 30.06 -67.41 -18.71
N ALA A 229 31.36 -67.29 -18.41
CA ALA A 229 31.99 -66.08 -17.86
C ALA A 229 32.62 -65.19 -18.94
N LYS A 230 32.48 -65.59 -20.20
CA LYS A 230 32.73 -64.67 -21.33
C LYS A 230 31.55 -63.72 -21.48
N ARG A 231 31.84 -62.45 -21.71
CA ARG A 231 30.78 -61.50 -21.96
C ARG A 231 30.23 -61.73 -23.37
N PRO A 232 28.90 -61.85 -23.52
CA PRO A 232 28.29 -61.75 -24.85
C PRO A 232 28.63 -60.38 -25.42
N PHE A 233 29.04 -60.34 -26.67
CA PHE A 233 29.39 -59.06 -27.27
C PHE A 233 28.46 -58.75 -28.44
N VAL A 234 27.63 -57.73 -28.27
CA VAL A 234 26.67 -57.34 -29.29
C VAL A 234 27.22 -56.32 -30.26
N LYS A 235 27.03 -56.56 -31.56
CA LYS A 235 27.34 -55.55 -32.60
C LYS A 235 26.08 -55.23 -33.35
N LEU A 236 25.67 -53.96 -33.26
CA LEU A 236 24.43 -53.47 -33.87
C LEU A 236 24.74 -52.48 -35.00
N ASN A 237 24.27 -52.77 -36.21
CA ASN A 237 24.33 -51.82 -37.29
C ASN A 237 23.11 -50.89 -37.23
N VAL A 238 23.37 -49.61 -36.96
CA VAL A 238 22.24 -48.64 -36.84
C VAL A 238 21.72 -48.10 -38.19
N GLU A 239 22.40 -48.45 -39.28
CA GLU A 239 21.95 -48.09 -40.64
C GLU A 239 21.00 -49.12 -41.22
N THR A 240 21.22 -50.40 -40.93
CA THR A 240 20.26 -51.44 -41.41
C THR A 240 19.38 -52.02 -40.28
N ASP A 241 19.61 -51.55 -39.05
CA ASP A 241 18.91 -51.99 -37.84
C ASP A 241 18.95 -53.50 -37.71
N THR A 242 20.19 -54.02 -37.70
CA THR A 242 20.48 -55.44 -37.61
C THR A 242 21.47 -55.66 -36.47
N ALA A 243 21.26 -56.74 -35.73
CA ALA A 243 22.08 -57.01 -34.56
C ALA A 243 22.55 -58.43 -34.56
N GLU A 244 23.83 -58.61 -34.22
CA GLU A 244 24.49 -59.91 -34.11
C GLU A 244 25.18 -60.02 -32.74
N ILE A 245 25.28 -61.23 -32.20
CA ILE A 245 25.84 -61.44 -30.87
C ILE A 245 26.73 -62.71 -30.84
N ARG A 246 27.96 -62.55 -30.37
CA ARG A 246 28.85 -63.68 -30.06
C ARG A 246 29.61 -63.38 -28.78
N LEU A 247 30.10 -64.45 -28.14
CA LEU A 247 30.91 -64.33 -26.94
C LEU A 247 32.18 -63.60 -27.27
N MET A 248 32.71 -62.90 -26.27
CA MET A 248 34.02 -62.31 -26.39
C MET A 248 35.09 -63.41 -26.30
N CYS A 249 35.95 -63.46 -27.31
CA CYS A 249 36.95 -64.53 -27.45
C CYS A 249 38.16 -64.40 -26.54
N THR A 250 38.40 -63.20 -26.00
CA THR A 250 39.60 -62.89 -25.17
C THR A 250 39.77 -63.81 -23.97
N GLU A 251 41.03 -64.05 -23.60
CA GLU A 251 41.31 -64.88 -22.45
C GLU A 251 41.05 -64.12 -21.14
N THR A 252 40.97 -62.79 -21.27
CA THR A 252 40.72 -61.93 -20.13
C THR A 252 39.21 -61.88 -19.82
N TYR A 253 38.70 -62.96 -19.24
CA TYR A 253 37.24 -63.04 -18.98
C TYR A 253 36.77 -61.92 -18.05
N LEU A 254 35.72 -61.22 -18.46
CA LEU A 254 35.32 -59.96 -17.81
C LEU A 254 34.17 -60.14 -16.83
N ASP A 255 33.52 -61.29 -16.86
CA ASP A 255 32.44 -61.57 -15.93
C ASP A 255 32.88 -61.97 -14.51
N THR A 256 31.94 -61.99 -13.56
CA THR A 256 32.21 -62.49 -12.23
C THR A 256 30.99 -63.26 -11.74
N PRO A 257 31.17 -64.54 -11.34
CA PRO A 257 32.44 -65.28 -11.26
C PRO A 257 33.02 -65.57 -12.60
N ARG A 258 34.29 -66.01 -12.60
CA ARG A 258 34.99 -66.47 -13.77
C ARG A 258 36.11 -67.42 -13.34
N PRO A 259 36.58 -68.30 -14.25
CA PRO A 259 37.73 -69.14 -13.97
C PRO A 259 39.02 -68.36 -14.22
N ASP A 260 40.17 -69.06 -14.31
CA ASP A 260 41.42 -68.41 -14.70
C ASP A 260 41.42 -67.95 -16.15
N ASP A 261 42.10 -66.84 -16.39
CA ASP A 261 42.17 -66.30 -17.72
C ASP A 261 42.76 -67.37 -18.60
N GLY A 262 42.26 -67.49 -19.83
CA GLY A 262 42.76 -68.44 -20.80
C GLY A 262 42.51 -69.93 -20.55
N SER A 263 41.77 -70.25 -19.49
CA SER A 263 41.57 -71.63 -19.05
C SER A 263 40.34 -72.27 -19.67
N ILE A 264 39.54 -71.45 -20.33
CA ILE A 264 38.41 -72.02 -21.05
C ILE A 264 38.93 -72.52 -22.39
N THR A 265 38.98 -73.85 -22.50
CA THR A 265 39.58 -74.53 -23.64
C THR A 265 38.63 -74.57 -24.82
N GLY A 266 39.18 -74.61 -26.04
CA GLY A 266 38.34 -74.66 -27.25
C GLY A 266 38.43 -73.38 -28.07
N PRO A 267 37.59 -73.27 -29.10
CA PRO A 267 37.58 -72.05 -29.91
C PRO A 267 36.83 -70.91 -29.21
N CYS A 268 36.55 -69.82 -29.93
CA CYS A 268 35.96 -68.60 -29.35
C CYS A 268 34.56 -68.78 -28.78
N GLU A 269 33.89 -69.84 -29.24
CA GLU A 269 32.52 -70.05 -28.80
C GLU A 269 32.36 -70.92 -27.53
N SER A 270 33.44 -71.52 -27.05
CA SER A 270 33.32 -72.37 -25.87
C SER A 270 32.81 -71.62 -24.63
N ASN A 271 31.87 -72.24 -23.93
CA ASN A 271 31.30 -71.62 -22.74
C ASN A 271 32.31 -71.21 -21.62
N GLY A 272 32.89 -72.09 -20.79
CA GLY A 272 32.50 -73.46 -20.55
C GLY A 272 32.19 -73.46 -19.05
N ASP A 273 33.23 -73.30 -18.23
CA ASP A 273 33.10 -73.39 -16.74
C ASP A 273 32.97 -72.10 -15.90
N LYS A 274 32.36 -72.26 -14.72
CA LYS A 274 32.00 -71.15 -13.80
C LYS A 274 31.09 -70.07 -14.35
N GLY A 275 30.28 -70.43 -15.35
CA GLY A 275 29.47 -69.48 -16.11
C GLY A 275 28.18 -68.99 -15.47
N SER A 276 27.66 -69.71 -14.48
CA SER A 276 26.43 -69.28 -13.81
C SER A 276 26.82 -68.16 -12.85
N GLY A 277 25.86 -67.29 -12.52
CA GLY A 277 26.15 -66.01 -11.87
C GLY A 277 26.67 -64.99 -12.90
N GLY A 278 26.90 -63.76 -12.49
CA GLY A 278 27.40 -62.76 -13.43
C GLY A 278 27.47 -61.40 -12.78
N ILE A 279 27.70 -60.38 -13.59
CA ILE A 279 27.81 -59.00 -13.14
C ILE A 279 27.79 -58.03 -14.35
N LYS A 280 27.08 -56.90 -14.20
CA LYS A 280 27.09 -55.87 -15.25
C LYS A 280 28.48 -55.33 -15.33
N GLY A 281 28.96 -55.03 -16.54
CA GLY A 281 30.37 -54.68 -16.74
C GLY A 281 30.60 -53.41 -17.55
N GLY A 282 31.62 -52.67 -17.16
CA GLY A 282 31.95 -51.42 -17.78
C GLY A 282 32.44 -51.64 -19.19
N PHE A 283 32.16 -50.67 -20.05
CA PHE A 283 32.60 -50.76 -21.42
C PHE A 283 32.36 -49.43 -22.07
N VAL A 284 33.39 -48.89 -22.69
CA VAL A 284 33.27 -47.61 -23.35
C VAL A 284 34.24 -47.56 -24.55
N HIS A 285 33.93 -46.70 -25.52
CA HIS A 285 34.69 -46.60 -26.76
C HIS A 285 35.54 -45.36 -26.78
N GLN A 286 36.76 -45.51 -27.29
CA GLN A 286 37.60 -44.38 -27.60
C GLN A 286 37.71 -44.30 -29.14
N ARG A 287 36.96 -43.42 -29.78
CA ARG A 287 36.99 -43.35 -31.24
C ARG A 287 38.04 -42.39 -31.73
N MET A 288 39.07 -42.91 -32.39
CA MET A 288 40.10 -42.08 -33.04
C MET A 288 39.94 -42.13 -34.56
N ALA A 289 40.58 -41.17 -35.26
CA ALA A 289 40.48 -41.03 -36.73
C ALA A 289 40.46 -42.37 -37.47
N SER A 290 41.55 -43.13 -37.33
CA SER A 290 41.68 -44.45 -37.94
C SER A 290 42.06 -45.56 -36.91
N LYS A 291 41.51 -45.47 -35.68
CA LYS A 291 41.77 -46.48 -34.64
C LYS A 291 40.68 -46.44 -33.57
N ILE A 292 40.24 -47.63 -33.15
CA ILE A 292 39.29 -47.74 -32.05
C ILE A 292 39.83 -48.46 -30.82
N GLY A 293 39.78 -47.77 -29.69
CA GLY A 293 40.11 -48.39 -28.39
C GLY A 293 38.88 -48.93 -27.71
N ARG A 294 39.01 -50.10 -27.10
CA ARG A 294 37.88 -50.63 -26.33
C ARG A 294 38.29 -50.75 -24.88
N TRP A 295 37.70 -49.93 -24.02
CA TRP A 295 38.03 -49.98 -22.60
C TRP A 295 37.01 -50.82 -21.86
N TYR A 296 37.46 -51.63 -20.91
CA TYR A 296 36.57 -52.49 -20.15
C TYR A 296 37.02 -52.45 -18.69
N SER A 297 36.14 -52.88 -17.80
CA SER A 297 36.48 -53.10 -16.40
C SER A 297 35.98 -54.47 -15.97
N ARG A 298 36.69 -55.07 -15.01
CA ARG A 298 36.23 -56.27 -14.33
C ARG A 298 36.73 -56.29 -12.89
N THR A 299 35.99 -56.99 -12.03
CA THR A 299 36.34 -57.09 -10.61
C THR A 299 37.72 -57.61 -10.45
N MET A 300 38.40 -57.11 -9.41
CA MET A 300 39.75 -57.54 -9.06
C MET A 300 39.76 -58.97 -8.56
N SER A 301 38.68 -59.39 -7.89
CA SER A 301 38.50 -60.78 -7.49
C SER A 301 37.76 -61.60 -8.54
N LYS A 302 38.12 -62.88 -8.66
CA LYS A 302 37.49 -63.81 -9.59
C LYS A 302 36.08 -64.25 -9.23
N THR A 303 35.72 -64.25 -7.95
CA THR A 303 34.41 -64.80 -7.53
C THR A 303 33.51 -63.83 -6.82
N LYS A 304 34.06 -62.71 -6.39
CA LYS A 304 33.38 -61.77 -5.51
C LYS A 304 33.40 -60.38 -6.11
N ARG A 305 32.42 -59.59 -5.69
CA ARG A 305 32.26 -58.25 -6.19
C ARG A 305 33.16 -57.27 -5.43
N MET A 306 34.47 -57.59 -5.48
CA MET A 306 35.52 -56.78 -4.84
C MET A 306 36.53 -56.23 -5.88
N GLY A 307 36.86 -54.95 -5.77
CA GLY A 307 37.81 -54.29 -6.62
C GLY A 307 37.30 -54.07 -8.02
N MET A 308 37.97 -53.19 -8.74
CA MET A 308 37.69 -53.06 -10.15
C MET A 308 38.96 -52.70 -10.89
N GLY A 309 39.26 -53.43 -11.97
CA GLY A 309 40.41 -53.10 -12.80
C GLY A 309 39.99 -52.63 -14.16
N LEU A 310 40.79 -51.74 -14.76
CA LEU A 310 40.53 -51.20 -16.10
C LEU A 310 41.45 -51.94 -17.09
N TYR A 311 40.86 -52.44 -18.17
CA TYR A 311 41.57 -53.11 -19.26
C TYR A 311 41.32 -52.39 -20.57
N VAL A 312 42.16 -52.65 -21.58
CA VAL A 312 41.99 -51.98 -22.88
C VAL A 312 42.56 -52.78 -24.04
N LYS A 313 41.93 -52.66 -25.22
CA LYS A 313 42.46 -53.22 -26.47
C LYS A 313 42.17 -52.29 -27.67
N TYR A 314 43.13 -52.17 -28.56
CA TYR A 314 42.97 -51.27 -29.67
C TYR A 314 42.73 -52.08 -30.96
N ASP A 315 41.70 -51.76 -31.72
CA ASP A 315 41.36 -52.52 -32.95
C ASP A 315 41.22 -54.03 -32.81
N GLY A 316 41.09 -54.69 -33.94
CA GLY A 316 40.78 -56.11 -33.93
C GLY A 316 39.28 -56.38 -33.87
N ASP A 317 38.94 -57.65 -33.90
CA ASP A 317 37.56 -58.10 -33.73
C ASP A 317 37.45 -58.80 -32.36
N PRO A 318 36.63 -58.24 -31.43
CA PRO A 318 36.52 -58.90 -30.10
C PRO A 318 35.89 -60.28 -30.19
N TRP A 319 35.23 -60.54 -31.31
CA TRP A 319 34.57 -61.84 -31.50
C TRP A 319 35.53 -62.97 -31.77
N THR A 320 36.77 -62.64 -32.16
CA THR A 320 37.79 -63.65 -32.62
C THR A 320 39.18 -63.61 -31.91
N ASP A 321 39.58 -62.44 -31.40
CA ASP A 321 40.86 -62.21 -30.72
C ASP A 321 40.91 -62.85 -29.36
N SER A 322 41.79 -63.82 -29.20
CA SER A 322 41.95 -64.51 -27.92
C SER A 322 43.03 -63.79 -27.10
N ASP A 323 43.63 -62.81 -27.75
CA ASP A 323 44.70 -62.03 -27.16
C ASP A 323 44.22 -61.51 -25.80
N ALA A 324 45.07 -61.61 -24.78
CA ALA A 324 44.77 -61.01 -23.47
C ALA A 324 44.56 -59.50 -23.63
N LEU A 325 43.64 -58.97 -22.83
CA LEU A 325 43.39 -57.57 -22.73
C LEU A 325 44.49 -56.92 -21.85
N ALA A 326 45.00 -55.75 -22.28
CA ALA A 326 45.99 -54.97 -21.54
C ALA A 326 45.45 -54.42 -20.21
N LEU A 327 46.01 -54.89 -19.09
CA LEU A 327 45.62 -54.38 -17.78
C LEU A 327 46.11 -52.98 -17.64
N SER A 328 45.19 -52.03 -17.52
CA SER A 328 45.53 -50.61 -17.56
C SER A 328 45.70 -49.95 -16.18
N GLY A 329 44.92 -50.40 -15.19
CA GLY A 329 45.09 -49.93 -13.81
C GLY A 329 44.04 -50.43 -12.81
N VAL A 330 44.37 -50.37 -11.53
CA VAL A 330 43.46 -50.78 -10.47
C VAL A 330 42.66 -49.55 -10.04
N MET A 331 41.38 -49.56 -10.38
CA MET A 331 40.45 -48.47 -10.05
C MET A 331 39.90 -48.56 -8.63
N VAL A 332 39.52 -49.76 -8.21
CA VAL A 332 39.12 -50.01 -6.85
C VAL A 332 39.91 -51.22 -6.38
N SER A 333 40.74 -51.05 -5.35
CA SER A 333 41.51 -52.16 -4.78
C SER A 333 40.64 -53.31 -4.29
N MET A 334 41.24 -54.49 -4.20
CA MET A 334 40.59 -55.73 -3.72
C MET A 334 39.90 -55.56 -2.33
N GLU A 335 40.30 -54.54 -1.58
CA GLU A 335 39.73 -54.33 -0.26
C GLU A 335 38.41 -53.52 -0.25
N GLU A 336 38.04 -52.94 -1.39
CA GLU A 336 36.81 -52.18 -1.51
C GLU A 336 35.80 -52.91 -2.40
N PRO A 337 34.51 -52.61 -2.24
CA PRO A 337 33.52 -53.23 -3.10
C PRO A 337 33.59 -52.69 -4.55
N GLY A 338 33.36 -53.60 -5.50
CA GLY A 338 33.19 -53.25 -6.89
C GLY A 338 32.10 -54.12 -7.41
N TRP A 339 30.92 -53.53 -7.48
CA TRP A 339 29.76 -54.21 -8.01
C TRP A 339 29.64 -53.84 -9.48
N TYR A 340 28.47 -53.37 -9.90
CA TYR A 340 28.17 -53.04 -11.30
C TYR A 340 29.10 -51.97 -11.85
N SER A 341 29.45 -52.07 -13.12
CA SER A 341 30.12 -50.93 -13.77
C SER A 341 29.53 -50.68 -15.14
N PHE A 342 29.75 -49.47 -15.65
CA PHE A 342 29.01 -48.96 -16.84
C PHE A 342 29.86 -47.90 -17.53
N GLY A 343 29.64 -47.72 -18.84
CA GLY A 343 30.31 -46.66 -19.59
C GLY A 343 29.41 -45.49 -19.93
N PHE A 344 30.02 -44.35 -20.20
CA PHE A 344 29.33 -43.15 -20.66
C PHE A 344 30.32 -42.16 -21.21
N GLU A 345 29.82 -41.13 -21.86
CA GLU A 345 30.64 -40.16 -22.54
C GLU A 345 30.20 -38.75 -22.21
N ILE A 346 31.14 -37.95 -21.71
CA ILE A 346 30.86 -36.55 -21.46
C ILE A 346 31.16 -35.79 -22.75
N LYS A 347 30.40 -34.75 -23.06
CA LYS A 347 30.68 -34.02 -24.30
C LYS A 347 31.41 -32.71 -24.09
N ASP A 348 32.66 -32.70 -24.53
CA ASP A 348 33.44 -31.47 -24.58
C ASP A 348 32.96 -30.63 -25.78
N LYS A 349 33.59 -29.49 -25.99
CA LYS A 349 33.09 -28.55 -27.00
C LYS A 349 33.03 -29.22 -28.39
N LYS A 350 34.13 -29.89 -28.78
CA LYS A 350 34.19 -30.54 -30.11
C LYS A 350 34.55 -32.02 -30.13
N CYS A 351 34.61 -32.66 -28.95
CA CYS A 351 34.92 -34.09 -28.86
C CYS A 351 34.27 -34.76 -27.65
N ASP A 352 34.13 -36.10 -27.70
CA ASP A 352 33.51 -36.89 -26.65
C ASP A 352 34.50 -37.52 -25.64
N VAL A 353 34.25 -37.39 -24.33
CA VAL A 353 35.17 -37.95 -23.34
C VAL A 353 34.61 -39.26 -22.80
N PRO A 354 35.30 -40.37 -23.08
CA PRO A 354 34.84 -41.68 -22.62
C PRO A 354 35.12 -41.89 -21.12
N CYS A 355 34.12 -42.38 -20.40
CA CYS A 355 34.29 -42.63 -18.96
C CYS A 355 33.76 -43.99 -18.55
N ILE A 356 34.17 -44.47 -17.38
CA ILE A 356 33.63 -45.70 -16.82
C ILE A 356 33.26 -45.40 -15.38
N GLY A 357 32.02 -45.62 -15.01
CA GLY A 357 31.62 -45.49 -13.63
C GLY A 357 31.52 -46.83 -12.94
N ILE A 358 31.71 -46.82 -11.64
CA ILE A 358 31.67 -48.05 -10.85
C ILE A 358 30.73 -47.94 -9.67
N GLU A 359 29.70 -48.79 -9.66
CA GLU A 359 28.82 -48.97 -8.50
C GLU A 359 29.58 -49.67 -7.37
N MET A 360 29.86 -48.93 -6.32
CA MET A 360 30.56 -49.45 -5.14
C MET A 360 29.60 -49.63 -3.99
N VAL A 361 28.89 -50.75 -4.00
CA VAL A 361 27.82 -51.04 -3.05
C VAL A 361 28.29 -51.20 -1.62
N HIS A 362 27.47 -50.73 -0.68
CA HIS A 362 27.74 -50.90 0.74
C HIS A 362 26.88 -52.04 1.18
N ASP A 363 27.48 -53.22 1.33
CA ASP A 363 26.72 -54.45 1.65
C ASP A 363 27.01 -54.94 3.08
N GLY A 364 25.98 -54.93 3.92
CA GLY A 364 26.08 -55.51 5.27
C GLY A 364 25.03 -56.59 5.54
N GLY A 365 24.60 -57.28 4.48
CA GLY A 365 23.56 -58.30 4.61
C GLY A 365 22.17 -57.70 4.69
N LYS A 366 21.14 -58.53 4.73
CA LYS A 366 19.76 -58.03 4.68
C LYS A 366 19.26 -57.40 6.00
N GLU A 367 20.03 -57.55 7.08
CA GLU A 367 19.66 -56.97 8.37
C GLU A 367 20.10 -55.48 8.59
N THR A 368 20.49 -54.80 7.52
CA THR A 368 20.74 -53.36 7.57
C THR A 368 20.47 -52.74 6.19
N TRP A 369 20.89 -51.50 5.99
CA TRP A 369 20.68 -50.85 4.72
C TRP A 369 21.61 -51.36 3.60
N HIS A 370 21.22 -51.06 2.36
CA HIS A 370 21.91 -51.57 1.21
C HIS A 370 21.88 -50.52 0.10
N SER A 371 22.97 -49.78 -0.01
CA SER A 371 23.12 -48.80 -1.07
C SER A 371 24.54 -48.79 -1.67
N ALA A 372 24.80 -47.84 -2.55
CA ALA A 372 26.02 -47.83 -3.32
C ALA A 372 26.58 -46.42 -3.41
N ALA A 373 27.90 -46.31 -3.49
CA ALA A 373 28.54 -45.08 -3.94
C ALA A 373 28.76 -45.22 -5.43
N THR A 374 29.30 -44.19 -6.08
CA THR A 374 29.65 -44.22 -7.51
C THR A 374 30.99 -43.60 -7.76
N ALA A 375 31.91 -44.42 -8.30
CA ALA A 375 33.25 -43.97 -8.69
C ALA A 375 33.32 -43.68 -10.19
N ILE A 376 33.94 -42.56 -10.57
CA ILE A 376 34.04 -42.19 -11.99
C ILE A 376 35.46 -42.01 -12.40
N TYR A 377 35.88 -42.82 -13.39
CA TYR A 377 37.16 -42.64 -14.07
C TYR A 377 36.91 -42.21 -15.53
N CYS A 378 37.67 -41.22 -16.01
CA CYS A 378 37.58 -40.80 -17.41
C CYS A 378 38.93 -40.76 -18.12
N LEU A 379 38.86 -40.90 -19.44
CA LEU A 379 40.00 -40.61 -20.30
C LEU A 379 40.44 -39.16 -20.12
N MET A 380 41.60 -38.99 -19.53
CA MET A 380 42.22 -37.67 -19.44
C MET A 380 43.74 -37.78 -19.45
N GLY A 381 44.37 -37.07 -20.39
CA GLY A 381 45.83 -36.98 -20.48
C GLY A 381 46.54 -38.23 -20.95
N SER A 382 47.83 -38.25 -20.68
CA SER A 382 48.74 -39.34 -21.02
C SER A 382 49.36 -40.03 -19.78
N GLY A 383 50.05 -41.17 -19.97
CA GLY A 383 50.77 -41.85 -18.87
C GLY A 383 50.05 -43.09 -18.33
N GLN A 384 50.13 -43.30 -17.01
CA GLN A 384 49.52 -44.48 -16.34
C GLN A 384 48.41 -44.08 -15.34
N LEU A 385 47.29 -44.80 -15.33
CA LEU A 385 46.31 -44.68 -14.25
C LEU A 385 46.98 -44.61 -12.85
N LEU A 386 46.71 -43.52 -12.14
CA LEU A 386 47.47 -43.21 -10.93
C LEU A 386 46.81 -43.57 -9.57
N TRP A 387 45.51 -43.29 -9.38
CA TRP A 387 44.92 -43.50 -8.03
C TRP A 387 43.66 -44.32 -7.99
N ASP A 388 43.53 -45.11 -6.93
CA ASP A 388 42.30 -45.90 -6.72
C ASP A 388 41.27 -45.11 -5.91
N THR A 389 40.06 -45.66 -5.84
CA THR A 389 38.92 -44.98 -5.19
C THR A 389 38.43 -45.78 -4.00
N VAL A 390 38.14 -45.11 -2.91
CA VAL A 390 37.50 -45.71 -1.72
C VAL A 390 36.19 -44.98 -1.41
N THR A 391 35.21 -45.67 -0.80
CA THR A 391 33.94 -45.01 -0.47
C THR A 391 34.06 -44.13 0.73
N GLY A 392 35.03 -44.42 1.59
CA GLY A 392 35.16 -43.74 2.87
C GLY A 392 34.11 -44.09 3.92
N VAL A 393 33.14 -44.94 3.57
CA VAL A 393 31.97 -45.17 4.42
C VAL A 393 32.12 -46.30 5.41
N ASP A 394 31.76 -46.05 6.66
CA ASP A 394 31.68 -47.12 7.68
C ASP A 394 30.19 -47.35 7.89
N MET A 395 29.76 -48.59 7.68
CA MET A 395 28.34 -48.94 7.67
C MET A 395 27.64 -49.04 9.06
N ALA A 396 28.45 -49.05 10.12
CA ALA A 396 27.95 -49.01 11.52
C ALA A 396 27.46 -47.62 11.98
N LEU A 397 27.87 -46.57 11.25
CA LEU A 397 27.52 -45.19 11.63
C LEU A 397 26.07 -44.75 11.25
N PRO B 9 5.78 -16.64 -26.51
CA PRO B 9 4.80 -17.70 -26.22
C PRO B 9 3.38 -17.25 -26.53
N GLU B 10 2.51 -18.24 -26.81
CA GLU B 10 1.13 -18.05 -27.20
C GLU B 10 0.17 -18.89 -26.33
N TRP B 11 -1.13 -18.58 -26.40
CA TRP B 11 -2.12 -19.28 -25.58
C TRP B 11 -2.18 -20.75 -25.95
N THR B 12 -2.50 -21.57 -24.96
CA THR B 12 -2.60 -23.00 -25.15
C THR B 12 -4.07 -23.41 -25.38
N TYR B 13 -4.27 -24.53 -26.09
CA TYR B 13 -5.60 -25.09 -26.45
C TYR B 13 -5.54 -26.60 -26.28
N PRO B 14 -6.66 -27.26 -25.95
CA PRO B 14 -6.63 -28.74 -25.94
C PRO B 14 -6.29 -29.32 -27.30
N ARG B 15 -5.38 -30.29 -27.33
CA ARG B 15 -5.05 -31.01 -28.57
C ARG B 15 -5.60 -32.44 -28.57
N LEU B 16 -5.36 -33.15 -29.68
CA LEU B 16 -5.69 -34.57 -29.77
C LEU B 16 -4.78 -35.31 -28.78
N SER B 17 -5.31 -36.32 -28.08
CA SER B 17 -4.52 -37.05 -27.10
C SER B 17 -3.47 -37.94 -27.78
N CYS B 18 -2.42 -38.28 -27.04
CA CYS B 18 -1.38 -39.15 -27.57
C CYS B 18 -1.94 -40.55 -27.80
N PRO B 19 -1.30 -41.30 -28.72
CA PRO B 19 -1.72 -42.66 -28.96
C PRO B 19 -1.66 -43.45 -27.66
N GLY B 20 -2.58 -44.41 -27.51
CA GLY B 20 -2.62 -45.34 -26.40
C GLY B 20 -4.02 -45.87 -26.19
N SER B 21 -4.12 -47.04 -25.56
CA SER B 21 -5.43 -47.56 -25.20
C SER B 21 -5.48 -48.12 -23.77
N THR B 22 -4.44 -47.86 -22.97
CA THR B 22 -4.49 -48.28 -21.57
C THR B 22 -3.75 -47.34 -20.65
N PHE B 23 -4.24 -47.22 -19.43
CA PHE B 23 -3.48 -46.51 -18.39
C PHE B 23 -2.44 -47.47 -17.79
N GLN B 24 -1.35 -46.92 -17.32
CA GLN B 24 -0.36 -47.71 -16.60
C GLN B 24 0.09 -46.87 -15.43
N LYS B 25 0.72 -47.53 -14.44
CA LYS B 25 1.31 -46.89 -13.30
C LYS B 25 2.50 -46.06 -13.72
N ALA B 26 2.51 -44.78 -13.35
CA ALA B 26 3.58 -43.86 -13.78
C ALA B 26 4.57 -43.43 -12.70
N LEU B 27 4.06 -42.90 -11.61
CA LEU B 27 4.92 -42.31 -10.62
C LEU B 27 4.23 -42.27 -9.26
N LEU B 28 5.02 -42.45 -8.21
CA LEU B 28 4.52 -42.30 -6.87
C LEU B 28 5.25 -41.13 -6.21
N ILE B 29 4.48 -40.18 -5.68
CA ILE B 29 5.07 -39.19 -4.76
C ILE B 29 4.61 -39.51 -3.34
N SER B 30 5.45 -40.20 -2.58
CA SER B 30 5.11 -40.55 -1.20
C SER B 30 6.11 -39.87 -0.28
N PRO B 31 5.86 -38.63 0.10
CA PRO B 31 6.90 -37.88 0.84
C PRO B 31 7.06 -38.33 2.28
N HIS B 32 6.07 -39.03 2.82
CA HIS B 32 6.20 -39.56 4.19
C HIS B 32 7.04 -40.83 4.38
N ARG B 33 7.51 -41.38 3.26
CA ARG B 33 8.54 -42.36 3.26
C ARG B 33 9.79 -41.82 3.94
N PHE B 34 9.81 -40.51 4.14
CA PHE B 34 10.96 -39.76 4.62
C PHE B 34 10.69 -38.94 5.90
N GLY B 35 9.48 -39.07 6.47
CA GLY B 35 9.19 -38.44 7.74
C GLY B 35 9.31 -39.31 9.00
N GLU B 36 10.36 -40.11 9.10
CA GLU B 36 10.59 -40.86 10.34
C GLU B 36 11.33 -40.03 11.40
N THR B 37 10.93 -40.25 12.65
CA THR B 37 11.74 -39.85 13.82
C THR B 37 13.23 -40.07 13.54
N LYS B 38 13.59 -41.25 13.03
CA LYS B 38 15.00 -41.63 12.79
C LYS B 38 15.65 -40.91 11.60
N GLY B 39 14.86 -40.25 10.77
CA GLY B 39 15.32 -39.64 9.54
C GLY B 39 15.69 -38.19 9.72
N ASN B 40 15.91 -37.50 8.59
CA ASN B 40 16.45 -36.14 8.60
C ASN B 40 15.85 -35.34 7.45
N SER B 41 14.56 -35.55 7.22
CA SER B 41 13.83 -34.87 6.16
C SER B 41 12.58 -34.22 6.78
N ALA B 42 11.95 -33.33 6.01
CA ALA B 42 10.78 -32.61 6.44
C ALA B 42 9.77 -32.52 5.30
N PRO B 43 9.05 -33.61 5.04
CA PRO B 43 7.94 -33.54 4.13
C PRO B 43 6.86 -32.72 4.79
N LEU B 44 6.09 -31.99 3.99
CA LEU B 44 5.01 -31.13 4.45
C LEU B 44 3.79 -31.94 4.65
N ILE B 45 3.06 -31.66 5.72
CA ILE B 45 1.74 -32.25 5.95
C ILE B 45 0.73 -31.57 5.02
N ILE B 46 0.04 -32.37 4.20
CA ILE B 46 -0.84 -31.85 3.18
C ILE B 46 -2.10 -32.70 3.05
N ARG B 47 -3.02 -32.20 2.23
CA ARG B 47 -4.10 -32.99 1.66
C ARG B 47 -4.53 -32.29 0.38
N GLU B 48 -5.50 -32.88 -0.31
CA GLU B 48 -6.01 -32.33 -1.57
C GLU B 48 -4.90 -32.00 -2.59
N PRO B 49 -4.03 -32.99 -2.86
CA PRO B 49 -3.03 -32.79 -3.85
C PRO B 49 -3.68 -32.71 -5.23
N PHE B 50 -2.93 -32.20 -6.19
CA PHE B 50 -3.41 -32.20 -7.58
C PHE B 50 -2.32 -31.67 -8.49
N ILE B 51 -2.29 -32.18 -9.71
CA ILE B 51 -1.29 -31.75 -10.66
C ILE B 51 -1.92 -30.92 -11.80
N ALA B 52 -1.18 -29.90 -12.21
CA ALA B 52 -1.56 -29.10 -13.38
C ALA B 52 -0.31 -28.88 -14.14
N CYS B 53 -0.38 -28.97 -15.47
CA CYS B 53 0.80 -28.84 -16.30
C CYS B 53 0.71 -27.68 -17.28
N GLY B 54 1.85 -27.07 -17.57
CA GLY B 54 1.99 -26.17 -18.73
C GLY B 54 2.94 -26.75 -19.79
N PRO B 55 3.28 -25.96 -20.83
CA PRO B 55 3.97 -26.55 -22.01
C PRO B 55 5.36 -27.13 -21.70
N LYS B 56 6.02 -26.64 -20.65
CA LYS B 56 7.33 -27.20 -20.31
C LYS B 56 7.46 -27.91 -18.94
N GLU B 57 6.51 -27.68 -18.04
CA GLU B 57 6.59 -28.16 -16.67
C GLU B 57 5.23 -28.65 -16.13
N CYS B 58 5.28 -29.67 -15.27
CA CYS B 58 4.10 -30.13 -14.51
C CYS B 58 4.35 -29.84 -13.06
N LYS B 59 3.45 -29.12 -12.43
CA LYS B 59 3.55 -28.80 -11.00
C LYS B 59 2.61 -29.65 -10.13
N HIS B 60 3.14 -30.05 -8.98
CA HIS B 60 2.39 -30.90 -8.05
C HIS B 60 1.90 -30.00 -6.95
N PHE B 61 0.60 -29.74 -6.92
CA PHE B 61 0.03 -28.84 -5.93
C PHE B 61 -0.59 -29.62 -4.74
N ALA B 62 -0.62 -28.97 -3.59
CA ALA B 62 -1.36 -29.49 -2.42
C ALA B 62 -1.84 -28.39 -1.48
N LEU B 63 -2.80 -28.68 -0.59
CA LEU B 63 -3.09 -27.78 0.50
C LEU B 63 -2.37 -28.20 1.77
N THR B 64 -1.35 -27.44 2.20
CA THR B 64 -0.61 -27.72 3.45
C THR B 64 -1.17 -27.11 4.75
N HIS B 65 -1.00 -27.83 5.87
CA HIS B 65 -1.37 -27.33 7.20
C HIS B 65 -0.26 -26.50 7.83
N TYR B 66 0.72 -26.17 7.02
CA TYR B 66 1.88 -25.40 7.49
C TYR B 66 2.69 -26.11 8.60
N ALA B 67 2.76 -27.43 8.44
CA ALA B 67 3.44 -28.31 9.39
C ALA B 67 4.21 -29.36 8.63
N ALA B 68 5.20 -29.98 9.28
CA ALA B 68 5.97 -31.07 8.66
C ALA B 68 6.07 -32.30 9.55
N GLN B 69 6.54 -33.40 8.95
CA GLN B 69 6.67 -34.66 9.66
C GLN B 69 8.14 -35.00 9.56
N PRO B 70 8.80 -35.18 10.72
CA PRO B 70 8.23 -35.08 12.05
C PRO B 70 8.12 -33.64 12.54
N GLY B 71 7.16 -33.41 13.40
CA GLY B 71 6.99 -32.07 13.94
C GLY B 71 6.15 -32.08 15.19
N GLY B 72 5.59 -30.93 15.49
CA GLY B 72 4.88 -30.73 16.76
C GLY B 72 3.52 -30.07 16.61
N TYR B 73 3.07 -29.92 15.37
CA TYR B 73 1.79 -29.31 15.07
C TYR B 73 0.88 -30.28 14.32
N TYR B 74 0.93 -31.55 14.74
CA TYR B 74 0.02 -32.56 14.22
C TYR B 74 -1.41 -32.30 14.59
N ASN B 75 -1.65 -31.68 15.74
CA ASN B 75 -3.04 -31.38 16.16
C ASN B 75 -3.72 -30.36 15.21
N GLY B 76 -4.78 -30.80 14.54
CA GLY B 76 -5.57 -29.93 13.68
C GLY B 76 -5.30 -30.19 12.20
N THR B 77 -4.46 -31.17 11.92
CA THR B 77 -4.13 -31.52 10.54
C THR B 77 -5.13 -32.51 9.93
N ARG B 78 -6.08 -33.00 10.75
CA ARG B 78 -7.31 -33.71 10.31
C ARG B 78 -8.49 -32.73 10.07
N GLY B 79 -8.33 -31.47 10.44
CA GLY B 79 -9.39 -30.48 10.16
C GLY B 79 -9.29 -30.10 8.69
N ASP B 80 -10.04 -29.09 8.27
CA ASP B 80 -9.89 -28.63 6.89
C ASP B 80 -9.58 -27.13 6.82
N ARG B 81 -10.47 -26.26 7.32
CA ARG B 81 -10.28 -24.82 7.17
C ARG B 81 -9.73 -24.12 8.41
N ASN B 82 -8.47 -23.75 8.39
CA ASN B 82 -7.89 -22.89 9.40
C ASN B 82 -7.07 -21.75 8.74
N LYS B 83 -6.56 -20.85 9.59
CA LYS B 83 -5.84 -19.64 9.18
C LYS B 83 -4.41 -19.86 8.79
N LEU B 84 -3.92 -21.10 8.87
CA LEU B 84 -2.51 -21.43 8.54
C LEU B 84 -2.36 -22.15 7.20
N ARG B 85 -3.44 -22.78 6.79
CA ARG B 85 -3.52 -23.52 5.55
C ARG B 85 -3.04 -22.71 4.32
N HIS B 86 -2.22 -23.37 3.50
CA HIS B 86 -1.65 -22.75 2.30
C HIS B 86 -1.65 -23.65 1.06
N LEU B 87 -1.82 -23.00 -0.09
CA LEU B 87 -1.54 -23.62 -1.39
C LEU B 87 -0.04 -23.62 -1.66
N ILE B 88 0.48 -24.80 -1.94
CA ILE B 88 1.92 -25.02 -2.16
C ILE B 88 2.11 -25.81 -3.46
N SER B 89 3.32 -25.72 -4.00
CA SER B 89 3.71 -26.47 -5.17
C SER B 89 5.21 -26.83 -5.15
N VAL B 90 5.49 -27.95 -5.82
CA VAL B 90 6.82 -28.35 -6.26
C VAL B 90 6.71 -28.77 -7.73
N LYS B 91 7.86 -28.84 -8.41
CA LYS B 91 7.94 -29.44 -9.73
C LYS B 91 7.55 -30.92 -9.56
N LEU B 92 6.63 -31.39 -10.38
CA LEU B 92 6.22 -32.77 -10.27
C LEU B 92 7.50 -33.63 -10.42
N GLY B 93 7.68 -34.56 -9.49
CA GLY B 93 8.87 -35.35 -9.42
C GLY B 93 9.71 -34.96 -8.22
N LYS B 94 9.49 -33.78 -7.64
CA LYS B 94 10.19 -33.38 -6.43
C LYS B 94 9.32 -33.69 -5.20
N ILE B 95 9.98 -34.13 -4.13
CA ILE B 95 9.33 -34.41 -2.88
C ILE B 95 8.95 -33.07 -2.25
N PRO B 96 7.65 -32.89 -1.94
CA PRO B 96 7.26 -31.61 -1.37
C PRO B 96 7.62 -31.51 0.12
N THR B 97 8.82 -31.00 0.35
CA THR B 97 9.29 -30.75 1.69
C THR B 97 9.28 -29.28 1.92
N VAL B 98 9.79 -28.87 3.09
CA VAL B 98 9.65 -27.50 3.54
C VAL B 98 10.40 -26.65 2.56
N GLU B 99 11.64 -27.08 2.28
CA GLU B 99 12.54 -26.32 1.43
C GLU B 99 12.30 -26.41 -0.09
N ASN B 100 11.85 -27.57 -0.58
CA ASN B 100 11.52 -27.73 -1.99
C ASN B 100 10.27 -26.99 -2.46
N SER B 101 9.25 -26.97 -1.61
CA SER B 101 7.97 -26.27 -1.88
C SER B 101 8.09 -24.77 -2.00
N ILE B 102 7.17 -24.20 -2.75
CA ILE B 102 6.98 -22.77 -2.74
C ILE B 102 5.58 -22.54 -2.19
N PHE B 103 5.44 -21.54 -1.34
CA PHE B 103 4.12 -21.18 -0.81
C PHE B 103 3.50 -20.09 -1.67
N HIS B 104 2.38 -20.40 -2.27
CA HIS B 104 1.70 -19.47 -3.18
C HIS B 104 0.80 -18.43 -2.47
N MET B 105 -0.10 -18.92 -1.62
CA MET B 105 -1.07 -18.07 -0.93
C MET B 105 -1.79 -18.84 0.18
N ALA B 106 -2.35 -18.12 1.16
CA ALA B 106 -3.17 -18.79 2.16
C ALA B 106 -4.38 -19.34 1.44
N ALA B 107 -4.74 -20.58 1.72
CA ALA B 107 -5.92 -21.22 1.12
C ALA B 107 -6.27 -22.46 1.91
N TRP B 108 -7.56 -22.71 2.06
CA TRP B 108 -8.04 -24.03 2.50
C TRP B 108 -8.84 -24.72 1.43
N SER B 109 -8.81 -24.16 0.22
CA SER B 109 -9.42 -24.79 -0.98
C SER B 109 -8.72 -24.16 -2.16
N GLY B 110 -8.39 -24.96 -3.17
CA GLY B 110 -7.51 -24.47 -4.24
C GLY B 110 -7.68 -25.05 -5.64
N SER B 111 -6.99 -24.40 -6.58
CA SER B 111 -6.89 -24.86 -7.97
C SER B 111 -5.78 -24.10 -8.63
N ALA B 112 -5.35 -24.54 -9.81
CA ALA B 112 -4.36 -23.79 -10.56
C ALA B 112 -4.38 -24.18 -12.02
N CYS B 113 -3.79 -23.36 -12.89
CA CYS B 113 -3.71 -23.70 -14.31
C CYS B 113 -2.79 -22.80 -15.12
N HIS B 114 -2.17 -23.36 -16.15
CA HIS B 114 -1.37 -22.62 -17.10
C HIS B 114 -2.20 -22.28 -18.34
N ASP B 115 -1.98 -21.10 -18.90
CA ASP B 115 -2.74 -20.71 -20.09
C ASP B 115 -1.90 -20.68 -21.37
N GLY B 116 -0.68 -21.17 -21.30
CA GLY B 116 0.28 -21.02 -22.37
C GLY B 116 1.32 -19.97 -22.05
N LYS B 117 0.89 -18.88 -21.41
CA LYS B 117 1.82 -17.77 -21.07
C LYS B 117 2.21 -17.71 -19.59
N GLU B 118 1.26 -18.00 -18.68
CA GLU B 118 1.54 -17.87 -17.26
C GLU B 118 0.64 -18.74 -16.37
N TRP B 119 1.09 -18.96 -15.14
CA TRP B 119 0.30 -19.70 -14.11
C TRP B 119 -0.80 -18.86 -13.43
N THR B 120 -2.02 -19.36 -13.42
CA THR B 120 -3.05 -18.82 -12.55
C THR B 120 -3.16 -19.71 -11.31
N TYR B 121 -3.11 -19.12 -10.12
CA TYR B 121 -3.29 -19.90 -8.87
C TYR B 121 -4.53 -19.45 -8.10
N ILE B 122 -5.38 -20.39 -7.73
CA ILE B 122 -6.66 -20.05 -7.07
C ILE B 122 -6.68 -20.62 -5.65
N GLY B 123 -7.17 -19.82 -4.73
CA GLY B 123 -7.17 -20.20 -3.33
C GLY B 123 -8.24 -19.48 -2.53
N VAL B 124 -9.10 -20.27 -1.90
CA VAL B 124 -10.15 -19.75 -1.07
C VAL B 124 -9.78 -19.84 0.41
N ASP B 125 -9.87 -18.72 1.12
CA ASP B 125 -9.84 -18.75 2.58
C ASP B 125 -10.85 -17.76 3.13
N GLY B 126 -10.78 -17.47 4.43
CA GLY B 126 -11.74 -16.57 5.06
C GLY B 126 -12.64 -17.29 6.05
N PRO B 127 -13.56 -16.55 6.71
CA PRO B 127 -14.44 -17.20 7.67
C PRO B 127 -15.40 -18.09 6.95
N GLU B 128 -15.97 -19.06 7.65
CA GLU B 128 -16.88 -20.02 7.04
C GLU B 128 -18.07 -19.40 6.32
N ASN B 129 -18.59 -18.30 6.90
CA ASN B 129 -19.88 -17.71 6.53
C ASN B 129 -19.72 -16.52 5.55
N ASN B 130 -18.49 -16.33 5.08
CA ASN B 130 -18.12 -15.26 4.19
C ASN B 130 -16.67 -15.47 3.71
N ALA B 131 -16.38 -16.70 3.29
CA ALA B 131 -15.10 -17.01 2.69
C ALA B 131 -14.83 -16.21 1.43
N LEU B 132 -13.65 -16.38 0.85
CA LEU B 132 -13.18 -15.48 -0.20
C LEU B 132 -12.18 -16.16 -1.12
N LEU B 133 -12.55 -16.27 -2.38
CA LEU B 133 -11.69 -16.88 -3.37
C LEU B 133 -10.76 -15.84 -3.90
N LYS B 134 -9.49 -16.19 -3.94
CA LYS B 134 -8.44 -15.28 -4.32
C LYS B 134 -7.70 -15.81 -5.54
N ILE B 135 -7.26 -14.89 -6.39
CA ILE B 135 -6.59 -15.27 -7.63
C ILE B 135 -5.27 -14.55 -7.72
N LYS B 136 -4.24 -15.31 -8.07
CA LYS B 136 -2.85 -14.84 -8.18
C LYS B 136 -2.46 -15.26 -9.60
N TYR B 137 -1.87 -14.32 -10.35
CA TYR B 137 -1.37 -14.60 -11.72
C TYR B 137 0.11 -14.42 -11.69
N GLY B 138 0.83 -15.53 -11.84
CA GLY B 138 2.28 -15.57 -11.60
C GLY B 138 2.56 -15.12 -10.18
N GLU B 139 3.16 -13.93 -10.06
CA GLU B 139 3.54 -13.32 -8.77
C GLU B 139 2.50 -12.38 -8.18
N ALA B 140 1.62 -11.86 -9.05
CA ALA B 140 0.63 -10.83 -8.64
C ALA B 140 -0.69 -11.35 -8.09
N TYR B 141 -1.19 -10.72 -7.05
CA TYR B 141 -2.58 -10.95 -6.64
C TYR B 141 -3.45 -10.01 -7.48
N THR B 142 -4.38 -10.60 -8.23
CA THR B 142 -5.10 -9.87 -9.30
C THR B 142 -6.61 -9.57 -9.08
N ASP B 143 -7.30 -10.46 -8.35
CA ASP B 143 -8.76 -10.47 -8.25
C ASP B 143 -9.30 -11.37 -7.13
N THR B 144 -10.57 -11.13 -6.74
CA THR B 144 -11.28 -11.97 -5.78
C THR B 144 -12.72 -12.07 -6.13
N TYR B 145 -13.36 -13.11 -5.60
CA TYR B 145 -14.77 -13.34 -5.80
C TYR B 145 -15.29 -13.73 -4.44
N HIS B 146 -16.46 -13.20 -4.10
CA HIS B 146 -17.03 -13.30 -2.76
C HIS B 146 -18.05 -14.38 -2.60
N SER B 147 -18.15 -14.87 -1.37
CA SER B 147 -19.16 -15.85 -0.96
C SER B 147 -20.58 -15.38 -1.30
N TYR B 148 -21.37 -16.25 -1.94
CA TYR B 148 -22.73 -15.92 -2.40
C TYR B 148 -23.86 -16.73 -1.75
N ALA B 149 -23.53 -17.90 -1.21
CA ALA B 149 -24.49 -18.58 -0.34
C ALA B 149 -24.04 -18.64 1.13
N ASN B 150 -23.13 -17.77 1.51
CA ASN B 150 -22.63 -17.66 2.88
C ASN B 150 -22.55 -18.98 3.66
N ASN B 151 -22.13 -20.04 2.97
CA ASN B 151 -21.78 -21.30 3.63
C ASN B 151 -20.63 -22.01 2.92
N ILE B 152 -19.42 -21.63 3.32
CA ILE B 152 -18.15 -22.26 2.86
C ILE B 152 -17.94 -22.22 1.34
N LEU B 153 -17.54 -21.05 0.84
CA LEU B 153 -17.19 -20.89 -0.55
C LEU B 153 -16.01 -21.81 -0.88
N ARG B 154 -16.25 -22.74 -1.81
CA ARG B 154 -15.33 -23.81 -2.17
C ARG B 154 -14.90 -23.76 -3.63
N THR B 155 -13.71 -24.27 -3.93
CA THR B 155 -13.37 -24.50 -5.37
C THR B 155 -13.02 -25.97 -5.71
N GLN B 156 -12.45 -26.21 -6.89
CA GLN B 156 -12.34 -27.57 -7.48
C GLN B 156 -11.47 -28.55 -6.75
N GLU B 157 -10.47 -28.09 -6.03
CA GLU B 157 -9.48 -29.02 -5.48
C GLU B 157 -8.66 -29.72 -6.58
N SER B 158 -8.76 -29.23 -7.81
CA SER B 158 -7.95 -29.64 -8.96
C SER B 158 -7.78 -28.56 -10.07
N ALA B 159 -7.00 -28.88 -11.10
CA ALA B 159 -6.59 -27.96 -12.16
C ALA B 159 -7.78 -27.31 -12.82
N CYS B 160 -7.67 -26.01 -13.04
CA CYS B 160 -8.65 -25.31 -13.90
C CYS B 160 -8.24 -25.57 -15.36
N ASN B 161 -8.97 -25.01 -16.32
CA ASN B 161 -8.76 -25.34 -17.71
C ASN B 161 -8.76 -24.11 -18.61
N CYS B 162 -7.64 -23.87 -19.27
CA CYS B 162 -7.53 -22.65 -20.06
C CYS B 162 -7.55 -22.91 -21.56
N ILE B 163 -8.34 -22.10 -22.27
CA ILE B 163 -8.43 -22.18 -23.71
C ILE B 163 -8.36 -20.77 -24.27
N GLY B 164 -7.40 -20.53 -25.13
CA GLY B 164 -7.20 -19.22 -25.73
C GLY B 164 -7.12 -18.13 -24.66
N GLY B 165 -6.50 -18.47 -23.53
CA GLY B 165 -6.24 -17.50 -22.47
C GLY B 165 -7.39 -17.30 -21.52
N ASN B 166 -8.49 -18.01 -21.73
CA ASN B 166 -9.60 -17.98 -20.81
C ASN B 166 -9.59 -19.24 -19.95
N CYS B 167 -9.22 -19.06 -18.68
CA CYS B 167 -9.35 -20.15 -17.70
C CYS B 167 -10.75 -20.19 -17.08
N TYR B 168 -11.33 -21.39 -17.06
CA TYR B 168 -12.66 -21.65 -16.52
C TYR B 168 -12.53 -22.43 -15.20
N LEU B 169 -13.27 -22.03 -14.17
CA LEU B 169 -13.11 -22.61 -12.83
C LEU B 169 -14.46 -22.81 -12.13
N MET B 170 -14.76 -24.02 -11.68
CA MET B 170 -15.93 -24.27 -10.87
C MET B 170 -15.65 -23.72 -9.48
N ILE B 171 -16.67 -23.06 -8.93
CA ILE B 171 -16.75 -22.67 -7.53
C ILE B 171 -18.11 -23.11 -7.03
N THR B 172 -18.20 -23.44 -5.75
CA THR B 172 -19.50 -23.78 -5.13
C THR B 172 -19.63 -23.16 -3.74
N ASP B 173 -20.86 -23.06 -3.28
CA ASP B 173 -21.18 -22.40 -2.02
C ASP B 173 -22.48 -22.99 -1.58
N GLY B 174 -22.57 -23.35 -0.32
CA GLY B 174 -23.77 -24.02 0.13
C GLY B 174 -23.49 -25.05 1.20
N SER B 175 -24.57 -25.57 1.79
CA SER B 175 -24.43 -26.51 2.87
C SER B 175 -23.87 -27.82 2.35
N ALA B 176 -23.14 -28.51 3.22
CA ALA B 176 -22.64 -29.84 2.87
C ALA B 176 -23.74 -30.91 2.87
N SER B 177 -24.89 -30.62 3.47
CA SER B 177 -25.97 -31.60 3.63
C SER B 177 -27.25 -31.03 3.05
N GLY B 178 -27.12 -30.01 2.20
CA GLY B 178 -28.26 -29.41 1.54
C GLY B 178 -27.86 -28.83 0.19
N ILE B 179 -28.49 -27.72 -0.19
CA ILE B 179 -28.25 -27.06 -1.47
C ILE B 179 -26.82 -26.48 -1.55
N SER B 180 -26.03 -26.90 -2.54
CA SER B 180 -24.79 -26.23 -2.87
C SER B 180 -24.70 -25.89 -4.35
N GLU B 181 -25.56 -25.01 -4.84
CA GLU B 181 -25.55 -24.57 -6.23
C GLU B 181 -24.20 -23.98 -6.64
N CYS B 182 -23.52 -24.64 -7.56
CA CYS B 182 -22.21 -24.14 -8.07
C CYS B 182 -22.36 -23.13 -9.19
N ARG B 183 -21.22 -22.51 -9.50
CA ARG B 183 -21.03 -21.52 -10.54
C ARG B 183 -19.67 -21.76 -11.20
N PHE B 184 -19.50 -21.19 -12.38
CA PHE B 184 -18.18 -21.17 -13.02
C PHE B 184 -17.70 -19.74 -13.18
N LEU B 185 -16.40 -19.58 -13.02
CA LEU B 185 -15.81 -18.29 -13.28
C LEU B 185 -15.03 -18.42 -14.56
N LYS B 186 -14.96 -17.36 -15.35
CA LYS B 186 -14.11 -17.30 -16.55
C LYS B 186 -13.05 -16.26 -16.27
N ILE B 187 -11.80 -16.71 -16.22
CA ILE B 187 -10.71 -15.88 -15.77
C ILE B 187 -9.70 -15.61 -16.91
N ARG B 188 -9.29 -14.35 -17.09
CA ARG B 188 -8.35 -13.96 -18.13
C ARG B 188 -7.26 -13.10 -17.54
N GLU B 189 -6.02 -13.57 -17.68
CA GLU B 189 -4.89 -12.94 -17.05
C GLU B 189 -5.19 -12.56 -15.57
N GLY B 190 -5.89 -13.47 -14.88
CA GLY B 190 -6.01 -13.44 -13.43
C GLY B 190 -7.19 -12.66 -12.98
N ARG B 191 -7.99 -12.20 -13.93
CA ARG B 191 -9.13 -11.36 -13.62
C ARG B 191 -10.37 -12.00 -14.14
N ILE B 192 -11.43 -11.91 -13.33
CA ILE B 192 -12.70 -12.50 -13.64
C ILE B 192 -13.40 -11.64 -14.71
N ILE B 193 -13.84 -12.26 -15.79
CA ILE B 193 -14.47 -11.51 -16.87
C ILE B 193 -15.89 -11.98 -17.17
N LYS B 194 -16.30 -13.08 -16.53
CA LYS B 194 -17.68 -13.56 -16.63
C LYS B 194 -18.05 -14.56 -15.54
N GLU B 195 -19.24 -14.42 -15.00
CA GLU B 195 -19.90 -15.40 -14.14
C GLU B 195 -20.88 -16.19 -14.99
N ILE B 196 -20.75 -17.52 -14.92
CA ILE B 196 -21.59 -18.44 -15.68
C ILE B 196 -22.42 -19.21 -14.65
N PHE B 197 -23.74 -19.09 -14.77
CA PHE B 197 -24.69 -19.76 -13.92
C PHE B 197 -25.25 -21.00 -14.65
N PRO B 198 -24.88 -22.21 -14.17
CA PRO B 198 -25.32 -23.39 -14.89
C PRO B 198 -26.82 -23.60 -14.74
N THR B 199 -27.40 -24.46 -15.59
CA THR B 199 -28.82 -24.75 -15.61
C THR B 199 -29.02 -26.26 -15.52
N GLY B 200 -30.24 -26.72 -15.27
CA GLY B 200 -30.51 -28.16 -15.12
C GLY B 200 -30.43 -28.65 -13.67
N ARG B 201 -29.79 -29.80 -13.46
CA ARG B 201 -29.67 -30.38 -12.12
C ARG B 201 -28.59 -29.63 -11.34
N VAL B 202 -29.00 -28.59 -10.59
CA VAL B 202 -28.03 -27.69 -9.94
C VAL B 202 -28.18 -27.73 -8.41
N LYS B 203 -28.89 -28.75 -7.95
CA LYS B 203 -29.30 -28.98 -6.57
C LYS B 203 -28.04 -28.96 -5.70
N HIS B 204 -27.08 -29.78 -6.07
CA HIS B 204 -25.86 -29.87 -5.33
C HIS B 204 -24.70 -30.41 -6.21
N THR B 205 -23.63 -29.64 -6.29
CA THR B 205 -22.47 -29.89 -7.15
C THR B 205 -21.24 -29.21 -6.51
N GLU B 206 -20.22 -30.02 -6.27
CA GLU B 206 -18.98 -29.54 -5.66
C GLU B 206 -17.80 -30.33 -6.17
N GLU B 207 -16.61 -29.75 -6.04
CA GLU B 207 -15.37 -30.44 -6.42
C GLU B 207 -15.38 -31.04 -7.83
N CYS B 208 -15.78 -30.25 -8.82
CA CYS B 208 -15.80 -30.74 -10.19
C CYS B 208 -14.39 -31.05 -10.68
N THR B 209 -14.23 -32.23 -11.25
CA THR B 209 -13.00 -32.58 -11.91
C THR B 209 -13.29 -32.31 -13.38
N CYS B 210 -12.80 -31.18 -13.87
CA CYS B 210 -13.10 -30.77 -15.23
C CYS B 210 -11.95 -31.03 -16.17
N GLY B 211 -12.30 -31.37 -17.43
CA GLY B 211 -11.34 -31.40 -18.55
C GLY B 211 -11.96 -30.94 -19.87
N PHE B 212 -11.12 -30.67 -20.88
CA PHE B 212 -11.63 -30.43 -22.24
C PHE B 212 -12.04 -31.72 -22.94
N ALA B 213 -13.31 -31.87 -23.21
CA ALA B 213 -13.78 -32.89 -24.11
C ALA B 213 -13.52 -32.46 -25.56
N SER B 214 -13.28 -31.17 -25.76
CA SER B 214 -12.90 -30.68 -27.09
C SER B 214 -12.62 -29.20 -27.02
N ASN B 215 -12.43 -28.57 -28.18
CA ASN B 215 -12.23 -27.11 -28.23
C ASN B 215 -13.52 -26.35 -27.87
N LYS B 216 -14.68 -27.00 -27.99
CA LYS B 216 -15.97 -26.33 -27.66
C LYS B 216 -16.49 -26.57 -26.24
N THR B 217 -16.10 -27.66 -25.61
CA THR B 217 -16.76 -28.18 -24.39
C THR B 217 -15.84 -28.57 -23.23
N ILE B 218 -16.01 -27.95 -22.08
CA ILE B 218 -15.42 -28.49 -20.83
C ILE B 218 -16.46 -29.42 -20.21
N GLU B 219 -16.05 -30.58 -19.74
CA GLU B 219 -16.97 -31.47 -19.04
C GLU B 219 -16.43 -31.69 -17.65
N CYS B 220 -17.30 -31.80 -16.66
CA CYS B 220 -16.83 -32.07 -15.31
C CYS B 220 -17.61 -33.21 -14.68
N ALA B 221 -16.92 -34.05 -13.90
CA ALA B 221 -17.54 -35.02 -13.01
C ALA B 221 -17.39 -34.58 -11.54
N CYS B 222 -18.51 -34.39 -10.82
CA CYS B 222 -18.47 -33.70 -9.54
C CYS B 222 -19.02 -34.52 -8.37
N ARG B 223 -19.03 -33.89 -7.20
CA ARG B 223 -19.51 -34.51 -5.97
C ARG B 223 -20.88 -33.95 -5.53
N ASP B 224 -21.83 -34.83 -5.30
CA ASP B 224 -23.01 -34.46 -4.56
C ASP B 224 -22.88 -35.12 -3.18
N ASN B 225 -22.83 -34.28 -2.14
CA ASN B 225 -22.62 -34.71 -0.78
C ASN B 225 -23.93 -34.93 0.02
N SER B 226 -25.07 -34.66 -0.63
CA SER B 226 -26.38 -34.70 0.03
C SER B 226 -27.31 -35.77 -0.50
N TYR B 227 -27.50 -35.74 -1.82
CA TYR B 227 -28.66 -36.38 -2.41
C TYR B 227 -28.47 -37.69 -3.18
N THR B 228 -27.35 -37.84 -3.86
CA THR B 228 -27.15 -39.01 -4.72
C THR B 228 -25.70 -39.52 -4.69
N ALA B 229 -25.51 -40.79 -5.08
CA ALA B 229 -24.16 -41.36 -5.34
C ALA B 229 -23.81 -41.36 -6.82
N LYS B 230 -24.71 -40.86 -7.65
CA LYS B 230 -24.36 -40.49 -9.02
C LYS B 230 -23.59 -39.19 -9.02
N ARG B 231 -22.50 -39.15 -9.78
CA ARG B 231 -21.80 -37.90 -9.98
C ARG B 231 -22.65 -36.97 -10.86
N PRO B 232 -22.84 -35.71 -10.41
CA PRO B 232 -23.33 -34.64 -11.28
C PRO B 232 -22.36 -34.47 -12.42
N PHE B 233 -22.85 -34.40 -13.63
CA PHE B 233 -21.95 -34.31 -14.77
C PHE B 233 -22.19 -33.00 -15.51
N VAL B 234 -21.22 -32.12 -15.47
CA VAL B 234 -21.34 -30.77 -16.04
C VAL B 234 -20.84 -30.72 -17.48
N LYS B 235 -21.61 -30.09 -18.36
CA LYS B 235 -21.15 -29.80 -19.73
C LYS B 235 -21.16 -28.30 -19.94
N LEU B 236 -19.99 -27.73 -20.19
CA LEU B 236 -19.81 -26.32 -20.37
C LEU B 236 -19.42 -26.01 -21.82
N ASN B 237 -20.22 -25.19 -22.51
CA ASN B 237 -19.81 -24.72 -23.82
C ASN B 237 -18.93 -23.47 -23.65
N VAL B 238 -17.67 -23.57 -24.02
CA VAL B 238 -16.78 -22.43 -23.88
C VAL B 238 -16.88 -21.36 -25.00
N GLU B 239 -17.73 -21.61 -25.99
CA GLU B 239 -17.95 -20.63 -27.07
C GLU B 239 -19.13 -19.73 -26.79
N THR B 240 -20.19 -20.25 -26.18
CA THR B 240 -21.31 -19.38 -25.70
C THR B 240 -21.33 -19.10 -24.20
N ASP B 241 -20.37 -19.69 -23.47
CA ASP B 241 -20.25 -19.58 -22.01
C ASP B 241 -21.52 -19.97 -21.27
N THR B 242 -22.02 -21.16 -21.59
CA THR B 242 -23.26 -21.70 -21.05
C THR B 242 -22.97 -23.05 -20.42
N ALA B 243 -23.57 -23.33 -19.29
CA ALA B 243 -23.30 -24.57 -18.58
C ALA B 243 -24.57 -25.29 -18.23
N GLU B 244 -24.57 -26.60 -18.35
CA GLU B 244 -25.69 -27.46 -18.04
C GLU B 244 -25.19 -28.61 -17.14
N ILE B 245 -26.04 -29.12 -16.26
CA ILE B 245 -25.64 -30.16 -15.32
C ILE B 245 -26.74 -31.20 -15.18
N ARG B 246 -26.37 -32.47 -15.23
CA ARG B 246 -27.28 -33.59 -14.93
C ARG B 246 -26.48 -34.72 -14.32
N LEU B 247 -27.18 -35.57 -13.57
CA LEU B 247 -26.57 -36.75 -13.01
C LEU B 247 -26.03 -37.65 -14.14
N MET B 248 -24.94 -38.34 -13.85
CA MET B 248 -24.48 -39.42 -14.68
C MET B 248 -25.42 -40.63 -14.55
N CYS B 249 -25.96 -41.08 -15.68
CA CYS B 249 -26.97 -42.11 -15.75
C CYS B 249 -26.43 -43.53 -15.61
N THR B 250 -25.11 -43.72 -15.79
CA THR B 250 -24.45 -45.05 -15.67
C THR B 250 -24.77 -45.83 -14.38
N GLU B 251 -24.85 -47.15 -14.50
CA GLU B 251 -25.11 -47.98 -13.34
C GLU B 251 -23.85 -48.08 -12.46
N THR B 252 -22.71 -47.72 -13.05
CA THR B 252 -21.44 -47.73 -12.37
C THR B 252 -21.23 -46.44 -11.55
N TYR B 253 -21.92 -46.38 -10.43
CA TYR B 253 -21.90 -45.16 -9.58
C TYR B 253 -20.50 -44.94 -9.08
N LEU B 254 -20.02 -43.71 -9.21
CA LEU B 254 -18.60 -43.34 -9.03
C LEU B 254 -18.32 -42.65 -7.69
N ASP B 255 -19.36 -42.30 -6.97
CA ASP B 255 -19.21 -41.67 -5.67
C ASP B 255 -18.96 -42.67 -4.57
N THR B 256 -18.59 -42.18 -3.40
CA THR B 256 -18.44 -42.97 -2.19
C THR B 256 -18.97 -42.14 -0.98
N PRO B 257 -19.93 -42.71 -0.22
CA PRO B 257 -20.49 -44.05 -0.38
C PRO B 257 -21.34 -44.17 -1.61
N ARG B 258 -21.78 -45.40 -1.89
CA ARG B 258 -22.69 -45.70 -2.98
C ARG B 258 -23.39 -47.04 -2.74
N PRO B 259 -24.54 -47.26 -3.41
CA PRO B 259 -25.18 -48.55 -3.29
C PRO B 259 -24.62 -49.52 -4.33
N ASP B 260 -25.26 -50.67 -4.55
CA ASP B 260 -24.81 -51.55 -5.62
C ASP B 260 -25.05 -50.88 -6.96
N ASP B 261 -24.18 -51.22 -7.89
CA ASP B 261 -24.28 -50.74 -9.24
C ASP B 261 -25.62 -51.16 -9.75
N GLY B 262 -26.27 -50.30 -10.53
CA GLY B 262 -27.58 -50.61 -11.15
C GLY B 262 -28.80 -50.62 -10.25
N SER B 263 -28.60 -50.46 -8.95
CA SER B 263 -29.65 -50.69 -7.95
C SER B 263 -30.49 -49.45 -7.68
N ILE B 264 -30.05 -48.31 -8.17
CA ILE B 264 -30.88 -47.11 -8.14
C ILE B 264 -31.91 -47.20 -9.28
N THR B 265 -33.15 -47.42 -8.87
CA THR B 265 -34.25 -47.66 -9.78
C THR B 265 -34.82 -46.35 -10.33
N GLY B 266 -35.48 -46.42 -11.48
CA GLY B 266 -36.04 -45.22 -12.13
C GLY B 266 -35.21 -44.78 -13.34
N PRO B 267 -35.54 -43.61 -13.91
CA PRO B 267 -34.80 -43.10 -15.08
C PRO B 267 -33.48 -42.51 -14.69
N CYS B 268 -32.83 -41.79 -15.61
CA CYS B 268 -31.48 -41.24 -15.36
C CYS B 268 -31.38 -40.22 -14.25
N GLU B 269 -32.52 -39.60 -13.93
CA GLU B 269 -32.52 -38.58 -12.92
C GLU B 269 -32.74 -39.05 -11.45
N SER B 270 -33.03 -40.33 -11.24
CA SER B 270 -33.31 -40.80 -9.89
C SER B 270 -32.13 -40.64 -8.97
N ASN B 271 -32.37 -40.17 -7.76
CA ASN B 271 -31.29 -39.92 -6.82
C ASN B 271 -30.41 -41.15 -6.43
N GLY B 272 -30.85 -42.13 -5.65
CA GLY B 272 -31.95 -42.11 -4.72
C GLY B 272 -31.25 -42.39 -3.40
N ASP B 273 -30.75 -43.61 -3.21
CA ASP B 273 -30.21 -44.04 -1.90
C ASP B 273 -28.67 -43.96 -1.68
N LYS B 274 -28.28 -43.88 -0.39
CA LYS B 274 -26.88 -43.75 0.07
C LYS B 274 -26.14 -42.50 -0.43
N GLY B 275 -26.93 -41.50 -0.84
CA GLY B 275 -26.45 -40.29 -1.47
C GLY B 275 -25.76 -39.26 -0.64
N SER B 276 -25.91 -39.33 0.68
CA SER B 276 -25.23 -38.38 1.57
C SER B 276 -23.80 -38.85 1.76
N GLY B 277 -22.89 -37.92 2.04
CA GLY B 277 -21.44 -38.21 1.96
C GLY B 277 -20.99 -38.15 0.50
N GLY B 278 -19.70 -38.22 0.25
CA GLY B 278 -19.22 -38.11 -1.10
C GLY B 278 -17.72 -38.19 -1.13
N ILE B 279 -17.17 -38.04 -2.34
CA ILE B 279 -15.72 -38.01 -2.58
C ILE B 279 -15.42 -37.34 -3.95
N LYS B 280 -14.36 -36.54 -3.98
CA LYS B 280 -13.86 -35.98 -5.25
C LYS B 280 -13.32 -37.12 -6.09
N GLY B 281 -13.63 -37.08 -7.40
CA GLY B 281 -13.47 -38.25 -8.29
C GLY B 281 -12.68 -37.98 -9.56
N GLY B 282 -11.76 -38.87 -9.87
CA GLY B 282 -10.90 -38.74 -11.06
C GLY B 282 -11.76 -38.69 -12.33
N PHE B 283 -11.23 -38.02 -13.34
CA PHE B 283 -11.92 -37.91 -14.57
C PHE B 283 -11.02 -37.20 -15.54
N VAL B 284 -10.77 -37.82 -16.67
CA VAL B 284 -9.93 -37.23 -17.68
C VAL B 284 -10.41 -37.66 -19.09
N HIS B 285 -10.08 -36.84 -20.09
CA HIS B 285 -10.54 -37.07 -21.46
C HIS B 285 -9.42 -37.61 -22.35
N GLN B 286 -9.77 -38.54 -23.22
CA GLN B 286 -8.87 -39.03 -24.25
C GLN B 286 -9.49 -38.58 -25.58
N ARG B 287 -8.97 -37.49 -26.14
CA ARG B 287 -9.52 -36.97 -27.40
C ARG B 287 -8.90 -37.59 -28.64
N MET B 288 -9.66 -38.39 -29.37
CA MET B 288 -9.22 -38.95 -30.66
C MET B 288 -9.96 -38.27 -31.84
N ALA B 289 -9.40 -38.40 -33.05
CA ALA B 289 -9.91 -37.72 -34.26
C ALA B 289 -11.44 -37.66 -34.30
N SER B 290 -12.05 -38.86 -34.31
CA SER B 290 -13.49 -39.02 -34.35
C SER B 290 -14.02 -39.93 -33.22
N LYS B 291 -13.40 -39.86 -32.04
CA LYS B 291 -13.85 -40.64 -30.90
C LYS B 291 -13.37 -40.03 -29.60
N ILE B 292 -14.26 -39.98 -28.59
CA ILE B 292 -13.87 -39.55 -27.24
C ILE B 292 -13.99 -40.63 -26.17
N GLY B 293 -12.89 -40.88 -25.49
CA GLY B 293 -12.91 -41.76 -24.32
C GLY B 293 -13.03 -41.00 -23.03
N ARG B 294 -13.78 -41.55 -22.11
CA ARG B 294 -13.91 -40.88 -20.81
C ARG B 294 -13.41 -41.82 -19.77
N TRP B 295 -12.33 -41.46 -19.11
CA TRP B 295 -11.75 -42.31 -18.07
C TRP B 295 -12.13 -41.79 -16.73
N TYR B 296 -12.57 -42.68 -15.84
CA TYR B 296 -12.95 -42.30 -14.48
C TYR B 296 -12.28 -43.21 -13.45
N SER B 297 -12.23 -42.77 -12.20
CA SER B 297 -11.86 -43.67 -11.09
C SER B 297 -12.89 -43.64 -9.96
N ARG B 298 -12.90 -44.70 -9.16
CA ARG B 298 -13.75 -44.78 -7.99
C ARG B 298 -13.18 -45.78 -7.03
N THR B 299 -13.32 -45.52 -5.73
CA THR B 299 -12.85 -46.41 -4.68
C THR B 299 -13.29 -47.85 -4.90
N MET B 300 -12.45 -48.76 -4.43
CA MET B 300 -12.71 -50.19 -4.60
C MET B 300 -13.81 -50.60 -3.65
N SER B 301 -13.82 -49.98 -2.47
CA SER B 301 -14.90 -50.16 -1.51
C SER B 301 -16.07 -49.23 -1.77
N LYS B 302 -17.26 -49.73 -1.50
CA LYS B 302 -18.48 -48.99 -1.67
C LYS B 302 -18.73 -47.92 -0.60
N THR B 303 -18.14 -48.02 0.58
CA THR B 303 -18.46 -47.11 1.68
C THR B 303 -17.25 -46.38 2.22
N LYS B 304 -16.07 -46.94 1.92
CA LYS B 304 -14.85 -46.46 2.52
C LYS B 304 -13.87 -45.96 1.49
N ARG B 305 -12.96 -45.13 1.95
CA ARG B 305 -11.99 -44.53 1.09
C ARG B 305 -10.77 -45.45 0.93
N MET B 306 -11.08 -46.66 0.47
CA MET B 306 -10.10 -47.70 0.27
C MET B 306 -10.08 -48.15 -1.22
N GLY B 307 -8.87 -48.25 -1.76
CA GLY B 307 -8.69 -48.72 -3.11
C GLY B 307 -9.11 -47.72 -4.16
N MET B 308 -8.69 -47.94 -5.40
CA MET B 308 -9.09 -47.07 -6.50
C MET B 308 -9.07 -47.83 -7.80
N GLY B 309 -10.21 -47.88 -8.47
CA GLY B 309 -10.32 -48.61 -9.74
C GLY B 309 -10.45 -47.64 -10.91
N LEU B 310 -9.90 -47.99 -12.07
CA LEU B 310 -9.99 -47.15 -13.25
C LEU B 310 -11.05 -47.72 -14.16
N TYR B 311 -11.94 -46.84 -14.64
CA TYR B 311 -13.06 -47.21 -15.53
C TYR B 311 -12.97 -46.38 -16.81
N VAL B 312 -13.71 -46.81 -17.84
CA VAL B 312 -13.69 -46.10 -19.13
C VAL B 312 -14.93 -46.36 -20.00
N LYS B 313 -15.31 -45.34 -20.76
CA LYS B 313 -16.34 -45.48 -21.78
C LYS B 313 -16.00 -44.62 -23.02
N TYR B 314 -16.26 -45.15 -24.19
CA TYR B 314 -15.96 -44.43 -25.41
C TYR B 314 -17.26 -43.89 -26.03
N ASP B 315 -17.32 -42.61 -26.35
CA ASP B 315 -18.55 -41.99 -26.92
C ASP B 315 -19.84 -42.14 -26.10
N GLY B 316 -20.94 -41.76 -26.71
CA GLY B 316 -22.22 -41.69 -26.02
C GLY B 316 -22.45 -40.37 -25.29
N ASP B 317 -23.57 -40.29 -24.61
CA ASP B 317 -23.88 -39.17 -23.75
C ASP B 317 -23.91 -39.73 -22.30
N PRO B 318 -23.02 -39.23 -21.41
CA PRO B 318 -23.04 -39.74 -20.03
C PRO B 318 -24.33 -39.36 -19.31
N TRP B 319 -25.08 -38.39 -19.87
CA TRP B 319 -26.34 -37.97 -19.26
C TRP B 319 -27.46 -38.96 -19.46
N THR B 320 -27.28 -39.91 -20.40
CA THR B 320 -28.38 -40.83 -20.76
C THR B 320 -28.03 -42.33 -20.75
N ASP B 321 -26.73 -42.64 -20.87
CA ASP B 321 -26.24 -44.01 -20.96
C ASP B 321 -26.22 -44.71 -19.63
N SER B 322 -27.03 -45.74 -19.51
CA SER B 322 -27.11 -46.45 -18.24
C SER B 322 -26.10 -47.59 -18.27
N ASP B 323 -25.51 -47.77 -19.44
CA ASP B 323 -24.60 -48.87 -19.69
C ASP B 323 -23.55 -48.81 -18.60
N ALA B 324 -23.11 -50.00 -18.13
CA ALA B 324 -22.04 -50.11 -17.14
C ALA B 324 -20.80 -49.59 -17.77
N LEU B 325 -20.00 -48.87 -16.99
CA LEU B 325 -18.68 -48.44 -17.36
C LEU B 325 -17.70 -49.65 -17.35
N ALA B 326 -16.75 -49.67 -18.29
CA ALA B 326 -15.80 -50.77 -18.40
C ALA B 326 -14.73 -50.69 -17.30
N LEU B 327 -14.63 -51.74 -16.49
CA LEU B 327 -13.58 -51.79 -15.46
C LEU B 327 -12.25 -52.04 -16.14
N SER B 328 -11.31 -51.13 -15.97
CA SER B 328 -10.09 -51.11 -16.74
C SER B 328 -8.87 -51.59 -15.93
N GLY B 329 -8.89 -51.35 -14.61
CA GLY B 329 -7.88 -51.97 -13.73
C GLY B 329 -7.89 -51.48 -12.29
N VAL B 330 -7.24 -52.20 -11.39
CA VAL B 330 -7.12 -51.81 -9.98
C VAL B 330 -5.84 -51.00 -9.77
N MET B 331 -6.02 -49.72 -9.56
CA MET B 331 -4.91 -48.80 -9.36
C MET B 331 -4.37 -48.84 -7.95
N VAL B 332 -5.24 -48.86 -6.95
CA VAL B 332 -4.86 -49.05 -5.56
C VAL B 332 -5.75 -50.15 -5.02
N SER B 333 -5.17 -51.22 -4.49
CA SER B 333 -5.94 -52.35 -3.96
C SER B 333 -6.76 -51.96 -2.75
N MET B 334 -7.78 -52.73 -2.48
CA MET B 334 -8.65 -52.59 -1.30
C MET B 334 -7.89 -52.44 0.03
N GLU B 335 -6.65 -52.87 0.07
CA GLU B 335 -5.88 -52.77 1.30
C GLU B 335 -5.20 -51.43 1.52
N GLU B 336 -5.17 -50.58 0.51
CA GLU B 336 -4.53 -49.27 0.59
C GLU B 336 -5.56 -48.14 0.60
N PRO B 337 -5.18 -46.96 1.11
CA PRO B 337 -6.10 -45.83 1.09
C PRO B 337 -6.29 -45.26 -0.32
N GLY B 338 -7.54 -44.90 -0.63
CA GLY B 338 -7.87 -44.20 -1.85
C GLY B 338 -8.87 -43.13 -1.46
N TRP B 339 -8.35 -41.93 -1.25
CA TRP B 339 -9.19 -40.80 -1.01
C TRP B 339 -9.47 -40.09 -2.35
N TYR B 340 -9.22 -38.79 -2.39
CA TYR B 340 -9.56 -37.96 -3.53
C TYR B 340 -8.85 -38.43 -4.81
N SER B 341 -9.50 -38.32 -5.95
CA SER B 341 -8.75 -38.48 -7.21
C SER B 341 -9.08 -37.38 -8.21
N PHE B 342 -8.21 -37.14 -9.17
CA PHE B 342 -8.32 -36.00 -10.08
C PHE B 342 -7.71 -36.36 -11.44
N GLY B 343 -8.09 -35.63 -12.49
CA GLY B 343 -7.49 -35.76 -13.82
C GLY B 343 -6.56 -34.60 -14.16
N PHE B 344 -5.65 -34.84 -15.11
CA PHE B 344 -4.74 -33.82 -15.64
C PHE B 344 -4.06 -34.33 -16.90
N GLU B 345 -3.39 -33.44 -17.62
CA GLU B 345 -2.87 -33.76 -18.92
C GLU B 345 -1.49 -33.23 -19.03
N ILE B 346 -0.53 -34.13 -19.30
CA ILE B 346 0.86 -33.75 -19.56
C ILE B 346 0.97 -33.45 -21.05
N LYS B 347 1.78 -32.48 -21.43
CA LYS B 347 1.87 -32.11 -22.84
C LYS B 347 3.09 -32.63 -23.49
N ASP B 348 2.89 -33.58 -24.39
CA ASP B 348 3.98 -34.06 -25.21
C ASP B 348 4.22 -33.06 -26.34
N LYS B 349 5.19 -33.33 -27.21
CA LYS B 349 5.58 -32.35 -28.22
C LYS B 349 4.39 -31.91 -29.07
N LYS B 350 3.61 -32.87 -29.56
CA LYS B 350 2.46 -32.58 -30.44
C LYS B 350 1.13 -33.16 -30.01
N CYS B 351 1.08 -33.77 -28.82
CA CYS B 351 -0.18 -34.31 -28.28
C CYS B 351 -0.24 -34.27 -26.76
N ASP B 352 -1.47 -34.38 -26.22
CA ASP B 352 -1.75 -34.32 -24.78
C ASP B 352 -1.93 -35.72 -24.09
N VAL B 353 -1.22 -35.95 -22.98
CA VAL B 353 -1.27 -37.25 -22.31
C VAL B 353 -2.21 -37.18 -21.10
N PRO B 354 -3.35 -37.86 -21.21
CA PRO B 354 -4.32 -37.85 -20.12
C PRO B 354 -3.86 -38.74 -18.95
N CYS B 355 -4.00 -38.25 -17.72
CA CYS B 355 -3.55 -38.95 -16.50
C CYS B 355 -4.58 -38.79 -15.40
N ILE B 356 -4.48 -39.64 -14.37
CA ILE B 356 -5.36 -39.58 -13.21
C ILE B 356 -4.48 -39.73 -11.99
N GLY B 357 -4.50 -38.73 -11.12
CA GLY B 357 -3.78 -38.82 -9.87
C GLY B 357 -4.68 -39.35 -8.76
N ILE B 358 -4.08 -39.94 -7.73
CA ILE B 358 -4.84 -40.43 -6.63
C ILE B 358 -4.26 -39.97 -5.31
N GLU B 359 -5.06 -39.24 -4.54
CA GLU B 359 -4.70 -38.89 -3.17
C GLU B 359 -4.81 -40.12 -2.28
N MET B 360 -3.69 -40.53 -1.72
CA MET B 360 -3.64 -41.76 -0.91
C MET B 360 -3.29 -41.36 0.51
N VAL B 361 -4.31 -40.95 1.25
CA VAL B 361 -4.15 -40.35 2.60
C VAL B 361 -3.68 -41.35 3.64
N HIS B 362 -2.85 -40.86 4.54
CA HIS B 362 -2.38 -41.61 5.69
C HIS B 362 -3.24 -41.13 6.85
N ASP B 363 -4.24 -41.94 7.20
CA ASP B 363 -5.19 -41.58 8.24
C ASP B 363 -5.03 -42.43 9.49
N GLY B 364 -4.55 -41.85 10.57
CA GLY B 364 -4.49 -42.52 11.87
C GLY B 364 -5.37 -41.92 12.96
N GLY B 365 -6.47 -41.26 12.57
CA GLY B 365 -7.31 -40.51 13.49
C GLY B 365 -6.72 -39.13 13.82
N LYS B 366 -7.47 -38.33 14.61
CA LYS B 366 -7.02 -36.98 14.95
C LYS B 366 -5.88 -36.89 15.97
N GLU B 367 -5.56 -38.01 16.62
CA GLU B 367 -4.49 -38.00 17.64
C GLU B 367 -3.08 -38.14 17.06
N THR B 368 -2.94 -38.07 15.74
CA THR B 368 -1.61 -38.10 15.11
C THR B 368 -1.68 -37.29 13.84
N TRP B 369 -0.65 -37.37 12.99
CA TRP B 369 -0.57 -36.54 11.81
C TRP B 369 -1.50 -37.04 10.72
N HIS B 370 -1.80 -36.18 9.77
CA HIS B 370 -2.75 -36.53 8.73
C HIS B 370 -2.31 -35.93 7.37
N SER B 371 -1.67 -36.73 6.55
CA SER B 371 -1.27 -36.26 5.23
C SER B 371 -1.52 -37.32 4.17
N ALA B 372 -1.05 -37.06 2.95
CA ALA B 372 -1.37 -37.91 1.79
C ALA B 372 -0.16 -38.19 0.91
N ALA B 373 -0.12 -39.37 0.29
CA ALA B 373 0.80 -39.61 -0.84
C ALA B 373 0.05 -39.25 -2.13
N THR B 374 0.72 -39.30 -3.29
CA THR B 374 0.06 -39.09 -4.57
C THR B 374 0.48 -40.10 -5.61
N ALA B 375 -0.45 -40.97 -6.00
CA ALA B 375 -0.22 -41.94 -7.08
C ALA B 375 -0.58 -41.37 -8.48
N ILE B 376 0.23 -41.58 -9.51
CA ILE B 376 -0.11 -41.09 -10.85
C ILE B 376 -0.19 -42.24 -11.86
N TYR B 377 -1.36 -42.42 -12.45
CA TYR B 377 -1.49 -43.28 -13.61
C TYR B 377 -1.65 -42.42 -14.86
N CYS B 378 -0.93 -42.74 -15.93
CA CYS B 378 -1.14 -42.09 -17.26
C CYS B 378 -1.44 -43.07 -18.42
N LEU B 379 -2.11 -42.54 -19.45
CA LEU B 379 -2.34 -43.25 -20.70
C LEU B 379 -0.98 -43.46 -21.34
N MET B 380 -0.58 -44.72 -21.48
CA MET B 380 0.71 -45.08 -22.12
C MET B 380 0.67 -46.49 -22.70
N GLY B 381 0.77 -46.56 -24.02
CA GLY B 381 0.88 -47.84 -24.73
C GLY B 381 -0.41 -48.57 -24.89
N SER B 382 -0.32 -49.84 -25.22
CA SER B 382 -1.47 -50.73 -25.40
C SER B 382 -1.55 -51.85 -24.33
N GLY B 383 -2.66 -52.60 -24.28
CA GLY B 383 -2.77 -53.78 -23.40
C GLY B 383 -3.63 -53.60 -22.14
N GLN B 384 -3.23 -54.23 -21.02
CA GLN B 384 -4.03 -54.12 -19.78
C GLN B 384 -3.29 -53.43 -18.68
N LEU B 385 -3.97 -52.60 -17.89
CA LEU B 385 -3.32 -51.97 -16.72
C LEU B 385 -2.65 -53.06 -15.85
N LEU B 386 -1.36 -52.88 -15.60
CA LEU B 386 -0.56 -53.95 -15.04
C LEU B 386 -0.29 -53.94 -13.51
N TRP B 387 -0.03 -52.77 -12.91
CA TRP B 387 0.41 -52.79 -11.49
C TRP B 387 -0.28 -51.76 -10.61
N ASP B 388 -0.51 -52.14 -9.36
CA ASP B 388 -1.14 -51.24 -8.37
C ASP B 388 -0.12 -50.44 -7.61
N THR B 389 -0.57 -49.41 -6.92
CA THR B 389 0.32 -48.54 -6.15
C THR B 389 0.12 -48.73 -4.65
N VAL B 390 1.20 -48.63 -3.87
CA VAL B 390 1.18 -48.63 -2.39
C VAL B 390 2.01 -47.45 -1.90
N THR B 391 1.72 -46.97 -0.70
CA THR B 391 2.43 -45.77 -0.19
C THR B 391 3.73 -46.16 0.42
N GLY B 392 3.78 -47.40 0.90
CA GLY B 392 4.96 -47.89 1.59
C GLY B 392 5.13 -47.38 3.00
N VAL B 393 4.24 -46.49 3.43
CA VAL B 393 4.38 -45.77 4.69
C VAL B 393 3.74 -46.50 5.89
N ASP B 394 4.51 -46.61 6.97
CA ASP B 394 4.04 -47.07 8.28
C ASP B 394 3.98 -45.82 9.15
N MET B 395 2.78 -45.52 9.64
CA MET B 395 2.48 -44.27 10.34
C MET B 395 3.00 -44.18 11.78
N ALA B 396 3.45 -45.31 12.32
CA ALA B 396 4.08 -45.38 13.66
C ALA B 396 5.52 -44.87 13.69
N LEU B 397 6.14 -44.72 12.52
CA LEU B 397 7.55 -44.34 12.42
C LEU B 397 7.79 -42.82 12.45
N PRO C 9 16.27 -5.39 -21.37
CA PRO C 9 15.50 -4.77 -20.30
C PRO C 9 15.77 -3.28 -20.16
N GLU C 10 14.76 -2.56 -19.64
CA GLU C 10 14.77 -1.11 -19.46
C GLU C 10 14.41 -0.69 -18.01
N TRP C 11 14.69 0.57 -17.66
CA TRP C 11 14.41 1.06 -16.31
C TRP C 11 12.96 0.97 -15.98
N THR C 12 12.64 0.75 -14.70
CA THR C 12 11.28 0.66 -14.22
C THR C 12 10.82 2.00 -13.67
N TYR C 13 9.49 2.24 -13.70
CA TYR C 13 8.81 3.46 -13.20
C TYR C 13 7.55 3.04 -12.44
N PRO C 14 7.09 3.85 -11.47
CA PRO C 14 5.77 3.54 -10.89
C PRO C 14 4.67 3.61 -11.94
N ARG C 15 3.73 2.66 -11.90
CA ARG C 15 2.56 2.69 -12.77
C ARG C 15 1.26 2.91 -11.96
N LEU C 16 0.14 2.98 -12.66
CA LEU C 16 -1.17 3.03 -12.01
C LEU C 16 -1.38 1.70 -11.28
N SER C 17 -1.89 1.73 -10.05
CA SER C 17 -2.14 0.49 -9.30
C SER C 17 -3.22 -0.34 -9.96
N CYS C 18 -3.29 -1.61 -9.60
CA CYS C 18 -4.28 -2.53 -10.18
C CYS C 18 -5.63 -2.22 -9.56
N PRO C 19 -6.72 -2.60 -10.28
CA PRO C 19 -8.05 -2.38 -9.75
C PRO C 19 -8.21 -3.07 -8.39
N GLY C 20 -9.02 -2.42 -7.53
CA GLY C 20 -9.38 -2.96 -6.25
C GLY C 20 -9.71 -1.86 -5.27
N SER C 21 -10.51 -2.19 -4.27
CA SER C 21 -10.78 -1.28 -3.19
C SER C 21 -10.61 -1.87 -1.78
N THR C 22 -10.05 -3.08 -1.67
CA THR C 22 -9.78 -3.63 -0.34
C THR C 22 -8.50 -4.49 -0.28
N PHE C 23 -7.81 -4.44 0.85
CA PHE C 23 -6.75 -5.39 1.14
C PHE C 23 -7.34 -6.72 1.62
N GLN C 24 -6.66 -7.81 1.29
CA GLN C 24 -7.04 -9.12 1.79
C GLN C 24 -5.78 -9.85 2.23
N LYS C 25 -5.97 -10.90 3.01
CA LYS C 25 -4.87 -11.70 3.50
C LYS C 25 -4.30 -12.49 2.33
N ALA C 26 -2.98 -12.38 2.10
CA ALA C 26 -2.36 -13.01 0.94
C ALA C 26 -1.52 -14.26 1.25
N LEU C 27 -0.56 -14.09 2.15
CA LEU C 27 0.41 -15.13 2.37
C LEU C 27 1.06 -14.98 3.74
N LEU C 28 1.39 -16.11 4.35
CA LEU C 28 2.13 -16.12 5.59
C LEU C 28 3.48 -16.81 5.37
N ILE C 29 4.53 -16.17 5.79
CA ILE C 29 5.83 -16.83 5.86
C ILE C 29 6.19 -16.98 7.35
N SER C 30 5.90 -18.16 7.87
CA SER C 30 6.21 -18.45 9.25
C SER C 30 7.19 -19.60 9.31
N PRO C 31 8.49 -19.29 9.21
CA PRO C 31 9.48 -20.36 9.08
C PRO C 31 9.66 -21.15 10.38
N HIS C 32 9.30 -20.54 11.52
CA HIS C 32 9.49 -21.23 12.80
C HIS C 32 8.46 -22.29 13.12
N ARG C 33 7.47 -22.42 12.22
CA ARG C 33 6.54 -23.56 12.21
C ARG C 33 7.32 -24.85 12.04
N PHE C 34 8.61 -24.69 11.79
CA PHE C 34 9.47 -25.76 11.33
C PHE C 34 10.73 -25.91 12.16
N GLY C 35 10.93 -25.00 13.14
CA GLY C 35 12.05 -25.02 14.04
C GLY C 35 11.79 -25.72 15.38
N GLU C 36 11.07 -26.84 15.37
CA GLU C 36 11.02 -27.71 16.57
C GLU C 36 12.27 -28.60 16.76
N THR C 37 12.64 -28.77 18.03
CA THR C 37 13.48 -29.87 18.51
C THR C 37 13.19 -31.19 17.77
N LYS C 38 11.91 -31.57 17.69
CA LYS C 38 11.47 -32.83 17.08
C LYS C 38 11.49 -32.84 15.54
N GLY C 39 11.78 -31.66 14.95
CA GLY C 39 11.81 -31.46 13.51
C GLY C 39 13.19 -31.60 12.90
N ASN C 40 13.29 -31.27 11.61
CA ASN C 40 14.52 -31.52 10.82
C ASN C 40 14.74 -30.40 9.82
N SER C 41 14.47 -29.18 10.25
CA SER C 41 14.58 -28.02 9.38
C SER C 41 15.45 -26.98 10.10
N ALA C 42 15.88 -25.96 9.37
CA ALA C 42 16.71 -24.93 9.93
C ALA C 42 16.29 -23.57 9.40
N PRO C 43 15.20 -23.01 9.96
CA PRO C 43 14.84 -21.67 9.64
C PRO C 43 15.81 -20.71 10.28
N LEU C 44 16.12 -19.62 9.59
CA LEU C 44 17.13 -18.68 10.04
C LEU C 44 16.55 -17.76 11.08
N ILE C 45 17.32 -17.44 12.12
CA ILE C 45 16.88 -16.46 13.10
C ILE C 45 17.07 -15.04 12.53
N ILE C 46 15.96 -14.32 12.42
CA ILE C 46 15.97 -13.04 11.74
C ILE C 46 15.20 -12.00 12.52
N ARG C 47 15.20 -10.78 11.97
CA ARG C 47 14.24 -9.74 12.29
C ARG C 47 14.29 -8.69 11.16
N GLU C 48 13.49 -7.64 11.26
CA GLU C 48 13.41 -6.62 10.24
C GLU C 48 13.24 -7.18 8.83
N PRO C 49 12.23 -8.07 8.65
CA PRO C 49 11.96 -8.59 7.34
C PRO C 49 11.39 -7.47 6.43
N PHE C 50 11.38 -7.72 5.13
CA PHE C 50 10.82 -6.79 4.16
C PHE C 50 10.90 -7.34 2.78
N ILE C 51 9.96 -6.95 1.95
CA ILE C 51 9.85 -7.49 0.60
C ILE C 51 10.09 -6.38 -0.40
N ALA C 52 10.83 -6.70 -1.45
CA ALA C 52 11.05 -5.78 -2.56
C ALA C 52 10.85 -6.61 -3.82
N CYS C 53 10.25 -6.04 -4.86
CA CYS C 53 9.97 -6.81 -6.06
C CYS C 53 10.56 -6.15 -7.27
N GLY C 54 10.96 -6.97 -8.24
CA GLY C 54 11.32 -6.52 -9.60
C GLY C 54 10.29 -7.04 -10.62
N PRO C 55 10.56 -6.83 -11.94
CA PRO C 55 9.53 -7.17 -12.94
C PRO C 55 9.20 -8.66 -13.02
N LYS C 56 10.07 -9.55 -12.60
CA LYS C 56 9.69 -10.98 -12.64
C LYS C 56 9.60 -11.71 -11.28
N GLU C 57 10.21 -11.15 -10.25
CA GLU C 57 10.40 -11.84 -8.97
C GLU C 57 10.22 -10.91 -7.75
N CYS C 58 9.67 -11.46 -6.68
CA CYS C 58 9.59 -10.75 -5.41
C CYS C 58 10.49 -11.42 -4.41
N LYS C 59 11.41 -10.67 -3.81
CA LYS C 59 12.35 -11.23 -2.86
C LYS C 59 12.00 -10.86 -1.41
N HIS C 60 12.19 -11.81 -0.49
CA HIS C 60 11.78 -11.64 0.90
C HIS C 60 13.03 -11.43 1.66
N PHE C 61 13.29 -10.21 2.10
CA PHE C 61 14.54 -9.89 2.76
C PHE C 61 14.40 -9.91 4.30
N ALA C 62 15.51 -10.13 5.00
CA ALA C 62 15.52 -10.04 6.47
C ALA C 62 16.91 -9.82 7.00
N LEU C 63 17.05 -9.32 8.23
CA LEU C 63 18.37 -9.26 8.87
C LEU C 63 18.55 -10.48 9.76
N THR C 64 19.49 -11.37 9.41
CA THR C 64 19.78 -12.58 10.23
C THR C 64 20.88 -12.44 11.26
N HIS C 65 20.74 -13.17 12.39
CA HIS C 65 21.79 -13.18 13.44
C HIS C 65 22.81 -14.27 13.16
N TYR C 66 22.70 -14.87 11.97
CA TYR C 66 23.62 -15.93 11.58
C TYR C 66 23.49 -17.16 12.48
N ALA C 67 22.24 -17.44 12.85
CA ALA C 67 21.89 -18.56 13.68
C ALA C 67 20.62 -19.19 13.13
N ALA C 68 20.28 -20.42 13.55
CA ALA C 68 19.05 -21.09 13.15
C ALA C 68 18.38 -21.73 14.35
N GLN C 69 17.09 -22.03 14.18
CA GLN C 69 16.31 -22.73 15.17
C GLN C 69 15.95 -24.07 14.58
N PRO C 70 16.30 -25.18 15.30
CA PRO C 70 16.97 -25.16 16.60
C PRO C 70 18.45 -25.00 16.44
N GLY C 71 19.08 -24.31 17.39
CA GLY C 71 20.50 -24.06 17.35
C GLY C 71 21.08 -23.92 18.73
N GLY C 72 22.20 -23.23 18.83
CA GLY C 72 22.88 -23.08 20.10
C GLY C 72 23.47 -21.69 20.21
N TYR C 73 23.06 -20.82 19.28
CA TYR C 73 23.48 -19.42 19.32
C TYR C 73 22.28 -18.46 19.48
N TYR C 74 21.38 -18.81 20.40
CA TYR C 74 20.20 -18.01 20.75
C TYR C 74 20.60 -16.76 21.53
N ASN C 75 21.61 -16.87 22.39
CA ASN C 75 22.11 -15.71 23.12
C ASN C 75 22.61 -14.55 22.22
N GLY C 76 21.91 -13.43 22.30
CA GLY C 76 22.27 -12.22 21.57
C GLY C 76 21.43 -11.99 20.32
N THR C 77 20.40 -12.80 20.15
CA THR C 77 19.50 -12.67 19.00
C THR C 77 18.33 -11.69 19.31
N ARG C 78 18.25 -11.26 20.58
CA ARG C 78 17.45 -10.13 21.04
C ARG C 78 18.19 -8.78 20.93
N GLY C 79 19.48 -8.80 20.63
CA GLY C 79 20.24 -7.55 20.44
C GLY C 79 19.95 -7.05 19.03
N ASP C 80 20.67 -6.01 18.59
CA ASP C 80 20.48 -5.56 17.22
C ASP C 80 21.82 -5.56 16.46
N ARG C 81 22.76 -4.73 16.87
CA ARG C 81 23.99 -4.61 16.08
C ARG C 81 25.15 -5.43 16.60
N ASN C 82 25.45 -6.55 15.92
CA ASN C 82 26.70 -7.29 16.12
C ASN C 82 27.45 -7.56 14.81
N LYS C 83 28.67 -8.11 14.93
CA LYS C 83 29.54 -8.43 13.82
C LYS C 83 29.14 -9.64 12.97
N LEU C 84 28.07 -10.35 13.34
CA LEU C 84 27.67 -11.57 12.62
C LEU C 84 26.43 -11.34 11.77
N ARG C 85 25.76 -10.23 12.06
CA ARG C 85 24.51 -9.85 11.42
C ARG C 85 24.64 -9.67 9.89
N HIS C 86 23.70 -10.25 9.16
CA HIS C 86 23.71 -10.25 7.70
C HIS C 86 22.36 -9.98 7.09
N LEU C 87 22.38 -9.26 5.96
CA LEU C 87 21.26 -9.18 5.03
C LEU C 87 21.12 -10.48 4.21
N ILE C 88 19.97 -11.11 4.28
CA ILE C 88 19.72 -12.35 3.53
C ILE C 88 18.45 -12.20 2.71
N SER C 89 18.23 -13.11 1.77
CA SER C 89 17.05 -13.11 0.94
C SER C 89 16.71 -14.52 0.42
N VAL C 90 15.43 -14.72 0.16
CA VAL C 90 14.90 -15.88 -0.53
C VAL C 90 13.87 -15.34 -1.52
N LYS C 91 13.53 -16.14 -2.51
CA LYS C 91 12.44 -15.79 -3.39
C LYS C 91 11.19 -15.83 -2.51
N LEU C 92 10.36 -14.78 -2.58
CA LEU C 92 9.14 -14.72 -1.78
C LEU C 92 8.32 -15.96 -2.05
N GLY C 93 7.93 -16.62 -0.97
CA GLY C 93 7.22 -17.87 -1.07
C GLY C 93 8.07 -19.04 -0.64
N LYS C 94 9.38 -18.83 -0.53
CA LYS C 94 10.30 -19.84 0.00
C LYS C 94 10.61 -19.57 1.47
N ILE C 95 10.65 -20.64 2.26
CA ILE C 95 10.96 -20.54 3.68
C ILE C 95 12.42 -20.18 3.81
N PRO C 96 12.74 -19.06 4.49
CA PRO C 96 14.14 -18.67 4.62
C PRO C 96 14.88 -19.50 5.66
N THR C 97 15.45 -20.59 5.15
CA THR C 97 16.26 -21.49 5.92
C THR C 97 17.71 -21.31 5.55
N VAL C 98 18.59 -22.09 6.16
CA VAL C 98 20.01 -21.95 5.99
C VAL C 98 20.38 -22.14 4.53
N GLU C 99 19.85 -23.21 3.97
CA GLU C 99 20.16 -23.57 2.60
C GLU C 99 19.40 -22.80 1.51
N ASN C 100 18.13 -22.42 1.76
CA ASN C 100 17.35 -21.63 0.80
C ASN C 100 17.80 -20.18 0.62
N SER C 101 18.23 -19.57 1.73
CA SER C 101 18.70 -18.18 1.76
C SER C 101 19.96 -17.96 0.97
N ILE C 102 20.17 -16.73 0.54
CA ILE C 102 21.47 -16.30 0.04
C ILE C 102 21.87 -15.20 0.97
N PHE C 103 23.14 -15.18 1.34
CA PHE C 103 23.70 -14.11 2.15
C PHE C 103 24.31 -13.04 1.26
N HIS C 104 23.79 -11.82 1.36
CA HIS C 104 24.20 -10.69 0.51
C HIS C 104 25.40 -9.93 1.04
N MET C 105 25.33 -9.49 2.29
CA MET C 105 26.41 -8.76 2.92
C MET C 105 26.26 -8.70 4.43
N ALA C 106 27.35 -8.39 5.14
CA ALA C 106 27.23 -8.12 6.56
C ALA C 106 26.37 -6.84 6.72
N ALA C 107 25.35 -6.88 7.58
CA ALA C 107 24.51 -5.69 7.87
C ALA C 107 23.73 -5.87 9.15
N TRP C 108 23.72 -4.84 9.98
CA TRP C 108 22.71 -4.76 11.02
C TRP C 108 21.59 -3.76 10.74
N SER C 109 21.55 -3.20 9.53
CA SER C 109 20.42 -2.37 9.04
C SER C 109 20.41 -2.44 7.53
N GLY C 110 19.27 -2.61 6.90
CA GLY C 110 19.26 -2.87 5.48
C GLY C 110 18.12 -2.31 4.65
N SER C 111 18.24 -2.51 3.33
CA SER C 111 17.24 -2.13 2.34
C SER C 111 17.65 -2.73 1.02
N ALA C 112 16.70 -2.82 0.08
CA ALA C 112 17.04 -3.31 -1.26
C ALA C 112 16.01 -2.88 -2.28
N CYS C 113 16.37 -2.84 -3.57
CA CYS C 113 15.43 -2.48 -4.66
C CYS C 113 15.89 -2.83 -6.04
N HIS C 114 14.94 -3.14 -6.91
CA HIS C 114 15.21 -3.40 -8.30
C HIS C 114 14.97 -2.14 -9.13
N ASP C 115 15.80 -1.92 -10.15
CA ASP C 115 15.60 -0.72 -10.96
C ASP C 115 15.04 -0.98 -12.36
N GLY C 116 14.61 -2.20 -12.61
CA GLY C 116 14.26 -2.64 -13.94
C GLY C 116 15.34 -3.52 -14.53
N LYS C 117 16.60 -3.18 -14.28
CA LYS C 117 17.75 -3.94 -14.81
C LYS C 117 18.49 -4.82 -13.78
N GLU C 118 18.59 -4.36 -12.53
CA GLU C 118 19.37 -5.10 -11.54
C GLU C 118 19.03 -4.72 -10.10
N TRP C 119 19.31 -5.65 -9.17
CA TRP C 119 19.10 -5.45 -7.72
C TRP C 119 20.16 -4.56 -7.08
N THR C 120 19.74 -3.53 -6.34
CA THR C 120 20.63 -2.81 -5.43
C THR C 120 20.38 -3.31 -4.00
N TYR C 121 21.43 -3.66 -3.27
CA TYR C 121 21.30 -4.15 -1.88
C TYR C 121 22.06 -3.23 -0.95
N ILE C 122 21.39 -2.79 0.10
CA ILE C 122 21.96 -1.82 1.05
C ILE C 122 22.11 -2.47 2.41
N GLY C 123 23.21 -2.20 3.05
CA GLY C 123 23.42 -2.73 4.38
C GLY C 123 24.42 -1.91 5.17
N VAL C 124 24.00 -1.47 6.34
CA VAL C 124 24.87 -0.76 7.24
C VAL C 124 25.42 -1.71 8.30
N ASP C 125 26.75 -1.70 8.45
CA ASP C 125 27.40 -2.22 9.65
C ASP C 125 28.52 -1.28 10.10
N GLY C 126 29.37 -1.73 11.03
CA GLY C 126 30.43 -0.90 11.56
C GLY C 126 30.23 -0.62 13.05
N PRO C 127 31.20 0.06 13.68
CA PRO C 127 31.03 0.42 15.09
C PRO C 127 29.92 1.44 15.25
N GLU C 128 29.36 1.49 16.45
CA GLU C 128 28.21 2.35 16.73
C GLU C 128 28.48 3.83 16.41
N ASN C 129 29.72 4.26 16.68
CA ASN C 129 30.13 5.67 16.63
C ASN C 129 30.76 6.05 15.29
N ASN C 130 30.68 5.13 14.33
CA ASN C 130 31.26 5.32 13.02
C ASN C 130 30.85 4.16 12.13
N ALA C 131 29.57 3.81 12.15
CA ALA C 131 29.04 2.81 11.25
C ALA C 131 29.21 3.22 9.79
N LEU C 132 28.78 2.36 8.88
CA LEU C 132 29.08 2.49 7.47
C LEU C 132 28.05 1.78 6.62
N LEU C 133 27.39 2.56 5.78
CA LEU C 133 26.44 2.02 4.83
C LEU C 133 27.18 1.56 3.61
N LYS C 134 26.84 0.36 3.17
CA LYS C 134 27.49 -0.28 2.04
C LYS C 134 26.47 -0.64 1.00
N ILE C 135 26.88 -0.55 -0.27
CA ILE C 135 25.98 -0.77 -1.42
C ILE C 135 26.60 -1.81 -2.33
N LYS C 136 25.74 -2.73 -2.76
CA LYS C 136 26.10 -3.89 -3.57
C LYS C 136 25.12 -3.85 -4.74
N TYR C 137 25.64 -3.83 -5.97
CA TYR C 137 24.79 -3.85 -7.16
C TYR C 137 24.93 -5.20 -7.79
N GLY C 138 23.89 -6.01 -7.72
CA GLY C 138 23.98 -7.41 -8.14
C GLY C 138 25.02 -8.11 -7.28
N GLU C 139 26.13 -8.52 -7.93
CA GLU C 139 27.23 -9.22 -7.27
C GLU C 139 28.36 -8.33 -6.77
N ALA C 140 28.48 -7.13 -7.33
CA ALA C 140 29.57 -6.18 -7.03
C ALA C 140 29.32 -5.27 -5.83
N TYR C 141 30.32 -5.10 -4.98
CA TYR C 141 30.28 -4.03 -3.99
C TYR C 141 30.73 -2.73 -4.66
N THR C 142 29.84 -1.73 -4.68
CA THR C 142 30.02 -0.53 -5.55
C THR C 142 30.40 0.81 -4.90
N ASP C 143 29.95 1.01 -3.66
CA ASP C 143 30.02 2.32 -2.97
C ASP C 143 29.74 2.23 -1.45
N THR C 144 30.10 3.28 -0.71
CA THR C 144 29.73 3.40 0.69
C THR C 144 29.45 4.85 1.08
N TYR C 145 28.73 5.01 2.17
CA TYR C 145 28.48 6.33 2.70
C TYR C 145 28.79 6.26 4.17
N HIS C 146 29.42 7.31 4.67
CA HIS C 146 29.90 7.36 6.05
C HIS C 146 28.94 8.00 7.06
N SER C 147 29.11 7.57 8.32
CA SER C 147 28.41 8.14 9.45
C SER C 147 28.70 9.61 9.56
N TYR C 148 27.62 10.41 9.71
CA TYR C 148 27.66 11.90 9.78
C TYR C 148 27.23 12.53 11.11
N ALA C 149 26.44 11.82 11.90
CA ALA C 149 26.24 12.27 13.28
C ALA C 149 26.92 11.33 14.33
N ASN C 150 27.84 10.51 13.88
CA ASN C 150 28.54 9.56 14.77
C ASN C 150 27.67 8.92 15.89
N ASN C 151 26.41 8.60 15.58
CA ASN C 151 25.59 7.81 16.47
C ASN C 151 24.64 6.88 15.74
N ILE C 152 25.16 5.73 15.36
CA ILE C 152 24.38 4.63 14.75
C ILE C 152 23.72 4.98 13.43
N LEU C 153 24.53 5.14 12.38
CA LEU C 153 24.01 5.28 11.04
C LEU C 153 23.08 4.14 10.72
N ARG C 154 21.86 4.48 10.34
CA ARG C 154 20.80 3.52 10.10
C ARG C 154 20.20 3.72 8.72
N THR C 155 19.49 2.70 8.22
CA THR C 155 18.66 2.88 7.02
C THR C 155 17.20 2.43 7.16
N GLN C 156 16.47 2.33 6.05
CA GLN C 156 15.02 2.19 6.07
C GLN C 156 14.45 0.96 6.74
N GLU C 157 15.19 -0.13 6.74
CA GLU C 157 14.59 -1.41 7.12
C GLU C 157 13.47 -1.85 6.17
N SER C 158 13.39 -1.22 5.00
CA SER C 158 12.50 -1.66 3.87
C SER C 158 12.97 -1.20 2.48
N ALA C 159 12.23 -1.63 1.46
CA ALA C 159 12.56 -1.39 0.05
C ALA C 159 12.84 0.05 -0.24
N CYS C 160 13.91 0.30 -0.97
CA CYS C 160 14.17 1.60 -1.58
C CYS C 160 13.31 1.73 -2.84
N ASN C 161 13.45 2.84 -3.56
CA ASN C 161 12.51 3.11 -4.65
C ASN C 161 13.20 3.67 -5.86
N CYS C 162 13.08 2.96 -6.98
CA CYS C 162 13.84 3.38 -8.14
C CYS C 162 12.95 3.90 -9.26
N ILE C 163 13.38 5.00 -9.84
CA ILE C 163 12.65 5.59 -10.95
C ILE C 163 13.66 5.98 -12.02
N GLY C 164 13.41 5.54 -13.25
CA GLY C 164 14.38 5.78 -14.33
C GLY C 164 15.82 5.52 -13.93
N GLY C 165 16.03 4.44 -13.18
CA GLY C 165 17.37 4.01 -12.77
C GLY C 165 17.98 4.75 -11.62
N ASN C 166 17.24 5.71 -11.04
CA ASN C 166 17.69 6.38 -9.81
C ASN C 166 16.97 5.82 -8.60
N CYS C 167 17.70 5.09 -7.77
CA CYS C 167 17.14 4.61 -6.49
C CYS C 167 17.36 5.64 -5.39
N TYR C 168 16.29 5.89 -4.64
CA TYR C 168 16.30 6.86 -3.56
C TYR C 168 16.16 6.14 -2.21
N LEU C 169 17.02 6.51 -1.25
CA LEU C 169 17.11 5.77 0.00
C LEU C 169 17.20 6.68 1.20
N MET C 170 16.33 6.51 2.19
CA MET C 170 16.46 7.25 3.45
C MET C 170 17.61 6.60 4.27
N ILE C 171 18.49 7.44 4.80
CA ILE C 171 19.43 7.08 5.86
C ILE C 171 19.26 8.06 7.02
N THR C 172 19.46 7.59 8.25
CA THR C 172 19.45 8.49 9.42
C THR C 172 20.63 8.20 10.34
N ASP C 173 20.98 9.20 11.13
CA ASP C 173 22.09 9.16 12.06
C ASP C 173 21.71 10.07 13.21
N GLY C 174 21.94 9.61 14.43
CA GLY C 174 21.69 10.42 15.58
C GLY C 174 21.18 9.61 16.75
N SER C 175 20.93 10.29 17.86
CA SER C 175 20.54 9.61 19.06
C SER C 175 19.16 9.02 18.96
N ALA C 176 18.93 7.93 19.69
CA ALA C 176 17.60 7.31 19.73
C ALA C 176 16.59 8.10 20.58
N SER C 177 17.09 9.03 21.38
CA SER C 177 16.28 9.75 22.37
C SER C 177 16.55 11.23 22.21
N GLY C 178 17.09 11.60 21.05
CA GLY C 178 17.41 12.98 20.71
C GLY C 178 17.32 13.18 19.21
N ILE C 179 18.16 14.09 18.72
CA ILE C 179 18.16 14.48 17.32
C ILE C 179 18.63 13.34 16.42
N SER C 180 17.85 13.01 15.40
CA SER C 180 18.26 12.06 14.41
C SER C 180 17.87 12.59 13.06
N GLU C 181 18.48 13.71 12.66
CA GLU C 181 18.26 14.30 11.34
C GLU C 181 18.58 13.33 10.18
N CYS C 182 17.56 12.90 9.44
CA CYS C 182 17.76 12.02 8.29
C CYS C 182 18.22 12.73 7.00
N ARG C 183 18.63 11.91 6.04
CA ARG C 183 19.08 12.31 4.73
C ARG C 183 18.54 11.30 3.73
N PHE C 184 18.57 11.68 2.45
CA PHE C 184 18.27 10.73 1.37
C PHE C 184 19.47 10.60 0.47
N LEU C 185 19.73 9.39 0.01
CA LEU C 185 20.76 9.18 -1.00
C LEU C 185 20.10 8.90 -2.34
N LYS C 186 20.69 9.40 -3.42
CA LYS C 186 20.23 9.05 -4.75
C LYS C 186 21.29 8.14 -5.37
N ILE C 187 20.89 6.93 -5.74
CA ILE C 187 21.80 5.89 -6.12
C ILE C 187 21.58 5.43 -7.57
N ARG C 188 22.62 5.41 -8.39
CA ARG C 188 22.49 4.95 -9.76
C ARG C 188 23.50 3.87 -10.03
N GLU C 189 23.02 2.72 -10.49
CA GLU C 189 23.88 1.56 -10.72
C GLU C 189 24.86 1.32 -9.55
N GLY C 190 24.33 1.42 -8.34
CA GLY C 190 25.07 1.10 -7.12
C GLY C 190 25.91 2.21 -6.58
N ARG C 191 25.99 3.33 -7.31
CA ARG C 191 26.81 4.46 -6.87
C ARG C 191 26.00 5.70 -6.49
N ILE C 192 26.47 6.36 -5.43
CA ILE C 192 25.80 7.51 -4.90
C ILE C 192 26.10 8.71 -5.79
N ILE C 193 25.05 9.39 -6.26
CA ILE C 193 25.23 10.52 -7.18
C ILE C 193 24.67 11.84 -6.63
N LYS C 194 23.92 11.76 -5.53
CA LYS C 194 23.48 12.96 -4.85
C LYS C 194 23.09 12.67 -3.40
N GLU C 195 23.46 13.61 -2.54
CA GLU C 195 22.95 13.70 -1.17
C GLU C 195 21.84 14.73 -1.18
N ILE C 196 20.67 14.36 -0.66
CA ILE C 196 19.52 15.26 -0.55
C ILE C 196 19.28 15.50 0.93
N PHE C 197 19.37 16.78 1.33
CA PHE C 197 19.14 17.23 2.72
C PHE C 197 17.71 17.77 2.86
N PRO C 198 16.84 17.00 3.56
CA PRO C 198 15.45 17.48 3.69
C PRO C 198 15.31 18.73 4.55
N THR C 199 14.16 19.42 4.41
CA THR C 199 13.88 20.68 5.07
C THR C 199 12.56 20.56 5.83
N GLY C 200 12.26 21.51 6.72
CA GLY C 200 11.08 21.45 7.57
C GLY C 200 11.29 20.75 8.92
N ARG C 201 10.35 19.88 9.31
CA ARG C 201 10.45 19.16 10.58
C ARG C 201 11.47 18.00 10.46
N VAL C 202 12.70 18.27 10.83
CA VAL C 202 13.83 17.34 10.58
C VAL C 202 14.48 16.91 11.91
N LYS C 203 13.79 17.25 12.99
CA LYS C 203 14.20 17.03 14.37
C LYS C 203 14.57 15.56 14.53
N HIS C 204 13.67 14.66 14.12
CA HIS C 204 13.93 13.24 14.28
C HIS C 204 13.08 12.42 13.34
N THR C 205 13.74 11.64 12.50
CA THR C 205 13.07 10.84 11.48
C THR C 205 13.97 9.61 11.26
N GLU C 206 13.36 8.43 11.31
CA GLU C 206 14.03 7.17 11.11
C GLU C 206 13.11 6.11 10.52
N GLU C 207 13.68 5.09 9.88
CA GLU C 207 12.87 3.98 9.33
C GLU C 207 11.71 4.40 8.42
N CYS C 208 11.99 5.27 7.47
CA CYS C 208 10.96 5.70 6.55
C CYS C 208 10.46 4.55 5.70
N THR C 209 9.17 4.31 5.70
CA THR C 209 8.57 3.42 4.74
C THR C 209 8.16 4.29 3.56
N CYS C 210 8.97 4.29 2.51
CA CYS C 210 8.72 5.15 1.36
C CYS C 210 8.06 4.38 0.21
N GLY C 211 7.29 5.09 -0.61
CA GLY C 211 6.72 4.58 -1.87
C GLY C 211 6.53 5.73 -2.88
N PHE C 212 6.21 5.41 -4.12
CA PHE C 212 5.91 6.45 -5.10
C PHE C 212 4.47 6.83 -5.01
N ALA C 213 4.24 8.08 -4.63
CA ALA C 213 2.91 8.62 -4.74
C ALA C 213 2.60 8.96 -6.23
N SER C 214 3.66 9.07 -7.03
CA SER C 214 3.49 9.31 -8.48
C SER C 214 4.89 9.33 -9.08
N ASN C 215 4.96 9.66 -10.38
CA ASN C 215 6.25 9.80 -11.09
C ASN C 215 7.08 10.98 -10.58
N LYS C 216 6.46 11.95 -9.93
CA LYS C 216 7.20 13.13 -9.43
C LYS C 216 7.58 13.07 -7.94
N THR C 217 6.90 12.24 -7.17
CA THR C 217 6.97 12.28 -5.69
C THR C 217 7.11 10.95 -4.98
N ILE C 218 8.14 10.82 -4.16
CA ILE C 218 8.22 9.72 -3.19
C ILE C 218 7.71 10.27 -1.89
N GLU C 219 6.85 9.53 -1.21
CA GLU C 219 6.39 9.92 0.15
C GLU C 219 6.77 8.85 1.13
N CYS C 220 7.14 9.25 2.35
CA CYS C 220 7.51 8.27 3.38
C CYS C 220 6.85 8.53 4.71
N ALA C 221 6.40 7.45 5.37
CA ALA C 221 5.86 7.51 6.72
C ALA C 221 6.90 6.97 7.72
N CYS C 222 7.44 7.82 8.61
CA CYS C 222 8.59 7.41 9.40
C CYS C 222 8.36 7.30 10.91
N ARG C 223 9.44 7.04 11.65
CA ARG C 223 9.41 6.91 13.09
C ARG C 223 10.13 8.07 13.76
N ASP C 224 9.46 8.71 14.71
CA ASP C 224 10.15 9.54 15.67
C ASP C 224 10.15 8.79 16.99
N ASN C 225 11.33 8.56 17.54
CA ASN C 225 11.58 7.75 18.69
C ASN C 225 11.79 8.59 19.95
N SER C 226 11.82 9.91 19.76
CA SER C 226 11.98 10.87 20.88
C SER C 226 10.73 11.68 21.24
N TYR C 227 10.13 12.33 20.25
CA TYR C 227 9.35 13.54 20.50
C TYR C 227 7.83 13.46 20.35
N THR C 228 7.32 12.59 19.46
CA THR C 228 5.91 12.54 19.12
C THR C 228 5.55 11.13 18.69
N ALA C 229 4.27 10.80 18.83
CA ALA C 229 3.66 9.58 18.30
C ALA C 229 2.98 9.81 16.94
N LYS C 230 3.09 11.04 16.42
CA LYS C 230 2.77 11.31 15.01
C LYS C 230 3.93 10.87 14.14
N ARG C 231 3.62 10.23 13.02
CA ARG C 231 4.64 9.82 12.09
C ARG C 231 5.13 11.04 11.33
N PRO C 232 6.45 11.30 11.32
CA PRO C 232 7.00 12.27 10.36
C PRO C 232 6.64 11.80 8.95
N PHE C 233 6.20 12.71 8.10
CA PHE C 233 5.76 12.34 6.79
C PHE C 233 6.63 13.10 5.80
N VAL C 234 7.49 12.37 5.12
CA VAL C 234 8.39 12.91 4.13
C VAL C 234 7.74 12.96 2.75
N LYS C 235 7.89 14.09 2.06
CA LYS C 235 7.54 14.24 0.61
C LYS C 235 8.79 14.65 -0.14
N LEU C 236 9.21 13.78 -1.06
CA LEU C 236 10.40 13.99 -1.88
C LEU C 236 9.99 14.21 -3.33
N ASN C 237 10.44 15.32 -3.92
CA ASN C 237 10.32 15.51 -5.35
C ASN C 237 11.54 14.86 -6.06
N VAL C 238 11.28 13.81 -6.84
CA VAL C 238 12.35 13.17 -7.58
C VAL C 238 12.81 13.90 -8.87
N GLU C 239 12.10 14.97 -9.25
CA GLU C 239 12.50 15.78 -10.43
C GLU C 239 13.46 16.91 -10.06
N THR C 240 13.26 17.52 -8.88
CA THR C 240 14.22 18.55 -8.42
C THR C 240 15.15 18.04 -7.29
N ASP C 241 14.95 16.80 -6.85
CA ASP C 241 15.72 16.19 -5.76
C ASP C 241 15.70 17.06 -4.50
N THR C 242 14.48 17.39 -4.06
CA THR C 242 14.22 18.20 -2.90
C THR C 242 13.31 17.44 -1.96
N ALA C 243 13.58 17.52 -0.67
CA ALA C 243 12.77 16.79 0.31
C ALA C 243 12.29 17.68 1.43
N GLU C 244 11.05 17.48 1.83
CA GLU C 244 10.41 18.24 2.90
C GLU C 244 9.76 17.26 3.89
N ILE C 245 9.77 17.61 5.17
CA ILE C 245 9.23 16.71 6.21
C ILE C 245 8.36 17.47 7.21
N ARG C 246 7.16 16.95 7.48
CA ARG C 246 6.27 17.46 8.55
C ARG C 246 5.55 16.29 9.18
N LEU C 247 5.10 16.47 10.42
CA LEU C 247 4.34 15.46 11.13
C LEU C 247 3.03 15.25 10.43
N MET C 248 2.50 14.04 10.58
CA MET C 248 1.21 13.71 10.04
C MET C 248 0.18 14.30 10.98
N CYS C 249 -0.73 15.09 10.41
CA CYS C 249 -1.71 15.87 11.20
C CYS C 249 -2.90 15.04 11.69
N THR C 250 -3.13 13.87 11.09
CA THR C 250 -4.30 13.01 11.45
C THR C 250 -4.42 12.70 12.94
N GLU C 251 -5.64 12.52 13.39
CA GLU C 251 -5.89 12.18 14.78
C GLU C 251 -5.60 10.68 15.00
N THR C 252 -5.51 9.93 13.90
CA THR C 252 -5.24 8.52 13.98
C THR C 252 -3.74 8.26 14.07
N TYR C 253 -3.17 8.49 15.25
CA TYR C 253 -1.70 8.38 15.43
C TYR C 253 -1.22 6.95 15.14
N LEU C 254 -0.18 6.84 14.31
CA LEU C 254 0.23 5.56 13.74
C LEU C 254 1.40 4.93 14.48
N ASP C 255 2.03 5.72 15.33
CA ASP C 255 3.17 5.20 16.10
C ASP C 255 2.78 4.35 17.33
N THR C 256 3.76 3.71 17.96
CA THR C 256 3.55 2.93 19.18
C THR C 256 4.80 3.02 20.06
N PRO C 257 4.65 3.54 21.30
CA PRO C 257 3.38 3.94 21.93
C PRO C 257 2.77 5.15 21.30
N ARG C 258 1.51 5.39 21.66
CA ARG C 258 0.77 6.58 21.32
C ARG C 258 -0.29 6.88 22.38
N PRO C 259 -0.78 8.14 22.46
CA PRO C 259 -1.92 8.45 23.33
C PRO C 259 -3.23 8.13 22.62
N ASP C 260 -4.35 8.61 23.17
CA ASP C 260 -5.64 8.47 22.46
C ASP C 260 -5.69 9.27 21.18
N ASP C 261 -6.42 8.74 20.22
CA ASP C 261 -6.55 9.41 18.95
C ASP C 261 -7.16 10.77 19.22
N GLY C 262 -6.67 11.80 18.53
CA GLY C 262 -7.21 13.16 18.64
C GLY C 262 -6.89 13.92 19.91
N SER C 263 -6.14 13.29 20.83
CA SER C 263 -5.90 13.85 22.16
C SER C 263 -4.69 14.77 22.21
N ILE C 264 -3.94 14.79 21.13
CA ILE C 264 -2.83 15.72 21.07
C ILE C 264 -3.40 17.05 20.60
N THR C 265 -3.46 17.97 21.56
CA THR C 265 -4.05 19.27 21.36
C THR C 265 -3.13 20.23 20.62
N GLY C 266 -3.72 21.22 19.92
CA GLY C 266 -2.91 22.21 19.16
C GLY C 266 -3.02 21.98 17.66
N PRO C 267 -2.23 22.71 16.87
CA PRO C 267 -2.31 22.56 15.41
C PRO C 267 -1.57 21.29 14.93
N CYS C 268 -1.39 21.15 13.62
CA CYS C 268 -0.76 19.94 13.04
C CYS C 268 0.67 19.67 13.51
N GLU C 269 1.36 20.71 13.96
CA GLU C 269 2.74 20.52 14.35
C GLU C 269 2.96 20.07 15.83
N SER C 270 1.90 20.06 16.63
CA SER C 270 2.09 19.71 18.05
C SER C 270 2.64 18.30 18.25
N ASN C 271 3.61 18.19 19.15
CA ASN C 271 4.22 16.89 19.42
C ASN C 271 3.25 15.75 19.86
N GLY C 272 2.71 15.69 21.07
CA GLY C 272 3.17 16.35 22.25
C GLY C 272 3.52 15.19 23.19
N ASP C 273 2.51 14.42 23.63
CA ASP C 273 2.72 13.35 24.66
C ASP C 273 2.85 11.89 24.19
N LYS C 274 3.54 11.10 25.02
CA LYS C 274 3.86 9.69 24.78
C LYS C 274 4.75 9.42 23.57
N GLY C 275 5.49 10.46 23.15
CA GLY C 275 6.29 10.46 21.93
C GLY C 275 7.58 9.65 21.92
N SER C 276 8.13 9.35 23.10
CA SER C 276 9.36 8.59 23.14
C SER C 276 9.02 7.12 22.90
N GLY C 277 9.99 6.36 22.40
CA GLY C 277 9.70 5.03 21.83
C GLY C 277 9.08 5.18 20.42
N GLY C 278 8.81 4.06 19.77
CA GLY C 278 8.29 4.12 18.41
C GLY C 278 8.23 2.75 17.78
N ILE C 279 7.94 2.74 16.48
CA ILE C 279 7.86 1.50 15.70
C ILE C 279 7.85 1.82 14.19
N LYS C 280 8.44 0.93 13.40
CA LYS C 280 8.42 1.10 11.95
C LYS C 280 7.04 0.77 11.53
N GLY C 281 6.53 1.52 10.54
CA GLY C 281 5.10 1.44 10.21
C GLY C 281 4.80 1.30 8.75
N GLY C 282 3.84 0.45 8.43
CA GLY C 282 3.49 0.15 7.06
C GLY C 282 2.87 1.33 6.37
N PHE C 283 2.98 1.34 5.05
CA PHE C 283 2.56 2.46 4.27
C PHE C 283 2.77 2.13 2.84
N VAL C 284 1.73 2.25 2.06
CA VAL C 284 1.83 1.94 0.65
C VAL C 284 0.81 2.79 -0.13
N HIS C 285 1.08 3.03 -1.40
CA HIS C 285 0.28 3.91 -2.25
C HIS C 285 -0.58 3.13 -3.22
N GLN C 286 -1.82 3.57 -3.36
CA GLN C 286 -2.69 3.07 -4.40
C GLN C 286 -2.88 4.20 -5.41
N ARG C 287 -2.20 4.14 -6.55
CA ARG C 287 -2.27 5.25 -7.53
C ARG C 287 -3.33 4.98 -8.56
N MET C 288 -4.36 5.83 -8.58
CA MET C 288 -5.44 5.74 -9.55
C MET C 288 -5.37 6.97 -10.47
N ALA C 289 -6.06 6.89 -11.62
CA ALA C 289 -6.01 7.92 -12.69
C ALA C 289 -5.98 9.35 -12.14
N SER C 290 -7.03 9.72 -11.40
CA SER C 290 -7.17 11.04 -10.78
C SER C 290 -7.45 10.95 -9.25
N LYS C 291 -6.82 9.99 -8.57
CA LYS C 291 -7.07 9.79 -7.12
C LYS C 291 -5.96 8.95 -6.49
N ILE C 292 -5.50 9.36 -5.32
CA ILE C 292 -4.48 8.61 -4.59
C ILE C 292 -4.94 8.12 -3.22
N GLY C 293 -4.88 6.82 -3.01
CA GLY C 293 -5.18 6.26 -1.68
C GLY C 293 -3.91 6.03 -0.90
N ARG C 294 -3.96 6.30 0.40
CA ARG C 294 -2.79 6.09 1.24
C ARG C 294 -3.11 5.10 2.30
N TRP C 295 -2.55 3.90 2.21
CA TRP C 295 -2.86 2.83 3.14
C TRP C 295 -1.82 2.80 4.22
N TYR C 296 -2.23 2.65 5.47
CA TYR C 296 -1.30 2.61 6.59
C TYR C 296 -1.67 1.48 7.53
N SER C 297 -0.75 1.08 8.38
CA SER C 297 -1.03 0.11 9.44
C SER C 297 -0.51 0.63 10.77
N ARG C 298 -1.16 0.22 11.85
CA ARG C 298 -0.64 0.49 13.19
C ARG C 298 -1.10 -0.58 14.16
N THR C 299 -0.28 -0.82 15.19
CA THR C 299 -0.59 -1.83 16.19
C THR C 299 -1.97 -1.64 16.75
N MET C 300 -2.64 -2.76 17.03
CA MET C 300 -3.95 -2.76 17.68
C MET C 300 -3.89 -2.18 19.07
N SER C 301 -2.82 -2.47 19.80
CA SER C 301 -2.61 -1.89 21.11
C SER C 301 -1.90 -0.54 21.01
N LYS C 302 -2.24 0.36 21.92
CA LYS C 302 -1.60 1.67 22.02
C LYS C 302 -0.18 1.71 22.58
N THR C 303 0.24 0.68 23.32
CA THR C 303 1.57 0.76 23.98
C THR C 303 2.50 -0.42 23.65
N LYS C 304 1.90 -1.47 23.12
CA LYS C 304 2.58 -2.73 22.91
C LYS C 304 2.50 -3.18 21.47
N ARG C 305 3.50 -3.97 21.11
CA ARG C 305 3.65 -4.44 19.75
C ARG C 305 2.75 -5.65 19.51
N MET C 306 1.46 -5.45 19.76
CA MET C 306 0.42 -6.47 19.60
C MET C 306 -0.63 -6.04 18.54
N GLY C 307 -0.98 -6.96 17.66
CA GLY C 307 -1.97 -6.73 16.64
C GLY C 307 -1.53 -5.76 15.58
N MET C 308 -2.24 -5.75 14.47
CA MET C 308 -1.99 -4.75 13.44
C MET C 308 -3.28 -4.46 12.73
N GLY C 309 -3.61 -3.18 12.59
CA GLY C 309 -4.80 -2.77 11.85
C GLY C 309 -4.46 -2.02 10.59
N LEU C 310 -5.31 -2.14 9.58
CA LEU C 310 -5.10 -1.45 8.32
C LEU C 310 -6.03 -0.21 8.27
N TYR C 311 -5.46 0.95 7.93
CA TYR C 311 -6.20 2.18 7.78
C TYR C 311 -6.01 2.74 6.37
N VAL C 312 -6.88 3.67 5.98
CA VAL C 312 -6.77 4.25 4.63
C VAL C 312 -7.38 5.65 4.54
N LYS C 313 -6.80 6.49 3.69
CA LYS C 313 -7.37 7.79 3.31
C LYS C 313 -7.13 8.14 1.84
N TYR C 314 -8.14 8.62 1.16
CA TYR C 314 -8.04 8.96 -0.24
C TYR C 314 -7.83 10.49 -0.41
N ASP C 315 -6.83 10.90 -1.17
CA ASP C 315 -6.55 12.35 -1.39
C ASP C 315 -6.39 13.22 -0.15
N GLY C 316 -6.21 14.51 -0.38
CA GLY C 316 -5.91 15.41 0.71
C GLY C 316 -4.43 15.58 0.88
N ASP C 317 -4.06 16.39 1.85
CA ASP C 317 -2.65 16.58 2.23
C ASP C 317 -2.44 15.98 3.64
N PRO C 318 -1.64 14.90 3.77
CA PRO C 318 -1.45 14.31 5.12
C PRO C 318 -0.87 15.28 6.11
N TRP C 319 -0.24 16.33 5.59
CA TRP C 319 0.45 17.30 6.44
C TRP C 319 -0.50 18.23 7.15
N THR C 320 -1.78 18.27 6.71
CA THR C 320 -2.77 19.26 7.21
C THR C 320 -4.11 18.66 7.68
N ASP C 321 -4.49 17.50 7.14
CA ASP C 321 -5.75 16.82 7.43
C ASP C 321 -5.73 16.21 8.81
N SER C 322 -6.60 16.71 9.69
CA SER C 322 -6.71 16.15 11.03
C SER C 322 -7.79 15.06 11.05
N ASP C 323 -8.45 14.89 9.91
CA ASP C 323 -9.51 13.90 9.75
C ASP C 323 -8.96 12.55 10.20
N ALA C 324 -9.79 11.79 10.92
CA ALA C 324 -9.47 10.40 11.26
C ALA C 324 -9.27 9.57 9.99
N LEU C 325 -8.30 8.66 10.06
CA LEU C 325 -8.09 7.65 9.06
C LEU C 325 -9.16 6.56 9.17
N ALA C 326 -9.73 6.16 8.03
CA ALA C 326 -10.71 5.07 7.95
C ALA C 326 -10.12 3.70 8.36
N LEU C 327 -10.61 3.15 9.46
CA LEU C 327 -10.22 1.81 9.87
C LEU C 327 -10.70 0.78 8.87
N SER C 328 -9.78 0.07 8.23
CA SER C 328 -10.16 -0.81 7.12
C SER C 328 -10.27 -2.30 7.46
N GLY C 329 -9.41 -2.77 8.38
CA GLY C 329 -9.60 -4.09 8.98
C GLY C 329 -8.52 -4.51 9.96
N VAL C 330 -8.78 -5.56 10.74
CA VAL C 330 -7.81 -6.11 11.67
C VAL C 330 -7.01 -7.20 10.96
N MET C 331 -5.74 -6.91 10.71
CA MET C 331 -4.82 -7.84 10.05
C MET C 331 -4.23 -8.88 11.01
N VAL C 332 -3.77 -8.43 12.17
CA VAL C 332 -3.32 -9.31 13.24
C VAL C 332 -4.11 -8.89 14.49
N SER C 333 -4.88 -9.80 15.09
CA SER C 333 -5.63 -9.54 16.31
C SER C 333 -4.73 -9.18 17.48
N MET C 334 -5.31 -8.49 18.45
CA MET C 334 -4.64 -8.08 19.70
C MET C 334 -3.91 -9.24 20.43
N GLU C 335 -4.29 -10.46 20.13
CA GLU C 335 -3.66 -11.59 20.79
C GLU C 335 -2.33 -12.05 20.17
N GLU C 336 -2.01 -11.58 18.97
CA GLU C 336 -0.82 -11.98 18.25
C GLU C 336 0.15 -10.83 18.20
N PRO C 337 1.45 -11.12 17.99
CA PRO C 337 2.41 -10.02 17.92
C PRO C 337 2.28 -9.25 16.59
N GLY C 338 2.45 -7.92 16.68
CA GLY C 338 2.60 -7.08 15.51
C GLY C 338 3.69 -6.09 15.80
N TRP C 339 4.87 -6.40 15.27
CA TRP C 339 6.02 -5.55 15.40
C TRP C 339 6.07 -4.69 14.15
N TYR C 340 7.24 -4.61 13.51
CA TYR C 340 7.48 -3.73 12.36
C TYR C 340 6.50 -4.02 11.22
N SER C 341 6.13 -2.99 10.47
CA SER C 341 5.40 -3.23 9.22
C SER C 341 5.92 -2.33 8.11
N PHE C 342 5.68 -2.74 6.86
CA PHE C 342 6.38 -2.12 5.69
C PHE C 342 5.50 -2.26 4.47
N GLY C 343 5.68 -1.38 3.48
CA GLY C 343 4.92 -1.47 2.22
C GLY C 343 5.79 -1.95 1.06
N PHE C 344 5.12 -2.47 0.03
CA PHE C 344 5.77 -2.90 -1.21
C PHE C 344 4.76 -3.15 -2.31
N GLU C 345 5.26 -3.32 -3.54
CA GLU C 345 4.38 -3.40 -4.69
C GLU C 345 4.81 -4.55 -5.55
N ILE C 346 3.89 -5.47 -5.79
CA ILE C 346 4.11 -6.54 -6.72
C ILE C 346 3.74 -6.03 -8.11
N LYS C 347 4.46 -6.43 -9.15
CA LYS C 347 4.14 -5.95 -10.49
C LYS C 347 3.36 -6.93 -11.33
N ASP C 348 2.12 -6.57 -11.60
CA ASP C 348 1.33 -7.36 -12.54
C ASP C 348 1.76 -6.98 -13.96
N LYS C 349 1.10 -7.57 -14.95
CA LYS C 349 1.56 -7.40 -16.33
C LYS C 349 1.58 -5.91 -16.70
N LYS C 350 0.48 -5.18 -16.41
CA LYS C 350 0.37 -3.75 -16.76
C LYS C 350 0.05 -2.81 -15.62
N CYS C 351 0.02 -3.32 -14.38
CA CYS C 351 -0.25 -2.47 -13.20
C CYS C 351 0.47 -2.96 -11.95
N ASP C 352 0.60 -2.10 -10.95
CA ASP C 352 1.31 -2.40 -9.70
C ASP C 352 0.36 -2.79 -8.53
N VAL C 353 0.71 -3.84 -7.79
CA VAL C 353 -0.19 -4.26 -6.72
C VAL C 353 0.40 -3.85 -5.38
N PRO C 354 -0.26 -2.89 -4.70
CA PRO C 354 0.22 -2.38 -3.40
C PRO C 354 -0.02 -3.38 -2.26
N CYS C 355 0.98 -3.60 -1.42
CA CYS C 355 0.88 -4.59 -0.34
C CYS C 355 1.44 -4.08 0.93
N ILE C 356 1.06 -4.67 2.05
CA ILE C 356 1.65 -4.30 3.34
C ILE C 356 2.10 -5.59 4.03
N GLY C 357 3.37 -5.65 4.39
CA GLY C 357 3.85 -6.79 5.15
C GLY C 357 3.98 -6.51 6.64
N ILE C 358 3.83 -7.55 7.43
CA ILE C 358 3.90 -7.37 8.89
C ILE C 358 4.87 -8.30 9.54
N GLU C 359 5.88 -7.73 10.18
CA GLU C 359 6.82 -8.47 11.02
C GLU C 359 6.12 -8.95 12.28
N MET C 360 5.90 -10.24 12.41
CA MET C 360 5.26 -10.81 13.57
C MET C 360 6.26 -11.54 14.46
N VAL C 361 6.96 -10.81 15.30
CA VAL C 361 8.08 -11.33 16.09
C VAL C 361 7.67 -12.35 17.15
N HIS C 362 8.54 -13.34 17.34
CA HIS C 362 8.31 -14.35 18.36
C HIS C 362 9.21 -13.94 19.49
N ASP C 363 8.61 -13.32 20.51
CA ASP C 363 9.40 -12.78 21.64
C ASP C 363 9.18 -13.58 22.91
N GLY C 364 10.26 -14.13 23.45
CA GLY C 364 10.19 -14.83 24.74
C GLY C 364 11.27 -14.36 25.71
N GLY C 365 11.72 -13.11 25.56
CA GLY C 365 12.78 -12.54 26.39
C GLY C 365 14.15 -12.95 25.89
N LYS C 366 15.19 -12.39 26.50
CA LYS C 366 16.55 -12.68 26.04
C LYS C 366 17.08 -14.08 26.41
N GLU C 367 16.31 -14.84 27.19
CA GLU C 367 16.75 -16.21 27.59
C GLU C 367 16.35 -17.33 26.60
N THR C 368 15.86 -16.94 25.42
CA THR C 368 15.57 -17.88 24.33
C THR C 368 15.77 -17.23 22.97
N TRP C 369 15.37 -17.92 21.91
CA TRP C 369 15.52 -17.36 20.57
C TRP C 369 14.58 -16.21 20.28
N HIS C 370 14.94 -15.40 19.29
CA HIS C 370 14.19 -14.20 18.95
C HIS C 370 14.17 -14.02 17.44
N SER C 371 13.06 -14.42 16.84
CA SER C 371 12.86 -14.21 15.42
C SER C 371 11.43 -13.76 15.08
N ALA C 372 11.11 -13.73 13.78
CA ALA C 372 9.85 -13.17 13.31
C ALA C 372 9.23 -14.03 12.22
N ALA C 373 7.91 -13.99 12.12
CA ALA C 373 7.25 -14.48 10.93
C ALA C 373 6.97 -13.25 10.07
N THR C 374 6.38 -13.45 8.88
CA THR C 374 5.99 -12.34 8.00
C THR C 374 4.61 -12.55 7.39
N ALA C 375 3.67 -11.69 7.76
CA ALA C 375 2.31 -11.66 7.21
C ALA C 375 2.21 -10.67 6.04
N ILE C 376 1.58 -11.11 4.95
CA ILE C 376 1.39 -10.25 3.76
C ILE C 376 -0.06 -10.07 3.43
N TYR C 377 -0.51 -8.81 3.47
CA TYR C 377 -1.81 -8.40 2.92
C TYR C 377 -1.58 -7.58 1.64
N CYS C 378 -2.33 -7.89 0.59
CA CYS C 378 -2.33 -7.05 -0.65
C CYS C 378 -3.71 -6.56 -1.09
N LEU C 379 -3.70 -5.47 -1.85
CA LEU C 379 -4.90 -4.98 -2.54
C LEU C 379 -5.40 -6.02 -3.50
N MET C 380 -6.56 -6.59 -3.22
CA MET C 380 -7.17 -7.56 -4.14
C MET C 380 -8.68 -7.55 -4.04
N GLY C 381 -9.33 -7.25 -5.17
CA GLY C 381 -10.78 -7.26 -5.25
C GLY C 381 -11.51 -6.14 -4.55
N SER C 382 -12.78 -6.37 -4.33
CA SER C 382 -13.69 -5.42 -3.69
C SER C 382 -14.21 -5.93 -2.32
N GLY C 383 -14.89 -5.07 -1.54
CA GLY C 383 -15.54 -5.49 -0.28
C GLY C 383 -14.82 -5.12 1.01
N GLN C 384 -14.86 -6.00 2.01
CA GLN C 384 -14.20 -5.75 3.31
C GLN C 384 -13.06 -6.74 3.60
N LEU C 385 -11.95 -6.26 4.15
CA LEU C 385 -10.89 -7.14 4.66
C LEU C 385 -11.49 -8.26 5.53
N LEU C 386 -11.20 -9.51 5.17
CA LEU C 386 -11.94 -10.65 5.71
C LEU C 386 -11.25 -11.45 6.83
N TRP C 387 -9.94 -11.75 6.72
CA TRP C 387 -9.30 -12.66 7.70
C TRP C 387 -8.02 -12.15 8.32
N ASP C 388 -7.83 -12.47 9.59
CA ASP C 388 -6.60 -12.08 10.29
C ASP C 388 -5.56 -13.17 10.17
N THR C 389 -4.33 -12.85 10.56
CA THR C 389 -3.18 -13.75 10.44
C THR C 389 -2.60 -14.13 11.79
N VAL C 390 -2.24 -15.40 11.95
CA VAL C 390 -1.60 -15.92 13.16
C VAL C 390 -0.30 -16.61 12.74
N THR C 391 0.70 -16.59 13.61
CA THR C 391 1.98 -17.28 13.30
C THR C 391 1.89 -18.79 13.41
N GLY C 392 0.94 -19.29 14.17
CA GLY C 392 0.84 -20.69 14.46
C GLY C 392 1.93 -21.27 15.36
N VAL C 393 2.89 -20.43 15.80
CA VAL C 393 4.11 -20.88 16.47
C VAL C 393 4.04 -20.91 18.01
N ASP C 394 4.39 -22.06 18.59
CA ASP C 394 4.55 -22.18 20.03
C ASP C 394 6.07 -22.16 20.27
N MET C 395 6.52 -21.20 21.07
CA MET C 395 7.94 -20.96 21.28
C MET C 395 8.66 -21.97 22.21
N ALA C 396 7.89 -22.84 22.87
CA ALA C 396 8.47 -23.87 23.76
C ALA C 396 8.97 -25.09 22.99
N LEU C 397 8.54 -25.19 21.73
CA LEU C 397 8.85 -26.34 20.90
C LEU C 397 10.28 -26.32 20.27
N PRO D 9 28.67 -14.93 -26.18
CA PRO D 9 29.67 -14.45 -25.21
C PRO D 9 31.07 -14.48 -25.79
N GLU D 10 31.93 -13.59 -25.27
CA GLU D 10 33.29 -13.41 -25.72
C GLU D 10 34.29 -13.52 -24.56
N TRP D 11 35.58 -13.67 -24.88
CA TRP D 11 36.62 -13.82 -23.87
C TRP D 11 36.73 -12.59 -22.97
N THR D 12 37.17 -12.82 -21.74
CA THR D 12 37.26 -11.78 -20.76
C THR D 12 38.69 -11.28 -20.63
N TYR D 13 38.87 -10.03 -20.23
CA TYR D 13 40.21 -9.38 -20.07
C TYR D 13 40.15 -8.58 -18.79
N PRO D 14 41.29 -8.36 -18.11
CA PRO D 14 41.27 -7.43 -16.98
C PRO D 14 40.88 -6.02 -17.40
N ARG D 15 40.00 -5.38 -16.61
CA ARG D 15 39.65 -3.97 -16.84
C ARG D 15 40.24 -3.04 -15.76
N LEU D 16 40.04 -1.73 -15.95
CA LEU D 16 40.33 -0.75 -14.91
C LEU D 16 39.48 -1.05 -13.69
N SER D 17 40.05 -1.00 -12.48
CA SER D 17 39.29 -1.29 -11.26
C SER D 17 38.24 -0.22 -10.99
N CYS D 18 37.22 -0.58 -10.23
CA CYS D 18 36.18 0.36 -9.85
C CYS D 18 36.76 1.47 -8.93
N PRO D 19 36.08 2.65 -8.91
CA PRO D 19 36.52 3.73 -8.02
C PRO D 19 36.51 3.24 -6.58
N GLY D 20 37.45 3.76 -5.79
CA GLY D 20 37.56 3.46 -4.38
C GLY D 20 38.98 3.68 -3.91
N SER D 21 39.13 3.92 -2.60
CA SER D 21 40.46 4.01 -2.01
C SER D 21 40.58 3.24 -0.68
N THR D 22 39.57 2.45 -0.36
CA THR D 22 39.64 1.66 0.88
C THR D 22 38.91 0.34 0.78
N PHE D 23 39.45 -0.65 1.47
CA PHE D 23 38.72 -1.90 1.61
C PHE D 23 37.75 -1.79 2.77
N GLN D 24 36.66 -2.54 2.71
CA GLN D 24 35.71 -2.59 3.81
C GLN D 24 35.28 -4.03 3.94
N LYS D 25 34.67 -4.35 5.09
CA LYS D 25 34.10 -5.66 5.35
C LYS D 25 32.88 -5.90 4.48
N ALA D 26 32.88 -7.01 3.73
CA ALA D 26 31.79 -7.25 2.79
C ALA D 26 30.83 -8.36 3.18
N LEU D 27 31.36 -9.55 3.45
CA LEU D 27 30.53 -10.70 3.66
C LEU D 27 31.25 -11.76 4.48
N LEU D 28 30.49 -12.48 5.28
CA LEU D 28 31.05 -13.61 6.01
C LEU D 28 30.34 -14.87 5.57
N ILE D 29 31.12 -15.87 5.19
CA ILE D 29 30.56 -17.21 5.03
C ILE D 29 31.08 -18.08 6.19
N SER D 30 30.27 -18.19 7.24
CA SER D 30 30.62 -19.05 8.35
C SER D 30 29.64 -20.21 8.44
N PRO D 31 29.90 -21.30 7.71
CA PRO D 31 28.87 -22.35 7.64
C PRO D 31 28.75 -23.19 8.91
N HIS D 32 29.78 -23.16 9.75
CA HIS D 32 29.73 -23.89 11.04
C HIS D 32 28.93 -23.22 12.18
N ARG D 33 28.45 -22.01 11.92
CA ARG D 33 27.43 -21.39 12.73
C ARG D 33 26.20 -22.30 12.79
N PHE D 34 26.18 -23.31 11.94
CA PHE D 34 25.00 -24.15 11.68
C PHE D 34 25.28 -25.65 11.88
N GLY D 35 26.52 -26.02 12.25
CA GLY D 35 26.82 -27.39 12.56
C GLY D 35 26.78 -27.75 14.05
N GLU D 36 25.73 -27.38 14.75
CA GLU D 36 25.60 -27.85 16.12
C GLU D 36 24.89 -29.20 16.18
N THR D 37 25.31 -30.00 17.16
CA THR D 37 24.56 -31.17 17.63
C THR D 37 23.07 -30.88 17.68
N LYS D 38 22.71 -29.72 18.26
CA LYS D 38 21.29 -29.31 18.46
C LYS D 38 20.59 -28.87 17.17
N GLY D 39 21.36 -28.59 16.12
CA GLY D 39 20.87 -28.06 14.86
C GLY D 39 20.45 -29.14 13.89
N ASN D 40 20.16 -28.71 12.65
CA ASN D 40 19.60 -29.61 11.61
C ASN D 40 20.13 -29.22 10.25
N SER D 41 21.42 -28.89 10.22
CA SER D 41 22.13 -28.51 9.00
C SER D 41 23.40 -29.37 8.82
N ALA D 42 23.97 -29.33 7.61
CA ALA D 42 25.12 -30.11 7.26
C ALA D 42 26.08 -29.27 6.44
N PRO D 43 26.80 -28.36 7.12
CA PRO D 43 27.91 -27.69 6.44
C PRO D 43 28.99 -28.71 6.18
N LEU D 44 29.74 -28.53 5.10
CA LEU D 44 30.80 -29.44 4.67
C LEU D 44 32.06 -29.06 5.37
N ILE D 45 32.82 -30.07 5.82
CA ILE D 45 34.15 -29.83 6.40
C ILE D 45 35.14 -29.56 5.26
N ILE D 46 35.81 -28.41 5.31
CA ILE D 46 36.61 -27.92 4.20
C ILE D 46 37.83 -27.26 4.74
N ARG D 47 38.73 -26.92 3.80
CA ARG D 47 39.82 -25.96 3.98
C ARG D 47 40.22 -25.40 2.61
N GLU D 48 41.17 -24.50 2.59
CA GLU D 48 41.63 -23.86 1.36
C GLU D 48 40.50 -23.28 0.51
N PRO D 49 39.63 -22.48 1.14
CA PRO D 49 38.57 -21.86 0.40
C PRO D 49 39.13 -20.80 -0.57
N PHE D 50 38.31 -20.40 -1.53
CA PHE D 50 38.76 -19.36 -2.49
C PHE D 50 37.67 -19.05 -3.46
N ILE D 51 37.66 -17.81 -3.91
CA ILE D 51 36.57 -17.33 -4.73
C ILE D 51 37.13 -16.96 -6.10
N ALA D 52 36.35 -17.25 -7.12
CA ALA D 52 36.71 -16.86 -8.46
C ALA D 52 35.41 -16.45 -9.07
N CYS D 53 35.46 -15.42 -9.92
CA CYS D 53 34.24 -14.87 -10.50
C CYS D 53 34.24 -14.84 -12.02
N GLY D 54 33.08 -15.02 -12.61
CA GLY D 54 32.89 -14.75 -14.04
C GLY D 54 31.93 -13.59 -14.25
N PRO D 55 31.51 -13.32 -15.50
CA PRO D 55 30.80 -12.04 -15.77
C PRO D 55 29.45 -11.91 -15.05
N LYS D 56 28.79 -13.02 -14.74
CA LYS D 56 27.52 -12.96 -14.04
C LYS D 56 27.44 -13.57 -12.61
N GLU D 57 28.44 -14.35 -12.22
CA GLU D 57 28.39 -15.12 -10.98
C GLU D 57 29.78 -15.22 -10.31
N CYS D 58 29.79 -15.21 -8.98
CA CYS D 58 31.01 -15.48 -8.20
C CYS D 58 30.80 -16.79 -7.48
N LYS D 59 31.74 -17.71 -7.66
CA LYS D 59 31.69 -19.05 -7.03
C LYS D 59 32.66 -19.18 -5.86
N HIS D 60 32.18 -19.82 -4.79
CA HIS D 60 32.95 -19.94 -3.55
C HIS D 60 33.46 -21.33 -3.52
N PHE D 61 34.75 -21.50 -3.75
CA PHE D 61 35.34 -22.84 -3.86
C PHE D 61 36.02 -23.27 -2.55
N ALA D 62 36.11 -24.57 -2.34
CA ALA D 62 36.90 -25.11 -1.21
C ALA D 62 37.38 -26.54 -1.47
N LEU D 63 38.37 -27.02 -0.70
CA LEU D 63 38.66 -28.45 -0.71
C LEU D 63 38.00 -29.14 0.47
N THR D 64 37.02 -30.01 0.20
CA THR D 64 36.33 -30.78 1.24
C THR D 64 36.94 -32.14 1.58
N HIS D 65 36.73 -32.58 2.83
CA HIS D 65 37.18 -33.90 3.30
C HIS D 65 36.07 -34.92 3.11
N TYR D 66 35.04 -34.51 2.39
CA TYR D 66 33.89 -35.38 2.12
C TYR D 66 33.13 -35.79 3.40
N ALA D 67 33.10 -34.83 4.33
CA ALA D 67 32.49 -35.01 5.63
C ALA D 67 31.68 -33.75 5.98
N ALA D 68 30.69 -33.88 6.86
CA ALA D 68 29.95 -32.72 7.36
C ALA D 68 29.92 -32.65 8.88
N GLN D 69 29.63 -31.46 9.40
CA GLN D 69 29.44 -31.25 10.82
C GLN D 69 27.95 -30.96 11.04
N PRO D 70 27.28 -31.76 11.90
CA PRO D 70 27.91 -32.80 12.70
C PRO D 70 27.98 -34.10 11.95
N GLY D 71 29.02 -34.88 12.22
CA GLY D 71 29.22 -36.12 11.51
C GLY D 71 30.06 -37.10 12.30
N GLY D 72 30.61 -38.08 11.61
CA GLY D 72 31.35 -39.15 12.26
C GLY D 72 32.70 -39.43 11.65
N TYR D 73 33.10 -38.58 10.70
CA TYR D 73 34.35 -38.73 9.97
C TYR D 73 35.23 -37.50 10.20
N TYR D 74 35.23 -37.00 11.44
CA TYR D 74 36.14 -35.93 11.86
C TYR D 74 37.58 -36.38 11.84
N ASN D 75 37.83 -37.68 12.07
CA ASN D 75 39.22 -38.18 12.07
C ASN D 75 39.87 -38.07 10.67
N GLY D 76 40.90 -37.25 10.55
CA GLY D 76 41.66 -37.13 9.31
C GLY D 76 41.35 -35.84 8.57
N THR D 77 40.52 -35.01 9.18
CA THR D 77 40.13 -33.73 8.55
C THR D 77 41.13 -32.62 8.89
N ARG D 78 42.11 -32.92 9.76
CA ARG D 78 43.32 -32.12 9.98
C ARG D 78 44.48 -32.52 9.04
N GLY D 79 44.32 -33.62 8.29
CA GLY D 79 45.37 -34.02 7.32
C GLY D 79 45.20 -33.17 6.07
N ASP D 80 45.91 -33.50 5.01
CA ASP D 80 45.73 -32.73 3.77
C ASP D 80 45.42 -33.61 2.57
N ARG D 81 46.29 -34.56 2.24
CA ARG D 81 46.06 -35.35 1.03
C ARG D 81 45.53 -36.74 1.31
N ASN D 82 44.25 -36.97 1.05
CA ASN D 82 43.67 -38.31 1.06
C ASN D 82 42.81 -38.55 -0.19
N LYS D 83 42.32 -39.79 -0.32
CA LYS D 83 41.58 -40.26 -1.48
C LYS D 83 40.13 -39.83 -1.52
N LEU D 84 39.68 -39.12 -0.48
CA LEU D 84 38.26 -38.68 -0.41
C LEU D 84 38.10 -37.21 -0.70
N ARG D 85 39.19 -36.48 -0.54
CA ARG D 85 39.24 -35.05 -0.78
C ARG D 85 38.65 -34.62 -2.14
N HIS D 86 37.82 -33.57 -2.12
CA HIS D 86 37.20 -33.06 -3.33
C HIS D 86 37.18 -31.53 -3.45
N LEU D 87 37.34 -31.04 -4.68
CA LEU D 87 37.01 -29.66 -5.04
C LEU D 87 35.49 -29.47 -5.14
N ILE D 88 34.98 -28.53 -4.37
CA ILE D 88 33.55 -28.25 -4.33
C ILE D 88 33.32 -26.77 -4.52
N SER D 89 32.10 -26.42 -4.92
CA SER D 89 31.68 -25.02 -5.05
C SER D 89 30.18 -24.80 -4.71
N VAL D 90 29.89 -23.57 -4.30
CA VAL D 90 28.55 -23.02 -4.22
C VAL D 90 28.63 -21.63 -4.85
N LYS D 91 27.47 -21.06 -5.18
CA LYS D 91 27.38 -19.68 -5.59
C LYS D 91 27.77 -18.92 -4.35
N LEU D 92 28.64 -17.93 -4.52
CA LEU D 92 29.07 -17.12 -3.41
C LEU D 92 27.82 -16.49 -2.80
N GLY D 93 27.69 -16.65 -1.48
CA GLY D 93 26.53 -16.18 -0.74
C GLY D 93 25.68 -17.35 -0.29
N LYS D 94 25.93 -18.53 -0.84
CA LYS D 94 25.26 -19.71 -0.32
C LYS D 94 26.16 -20.44 0.67
N ILE D 95 25.55 -21.00 1.71
CA ILE D 95 26.26 -21.78 2.69
C ILE D 95 26.63 -23.10 2.05
N PRO D 96 27.93 -23.46 2.05
CA PRO D 96 28.34 -24.69 1.43
C PRO D 96 28.05 -25.92 2.31
N THR D 97 26.85 -26.43 2.11
CA THR D 97 26.41 -27.63 2.78
C THR D 97 26.39 -28.79 1.80
N VAL D 98 26.00 -29.95 2.29
CA VAL D 98 26.05 -31.18 1.49
C VAL D 98 25.20 -31.03 0.22
N GLU D 99 24.01 -30.50 0.41
CA GLU D 99 23.07 -30.33 -0.67
C GLU D 99 23.23 -29.10 -1.57
N ASN D 100 23.70 -27.98 -1.01
CA ASN D 100 24.00 -26.78 -1.79
C ASN D 100 25.23 -26.88 -2.70
N SER D 101 26.26 -27.52 -2.20
CA SER D 101 27.52 -27.76 -2.96
C SER D 101 27.36 -28.63 -4.19
N ILE D 102 28.23 -28.40 -5.17
CA ILE D 102 28.41 -29.31 -6.26
C ILE D 102 29.82 -29.87 -6.11
N PHE D 103 29.95 -31.17 -6.33
CA PHE D 103 31.31 -31.79 -6.35
C PHE D 103 31.86 -31.82 -7.73
N HIS D 104 32.99 -31.15 -7.92
CA HIS D 104 33.63 -30.99 -9.24
C HIS D 104 34.53 -32.15 -9.62
N MET D 105 35.48 -32.50 -8.73
CA MET D 105 36.44 -33.55 -8.99
C MET D 105 37.21 -33.91 -7.73
N ALA D 106 37.83 -35.10 -7.72
CA ALA D 106 38.67 -35.45 -6.58
C ALA D 106 39.91 -34.55 -6.63
N ALA D 107 40.26 -33.93 -5.52
CA ALA D 107 41.42 -33.04 -5.45
C ALA D 107 41.83 -32.84 -4.00
N TRP D 108 43.14 -32.77 -3.75
CA TRP D 108 43.65 -32.26 -2.48
C TRP D 108 44.43 -30.97 -2.68
N SER D 109 44.40 -30.46 -3.89
CA SER D 109 44.94 -29.12 -4.20
C SER D 109 44.13 -28.60 -5.37
N GLY D 110 43.78 -27.32 -5.36
CA GLY D 110 42.80 -26.81 -6.36
C GLY D 110 42.97 -25.39 -6.85
N SER D 111 42.23 -25.09 -7.92
CA SER D 111 42.12 -23.74 -8.51
C SER D 111 40.96 -23.73 -9.47
N ALA D 112 40.47 -22.54 -9.83
CA ALA D 112 39.43 -22.45 -10.85
C ALA D 112 39.37 -21.07 -11.47
N CYS D 113 38.83 -20.96 -12.68
CA CYS D 113 38.71 -19.65 -13.34
C CYS D 113 37.78 -19.65 -14.54
N HIS D 114 37.14 -18.50 -14.75
CA HIS D 114 36.26 -18.29 -15.87
C HIS D 114 37.01 -17.50 -16.95
N ASP D 115 36.78 -17.83 -18.22
CA ASP D 115 37.47 -17.12 -19.30
C ASP D 115 36.57 -16.20 -20.11
N GLY D 116 35.38 -15.92 -19.62
CA GLY D 116 34.38 -15.19 -20.41
C GLY D 116 33.33 -16.16 -20.95
N LYS D 117 33.77 -17.35 -21.38
CA LYS D 117 32.85 -18.34 -21.98
C LYS D 117 32.50 -19.50 -21.07
N GLU D 118 33.45 -19.96 -20.24
CA GLU D 118 33.24 -21.16 -19.43
C GLU D 118 34.21 -21.28 -18.26
N TRP D 119 33.81 -22.08 -17.26
CA TRP D 119 34.65 -22.41 -16.09
C TRP D 119 35.76 -23.46 -16.33
N THR D 120 36.99 -23.12 -16.00
CA THR D 120 38.04 -24.13 -15.91
C THR D 120 38.20 -24.52 -14.43
N TYR D 121 38.16 -25.82 -14.13
CA TYR D 121 38.42 -26.28 -12.74
C TYR D 121 39.70 -27.09 -12.65
N ILE D 122 40.55 -26.76 -11.71
CA ILE D 122 41.85 -27.45 -11.58
C ILE D 122 41.96 -28.20 -10.25
N GLY D 123 42.34 -29.46 -10.33
CA GLY D 123 42.46 -30.29 -9.13
C GLY D 123 43.55 -31.35 -9.20
N VAL D 124 44.44 -31.28 -8.23
CA VAL D 124 45.52 -32.23 -8.12
C VAL D 124 45.16 -33.32 -7.10
N ASP D 125 45.27 -34.57 -7.52
CA ASP D 125 45.34 -35.68 -6.56
C ASP D 125 46.36 -36.74 -7.00
N GLY D 126 46.29 -37.94 -6.43
CA GLY D 126 47.27 -38.96 -6.72
C GLY D 126 48.23 -39.22 -5.57
N PRO D 127 49.17 -40.19 -5.74
CA PRO D 127 50.09 -40.50 -4.65
C PRO D 127 51.04 -39.34 -4.47
N GLU D 128 51.66 -39.25 -3.31
CA GLU D 128 52.55 -38.16 -3.00
C GLU D 128 53.75 -38.02 -3.94
N ASN D 129 54.24 -39.15 -4.46
CA ASN D 129 55.51 -39.22 -5.18
C ASN D 129 55.28 -39.21 -6.72
N ASN D 130 54.03 -38.98 -7.11
CA ASN D 130 53.61 -39.02 -8.50
C ASN D 130 52.15 -38.54 -8.61
N ALA D 131 51.86 -37.45 -7.91
CA ALA D 131 50.56 -36.78 -8.01
C ALA D 131 50.26 -36.34 -9.42
N LEU D 132 49.05 -35.82 -9.62
CA LEU D 132 48.52 -35.58 -10.95
C LEU D 132 47.51 -34.48 -10.95
N LEU D 133 47.84 -33.43 -11.68
CA LEU D 133 46.96 -32.29 -11.83
C LEU D 133 45.99 -32.60 -12.94
N LYS D 134 44.73 -32.35 -12.66
CA LYS D 134 43.67 -32.63 -13.61
C LYS D 134 42.90 -31.36 -13.90
N ILE D 135 42.44 -31.25 -15.14
CA ILE D 135 41.68 -30.11 -15.63
C ILE D 135 40.34 -30.56 -16.20
N LYS D 136 39.31 -29.80 -15.84
CA LYS D 136 37.91 -30.00 -16.20
C LYS D 136 37.48 -28.64 -16.76
N TYR D 137 36.88 -28.67 -17.93
CA TYR D 137 36.32 -27.48 -18.59
C TYR D 137 34.81 -27.63 -18.62
N GLY D 138 34.15 -26.88 -17.75
CA GLY D 138 32.71 -27.03 -17.59
C GLY D 138 32.44 -28.40 -17.03
N GLU D 139 31.85 -29.27 -17.88
CA GLU D 139 31.49 -30.64 -17.49
C GLU D 139 32.50 -31.72 -17.91
N ALA D 140 33.35 -31.38 -18.87
CA ALA D 140 34.33 -32.33 -19.44
C ALA D 140 35.67 -32.36 -18.73
N TYR D 141 36.21 -33.55 -18.54
CA TYR D 141 37.61 -33.68 -18.16
C TYR D 141 38.43 -33.62 -19.45
N THR D 142 39.33 -32.64 -19.54
CA THR D 142 40.02 -32.32 -20.80
C THR D 142 41.54 -32.63 -20.92
N ASP D 143 42.25 -32.61 -19.79
CA ASP D 143 43.72 -32.67 -19.81
C ASP D 143 44.29 -33.03 -18.42
N THR D 144 45.61 -33.38 -18.41
CA THR D 144 46.34 -33.55 -17.14
C THR D 144 47.77 -33.20 -17.33
N TYR D 145 48.44 -32.90 -16.22
CA TYR D 145 49.86 -32.60 -16.22
C TYR D 145 50.43 -33.42 -15.08
N HIS D 146 51.62 -33.98 -15.33
CA HIS D 146 52.25 -34.93 -14.42
C HIS D 146 53.26 -34.32 -13.49
N SER D 147 53.48 -35.02 -12.38
CA SER D 147 54.49 -34.70 -11.39
C SER D 147 55.88 -34.68 -12.02
N TYR D 148 56.64 -33.62 -11.74
CA TYR D 148 57.98 -33.43 -12.34
C TYR D 148 59.15 -33.41 -11.37
N ALA D 149 58.86 -33.13 -10.10
CA ALA D 149 59.88 -33.33 -9.06
C ALA D 149 59.50 -34.46 -8.08
N ASN D 150 58.55 -35.30 -8.47
CA ASN D 150 58.10 -36.43 -7.66
C ASN D 150 58.09 -36.17 -6.14
N ASN D 151 57.73 -34.93 -5.74
CA ASN D 151 57.39 -34.65 -4.36
C ASN D 151 56.20 -33.70 -4.23
N ILE D 152 54.99 -34.26 -4.27
CA ILE D 152 53.71 -33.54 -4.01
C ILE D 152 53.45 -32.39 -4.99
N LEU D 153 53.02 -32.75 -6.19
CA LEU D 153 52.62 -31.78 -7.16
C LEU D 153 51.47 -30.94 -6.60
N ARG D 154 51.68 -29.63 -6.50
CA ARG D 154 50.76 -28.70 -5.90
C ARG D 154 50.27 -27.62 -6.87
N THR D 155 49.06 -27.08 -6.62
CA THR D 155 48.68 -25.84 -7.32
C THR D 155 48.33 -24.66 -6.41
N GLN D 156 47.74 -23.60 -6.97
CA GLN D 156 47.65 -22.26 -6.29
C GLN D 156 46.84 -22.19 -5.02
N GLU D 157 45.85 -23.07 -4.86
CA GLU D 157 44.86 -22.89 -3.77
C GLU D 157 44.03 -21.58 -3.93
N SER D 158 44.06 -21.01 -5.14
CA SER D 158 43.25 -19.85 -5.50
C SER D 158 43.04 -19.69 -7.01
N ALA D 159 42.27 -18.65 -7.38
CA ALA D 159 41.78 -18.45 -8.74
C ALA D 159 42.91 -18.38 -9.76
N CYS D 160 42.71 -19.04 -10.90
CA CYS D 160 43.64 -18.84 -12.02
C CYS D 160 43.20 -17.56 -12.76
N ASN D 161 43.92 -17.18 -13.81
CA ASN D 161 43.66 -15.89 -14.43
C ASN D 161 43.62 -15.98 -15.94
N CYS D 162 42.47 -15.67 -16.51
CA CYS D 162 42.31 -15.85 -17.94
C CYS D 162 42.28 -14.53 -18.69
N ILE D 163 43.04 -14.46 -19.77
CA ILE D 163 43.06 -13.31 -20.65
C ILE D 163 42.95 -13.76 -22.10
N GLY D 164 41.96 -13.25 -22.81
CA GLY D 164 41.73 -13.67 -24.19
C GLY D 164 41.63 -15.20 -24.33
N GLY D 165 41.03 -15.86 -23.34
CA GLY D 165 40.80 -17.29 -23.38
C GLY D 165 41.99 -18.11 -22.96
N ASN D 166 43.08 -17.45 -22.57
CA ASN D 166 44.25 -18.17 -22.06
C ASN D 166 44.32 -18.02 -20.56
N CYS D 167 44.04 -19.13 -19.87
CA CYS D 167 44.19 -19.21 -18.41
C CYS D 167 45.61 -19.65 -18.03
N TYR D 168 46.19 -18.91 -17.09
CA TYR D 168 47.55 -19.10 -16.61
C TYR D 168 47.48 -19.62 -15.19
N LEU D 169 48.23 -20.68 -14.88
CA LEU D 169 48.12 -21.34 -13.57
C LEU D 169 49.51 -21.70 -12.97
N MET D 170 49.80 -21.28 -11.75
CA MET D 170 51.02 -21.71 -11.09
C MET D 170 50.83 -23.16 -10.64
N ILE D 171 51.86 -23.96 -10.87
CA ILE D 171 51.99 -25.29 -10.26
C ILE D 171 53.37 -25.37 -9.63
N THR D 172 53.50 -26.13 -8.54
CA THR D 172 54.80 -26.37 -7.94
C THR D 172 54.97 -27.82 -7.52
N ASP D 173 56.21 -28.22 -7.36
CA ASP D 173 56.56 -29.61 -7.08
C ASP D 173 57.89 -29.56 -6.42
N GLY D 174 58.04 -30.31 -5.34
CA GLY D 174 59.27 -30.19 -4.57
C GLY D 174 59.05 -30.36 -3.09
N SER D 175 60.15 -30.45 -2.36
CA SER D 175 60.09 -30.70 -0.95
C SER D 175 59.52 -29.49 -0.25
N ALA D 176 58.81 -29.72 0.85
CA ALA D 176 58.33 -28.63 1.70
C ALA D 176 59.45 -27.91 2.45
N SER D 177 60.62 -28.54 2.56
CA SER D 177 61.73 -28.02 3.39
C SER D 177 63.00 -27.90 2.55
N GLY D 178 62.82 -27.86 1.23
CA GLY D 178 63.93 -27.73 0.29
C GLY D 178 63.42 -27.15 -1.00
N ILE D 179 64.01 -27.56 -2.11
CA ILE D 179 63.71 -26.98 -3.42
C ILE D 179 62.27 -27.27 -3.83
N SER D 180 61.51 -26.25 -4.17
CA SER D 180 60.21 -26.47 -4.82
C SER D 180 60.10 -25.53 -6.01
N GLU D 181 60.87 -25.79 -7.07
CA GLU D 181 60.83 -24.96 -8.28
C GLU D 181 59.47 -25.01 -8.96
N CYS D 182 58.78 -23.88 -9.01
CA CYS D 182 57.44 -23.84 -9.65
C CYS D 182 57.50 -23.60 -11.17
N ARG D 183 56.34 -23.79 -11.78
CA ARG D 183 56.09 -23.67 -13.20
C ARG D 183 54.73 -23.00 -13.39
N PHE D 184 54.52 -22.43 -14.57
CA PHE D 184 53.17 -21.99 -14.97
C PHE D 184 52.65 -22.81 -16.16
N LEU D 185 51.37 -23.12 -16.08
CA LEU D 185 50.71 -23.70 -17.21
C LEU D 185 49.91 -22.62 -17.93
N LYS D 186 49.86 -22.66 -19.25
CA LYS D 186 48.94 -21.82 -20.03
C LYS D 186 47.88 -22.74 -20.60
N ILE D 187 46.62 -22.52 -20.20
CA ILE D 187 45.50 -23.42 -20.52
C ILE D 187 44.46 -22.73 -21.40
N ARG D 188 44.07 -23.38 -22.49
CA ARG D 188 43.05 -22.84 -23.40
C ARG D 188 41.97 -23.85 -23.61
N GLU D 189 40.73 -23.47 -23.32
CA GLU D 189 39.61 -24.41 -23.36
C GLU D 189 39.99 -25.77 -22.71
N GLY D 190 40.69 -25.70 -21.58
CA GLY D 190 40.85 -26.83 -20.70
C GLY D 190 42.04 -27.65 -21.05
N ARG D 191 42.80 -27.22 -22.06
CA ARG D 191 43.93 -27.98 -22.54
C ARG D 191 45.16 -27.15 -22.42
N ILE D 192 46.25 -27.81 -22.02
CA ILE D 192 47.52 -27.16 -21.80
C ILE D 192 48.17 -26.90 -23.16
N ILE D 193 48.58 -25.66 -23.40
CA ILE D 193 49.16 -25.31 -24.69
C ILE D 193 50.57 -24.77 -24.57
N LYS D 194 51.00 -24.47 -23.35
CA LYS D 194 52.41 -24.09 -23.11
C LYS D 194 52.83 -24.27 -21.65
N GLU D 195 54.04 -24.79 -21.44
CA GLU D 195 54.71 -24.80 -20.15
C GLU D 195 55.67 -23.63 -20.11
N ILE D 196 55.56 -22.79 -19.08
CA ILE D 196 56.41 -21.61 -18.90
C ILE D 196 57.30 -21.88 -17.69
N PHE D 197 58.62 -21.83 -17.90
CA PHE D 197 59.62 -22.09 -16.86
C PHE D 197 60.17 -20.74 -16.39
N PRO D 198 59.83 -20.35 -15.15
CA PRO D 198 60.27 -19.04 -14.69
C PRO D 198 61.78 -18.99 -14.49
N THR D 199 62.32 -17.76 -14.42
CA THR D 199 63.75 -17.51 -14.27
C THR D 199 64.01 -16.61 -13.07
N GLY D 200 65.25 -16.51 -12.60
CA GLY D 200 65.55 -15.71 -11.40
C GLY D 200 65.50 -16.50 -10.10
N ARG D 201 64.88 -15.95 -9.05
CA ARG D 201 64.84 -16.62 -7.74
C ARG D 201 63.78 -17.71 -7.77
N VAL D 202 64.19 -18.94 -8.09
CA VAL D 202 63.24 -20.05 -8.33
C VAL D 202 63.43 -21.20 -7.33
N LYS D 203 64.23 -20.93 -6.31
CA LYS D 203 64.66 -21.84 -5.25
C LYS D 203 63.45 -22.49 -4.62
N HIS D 204 62.47 -21.67 -4.23
CA HIS D 204 61.26 -22.20 -3.63
C HIS D 204 60.08 -21.23 -3.74
N THR D 205 58.99 -21.70 -4.37
CA THR D 205 57.82 -20.88 -4.66
C THR D 205 56.64 -21.82 -4.71
N GLU D 206 55.64 -21.52 -3.86
CA GLU D 206 54.39 -22.29 -3.82
C GLU D 206 53.18 -21.42 -3.51
N GLU D 207 52.01 -21.90 -3.84
CA GLU D 207 50.74 -21.19 -3.53
C GLU D 207 50.69 -19.72 -3.95
N CYS D 208 51.06 -19.46 -5.21
CA CYS D 208 51.04 -18.10 -5.72
C CYS D 208 49.64 -17.52 -5.76
N THR D 209 49.48 -16.33 -5.20
CA THR D 209 48.23 -15.63 -5.31
C THR D 209 48.44 -14.65 -6.45
N CYS D 210 47.87 -14.96 -7.60
CA CYS D 210 48.15 -14.23 -8.83
C CYS D 210 46.98 -13.38 -9.23
N GLY D 211 47.29 -12.22 -9.80
CA GLY D 211 46.28 -11.33 -10.40
C GLY D 211 46.84 -10.59 -11.61
N PHE D 212 45.98 -9.98 -12.41
CA PHE D 212 46.44 -9.10 -13.49
C PHE D 212 46.86 -7.73 -12.96
N ALA D 213 48.12 -7.42 -13.08
CA ALA D 213 48.56 -6.05 -12.87
C ALA D 213 48.22 -5.20 -14.13
N SER D 214 47.96 -5.86 -15.25
CA SER D 214 47.52 -5.17 -16.45
C SER D 214 47.26 -6.21 -17.53
N ASN D 215 47.00 -5.73 -18.75
CA ASN D 215 46.78 -6.62 -19.91
C ASN D 215 48.06 -7.34 -20.32
N LYS D 216 49.23 -6.85 -19.91
CA LYS D 216 50.51 -7.50 -20.27
C LYS D 216 51.08 -8.45 -19.20
N THR D 217 50.76 -8.24 -17.93
CA THR D 217 51.46 -8.83 -16.79
C THR D 217 50.61 -9.47 -15.71
N ILE D 218 50.83 -10.74 -15.43
CA ILE D 218 50.27 -11.37 -14.22
C ILE D 218 51.33 -11.20 -13.16
N GLU D 219 50.96 -10.84 -11.94
CA GLU D 219 51.92 -10.82 -10.83
C GLU D 219 51.41 -11.71 -9.75
N CYS D 220 52.30 -12.37 -9.03
CA CYS D 220 51.90 -13.27 -7.96
C CYS D 220 52.72 -13.04 -6.72
N ALA D 221 52.10 -13.17 -5.56
CA ALA D 221 52.79 -13.17 -4.27
C ALA D 221 52.67 -14.57 -3.65
N CYS D 222 53.81 -15.22 -3.39
CA CYS D 222 53.83 -16.65 -3.13
C CYS D 222 54.44 -17.01 -1.79
N ARG D 223 54.46 -18.31 -1.50
CA ARG D 223 55.01 -18.85 -0.25
C ARG D 223 56.37 -19.54 -0.49
N ASP D 224 57.35 -19.18 0.31
CA ASP D 224 58.53 -20.00 0.44
C ASP D 224 58.44 -20.60 1.83
N ASN D 225 58.46 -21.94 1.87
CA ASN D 225 58.27 -22.71 3.09
C ASN D 225 59.58 -23.16 3.71
N SER D 226 60.71 -22.82 3.06
CA SER D 226 62.04 -23.25 3.49
C SER D 226 62.95 -22.14 3.94
N TYR D 227 63.08 -21.10 3.12
CA TYR D 227 64.25 -20.25 3.16
C TYR D 227 64.10 -18.83 3.65
N THR D 228 62.95 -18.21 3.39
CA THR D 228 62.72 -16.81 3.74
C THR D 228 61.27 -16.55 4.17
N ALA D 229 61.05 -15.47 4.91
CA ALA D 229 59.73 -14.93 5.23
C ALA D 229 59.33 -13.80 4.31
N LYS D 230 60.21 -13.41 3.39
CA LYS D 230 59.82 -12.59 2.25
C LYS D 230 59.05 -13.45 1.26
N ARG D 231 57.95 -12.91 0.75
CA ARG D 231 57.21 -13.58 -0.31
C ARG D 231 58.01 -13.50 -1.61
N PRO D 232 58.17 -14.65 -2.31
CA PRO D 232 58.60 -14.67 -3.69
C PRO D 232 57.59 -13.94 -4.53
N PHE D 233 58.03 -13.02 -5.36
CA PHE D 233 57.08 -12.21 -6.12
C PHE D 233 57.29 -12.45 -7.60
N VAL D 234 56.33 -13.12 -8.21
CA VAL D 234 56.40 -13.53 -9.62
C VAL D 234 55.84 -12.46 -10.56
N LYS D 235 56.59 -12.14 -11.60
CA LYS D 235 56.07 -11.29 -12.70
C LYS D 235 56.02 -12.03 -14.01
N LEU D 236 54.83 -12.28 -14.53
CA LEU D 236 54.62 -13.04 -15.74
C LEU D 236 54.16 -12.12 -16.90
N ASN D 237 54.94 -12.09 -17.99
CA ASN D 237 54.47 -11.41 -19.19
C ASN D 237 53.59 -12.36 -20.01
N VAL D 238 52.31 -12.04 -20.13
CA VAL D 238 51.39 -12.90 -20.88
C VAL D 238 51.46 -12.73 -22.41
N GLU D 239 52.29 -11.81 -22.88
CA GLU D 239 52.43 -11.58 -24.32
C GLU D 239 53.59 -12.34 -24.89
N THR D 240 54.68 -12.46 -24.13
CA THR D 240 55.80 -13.35 -24.52
C THR D 240 55.86 -14.69 -23.76
N ASP D 241 54.95 -14.89 -22.81
CA ASP D 241 54.87 -16.10 -21.95
C ASP D 241 56.21 -16.38 -21.25
N THR D 242 56.70 -15.35 -20.57
CA THR D 242 57.97 -15.40 -19.86
C THR D 242 57.72 -15.04 -18.43
N ALA D 243 58.39 -15.69 -17.50
CA ALA D 243 58.13 -15.45 -16.09
C ALA D 243 59.42 -15.28 -15.37
N GLU D 244 59.48 -14.29 -14.49
CA GLU D 244 60.63 -13.99 -13.66
C GLU D 244 60.17 -13.95 -12.17
N ILE D 245 61.05 -14.32 -11.25
CA ILE D 245 60.72 -14.39 -9.81
C ILE D 245 61.84 -13.78 -8.97
N ARG D 246 61.48 -12.91 -8.03
CA ARG D 246 62.42 -12.41 -7.00
C ARG D 246 61.66 -12.18 -5.70
N LEU D 247 62.37 -12.24 -4.58
CA LEU D 247 61.80 -11.91 -3.28
C LEU D 247 61.30 -10.50 -3.29
N MET D 248 60.22 -10.26 -2.55
CA MET D 248 59.74 -8.95 -2.23
C MET D 248 60.72 -8.28 -1.27
N CYS D 249 61.16 -7.09 -1.66
CA CYS D 249 62.20 -6.33 -0.96
C CYS D 249 61.68 -5.55 0.25
N THR D 250 60.34 -5.36 0.34
CA THR D 250 59.74 -4.60 1.46
C THR D 250 60.12 -5.09 2.87
N GLU D 251 60.21 -4.16 3.81
CA GLU D 251 60.52 -4.50 5.19
C GLU D 251 59.31 -5.13 5.87
N THR D 252 58.15 -4.97 5.25
CA THR D 252 56.91 -5.47 5.76
C THR D 252 56.72 -6.92 5.31
N TYR D 253 57.43 -7.82 5.96
CA TYR D 253 57.41 -9.24 5.55
C TYR D 253 56.03 -9.80 5.73
N LEU D 254 55.55 -10.51 4.71
CA LEU D 254 54.12 -10.89 4.62
C LEU D 254 53.89 -12.37 4.94
N ASP D 255 54.97 -13.11 5.08
CA ASP D 255 54.85 -14.52 5.44
C ASP D 255 54.68 -14.76 6.93
N THR D 256 54.30 -15.99 7.29
CA THR D 256 54.18 -16.41 8.69
C THR D 256 54.76 -17.83 8.82
N PRO D 257 55.74 -18.02 9.71
CA PRO D 257 56.31 -17.03 10.63
C PRO D 257 57.10 -15.99 9.89
N ARG D 258 57.53 -14.95 10.62
CA ARG D 258 58.44 -13.94 10.13
C ARG D 258 59.17 -13.28 11.28
N PRO D 259 60.30 -12.62 11.00
CA PRO D 259 60.97 -11.84 12.04
C PRO D 259 60.39 -10.45 12.11
N ASP D 260 61.07 -9.54 12.82
CA ASP D 260 60.62 -8.16 12.84
C ASP D 260 60.79 -7.53 11.48
N ASP D 261 59.89 -6.61 11.17
CA ASP D 261 59.93 -5.88 9.95
C ASP D 261 61.25 -5.15 9.90
N GLY D 262 61.85 -5.07 8.71
CA GLY D 262 63.16 -4.43 8.51
C GLY D 262 64.39 -5.10 9.07
N SER D 263 64.23 -6.25 9.73
CA SER D 263 65.34 -6.84 10.52
C SER D 263 66.17 -7.83 9.70
N ILE D 264 65.70 -8.16 8.51
CA ILE D 264 66.49 -8.96 7.60
C ILE D 264 67.47 -8.02 6.90
N THR D 265 68.73 -8.17 7.28
CA THR D 265 69.81 -7.28 6.87
C THR D 265 70.33 -7.67 5.50
N GLY D 266 70.95 -6.72 4.81
CA GLY D 266 71.45 -6.99 3.45
C GLY D 266 70.58 -6.34 2.37
N PRO D 267 70.88 -6.63 1.08
CA PRO D 267 70.08 -6.08 -0.03
C PRO D 267 68.75 -6.80 -0.19
N CYS D 268 68.03 -6.56 -1.28
CA CYS D 268 66.68 -7.14 -1.49
C CYS D 268 66.63 -8.67 -1.58
N GLU D 269 67.78 -9.28 -1.90
CA GLU D 269 67.79 -10.72 -2.05
C GLU D 269 68.05 -11.55 -0.75
N SER D 270 68.41 -10.90 0.36
CA SER D 270 68.71 -11.65 1.57
C SER D 270 67.56 -12.48 2.07
N ASN D 271 67.85 -13.73 2.44
CA ASN D 271 66.79 -14.59 2.94
C ASN D 271 65.98 -14.06 4.15
N GLY D 272 66.49 -14.01 5.39
CA GLY D 272 67.61 -14.73 5.94
C GLY D 272 66.94 -15.59 7.01
N ASP D 273 66.48 -14.98 8.10
CA ASP D 273 65.98 -15.72 9.29
C ASP D 273 64.45 -15.97 9.43
N LYS D 274 64.12 -17.03 10.19
CA LYS D 274 62.74 -17.51 10.45
C LYS D 274 61.98 -17.93 9.20
N GLY D 275 62.72 -18.28 8.14
CA GLY D 275 62.21 -18.52 6.81
C GLY D 275 61.48 -19.83 6.57
N SER D 276 61.70 -20.82 7.44
CA SER D 276 61.03 -22.11 7.31
C SER D 276 59.63 -21.97 7.84
N GLY D 277 58.71 -22.78 7.34
CA GLY D 277 57.28 -22.59 7.57
C GLY D 277 56.77 -21.51 6.62
N GLY D 278 55.46 -21.31 6.56
CA GLY D 278 54.90 -20.27 5.70
C GLY D 278 53.40 -20.22 5.78
N ILE D 279 52.83 -19.47 4.84
CA ILE D 279 51.39 -19.32 4.71
C ILE D 279 51.03 -18.75 3.30
N LYS D 280 49.91 -19.19 2.76
CA LYS D 280 49.35 -18.58 1.54
C LYS D 280 48.81 -17.19 1.88
N GLY D 281 49.10 -16.22 1.01
CA GLY D 281 48.95 -14.79 1.34
C GLY D 281 48.10 -14.01 0.35
N GLY D 282 47.22 -13.17 0.89
CA GLY D 282 46.33 -12.33 0.09
C GLY D 282 47.09 -11.35 -0.78
N PHE D 283 46.51 -11.05 -1.92
CA PHE D 283 47.15 -10.17 -2.86
C PHE D 283 46.18 -9.94 -3.98
N VAL D 284 45.94 -8.67 -4.25
CA VAL D 284 45.04 -8.29 -5.30
C VAL D 284 45.44 -6.90 -5.86
N HIS D 285 45.08 -6.67 -7.13
CA HIS D 285 45.50 -5.46 -7.84
C HIS D 285 44.38 -4.43 -7.95
N GLN D 286 44.73 -3.17 -7.81
CA GLN D 286 43.78 -2.10 -8.07
C GLN D 286 44.32 -1.32 -9.28
N ARG D 287 43.73 -1.53 -10.46
CA ARG D 287 44.28 -0.97 -11.69
C ARG D 287 43.65 0.35 -12.03
N MET D 288 44.42 1.43 -11.92
CA MET D 288 43.93 2.77 -12.25
C MET D 288 44.59 3.27 -13.56
N ALA D 289 43.96 4.27 -14.19
CA ALA D 289 44.42 4.76 -15.51
C ALA D 289 45.96 4.79 -15.63
N SER D 290 46.58 5.61 -14.78
CA SER D 290 48.02 5.76 -14.71
C SER D 290 48.60 5.43 -13.31
N LYS D 291 47.98 4.50 -12.58
CA LYS D 291 48.52 4.13 -11.28
C LYS D 291 48.08 2.72 -10.90
N ILE D 292 49.00 1.93 -10.30
CA ILE D 292 48.65 0.61 -9.77
C ILE D 292 48.82 0.47 -8.25
N GLY D 293 47.75 0.06 -7.59
CA GLY D 293 47.84 -0.23 -6.17
C GLY D 293 48.02 -1.69 -5.93
N ARG D 294 48.83 -2.06 -4.95
CA ARG D 294 48.98 -3.47 -4.63
C ARG D 294 48.54 -3.71 -3.21
N TRP D 295 47.46 -4.46 -3.05
CA TRP D 295 46.92 -4.74 -1.72
C TRP D 295 47.36 -6.10 -1.29
N TYR D 296 47.83 -6.21 -0.05
CA TYR D 296 48.25 -7.50 0.50
C TYR D 296 47.64 -7.72 1.89
N SER D 297 47.66 -8.95 2.36
CA SER D 297 47.31 -9.22 3.76
C SER D 297 48.35 -10.09 4.44
N ARG D 298 48.42 -9.99 5.76
CA ARG D 298 49.32 -10.85 6.54
C ARG D 298 48.80 -10.97 7.94
N THR D 299 49.01 -12.13 8.56
CA THR D 299 48.59 -12.37 9.94
C THR D 299 49.02 -11.27 10.88
N MET D 300 48.22 -11.06 11.91
CA MET D 300 48.48 -10.01 12.90
C MET D 300 49.60 -10.46 13.79
N SER D 301 49.64 -11.77 14.05
CA SER D 301 50.76 -12.37 14.79
C SER D 301 51.93 -12.72 13.90
N LYS D 302 53.13 -12.59 14.43
CA LYS D 302 54.34 -12.92 13.70
C LYS D 302 54.63 -14.42 13.53
N THR D 303 54.08 -15.29 14.39
CA THR D 303 54.43 -16.71 14.36
C THR D 303 53.22 -17.60 14.23
N LYS D 304 52.06 -17.03 14.53
CA LYS D 304 50.83 -17.81 14.55
C LYS D 304 49.82 -17.40 13.51
N ARG D 305 48.91 -18.32 13.22
CA ARG D 305 47.88 -18.05 12.25
C ARG D 305 46.67 -17.33 12.90
N MET D 306 47.01 -16.21 13.54
CA MET D 306 46.05 -15.39 14.23
C MET D 306 45.98 -13.97 13.59
N GLY D 307 44.77 -13.51 13.36
CA GLY D 307 44.51 -12.17 12.86
C GLY D 307 44.86 -12.01 11.41
N MET D 308 44.40 -10.92 10.81
CA MET D 308 44.80 -10.60 9.44
C MET D 308 44.73 -9.11 9.25
N GLY D 309 45.82 -8.51 8.80
CA GLY D 309 45.86 -7.08 8.50
C GLY D 309 45.95 -6.82 7.01
N LEU D 310 45.36 -5.71 6.56
CA LEU D 310 45.42 -5.31 5.16
C LEU D 310 46.46 -4.24 4.99
N TYR D 311 47.31 -4.39 3.97
CA TYR D 311 48.40 -3.46 3.66
C TYR D 311 48.25 -3.02 2.21
N VAL D 312 48.97 -1.98 1.83
CA VAL D 312 48.89 -1.44 0.46
C VAL D 312 50.09 -0.60 0.06
N LYS D 313 50.39 -0.60 -1.24
CA LYS D 313 51.42 0.27 -1.82
C LYS D 313 51.05 0.61 -3.27
N TYR D 314 51.24 1.87 -3.62
CA TYR D 314 50.89 2.36 -4.95
C TYR D 314 52.16 2.53 -5.80
N ASP D 315 52.20 1.92 -6.97
CA ASP D 315 53.38 1.97 -7.88
C ASP D 315 54.69 1.46 -7.29
N GLY D 316 55.77 1.68 -8.03
CA GLY D 316 57.07 1.17 -7.64
C GLY D 316 57.29 -0.24 -8.18
N ASP D 317 58.45 -0.79 -7.86
CA ASP D 317 58.79 -2.15 -8.19
C ASP D 317 58.88 -2.92 -6.85
N PRO D 318 58.00 -3.93 -6.63
CA PRO D 318 58.07 -4.67 -5.37
C PRO D 318 59.37 -5.43 -5.24
N TRP D 319 60.07 -5.63 -6.36
CA TRP D 319 61.36 -6.33 -6.34
C TRP D 319 62.48 -5.53 -5.77
N THR D 320 62.31 -4.21 -5.63
CA THR D 320 63.41 -3.31 -5.20
C THR D 320 63.11 -2.38 -4.02
N ASP D 321 61.83 -2.06 -3.80
CA ASP D 321 61.37 -1.14 -2.75
C ASP D 321 61.38 -1.76 -1.39
N SER D 322 62.23 -1.22 -0.54
CA SER D 322 62.34 -1.72 0.83
C SER D 322 61.36 -0.97 1.72
N ASP D 323 60.72 0.04 1.11
CA ASP D 323 59.81 0.95 1.81
C ASP D 323 58.79 0.09 2.51
N ALA D 324 58.41 0.46 3.75
CA ALA D 324 57.37 -0.24 4.48
C ALA D 324 56.10 -0.15 3.68
N LEU D 325 55.31 -1.20 3.76
CA LEU D 325 53.98 -1.24 3.22
C LEU D 325 53.02 -0.48 4.17
N ALA D 326 52.07 0.29 3.63
CA ALA D 326 51.11 1.03 4.44
C ALA D 326 50.06 0.12 5.10
N LEU D 327 50.04 0.12 6.43
CA LEU D 327 49.01 -0.63 7.15
C LEU D 327 47.66 0.04 6.98
N SER D 328 46.72 -0.68 6.39
CA SER D 328 45.46 -0.13 5.96
C SER D 328 44.32 -0.42 6.93
N GLY D 329 44.37 -1.57 7.60
CA GLY D 329 43.33 -1.94 8.59
C GLY D 329 43.40 -3.36 9.10
N VAL D 330 42.80 -3.61 10.27
CA VAL D 330 42.78 -4.94 10.90
C VAL D 330 41.50 -5.58 10.48
N MET D 331 41.64 -6.60 9.65
CA MET D 331 40.53 -7.34 9.10
C MET D 331 40.04 -8.39 10.07
N VAL D 332 40.95 -9.09 10.73
CA VAL D 332 40.58 -10.09 11.74
C VAL D 332 41.52 -9.84 12.88
N SER D 333 40.97 -9.59 14.07
CA SER D 333 41.79 -9.25 15.23
C SER D 333 42.64 -10.41 15.69
N MET D 334 43.68 -10.09 16.44
CA MET D 334 44.59 -11.08 17.02
C MET D 334 43.89 -12.20 17.80
N GLU D 335 42.64 -12.02 18.14
CA GLU D 335 41.97 -13.01 18.93
C GLU D 335 41.27 -14.06 18.09
N GLU D 336 41.17 -13.82 16.78
CA GLU D 336 40.50 -14.71 15.85
C GLU D 336 41.51 -15.43 14.94
N PRO D 337 41.12 -16.58 14.38
CA PRO D 337 42.01 -17.26 13.45
C PRO D 337 42.14 -16.54 12.08
N GLY D 338 43.37 -16.43 11.60
CA GLY D 338 43.63 -16.00 10.23
C GLY D 338 44.63 -16.95 9.61
N TRP D 339 44.11 -17.89 8.82
CA TRP D 339 44.94 -18.81 8.10
C TRP D 339 45.18 -18.24 6.69
N TYR D 340 44.88 -19.03 5.67
CA TYR D 340 45.19 -18.68 4.30
C TYR D 340 44.42 -17.44 3.87
N SER D 341 45.02 -16.61 3.03
CA SER D 341 44.22 -15.56 2.39
C SER D 341 44.52 -15.46 0.91
N PHE D 342 43.60 -14.90 0.13
CA PHE D 342 43.67 -14.97 -1.35
C PHE D 342 42.98 -13.75 -1.95
N GLY D 343 43.32 -13.40 -3.17
CA GLY D 343 42.70 -12.28 -3.88
C GLY D 343 41.74 -12.73 -4.97
N PHE D 344 40.77 -11.87 -5.31
CA PHE D 344 39.85 -12.11 -6.42
C PHE D 344 39.15 -10.83 -6.83
N GLU D 345 38.44 -10.87 -7.94
CA GLU D 345 37.86 -9.66 -8.49
C GLU D 345 36.46 -9.97 -8.93
N ILE D 346 35.51 -9.22 -8.36
CA ILE D 346 34.11 -9.27 -8.79
C ILE D 346 33.94 -8.30 -9.96
N LYS D 347 33.13 -8.67 -10.94
CA LYS D 347 32.96 -7.81 -12.10
C LYS D 347 31.69 -6.98 -12.05
N ASP D 348 31.88 -5.68 -11.85
CA ASP D 348 30.80 -4.75 -12.02
C ASP D 348 30.51 -4.54 -13.52
N LYS D 349 29.52 -3.73 -13.84
CA LYS D 349 29.07 -3.55 -15.21
C LYS D 349 30.20 -3.17 -16.17
N LYS D 350 31.03 -2.19 -15.77
CA LYS D 350 32.14 -1.71 -16.61
C LYS D 350 33.48 -1.62 -15.93
N CYS D 351 33.59 -2.18 -14.71
CA CYS D 351 34.87 -2.19 -13.98
C CYS D 351 34.99 -3.37 -13.02
N ASP D 352 36.23 -3.68 -12.62
CA ASP D 352 36.54 -4.82 -11.77
C ASP D 352 36.75 -4.47 -10.27
N VAL D 353 36.10 -5.19 -9.37
CA VAL D 353 36.21 -4.86 -7.95
C VAL D 353 37.16 -5.81 -7.23
N PRO D 354 38.33 -5.31 -6.84
CA PRO D 354 39.33 -6.12 -6.17
C PRO D 354 38.92 -6.49 -4.74
N CYS D 355 39.06 -7.75 -4.36
CA CYS D 355 38.71 -8.20 -3.01
C CYS D 355 39.78 -9.10 -2.45
N ILE D 356 39.79 -9.27 -1.11
CA ILE D 356 40.67 -10.24 -0.45
C ILE D 356 39.82 -11.13 0.44
N GLY D 357 39.86 -12.43 0.21
CA GLY D 357 39.19 -13.37 1.11
C GLY D 357 40.14 -13.88 2.20
N ILE D 358 39.59 -14.27 3.34
CA ILE D 358 40.39 -14.83 4.41
C ILE D 358 39.82 -16.15 4.87
N GLU D 359 40.66 -17.19 4.81
CA GLU D 359 40.33 -18.47 5.43
C GLU D 359 40.49 -18.33 6.94
N MET D 360 39.43 -18.58 7.67
CA MET D 360 39.44 -18.41 9.13
C MET D 360 39.11 -19.78 9.70
N VAL D 361 40.17 -20.55 9.94
CA VAL D 361 40.04 -21.98 10.27
C VAL D 361 39.63 -22.15 11.70
N HIS D 362 38.82 -23.16 11.93
CA HIS D 362 38.37 -23.57 13.27
C HIS D 362 39.27 -24.73 13.65
N ASP D 363 40.31 -24.45 14.43
CA ASP D 363 41.30 -25.48 14.80
C ASP D 363 41.19 -25.90 16.26
N GLY D 364 40.79 -27.15 16.49
CA GLY D 364 40.74 -27.70 17.83
C GLY D 364 41.63 -28.91 18.02
N GLY D 365 42.66 -29.04 17.17
CA GLY D 365 43.57 -30.18 17.20
C GLY D 365 42.99 -31.36 16.41
N LYS D 366 43.76 -32.43 16.25
CA LYS D 366 43.30 -33.59 15.48
C LYS D 366 42.20 -34.44 16.11
N GLU D 367 41.91 -34.22 17.39
CA GLU D 367 40.88 -35.02 18.08
C GLU D 367 39.46 -34.51 17.89
N THR D 368 39.26 -33.56 16.98
CA THR D 368 37.90 -33.06 16.64
C THR D 368 37.90 -32.62 15.18
N TRP D 369 36.83 -31.99 14.71
CA TRP D 369 36.73 -31.57 13.33
C TRP D 369 37.62 -30.38 13.04
N HIS D 370 37.90 -30.18 11.74
CA HIS D 370 38.80 -29.15 11.30
C HIS D 370 38.30 -28.52 9.99
N SER D 371 37.69 -27.36 10.10
CA SER D 371 37.21 -26.64 8.93
C SER D 371 37.44 -25.14 9.06
N ALA D 372 36.90 -24.38 8.11
CA ALA D 372 37.17 -22.94 8.00
C ALA D 372 35.94 -22.11 7.68
N ALA D 373 35.91 -20.87 8.13
CA ALA D 373 34.94 -19.91 7.64
C ALA D 373 35.62 -19.12 6.55
N THR D 374 34.89 -18.25 5.86
CA THR D 374 35.51 -17.35 4.87
C THR D 374 35.07 -15.90 5.05
N ALA D 375 36.02 -15.01 5.36
CA ALA D 375 35.78 -13.59 5.43
C ALA D 375 36.09 -12.89 4.09
N ILE D 376 35.25 -11.97 3.63
CA ILE D 376 35.54 -11.23 2.40
C ILE D 376 35.61 -9.72 2.65
N TYR D 377 36.73 -9.10 2.30
CA TYR D 377 36.84 -7.64 2.26
C TYR D 377 36.99 -7.18 0.83
N CYS D 378 36.20 -6.18 0.40
CA CYS D 378 36.36 -5.61 -0.97
C CYS D 378 36.64 -4.11 -0.98
N LEU D 379 37.25 -3.65 -2.07
CA LEU D 379 37.45 -2.23 -2.31
C LEU D 379 36.07 -1.61 -2.49
N MET D 380 35.68 -0.72 -1.59
CA MET D 380 34.40 -0.02 -1.68
C MET D 380 34.49 1.36 -1.01
N GLY D 381 34.25 2.41 -1.80
CA GLY D 381 34.20 3.76 -1.31
C GLY D 381 35.48 4.39 -0.86
N SER D 382 35.36 5.46 -0.09
CA SER D 382 36.52 6.19 0.44
C SER D 382 36.67 6.05 1.98
N GLY D 383 37.79 6.54 2.56
CA GLY D 383 37.96 6.57 4.02
C GLY D 383 38.88 5.54 4.68
N GLN D 384 38.52 5.05 5.87
CA GLN D 384 39.35 4.02 6.55
C GLN D 384 38.62 2.71 6.74
N LEU D 385 39.34 1.58 6.61
CA LEU D 385 38.74 0.28 6.93
C LEU D 385 38.10 0.32 8.33
N LEU D 386 36.84 -0.09 8.39
CA LEU D 386 36.07 0.20 9.57
C LEU D 386 35.87 -0.95 10.56
N TRP D 387 35.58 -2.17 10.08
CA TRP D 387 35.19 -3.24 11.01
C TRP D 387 35.90 -4.56 10.75
N ASP D 388 36.17 -5.28 11.84
CA ASP D 388 36.84 -6.58 11.75
C ASP D 388 35.83 -7.73 11.64
N THR D 389 36.32 -8.91 11.27
CA THR D 389 35.43 -10.08 11.13
C THR D 389 35.64 -11.11 12.25
N VAL D 390 34.58 -11.76 12.69
CA VAL D 390 34.65 -12.90 13.64
C VAL D 390 33.82 -14.05 13.05
N THR D 391 34.15 -15.28 13.42
CA THR D 391 33.45 -16.44 12.86
C THR D 391 32.20 -16.68 13.63
N GLY D 392 32.19 -16.23 14.87
CA GLY D 392 31.07 -16.47 15.77
C GLY D 392 30.92 -17.92 16.25
N VAL D 393 31.79 -18.82 15.78
CA VAL D 393 31.65 -20.25 16.05
C VAL D 393 32.34 -20.73 17.35
N ASP D 394 31.59 -21.47 18.15
CA ASP D 394 32.13 -22.18 19.31
C ASP D 394 32.22 -23.67 18.89
N MET D 395 33.45 -24.18 18.93
CA MET D 395 33.77 -25.50 18.46
C MET D 395 33.29 -26.67 19.35
N ALA D 396 32.83 -26.37 20.56
CA ALA D 396 32.29 -27.36 21.50
C ALA D 396 30.88 -27.78 21.17
N LEU D 397 30.19 -26.97 20.36
CA LEU D 397 28.77 -27.17 20.06
C LEU D 397 28.51 -28.18 18.91
N PRO E 9 -61.28 -24.60 7.84
CA PRO E 9 -61.25 -25.48 6.65
C PRO E 9 -60.10 -26.47 6.68
N GLU E 10 -60.31 -27.62 6.02
CA GLU E 10 -59.39 -28.72 5.99
C GLU E 10 -59.08 -29.13 4.51
N TRP E 11 -58.01 -29.94 4.32
CA TRP E 11 -57.58 -30.38 2.99
C TRP E 11 -58.65 -31.18 2.30
N THR E 12 -58.71 -31.02 0.99
CA THR E 12 -59.63 -31.78 0.17
C THR E 12 -59.03 -33.09 -0.38
N TYR E 13 -59.90 -34.07 -0.67
CA TYR E 13 -59.52 -35.40 -1.18
C TYR E 13 -60.55 -35.77 -2.24
N PRO E 14 -60.16 -36.56 -3.25
CA PRO E 14 -61.20 -37.10 -4.15
C PRO E 14 -62.21 -37.93 -3.42
N ARG E 15 -63.49 -37.74 -3.75
CA ARG E 15 -64.59 -38.56 -3.20
C ARG E 15 -65.24 -39.46 -4.25
N LEU E 16 -66.23 -40.23 -3.84
CA LEU E 16 -67.00 -41.03 -4.80
C LEU E 16 -67.78 -40.03 -5.65
N SER E 17 -67.88 -40.30 -6.96
CA SER E 17 -68.61 -39.43 -7.87
C SER E 17 -70.12 -39.47 -7.58
N CYS E 18 -70.82 -38.43 -8.00
CA CYS E 18 -72.28 -38.39 -7.88
C CYS E 18 -72.94 -39.42 -8.75
N PRO E 19 -74.15 -39.89 -8.35
CA PRO E 19 -74.89 -40.82 -9.19
C PRO E 19 -75.04 -40.22 -10.61
N GLY E 20 -75.07 -41.13 -11.60
CA GLY E 20 -75.34 -40.80 -12.99
C GLY E 20 -74.69 -41.80 -13.92
N SER E 21 -75.21 -41.88 -15.13
CA SER E 21 -74.61 -42.74 -16.14
C SER E 21 -74.57 -42.05 -17.50
N THR E 22 -74.87 -40.77 -17.57
CA THR E 22 -74.68 -40.05 -18.83
C THR E 22 -74.21 -38.59 -18.61
N PHE E 23 -73.34 -38.11 -19.50
CA PHE E 23 -73.09 -36.67 -19.57
C PHE E 23 -74.25 -35.95 -20.26
N GLN E 24 -74.51 -34.70 -19.86
CA GLN E 24 -75.47 -33.84 -20.56
C GLN E 24 -74.86 -32.48 -20.75
N LYS E 25 -75.44 -31.68 -21.65
CA LYS E 25 -74.95 -30.33 -21.90
C LYS E 25 -75.31 -29.45 -20.70
N ALA E 26 -74.33 -28.73 -20.17
CA ALA E 26 -74.54 -27.97 -18.96
C ALA E 26 -74.58 -26.47 -19.15
N LEU E 27 -73.55 -25.92 -19.78
CA LEU E 27 -73.41 -24.49 -19.79
C LEU E 27 -72.52 -24.08 -20.94
N LEU E 28 -72.82 -22.93 -21.55
CA LEU E 28 -71.94 -22.38 -22.56
C LEU E 28 -71.40 -21.03 -22.09
N ILE E 29 -70.09 -20.84 -22.12
CA ILE E 29 -69.51 -19.51 -21.95
C ILE E 29 -68.96 -19.06 -23.30
N SER E 30 -69.73 -18.25 -24.01
CA SER E 30 -69.31 -17.73 -25.30
C SER E 30 -69.25 -16.22 -25.20
N PRO E 31 -68.17 -15.70 -24.67
CA PRO E 31 -68.10 -14.24 -24.45
C PRO E 31 -68.11 -13.39 -25.73
N HIS E 32 -67.82 -13.98 -26.88
CA HIS E 32 -67.76 -13.18 -28.12
C HIS E 32 -69.11 -12.96 -28.76
N ARG E 33 -70.14 -13.58 -28.18
CA ARG E 33 -71.54 -13.24 -28.48
C ARG E 33 -71.74 -11.74 -28.24
N PHE E 34 -70.73 -11.11 -27.63
CA PHE E 34 -70.82 -9.78 -27.04
C PHE E 34 -69.72 -8.84 -27.51
N GLY E 35 -68.82 -9.34 -28.35
CA GLY E 35 -67.82 -8.47 -28.95
C GLY E 35 -68.14 -7.93 -30.36
N GLU E 36 -69.37 -7.46 -30.57
CA GLU E 36 -69.64 -6.77 -31.84
C GLU E 36 -69.20 -5.30 -31.83
N THR E 37 -68.68 -4.86 -32.98
CA THR E 37 -68.59 -3.44 -33.34
C THR E 37 -69.77 -2.68 -32.80
N LYS E 38 -70.98 -3.19 -33.01
CA LYS E 38 -72.27 -2.51 -32.67
C LYS E 38 -72.61 -2.56 -31.18
N GLY E 39 -71.87 -3.37 -30.43
CA GLY E 39 -72.14 -3.64 -29.04
C GLY E 39 -71.32 -2.73 -28.14
N ASN E 40 -71.35 -3.06 -26.84
CA ASN E 40 -70.76 -2.19 -25.80
C ASN E 40 -70.19 -3.02 -24.65
N SER E 41 -69.53 -4.12 -25.02
CA SER E 41 -68.93 -5.08 -24.07
C SER E 41 -67.49 -5.31 -24.53
N ALA E 42 -66.68 -5.84 -23.60
CA ALA E 42 -65.29 -6.16 -23.85
C ALA E 42 -64.95 -7.53 -23.29
N PRO E 43 -65.34 -8.58 -24.02
CA PRO E 43 -64.80 -9.89 -23.71
C PRO E 43 -63.32 -9.87 -24.01
N LEU E 44 -62.54 -10.60 -23.19
CA LEU E 44 -61.10 -10.73 -23.35
C LEU E 44 -60.76 -11.75 -24.41
N ILE E 45 -59.73 -11.45 -25.20
CA ILE E 45 -59.21 -12.41 -26.19
C ILE E 45 -58.37 -13.48 -25.46
N ILE E 46 -58.79 -14.73 -25.58
CA ILE E 46 -58.17 -15.80 -24.82
C ILE E 46 -57.90 -17.02 -25.63
N ARG E 47 -57.19 -17.97 -25.03
CA ARG E 47 -57.24 -19.34 -25.46
C ARG E 47 -56.87 -20.21 -24.26
N GLU E 48 -56.86 -21.53 -24.47
CA GLU E 48 -56.53 -22.52 -23.43
C GLU E 48 -57.33 -22.26 -22.15
N PRO E 49 -58.67 -22.24 -22.30
CA PRO E 49 -59.48 -22.10 -21.17
C PRO E 49 -59.42 -23.40 -20.35
N PHE E 50 -59.86 -23.33 -19.09
CA PHE E 50 -59.99 -24.51 -18.27
C PHE E 50 -60.61 -24.12 -16.96
N ILE E 51 -61.31 -25.07 -16.37
CA ILE E 51 -62.04 -24.84 -15.12
C ILE E 51 -61.42 -25.67 -14.01
N ALA E 52 -61.26 -25.07 -12.83
CA ALA E 52 -60.88 -25.76 -11.62
C ALA E 52 -61.86 -25.35 -10.53
N CYS E 53 -62.19 -26.28 -9.64
CA CYS E 53 -63.19 -25.97 -8.60
C CYS E 53 -62.63 -26.19 -7.21
N GLY E 54 -63.14 -25.42 -6.25
CA GLY E 54 -62.91 -25.68 -4.83
C GLY E 54 -64.23 -26.01 -4.15
N PRO E 55 -64.24 -26.11 -2.80
CA PRO E 55 -65.47 -26.56 -2.07
C PRO E 55 -66.71 -25.65 -2.22
N LYS E 56 -66.50 -24.36 -2.42
CA LYS E 56 -67.64 -23.48 -2.65
C LYS E 56 -67.75 -22.80 -4.05
N GLU E 57 -66.68 -22.78 -4.84
CA GLU E 57 -66.67 -22.02 -6.09
C GLU E 57 -65.92 -22.71 -7.25
N CYS E 58 -66.44 -22.54 -8.46
CA CYS E 58 -65.81 -23.02 -9.68
C CYS E 58 -65.25 -21.83 -10.46
N LYS E 59 -63.95 -21.81 -10.73
CA LYS E 59 -63.34 -20.71 -11.49
C LYS E 59 -63.03 -21.09 -12.93
N HIS E 60 -63.25 -20.18 -13.86
CA HIS E 60 -63.08 -20.44 -15.26
C HIS E 60 -61.83 -19.73 -15.61
N PHE E 61 -60.78 -20.48 -15.93
CA PHE E 61 -59.47 -19.90 -16.23
C PHE E 61 -59.21 -19.86 -17.74
N ALA E 62 -58.37 -18.92 -18.17
CA ALA E 62 -57.92 -18.86 -19.55
C ALA E 62 -56.55 -18.15 -19.71
N LEU E 63 -55.86 -18.35 -20.84
CA LEU E 63 -54.68 -17.51 -21.11
C LEU E 63 -55.05 -16.36 -22.06
N THR E 64 -55.05 -15.13 -21.55
CA THR E 64 -55.38 -13.95 -22.36
C THR E 64 -54.20 -13.31 -23.04
N HIS E 65 -54.47 -12.65 -24.18
CA HIS E 65 -53.44 -11.95 -24.98
C HIS E 65 -53.35 -10.51 -24.53
N TYR E 66 -54.09 -10.19 -23.46
CA TYR E 66 -54.20 -8.83 -22.93
C TYR E 66 -54.79 -7.89 -23.97
N ALA E 67 -55.88 -8.36 -24.59
CA ALA E 67 -56.63 -7.60 -25.60
C ALA E 67 -58.08 -8.01 -25.49
N ALA E 68 -58.97 -7.15 -25.98
CA ALA E 68 -60.40 -7.44 -25.99
C ALA E 68 -60.99 -7.24 -27.40
N GLN E 69 -62.16 -7.81 -27.61
CA GLN E 69 -62.93 -7.63 -28.79
C GLN E 69 -64.20 -6.80 -28.42
N PRO E 70 -64.44 -5.67 -29.14
CA PRO E 70 -63.59 -5.18 -30.24
C PRO E 70 -62.41 -4.43 -29.72
N GLY E 71 -61.32 -4.45 -30.47
CA GLY E 71 -60.14 -3.72 -30.02
C GLY E 71 -59.23 -3.45 -31.18
N GLY E 72 -57.94 -3.28 -30.90
CA GLY E 72 -56.97 -2.88 -31.91
C GLY E 72 -55.66 -3.67 -31.80
N TYR E 73 -55.64 -4.69 -30.96
CA TYR E 73 -54.44 -5.51 -30.81
C TYR E 73 -54.76 -6.97 -31.15
N TYR E 74 -55.55 -7.15 -32.22
CA TYR E 74 -55.79 -8.46 -32.79
C TYR E 74 -54.53 -9.11 -33.36
N ASN E 75 -53.58 -8.32 -33.84
CA ASN E 75 -52.36 -8.86 -34.41
C ASN E 75 -51.46 -9.56 -33.34
N GLY E 76 -51.24 -10.87 -33.53
CA GLY E 76 -50.41 -11.66 -32.59
C GLY E 76 -51.22 -12.50 -31.59
N THR E 77 -52.54 -12.46 -31.71
CA THR E 77 -53.43 -13.22 -30.83
C THR E 77 -53.61 -14.67 -31.33
N ARG E 78 -53.08 -14.95 -32.52
CA ARG E 78 -52.91 -16.31 -33.10
C ARG E 78 -51.55 -16.93 -32.72
N GLY E 79 -50.59 -16.11 -32.25
CA GLY E 79 -49.34 -16.64 -31.69
C GLY E 79 -49.60 -17.39 -30.37
N ASP E 80 -48.54 -17.77 -29.67
CA ASP E 80 -48.75 -18.41 -28.36
C ASP E 80 -47.96 -17.68 -27.26
N ARG E 81 -46.63 -17.71 -27.33
CA ARG E 81 -45.81 -17.11 -26.27
C ARG E 81 -45.31 -15.68 -26.54
N ASN E 82 -45.94 -14.69 -25.90
CA ASN E 82 -45.43 -13.33 -25.85
C ASN E 82 -45.41 -12.78 -24.41
N LYS E 83 -44.74 -11.62 -24.25
CA LYS E 83 -44.58 -10.89 -23.00
C LYS E 83 -45.84 -10.26 -22.37
N LEU E 84 -46.98 -10.25 -23.08
CA LEU E 84 -48.22 -9.67 -22.56
C LEU E 84 -49.24 -10.72 -22.09
N ARG E 85 -49.07 -11.95 -22.54
CA ARG E 85 -49.91 -13.05 -22.15
C ARG E 85 -50.04 -13.24 -20.63
N HIS E 86 -51.26 -13.48 -20.18
CA HIS E 86 -51.55 -13.60 -18.76
C HIS E 86 -52.53 -14.71 -18.45
N LEU E 87 -52.37 -15.30 -17.27
CA LEU E 87 -53.38 -16.18 -16.69
C LEU E 87 -54.49 -15.31 -16.01
N ILE E 88 -55.74 -15.50 -16.41
CA ILE E 88 -56.90 -14.77 -15.86
C ILE E 88 -57.96 -15.75 -15.37
N SER E 89 -58.87 -15.24 -14.53
CA SER E 89 -60.03 -15.99 -14.09
C SER E 89 -61.28 -15.13 -13.78
N VAL E 90 -62.41 -15.82 -13.83
CA VAL E 90 -63.69 -15.32 -13.41
C VAL E 90 -64.41 -16.50 -12.75
N LYS E 91 -65.40 -16.20 -11.90
CA LYS E 91 -66.20 -17.21 -11.32
C LYS E 91 -66.90 -17.85 -12.52
N LEU E 92 -66.93 -19.18 -12.53
CA LEU E 92 -67.60 -19.88 -13.60
C LEU E 92 -69.03 -19.40 -13.65
N GLY E 93 -69.48 -19.08 -14.85
CA GLY E 93 -70.82 -18.52 -15.06
C GLY E 93 -70.79 -17.03 -15.31
N LYS E 94 -69.65 -16.37 -15.11
CA LYS E 94 -69.50 -14.98 -15.48
C LYS E 94 -68.75 -14.92 -16.80
N ILE E 95 -69.13 -13.95 -17.61
CA ILE E 95 -68.46 -13.71 -18.88
C ILE E 95 -67.13 -13.07 -18.58
N PRO E 96 -66.02 -13.67 -19.10
CA PRO E 96 -64.71 -13.12 -18.83
C PRO E 96 -64.40 -11.91 -19.71
N THR E 97 -64.75 -10.74 -19.17
CA THR E 97 -64.50 -9.49 -19.83
C THR E 97 -63.39 -8.81 -19.08
N VAL E 98 -63.02 -7.61 -19.53
CA VAL E 98 -61.91 -6.87 -18.97
C VAL E 98 -62.14 -6.63 -17.48
N GLU E 99 -63.34 -6.16 -17.16
CA GLU E 99 -63.68 -5.77 -15.80
C GLU E 99 -64.07 -6.91 -14.85
N ASN E 100 -64.72 -7.97 -15.38
CA ASN E 100 -65.06 -9.18 -14.60
C ASN E 100 -63.87 -10.05 -14.19
N SER E 101 -62.91 -10.21 -15.10
CA SER E 101 -61.70 -11.02 -14.91
C SER E 101 -60.80 -10.46 -13.83
N ILE E 102 -59.98 -11.35 -13.26
CA ILE E 102 -58.87 -10.94 -12.41
C ILE E 102 -57.62 -11.44 -13.09
N PHE E 103 -56.60 -10.61 -13.16
CA PHE E 103 -55.31 -11.03 -13.71
C PHE E 103 -54.41 -11.62 -12.61
N HIS E 104 -54.06 -12.88 -12.76
CA HIS E 104 -53.28 -13.59 -11.73
C HIS E 104 -51.77 -13.37 -11.87
N MET E 105 -51.25 -13.63 -13.06
CA MET E 105 -49.82 -13.52 -13.31
C MET E 105 -49.50 -13.57 -14.81
N ALA E 106 -48.32 -13.11 -15.18
CA ALA E 106 -47.91 -13.24 -16.59
C ALA E 106 -47.72 -14.72 -16.85
N ALA E 107 -48.31 -15.23 -17.93
CA ALA E 107 -48.16 -16.65 -18.32
C ALA E 107 -48.49 -16.87 -19.78
N TRP E 108 -47.72 -17.71 -20.47
CA TRP E 108 -48.18 -18.27 -21.71
C TRP E 108 -48.49 -19.75 -21.62
N SER E 109 -48.41 -20.30 -20.42
CA SER E 109 -48.89 -21.68 -20.19
C SER E 109 -49.35 -21.74 -18.76
N GLY E 110 -50.47 -22.41 -18.50
CA GLY E 110 -51.02 -22.32 -17.13
C GLY E 110 -51.74 -23.51 -16.53
N SER E 111 -51.96 -23.44 -15.23
CA SER E 111 -52.78 -24.44 -14.50
C SER E 111 -53.21 -23.84 -13.18
N ALA E 112 -54.15 -24.48 -12.51
CA ALA E 112 -54.52 -24.03 -11.16
C ALA E 112 -55.30 -25.07 -10.40
N CYS E 113 -55.33 -24.93 -9.08
CA CYS E 113 -56.10 -25.89 -8.28
C CYS E 113 -56.31 -25.41 -6.84
N HIS E 114 -57.41 -25.91 -6.26
CA HIS E 114 -57.74 -25.66 -4.87
C HIS E 114 -57.38 -26.88 -4.02
N ASP E 115 -56.86 -26.65 -2.81
CA ASP E 115 -56.44 -27.77 -1.95
C ASP E 115 -57.35 -28.01 -0.75
N GLY E 116 -58.49 -27.35 -0.74
CA GLY E 116 -59.36 -27.32 0.45
C GLY E 116 -59.18 -26.01 1.19
N LYS E 117 -57.95 -25.51 1.30
CA LYS E 117 -57.70 -24.26 2.02
C LYS E 117 -57.46 -23.03 1.12
N GLU E 118 -56.75 -23.20 0.01
CA GLU E 118 -56.42 -22.06 -0.83
C GLU E 118 -56.12 -22.44 -2.30
N TRP E 119 -56.18 -21.43 -3.17
CA TRP E 119 -55.90 -21.60 -4.60
C TRP E 119 -54.41 -21.60 -4.89
N THR E 120 -53.98 -22.58 -5.66
CA THR E 120 -52.62 -22.53 -6.23
C THR E 120 -52.77 -22.13 -7.71
N TYR E 121 -52.02 -21.14 -8.16
CA TYR E 121 -52.05 -20.76 -9.57
C TYR E 121 -50.69 -20.93 -10.21
N ILE E 122 -50.66 -21.61 -11.36
CA ILE E 122 -49.42 -21.91 -12.06
C ILE E 122 -49.37 -21.21 -13.40
N GLY E 123 -48.25 -20.56 -13.66
CA GLY E 123 -48.03 -19.83 -14.92
C GLY E 123 -46.58 -19.85 -15.38
N VAL E 124 -46.35 -20.36 -16.60
CA VAL E 124 -45.01 -20.37 -17.18
C VAL E 124 -44.92 -19.20 -18.14
N ASP E 125 -43.86 -18.40 -18.00
CA ASP E 125 -43.44 -17.49 -19.06
C ASP E 125 -41.91 -17.48 -19.17
N GLY E 126 -41.36 -16.52 -19.90
CA GLY E 126 -39.92 -16.48 -20.09
C GLY E 126 -39.45 -16.72 -21.55
N PRO E 127 -38.14 -16.55 -21.81
CA PRO E 127 -37.71 -16.81 -23.18
C PRO E 127 -37.92 -18.29 -23.52
N GLU E 128 -37.96 -18.59 -24.82
CA GLU E 128 -38.27 -19.94 -25.28
C GLU E 128 -37.24 -20.95 -24.79
N ASN E 129 -35.98 -20.52 -24.71
CA ASN E 129 -34.86 -21.40 -24.46
C ASN E 129 -34.49 -21.52 -22.97
N ASN E 130 -35.29 -20.87 -22.11
CA ASN E 130 -35.05 -20.79 -20.67
C ASN E 130 -36.27 -20.21 -19.98
N ALA E 131 -37.43 -20.69 -20.40
CA ALA E 131 -38.67 -20.31 -19.77
C ALA E 131 -38.64 -20.62 -18.27
N LEU E 132 -39.73 -20.25 -17.56
CA LEU E 132 -39.80 -20.30 -16.10
C LEU E 132 -41.21 -20.53 -15.58
N LEU E 133 -41.38 -21.59 -14.81
CA LEU E 133 -42.67 -21.86 -14.26
C LEU E 133 -42.71 -21.13 -12.93
N LYS E 134 -43.82 -20.41 -12.71
CA LYS E 134 -44.03 -19.63 -11.53
C LYS E 134 -45.26 -20.13 -10.80
N ILE E 135 -45.17 -20.08 -9.47
CA ILE E 135 -46.27 -20.51 -8.57
C ILE E 135 -46.67 -19.37 -7.64
N LYS E 136 -47.99 -19.15 -7.57
CA LYS E 136 -48.65 -18.12 -6.73
C LYS E 136 -49.69 -18.84 -5.85
N TYR E 137 -49.61 -18.63 -4.54
CA TYR E 137 -50.52 -19.28 -3.60
C TYR E 137 -51.43 -18.20 -3.05
N GLY E 138 -52.70 -18.24 -3.46
CA GLY E 138 -53.59 -17.13 -3.18
C GLY E 138 -52.98 -15.88 -3.77
N GLU E 139 -52.54 -14.96 -2.91
CA GLU E 139 -52.00 -13.67 -3.34
C GLU E 139 -50.47 -13.66 -3.48
N ALA E 140 -49.80 -14.55 -2.75
CA ALA E 140 -48.33 -14.60 -2.73
C ALA E 140 -47.68 -15.38 -3.87
N TYR E 141 -46.64 -14.79 -4.43
CA TYR E 141 -45.74 -15.54 -5.31
C TYR E 141 -44.77 -16.31 -4.43
N THR E 142 -44.78 -17.64 -4.56
CA THR E 142 -44.15 -18.56 -3.56
C THR E 142 -42.92 -19.35 -3.99
N ASP E 143 -42.81 -19.65 -5.29
CA ASP E 143 -41.80 -20.59 -5.82
C ASP E 143 -41.68 -20.53 -7.35
N THR E 144 -40.61 -21.14 -7.89
CA THR E 144 -40.47 -21.32 -9.33
C THR E 144 -39.69 -22.57 -9.59
N TYR E 145 -39.76 -23.03 -10.84
CA TYR E 145 -39.09 -24.20 -11.31
C TYR E 145 -38.56 -23.80 -12.67
N HIS E 146 -37.34 -24.26 -12.97
CA HIS E 146 -36.60 -23.79 -14.15
C HIS E 146 -36.65 -24.76 -15.32
N SER E 147 -36.54 -24.21 -16.51
CA SER E 147 -36.40 -25.00 -17.74
C SER E 147 -35.27 -25.99 -17.61
N TYR E 148 -35.54 -27.24 -17.97
CA TYR E 148 -34.54 -28.34 -17.87
C TYR E 148 -34.16 -29.00 -19.20
N ALA E 149 -35.00 -28.83 -20.23
CA ALA E 149 -34.59 -29.22 -21.57
C ALA E 149 -34.40 -28.03 -22.50
N ASN E 150 -34.26 -26.83 -21.92
CA ASN E 150 -34.06 -25.59 -22.70
C ASN E 150 -34.83 -25.48 -24.06
N ASN E 151 -36.03 -26.04 -24.11
CA ASN E 151 -36.93 -25.82 -25.26
C ASN E 151 -38.37 -25.73 -24.83
N ILE E 152 -38.80 -24.55 -24.42
CA ILE E 152 -40.21 -24.21 -24.11
C ILE E 152 -40.77 -25.08 -22.98
N LEU E 153 -40.38 -24.72 -21.76
CA LEU E 153 -40.98 -25.30 -20.57
C LEU E 153 -42.47 -24.99 -20.57
N ARG E 154 -43.26 -26.07 -20.54
CA ARG E 154 -44.71 -26.06 -20.64
C ARG E 154 -45.41 -26.74 -19.45
N THR E 155 -46.68 -26.38 -19.19
CA THR E 155 -47.48 -27.11 -18.22
C THR E 155 -48.86 -27.57 -18.75
N GLN E 156 -49.72 -28.09 -17.86
CA GLN E 156 -50.91 -28.86 -18.29
C GLN E 156 -51.91 -28.18 -19.18
N GLU E 157 -52.02 -26.85 -19.11
CA GLU E 157 -53.16 -26.17 -19.74
C GLU E 157 -54.54 -26.59 -19.15
N SER E 158 -54.52 -27.25 -17.99
CA SER E 158 -55.71 -27.51 -17.16
C SER E 158 -55.44 -27.68 -15.66
N ALA E 159 -56.50 -27.90 -14.88
CA ALA E 159 -56.46 -28.04 -13.42
C ALA E 159 -55.44 -29.02 -12.90
N CYS E 160 -54.64 -28.61 -11.91
CA CYS E 160 -53.78 -29.54 -11.17
C CYS E 160 -54.65 -30.30 -10.16
N ASN E 161 -54.07 -31.16 -9.33
CA ASN E 161 -54.90 -32.04 -8.47
C ASN E 161 -54.32 -32.15 -7.13
N CYS E 162 -55.09 -31.80 -6.13
CA CYS E 162 -54.56 -31.77 -4.79
C CYS E 162 -55.16 -32.83 -3.93
N ILE E 163 -54.32 -33.44 -3.10
CA ILE E 163 -54.80 -34.47 -2.19
C ILE E 163 -54.06 -34.27 -0.88
N GLY E 164 -54.80 -34.15 0.22
CA GLY E 164 -54.21 -33.89 1.52
C GLY E 164 -53.20 -32.77 1.47
N GLY E 165 -53.47 -31.80 0.61
CA GLY E 165 -52.67 -30.59 0.60
C GLY E 165 -51.46 -30.66 -0.28
N ASN E 166 -51.29 -31.78 -0.96
CA ASN E 166 -50.23 -31.91 -1.97
C ASN E 166 -50.81 -31.81 -3.36
N CYS E 167 -50.54 -30.71 -4.03
CA CYS E 167 -50.92 -30.57 -5.43
C CYS E 167 -49.84 -31.14 -6.39
N TYR E 168 -50.29 -31.96 -7.32
CA TYR E 168 -49.45 -32.63 -8.29
C TYR E 168 -49.63 -32.02 -9.72
N LEU E 169 -48.53 -31.65 -10.36
CA LEU E 169 -48.62 -30.91 -11.63
C LEU E 169 -47.69 -31.48 -12.70
N MET E 170 -48.24 -31.86 -13.87
CA MET E 170 -47.39 -32.19 -14.99
C MET E 170 -46.71 -30.94 -15.56
N ILE E 171 -45.43 -31.07 -15.90
CA ILE E 171 -44.67 -30.05 -16.64
C ILE E 171 -43.90 -30.80 -17.69
N THR E 172 -43.65 -30.15 -18.84
CA THR E 172 -42.86 -30.79 -19.91
C THR E 172 -41.94 -29.78 -20.54
N ASP E 173 -40.88 -30.29 -21.13
CA ASP E 173 -39.86 -29.45 -21.70
C ASP E 173 -39.27 -30.27 -22.85
N GLY E 174 -39.16 -29.64 -24.01
CA GLY E 174 -38.57 -30.34 -25.13
C GLY E 174 -39.14 -29.92 -26.47
N SER E 175 -38.64 -30.53 -27.52
CA SER E 175 -39.02 -30.08 -28.84
C SER E 175 -40.45 -30.46 -29.12
N ALA E 176 -41.08 -29.69 -30.01
CA ALA E 176 -42.43 -30.02 -30.43
C ALA E 176 -42.48 -31.21 -31.43
N SER E 177 -41.33 -31.58 -31.98
CA SER E 177 -41.26 -32.52 -33.10
C SER E 177 -40.18 -33.55 -32.80
N GLY E 178 -39.84 -33.62 -31.50
CA GLY E 178 -38.83 -34.53 -30.97
C GLY E 178 -39.15 -34.85 -29.51
N ILE E 179 -38.09 -35.19 -28.76
CA ILE E 179 -38.20 -35.59 -27.37
C ILE E 179 -38.76 -34.46 -26.49
N SER E 180 -39.84 -34.74 -25.78
CA SER E 180 -40.33 -33.83 -24.75
C SER E 180 -40.63 -34.60 -23.49
N GLU E 181 -39.58 -35.12 -22.87
CA GLU E 181 -39.71 -35.84 -21.60
C GLU E 181 -40.38 -34.98 -20.50
N CYS E 182 -41.56 -35.36 -20.05
CA CYS E 182 -42.24 -34.66 -18.93
C CYS E 182 -41.78 -35.05 -17.48
N ARG E 183 -42.34 -34.31 -16.53
CA ARG E 183 -42.02 -34.40 -15.13
C ARG E 183 -43.24 -34.02 -14.37
N PHE E 184 -43.31 -34.45 -13.12
CA PHE E 184 -44.38 -34.01 -12.23
C PHE E 184 -43.82 -33.24 -11.06
N LEU E 185 -44.47 -32.18 -10.68
CA LEU E 185 -44.08 -31.43 -9.49
C LEU E 185 -45.10 -31.76 -8.41
N LYS E 186 -44.63 -31.87 -7.16
CA LYS E 186 -45.50 -32.04 -6.01
C LYS E 186 -45.37 -30.72 -5.25
N ILE E 187 -46.52 -30.08 -5.04
CA ILE E 187 -46.54 -28.71 -4.55
C ILE E 187 -47.35 -28.59 -3.24
N ARG E 188 -46.74 -28.03 -2.20
CA ARG E 188 -47.47 -27.88 -0.94
C ARG E 188 -47.47 -26.44 -0.49
N GLU E 189 -48.66 -25.87 -0.34
CA GLU E 189 -48.78 -24.47 0.04
C GLU E 189 -47.89 -23.57 -0.86
N GLY E 190 -47.92 -23.91 -2.15
CA GLY E 190 -47.29 -23.11 -3.18
C GLY E 190 -45.84 -23.31 -3.38
N ARG E 191 -45.29 -24.32 -2.69
CA ARG E 191 -43.84 -24.57 -2.75
C ARG E 191 -43.59 -26.00 -3.17
N ILE E 192 -42.59 -26.17 -4.01
CA ILE E 192 -42.26 -27.45 -4.57
C ILE E 192 -41.49 -28.33 -3.57
N ILE E 193 -42.04 -29.52 -3.26
CA ILE E 193 -41.43 -30.37 -2.24
C ILE E 193 -40.90 -31.69 -2.79
N LYS E 194 -41.18 -31.96 -4.07
CA LYS E 194 -40.61 -33.13 -4.74
C LYS E 194 -40.67 -33.06 -6.29
N GLU E 195 -39.60 -33.50 -6.94
CA GLU E 195 -39.62 -33.76 -8.38
C GLU E 195 -39.83 -35.25 -8.62
N ILE E 196 -40.82 -35.60 -9.42
CA ILE E 196 -41.13 -36.98 -9.72
C ILE E 196 -40.77 -37.17 -11.20
N PHE E 197 -39.85 -38.11 -11.45
CA PHE E 197 -39.39 -38.46 -12.80
C PHE E 197 -40.06 -39.74 -13.28
N PRO E 198 -40.99 -39.63 -14.25
CA PRO E 198 -41.73 -40.83 -14.64
C PRO E 198 -40.85 -41.82 -15.42
N THR E 199 -41.33 -43.06 -15.53
CA THR E 199 -40.60 -44.17 -16.14
C THR E 199 -41.51 -44.77 -17.20
N GLY E 200 -40.95 -45.65 -18.07
CA GLY E 200 -41.73 -46.26 -19.16
C GLY E 200 -41.65 -45.46 -20.48
N ARG E 201 -42.79 -45.30 -21.14
CA ARG E 201 -42.82 -44.56 -22.40
C ARG E 201 -42.79 -43.06 -22.13
N VAL E 202 -41.60 -42.46 -22.19
CA VAL E 202 -41.41 -41.06 -21.73
C VAL E 202 -40.86 -40.24 -22.90
N LYS E 203 -40.86 -40.87 -24.06
CA LYS E 203 -40.36 -40.29 -25.32
C LYS E 203 -40.95 -38.88 -25.53
N HIS E 204 -42.26 -38.73 -25.36
CA HIS E 204 -42.89 -37.43 -25.58
C HIS E 204 -44.30 -37.37 -24.97
N THR E 205 -44.48 -36.45 -24.03
CA THR E 205 -45.71 -36.34 -23.27
C THR E 205 -45.84 -34.85 -22.95
N GLU E 206 -47.01 -34.29 -23.25
CA GLU E 206 -47.30 -32.89 -22.99
C GLU E 206 -48.81 -32.64 -22.83
N GLU E 207 -49.17 -31.59 -22.11
CA GLU E 207 -50.59 -31.28 -21.84
C GLU E 207 -51.42 -32.43 -21.29
N CYS E 208 -50.97 -32.97 -20.17
CA CYS E 208 -51.70 -34.03 -19.50
C CYS E 208 -52.95 -33.52 -18.90
N THR E 209 -54.03 -34.24 -19.14
CA THR E 209 -55.29 -33.91 -18.52
C THR E 209 -55.40 -34.93 -17.42
N CYS E 210 -55.03 -34.50 -16.22
CA CYS E 210 -54.99 -35.41 -15.09
C CYS E 210 -56.21 -35.34 -14.20
N GLY E 211 -56.57 -36.48 -13.60
CA GLY E 211 -57.62 -36.57 -12.58
C GLY E 211 -57.29 -37.67 -11.57
N PHE E 212 -58.01 -37.74 -10.45
CA PHE E 212 -57.87 -38.80 -9.46
C PHE E 212 -58.68 -39.99 -9.86
N ALA E 213 -58.01 -41.07 -10.16
CA ALA E 213 -58.71 -42.34 -10.34
C ALA E 213 -59.09 -42.92 -8.98
N SER E 214 -58.41 -42.47 -7.94
CA SER E 214 -58.76 -42.83 -6.57
C SER E 214 -57.85 -42.06 -5.63
N ASN E 215 -57.95 -42.36 -4.33
CA ASN E 215 -57.06 -41.75 -3.32
C ASN E 215 -55.62 -42.08 -3.56
N LYS E 216 -55.31 -43.21 -4.20
CA LYS E 216 -53.90 -43.61 -4.40
C LYS E 216 -53.30 -43.18 -5.75
N THR E 217 -54.13 -42.91 -6.76
CA THR E 217 -53.67 -42.77 -8.15
C THR E 217 -54.25 -41.55 -8.92
N ILE E 218 -53.36 -40.68 -9.38
CA ILE E 218 -53.67 -39.74 -10.44
C ILE E 218 -53.41 -40.43 -11.79
N GLU E 219 -54.30 -40.22 -12.75
CA GLU E 219 -54.09 -40.72 -14.11
C GLU E 219 -54.22 -39.56 -15.10
N CYS E 220 -53.40 -39.55 -16.13
CA CYS E 220 -53.49 -38.46 -17.12
C CYS E 220 -53.52 -38.98 -18.52
N ALA E 221 -54.29 -38.30 -19.37
CA ALA E 221 -54.29 -38.56 -20.81
C ALA E 221 -53.62 -37.37 -21.51
N CYS E 222 -52.50 -37.63 -22.18
CA CYS E 222 -51.67 -36.55 -22.69
C CYS E 222 -51.51 -36.51 -24.23
N ARG E 223 -50.68 -35.59 -24.69
CA ARG E 223 -50.49 -35.34 -26.10
C ARG E 223 -49.07 -35.74 -26.45
N ASP E 224 -48.94 -36.56 -27.49
CA ASP E 224 -47.68 -36.73 -28.17
C ASP E 224 -47.82 -35.98 -29.50
N ASN E 225 -46.95 -34.98 -29.68
CA ASN E 225 -46.95 -34.11 -30.84
C ASN E 225 -45.97 -34.58 -31.97
N SER E 226 -45.17 -35.63 -31.70
CA SER E 226 -44.19 -36.16 -32.66
C SER E 226 -44.53 -37.54 -33.26
N TYR E 227 -44.88 -38.48 -32.40
CA TYR E 227 -44.66 -39.88 -32.75
C TYR E 227 -45.88 -40.73 -32.99
N THR E 228 -46.99 -40.43 -32.30
CA THR E 228 -48.15 -41.31 -32.32
C THR E 228 -49.41 -40.52 -32.14
N ALA E 229 -50.53 -41.07 -32.63
CA ALA E 229 -51.85 -40.52 -32.38
C ALA E 229 -52.54 -41.19 -31.21
N LYS E 230 -51.87 -42.14 -30.55
CA LYS E 230 -52.35 -42.68 -29.28
C LYS E 230 -52.00 -41.66 -28.25
N ARG E 231 -52.84 -41.49 -27.26
CA ARG E 231 -52.48 -40.64 -26.15
C ARG E 231 -51.54 -41.40 -25.21
N PRO E 232 -50.46 -40.75 -24.78
CA PRO E 232 -49.72 -41.23 -23.64
C PRO E 232 -50.61 -41.26 -22.39
N PHE E 233 -50.62 -42.36 -21.67
CA PHE E 233 -51.47 -42.41 -20.50
C PHE E 233 -50.63 -42.57 -19.25
N VAL E 234 -50.55 -41.52 -18.45
CA VAL E 234 -49.79 -41.52 -17.20
C VAL E 234 -50.57 -42.08 -16.01
N LYS E 235 -49.91 -42.91 -15.20
CA LYS E 235 -50.46 -43.39 -13.90
C LYS E 235 -49.49 -43.06 -12.79
N LEU E 236 -49.95 -42.21 -11.86
CA LEU E 236 -49.13 -41.65 -10.77
C LEU E 236 -49.64 -42.19 -9.45
N ASN E 237 -48.77 -42.85 -8.71
CA ASN E 237 -49.07 -43.25 -7.35
C ASN E 237 -48.70 -42.06 -6.42
N VAL E 238 -49.73 -41.45 -5.84
CA VAL E 238 -49.49 -40.34 -4.91
C VAL E 238 -49.05 -40.79 -3.49
N GLU E 239 -49.03 -42.10 -3.22
CA GLU E 239 -48.54 -42.60 -1.93
C GLU E 239 -47.04 -42.85 -1.90
N THR E 240 -46.48 -43.29 -3.03
CA THR E 240 -45.02 -43.47 -3.16
C THR E 240 -44.36 -42.40 -4.03
N ASP E 241 -45.19 -41.55 -4.64
CA ASP E 241 -44.71 -40.50 -5.55
C ASP E 241 -43.88 -41.10 -6.71
N THR E 242 -44.50 -42.05 -7.40
CA THR E 242 -43.89 -42.73 -8.52
C THR E 242 -44.83 -42.65 -9.72
N ALA E 243 -44.28 -42.39 -10.89
CA ALA E 243 -45.07 -42.22 -12.11
C ALA E 243 -44.61 -43.15 -13.22
N GLU E 244 -45.56 -43.70 -13.96
CA GLU E 244 -45.29 -44.57 -15.09
C GLU E 244 -46.14 -44.12 -16.28
N ILE E 245 -45.61 -44.23 -17.49
CA ILE E 245 -46.31 -43.75 -18.69
C ILE E 245 -46.25 -44.77 -19.82
N ARG E 246 -47.39 -45.09 -20.40
CA ARG E 246 -47.48 -45.93 -21.62
C ARG E 246 -48.62 -45.44 -22.50
N LEU E 247 -48.48 -45.68 -23.81
CA LEU E 247 -49.54 -45.36 -24.75
C LEU E 247 -50.85 -46.04 -24.41
N MET E 248 -51.94 -45.36 -24.74
CA MET E 248 -53.26 -45.96 -24.63
C MET E 248 -53.47 -46.97 -25.76
N CYS E 249 -53.76 -48.22 -25.39
CA CYS E 249 -53.82 -49.35 -26.31
C CYS E 249 -55.07 -49.42 -27.17
N THR E 250 -56.14 -48.72 -26.78
CA THR E 250 -57.44 -48.71 -27.47
C THR E 250 -57.39 -48.35 -28.96
N GLU E 251 -58.29 -48.95 -29.73
CA GLU E 251 -58.34 -48.66 -31.15
C GLU E 251 -58.95 -47.30 -31.43
N THR E 252 -59.62 -46.73 -30.42
CA THR E 252 -60.28 -45.46 -30.52
C THR E 252 -59.26 -44.36 -30.20
N TYR E 253 -58.41 -44.06 -31.18
CA TYR E 253 -57.33 -43.07 -31.00
C TYR E 253 -57.95 -41.71 -30.74
N LEU E 254 -57.45 -41.03 -29.70
CA LEU E 254 -58.07 -39.83 -29.14
C LEU E 254 -57.38 -38.54 -29.54
N ASP E 255 -56.20 -38.65 -30.13
CA ASP E 255 -55.48 -37.48 -30.64
C ASP E 255 -55.98 -37.00 -31.98
N THR E 256 -55.48 -35.83 -32.40
CA THR E 256 -55.78 -35.24 -33.71
C THR E 256 -54.56 -34.52 -34.22
N PRO E 257 -54.07 -34.87 -35.44
CA PRO E 257 -54.64 -35.86 -36.36
C PRO E 257 -54.48 -37.25 -35.84
N ARG E 258 -55.14 -38.20 -36.52
CA ARG E 258 -55.07 -39.64 -36.25
C ARG E 258 -55.46 -40.41 -37.51
N PRO E 259 -55.04 -41.69 -37.60
CA PRO E 259 -55.49 -42.53 -38.70
C PRO E 259 -56.84 -43.15 -38.37
N ASP E 260 -57.27 -44.17 -39.13
CA ASP E 260 -58.49 -44.87 -38.76
C ASP E 260 -58.32 -45.67 -37.46
N ASP E 261 -59.41 -45.76 -36.72
CA ASP E 261 -59.46 -46.54 -35.51
C ASP E 261 -59.03 -47.98 -35.84
N GLY E 262 -58.19 -48.57 -35.00
CA GLY E 262 -57.74 -49.98 -35.13
C GLY E 262 -56.73 -50.25 -36.24
N SER E 263 -56.32 -49.20 -36.95
CA SER E 263 -55.46 -49.37 -38.12
C SER E 263 -53.99 -49.32 -37.77
N ILE E 264 -53.68 -48.96 -36.54
CA ILE E 264 -52.27 -49.00 -36.12
C ILE E 264 -51.99 -50.44 -35.69
N THR E 265 -51.21 -51.11 -36.55
CA THR E 265 -50.92 -52.54 -36.42
C THR E 265 -49.81 -52.80 -35.41
N GLY E 266 -49.83 -53.99 -34.82
CA GLY E 266 -48.85 -54.33 -33.78
C GLY E 266 -49.45 -54.35 -32.38
N PRO E 267 -48.61 -54.59 -31.36
CA PRO E 267 -49.12 -54.61 -29.97
C PRO E 267 -49.42 -53.21 -29.45
N CYS E 268 -49.75 -53.10 -28.16
CA CYS E 268 -50.15 -51.82 -27.54
C CYS E 268 -49.14 -50.68 -27.62
N GLU E 269 -47.86 -51.04 -27.80
CA GLU E 269 -46.81 -50.00 -27.86
C GLU E 269 -46.53 -49.38 -29.25
N SER E 270 -47.17 -49.90 -30.30
CA SER E 270 -46.87 -49.41 -31.66
C SER E 270 -47.27 -47.95 -31.83
N ASN E 271 -46.39 -47.16 -32.45
CA ASN E 271 -46.67 -45.74 -32.66
C ASN E 271 -47.97 -45.40 -33.43
N GLY E 272 -48.11 -45.66 -34.74
CA GLY E 272 -47.06 -45.74 -35.73
C GLY E 272 -47.32 -44.51 -36.62
N ASP E 273 -48.47 -44.49 -37.32
CA ASP E 273 -48.72 -43.44 -38.36
C ASP E 273 -49.62 -42.21 -38.00
N LYS E 274 -49.33 -41.08 -38.66
CA LYS E 274 -50.05 -39.81 -38.52
C LYS E 274 -49.87 -39.17 -37.14
N GLY E 275 -48.80 -39.60 -36.44
CA GLY E 275 -48.52 -39.22 -35.07
C GLY E 275 -48.01 -37.81 -34.82
N SER E 276 -47.48 -37.15 -35.84
CA SER E 276 -47.00 -35.76 -35.67
C SER E 276 -48.19 -34.80 -35.65
N GLY E 277 -48.04 -33.65 -35.00
CA GLY E 277 -49.22 -32.83 -34.61
C GLY E 277 -49.94 -33.46 -33.41
N GLY E 278 -50.98 -32.80 -32.91
CA GLY E 278 -51.63 -33.28 -31.69
C GLY E 278 -52.74 -32.35 -31.29
N ILE E 279 -53.32 -32.66 -30.13
CA ILE E 279 -54.35 -31.81 -29.45
C ILE E 279 -54.54 -32.21 -27.98
N LYS E 280 -54.71 -31.22 -27.11
CA LYS E 280 -55.01 -31.49 -25.71
C LYS E 280 -56.37 -32.14 -25.68
N GLY E 281 -56.56 -33.12 -24.79
CA GLY E 281 -57.77 -33.95 -24.82
C GLY E 281 -58.48 -34.13 -23.49
N GLY E 282 -59.80 -34.04 -23.53
CA GLY E 282 -60.62 -34.23 -22.34
C GLY E 282 -60.46 -35.61 -21.71
N PHE E 283 -60.74 -35.67 -20.41
CA PHE E 283 -60.51 -36.89 -19.67
C PHE E 283 -60.85 -36.59 -18.27
N VAL E 284 -61.74 -37.42 -17.73
CA VAL E 284 -62.24 -37.22 -16.38
C VAL E 284 -62.68 -38.58 -15.80
N HIS E 285 -62.64 -38.70 -14.48
CA HIS E 285 -62.96 -39.94 -13.81
C HIS E 285 -64.36 -39.91 -13.20
N GLN E 286 -65.07 -41.02 -13.34
CA GLN E 286 -66.26 -41.32 -12.57
C GLN E 286 -65.90 -42.44 -11.56
N ARG E 287 -65.62 -42.08 -10.30
CA ARG E 287 -65.32 -43.07 -9.24
C ARG E 287 -66.58 -43.63 -8.57
N MET E 288 -66.84 -44.91 -8.75
CA MET E 288 -67.94 -45.59 -8.07
C MET E 288 -67.39 -46.58 -7.03
N ALA E 289 -68.27 -47.07 -6.14
CA ALA E 289 -67.79 -47.91 -5.01
C ALA E 289 -66.77 -48.94 -5.46
N SER E 290 -67.19 -49.81 -6.38
CA SER E 290 -66.34 -50.88 -6.90
C SER E 290 -66.21 -50.84 -8.43
N LYS E 291 -66.19 -49.64 -9.03
CA LYS E 291 -66.09 -49.50 -10.47
C LYS E 291 -65.55 -48.13 -10.84
N ILE E 292 -64.69 -48.08 -11.84
CA ILE E 292 -64.25 -46.79 -12.36
C ILE E 292 -64.57 -46.59 -13.85
N GLY E 293 -65.27 -45.52 -14.14
CA GLY E 293 -65.48 -45.11 -15.53
C GLY E 293 -64.42 -44.14 -15.96
N ARG E 294 -64.04 -44.21 -17.21
CA ARG E 294 -63.10 -43.23 -17.75
C ARG E 294 -63.76 -42.58 -18.94
N TRP E 295 -63.93 -41.28 -18.85
CA TRP E 295 -64.63 -40.57 -19.90
C TRP E 295 -63.59 -39.81 -20.64
N TYR E 296 -63.71 -39.76 -21.96
CA TYR E 296 -62.75 -39.02 -22.80
C TYR E 296 -63.52 -38.24 -23.85
N SER E 297 -62.90 -37.26 -24.46
CA SER E 297 -63.40 -36.67 -25.70
C SER E 297 -62.33 -36.67 -26.81
N ARG E 298 -62.81 -36.64 -28.06
CA ARG E 298 -61.93 -36.41 -29.20
C ARG E 298 -62.69 -35.78 -30.34
N THR E 299 -61.97 -34.99 -31.14
CA THR E 299 -62.55 -34.31 -32.31
C THR E 299 -63.39 -35.26 -33.16
N MET E 300 -64.43 -34.73 -33.77
CA MET E 300 -65.30 -35.49 -34.66
C MET E 300 -64.54 -35.81 -35.93
N SER E 301 -63.70 -34.88 -36.38
CA SER E 301 -62.87 -35.07 -37.58
C SER E 301 -61.52 -35.68 -37.20
N LYS E 302 -61.03 -36.50 -38.11
CA LYS E 302 -59.76 -37.15 -37.91
C LYS E 302 -58.53 -36.24 -38.08
N THR E 303 -58.65 -35.15 -38.82
CA THR E 303 -57.46 -34.30 -39.13
C THR E 303 -57.57 -32.86 -38.66
N LYS E 304 -58.79 -32.45 -38.40
CA LYS E 304 -59.08 -31.07 -38.11
C LYS E 304 -59.71 -30.85 -36.71
N ARG E 305 -59.58 -29.64 -36.23
CA ARG E 305 -60.12 -29.30 -34.92
C ARG E 305 -61.60 -28.89 -34.99
N MET E 306 -62.42 -29.84 -35.47
CA MET E 306 -63.83 -29.67 -35.70
C MET E 306 -64.59 -30.78 -34.98
N GLY E 307 -65.63 -30.38 -34.24
CA GLY E 307 -66.46 -31.29 -33.49
C GLY E 307 -65.78 -31.91 -32.29
N MET E 308 -66.59 -32.42 -31.38
CA MET E 308 -66.08 -33.13 -30.23
C MET E 308 -67.06 -34.21 -29.83
N GLY E 309 -66.56 -35.43 -29.70
CA GLY E 309 -67.41 -36.55 -29.27
C GLY E 309 -67.03 -37.01 -27.88
N LEU E 310 -67.96 -37.67 -27.18
CA LEU E 310 -67.69 -38.11 -25.82
C LEU E 310 -67.61 -39.61 -25.87
N TYR E 311 -66.58 -40.18 -25.25
CA TYR E 311 -66.39 -41.64 -25.22
C TYR E 311 -66.21 -42.10 -23.79
N VAL E 312 -66.41 -43.40 -23.57
CA VAL E 312 -66.33 -43.96 -22.21
C VAL E 312 -65.98 -45.44 -22.15
N LYS E 313 -65.24 -45.79 -21.09
CA LYS E 313 -64.95 -47.20 -20.76
C LYS E 313 -64.91 -47.42 -19.25
N TYR E 314 -65.49 -48.53 -18.82
CA TYR E 314 -65.57 -48.84 -17.41
C TYR E 314 -64.52 -49.93 -17.06
N ASP E 315 -63.70 -49.68 -16.05
CA ASP E 315 -62.66 -50.64 -15.61
C ASP E 315 -61.69 -51.04 -16.70
N GLY E 316 -60.88 -52.05 -16.41
CA GLY E 316 -59.85 -52.51 -17.31
C GLY E 316 -58.60 -51.72 -17.10
N ASP E 317 -57.57 -52.03 -17.89
CA ASP E 317 -56.30 -51.30 -17.86
C ASP E 317 -56.21 -50.59 -19.21
N PRO E 318 -56.18 -49.23 -19.21
CA PRO E 318 -56.09 -48.54 -20.53
C PRO E 318 -54.78 -48.80 -21.20
N TRP E 319 -53.83 -49.35 -20.45
CA TRP E 319 -52.49 -49.62 -21.02
C TRP E 319 -52.44 -50.86 -21.87
N THR E 320 -53.48 -51.70 -21.80
CA THR E 320 -53.50 -53.01 -22.45
C THR E 320 -54.77 -53.31 -23.28
N ASP E 321 -55.91 -52.74 -22.90
CA ASP E 321 -57.18 -52.92 -23.60
C ASP E 321 -57.20 -52.28 -24.99
N SER E 322 -57.33 -53.10 -26.03
CA SER E 322 -57.44 -52.59 -27.41
C SER E 322 -58.91 -52.37 -27.76
N ASP E 323 -59.78 -52.84 -26.88
CA ASP E 323 -61.21 -52.70 -27.08
C ASP E 323 -61.54 -51.26 -27.44
N ALA E 324 -62.47 -51.11 -28.38
CA ALA E 324 -62.96 -49.80 -28.78
C ALA E 324 -63.56 -49.15 -27.57
N LEU E 325 -63.42 -47.84 -27.49
CA LEU E 325 -64.08 -47.02 -26.50
C LEU E 325 -65.52 -46.83 -26.96
N ALA E 326 -66.47 -46.79 -26.01
CA ALA E 326 -67.89 -46.65 -26.35
C ALA E 326 -68.17 -45.18 -26.70
N LEU E 327 -68.70 -44.96 -27.90
CA LEU E 327 -69.13 -43.61 -28.30
C LEU E 327 -70.39 -43.25 -27.54
N SER E 328 -70.31 -42.17 -26.77
CA SER E 328 -71.40 -41.79 -25.84
C SER E 328 -72.32 -40.68 -26.35
N GLY E 329 -71.77 -39.74 -27.11
CA GLY E 329 -72.52 -38.70 -27.79
C GLY E 329 -71.71 -37.63 -28.49
N VAL E 330 -72.33 -36.95 -29.45
CA VAL E 330 -71.72 -35.81 -30.13
C VAL E 330 -71.98 -34.52 -29.34
N MET E 331 -70.92 -33.97 -28.78
CA MET E 331 -70.96 -32.74 -27.96
C MET E 331 -70.92 -31.49 -28.82
N VAL E 332 -70.06 -31.50 -29.83
CA VAL E 332 -69.97 -30.42 -30.78
C VAL E 332 -69.99 -31.08 -32.15
N SER E 333 -70.93 -30.68 -33.00
CA SER E 333 -71.04 -31.28 -34.33
C SER E 333 -69.83 -30.94 -35.19
N MET E 334 -69.60 -31.77 -36.20
CA MET E 334 -68.54 -31.56 -37.19
C MET E 334 -68.52 -30.15 -37.81
N GLU E 335 -69.62 -29.42 -37.72
CA GLU E 335 -69.67 -28.09 -38.34
C GLU E 335 -69.12 -26.99 -37.45
N GLU E 336 -68.89 -27.29 -36.16
CA GLU E 336 -68.42 -26.29 -35.19
C GLU E 336 -66.99 -26.60 -34.78
N PRO E 337 -66.26 -25.59 -34.29
CA PRO E 337 -64.90 -25.81 -33.86
C PRO E 337 -64.83 -26.61 -32.55
N GLY E 338 -63.89 -27.57 -32.52
CA GLY E 338 -63.54 -28.33 -31.34
C GLY E 338 -62.05 -28.36 -31.23
N TRP E 339 -61.49 -27.44 -30.45
CA TRP E 339 -60.09 -27.42 -30.20
C TRP E 339 -59.83 -28.19 -28.89
N TYR E 340 -59.05 -27.59 -27.98
CA TYR E 340 -58.63 -28.22 -26.73
C TYR E 340 -59.81 -28.76 -25.91
N SER E 341 -59.62 -29.85 -25.20
CA SER E 341 -60.63 -30.21 -24.20
C SER E 341 -60.00 -30.67 -22.90
N PHE E 342 -60.73 -30.61 -21.81
CA PHE E 342 -60.13 -30.80 -20.48
C PHE E 342 -61.20 -31.36 -19.55
N GLY E 343 -60.76 -31.97 -18.47
CA GLY E 343 -61.68 -32.48 -17.45
C GLY E 343 -61.60 -31.67 -16.16
N PHE E 344 -62.70 -31.74 -15.39
CA PHE E 344 -62.77 -31.15 -14.04
C PHE E 344 -63.94 -31.71 -13.25
N GLU E 345 -63.93 -31.40 -11.97
CA GLU E 345 -64.92 -31.95 -11.06
C GLU E 345 -65.49 -30.82 -10.22
N ILE E 346 -66.83 -30.68 -10.24
CA ILE E 346 -67.55 -29.80 -9.37
C ILE E 346 -67.94 -30.55 -8.08
N LYS E 347 -67.89 -29.87 -6.94
CA LYS E 347 -68.16 -30.59 -5.69
C LYS E 347 -69.52 -30.32 -5.13
N ASP E 348 -70.34 -31.35 -5.18
CA ASP E 348 -71.64 -31.31 -4.57
C ASP E 348 -71.42 -31.51 -3.07
N LYS E 349 -72.50 -31.48 -2.30
CA LYS E 349 -72.41 -31.57 -0.85
C LYS E 349 -71.60 -32.77 -0.36
N LYS E 350 -71.90 -33.98 -0.89
CA LYS E 350 -71.16 -35.19 -0.44
C LYS E 350 -70.57 -36.05 -1.55
N CYS E 351 -70.59 -35.55 -2.80
CA CYS E 351 -69.98 -36.25 -3.93
C CYS E 351 -69.47 -35.34 -5.04
N ASP E 352 -68.53 -35.85 -5.85
CA ASP E 352 -67.89 -35.08 -6.90
C ASP E 352 -68.52 -35.29 -8.31
N VAL E 353 -68.80 -34.20 -9.02
CA VAL E 353 -69.47 -34.27 -10.34
C VAL E 353 -68.43 -34.08 -11.45
N PRO E 354 -68.16 -35.17 -12.18
CA PRO E 354 -67.16 -35.13 -13.24
C PRO E 354 -67.68 -34.39 -14.49
N CYS E 355 -66.85 -33.53 -15.05
CA CYS E 355 -67.26 -32.72 -16.18
C CYS E 355 -66.17 -32.64 -17.22
N ILE E 356 -66.53 -32.34 -18.47
CA ILE E 356 -65.54 -32.15 -19.54
C ILE E 356 -65.84 -30.83 -20.20
N GLY E 357 -64.89 -29.90 -20.18
CA GLY E 357 -65.03 -28.64 -20.92
C GLY E 357 -64.43 -28.69 -22.32
N ILE E 358 -64.95 -27.87 -23.24
CA ILE E 358 -64.42 -27.86 -24.59
C ILE E 358 -64.09 -26.45 -25.04
N GLU E 359 -62.82 -26.19 -25.35
CA GLU E 359 -62.39 -24.98 -25.99
C GLU E 359 -62.87 -24.94 -27.43
N MET E 360 -63.77 -24.03 -27.75
CA MET E 360 -64.35 -23.94 -29.11
C MET E 360 -63.86 -22.65 -29.74
N VAL E 361 -62.68 -22.70 -30.34
CA VAL E 361 -61.97 -21.50 -30.77
C VAL E 361 -62.64 -20.94 -31.99
N HIS E 362 -62.61 -19.60 -32.06
CA HIS E 362 -63.09 -18.81 -33.21
C HIS E 362 -61.86 -18.48 -33.99
N ASP E 363 -61.59 -19.26 -35.06
CA ASP E 363 -60.38 -19.09 -35.91
C ASP E 363 -60.74 -18.49 -37.28
N GLY E 364 -60.18 -17.32 -37.56
CA GLY E 364 -60.35 -16.66 -38.88
C GLY E 364 -59.00 -16.34 -39.53
N GLY E 365 -57.97 -17.09 -39.15
CA GLY E 365 -56.59 -16.83 -39.63
C GLY E 365 -55.94 -15.68 -38.85
N LYS E 366 -54.65 -15.43 -39.10
CA LYS E 366 -53.92 -14.37 -38.38
C LYS E 366 -54.32 -12.90 -38.69
N GLU E 367 -55.10 -12.67 -39.75
CA GLU E 367 -55.50 -11.29 -40.15
C GLU E 367 -56.74 -10.74 -39.40
N THR E 368 -57.15 -11.44 -38.32
CA THR E 368 -58.25 -11.00 -37.43
C THR E 368 -58.03 -11.58 -36.02
N TRP E 369 -59.03 -11.41 -35.14
CA TRP E 369 -58.86 -11.81 -33.75
C TRP E 369 -58.94 -13.31 -33.61
N HIS E 370 -58.38 -13.81 -32.51
CA HIS E 370 -58.36 -15.26 -32.31
C HIS E 370 -58.65 -15.60 -30.85
N SER E 371 -59.88 -16.03 -30.58
CA SER E 371 -60.25 -16.43 -29.21
C SER E 371 -61.14 -17.68 -29.22
N ALA E 372 -61.67 -18.03 -28.05
CA ALA E 372 -62.41 -19.28 -27.85
C ALA E 372 -63.64 -19.11 -26.97
N ALA E 373 -64.65 -19.90 -27.23
CA ALA E 373 -65.75 -20.08 -26.30
C ALA E 373 -65.41 -21.29 -25.43
N THR E 374 -66.26 -21.60 -24.46
CA THR E 374 -66.09 -22.79 -23.63
C THR E 374 -67.41 -23.50 -23.44
N ALA E 375 -67.52 -24.73 -23.96
CA ALA E 375 -68.67 -25.59 -23.73
C ALA E 375 -68.45 -26.50 -22.51
N ILE E 376 -69.46 -26.66 -21.66
CA ILE E 376 -69.34 -27.58 -20.51
C ILE E 376 -70.37 -28.71 -20.54
N TYR E 377 -69.90 -29.95 -20.58
CA TYR E 377 -70.76 -31.11 -20.36
C TYR E 377 -70.44 -31.74 -18.98
N CYS E 378 -71.49 -32.07 -18.22
CA CYS E 378 -71.30 -32.80 -16.93
C CYS E 378 -72.16 -34.08 -16.82
N LEU E 379 -71.62 -35.03 -16.05
CA LEU E 379 -72.35 -36.21 -15.62
C LEU E 379 -73.57 -35.77 -14.84
N MET E 380 -74.73 -36.04 -15.41
CA MET E 380 -76.02 -35.71 -14.79
C MET E 380 -77.11 -36.63 -15.30
N GLY E 381 -77.68 -37.41 -14.37
CA GLY E 381 -78.86 -38.24 -14.62
C GLY E 381 -78.56 -39.48 -15.38
N SER E 382 -79.61 -40.11 -15.87
CA SER E 382 -79.56 -41.33 -16.66
C SER E 382 -79.90 -41.08 -18.15
N GLY E 383 -79.75 -42.10 -19.02
CA GLY E 383 -80.18 -42.00 -20.44
C GLY E 383 -79.07 -41.77 -21.49
N GLN E 384 -79.37 -40.99 -22.55
CA GLN E 384 -78.37 -40.71 -23.61
C GLN E 384 -78.05 -39.24 -23.69
N LEU E 385 -76.78 -38.89 -23.94
CA LEU E 385 -76.42 -37.51 -24.23
C LEU E 385 -77.36 -36.90 -25.29
N LEU E 386 -77.97 -35.77 -24.94
CA LEU E 386 -79.09 -35.26 -25.72
C LEU E 386 -78.77 -34.13 -26.72
N TRP E 387 -77.95 -33.15 -26.33
CA TRP E 387 -77.81 -31.96 -27.20
C TRP E 387 -76.36 -31.56 -27.43
N ASP E 388 -76.11 -31.02 -28.61
CA ASP E 388 -74.79 -30.48 -28.94
C ASP E 388 -74.69 -28.99 -28.62
N THR E 389 -73.48 -28.45 -28.63
CA THR E 389 -73.26 -27.03 -28.34
C THR E 389 -72.77 -26.30 -29.57
N VAL E 390 -73.18 -25.05 -29.71
CA VAL E 390 -72.71 -24.13 -30.77
C VAL E 390 -72.24 -22.83 -30.09
N THR E 391 -71.30 -22.10 -30.71
CA THR E 391 -70.82 -20.84 -30.14
C THR E 391 -71.79 -19.67 -30.42
N GLY E 392 -72.63 -19.85 -31.44
CA GLY E 392 -73.49 -18.77 -31.92
C GLY E 392 -72.75 -17.59 -32.53
N VAL E 393 -71.42 -17.65 -32.57
CA VAL E 393 -70.60 -16.45 -32.95
C VAL E 393 -70.31 -16.32 -34.44
N ASP E 394 -70.58 -15.13 -35.00
CA ASP E 394 -70.19 -14.81 -36.39
C ASP E 394 -69.01 -13.84 -36.25
N MET E 395 -67.87 -14.27 -36.78
CA MET E 395 -66.61 -13.57 -36.61
C MET E 395 -66.43 -12.27 -37.43
N ALA E 396 -67.38 -12.00 -38.33
CA ALA E 396 -67.38 -10.75 -39.15
C ALA E 396 -67.93 -9.57 -38.39
N LEU E 397 -68.65 -9.87 -37.30
CA LEU E 397 -69.36 -8.85 -36.50
C LEU E 397 -68.46 -8.12 -35.49
N PRO F 9 -58.96 -9.93 14.83
CA PRO F 9 -57.68 -9.55 14.19
C PRO F 9 -56.78 -8.71 15.11
N GLU F 10 -55.47 -8.84 14.89
CA GLU F 10 -54.43 -8.15 15.66
C GLU F 10 -53.46 -7.34 14.75
N TRP F 11 -52.63 -6.52 15.38
CA TRP F 11 -51.72 -5.63 14.63
C TRP F 11 -50.67 -6.43 13.92
N THR F 12 -50.25 -5.94 12.76
CA THR F 12 -49.28 -6.60 11.95
C THR F 12 -47.89 -6.06 12.24
N TYR F 13 -46.87 -6.91 12.01
CA TYR F 13 -45.43 -6.60 12.22
C TYR F 13 -44.64 -7.14 11.01
N PRO F 14 -43.51 -6.51 10.65
CA PRO F 14 -42.63 -7.19 9.66
C PRO F 14 -42.17 -8.60 10.08
N ARG F 15 -42.27 -9.58 9.19
CA ARG F 15 -41.73 -10.92 9.44
C ARG F 15 -40.42 -11.20 8.67
N LEU F 16 -39.85 -12.39 8.86
CA LEU F 16 -38.77 -12.89 8.00
C LEU F 16 -39.32 -13.03 6.57
N SER F 17 -38.57 -12.58 5.57
CA SER F 17 -38.98 -12.74 4.18
C SER F 17 -39.08 -14.22 3.77
N CYS F 18 -39.89 -14.48 2.76
CA CYS F 18 -39.97 -15.83 2.18
C CYS F 18 -38.64 -16.26 1.51
N PRO F 19 -38.36 -17.59 1.48
CA PRO F 19 -37.17 -18.10 0.81
C PRO F 19 -37.12 -17.63 -0.65
N GLY F 20 -35.91 -17.35 -1.12
CA GLY F 20 -35.66 -16.97 -2.51
C GLY F 20 -34.39 -16.18 -2.60
N SER F 21 -33.77 -16.22 -3.77
CA SER F 21 -32.56 -15.42 -4.03
C SER F 21 -32.62 -14.63 -5.35
N THR F 22 -33.76 -14.63 -6.03
CA THR F 22 -33.91 -13.83 -7.25
C THR F 22 -35.33 -13.28 -7.47
N PHE F 23 -35.41 -12.07 -7.98
CA PHE F 23 -36.67 -11.52 -8.42
C PHE F 23 -37.04 -12.10 -9.77
N GLN F 24 -38.32 -12.28 -10.01
CA GLN F 24 -38.83 -12.68 -11.31
C GLN F 24 -40.03 -11.81 -11.66
N LYS F 25 -40.36 -11.78 -12.96
CA LYS F 25 -41.51 -11.06 -13.47
C LYS F 25 -42.76 -11.69 -12.94
N ALA F 26 -43.62 -10.88 -12.32
CA ALA F 26 -44.83 -11.43 -11.71
C ALA F 26 -46.12 -11.10 -12.43
N LEU F 27 -46.36 -9.83 -12.70
CA LEU F 27 -47.69 -9.40 -13.18
C LEU F 27 -47.57 -8.06 -13.87
N LEU F 28 -48.38 -7.87 -14.90
CA LEU F 28 -48.48 -6.58 -15.54
C LEU F 28 -49.91 -6.08 -15.40
N ILE F 29 -50.05 -4.86 -14.89
CA ILE F 29 -51.32 -4.13 -15.01
C ILE F 29 -51.18 -3.02 -16.06
N SER F 30 -51.61 -3.33 -17.28
CA SER F 30 -51.60 -2.33 -18.32
C SER F 30 -53.02 -2.08 -18.74
N PRO F 31 -53.70 -1.09 -18.12
CA PRO F 31 -55.11 -0.89 -18.39
C PRO F 31 -55.37 -0.23 -19.75
N HIS F 32 -54.38 0.46 -20.30
CA HIS F 32 -54.57 1.10 -21.60
C HIS F 32 -54.55 0.16 -22.81
N ARG F 33 -54.23 -1.11 -22.54
CA ARG F 33 -54.38 -2.17 -23.53
C ARG F 33 -55.83 -2.23 -23.96
N PHE F 34 -56.64 -1.45 -23.25
CA PHE F 34 -58.09 -1.50 -23.36
C PHE F 34 -58.72 -0.16 -23.59
N GLY F 35 -57.91 0.89 -23.70
CA GLY F 35 -58.41 2.22 -24.02
C GLY F 35 -58.37 2.64 -25.49
N GLU F 36 -58.79 1.75 -26.40
CA GLU F 36 -58.90 2.14 -27.82
C GLU F 36 -60.23 2.79 -28.15
N THR F 37 -60.16 3.77 -29.04
CA THR F 37 -61.32 4.25 -29.81
C THR F 37 -62.23 3.10 -30.22
N LYS F 38 -61.65 2.01 -30.73
CA LYS F 38 -62.42 0.85 -31.27
C LYS F 38 -62.98 -0.05 -30.16
N GLY F 39 -62.53 0.21 -28.93
CA GLY F 39 -62.83 -0.63 -27.77
C GLY F 39 -64.06 -0.16 -27.04
N ASN F 40 -64.33 -0.77 -25.89
CA ASN F 40 -65.55 -0.51 -25.08
C ASN F 40 -65.21 -0.64 -23.60
N SER F 41 -64.07 -0.11 -23.20
CA SER F 41 -63.61 -0.10 -21.82
C SER F 41 -63.23 1.34 -21.43
N ALA F 42 -63.06 1.56 -20.13
CA ALA F 42 -62.73 2.86 -19.60
C ALA F 42 -61.71 2.72 -18.51
N PRO F 43 -60.45 2.53 -18.89
CA PRO F 43 -59.39 2.59 -17.92
C PRO F 43 -59.18 4.02 -17.52
N LEU F 44 -58.85 4.23 -16.24
CA LEU F 44 -58.73 5.57 -15.65
C LEU F 44 -57.37 6.12 -15.98
N ILE F 45 -57.31 7.42 -16.29
CA ILE F 45 -56.03 8.08 -16.52
C ILE F 45 -55.41 8.36 -15.15
N ILE F 46 -54.22 7.83 -14.94
CA ILE F 46 -53.55 7.85 -13.66
C ILE F 46 -52.06 8.16 -13.77
N ARG F 47 -51.44 8.34 -12.61
CA ARG F 47 -50.01 8.30 -12.46
C ARG F 47 -49.69 7.97 -10.99
N GLU F 48 -48.40 7.94 -10.65
CA GLU F 48 -47.94 7.54 -9.32
C GLU F 48 -48.72 6.31 -8.75
N PRO F 49 -48.66 5.18 -9.47
CA PRO F 49 -49.26 3.99 -8.96
C PRO F 49 -48.39 3.42 -7.82
N PHE F 50 -48.96 2.52 -7.04
CA PHE F 50 -48.24 1.91 -5.93
C PHE F 50 -49.15 0.93 -5.27
N ILE F 51 -48.56 -0.06 -4.65
CA ILE F 51 -49.30 -1.18 -4.12
C ILE F 51 -49.01 -1.22 -2.62
N ALA F 52 -50.03 -1.55 -1.85
CA ALA F 52 -49.87 -1.82 -0.45
C ALA F 52 -50.73 -3.01 -0.13
N CYS F 53 -50.31 -3.82 0.84
CA CYS F 53 -50.96 -5.10 1.06
C CYS F 53 -51.28 -5.23 2.51
N GLY F 54 -52.39 -5.91 2.79
CA GLY F 54 -52.77 -6.34 4.13
C GLY F 54 -52.72 -7.86 4.23
N PRO F 55 -53.18 -8.44 5.38
CA PRO F 55 -53.03 -9.91 5.56
C PRO F 55 -53.85 -10.76 4.59
N LYS F 56 -54.93 -10.23 4.02
CA LYS F 56 -55.69 -11.00 3.04
C LYS F 56 -55.77 -10.44 1.59
N GLU F 57 -55.44 -9.16 1.40
CA GLU F 57 -55.60 -8.52 0.11
C GLU F 57 -54.49 -7.54 -0.22
N CYS F 58 -54.18 -7.43 -1.51
CA CYS F 58 -53.24 -6.44 -2.00
C CYS F 58 -53.98 -5.45 -2.84
N LYS F 59 -53.85 -4.17 -2.51
CA LYS F 59 -54.53 -3.09 -3.25
C LYS F 59 -53.61 -2.31 -4.17
N HIS F 60 -54.07 -2.04 -5.38
CA HIS F 60 -53.28 -1.32 -6.36
C HIS F 60 -53.79 0.10 -6.35
N PHE F 61 -52.98 1.03 -5.86
CA PHE F 61 -53.36 2.44 -5.73
C PHE F 61 -52.77 3.31 -6.85
N ALA F 62 -53.43 4.41 -7.15
CA ALA F 62 -52.90 5.39 -8.11
C ALA F 62 -53.50 6.79 -7.89
N LEU F 63 -52.86 7.83 -8.44
CA LEU F 63 -53.48 9.16 -8.46
C LEU F 63 -54.13 9.39 -9.81
N THR F 64 -55.46 9.38 -9.87
CA THR F 64 -56.19 9.66 -11.12
C THR F 64 -56.49 11.13 -11.38
N HIS F 65 -56.61 11.48 -12.67
CA HIS F 65 -56.94 12.86 -13.08
C HIS F 65 -58.43 13.01 -13.27
N TYR F 66 -59.16 11.97 -12.85
CA TYR F 66 -60.63 11.95 -12.93
C TYR F 66 -61.10 11.95 -14.39
N ALA F 67 -60.33 11.22 -15.21
CA ALA F 67 -60.60 11.08 -16.65
C ALA F 67 -60.36 9.65 -17.05
N ALA F 68 -60.95 9.21 -18.17
CA ALA F 68 -60.66 7.89 -18.73
C ALA F 68 -60.28 7.96 -20.19
N GLN F 69 -59.68 6.88 -20.67
CA GLN F 69 -59.34 6.70 -22.05
C GLN F 69 -60.22 5.60 -22.62
N PRO F 70 -60.94 5.88 -23.73
CA PRO F 70 -60.93 7.16 -24.42
C PRO F 70 -61.87 8.14 -23.74
N GLY F 71 -61.53 9.42 -23.80
CA GLY F 71 -62.35 10.43 -23.16
C GLY F 71 -62.14 11.76 -23.84
N GLY F 72 -62.40 12.83 -23.08
CA GLY F 72 -62.38 14.19 -23.63
C GLY F 72 -61.67 15.19 -22.73
N TYR F 73 -61.08 14.68 -21.65
CA TYR F 73 -60.41 15.52 -20.66
C TYR F 73 -58.95 15.10 -20.57
N TYR F 74 -58.35 14.82 -21.73
CA TYR F 74 -56.90 14.61 -21.84
C TYR F 74 -56.09 15.84 -21.49
N ASN F 75 -56.61 17.03 -21.76
CA ASN F 75 -55.85 18.26 -21.45
C ASN F 75 -55.66 18.50 -19.93
N GLY F 76 -54.40 18.46 -19.49
CA GLY F 76 -54.06 18.68 -18.07
C GLY F 76 -53.67 17.39 -17.33
N THR F 77 -53.67 16.28 -18.03
CA THR F 77 -53.35 14.99 -17.42
C THR F 77 -51.83 14.75 -17.36
N ARG F 78 -51.06 15.64 -18.02
CA ARG F 78 -49.59 15.79 -17.89
C ARG F 78 -49.20 16.76 -16.75
N GLY F 79 -50.19 17.44 -16.18
CA GLY F 79 -49.89 18.30 -15.02
C GLY F 79 -49.81 17.40 -13.80
N ASP F 80 -49.64 17.98 -12.61
CA ASP F 80 -49.64 17.17 -11.39
C ASP F 80 -50.74 17.57 -10.38
N ARG F 81 -50.68 18.79 -9.85
CA ARG F 81 -51.68 19.22 -8.84
C ARG F 81 -52.85 20.03 -9.39
N ASN F 82 -54.04 19.43 -9.45
CA ASN F 82 -55.30 20.12 -9.74
C ASN F 82 -56.41 19.67 -8.76
N LYS F 83 -57.55 20.38 -8.83
CA LYS F 83 -58.73 20.17 -7.98
C LYS F 83 -59.55 18.91 -8.25
N LEU F 84 -59.23 18.16 -9.31
CA LEU F 84 -59.99 16.95 -9.66
C LEU F 84 -59.26 15.66 -9.31
N ARG F 85 -57.96 15.78 -9.13
CA ARG F 85 -57.09 14.67 -8.79
C ARG F 85 -57.55 13.93 -7.55
N HIS F 86 -57.53 12.58 -7.64
CA HIS F 86 -58.02 11.71 -6.57
C HIS F 86 -57.17 10.47 -6.39
N LEU F 87 -57.04 10.03 -5.13
CA LEU F 87 -56.49 8.70 -4.80
C LEU F 87 -57.56 7.66 -5.07
N ILE F 88 -57.21 6.59 -5.76
CA ILE F 88 -58.15 5.52 -6.15
C ILE F 88 -57.43 4.18 -5.92
N SER F 89 -58.22 3.11 -5.87
CA SER F 89 -57.72 1.78 -5.67
C SER F 89 -58.62 0.72 -6.31
N VAL F 90 -58.00 -0.43 -6.62
CA VAL F 90 -58.67 -1.63 -7.05
C VAL F 90 -57.94 -2.72 -6.32
N LYS F 91 -58.53 -3.90 -6.25
CA LYS F 91 -57.82 -5.05 -5.72
C LYS F 91 -56.74 -5.30 -6.76
N LEU F 92 -55.51 -5.54 -6.31
CA LEU F 92 -54.45 -5.90 -7.23
C LEU F 92 -54.87 -7.07 -8.08
N GLY F 93 -54.78 -6.87 -9.39
CA GLY F 93 -55.11 -7.91 -10.35
C GLY F 93 -56.30 -7.51 -11.14
N LYS F 94 -56.96 -6.43 -10.71
CA LYS F 94 -58.14 -5.91 -11.41
C LYS F 94 -57.66 -4.68 -12.16
N ILE F 95 -58.14 -4.55 -13.39
CA ILE F 95 -57.89 -3.38 -14.21
C ILE F 95 -58.59 -2.16 -13.56
N PRO F 96 -57.83 -1.10 -13.28
CA PRO F 96 -58.42 0.09 -12.71
C PRO F 96 -59.17 0.94 -13.74
N THR F 97 -60.44 0.64 -13.86
CA THR F 97 -61.32 1.31 -14.75
C THR F 97 -62.30 2.11 -13.89
N VAL F 98 -63.19 2.86 -14.56
CA VAL F 98 -64.08 3.77 -13.89
C VAL F 98 -64.93 3.05 -12.85
N GLU F 99 -65.55 1.94 -13.27
CA GLU F 99 -66.39 1.15 -12.43
C GLU F 99 -65.68 0.24 -11.41
N ASN F 100 -64.51 -0.31 -11.73
CA ASN F 100 -63.78 -1.21 -10.82
C ASN F 100 -63.13 -0.49 -9.62
N SER F 101 -62.56 0.68 -9.91
CA SER F 101 -61.96 1.56 -8.91
C SER F 101 -62.92 2.00 -7.83
N ILE F 102 -62.35 2.36 -6.70
CA ILE F 102 -63.04 3.07 -5.68
C ILE F 102 -62.28 4.36 -5.51
N PHE F 103 -63.00 5.47 -5.35
CA PHE F 103 -62.38 6.77 -5.08
C PHE F 103 -62.29 7.03 -3.59
N HIS F 104 -61.09 7.24 -3.11
CA HIS F 104 -60.90 7.36 -1.65
C HIS F 104 -61.04 8.78 -1.12
N MET F 105 -60.37 9.72 -1.78
CA MET F 105 -60.37 11.10 -1.37
C MET F 105 -59.69 11.96 -2.44
N ALA F 106 -59.97 13.27 -2.44
CA ALA F 106 -59.23 14.14 -3.36
C ALA F 106 -57.80 14.14 -2.91
N ALA F 107 -56.87 13.96 -3.85
CA ALA F 107 -55.40 14.03 -3.58
C ALA F 107 -54.63 14.27 -4.85
N TRP F 108 -53.55 15.05 -4.78
CA TRP F 108 -52.54 15.04 -5.79
C TRP F 108 -51.20 14.50 -5.29
N SER F 109 -51.18 13.96 -4.08
CA SER F 109 -50.01 13.19 -3.59
C SER F 109 -50.54 12.18 -2.59
N GLY F 110 -50.06 10.94 -2.61
CA GLY F 110 -50.78 9.91 -1.81
C GLY F 110 -49.92 8.86 -1.16
N SER F 111 -50.53 8.03 -0.35
CA SER F 111 -49.88 6.89 0.30
C SER F 111 -50.96 6.09 0.97
N ALA F 112 -50.68 4.87 1.37
CA ALA F 112 -51.67 4.06 2.10
C ALA F 112 -51.01 2.87 2.80
N CYS F 113 -51.67 2.29 3.80
CA CYS F 113 -51.16 1.10 4.48
C CYS F 113 -52.18 0.40 5.36
N HIS F 114 -52.03 -0.89 5.53
CA HIS F 114 -52.82 -1.67 6.45
C HIS F 114 -52.03 -1.87 7.75
N ASP F 115 -52.73 -1.99 8.87
CA ASP F 115 -52.02 -2.14 10.16
C ASP F 115 -52.31 -3.47 10.80
N GLY F 116 -53.01 -4.32 10.07
CA GLY F 116 -53.45 -5.59 10.61
C GLY F 116 -54.94 -5.55 10.80
N LYS F 117 -55.45 -4.41 11.27
CA LYS F 117 -56.89 -4.23 11.52
C LYS F 117 -57.60 -3.44 10.44
N GLU F 118 -56.95 -2.42 9.89
CA GLU F 118 -57.68 -1.54 8.95
C GLU F 118 -56.78 -0.70 8.06
N TRP F 119 -57.29 -0.33 6.88
CA TRP F 119 -56.57 0.59 5.95
C TRP F 119 -56.46 2.04 6.43
N THR F 120 -55.24 2.56 6.38
CA THR F 120 -55.05 4.02 6.48
C THR F 120 -54.81 4.57 5.05
N TYR F 121 -55.54 5.61 4.65
CA TYR F 121 -55.30 6.22 3.30
C TYR F 121 -54.84 7.64 3.40
N ILE F 122 -53.72 7.97 2.77
CA ILE F 122 -53.13 9.31 2.89
C ILE F 122 -53.25 10.09 1.58
N GLY F 123 -53.68 11.35 1.67
CA GLY F 123 -53.84 12.18 0.47
C GLY F 123 -53.65 13.66 0.72
N VAL F 124 -52.75 14.28 -0.03
CA VAL F 124 -52.47 15.69 0.12
C VAL F 124 -53.08 16.40 -1.05
N ASP F 125 -53.95 17.39 -0.76
CA ASP F 125 -54.34 18.39 -1.75
C ASP F 125 -54.33 19.78 -1.13
N GLY F 126 -54.87 20.77 -1.85
CA GLY F 126 -54.83 22.14 -1.35
C GLY F 126 -53.97 23.05 -2.23
N PRO F 127 -54.02 24.37 -1.95
CA PRO F 127 -53.21 25.27 -2.78
C PRO F 127 -51.74 24.93 -2.64
N GLU F 128 -50.95 25.41 -3.60
CA GLU F 128 -49.54 25.11 -3.64
C GLU F 128 -48.82 25.63 -2.41
N ASN F 129 -49.26 26.78 -1.91
CA ASN F 129 -48.53 27.54 -0.87
C ASN F 129 -49.03 27.24 0.56
N ASN F 130 -49.95 26.28 0.66
CA ASN F 130 -50.57 25.90 1.91
C ASN F 130 -51.41 24.63 1.69
N ALA F 131 -50.83 23.68 0.99
CA ALA F 131 -51.46 22.38 0.83
C ALA F 131 -51.77 21.72 2.19
N LEU F 132 -52.39 20.55 2.13
CA LEU F 132 -52.99 19.92 3.33
C LEU F 132 -53.06 18.41 3.22
N LEU F 133 -52.31 17.74 4.09
CA LEU F 133 -52.33 16.29 4.10
C LEU F 133 -53.52 15.84 4.92
N LYS F 134 -54.27 14.91 4.34
CA LYS F 134 -55.47 14.39 4.92
C LYS F 134 -55.33 12.89 5.12
N ILE F 135 -55.98 12.38 6.17
CA ILE F 135 -55.90 10.99 6.59
C ILE F 135 -57.31 10.45 6.78
N LYS F 136 -57.55 9.27 6.20
CA LYS F 136 -58.83 8.56 6.20
C LYS F 136 -58.53 7.15 6.75
N TYR F 137 -59.27 6.72 7.75
CA TYR F 137 -59.05 5.41 8.35
C TYR F 137 -60.25 4.58 7.98
N GLY F 138 -60.11 3.68 7.04
CA GLY F 138 -61.27 2.94 6.56
C GLY F 138 -62.14 3.94 5.84
N GLU F 139 -63.34 4.12 6.38
CA GLU F 139 -64.36 5.04 5.83
C GLU F 139 -64.31 6.47 6.39
N ALA F 140 -63.76 6.61 7.59
CA ALA F 140 -63.71 7.90 8.29
C ALA F 140 -62.55 8.80 7.95
N TYR F 141 -62.83 10.07 7.70
CA TYR F 141 -61.78 11.10 7.70
C TYR F 141 -61.41 11.45 9.15
N THR F 142 -60.14 11.27 9.52
CA THR F 142 -59.74 11.27 10.93
C THR F 142 -58.83 12.39 11.44
N ASP F 143 -58.06 13.00 10.54
CA ASP F 143 -56.97 13.92 10.92
C ASP F 143 -56.36 14.65 9.72
N THR F 144 -55.62 15.73 10.00
CA THR F 144 -54.85 16.37 8.96
C THR F 144 -53.55 16.93 9.51
N TYR F 145 -52.65 17.24 8.59
CA TYR F 145 -51.39 17.89 8.94
C TYR F 145 -51.21 19.02 7.96
N HIS F 146 -50.71 20.14 8.45
CA HIS F 146 -50.59 21.36 7.64
C HIS F 146 -49.21 21.58 7.01
N SER F 147 -49.21 22.28 5.89
CA SER F 147 -47.99 22.73 5.24
C SER F 147 -47.15 23.53 6.22
N TYR F 148 -45.85 23.22 6.21
CA TYR F 148 -44.86 23.82 7.13
C TYR F 148 -43.67 24.52 6.47
N ALA F 149 -43.43 24.28 5.19
CA ALA F 149 -42.55 25.18 4.48
C ALA F 149 -43.27 25.95 3.36
N ASN F 150 -44.59 26.03 3.43
CA ASN F 150 -45.43 26.71 2.40
C ASN F 150 -44.91 26.63 0.96
N ASN F 151 -44.39 25.46 0.59
CA ASN F 151 -44.14 25.16 -0.82
C ASN F 151 -44.45 23.70 -1.16
N ILE F 152 -45.68 23.41 -1.49
CA ILE F 152 -46.11 22.07 -1.98
C ILE F 152 -45.81 20.94 -1.00
N LEU F 153 -46.63 20.82 0.04
CA LEU F 153 -46.55 19.70 0.96
C LEU F 153 -46.84 18.42 0.20
N ARG F 154 -45.86 17.52 0.24
CA ARG F 154 -45.83 16.24 -0.50
C ARG F 154 -45.67 15.01 0.38
N THR F 155 -46.21 13.89 -0.08
CA THR F 155 -45.92 12.63 0.61
C THR F 155 -45.24 11.52 -0.26
N GLN F 156 -45.16 10.29 0.27
CA GLN F 156 -44.31 9.26 -0.30
C GLN F 156 -44.57 8.86 -1.75
N GLU F 157 -45.79 8.94 -2.21
CA GLU F 157 -46.15 8.32 -3.48
C GLU F 157 -46.06 6.81 -3.42
N SER F 158 -45.97 6.27 -2.19
CA SER F 158 -45.99 4.78 -1.96
C SER F 158 -46.37 4.36 -0.52
N ALA F 159 -46.57 3.05 -0.33
CA ALA F 159 -47.04 2.48 0.95
C ALA F 159 -46.33 3.02 2.18
N CYS F 160 -47.14 3.37 3.17
CA CYS F 160 -46.61 3.64 4.51
C CYS F 160 -46.31 2.32 5.20
N ASN F 161 -45.83 2.37 6.43
CA ASN F 161 -45.40 1.15 7.10
C ASN F 161 -45.86 1.05 8.52
N CYS F 162 -46.64 0.01 8.80
CA CYS F 162 -47.23 -0.09 10.14
C CYS F 162 -46.62 -1.19 10.98
N ILE F 163 -46.33 -0.85 12.22
CA ILE F 163 -45.80 -1.82 13.15
C ILE F 163 -46.54 -1.66 14.47
N GLY F 164 -47.12 -2.73 14.96
CA GLY F 164 -47.83 -2.63 16.23
C GLY F 164 -48.89 -1.53 16.23
N GLY F 165 -49.49 -1.30 15.07
CA GLY F 165 -50.58 -0.34 14.94
C GLY F 165 -50.13 1.08 14.77
N ASN F 166 -48.82 1.29 14.69
CA ASN F 166 -48.26 2.61 14.43
C ASN F 166 -47.76 2.72 13.02
N CYS F 167 -48.49 3.47 12.18
CA CYS F 167 -48.05 3.75 10.81
C CYS F 167 -47.12 4.96 10.71
N TYR F 168 -45.98 4.78 10.05
CA TYR F 168 -44.98 5.81 9.88
C TYR F 168 -44.98 6.31 8.42
N LEU F 169 -44.91 7.62 8.23
CA LEU F 169 -45.09 8.22 6.89
C LEU F 169 -44.13 9.37 6.65
N MET F 170 -43.37 9.32 5.57
CA MET F 170 -42.61 10.48 5.18
C MET F 170 -43.54 11.54 4.58
N ILE F 171 -43.23 12.79 4.90
CA ILE F 171 -43.83 13.96 4.26
C ILE F 171 -42.69 14.93 3.99
N THR F 172 -42.81 15.67 2.90
CA THR F 172 -41.85 16.74 2.66
C THR F 172 -42.52 18.02 2.21
N ASP F 173 -41.80 19.12 2.41
CA ASP F 173 -42.28 20.43 2.08
C ASP F 173 -41.07 21.25 1.73
N GLY F 174 -41.17 22.02 0.64
CA GLY F 174 -40.06 22.84 0.21
C GLY F 174 -39.88 22.90 -1.28
N SER F 175 -38.95 23.74 -1.71
CA SER F 175 -38.80 24.00 -3.13
C SER F 175 -38.38 22.74 -3.84
N ALA F 176 -38.72 22.63 -5.13
CA ALA F 176 -38.23 21.54 -5.96
C ALA F 176 -36.73 21.71 -6.35
N SER F 177 -36.20 22.92 -6.15
CA SER F 177 -34.88 23.29 -6.69
C SER F 177 -34.06 23.90 -5.57
N GLY F 178 -34.50 23.64 -4.34
CA GLY F 178 -33.81 24.13 -3.15
C GLY F 178 -34.06 23.22 -1.97
N ILE F 179 -34.14 23.79 -0.76
CA ILE F 179 -34.36 23.05 0.47
C ILE F 179 -35.77 22.41 0.54
N SER F 180 -35.82 21.10 0.76
CA SER F 180 -37.07 20.43 1.00
C SER F 180 -36.92 19.50 2.19
N GLU F 181 -36.75 20.08 3.38
CA GLU F 181 -36.55 19.31 4.61
C GLU F 181 -37.76 18.43 4.95
N CYS F 182 -37.60 17.11 4.90
CA CYS F 182 -38.72 16.20 5.17
C CYS F 182 -38.93 15.92 6.68
N ARG F 183 -40.05 15.25 6.95
CA ARG F 183 -40.54 14.88 8.28
C ARG F 183 -41.25 13.55 8.19
N PHE F 184 -41.32 12.89 9.33
CA PHE F 184 -42.11 11.68 9.41
C PHE F 184 -43.26 11.86 10.37
N LEU F 185 -44.41 11.32 10.03
CA LEU F 185 -45.54 11.33 10.93
C LEU F 185 -45.68 9.92 11.42
N LYS F 186 -46.08 9.79 12.69
CA LYS F 186 -46.41 8.50 13.30
C LYS F 186 -47.92 8.54 13.51
N ILE F 187 -48.61 7.59 12.89
CA ILE F 187 -50.06 7.62 12.83
C ILE F 187 -50.71 6.38 13.48
N ARG F 188 -51.69 6.61 14.35
CA ARG F 188 -52.36 5.50 15.02
C ARG F 188 -53.86 5.58 14.88
N GLU F 189 -54.44 4.54 14.31
CA GLU F 189 -55.85 4.52 13.98
C GLU F 189 -56.25 5.84 13.33
N GLY F 190 -55.38 6.32 12.43
CA GLY F 190 -55.73 7.42 11.55
C GLY F 190 -55.47 8.78 12.11
N ARG F 191 -54.85 8.81 13.29
CA ARG F 191 -54.58 10.08 13.97
C ARG F 191 -53.11 10.18 14.25
N ILE F 192 -52.59 11.37 14.03
CA ILE F 192 -51.20 11.68 14.21
C ILE F 192 -50.88 11.77 15.70
N ILE F 193 -49.89 11.01 16.16
CA ILE F 193 -49.53 11.00 17.58
C ILE F 193 -48.09 11.45 17.85
N LYS F 194 -47.31 11.57 16.77
CA LYS F 194 -45.94 12.12 16.88
C LYS F 194 -45.36 12.71 15.57
N GLU F 195 -44.72 13.87 15.69
CA GLU F 195 -43.90 14.43 14.62
C GLU F 195 -42.45 14.09 14.93
N ILE F 196 -41.78 13.44 13.96
CA ILE F 196 -40.39 13.03 14.08
C ILE F 196 -39.59 13.88 13.10
N PHE F 197 -38.64 14.65 13.63
CA PHE F 197 -37.79 15.54 12.86
C PHE F 197 -36.43 14.87 12.66
N PRO F 198 -36.13 14.48 11.40
CA PRO F 198 -34.88 13.76 11.19
C PRO F 198 -33.65 14.65 11.33
N THR F 199 -32.48 14.03 11.51
CA THR F 199 -31.22 14.72 11.71
C THR F 199 -30.21 14.23 10.64
N GLY F 200 -29.05 14.89 10.55
CA GLY F 200 -28.06 14.57 9.51
C GLY F 200 -28.27 15.32 8.20
N ARG F 201 -28.19 14.60 7.08
CA ARG F 201 -28.31 15.24 5.77
C ARG F 201 -29.78 15.44 5.47
N VAL F 202 -30.29 16.62 5.79
CA VAL F 202 -31.76 16.93 5.68
C VAL F 202 -32.04 18.03 4.63
N LYS F 203 -30.98 18.34 3.89
CA LYS F 203 -30.96 19.40 2.91
C LYS F 203 -32.14 19.22 1.95
N HIS F 204 -32.27 18.02 1.38
CA HIS F 204 -33.40 17.78 0.50
C HIS F 204 -33.73 16.30 0.41
N THR F 205 -34.96 15.96 0.73
CA THR F 205 -35.42 14.59 0.72
C THR F 205 -36.92 14.61 0.35
N GLU F 206 -37.29 13.77 -0.62
CA GLU F 206 -38.66 13.65 -1.03
C GLU F 206 -38.96 12.26 -1.60
N GLU F 207 -40.21 11.85 -1.60
CA GLU F 207 -40.60 10.56 -2.15
C GLU F 207 -39.82 9.37 -1.63
N CYS F 208 -39.73 9.26 -0.32
CA CYS F 208 -39.08 8.11 0.32
C CYS F 208 -39.79 6.80 0.05
N THR F 209 -39.05 5.83 -0.47
CA THR F 209 -39.56 4.50 -0.60
C THR F 209 -39.08 3.76 0.66
N CYS F 210 -39.97 3.55 1.60
CA CYS F 210 -39.60 3.06 2.89
C CYS F 210 -40.05 1.63 3.05
N GLY F 211 -39.25 0.85 3.80
CA GLY F 211 -39.66 -0.49 4.25
C GLY F 211 -39.06 -0.85 5.60
N PHE F 212 -39.53 -1.93 6.20
CA PHE F 212 -38.91 -2.44 7.44
C PHE F 212 -37.63 -3.23 7.17
N ALA F 213 -36.51 -2.68 7.61
CA ALA F 213 -35.30 -3.45 7.60
C ALA F 213 -35.34 -4.46 8.78
N SER F 214 -36.13 -4.15 9.80
CA SER F 214 -36.39 -5.09 10.89
C SER F 214 -37.49 -4.53 11.76
N ASN F 215 -37.75 -5.22 12.89
CA ASN F 215 -38.71 -4.74 13.90
C ASN F 215 -38.28 -3.44 14.55
N LYS F 216 -37.00 -3.06 14.46
CA LYS F 216 -36.51 -1.81 15.07
C LYS F 216 -36.35 -0.63 14.11
N THR F 217 -36.25 -0.91 12.82
CA THR F 217 -35.77 0.10 11.86
C THR F 217 -36.54 0.13 10.55
N ILE F 218 -37.06 1.30 10.20
CA ILE F 218 -37.58 1.56 8.86
C ILE F 218 -36.45 2.20 8.13
N GLU F 219 -36.23 1.82 6.89
CA GLU F 219 -35.23 2.50 6.06
C GLU F 219 -35.86 3.02 4.77
N CYS F 220 -35.38 4.15 4.30
CA CYS F 220 -35.99 4.71 3.08
C CYS F 220 -34.96 5.17 2.09
N ALA F 221 -35.29 5.01 0.81
CA ALA F 221 -34.43 5.48 -0.28
C ALA F 221 -35.20 6.57 -1.01
N CYS F 222 -34.66 7.78 -0.95
CA CYS F 222 -35.43 8.95 -1.34
C CYS F 222 -34.88 9.73 -2.57
N ARG F 223 -35.60 10.78 -2.96
CA ARG F 223 -35.22 11.62 -4.07
C ARG F 223 -34.64 12.95 -3.58
N ASP F 224 -33.50 13.34 -4.12
CA ASP F 224 -33.05 14.72 -3.99
C ASP F 224 -33.14 15.29 -5.38
N ASN F 225 -34.02 16.27 -5.55
CA ASN F 225 -34.31 16.90 -6.85
C ASN F 225 -33.41 18.14 -7.14
N SER F 226 -32.55 18.54 -6.18
CA SER F 226 -31.70 19.73 -6.35
C SER F 226 -30.21 19.39 -6.46
N TYR F 227 -29.72 18.59 -5.51
CA TYR F 227 -28.30 18.65 -5.21
C TYR F 227 -27.42 17.50 -5.65
N THR F 228 -27.96 16.30 -5.66
CA THR F 228 -27.17 15.11 -5.91
C THR F 228 -27.97 14.05 -6.62
N ALA F 229 -27.25 13.15 -7.31
CA ALA F 229 -27.84 11.92 -7.91
C ALA F 229 -27.68 10.69 -7.00
N LYS F 230 -27.06 10.88 -5.84
CA LYS F 230 -27.20 9.90 -4.76
C LYS F 230 -28.59 10.01 -4.13
N ARG F 231 -29.23 8.88 -3.93
CA ARG F 231 -30.40 8.82 -3.09
C ARG F 231 -30.06 9.13 -1.62
N PRO F 232 -30.80 10.05 -1.00
CA PRO F 232 -30.74 10.21 0.44
C PRO F 232 -31.21 8.89 1.06
N PHE F 233 -30.48 8.38 2.02
CA PHE F 233 -30.91 7.11 2.65
C PHE F 233 -31.35 7.38 4.11
N VAL F 234 -32.63 7.16 4.39
CA VAL F 234 -33.19 7.43 5.73
C VAL F 234 -33.20 6.17 6.58
N LYS F 235 -32.74 6.30 7.82
CA LYS F 235 -32.85 5.21 8.84
C LYS F 235 -33.62 5.71 10.03
N LEU F 236 -34.79 5.11 10.24
CA LEU F 236 -35.73 5.47 11.30
C LEU F 236 -35.78 4.38 12.37
N ASN F 237 -35.46 4.74 13.60
CA ASN F 237 -35.68 3.85 14.76
C ASN F 237 -37.13 3.97 15.27
N VAL F 238 -37.93 2.92 15.07
CA VAL F 238 -39.34 2.96 15.50
C VAL F 238 -39.54 2.66 17.00
N GLU F 239 -38.46 2.40 17.72
CA GLU F 239 -38.56 2.20 19.19
C GLU F 239 -38.27 3.47 19.96
N THR F 240 -37.39 4.33 19.44
CA THR F 240 -37.17 5.66 20.03
C THR F 240 -37.79 6.80 19.23
N ASP F 241 -38.37 6.47 18.07
CA ASP F 241 -38.95 7.46 17.14
C ASP F 241 -37.94 8.56 16.78
N THR F 242 -36.78 8.14 16.28
CA THR F 242 -35.67 9.02 15.89
C THR F 242 -35.27 8.69 14.46
N ALA F 243 -34.95 9.72 13.69
CA ALA F 243 -34.62 9.49 12.29
C ALA F 243 -33.31 10.18 11.93
N GLU F 244 -32.52 9.50 11.11
CA GLU F 244 -31.26 10.04 10.61
C GLU F 244 -31.21 9.85 9.09
N ILE F 245 -30.58 10.80 8.40
CA ILE F 245 -30.55 10.79 6.92
C ILE F 245 -29.15 11.10 6.43
N ARG F 246 -28.58 10.24 5.56
CA ARG F 246 -27.32 10.50 4.81
C ARG F 246 -27.43 9.98 3.38
N LEU F 247 -26.63 10.55 2.49
CA LEU F 247 -26.55 10.06 1.12
C LEU F 247 -26.07 8.61 1.07
N MET F 248 -26.59 7.85 0.09
CA MET F 248 -26.08 6.53 -0.22
C MET F 248 -24.72 6.65 -0.87
N CYS F 249 -23.73 5.98 -0.25
CA CYS F 249 -22.29 6.10 -0.60
C CYS F 249 -21.88 5.27 -1.84
N THR F 250 -22.72 4.33 -2.25
CA THR F 250 -22.45 3.45 -3.39
C THR F 250 -22.15 4.19 -4.69
N GLU F 251 -21.27 3.59 -5.49
CA GLU F 251 -20.93 4.16 -6.78
C GLU F 251 -22.01 3.94 -7.82
N THR F 252 -22.96 3.06 -7.49
CA THR F 252 -24.12 2.76 -8.33
C THR F 252 -25.26 3.76 -8.05
N TYR F 253 -25.11 4.98 -8.57
CA TYR F 253 -26.09 6.04 -8.29
C TYR F 253 -27.43 5.65 -8.82
N LEU F 254 -28.45 5.76 -7.99
CA LEU F 254 -29.77 5.23 -8.29
C LEU F 254 -30.77 6.27 -8.84
N ASP F 255 -30.39 7.54 -8.77
CA ASP F 255 -31.27 8.59 -9.25
C ASP F 255 -31.21 8.81 -10.78
N THR F 256 -32.14 9.59 -11.32
CA THR F 256 -32.12 9.97 -12.74
C THR F 256 -32.58 11.42 -12.86
N PRO F 257 -31.77 12.30 -13.50
CA PRO F 257 -30.48 11.97 -14.16
C PRO F 257 -29.39 11.63 -13.15
N ARG F 258 -28.27 11.12 -13.66
CA ARG F 258 -27.07 10.83 -12.86
C ARG F 258 -25.82 10.90 -13.76
N PRO F 259 -24.63 11.05 -13.16
CA PRO F 259 -23.40 10.90 -13.94
C PRO F 259 -22.98 9.43 -14.05
N ASP F 260 -21.75 9.18 -14.49
CA ASP F 260 -21.25 7.79 -14.48
C ASP F 260 -21.00 7.27 -13.09
N ASP F 261 -21.21 5.96 -12.94
CA ASP F 261 -21.09 5.29 -11.66
C ASP F 261 -19.68 5.56 -11.19
N GLY F 262 -19.51 5.87 -9.90
CA GLY F 262 -18.18 6.08 -9.29
C GLY F 262 -17.47 7.36 -9.64
N SER F 263 -18.09 8.22 -10.45
CA SER F 263 -17.46 9.46 -10.97
C SER F 263 -17.66 10.67 -10.05
N ILE F 264 -18.48 10.50 -9.04
CA ILE F 264 -18.59 11.53 -8.02
C ILE F 264 -17.45 11.35 -7.03
N THR F 265 -16.49 12.25 -7.14
CA THR F 265 -15.26 12.19 -6.38
C THR F 265 -15.45 12.68 -4.95
N GLY F 266 -14.57 12.25 -4.05
CA GLY F 266 -14.68 12.63 -2.65
C GLY F 266 -15.26 11.54 -1.76
N PRO F 267 -15.45 11.84 -0.47
CA PRO F 267 -16.04 10.84 0.46
C PRO F 267 -17.55 10.59 0.25
N CYS F 268 -18.17 9.84 1.15
CA CYS F 268 -19.58 9.46 0.96
C CYS F 268 -20.55 10.62 0.92
N GLU F 269 -20.17 11.75 1.50
CA GLU F 269 -21.07 12.92 1.51
C GLU F 269 -21.08 13.81 0.25
N SER F 270 -20.17 13.56 -0.70
CA SER F 270 -20.08 14.46 -1.85
C SER F 270 -21.32 14.44 -2.70
N ASN F 271 -21.80 15.64 -3.05
CA ASN F 271 -22.98 15.74 -3.88
C ASN F 271 -22.96 14.94 -5.22
N GLY F 272 -22.20 15.31 -6.27
CA GLY F 272 -21.69 16.64 -6.59
C GLY F 272 -22.47 17.02 -7.86
N ASP F 273 -22.22 16.31 -8.96
CA ASP F 273 -22.73 16.71 -10.29
C ASP F 273 -24.01 15.98 -10.83
N LYS F 274 -24.76 16.69 -11.69
CA LYS F 274 -25.98 16.19 -12.36
C LYS F 274 -27.13 15.94 -11.38
N GLY F 275 -27.02 16.59 -10.22
CA GLY F 275 -27.89 16.35 -9.08
C GLY F 275 -29.28 16.93 -9.13
N SER F 276 -29.47 17.96 -9.99
CA SER F 276 -30.80 18.54 -10.18
C SER F 276 -31.68 17.59 -11.04
N GLY F 277 -33.00 17.68 -10.91
CA GLY F 277 -33.91 16.62 -11.41
C GLY F 277 -33.85 15.35 -10.53
N GLY F 278 -34.71 14.39 -10.80
CA GLY F 278 -34.74 13.23 -9.95
C GLY F 278 -35.78 12.24 -10.40
N ILE F 279 -36.00 11.22 -9.57
CA ILE F 279 -37.02 10.20 -9.81
C ILE F 279 -37.29 9.39 -8.54
N LYS F 280 -38.54 9.04 -8.29
CA LYS F 280 -38.85 8.13 -7.22
C LYS F 280 -38.25 6.76 -7.58
N GLY F 281 -37.75 6.05 -6.56
CA GLY F 281 -36.93 4.84 -6.79
C GLY F 281 -37.32 3.62 -5.96
N GLY F 282 -37.42 2.47 -6.63
CA GLY F 282 -37.74 1.22 -5.97
C GLY F 282 -36.75 0.81 -4.90
N PHE F 283 -37.24 0.11 -3.89
CA PHE F 283 -36.43 -0.26 -2.76
C PHE F 283 -37.25 -1.11 -1.87
N VAL F 284 -36.72 -2.29 -1.59
CA VAL F 284 -37.46 -3.25 -0.78
C VAL F 284 -36.48 -4.14 0.02
N HIS F 285 -36.91 -4.66 1.16
CA HIS F 285 -36.01 -5.41 2.06
C HIS F 285 -36.31 -6.87 1.98
N GLN F 286 -35.23 -7.65 2.00
CA GLN F 286 -35.29 -9.12 2.13
C GLN F 286 -34.71 -9.46 3.49
N ARG F 287 -35.55 -9.78 4.47
CA ARG F 287 -35.09 -10.00 5.84
C ARG F 287 -34.89 -11.48 6.03
N MET F 288 -33.65 -11.86 6.28
CA MET F 288 -33.32 -13.26 6.59
C MET F 288 -32.81 -13.33 8.02
N ALA F 289 -32.80 -14.53 8.61
CA ALA F 289 -32.45 -14.72 10.06
C ALA F 289 -31.31 -13.81 10.55
N SER F 290 -30.16 -13.92 9.91
CA SER F 290 -28.96 -13.16 10.26
C SER F 290 -28.35 -12.51 9.00
N LYS F 291 -29.18 -11.97 8.12
CA LYS F 291 -28.69 -11.31 6.90
C LYS F 291 -29.82 -10.47 6.29
N ILE F 292 -29.45 -9.27 5.84
CA ILE F 292 -30.42 -8.39 5.16
C ILE F 292 -30.01 -8.01 3.74
N GLY F 293 -30.86 -8.36 2.78
CA GLY F 293 -30.64 -7.95 1.40
C GLY F 293 -31.34 -6.63 1.15
N ARG F 294 -30.74 -5.77 0.35
CA ARG F 294 -31.41 -4.53 -0.02
C ARG F 294 -31.58 -4.44 -1.53
N TRP F 295 -32.80 -4.55 -2.00
CA TRP F 295 -33.06 -4.54 -3.43
C TRP F 295 -33.44 -3.15 -3.86
N TYR F 296 -32.90 -2.70 -4.99
CA TYR F 296 -33.17 -1.37 -5.52
C TYR F 296 -33.46 -1.47 -7.02
N SER F 297 -34.08 -0.45 -7.57
CA SER F 297 -34.15 -0.30 -9.02
C SER F 297 -33.67 1.09 -9.47
N ARG F 298 -33.21 1.18 -10.72
CA ARG F 298 -32.90 2.47 -11.35
C ARG F 298 -33.03 2.34 -12.86
N THR F 299 -33.41 3.46 -13.48
CA THR F 299 -33.57 3.52 -14.94
C THR F 299 -32.34 2.97 -15.65
N MET F 300 -32.60 2.33 -16.79
CA MET F 300 -31.52 1.79 -17.63
C MET F 300 -30.74 2.94 -18.23
N SER F 301 -31.44 4.04 -18.55
CA SER F 301 -30.77 5.23 -19.07
C SER F 301 -30.30 6.17 -17.95
N LYS F 302 -29.17 6.79 -18.17
CA LYS F 302 -28.64 7.76 -17.24
C LYS F 302 -29.38 9.09 -17.12
N THR F 303 -30.14 9.52 -18.14
CA THR F 303 -30.77 10.87 -18.15
C THR F 303 -32.25 10.84 -18.41
N LYS F 304 -32.75 9.69 -18.86
CA LYS F 304 -34.13 9.60 -19.26
C LYS F 304 -34.88 8.54 -18.48
N ARG F 305 -36.19 8.65 -18.53
CA ARG F 305 -37.02 7.72 -17.81
C ARG F 305 -37.37 6.51 -18.65
N MET F 306 -36.30 5.82 -19.06
CA MET F 306 -36.36 4.65 -19.94
C MET F 306 -35.66 3.42 -19.28
N GLY F 307 -36.35 2.29 -19.33
CA GLY F 307 -35.85 1.07 -18.76
C GLY F 307 -35.81 1.09 -17.25
N MET F 308 -35.70 -0.11 -16.67
CA MET F 308 -35.51 -0.26 -15.24
C MET F 308 -34.65 -1.49 -14.95
N GLY F 309 -33.60 -1.31 -14.17
CA GLY F 309 -32.76 -2.42 -13.74
C GLY F 309 -32.84 -2.75 -12.26
N LEU F 310 -32.74 -4.03 -11.91
CA LEU F 310 -32.81 -4.44 -10.51
C LEU F 310 -31.41 -4.60 -10.00
N TYR F 311 -31.11 -4.03 -8.84
CA TYR F 311 -29.79 -4.14 -8.20
C TYR F 311 -29.98 -4.73 -6.79
N VAL F 312 -28.90 -5.12 -6.14
CA VAL F 312 -28.99 -5.72 -4.79
C VAL F 312 -27.66 -5.70 -4.04
N LYS F 313 -27.75 -5.62 -2.72
CA LYS F 313 -26.60 -5.73 -1.81
C LYS F 313 -27.01 -6.36 -0.50
N TYR F 314 -26.19 -7.26 0.00
CA TYR F 314 -26.48 -7.95 1.24
C TYR F 314 -25.64 -7.40 2.40
N ASP F 315 -26.30 -6.96 3.48
CA ASP F 315 -25.61 -6.36 4.66
C ASP F 315 -24.77 -5.13 4.33
N GLY F 316 -24.03 -4.68 5.34
CA GLY F 316 -23.20 -3.50 5.25
C GLY F 316 -24.00 -2.31 5.68
N ASP F 317 -23.40 -1.14 5.61
CA ASP F 317 -24.08 0.11 5.90
C ASP F 317 -24.17 0.89 4.59
N PRO F 318 -25.38 1.15 4.09
CA PRO F 318 -25.45 1.91 2.82
C PRO F 318 -24.91 3.30 2.96
N TRP F 319 -24.77 3.77 4.20
CA TRP F 319 -24.26 5.12 4.44
C TRP F 319 -22.79 5.25 4.22
N THR F 320 -22.06 4.13 4.14
CA THR F 320 -20.57 4.15 4.06
C THR F 320 -19.94 3.31 2.95
N ASP F 321 -20.65 2.28 2.49
CA ASP F 321 -20.16 1.37 1.43
C ASP F 321 -20.17 2.05 0.08
N SER F 322 -18.98 2.17 -0.51
CA SER F 322 -18.88 2.74 -1.88
C SER F 322 -18.93 1.62 -2.90
N ASP F 323 -18.94 0.39 -2.41
CA ASP F 323 -18.98 -0.79 -3.27
C ASP F 323 -20.12 -0.63 -4.28
N ALA F 324 -19.87 -1.03 -5.52
CA ALA F 324 -20.93 -1.12 -6.51
C ALA F 324 -22.01 -2.09 -6.03
N LEU F 325 -23.25 -1.75 -6.35
CA LEU F 325 -24.37 -2.59 -6.17
C LEU F 325 -24.35 -3.66 -7.27
N ALA F 326 -24.78 -4.88 -6.93
CA ALA F 326 -24.76 -5.97 -7.91
C ALA F 326 -25.95 -5.82 -8.85
N LEU F 327 -25.67 -5.71 -10.15
CA LEU F 327 -26.73 -5.69 -11.16
C LEU F 327 -27.39 -7.04 -11.26
N SER F 328 -28.68 -7.12 -10.93
CA SER F 328 -29.39 -8.40 -10.84
C SER F 328 -30.24 -8.78 -12.07
N GLY F 329 -30.72 -7.77 -12.80
CA GLY F 329 -31.40 -7.99 -14.09
C GLY F 329 -32.11 -6.79 -14.71
N VAL F 330 -32.39 -6.87 -16.01
CA VAL F 330 -33.14 -5.85 -16.71
C VAL F 330 -34.61 -6.16 -16.64
N MET F 331 -35.36 -5.29 -15.94
CA MET F 331 -36.81 -5.46 -15.72
C MET F 331 -37.60 -4.84 -16.86
N VAL F 332 -37.15 -3.68 -17.29
CA VAL F 332 -37.75 -3.00 -18.42
C VAL F 332 -36.59 -2.57 -19.30
N SER F 333 -36.61 -2.98 -20.56
CA SER F 333 -35.49 -2.67 -21.44
C SER F 333 -35.43 -1.16 -21.72
N MET F 334 -34.26 -0.70 -22.11
CA MET F 334 -34.05 0.68 -22.56
C MET F 334 -35.05 1.19 -23.62
N GLU F 335 -35.79 0.30 -24.30
CA GLU F 335 -36.76 0.73 -25.30
C GLU F 335 -38.14 1.07 -24.72
N GLU F 336 -38.38 0.71 -23.47
CA GLU F 336 -39.69 0.93 -22.83
C GLU F 336 -39.57 2.00 -21.74
N PRO F 337 -40.70 2.64 -21.37
CA PRO F 337 -40.66 3.65 -20.34
C PRO F 337 -40.52 3.05 -18.92
N GLY F 338 -39.68 3.70 -18.12
CA GLY F 338 -39.45 3.34 -16.75
C GLY F 338 -39.42 4.63 -15.97
N TRP F 339 -40.56 4.95 -15.38
CA TRP F 339 -40.70 6.15 -14.61
C TRP F 339 -40.53 5.74 -13.14
N TYR F 340 -41.45 6.16 -12.28
CA TYR F 340 -41.37 5.90 -10.86
C TYR F 340 -41.27 4.40 -10.57
N SER F 341 -40.53 4.04 -9.53
CA SER F 341 -40.65 2.68 -9.00
C SER F 341 -40.74 2.68 -7.48
N PHE F 342 -41.27 1.61 -6.91
CA PHE F 342 -41.62 1.58 -5.49
C PHE F 342 -41.52 0.14 -5.01
N GLY F 343 -41.29 -0.05 -3.70
CA GLY F 343 -41.34 -1.37 -3.05
C GLY F 343 -42.63 -1.68 -2.29
N PHE F 344 -42.89 -2.97 -2.07
CA PHE F 344 -43.99 -3.48 -1.27
C PHE F 344 -43.84 -4.96 -0.97
N GLU F 345 -44.66 -5.45 -0.06
CA GLU F 345 -44.48 -6.80 0.46
C GLU F 345 -45.84 -7.48 0.51
N ILE F 346 -45.95 -8.60 -0.19
CA ILE F 346 -47.13 -9.42 -0.13
C ILE F 346 -46.99 -10.39 1.06
N LYS F 347 -48.06 -10.69 1.75
CA LYS F 347 -47.93 -11.58 2.92
C LYS F 347 -48.35 -12.98 2.63
N ASP F 348 -47.37 -13.87 2.67
CA ASP F 348 -47.70 -15.29 2.54
C ASP F 348 -48.21 -15.77 3.90
N LYS F 349 -48.47 -17.06 4.04
CA LYS F 349 -49.02 -17.59 5.29
C LYS F 349 -48.12 -17.28 6.51
N LYS F 350 -46.81 -17.51 6.39
CA LYS F 350 -45.91 -17.30 7.53
C LYS F 350 -44.68 -16.46 7.24
N CYS F 351 -44.64 -15.86 6.05
CA CYS F 351 -43.50 -15.01 5.66
C CYS F 351 -43.91 -13.92 4.66
N ASP F 352 -43.08 -12.88 4.54
CA ASP F 352 -43.37 -11.73 3.70
C ASP F 352 -42.63 -11.78 2.35
N VAL F 353 -43.32 -11.48 1.25
CA VAL F 353 -42.69 -11.55 -0.09
C VAL F 353 -42.36 -10.17 -0.64
N PRO F 354 -41.08 -9.80 -0.64
CA PRO F 354 -40.66 -8.47 -1.10
C PRO F 354 -40.80 -8.33 -2.62
N CYS F 355 -41.34 -7.20 -3.09
CA CYS F 355 -41.60 -6.98 -4.52
C CYS F 355 -41.22 -5.57 -4.90
N ILE F 356 -41.09 -5.31 -6.21
CA ILE F 356 -40.80 -3.96 -6.69
C ILE F 356 -41.75 -3.66 -7.84
N GLY F 357 -42.60 -2.64 -7.68
CA GLY F 357 -43.46 -2.21 -8.79
C GLY F 357 -42.81 -1.13 -9.65
N ILE F 358 -43.16 -1.10 -10.93
CA ILE F 358 -42.62 -0.08 -11.83
C ILE F 358 -43.71 0.66 -12.58
N GLU F 359 -43.78 1.97 -12.38
CA GLU F 359 -44.67 2.83 -13.14
C GLU F 359 -44.07 2.97 -14.53
N MET F 360 -44.80 2.48 -15.52
CA MET F 360 -44.38 2.57 -16.91
C MET F 360 -45.29 3.53 -17.64
N VAL F 361 -44.92 4.80 -17.62
CA VAL F 361 -45.82 5.85 -18.13
C VAL F 361 -45.88 5.87 -19.64
N HIS F 362 -47.05 6.23 -20.15
CA HIS F 362 -47.30 6.34 -21.60
C HIS F 362 -47.24 7.81 -21.86
N ASP F 363 -46.10 8.26 -22.35
CA ASP F 363 -45.90 9.72 -22.53
C ASP F 363 -45.88 10.12 -24.00
N GLY F 364 -46.87 10.91 -24.43
CA GLY F 364 -46.90 11.45 -25.80
C GLY F 364 -46.99 12.98 -25.83
N GLY F 365 -46.43 13.64 -24.80
CA GLY F 365 -46.48 15.10 -24.68
C GLY F 365 -47.83 15.56 -24.17
N LYS F 366 -47.97 16.87 -23.92
CA LYS F 366 -49.19 17.39 -23.36
C LYS F 366 -50.40 17.44 -24.34
N GLU F 367 -50.14 17.24 -25.64
CA GLU F 367 -51.24 17.29 -26.64
C GLU F 367 -52.05 15.97 -26.74
N THR F 368 -51.75 15.01 -25.86
CA THR F 368 -52.56 13.78 -25.75
C THR F 368 -52.62 13.27 -24.31
N TRP F 369 -53.20 12.09 -24.10
CA TRP F 369 -53.38 11.58 -22.76
C TRP F 369 -52.06 11.19 -22.10
N HIS F 370 -52.09 11.08 -20.78
CA HIS F 370 -50.86 10.80 -20.05
C HIS F 370 -51.23 9.89 -18.87
N SER F 371 -50.93 8.61 -19.01
CA SER F 371 -51.13 7.67 -17.92
C SER F 371 -49.99 6.63 -17.87
N ALA F 372 -50.15 5.64 -16.98
CA ALA F 372 -49.11 4.65 -16.71
C ALA F 372 -49.67 3.22 -16.66
N ALA F 373 -48.83 2.26 -17.03
CA ALA F 373 -49.03 0.85 -16.69
C ALA F 373 -48.23 0.58 -15.43
N THR F 374 -48.36 -0.63 -14.89
CA THR F 374 -47.63 -1.01 -13.68
C THR F 374 -47.09 -2.41 -13.80
N ALA F 375 -45.77 -2.53 -13.83
CA ALA F 375 -45.06 -3.81 -13.85
C ALA F 375 -44.72 -4.28 -12.42
N ILE F 376 -44.96 -5.55 -12.12
CA ILE F 376 -44.56 -6.09 -10.83
C ILE F 376 -43.51 -7.22 -10.94
N TYR F 377 -42.34 -7.01 -10.33
CA TYR F 377 -41.39 -8.09 -10.05
C TYR F 377 -41.39 -8.43 -8.56
N CYS F 378 -41.46 -9.72 -8.25
CA CYS F 378 -41.29 -10.21 -6.85
C CYS F 378 -40.17 -11.27 -6.66
N LEU F 379 -39.68 -11.34 -5.43
CA LEU F 379 -38.75 -12.39 -5.00
C LEU F 379 -39.49 -13.71 -5.12
N MET F 380 -39.04 -14.54 -6.04
CA MET F 380 -39.56 -15.89 -6.17
C MET F 380 -38.50 -16.87 -6.72
N GLY F 381 -38.18 -17.87 -5.90
CA GLY F 381 -37.32 -18.99 -6.30
C GLY F 381 -35.89 -18.59 -6.36
N SER F 382 -35.10 -19.43 -7.05
CA SER F 382 -33.65 -19.30 -7.17
C SER F 382 -33.20 -19.01 -8.61
N GLY F 383 -31.94 -18.59 -8.84
CA GLY F 383 -31.47 -18.41 -10.22
C GLY F 383 -31.23 -16.97 -10.70
N GLN F 384 -31.55 -16.69 -11.97
CA GLN F 384 -31.33 -15.34 -12.54
C GLN F 384 -32.61 -14.73 -13.07
N LEU F 385 -32.82 -13.43 -12.82
CA LEU F 385 -34.00 -12.77 -13.35
C LEU F 385 -34.10 -13.07 -14.86
N LEU F 386 -35.26 -13.59 -15.26
CA LEU F 386 -35.43 -14.12 -16.59
C LEU F 386 -36.06 -13.20 -17.67
N TRP F 387 -37.17 -12.53 -17.38
CA TRP F 387 -37.86 -11.80 -18.46
C TRP F 387 -38.12 -10.35 -18.12
N ASP F 388 -38.12 -9.51 -19.16
CA ASP F 388 -38.43 -8.09 -19.05
C ASP F 388 -39.92 -7.85 -19.30
N THR F 389 -40.40 -6.64 -18.97
CA THR F 389 -41.82 -6.28 -19.16
C THR F 389 -42.03 -5.20 -20.20
N VAL F 390 -43.10 -5.32 -20.97
CA VAL F 390 -43.52 -4.30 -21.95
C VAL F 390 -44.99 -3.89 -21.65
N THR F 391 -45.37 -2.67 -21.99
CA THR F 391 -46.75 -2.24 -21.80
C THR F 391 -47.68 -2.77 -22.87
N GLY F 392 -47.10 -3.14 -24.02
CA GLY F 392 -47.89 -3.53 -25.19
C GLY F 392 -48.76 -2.44 -25.80
N VAL F 393 -48.67 -1.22 -25.27
CA VAL F 393 -49.60 -0.12 -25.66
C VAL F 393 -49.08 0.78 -26.80
N ASP F 394 -49.94 0.96 -27.80
CA ASP F 394 -49.70 1.95 -28.84
C ASP F 394 -50.63 3.14 -28.51
N MET F 395 -50.01 4.30 -28.30
CA MET F 395 -50.69 5.50 -27.88
C MET F 395 -51.55 6.22 -28.96
N ALA F 396 -51.42 5.81 -30.22
CA ALA F 396 -52.27 6.40 -31.31
C ALA F 396 -53.64 5.77 -31.39
N LEU F 397 -53.83 4.67 -30.66
CA LEU F 397 -55.08 3.88 -30.73
C LEU F 397 -56.19 4.42 -29.78
N PRO G 9 -75.22 -7.64 16.17
CA PRO G 9 -75.32 -6.17 16.06
C PRO G 9 -76.44 -5.58 16.90
N GLU G 10 -76.21 -4.34 17.36
CA GLU G 10 -77.11 -3.61 18.22
C GLU G 10 -77.48 -2.23 17.61
N TRP G 11 -78.50 -1.57 18.17
CA TRP G 11 -79.01 -0.29 17.64
C TRP G 11 -77.96 0.78 17.76
N THR G 12 -77.98 1.70 16.81
CA THR G 12 -77.07 2.82 16.82
C THR G 12 -77.64 4.06 17.51
N TYR G 13 -76.75 4.90 18.05
CA TYR G 13 -77.12 6.15 18.75
C TYR G 13 -76.13 7.22 18.34
N PRO G 14 -76.55 8.50 18.29
CA PRO G 14 -75.53 9.55 18.07
C PRO G 14 -74.47 9.53 19.15
N ARG G 15 -73.21 9.69 18.76
CA ARG G 15 -72.10 9.81 19.71
C ARG G 15 -71.50 11.22 19.73
N LEU G 16 -70.48 11.44 20.56
CA LEU G 16 -69.71 12.69 20.48
C LEU G 16 -68.97 12.74 19.13
N SER G 17 -68.92 13.92 18.52
CA SER G 17 -68.23 14.07 17.24
C SER G 17 -66.73 13.88 17.39
N CYS G 18 -66.05 13.56 16.29
CA CYS G 18 -64.61 13.44 16.30
C CYS G 18 -63.93 14.79 16.50
N PRO G 19 -62.70 14.78 17.07
CA PRO G 19 -61.97 16.03 17.20
C PRO G 19 -61.88 16.73 15.85
N GLY G 20 -61.91 18.06 15.88
CA GLY G 20 -61.73 18.90 14.71
C GLY G 20 -62.37 20.26 14.95
N SER G 21 -61.84 21.30 14.29
CA SER G 21 -62.48 22.62 14.28
C SER G 21 -62.58 23.24 12.88
N THR G 22 -62.44 22.44 11.82
CA THR G 22 -62.61 22.95 10.45
C THR G 22 -63.03 21.86 9.49
N PHE G 23 -63.92 22.20 8.58
CA PHE G 23 -64.22 21.34 7.46
C PHE G 23 -63.14 21.46 6.40
N GLN G 24 -62.88 20.38 5.68
CA GLN G 24 -61.95 20.39 4.56
C GLN G 24 -62.60 19.61 3.43
N LYS G 25 -62.08 19.79 2.21
CA LYS G 25 -62.56 19.10 1.03
C LYS G 25 -62.21 17.64 1.15
N ALA G 26 -63.20 16.76 0.99
CA ALA G 26 -62.93 15.33 1.17
C ALA G 26 -62.94 14.50 -0.11
N LEU G 27 -64.00 14.58 -0.90
CA LEU G 27 -64.13 13.70 -2.03
C LEU G 27 -65.09 14.30 -3.03
N LEU G 28 -64.83 14.06 -4.30
CA LEU G 28 -65.75 14.46 -5.36
C LEU G 28 -66.30 13.20 -6.06
N ILE G 29 -67.62 13.13 -6.21
CA ILE G 29 -68.20 12.11 -7.09
C ILE G 29 -68.79 12.83 -8.29
N SER G 30 -67.99 12.94 -9.35
CA SER G 30 -68.48 13.56 -10.59
C SER G 30 -68.58 12.50 -11.69
N PRO G 31 -69.70 11.78 -11.75
CA PRO G 31 -69.78 10.65 -12.68
C PRO G 31 -69.85 11.05 -14.17
N HIS G 32 -70.23 12.29 -14.46
CA HIS G 32 -70.30 12.77 -15.87
C HIS G 32 -68.95 13.19 -16.42
N ARG G 33 -67.92 13.05 -15.61
CA ARG G 33 -66.54 13.14 -16.12
C ARG G 33 -66.32 12.02 -17.13
N PHE G 34 -67.31 11.12 -17.21
CA PHE G 34 -67.21 9.82 -17.88
C PHE G 34 -68.32 9.58 -18.87
N GLY G 35 -69.27 10.52 -18.96
CA GLY G 35 -70.33 10.41 -19.97
C GLY G 35 -70.07 11.14 -21.30
N GLU G 36 -68.86 11.00 -21.86
CA GLU G 36 -68.64 11.54 -23.21
C GLU G 36 -69.12 10.60 -24.32
N THR G 37 -69.64 11.20 -25.38
CA THR G 37 -69.78 10.57 -26.69
C THR G 37 -68.60 9.66 -26.96
N LYS G 38 -67.39 10.19 -26.73
CA LYS G 38 -66.10 9.53 -27.07
C LYS G 38 -65.71 8.44 -26.07
N GLY G 39 -66.42 8.38 -24.95
CA GLY G 39 -66.12 7.47 -23.86
C GLY G 39 -66.86 6.16 -23.98
N ASN G 40 -66.77 5.34 -22.91
CA ASN G 40 -67.37 4.01 -22.90
C ASN G 40 -67.89 3.67 -21.52
N SER G 41 -68.50 4.65 -20.86
CA SER G 41 -69.10 4.52 -19.51
C SER G 41 -70.56 4.95 -19.58
N ALA G 42 -71.32 4.56 -18.56
CA ALA G 42 -72.70 4.91 -18.42
C ALA G 42 -73.01 5.38 -17.00
N PRO G 43 -72.61 6.61 -16.67
CA PRO G 43 -73.12 7.22 -15.44
C PRO G 43 -74.62 7.47 -15.56
N LEU G 44 -75.34 7.26 -14.46
CA LEU G 44 -76.79 7.43 -14.41
C LEU G 44 -77.18 8.89 -14.28
N ILE G 45 -78.22 9.30 -15.00
CA ILE G 45 -78.78 10.65 -14.88
C ILE G 45 -79.60 10.79 -13.59
N ILE G 46 -79.14 11.66 -12.70
CA ILE G 46 -79.70 11.72 -11.36
C ILE G 46 -79.94 13.13 -10.95
N ARG G 47 -80.60 13.29 -9.80
CA ARG G 47 -80.57 14.52 -9.01
C ARG G 47 -80.90 14.18 -7.54
N GLU G 48 -80.83 15.17 -6.66
CA GLU G 48 -81.15 14.99 -5.23
C GLU G 48 -80.34 13.86 -4.63
N PRO G 49 -79.02 13.96 -4.82
CA PRO G 49 -78.13 13.00 -4.23
C PRO G 49 -78.14 13.22 -2.70
N PHE G 50 -77.58 12.25 -1.97
CA PHE G 50 -77.46 12.35 -0.53
C PHE G 50 -76.83 11.10 -0.03
N ILE G 51 -76.12 11.23 1.07
CA ILE G 51 -75.35 10.13 1.64
C ILE G 51 -75.87 9.82 3.03
N ALA G 52 -76.03 8.54 3.32
CA ALA G 52 -76.33 8.07 4.67
C ALA G 52 -75.35 6.96 5.00
N CYS G 53 -74.96 6.88 6.27
CA CYS G 53 -73.93 5.91 6.68
C CYS G 53 -74.39 4.98 7.77
N GLY G 54 -73.85 3.78 7.76
CA GLY G 54 -74.05 2.83 8.84
C GLY G 54 -72.70 2.53 9.49
N PRO G 55 -72.64 1.52 10.40
CA PRO G 55 -71.38 1.33 11.16
C PRO G 55 -70.18 0.85 10.31
N LYS G 56 -70.43 0.19 9.19
CA LYS G 56 -69.31 -0.21 8.36
C LYS G 56 -69.25 0.41 6.93
N GLU G 57 -70.32 1.01 6.45
CA GLU G 57 -70.39 1.49 5.08
C GLU G 57 -71.15 2.82 4.93
N CYS G 58 -70.72 3.61 3.95
CA CYS G 58 -71.44 4.84 3.58
C CYS G 58 -72.03 4.67 2.21
N LYS G 59 -73.33 4.88 2.08
CA LYS G 59 -74.01 4.75 0.78
C LYS G 59 -74.33 6.10 0.15
N HIS G 60 -74.13 6.22 -1.15
CA HIS G 60 -74.36 7.49 -1.85
C HIS G 60 -75.62 7.28 -2.60
N PHE G 61 -76.66 7.99 -2.21
CA PHE G 61 -77.99 7.80 -2.78
C PHE G 61 -78.35 8.95 -3.74
N ALA G 62 -79.22 8.65 -4.71
CA ALA G 62 -79.73 9.67 -5.62
C ALA G 62 -81.11 9.32 -6.20
N LEU G 63 -81.81 10.29 -6.78
CA LEU G 63 -83.02 9.94 -7.55
C LEU G 63 -82.67 9.94 -9.04
N THR G 64 -82.72 8.76 -9.68
CA THR G 64 -82.44 8.64 -11.12
C THR G 64 -83.66 8.74 -12.00
N HIS G 65 -83.42 9.24 -13.22
CA HIS G 65 -84.49 9.35 -14.26
C HIS G 65 -84.55 8.06 -15.09
N TYR G 66 -83.78 7.06 -14.66
CA TYR G 66 -83.68 5.75 -15.36
C TYR G 66 -83.13 5.93 -16.77
N ALA G 67 -82.05 6.71 -16.84
CA ALA G 67 -81.39 7.06 -18.12
C ALA G 67 -79.96 7.26 -17.79
N ALA G 68 -79.09 7.15 -18.79
CA ALA G 68 -77.66 7.37 -18.62
C ALA G 68 -77.13 8.28 -19.72
N GLN G 69 -75.97 8.86 -19.44
CA GLN G 69 -75.21 9.67 -20.36
C GLN G 69 -73.96 8.86 -20.82
N PRO G 70 -73.75 8.75 -22.15
CA PRO G 70 -74.65 9.24 -23.20
C PRO G 70 -75.83 8.31 -23.41
N GLY G 71 -76.96 8.87 -23.83
CA GLY G 71 -78.13 8.05 -24.02
C GLY G 71 -79.07 8.77 -24.94
N GLY G 72 -80.35 8.41 -24.88
CA GLY G 72 -81.39 8.93 -25.79
C GLY G 72 -82.67 9.35 -25.05
N TYR G 73 -82.62 9.35 -23.73
CA TYR G 73 -83.81 9.70 -22.94
C TYR G 73 -83.51 10.92 -22.06
N TYR G 74 -82.78 11.87 -22.65
CA TYR G 74 -82.50 13.16 -22.02
C TYR G 74 -83.75 14.01 -21.83
N ASN G 75 -84.72 13.89 -22.73
CA ASN G 75 -85.95 14.68 -22.61
C ASN G 75 -86.77 14.25 -21.38
N GLY G 76 -87.00 15.21 -20.46
CA GLY G 76 -87.79 14.98 -19.22
C GLY G 76 -86.94 14.73 -17.97
N THR G 77 -85.63 14.79 -18.12
CA THR G 77 -84.68 14.65 -17.00
C THR G 77 -84.48 16.00 -16.22
N ARG G 78 -85.08 17.08 -16.74
CA ARG G 78 -85.25 18.38 -16.04
C ARG G 78 -86.59 18.44 -15.29
N GLY G 79 -87.50 17.52 -15.56
CA GLY G 79 -88.74 17.41 -14.77
C GLY G 79 -88.41 16.86 -13.38
N ASP G 80 -89.44 16.57 -12.59
CA ASP G 80 -89.17 15.96 -11.27
C ASP G 80 -89.95 14.63 -11.09
N ARG G 81 -91.27 14.69 -11.12
CA ARG G 81 -92.07 13.49 -10.85
C ARG G 81 -92.61 12.77 -12.07
N ASN G 82 -91.97 11.66 -12.44
CA ASN G 82 -92.50 10.73 -13.46
C ASN G 82 -92.48 9.27 -12.97
N LYS G 83 -93.11 8.41 -13.78
CA LYS G 83 -93.29 6.99 -13.49
C LYS G 83 -92.03 6.13 -13.62
N LEU G 84 -90.90 6.71 -14.05
CA LEU G 84 -89.66 5.94 -14.25
C LEU G 84 -88.62 6.21 -13.18
N ARG G 85 -88.79 7.34 -12.52
CA ARG G 85 -87.90 7.79 -11.47
C ARG G 85 -87.69 6.72 -10.37
N HIS G 86 -86.45 6.58 -9.94
CA HIS G 86 -86.09 5.58 -8.95
C HIS G 86 -85.07 6.04 -7.95
N LEU G 87 -85.22 5.56 -6.71
CA LEU G 87 -84.17 5.65 -5.70
C LEU G 87 -83.05 4.61 -6.01
N ILE G 88 -81.81 5.08 -6.16
CA ILE G 88 -80.64 4.21 -6.41
C ILE G 88 -79.55 4.48 -5.39
N SER G 89 -78.62 3.53 -5.26
CA SER G 89 -77.45 3.70 -4.40
C SER G 89 -76.21 2.92 -4.91
N VAL G 90 -75.05 3.43 -4.51
CA VAL G 90 -73.78 2.81 -4.64
C VAL G 90 -73.01 3.01 -3.34
N LYS G 91 -72.00 2.19 -3.09
CA LYS G 91 -71.14 2.42 -1.95
C LYS G 91 -70.48 3.75 -2.21
N LEU G 92 -70.40 4.60 -1.19
CA LEU G 92 -69.79 5.90 -1.38
C LEU G 92 -68.38 5.68 -1.82
N GLY G 93 -68.02 6.29 -2.94
CA GLY G 93 -66.67 6.17 -3.50
C GLY G 93 -66.72 5.45 -4.83
N LYS G 94 -67.86 4.86 -5.16
CA LYS G 94 -68.06 4.21 -6.45
C LYS G 94 -68.86 5.18 -7.30
N ILE G 95 -68.52 5.23 -8.59
CA ILE G 95 -69.24 6.03 -9.55
C ILE G 95 -70.57 5.35 -9.80
N PRO G 96 -71.70 6.11 -9.64
CA PRO G 96 -73.02 5.54 -9.85
C PRO G 96 -73.37 5.40 -11.34
N THR G 97 -72.98 4.27 -11.89
CA THR G 97 -73.28 3.97 -13.27
C THR G 97 -74.36 2.93 -13.28
N VAL G 98 -74.81 2.56 -14.47
CA VAL G 98 -75.89 1.61 -14.63
C VAL G 98 -75.61 0.31 -13.86
N GLU G 99 -74.42 -0.21 -14.04
CA GLU G 99 -74.05 -1.51 -13.48
C GLU G 99 -73.60 -1.47 -12.01
N ASN G 100 -72.92 -0.39 -11.59
CA ASN G 100 -72.55 -0.21 -10.18
C ASN G 100 -73.74 0.01 -9.21
N SER G 101 -74.72 0.79 -9.64
CA SER G 101 -75.89 1.15 -8.83
C SER G 101 -76.77 -0.04 -8.54
N ILE G 102 -77.55 0.07 -7.47
CA ILE G 102 -78.63 -0.86 -7.21
C ILE G 102 -79.87 -0.02 -7.21
N PHE G 103 -80.93 -0.52 -7.81
CA PHE G 103 -82.25 0.15 -7.80
C PHE G 103 -83.07 -0.36 -6.63
N HIS G 104 -83.42 0.57 -5.74
CA HIS G 104 -84.16 0.22 -4.52
C HIS G 104 -85.67 0.16 -4.69
N MET G 105 -86.23 1.20 -5.28
CA MET G 105 -87.69 1.33 -5.47
C MET G 105 -88.04 2.51 -6.33
N ALA G 106 -89.25 2.51 -6.89
CA ALA G 106 -89.70 3.64 -7.67
C ALA G 106 -89.90 4.79 -6.70
N ALA G 107 -89.33 5.95 -7.02
CA ALA G 107 -89.45 7.11 -6.19
C ALA G 107 -89.13 8.40 -6.97
N TRP G 108 -89.89 9.46 -6.71
CA TRP G 108 -89.49 10.79 -7.11
C TRP G 108 -89.24 11.70 -5.92
N SER G 109 -89.25 11.13 -4.73
CA SER G 109 -88.70 11.83 -3.55
C SER G 109 -88.19 10.75 -2.62
N GLY G 110 -87.05 10.98 -1.97
CA GLY G 110 -86.40 9.86 -1.23
C GLY G 110 -85.67 10.19 0.06
N SER G 111 -85.35 9.14 0.81
CA SER G 111 -84.54 9.23 2.04
C SER G 111 -84.08 7.82 2.40
N ALA G 112 -83.12 7.71 3.29
CA ALA G 112 -82.69 6.41 3.78
C ALA G 112 -81.85 6.53 5.03
N CYS G 113 -81.83 5.47 5.85
CA CYS G 113 -81.00 5.49 7.05
C CYS G 113 -80.78 4.11 7.66
N HIS G 114 -79.67 3.96 8.37
CA HIS G 114 -79.31 2.71 8.99
C HIS G 114 -79.59 2.84 10.48
N ASP G 115 -80.11 1.78 11.09
CA ASP G 115 -80.41 1.84 12.52
C ASP G 115 -79.44 1.06 13.41
N GLY G 116 -78.32 0.63 12.86
CA GLY G 116 -77.40 -0.25 13.57
C GLY G 116 -77.55 -1.66 13.08
N LYS G 117 -78.78 -2.09 12.78
CA LYS G 117 -79.02 -3.45 12.31
C LYS G 117 -79.32 -3.56 10.80
N GLU G 118 -80.04 -2.57 10.25
CA GLU G 118 -80.46 -2.68 8.84
C GLU G 118 -80.80 -1.34 8.18
N TRP G 119 -80.74 -1.30 6.86
CA TRP G 119 -81.12 -0.11 6.08
C TRP G 119 -82.62 0.04 5.97
N THR G 120 -83.12 1.24 6.26
CA THR G 120 -84.47 1.63 5.89
C THR G 120 -84.38 2.55 4.65
N TYR G 121 -85.10 2.22 3.60
CA TYR G 121 -85.16 3.12 2.41
C TYR G 121 -86.55 3.73 2.21
N ILE G 122 -86.61 5.04 2.03
CA ILE G 122 -87.88 5.72 1.85
C ILE G 122 -88.01 6.29 0.44
N GLY G 123 -89.16 6.05 -0.17
CA GLY G 123 -89.43 6.55 -1.52
C GLY G 123 -90.89 6.90 -1.78
N VAL G 124 -91.11 8.13 -2.20
CA VAL G 124 -92.45 8.58 -2.52
C VAL G 124 -92.63 8.56 -4.03
N ASP G 125 -93.70 7.90 -4.49
CA ASP G 125 -94.20 8.15 -5.83
C ASP G 125 -95.72 8.21 -5.84
N GLY G 126 -96.32 8.18 -7.02
CA GLY G 126 -97.77 8.21 -7.12
C GLY G 126 -98.26 9.46 -7.85
N PRO G 127 -99.57 9.57 -8.09
CA PRO G 127 -100.04 10.79 -8.76
C PRO G 127 -99.78 12.00 -7.87
N GLU G 128 -99.78 13.19 -8.46
CA GLU G 128 -99.51 14.40 -7.73
C GLU G 128 -100.55 14.68 -6.62
N ASN G 129 -101.80 14.29 -6.86
CA ASN G 129 -102.90 14.66 -5.98
C ASN G 129 -103.20 13.60 -4.93
N ASN G 130 -102.37 12.56 -4.90
CA ASN G 130 -102.54 11.38 -4.03
C ASN G 130 -101.31 10.49 -4.09
N ALA G 131 -100.14 11.13 -4.07
CA ALA G 131 -98.90 10.41 -3.95
C ALA G 131 -98.87 9.47 -2.74
N LEU G 132 -97.77 8.69 -2.66
CA LEU G 132 -97.66 7.60 -1.68
C LEU G 132 -96.23 7.36 -1.22
N LEU G 133 -96.00 7.50 0.07
CA LEU G 133 -94.69 7.25 0.62
C LEU G 133 -94.59 5.79 0.94
N LYS G 134 -93.49 5.17 0.49
CA LYS G 134 -93.30 3.75 0.61
C LYS G 134 -92.03 3.52 1.38
N ILE G 135 -92.04 2.47 2.20
CA ILE G 135 -90.90 2.08 3.07
C ILE G 135 -90.48 0.63 2.78
N LYS G 136 -89.17 0.46 2.64
CA LYS G 136 -88.50 -0.79 2.36
C LYS G 136 -87.44 -0.98 3.48
N TYR G 137 -87.49 -2.13 4.13
CA TYR G 137 -86.51 -2.42 5.19
C TYR G 137 -85.62 -3.54 4.65
N GLY G 138 -84.36 -3.22 4.39
CA GLY G 138 -83.47 -4.14 3.69
C GLY G 138 -84.07 -4.48 2.34
N GLU G 139 -84.48 -5.75 2.19
CA GLU G 139 -85.11 -6.26 0.98
C GLU G 139 -86.63 -6.16 0.93
N ALA G 140 -87.28 -6.15 2.09
CA ALA G 140 -88.75 -6.14 2.19
C ALA G 140 -89.42 -4.78 2.07
N TYR G 141 -90.49 -4.71 1.31
CA TYR G 141 -91.41 -3.59 1.37
C TYR G 141 -92.33 -3.79 2.56
N THR G 142 -92.34 -2.84 3.49
CA THR G 142 -92.92 -3.06 4.83
C THR G 142 -94.17 -2.24 5.21
N ASP G 143 -94.30 -1.05 4.62
CA ASP G 143 -95.29 -0.06 5.06
C ASP G 143 -95.45 1.08 4.05
N THR G 144 -96.54 1.87 4.21
CA THR G 144 -96.73 3.07 3.42
C THR G 144 -97.53 4.08 4.22
N TYR G 145 -97.43 5.34 3.79
CA TYR G 145 -98.12 6.44 4.38
C TYR G 145 -98.71 7.21 3.25
N HIS G 146 -99.94 7.68 3.45
CA HIS G 146 -100.75 8.30 2.39
C HIS G 146 -100.67 9.81 2.37
N SER G 147 -100.91 10.36 1.19
CA SER G 147 -101.09 11.81 1.01
C SER G 147 -102.17 12.36 1.92
N TYR G 148 -101.83 13.45 2.62
CA TYR G 148 -102.80 14.08 3.57
C TYR G 148 -103.22 15.50 3.22
N ALA G 149 -102.42 16.20 2.43
CA ALA G 149 -102.87 17.47 1.87
C ALA G 149 -103.15 17.40 0.37
N ASN G 150 -103.28 16.19 -0.17
CA ASN G 150 -103.54 15.98 -1.61
C ASN G 150 -102.84 16.99 -2.58
N ASN G 151 -101.64 17.41 -2.24
CA ASN G 151 -100.79 18.15 -3.18
C ASN G 151 -99.34 17.80 -3.00
N ILE G 152 -98.91 16.74 -3.69
CA ILE G 152 -97.49 16.31 -3.78
C ILE G 152 -96.85 16.01 -2.43
N LEU G 153 -97.22 14.86 -1.87
CA LEU G 153 -96.55 14.29 -0.72
C LEU G 153 -95.05 14.08 -0.99
N ARG G 154 -94.24 14.79 -0.19
CA ARG G 154 -92.80 14.90 -0.33
C ARG G 154 -92.05 14.40 0.91
N THR G 155 -90.78 13.96 0.72
CA THR G 155 -89.91 13.72 1.88
C THR G 155 -88.55 14.42 1.84
N GLN G 156 -87.65 14.10 2.78
CA GLN G 156 -86.50 14.95 3.07
C GLN G 156 -85.52 15.23 1.95
N GLU G 157 -85.48 14.37 0.94
CA GLU G 157 -84.35 14.40 0.01
C GLU G 157 -82.96 14.18 0.66
N SER G 158 -82.93 13.71 1.92
CA SER G 158 -81.69 13.31 2.63
C SER G 158 -81.89 12.31 3.75
N ALA G 159 -80.80 11.92 4.41
CA ALA G 159 -80.79 10.81 5.40
C ALA G 159 -81.78 11.01 6.53
N CYS G 160 -82.52 9.97 6.87
CA CYS G 160 -83.32 9.99 8.10
C CYS G 160 -82.38 9.74 9.29
N ASN G 161 -82.93 9.57 10.49
CA ASN G 161 -82.06 9.54 11.68
C ASN G 161 -82.61 8.58 12.66
N CYS G 162 -81.82 7.60 13.02
CA CYS G 162 -82.33 6.52 13.83
C CYS G 162 -81.66 6.54 15.18
N ILE G 163 -82.46 6.35 16.23
CA ILE G 163 -81.92 6.27 17.56
C ILE G 163 -82.61 5.10 18.25
N GLY G 164 -81.82 4.20 18.84
CA GLY G 164 -82.39 3.03 19.52
C GLY G 164 -83.42 2.33 18.65
N GLY G 165 -83.18 2.36 17.35
CA GLY G 165 -84.01 1.59 16.44
C GLY G 165 -85.25 2.32 16.00
N ASN G 166 -85.37 3.57 16.39
CA ASN G 166 -86.48 4.40 15.92
C ASN G 166 -85.99 5.42 14.94
N CYS G 167 -86.28 5.19 13.65
CA CYS G 167 -85.98 6.18 12.61
C CYS G 167 -87.09 7.26 12.49
N TYR G 168 -86.66 8.51 12.53
CA TYR G 168 -87.52 9.68 12.44
C TYR G 168 -87.37 10.36 11.05
N LEU G 169 -88.48 10.65 10.39
CA LEU G 169 -88.46 11.17 9.03
C LEU G 169 -89.43 12.37 8.84
N MET G 170 -88.95 13.46 8.28
CA MET G 170 -89.84 14.53 7.89
C MET G 170 -90.57 14.12 6.61
N ILE G 171 -91.88 14.41 6.53
CA ILE G 171 -92.65 14.34 5.29
C ILE G 171 -93.44 15.63 5.23
N THR G 172 -93.67 16.13 4.01
CA THR G 172 -94.53 17.32 3.83
C THR G 172 -95.49 17.14 2.68
N ASP G 173 -96.59 17.87 2.76
CA ASP G 173 -97.64 17.77 1.79
C ASP G 173 -98.24 19.17 1.72
N GLY G 174 -98.48 19.64 0.50
CA GLY G 174 -99.05 20.96 0.32
C GLY G 174 -98.53 21.71 -0.88
N SER G 175 -99.12 22.88 -1.12
CA SER G 175 -98.76 23.66 -2.29
C SER G 175 -97.33 24.15 -2.21
N ALA G 176 -96.70 24.30 -3.37
CA ALA G 176 -95.38 24.91 -3.45
C ALA G 176 -95.37 26.44 -3.15
N SER G 177 -96.52 27.06 -3.22
CA SER G 177 -96.60 28.52 -3.22
C SER G 177 -97.61 28.95 -2.15
N GLY G 178 -97.90 28.01 -1.25
CA GLY G 178 -98.87 28.16 -0.16
C GLY G 178 -98.51 27.26 1.02
N ILE G 179 -99.53 26.87 1.76
CA ILE G 179 -99.40 26.03 2.95
C ILE G 179 -98.84 24.64 2.62
N SER G 180 -97.74 24.29 3.26
CA SER G 180 -97.20 22.93 3.20
C SER G 180 -96.83 22.48 4.58
N GLU G 181 -97.84 22.32 5.44
CA GLU G 181 -97.64 21.85 6.81
C GLU G 181 -96.97 20.44 6.84
N CYS G 182 -95.77 20.36 7.39
CA CYS G 182 -95.05 19.05 7.50
C CYS G 182 -95.47 18.20 8.72
N ARG G 183 -94.94 16.97 8.71
CA ARG G 183 -95.17 15.95 9.71
C ARG G 183 -93.88 15.16 9.86
N PHE G 184 -93.77 14.46 10.97
CA PHE G 184 -92.69 13.50 11.15
C PHE G 184 -93.24 12.11 11.35
N LEU G 185 -92.58 11.14 10.76
CA LEU G 185 -92.95 9.75 10.97
C LEU G 185 -91.91 9.17 11.87
N LYS G 186 -92.33 8.30 12.80
CA LYS G 186 -91.42 7.52 13.61
C LYS G 186 -91.53 6.10 13.10
N ILE G 187 -90.39 5.55 12.66
CA ILE G 187 -90.37 4.26 11.95
C ILE G 187 -89.52 3.22 12.68
N ARG G 188 -90.08 2.04 12.92
CA ARG G 188 -89.31 0.97 13.57
C ARG G 188 -89.33 -0.30 12.76
N GLU G 189 -88.14 -0.78 12.39
CA GLU G 189 -88.03 -1.97 11.54
C GLU G 189 -88.96 -1.85 10.31
N GLY G 190 -88.92 -0.66 9.70
CA GLY G 190 -89.64 -0.41 8.46
C GLY G 190 -91.11 -0.11 8.58
N ARG G 191 -91.62 -0.01 9.82
CA ARG G 191 -93.07 0.19 10.02
C ARG G 191 -93.30 1.42 10.86
N ILE G 192 -94.31 2.17 10.45
CA ILE G 192 -94.66 3.41 11.10
C ILE G 192 -95.35 3.12 12.44
N ILE G 193 -94.82 3.70 13.53
CA ILE G 193 -95.36 3.45 14.87
C ILE G 193 -95.91 4.72 15.53
N LYS G 194 -95.62 5.89 14.93
CA LYS G 194 -96.18 7.15 15.42
C LYS G 194 -96.16 8.30 14.39
N GLU G 195 -97.25 9.06 14.34
CA GLU G 195 -97.31 10.33 13.59
C GLU G 195 -97.13 11.48 14.57
N ILE G 196 -96.16 12.33 14.32
CA ILE G 196 -95.84 13.43 15.20
C ILE G 196 -96.20 14.67 14.42
N PHE G 197 -97.16 15.44 14.98
CA PHE G 197 -97.63 16.69 14.40
C PHE G 197 -96.95 17.90 15.07
N PRO G 198 -96.06 18.59 14.32
CA PRO G 198 -95.31 19.68 14.97
C PRO G 198 -96.20 20.92 15.28
N THR G 199 -95.72 21.76 16.18
CA THR G 199 -96.43 22.95 16.64
C THR G 199 -95.55 24.15 16.36
N GLY G 200 -96.10 25.35 16.50
CA GLY G 200 -95.36 26.61 16.26
C GLY G 200 -95.50 27.12 14.81
N ARG G 201 -94.40 27.54 14.23
CA ARG G 201 -94.44 28.07 12.88
C ARG G 201 -94.48 26.91 11.87
N VAL G 202 -95.68 26.52 11.42
CA VAL G 202 -95.91 25.29 10.64
C VAL G 202 -96.48 25.62 9.27
N LYS G 203 -96.53 26.92 9.00
CA LYS G 203 -97.08 27.50 7.76
C LYS G 203 -96.54 26.79 6.52
N HIS G 204 -95.22 26.59 6.47
CA HIS G 204 -94.62 25.93 5.31
C HIS G 204 -93.22 25.48 5.61
N THR G 205 -93.00 24.17 5.52
CA THR G 205 -91.75 23.51 5.83
C THR G 205 -91.64 22.32 4.88
N GLU G 206 -90.49 22.24 4.21
CA GLU G 206 -90.18 21.13 3.34
C GLU G 206 -88.68 20.86 3.26
N GLU G 207 -88.30 19.65 2.88
CA GLU G 207 -86.88 19.27 2.73
C GLU G 207 -86.02 19.55 3.95
N CYS G 208 -86.47 19.07 5.08
CA CYS G 208 -85.67 19.25 6.29
C CYS G 208 -84.38 18.46 6.21
N THR G 209 -83.30 19.12 6.59
CA THR G 209 -82.03 18.46 6.67
C THR G 209 -81.85 18.26 8.15
N CYS G 210 -82.13 17.05 8.62
CA CYS G 210 -82.17 16.77 10.03
C CYS G 210 -80.94 16.07 10.53
N GLY G 211 -80.57 16.36 11.78
CA GLY G 211 -79.46 15.68 12.46
C GLY G 211 -79.73 15.58 13.96
N PHE G 212 -79.00 14.71 14.66
CA PHE G 212 -79.05 14.66 16.11
C PHE G 212 -78.23 15.80 16.70
N ALA G 213 -78.90 16.68 17.41
CA ALA G 213 -78.17 17.64 18.21
C ALA G 213 -77.73 16.98 19.53
N SER G 214 -78.37 15.87 19.87
CA SER G 214 -77.98 15.07 21.04
C SER G 214 -78.86 13.83 21.07
N ASN G 215 -78.71 13.04 22.15
CA ASN G 215 -79.55 11.85 22.37
C ASN G 215 -81.01 12.21 22.53
N LYS G 216 -81.33 13.42 22.98
CA LYS G 216 -82.73 13.82 23.19
C LYS G 216 -83.41 14.56 22.02
N THR G 217 -82.62 15.20 21.17
CA THR G 217 -83.14 16.16 20.18
C THR G 217 -82.65 15.98 18.75
N ILE G 218 -83.57 15.82 17.81
CA ILE G 218 -83.25 15.97 16.39
C ILE G 218 -83.54 17.41 16.02
N GLU G 219 -82.66 18.05 15.28
CA GLU G 219 -82.93 19.41 14.78
C GLU G 219 -82.86 19.42 13.26
N CYS G 220 -83.72 20.21 12.62
CA CYS G 220 -83.74 20.26 11.16
C CYS G 220 -83.73 21.68 10.65
N ALA G 221 -83.01 21.90 9.55
CA ALA G 221 -83.03 23.17 8.82
C ALA G 221 -83.75 22.96 7.48
N CYS G 222 -84.89 23.61 7.32
CA CYS G 222 -85.77 23.31 6.19
C CYS G 222 -85.98 24.43 5.14
N ARG G 223 -86.85 24.13 4.17
CA ARG G 223 -87.12 25.04 3.09
C ARG G 223 -88.52 25.59 3.24
N ASP G 224 -88.65 26.91 3.20
CA ASP G 224 -89.94 27.54 2.93
C ASP G 224 -89.87 28.09 1.50
N ASN G 225 -90.75 27.58 0.67
CA ASN G 225 -90.82 27.93 -0.75
C ASN G 225 -91.86 29.04 -1.06
N SER G 226 -92.57 29.55 -0.04
CA SER G 226 -93.61 30.58 -0.23
C SER G 226 -93.27 31.93 0.45
N TYR G 227 -92.87 31.85 1.70
CA TYR G 227 -93.07 33.01 2.56
C TYR G 227 -91.83 33.78 3.00
N THR G 228 -90.71 33.07 3.17
CA THR G 228 -89.53 33.65 3.79
C THR G 228 -88.27 33.01 3.23
N ALA G 229 -87.16 33.76 3.28
CA ALA G 229 -85.84 33.26 3.01
C ALA G 229 -85.07 32.85 4.27
N LYS G 230 -85.72 32.91 5.44
CA LYS G 230 -85.21 32.28 6.66
C LYS G 230 -85.58 30.82 6.53
N ARG G 231 -84.67 29.96 6.93
CA ARG G 231 -85.04 28.56 7.04
C ARG G 231 -85.92 28.35 8.27
N PRO G 232 -87.00 27.59 8.12
CA PRO G 232 -87.70 26.97 9.25
C PRO G 232 -86.73 26.08 10.02
N PHE G 233 -86.67 26.22 11.33
CA PHE G 233 -85.77 25.39 12.12
C PHE G 233 -86.57 24.52 13.05
N VAL G 234 -86.67 23.22 12.74
CA VAL G 234 -87.39 22.23 13.56
C VAL G 234 -86.54 21.66 14.73
N LYS G 235 -87.16 21.60 15.92
CA LYS G 235 -86.57 20.90 17.09
C LYS G 235 -87.50 19.79 17.51
N LEU G 236 -87.01 18.56 17.45
CA LEU G 236 -87.79 17.37 17.76
C LEU G 236 -87.26 16.66 19.00
N ASN G 237 -88.08 16.57 20.03
CA ASN G 237 -87.74 15.76 21.21
C ASN G 237 -88.06 14.29 20.90
N VAL G 238 -87.02 13.47 20.80
CA VAL G 238 -87.23 12.03 20.54
C VAL G 238 -87.63 11.21 21.78
N GLU G 239 -87.59 11.83 22.97
CA GLU G 239 -88.04 11.15 24.20
C GLU G 239 -89.52 11.27 24.47
N THR G 240 -90.10 12.43 24.12
CA THR G 240 -91.57 12.61 24.22
C THR G 240 -92.27 12.58 22.86
N ASP G 241 -91.50 12.55 21.78
CA ASP G 241 -92.02 12.55 20.40
C ASP G 241 -92.88 13.78 20.10
N THR G 242 -92.27 14.94 20.34
CA THR G 242 -92.93 16.22 20.22
C THR G 242 -92.04 17.09 19.39
N ALA G 243 -92.65 17.83 18.47
CA ALA G 243 -91.88 18.66 17.53
C ALA G 243 -92.34 20.12 17.52
N GLU G 244 -91.40 21.03 17.48
CA GLU G 244 -91.70 22.46 17.43
C GLU G 244 -90.90 23.12 16.29
N ILE G 245 -91.49 24.13 15.65
CA ILE G 245 -90.87 24.76 14.46
C ILE G 245 -90.94 26.28 14.54
N ARG G 246 -89.81 26.95 14.30
CA ARG G 246 -89.75 28.42 14.21
C ARG G 246 -88.65 28.81 13.24
N LEU G 247 -88.84 29.95 12.57
CA LEU G 247 -87.81 30.48 11.67
C LEU G 247 -86.48 30.68 12.38
N MET G 248 -85.42 30.58 11.60
CA MET G 248 -84.07 30.85 12.09
C MET G 248 -83.91 32.37 12.15
N CYS G 249 -83.55 32.85 13.34
CA CYS G 249 -83.49 34.30 13.64
C CYS G 249 -82.26 35.02 13.10
N THR G 250 -81.23 34.27 12.68
CA THR G 250 -79.96 34.83 12.22
C THR G 250 -80.06 35.74 11.01
N GLU G 251 -79.19 36.75 10.95
CA GLU G 251 -79.19 37.67 9.82
C GLU G 251 -78.58 37.00 8.57
N THR G 252 -77.86 35.91 8.77
CA THR G 252 -77.26 35.16 7.69
C THR G 252 -78.30 34.21 7.08
N TYR G 253 -79.22 34.76 6.29
CA TYR G 253 -80.31 33.96 5.68
C TYR G 253 -79.68 32.90 4.81
N LEU G 254 -80.14 31.66 4.98
CA LEU G 254 -79.54 30.48 4.38
C LEU G 254 -80.26 29.97 3.13
N ASP G 255 -81.45 30.48 2.88
CA ASP G 255 -82.21 30.06 1.70
C ASP G 255 -81.77 30.79 0.43
N THR G 256 -82.32 30.36 -0.71
CA THR G 256 -82.06 31.00 -2.01
C THR G 256 -83.31 30.90 -2.85
N PRO G 257 -83.85 32.05 -3.34
CA PRO G 257 -83.31 33.41 -3.18
C PRO G 257 -83.42 33.91 -1.76
N ARG G 258 -82.71 35.02 -1.51
CA ARG G 258 -82.76 35.73 -0.25
C ARG G 258 -82.43 37.21 -0.48
N PRO G 259 -82.81 38.09 0.48
CA PRO G 259 -82.39 39.48 0.39
C PRO G 259 -81.01 39.64 1.00
N ASP G 260 -80.60 40.89 1.27
CA ASP G 260 -79.38 41.09 2.04
C ASP G 260 -79.49 40.59 3.49
N ASP G 261 -78.35 40.20 4.03
CA ASP G 261 -78.27 39.69 5.38
C ASP G 261 -78.67 40.82 6.30
N GLY G 262 -79.47 40.52 7.34
CA GLY G 262 -79.93 41.51 8.32
C GLY G 262 -80.96 42.54 7.84
N SER G 263 -81.37 42.43 6.59
CA SER G 263 -82.29 43.42 5.99
C SER G 263 -83.76 43.11 6.22
N ILE G 264 -84.06 41.92 6.72
CA ILE G 264 -85.44 41.59 7.12
C ILE G 264 -85.69 42.16 8.52
N THR G 265 -86.48 43.23 8.52
CA THR G 265 -86.72 44.06 9.69
C THR G 265 -87.78 43.43 10.59
N GLY G 266 -87.70 43.73 11.89
CA GLY G 266 -88.64 43.15 12.86
C GLY G 266 -88.00 42.07 13.74
N PRO G 267 -88.83 41.40 14.57
CA PRO G 267 -88.26 40.35 15.46
C PRO G 267 -87.97 39.06 14.69
N CYS G 268 -87.59 38.01 15.41
CA CYS G 268 -87.18 36.76 14.82
C CYS G 268 -88.25 36.07 13.94
N GLU G 269 -89.53 36.41 14.16
CA GLU G 269 -90.59 35.79 13.36
C GLU G 269 -90.93 36.46 12.01
N SER G 270 -90.31 37.60 11.71
CA SER G 270 -90.64 38.33 10.47
C SER G 270 -90.25 37.54 9.22
N ASN G 271 -91.15 37.52 8.24
CA ASN G 271 -90.92 36.75 7.02
C ASN G 271 -89.66 37.17 6.23
N GLY G 272 -89.59 38.31 5.56
CA GLY G 272 -90.68 39.12 5.07
C GLY G 272 -90.49 39.02 3.55
N ASP G 273 -89.39 39.60 3.03
CA ASP G 273 -89.18 39.71 1.55
C ASP G 273 -88.29 38.66 0.82
N LYS G 274 -88.58 38.48 -0.47
CA LYS G 274 -87.87 37.52 -1.36
C LYS G 274 -88.02 36.06 -0.96
N GLY G 275 -89.09 35.78 -0.19
CA GLY G 275 -89.32 34.49 0.43
C GLY G 275 -89.84 33.37 -0.44
N SER G 276 -90.44 33.70 -1.60
CA SER G 276 -90.92 32.66 -2.54
C SER G 276 -89.74 32.09 -3.29
N GLY G 277 -89.86 30.83 -3.73
CA GLY G 277 -88.68 30.05 -4.19
C GLY G 277 -87.88 29.55 -2.98
N GLY G 278 -86.89 28.70 -3.20
CA GLY G 278 -86.19 28.08 -2.08
C GLY G 278 -85.09 27.19 -2.58
N ILE G 279 -84.42 26.52 -1.64
CA ILE G 279 -83.41 25.50 -1.88
C ILE G 279 -83.17 24.62 -0.63
N LYS G 280 -82.96 23.32 -0.85
CA LYS G 280 -82.59 22.44 0.24
C LYS G 280 -81.22 22.89 0.71
N GLY G 281 -81.01 22.82 2.02
CA GLY G 281 -79.78 23.37 2.63
C GLY G 281 -79.01 22.45 3.55
N GLY G 282 -77.69 22.49 3.42
CA GLY G 282 -76.81 21.74 4.29
C GLY G 282 -76.96 22.08 5.75
N PHE G 283 -76.66 21.12 6.61
CA PHE G 283 -76.81 21.30 8.02
C PHE G 283 -76.39 20.05 8.69
N VAL G 284 -75.45 20.20 9.61
CA VAL G 284 -74.92 19.07 10.31
C VAL G 284 -74.45 19.48 11.71
N HIS G 285 -74.46 18.54 12.65
CA HIS G 285 -74.09 18.83 14.03
C HIS G 285 -72.69 18.38 14.37
N GLN G 286 -71.97 19.21 15.12
CA GLN G 286 -70.73 18.83 15.78
C GLN G 286 -71.00 18.75 17.29
N ARG G 287 -71.15 17.54 17.82
CA ARG G 287 -71.47 17.33 19.25
C ARG G 287 -70.23 17.21 20.12
N MET G 288 -69.95 18.20 20.94
CA MET G 288 -68.83 18.14 21.88
C MET G 288 -69.33 17.93 23.31
N ALA G 289 -68.42 17.57 24.22
CA ALA G 289 -68.82 17.23 25.62
C ALA G 289 -69.84 18.26 26.19
N SER G 290 -69.43 19.52 26.24
CA SER G 290 -70.30 20.58 26.75
C SER G 290 -70.47 21.72 25.72
N LYS G 291 -70.54 21.40 24.44
CA LYS G 291 -70.70 22.44 23.40
C LYS G 291 -71.27 21.85 22.13
N ILE G 292 -72.13 22.58 21.47
CA ILE G 292 -72.66 22.14 20.16
C ILE G 292 -72.39 23.15 19.04
N GLY G 293 -71.74 22.66 18.00
CA GLY G 293 -71.54 23.47 16.81
C GLY G 293 -72.61 23.17 15.81
N ARG G 294 -73.05 24.20 15.09
CA ARG G 294 -74.04 23.98 14.04
C ARG G 294 -73.48 24.47 12.72
N TRP G 295 -73.27 23.56 11.80
CA TRP G 295 -72.64 23.92 10.55
C TRP G 295 -73.69 23.98 9.51
N TYR G 296 -73.59 24.95 8.61
CA TYR G 296 -74.63 25.18 7.59
C TYR G 296 -73.96 25.52 6.31
N SER G 297 -74.63 25.32 5.19
CA SER G 297 -74.17 25.87 3.91
C SER G 297 -75.26 26.66 3.20
N ARG G 298 -74.83 27.62 2.38
CA ARG G 298 -75.77 28.36 1.54
C ARG G 298 -75.06 28.82 0.28
N THR G 299 -75.84 28.97 -0.80
CA THR G 299 -75.27 29.45 -2.07
C THR G 299 -74.44 30.73 -1.92
N MET G 300 -73.44 30.86 -2.77
CA MET G 300 -72.59 32.05 -2.80
C MET G 300 -73.41 33.23 -3.34
N SER G 301 -74.31 32.95 -4.28
CA SER G 301 -75.13 33.96 -4.90
C SER G 301 -76.45 34.05 -4.17
N LYS G 302 -76.96 35.26 -4.06
CA LYS G 302 -78.22 35.50 -3.41
C LYS G 302 -79.48 35.02 -4.16
N THR G 303 -79.41 34.91 -5.50
CA THR G 303 -80.61 34.57 -6.30
C THR G 303 -80.51 33.31 -7.12
N LYS G 304 -79.27 32.88 -7.31
CA LYS G 304 -78.97 31.76 -8.18
C LYS G 304 -78.28 30.60 -7.49
N ARG G 305 -78.50 29.41 -8.04
CA ARG G 305 -77.90 28.21 -7.52
C ARG G 305 -76.42 28.03 -7.95
N MET G 306 -75.61 29.02 -7.56
CA MET G 306 -74.21 29.12 -7.87
C MET G 306 -73.40 29.28 -6.57
N GLY G 307 -72.32 28.49 -6.45
CA GLY G 307 -71.44 28.53 -5.30
C GLY G 307 -72.05 27.93 -4.03
N MET G 308 -71.20 27.60 -3.08
CA MET G 308 -71.66 27.14 -1.78
C MET G 308 -70.66 27.55 -0.72
N GLY G 309 -71.15 28.22 0.31
CA GLY G 309 -70.28 28.61 1.42
C GLY G 309 -70.55 27.77 2.65
N LEU G 310 -69.61 27.71 3.57
CA LEU G 310 -69.82 26.96 4.80
C LEU G 310 -69.85 27.97 5.91
N TYR G 311 -70.86 27.85 6.78
CA TYR G 311 -71.04 28.77 7.93
C TYR G 311 -71.13 27.95 9.20
N VAL G 312 -70.88 28.57 10.34
CA VAL G 312 -70.96 27.86 11.63
C VAL G 312 -71.28 28.77 12.82
N LYS G 313 -71.95 28.19 13.82
CA LYS G 313 -72.25 28.86 15.10
C LYS G 313 -72.23 27.85 16.23
N TYR G 314 -71.58 28.23 17.34
CA TYR G 314 -71.46 27.37 18.48
C TYR G 314 -72.47 27.78 19.59
N ASP G 315 -73.27 26.83 20.06
CA ASP G 315 -74.28 27.07 21.12
C ASP G 315 -75.26 28.14 20.76
N GLY G 316 -76.03 28.58 21.77
CA GLY G 316 -77.10 29.52 21.56
C GLY G 316 -78.37 28.84 21.11
N ASP G 317 -79.42 29.63 20.92
CA ASP G 317 -80.69 29.12 20.42
C ASP G 317 -80.84 29.68 19.01
N PRO G 318 -80.86 28.82 17.97
CA PRO G 318 -81.06 29.37 16.61
C PRO G 318 -82.39 30.05 16.44
N TRP G 319 -83.34 29.74 17.32
CA TRP G 319 -84.68 30.37 17.24
C TRP G 319 -84.69 31.84 17.64
N THR G 320 -83.65 32.32 18.33
CA THR G 320 -83.63 33.67 18.90
C THR G 320 -82.42 34.52 18.56
N ASP G 321 -81.27 33.89 18.27
CA ASP G 321 -80.02 34.56 17.94
C ASP G 321 -80.02 35.20 16.57
N SER G 322 -79.95 36.53 16.54
CA SER G 322 -79.89 37.27 15.27
C SER G 322 -78.45 37.44 14.83
N ASP G 323 -77.54 37.05 15.72
CA ASP G 323 -76.12 37.16 15.44
C ASP G 323 -75.83 36.52 14.06
N ALA G 324 -74.97 37.19 13.30
CA ALA G 324 -74.51 36.63 12.03
C ALA G 324 -73.84 35.31 12.29
N LEU G 325 -74.04 34.38 11.37
CA LEU G 325 -73.32 33.14 11.32
C LEU G 325 -71.87 33.39 10.83
N ALA G 326 -70.89 32.69 11.41
CA ALA G 326 -69.47 32.85 11.01
C ALA G 326 -69.25 32.19 9.64
N LEU G 327 -68.74 32.98 8.70
CA LEU G 327 -68.39 32.42 7.38
C LEU G 327 -67.12 31.63 7.53
N SER G 328 -67.17 30.34 7.20
CA SER G 328 -66.06 29.40 7.49
C SER G 328 -65.18 29.10 6.27
N GLY G 329 -65.78 28.99 5.08
CA GLY G 329 -65.06 28.89 3.82
C GLY G 329 -65.92 28.79 2.58
N VAL G 330 -65.32 29.01 1.41
CA VAL G 330 -65.99 28.83 0.12
C VAL G 330 -65.71 27.41 -0.38
N MET G 331 -66.76 26.60 -0.39
CA MET G 331 -66.71 25.21 -0.82
C MET G 331 -66.80 25.07 -2.35
N VAL G 332 -67.70 25.85 -2.95
CA VAL G 332 -67.87 25.90 -4.39
C VAL G 332 -67.90 27.37 -4.74
N SER G 333 -67.00 27.78 -5.63
CA SER G 333 -66.91 29.18 -6.02
C SER G 333 -68.13 29.58 -6.84
N MET G 334 -68.44 30.88 -6.78
CA MET G 334 -69.53 31.51 -7.54
C MET G 334 -69.60 31.10 -9.03
N GLU G 335 -68.51 30.57 -9.59
CA GLU G 335 -68.52 30.21 -11.00
C GLU G 335 -69.04 28.80 -11.23
N GLU G 336 -69.21 28.00 -10.18
CA GLU G 336 -69.65 26.61 -10.30
C GLU G 336 -71.05 26.47 -9.74
N PRO G 337 -71.77 25.43 -10.18
CA PRO G 337 -73.12 25.23 -9.69
C PRO G 337 -73.13 24.70 -8.25
N GLY G 338 -74.07 25.25 -7.46
CA GLY G 338 -74.34 24.85 -6.11
C GLY G 338 -75.84 24.78 -5.95
N TRP G 339 -76.36 23.56 -6.10
CA TRP G 339 -77.77 23.34 -5.93
C TRP G 339 -77.98 22.84 -4.49
N TYR G 340 -78.75 21.77 -4.32
CA TYR G 340 -79.11 21.20 -3.03
C TYR G 340 -77.88 20.90 -2.17
N SER G 341 -77.99 21.05 -0.86
CA SER G 341 -76.93 20.54 0.01
C SER G 341 -77.49 19.84 1.23
N PHE G 342 -76.73 18.95 1.86
CA PHE G 342 -77.33 18.07 2.88
C PHE G 342 -76.24 17.77 3.88
N GLY G 343 -76.61 17.35 5.09
CA GLY G 343 -75.66 16.86 6.09
C GLY G 343 -75.67 15.34 6.23
N PHE G 344 -74.53 14.79 6.70
CA PHE G 344 -74.43 13.39 7.14
C PHE G 344 -73.22 13.16 8.03
N GLU G 345 -73.19 11.99 8.64
CA GLU G 345 -72.14 11.66 9.60
C GLU G 345 -71.57 10.30 9.27
N ILE G 346 -70.25 10.26 9.05
CA ILE G 346 -69.52 9.02 8.92
C ILE G 346 -69.11 8.54 10.31
N LYS G 347 -69.10 7.23 10.51
CA LYS G 347 -68.77 6.71 11.84
C LYS G 347 -67.37 6.14 11.95
N ASP G 348 -66.56 6.85 12.70
CA ASP G 348 -65.23 6.37 13.01
C ASP G 348 -65.39 5.34 14.15
N LYS G 349 -64.27 4.82 14.63
CA LYS G 349 -64.32 3.70 15.58
C LYS G 349 -65.11 4.08 16.84
N LYS G 350 -64.81 5.22 17.44
CA LYS G 350 -65.51 5.65 18.67
C LYS G 350 -66.13 7.06 18.62
N CYS G 351 -66.16 7.67 17.43
CA CYS G 351 -66.79 8.97 17.28
C CYS G 351 -67.38 9.20 15.88
N ASP G 352 -68.32 10.15 15.79
CA ASP G 352 -69.01 10.47 14.54
C ASP G 352 -68.40 11.69 13.77
N VAL G 353 -68.18 11.54 12.48
CA VAL G 353 -67.59 12.62 11.67
C VAL G 353 -68.66 13.37 10.86
N PRO G 354 -68.92 14.61 11.25
CA PRO G 354 -69.96 15.39 10.58
C PRO G 354 -69.49 15.89 9.22
N CYS G 355 -70.32 15.73 8.20
CA CYS G 355 -69.98 16.12 6.82
C CYS G 355 -71.10 16.86 6.14
N ILE G 356 -70.79 17.62 5.09
CA ILE G 356 -71.83 18.31 4.29
C ILE G 356 -71.58 17.96 2.84
N GLY G 357 -72.55 17.35 2.18
CA GLY G 357 -72.42 17.12 0.75
C GLY G 357 -73.15 18.18 -0.08
N ILE G 358 -72.67 18.42 -1.29
CA ILE G 358 -73.25 19.43 -2.16
C ILE G 358 -73.61 18.87 -3.51
N GLU G 359 -74.89 18.98 -3.88
CA GLU G 359 -75.36 18.62 -5.22
C GLU G 359 -74.91 19.73 -6.17
N MET G 360 -74.08 19.39 -7.13
CA MET G 360 -73.55 20.37 -8.07
C MET G 360 -74.09 20.02 -9.44
N VAL G 361 -75.28 20.55 -9.75
CA VAL G 361 -76.02 20.11 -10.92
C VAL G 361 -75.39 20.63 -12.17
N HIS G 362 -75.45 19.83 -13.24
CA HIS G 362 -75.03 20.22 -14.60
C HIS G 362 -76.29 20.59 -15.31
N ASP G 363 -76.55 21.90 -15.41
CA ASP G 363 -77.81 22.44 -16.02
C ASP G 363 -77.53 23.11 -17.38
N GLY G 364 -78.07 22.53 -18.45
CA GLY G 364 -77.99 23.18 -19.77
C GLY G 364 -79.39 23.46 -20.38
N GLY G 365 -80.40 23.65 -19.53
CA GLY G 365 -81.79 23.79 -19.99
C GLY G 365 -82.43 22.45 -20.31
N LYS G 366 -83.73 22.44 -20.62
CA LYS G 366 -84.45 21.21 -20.95
C LYS G 366 -84.08 20.49 -22.30
N GLU G 367 -83.32 21.18 -23.17
CA GLU G 367 -82.96 20.62 -24.51
C GLU G 367 -81.71 19.69 -24.49
N THR G 368 -81.26 19.33 -23.28
CA THR G 368 -80.14 18.38 -23.08
C THR G 368 -80.26 17.67 -21.74
N TRP G 369 -79.29 16.84 -21.38
CA TRP G 369 -79.38 16.07 -20.16
C TRP G 369 -79.25 16.93 -18.93
N HIS G 370 -79.81 16.42 -17.83
CA HIS G 370 -79.80 17.18 -16.58
C HIS G 370 -79.44 16.28 -15.38
N SER G 371 -78.19 16.37 -14.93
CA SER G 371 -77.76 15.57 -13.79
C SER G 371 -76.82 16.36 -12.87
N ALA G 372 -76.26 15.68 -11.86
CA ALA G 372 -75.49 16.36 -10.80
C ALA G 372 -74.25 15.58 -10.42
N ALA G 373 -73.22 16.31 -9.99
CA ALA G 373 -72.08 15.75 -9.30
C ALA G 373 -72.37 15.86 -7.81
N THR G 374 -71.44 15.41 -6.96
CA THR G 374 -71.63 15.49 -5.52
C THR G 374 -70.29 15.78 -4.88
N ALA G 375 -70.17 16.97 -4.29
CA ALA G 375 -69.01 17.38 -3.51
C ALA G 375 -69.15 17.06 -2.00
N ILE G 376 -68.13 16.48 -1.38
CA ILE G 376 -68.18 16.19 0.05
C ILE G 376 -67.11 16.95 0.83
N TYR G 377 -67.55 17.78 1.78
CA TYR G 377 -66.66 18.33 2.79
C TYR G 377 -66.94 17.68 4.16
N CYS G 378 -65.88 17.27 4.84
CA CYS G 378 -66.01 16.79 6.25
C CYS G 378 -65.14 17.58 7.28
N LEU G 379 -65.62 17.56 8.53
CA LEU G 379 -64.83 17.99 9.68
C LEU G 379 -63.59 17.11 9.75
N MET G 380 -62.45 17.74 9.55
CA MET G 380 -61.13 17.08 9.67
C MET G 380 -60.03 18.08 10.05
N GLY G 381 -59.43 17.85 11.22
CA GLY G 381 -58.27 18.60 11.70
C GLY G 381 -58.56 20.01 12.12
N SER G 382 -57.50 20.78 12.25
CA SER G 382 -57.58 22.18 12.67
C SER G 382 -57.34 23.22 11.53
N GLY G 383 -57.46 24.52 11.78
CA GLY G 383 -57.09 25.54 10.78
C GLY G 383 -58.25 26.17 9.96
N GLN G 384 -57.97 26.50 8.69
CA GLN G 384 -59.00 27.12 7.80
C GLN G 384 -59.38 26.26 6.62
N LEU G 385 -60.65 26.20 6.25
CA LEU G 385 -61.05 25.50 5.02
C LEU G 385 -60.16 25.94 3.83
N LEU G 386 -59.57 24.95 3.15
CA LEU G 386 -58.49 25.25 2.23
C LEU G 386 -58.83 25.25 0.72
N TRP G 387 -59.68 24.34 0.25
CA TRP G 387 -59.87 24.26 -1.21
C TRP G 387 -61.32 24.13 -1.61
N ASP G 388 -61.66 24.73 -2.76
CA ASP G 388 -62.98 24.58 -3.34
C ASP G 388 -63.06 23.39 -4.31
N THR G 389 -64.28 23.05 -4.70
CA THR G 389 -64.51 21.88 -5.57
C THR G 389 -65.07 22.34 -6.89
N VAL G 390 -64.70 21.66 -7.97
CA VAL G 390 -65.25 21.89 -9.31
C VAL G 390 -65.72 20.52 -9.85
N THR G 391 -66.72 20.51 -10.74
CA THR G 391 -67.17 19.25 -11.36
C THR G 391 -66.22 18.75 -12.46
N GLY G 392 -65.41 19.67 -13.00
CA GLY G 392 -64.58 19.40 -14.19
C GLY G 392 -65.37 19.09 -15.47
N VAL G 393 -66.71 19.11 -15.40
CA VAL G 393 -67.53 18.64 -16.52
C VAL G 393 -67.86 19.74 -17.55
N ASP G 394 -67.60 19.43 -18.84
CA ASP G 394 -68.10 20.23 -19.95
C ASP G 394 -69.30 19.48 -20.54
N MET G 395 -70.45 20.15 -20.52
CA MET G 395 -71.71 19.53 -20.90
C MET G 395 -71.91 19.30 -22.42
N ALA G 396 -70.99 19.82 -23.24
CA ALA G 396 -71.06 19.69 -24.72
C ALA G 396 -70.55 18.36 -25.17
N LEU G 397 -69.78 17.71 -24.28
CA LEU G 397 -69.06 16.46 -24.59
C LEU G 397 -69.92 15.22 -24.46
N PRO H 9 -77.55 -22.48 9.27
CA PRO H 9 -78.86 -22.20 8.65
C PRO H 9 -79.72 -23.46 8.61
N GLU H 10 -81.05 -23.25 8.63
CA GLU H 10 -82.06 -24.28 8.64
C GLU H 10 -83.07 -24.12 7.47
N TRP H 11 -83.87 -25.17 7.23
CA TRP H 11 -84.85 -25.15 6.15
C TRP H 11 -85.91 -24.07 6.34
N THR H 12 -86.42 -23.57 5.22
CA THR H 12 -87.40 -22.53 5.24
C THR H 12 -88.80 -23.12 5.12
N TYR H 13 -89.80 -22.39 5.65
CA TYR H 13 -91.23 -22.76 5.61
C TYR H 13 -92.07 -21.50 5.31
N PRO H 14 -93.24 -21.64 4.66
CA PRO H 14 -94.11 -20.47 4.55
C PRO H 14 -94.54 -19.89 5.89
N ARG H 15 -94.43 -18.57 6.03
CA ARG H 15 -94.95 -17.92 7.24
C ARG H 15 -96.29 -17.17 7.03
N LEU H 16 -96.81 -16.55 8.10
CA LEU H 16 -97.93 -15.60 7.97
C LEU H 16 -97.46 -14.39 7.18
N SER H 17 -98.25 -13.93 6.22
CA SER H 17 -97.87 -12.78 5.42
C SER H 17 -97.76 -11.53 6.29
N CYS H 18 -96.97 -10.57 5.83
CA CYS H 18 -96.92 -9.27 6.50
C CYS H 18 -98.26 -8.52 6.44
N PRO H 19 -98.50 -7.63 7.42
CA PRO H 19 -99.69 -6.79 7.43
C PRO H 19 -99.78 -6.00 6.11
N GLY H 20 -101.02 -5.85 5.64
CA GLY H 20 -101.35 -5.04 4.48
C GLY H 20 -102.67 -5.46 3.89
N SER H 21 -103.28 -4.55 3.14
CA SER H 21 -104.53 -4.87 2.43
C SER H 21 -104.52 -4.34 1.00
N THR H 22 -103.40 -3.78 0.56
CA THR H 22 -103.32 -3.38 -0.84
C THR H 22 -101.92 -3.61 -1.47
N PHE H 23 -101.89 -4.00 -2.74
CA PHE H 23 -100.66 -3.94 -3.50
C PHE H 23 -100.32 -2.51 -3.90
N GLN H 24 -99.04 -2.22 -3.99
CA GLN H 24 -98.59 -0.93 -4.51
C GLN H 24 -97.42 -1.17 -5.46
N LYS H 25 -97.13 -0.18 -6.32
CA LYS H 25 -96.02 -0.25 -7.26
C LYS H 25 -94.73 -0.22 -6.51
N ALA H 26 -93.85 -1.19 -6.73
CA ALA H 26 -92.62 -1.29 -5.94
C ALA H 26 -91.35 -0.93 -6.69
N LEU H 27 -91.13 -1.54 -7.84
CA LEU H 27 -89.85 -1.39 -8.53
C LEU H 27 -90.04 -1.70 -10.01
N LEU H 28 -89.25 -1.04 -10.85
CA LEU H 28 -89.20 -1.38 -12.25
C LEU H 28 -87.78 -1.77 -12.64
N ILE H 29 -87.63 -2.93 -13.26
CA ILE H 29 -86.38 -3.31 -13.92
C ILE H 29 -86.59 -3.24 -15.44
N SER H 30 -86.16 -2.13 -16.03
CA SER H 30 -86.27 -1.94 -17.46
C SER H 30 -84.88 -1.74 -17.99
N PRO H 31 -84.20 -2.85 -18.35
CA PRO H 31 -82.79 -2.73 -18.70
C PRO H 31 -82.59 -2.09 -20.08
N HIS H 32 -83.59 -2.17 -20.95
CA HIS H 32 -83.47 -1.58 -22.28
C HIS H 32 -83.54 -0.05 -22.33
N ARG H 33 -83.84 0.56 -21.17
CA ARG H 33 -83.70 2.02 -20.98
C ARG H 33 -82.27 2.40 -21.27
N PHE H 34 -81.44 1.38 -21.40
CA PHE H 34 -79.97 1.53 -21.50
C PHE H 34 -79.35 0.92 -22.75
N GLY H 35 -80.16 0.26 -23.57
CA GLY H 35 -79.67 -0.33 -24.82
C GLY H 35 -79.81 0.53 -26.10
N GLU H 36 -79.46 1.81 -26.00
CA GLU H 36 -79.43 2.66 -27.20
C GLU H 36 -78.11 2.48 -27.97
N THR H 37 -78.22 2.61 -29.29
CA THR H 37 -77.08 2.88 -30.18
C THR H 37 -76.17 3.96 -29.60
N LYS H 38 -76.78 5.03 -29.05
CA LYS H 38 -76.00 6.19 -28.53
C LYS H 38 -75.38 5.92 -27.15
N GLY H 39 -75.80 4.80 -26.54
CA GLY H 39 -75.45 4.45 -25.18
C GLY H 39 -74.17 3.64 -25.12
N ASN H 40 -73.84 3.16 -23.91
CA ASN H 40 -72.61 2.37 -23.65
C ASN H 40 -72.88 1.29 -22.60
N SER H 41 -74.02 0.61 -22.72
CA SER H 41 -74.44 -0.45 -21.81
C SER H 41 -74.84 -1.65 -22.65
N ALA H 42 -74.91 -2.81 -21.98
CA ALA H 42 -75.26 -4.05 -22.64
C ALA H 42 -76.24 -4.82 -21.80
N PRO H 43 -77.51 -4.40 -21.82
CA PRO H 43 -78.54 -5.23 -21.21
C PRO H 43 -78.74 -6.50 -22.03
N LEU H 44 -78.98 -7.61 -21.35
CA LEU H 44 -79.20 -8.89 -22.01
C LEU H 44 -80.60 -9.01 -22.63
N ILE H 45 -80.68 -9.58 -23.83
CA ILE H 45 -81.98 -9.89 -24.43
C ILE H 45 -82.56 -11.14 -23.76
N ILE H 46 -83.74 -10.96 -23.15
CA ILE H 46 -84.35 -11.97 -22.32
C ILE H 46 -85.82 -12.05 -22.56
N ARG H 47 -86.40 -13.06 -21.91
CA ARG H 47 -87.84 -13.24 -21.79
C ARG H 47 -88.10 -14.22 -20.63
N GLU H 48 -89.36 -14.39 -20.31
CA GLU H 48 -89.76 -15.20 -19.15
C GLU H 48 -88.99 -14.89 -17.86
N PRO H 49 -88.96 -13.60 -17.45
CA PRO H 49 -88.34 -13.21 -16.23
C PRO H 49 -89.14 -13.76 -15.05
N PHE H 50 -88.53 -13.78 -13.87
CA PHE H 50 -89.20 -14.23 -12.65
C PHE H 50 -88.26 -14.08 -11.50
N ILE H 51 -88.80 -13.86 -10.33
CA ILE H 51 -88.03 -13.56 -9.14
C ILE H 51 -88.30 -14.66 -8.10
N ALA H 52 -87.24 -15.10 -7.44
CA ALA H 52 -87.36 -16.03 -6.34
C ALA H 52 -86.48 -15.50 -5.25
N CYS H 53 -86.90 -15.65 -4.00
CA CYS H 53 -86.15 -15.04 -2.90
C CYS H 53 -85.73 -16.11 -1.90
N GLY H 54 -84.59 -15.88 -1.27
CA GLY H 54 -84.16 -16.62 -0.08
C GLY H 54 -84.18 -15.71 1.16
N PRO H 55 -83.66 -16.20 2.32
CA PRO H 55 -83.80 -15.41 3.58
C PRO H 55 -83.04 -14.09 3.57
N LYS H 56 -81.94 -14.00 2.82
CA LYS H 56 -81.23 -12.71 2.73
C LYS H 56 -81.22 -11.98 1.38
N GLU H 57 -81.61 -12.64 0.29
CA GLU H 57 -81.49 -12.06 -1.04
C GLU H 57 -82.63 -12.45 -1.98
N CYS H 58 -83.00 -11.53 -2.86
CA CYS H 58 -83.99 -11.81 -3.91
C CYS H 58 -83.29 -11.78 -5.24
N LYS H 59 -83.44 -12.84 -6.03
CA LYS H 59 -82.77 -12.92 -7.33
C LYS H 59 -83.75 -12.73 -8.47
N HIS H 60 -83.35 -11.96 -9.47
CA HIS H 60 -84.15 -11.73 -10.66
C HIS H 60 -83.66 -12.70 -11.74
N PHE H 61 -84.47 -13.69 -12.08
CA PHE H 61 -84.11 -14.63 -13.11
C PHE H 61 -84.74 -14.32 -14.48
N ALA H 62 -84.14 -14.81 -15.54
CA ALA H 62 -84.73 -14.71 -16.87
C ALA H 62 -84.13 -15.73 -17.85
N LEU H 63 -84.80 -15.99 -18.96
CA LEU H 63 -84.19 -16.81 -20.00
C LEU H 63 -83.60 -15.88 -21.06
N THR H 64 -82.28 -15.87 -21.19
CA THR H 64 -81.62 -15.07 -22.22
C THR H 64 -81.37 -15.78 -23.52
N HIS H 65 -81.28 -15.00 -24.60
CA HIS H 65 -81.00 -15.55 -25.95
C HIS H 65 -79.50 -15.48 -26.22
N TYR H 66 -78.75 -15.14 -25.17
CA TYR H 66 -77.29 -15.01 -25.26
C TYR H 66 -76.85 -13.87 -26.20
N ALA H 67 -77.58 -12.76 -26.07
CA ALA H 67 -77.43 -11.60 -26.96
C ALA H 67 -77.71 -10.37 -26.12
N ALA H 68 -77.16 -9.23 -26.51
CA ALA H 68 -77.42 -7.96 -25.83
C ALA H 68 -77.80 -6.87 -26.82
N GLN H 69 -78.47 -5.85 -26.27
CA GLN H 69 -78.85 -4.68 -27.02
C GLN H 69 -77.93 -3.54 -26.58
N PRO H 70 -77.27 -2.84 -27.52
CA PRO H 70 -77.30 -3.13 -28.96
C PRO H 70 -76.37 -4.24 -29.31
N GLY H 71 -76.75 -5.03 -30.31
CA GLY H 71 -75.95 -6.16 -30.73
C GLY H 71 -76.15 -6.49 -32.18
N GLY H 72 -75.90 -7.74 -32.53
CA GLY H 72 -75.98 -8.20 -33.92
C GLY H 72 -76.65 -9.56 -34.05
N TYR H 73 -77.17 -10.08 -32.93
CA TYR H 73 -77.83 -11.36 -32.94
C TYR H 73 -79.29 -11.20 -32.54
N TYR H 74 -79.92 -10.12 -33.01
CA TYR H 74 -81.38 -9.93 -32.90
C TYR H 74 -82.22 -11.01 -33.57
N ASN H 75 -81.72 -11.56 -34.69
CA ASN H 75 -82.47 -12.61 -35.40
C ASN H 75 -82.63 -13.91 -34.59
N GLY H 76 -83.86 -14.27 -34.28
CA GLY H 76 -84.12 -15.52 -33.52
C GLY H 76 -84.45 -15.29 -32.02
N THR H 77 -84.45 -14.02 -31.61
CA THR H 77 -84.76 -13.65 -30.24
C THR H 77 -86.26 -13.55 -29.97
N ARG H 78 -87.08 -13.66 -31.03
CA ARG H 78 -88.56 -13.88 -30.98
C ARG H 78 -88.93 -15.37 -30.97
N GLY H 79 -87.96 -16.24 -31.24
CA GLY H 79 -88.20 -17.69 -31.12
C GLY H 79 -88.19 -18.07 -29.65
N ASP H 80 -88.34 -19.35 -29.36
CA ASP H 80 -88.31 -19.77 -27.94
C ASP H 80 -87.17 -20.75 -27.63
N ARG H 81 -87.17 -21.94 -28.23
CA ARG H 81 -86.18 -22.97 -27.92
C ARG H 81 -85.04 -23.11 -28.93
N ASN H 82 -83.87 -22.56 -28.59
CA ASN H 82 -82.63 -22.80 -29.33
C ASN H 82 -81.49 -23.25 -28.40
N LYS H 83 -80.34 -23.58 -29.05
CA LYS H 83 -79.14 -24.12 -28.40
C LYS H 83 -78.30 -23.11 -27.62
N LEU H 84 -78.65 -21.83 -27.70
CA LEU H 84 -77.87 -20.75 -27.04
C LEU H 84 -78.58 -20.17 -25.81
N ARG H 85 -79.87 -20.48 -25.70
CA ARG H 85 -80.71 -20.04 -24.60
C ARG H 85 -80.17 -20.47 -23.23
N HIS H 86 -80.18 -19.54 -22.28
CA HIS H 86 -79.65 -19.79 -20.95
C HIS H 86 -80.47 -19.16 -19.85
N LEU H 87 -80.56 -19.87 -18.71
CA LEU H 87 -81.06 -19.31 -17.47
C LEU H 87 -80.00 -18.40 -16.85
N ILE H 88 -80.38 -17.18 -16.49
CA ILE H 88 -79.45 -16.16 -15.95
C ILE H 88 -80.11 -15.47 -14.74
N SER H 89 -79.30 -14.85 -13.90
CA SER H 89 -79.76 -14.20 -12.72
C SER H 89 -78.85 -13.01 -12.36
N VAL H 90 -79.47 -12.00 -11.72
CA VAL H 90 -78.82 -10.90 -11.03
C VAL H 90 -79.54 -10.74 -9.71
N LYS H 91 -78.89 -10.11 -8.73
CA LYS H 91 -79.54 -9.76 -7.49
C LYS H 91 -80.66 -8.80 -7.91
N LEU H 92 -81.85 -9.00 -7.37
CA LEU H 92 -82.94 -8.12 -7.69
C LEU H 92 -82.58 -6.67 -7.34
N GLY H 93 -82.75 -5.78 -8.31
CA GLY H 93 -82.37 -4.40 -8.15
C GLY H 93 -81.18 -4.05 -8.97
N LYS H 94 -80.52 -5.06 -9.55
CA LYS H 94 -79.41 -4.84 -10.48
C LYS H 94 -79.94 -5.05 -11.89
N ILE H 95 -79.48 -4.20 -12.80
CA ILE H 95 -79.82 -4.30 -14.21
C ILE H 95 -79.11 -5.53 -14.77
N PRO H 96 -79.89 -6.47 -15.38
CA PRO H 96 -79.28 -7.66 -15.95
C PRO H 96 -78.57 -7.39 -17.30
N THR H 97 -77.29 -7.07 -17.18
CA THR H 97 -76.46 -6.82 -18.32
C THR H 97 -75.46 -7.97 -18.39
N VAL H 98 -74.63 -7.94 -19.44
CA VAL H 98 -73.73 -9.03 -19.75
C VAL H 98 -72.81 -9.33 -18.56
N GLU H 99 -72.23 -8.28 -18.00
CA GLU H 99 -71.33 -8.39 -16.88
C GLU H 99 -71.96 -8.63 -15.50
N ASN H 100 -73.12 -8.02 -15.21
CA ASN H 100 -73.84 -8.18 -13.92
C ASN H 100 -74.45 -9.58 -13.70
N SER H 101 -75.03 -10.12 -14.77
CA SER H 101 -75.63 -11.46 -14.76
C SER H 101 -74.64 -12.57 -14.44
N ILE H 102 -75.19 -13.67 -13.97
CA ILE H 102 -74.45 -14.91 -13.91
C ILE H 102 -75.22 -15.88 -14.77
N PHE H 103 -74.51 -16.66 -15.57
CA PHE H 103 -75.18 -17.73 -16.35
C PHE H 103 -75.19 -19.02 -15.58
N HIS H 104 -76.38 -19.57 -15.42
CA HIS H 104 -76.54 -20.75 -14.57
C HIS H 104 -76.41 -22.08 -15.32
N MET H 105 -77.09 -22.17 -16.46
CA MET H 105 -77.14 -23.38 -17.25
C MET H 105 -77.89 -23.13 -18.56
N ALA H 106 -77.59 -23.92 -19.58
CA ALA H 106 -78.36 -23.79 -20.80
C ALA H 106 -79.79 -24.18 -20.49
N ALA H 107 -80.74 -23.36 -20.93
CA ALA H 107 -82.19 -23.64 -20.73
C ALA H 107 -83.03 -22.82 -21.69
N TRP H 108 -84.11 -23.41 -22.19
CA TRP H 108 -85.17 -22.63 -22.80
C TRP H 108 -86.50 -22.65 -22.01
N SER H 109 -86.47 -23.23 -20.81
CA SER H 109 -87.61 -23.16 -19.87
C SER H 109 -86.99 -23.30 -18.50
N GLY H 110 -87.46 -22.54 -17.53
CA GLY H 110 -86.71 -22.50 -16.27
C GLY H 110 -87.53 -22.33 -15.01
N SER H 111 -86.84 -22.41 -13.87
CA SER H 111 -87.43 -22.14 -12.55
C SER H 111 -86.31 -22.07 -11.55
N ALA H 112 -86.56 -21.54 -10.35
CA ALA H 112 -85.54 -21.61 -9.30
C ALA H 112 -86.14 -21.44 -7.91
N CYS H 113 -85.46 -21.89 -6.87
CA CYS H 113 -85.92 -21.70 -5.49
C CYS H 113 -84.85 -21.88 -4.43
N HIS H 114 -84.99 -21.16 -3.33
CA HIS H 114 -84.15 -21.35 -2.15
C HIS H 114 -84.89 -22.24 -1.14
N ASP H 115 -84.16 -23.06 -0.39
CA ASP H 115 -84.80 -23.90 0.60
C ASP H 115 -84.40 -23.56 2.02
N GLY H 116 -83.78 -22.41 2.20
CA GLY H 116 -83.28 -22.06 3.49
C GLY H 116 -81.79 -22.20 3.52
N LYS H 117 -81.27 -23.28 2.95
CA LYS H 117 -79.82 -23.53 2.93
C LYS H 117 -79.16 -23.21 1.57
N GLU H 118 -79.86 -23.47 0.46
CA GLU H 118 -79.21 -23.27 -0.86
C GLU H 118 -80.19 -23.09 -2.02
N TRP H 119 -79.69 -22.52 -3.11
CA TRP H 119 -80.47 -22.35 -4.35
C TRP H 119 -80.58 -23.61 -5.19
N THR H 120 -81.79 -23.95 -5.59
CA THR H 120 -81.99 -24.98 -6.61
C THR H 120 -82.29 -24.24 -7.92
N TYR H 121 -81.58 -24.52 -8.99
CA TYR H 121 -81.91 -23.95 -10.32
C TYR H 121 -82.40 -25.00 -11.33
N ILE H 122 -83.54 -24.77 -11.96
CA ILE H 122 -84.11 -25.74 -12.89
C ILE H 122 -84.07 -25.17 -14.29
N GLY H 123 -83.72 -26.02 -15.26
CA GLY H 123 -83.60 -25.61 -16.66
C GLY H 123 -83.77 -26.74 -17.65
N VAL H 124 -84.71 -26.57 -18.56
CA VAL H 124 -85.02 -27.58 -19.55
C VAL H 124 -84.44 -27.10 -20.86
N ASP H 125 -83.60 -27.94 -21.47
CA ASP H 125 -83.27 -27.84 -22.89
C ASP H 125 -83.31 -29.22 -23.54
N GLY H 126 -82.78 -29.34 -24.77
CA GLY H 126 -82.84 -30.59 -25.49
C GLY H 126 -83.73 -30.48 -26.71
N PRO H 127 -83.69 -31.51 -27.60
CA PRO H 127 -84.55 -31.47 -28.79
C PRO H 127 -86.00 -31.36 -28.38
N GLU H 128 -86.84 -30.95 -29.32
CA GLU H 128 -88.25 -30.77 -29.06
C GLU H 128 -88.93 -32.08 -28.66
N ASN H 129 -88.46 -33.19 -29.23
CA ASN H 129 -89.19 -34.47 -29.13
C ASN H 129 -88.65 -35.39 -28.00
N ASN H 130 -87.68 -34.86 -27.26
CA ASN H 130 -87.02 -35.55 -26.18
C ASN H 130 -86.16 -34.55 -25.39
N ALA H 131 -86.74 -33.41 -25.08
CA ALA H 131 -86.12 -32.45 -24.19
C ALA H 131 -85.74 -33.07 -22.84
N LEU H 132 -85.07 -32.27 -22.01
CA LEU H 132 -84.46 -32.75 -20.75
C LEU H 132 -84.39 -31.69 -19.68
N LEU H 133 -85.10 -31.93 -18.58
CA LEU H 133 -85.04 -31.05 -17.43
C LEU H 133 -83.78 -31.35 -16.61
N LYS H 134 -83.03 -30.31 -16.33
CA LYS H 134 -81.82 -30.41 -15.58
C LYS H 134 -81.95 -29.62 -14.30
N ILE H 135 -81.29 -30.13 -13.25
CA ILE H 135 -81.29 -29.54 -11.89
C ILE H 135 -79.85 -29.30 -11.44
N LYS H 136 -79.61 -28.10 -10.92
CA LYS H 136 -78.32 -27.63 -10.40
C LYS H 136 -78.60 -27.15 -8.97
N TYR H 137 -77.85 -27.66 -8.01
CA TYR H 137 -77.97 -27.24 -6.63
C TYR H 137 -76.75 -26.41 -6.28
N GLY H 138 -76.93 -25.10 -6.14
CA GLY H 138 -75.78 -24.21 -5.96
C GLY H 138 -74.94 -24.26 -7.20
N GLU H 139 -73.72 -24.79 -7.04
CA GLU H 139 -72.75 -24.96 -8.14
C GLU H 139 -72.78 -26.32 -8.87
N ALA H 140 -73.32 -27.35 -8.21
CA ALA H 140 -73.34 -28.70 -8.76
C ALA H 140 -74.55 -29.03 -9.60
N TYR H 141 -74.33 -29.65 -10.75
CA TYR H 141 -75.39 -30.31 -11.51
C TYR H 141 -75.67 -31.66 -10.86
N THR H 142 -76.92 -31.87 -10.44
CA THR H 142 -77.25 -32.97 -9.50
C THR H 142 -78.19 -34.05 -9.99
N ASP H 143 -79.01 -33.76 -11.01
CA ASP H 143 -80.10 -34.67 -11.42
C ASP H 143 -80.75 -34.22 -12.74
N THR H 144 -81.52 -35.13 -13.36
CA THR H 144 -82.33 -34.78 -14.53
C THR H 144 -83.61 -35.60 -14.57
N TYR H 145 -84.55 -35.11 -15.35
CA TYR H 145 -85.79 -35.81 -15.55
C TYR H 145 -86.03 -35.78 -17.05
N HIS H 146 -86.58 -36.86 -17.57
CA HIS H 146 -86.73 -37.03 -19.02
C HIS H 146 -88.12 -36.73 -19.53
N SER H 147 -88.19 -36.25 -20.77
CA SER H 147 -89.44 -36.09 -21.49
C SER H 147 -90.26 -37.37 -21.43
N TYR H 148 -91.56 -37.20 -21.16
CA TYR H 148 -92.50 -38.33 -21.02
C TYR H 148 -93.70 -38.33 -21.96
N ALA H 149 -94.01 -37.19 -22.57
CA ALA H 149 -94.94 -37.23 -23.69
C ALA H 149 -94.28 -36.83 -25.01
N ASN H 150 -92.94 -36.85 -25.06
CA ASN H 150 -92.18 -36.52 -26.28
C ASN H 150 -92.74 -35.35 -27.11
N ASN H 151 -93.25 -34.33 -26.44
CA ASN H 151 -93.55 -33.06 -27.09
C ASN H 151 -93.24 -31.88 -26.19
N ILE H 152 -92.01 -31.41 -26.23
CA ILE H 152 -91.57 -30.18 -25.54
C ILE H 152 -91.79 -30.21 -24.03
N LEU H 153 -90.91 -30.90 -23.33
CA LEU H 153 -90.94 -30.93 -21.89
C LEU H 153 -90.68 -29.51 -21.40
N ARG H 154 -91.63 -29.00 -20.61
CA ARG H 154 -91.67 -27.63 -20.11
C ARG H 154 -91.72 -27.55 -18.58
N THR H 155 -91.18 -26.46 -18.03
CA THR H 155 -91.46 -26.16 -16.61
C THR H 155 -92.13 -24.80 -16.31
N GLN H 156 -92.20 -24.41 -15.03
CA GLN H 156 -93.07 -23.31 -14.57
C GLN H 156 -92.84 -21.91 -15.17
N GLU H 157 -91.62 -21.60 -15.58
CA GLU H 157 -91.27 -20.22 -15.94
C GLU H 157 -91.35 -19.29 -14.73
N SER H 158 -91.44 -19.86 -13.52
CA SER H 158 -91.35 -19.11 -12.24
C SER H 158 -90.84 -19.94 -11.05
N ALA H 159 -90.60 -19.27 -9.92
CA ALA H 159 -90.16 -19.90 -8.65
C ALA H 159 -90.85 -21.20 -8.29
N CYS H 160 -90.02 -22.15 -7.87
CA CYS H 160 -90.54 -23.37 -7.26
C CYS H 160 -90.75 -23.07 -5.79
N ASN H 161 -91.24 -24.04 -5.05
CA ASN H 161 -91.61 -23.81 -3.66
C ASN H 161 -91.06 -24.86 -2.72
N CYS H 162 -90.29 -24.41 -1.75
CA CYS H 162 -89.63 -25.35 -0.84
C CYS H 162 -90.19 -25.31 0.58
N ILE H 163 -90.44 -26.48 1.11
CA ILE H 163 -90.90 -26.57 2.48
C ILE H 163 -90.11 -27.67 3.18
N GLY H 164 -89.51 -27.36 4.32
CA GLY H 164 -88.73 -28.37 5.02
C GLY H 164 -87.70 -29.05 4.10
N GLY H 165 -87.11 -28.27 3.21
CA GLY H 165 -86.07 -28.79 2.31
C GLY H 165 -86.62 -29.56 1.12
N ASN H 166 -87.92 -29.67 0.96
CA ASN H 166 -88.48 -30.34 -0.21
C ASN H 166 -89.03 -29.30 -1.17
N CYS H 167 -88.33 -29.05 -2.26
CA CYS H 167 -88.84 -28.22 -3.34
C CYS H 167 -89.78 -28.95 -4.32
N TYR H 168 -90.94 -28.33 -4.55
CA TYR H 168 -91.98 -28.90 -5.42
C TYR H 168 -92.03 -28.10 -6.75
N LEU H 169 -92.14 -28.81 -7.87
CA LEU H 169 -91.98 -28.16 -9.19
C LEU H 169 -92.95 -28.74 -10.21
N MET H 170 -93.76 -27.89 -10.83
CA MET H 170 -94.58 -28.34 -11.94
C MET H 170 -93.68 -28.53 -13.16
N ILE H 171 -93.97 -29.60 -13.90
CA ILE H 171 -93.44 -29.84 -15.21
C ILE H 171 -94.62 -30.25 -16.08
N THR H 172 -94.55 -29.91 -17.37
CA THR H 172 -95.57 -30.41 -18.31
C THR H 172 -94.93 -30.90 -19.61
N ASP H 173 -95.65 -31.77 -20.31
CA ASP H 173 -95.18 -32.32 -21.55
C ASP H 173 -96.40 -32.61 -22.36
N GLY H 174 -96.35 -32.27 -23.65
CA GLY H 174 -97.50 -32.48 -24.53
C GLY H 174 -97.70 -31.38 -25.55
N SER H 175 -98.69 -31.57 -26.40
CA SER H 175 -98.91 -30.66 -27.50
C SER H 175 -99.39 -29.33 -26.96
N ALA H 176 -99.04 -28.25 -27.67
CA ALA H 176 -99.56 -26.92 -27.38
C ALA H 176 -101.07 -26.75 -27.71
N SER H 177 -101.63 -27.67 -28.51
CA SER H 177 -102.97 -27.50 -29.05
C SER H 177 -103.77 -28.77 -28.80
N GLY H 178 -103.28 -29.56 -27.84
CA GLY H 178 -103.90 -30.82 -27.44
C GLY H 178 -103.55 -31.14 -25.98
N ILE H 179 -103.49 -32.42 -25.65
CA ILE H 179 -103.20 -32.90 -24.31
C ILE H 179 -101.80 -32.49 -23.83
N SER H 180 -101.72 -31.86 -22.66
CA SER H 180 -100.45 -31.60 -22.05
C SER H 180 -100.52 -31.92 -20.57
N GLU H 181 -100.71 -33.20 -20.26
CA GLU H 181 -100.82 -33.67 -18.86
C GLU H 181 -99.59 -33.33 -18.03
N CYS H 182 -99.70 -32.47 -17.03
CA CYS H 182 -98.54 -32.08 -16.20
C CYS H 182 -98.25 -33.07 -15.05
N ARG H 183 -97.12 -32.82 -14.40
CA ARG H 183 -96.60 -33.61 -13.30
C ARG H 183 -95.88 -32.68 -12.35
N PHE H 184 -95.74 -33.15 -11.12
CA PHE H 184 -94.94 -32.39 -10.13
C PHE H 184 -93.77 -33.22 -9.68
N LEU H 185 -92.63 -32.57 -9.53
CA LEU H 185 -91.47 -33.26 -9.02
C LEU H 185 -91.32 -32.74 -7.62
N LYS H 186 -90.89 -33.63 -6.72
CA LYS H 186 -90.48 -33.24 -5.37
C LYS H 186 -88.98 -33.43 -5.32
N ILE H 187 -88.28 -32.33 -4.99
CA ILE H 187 -86.81 -32.26 -5.13
C ILE H 187 -86.11 -31.96 -3.79
N ARG H 188 -85.13 -32.77 -3.42
CA ARG H 188 -84.41 -32.55 -2.17
C ARG H 188 -82.93 -32.47 -2.36
N GLU H 189 -82.34 -31.37 -1.92
CA GLU H 189 -80.95 -31.09 -2.19
C GLU H 189 -80.57 -31.40 -3.63
N GLY H 190 -81.43 -31.02 -4.57
CA GLY H 190 -81.10 -31.05 -5.99
C GLY H 190 -81.43 -32.35 -6.67
N ARG H 191 -82.06 -33.27 -5.94
CA ARG H 191 -82.32 -34.62 -6.46
C ARG H 191 -83.78 -34.96 -6.29
N ILE H 192 -84.33 -35.54 -7.34
CA ILE H 192 -85.71 -35.88 -7.41
C ILE H 192 -85.96 -37.09 -6.50
N ILE H 193 -86.95 -37.00 -5.60
CA ILE H 193 -87.22 -38.08 -4.67
C ILE H 193 -88.65 -38.59 -4.78
N LYS H 194 -89.49 -37.86 -5.55
CA LYS H 194 -90.84 -38.33 -5.86
C LYS H 194 -91.46 -37.72 -7.15
N GLU H 195 -92.19 -38.54 -7.89
CA GLU H 195 -93.01 -38.08 -8.98
C GLU H 195 -94.45 -38.11 -8.48
N ILE H 196 -95.13 -36.96 -8.58
CA ILE H 196 -96.51 -36.82 -8.16
C ILE H 196 -97.37 -36.66 -9.41
N PHE H 197 -98.32 -37.57 -9.59
CA PHE H 197 -99.23 -37.56 -10.73
C PHE H 197 -100.58 -36.99 -10.31
N PRO H 198 -100.91 -35.78 -10.80
CA PRO H 198 -102.15 -35.17 -10.34
C PRO H 198 -103.39 -35.89 -10.88
N THR H 199 -104.54 -35.64 -10.24
CA THR H 199 -105.81 -36.26 -10.59
C THR H 199 -106.86 -35.16 -10.85
N GLY H 200 -108.01 -35.55 -11.42
CA GLY H 200 -109.06 -34.57 -11.79
C GLY H 200 -108.95 -34.04 -13.22
N ARG H 201 -108.98 -32.72 -13.38
CA ARG H 201 -108.97 -32.14 -14.70
C ARG H 201 -107.52 -31.98 -15.07
N VAL H 202 -106.98 -32.97 -15.79
CA VAL H 202 -105.51 -33.02 -16.17
C VAL H 202 -105.31 -32.91 -17.69
N LYS H 203 -106.40 -32.54 -18.36
CA LYS H 203 -106.51 -32.48 -19.81
C LYS H 203 -105.36 -31.67 -20.37
N HIS H 204 -105.17 -30.46 -19.80
CA HIS H 204 -104.07 -29.59 -20.22
C HIS H 204 -103.76 -28.55 -19.13
N THR H 205 -102.51 -28.50 -18.72
CA THR H 205 -102.05 -27.62 -17.66
C THR H 205 -100.57 -27.35 -17.94
N GLU H 206 -100.21 -26.07 -17.97
CA GLU H 206 -98.83 -25.65 -18.19
C GLU H 206 -98.52 -24.34 -17.46
N GLU H 207 -97.25 -24.05 -17.23
CA GLU H 207 -96.88 -22.79 -16.60
C GLU H 207 -97.61 -22.42 -15.32
N CYS H 208 -97.71 -23.40 -14.42
CA CYS H 208 -98.27 -23.15 -13.09
C CYS H 208 -97.53 -22.08 -12.29
N THR H 209 -98.27 -21.09 -11.82
CA THR H 209 -97.74 -20.11 -10.90
C THR H 209 -98.16 -20.60 -9.52
N CYS H 210 -97.23 -21.23 -8.82
CA CYS H 210 -97.54 -21.91 -7.59
C CYS H 210 -97.08 -21.11 -6.39
N GLY H 211 -97.84 -21.18 -5.30
CA GLY H 211 -97.41 -20.63 -3.99
C GLY H 211 -97.95 -21.48 -2.84
N PHE H 212 -97.42 -21.24 -1.63
CA PHE H 212 -97.96 -21.88 -0.43
C PHE H 212 -99.25 -21.20 0.06
N ALA H 213 -100.36 -21.91 -0.03
CA ALA H 213 -101.58 -21.45 0.59
C ALA H 213 -101.46 -21.69 2.12
N SER H 214 -100.63 -22.64 2.51
CA SER H 214 -100.32 -22.89 3.91
C SER H 214 -99.20 -23.90 4.01
N ASN H 215 -98.89 -24.34 5.24
CA ASN H 215 -97.90 -25.42 5.48
C ASN H 215 -98.33 -26.76 4.89
N LYS H 216 -99.62 -26.95 4.61
CA LYS H 216 -100.09 -28.21 4.06
C LYS H 216 -100.30 -28.21 2.52
N THR H 217 -100.41 -27.03 1.93
CA THR H 217 -100.97 -26.93 0.56
C THR H 217 -100.28 -25.95 -0.34
N ILE H 218 -99.78 -26.41 -1.48
CA ILE H 218 -99.32 -25.54 -2.56
C ILE H 218 -100.50 -25.43 -3.48
N GLU H 219 -100.76 -24.24 -3.98
CA GLU H 219 -101.81 -24.05 -4.97
C GLU H 219 -101.23 -23.39 -6.21
N CYS H 220 -101.72 -23.75 -7.39
CA CYS H 220 -101.17 -23.16 -8.60
C CYS H 220 -102.24 -22.73 -9.56
N ALA H 221 -101.99 -21.61 -10.23
CA ALA H 221 -102.89 -21.09 -11.27
C ALA H 221 -102.17 -21.21 -12.60
N CYS H 222 -102.74 -22.00 -13.51
CA CYS H 222 -102.00 -22.42 -14.67
C CYS H 222 -102.57 -21.96 -16.04
N ARG H 223 -101.93 -22.40 -17.12
CA ARG H 223 -102.37 -22.08 -18.47
C ARG H 223 -102.94 -23.33 -19.16
N ASP H 224 -104.09 -23.18 -19.77
CA ASP H 224 -104.56 -24.16 -20.72
C ASP H 224 -104.50 -23.43 -22.05
N ASN H 225 -103.70 -23.94 -22.98
CA ASN H 225 -103.46 -23.32 -24.27
C ASN H 225 -104.36 -23.91 -25.40
N SER H 226 -105.27 -24.84 -25.04
CA SER H 226 -106.08 -25.53 -26.03
C SER H 226 -107.57 -25.27 -25.79
N TYR H 227 -108.02 -25.58 -24.57
CA TYR H 227 -109.45 -25.85 -24.36
C TYR H 227 -110.31 -24.78 -23.70
N THR H 228 -109.73 -24.00 -22.80
CA THR H 228 -110.50 -23.05 -21.99
C THR H 228 -109.71 -21.79 -21.67
N ALA H 229 -110.44 -20.71 -21.38
CA ALA H 229 -109.86 -19.46 -20.85
C ALA H 229 -109.98 -19.35 -19.32
N LYS H 230 -110.57 -20.36 -18.69
CA LYS H 230 -110.38 -20.57 -17.25
C LYS H 230 -108.98 -21.11 -16.98
N ARG H 231 -108.34 -20.59 -15.96
CA ARG H 231 -107.09 -21.14 -15.50
C ARG H 231 -107.36 -22.46 -14.76
N PRO H 232 -106.61 -23.50 -15.12
CA PRO H 232 -106.60 -24.71 -14.32
C PRO H 232 -106.09 -24.33 -12.94
N PHE H 233 -106.77 -24.78 -11.90
CA PHE H 233 -106.32 -24.47 -10.55
C PHE H 233 -105.85 -25.74 -9.84
N VAL H 234 -104.57 -25.81 -9.51
CA VAL H 234 -103.98 -26.99 -8.88
C VAL H 234 -103.92 -26.79 -7.37
N LYS H 235 -104.33 -27.84 -6.65
CA LYS H 235 -104.14 -27.93 -5.17
C LYS H 235 -103.32 -29.14 -4.84
N LEU H 236 -102.13 -28.91 -4.28
CA LEU H 236 -101.17 -29.97 -3.92
C LEU H 236 -101.04 -30.07 -2.40
N ASN H 237 -101.38 -31.22 -1.84
CA ASN H 237 -101.07 -31.54 -0.44
C ASN H 237 -99.60 -31.98 -0.29
N VAL H 238 -98.80 -31.17 0.40
CA VAL H 238 -97.36 -31.51 0.55
C VAL H 238 -97.08 -32.46 1.72
N GLU H 239 -98.11 -32.89 2.42
CA GLU H 239 -97.95 -33.88 3.51
C GLU H 239 -98.22 -35.28 3.03
N THR H 240 -99.16 -35.46 2.09
CA THR H 240 -99.38 -36.78 1.47
C THR H 240 -98.82 -36.88 0.05
N ASP H 241 -98.30 -35.76 -0.48
CA ASP H 241 -97.78 -35.67 -1.85
C ASP H 241 -98.83 -36.11 -2.88
N THR H 242 -99.99 -35.48 -2.82
CA THR H 242 -101.12 -35.76 -3.71
C THR H 242 -101.56 -34.46 -4.35
N ALA H 243 -101.92 -34.51 -5.63
CA ALA H 243 -102.28 -33.29 -6.34
C ALA H 243 -103.59 -33.48 -7.05
N GLU H 244 -104.44 -32.45 -7.02
CA GLU H 244 -105.71 -32.44 -7.72
C GLU H 244 -105.82 -31.14 -8.54
N ILE H 245 -106.52 -31.21 -9.67
CA ILE H 245 -106.61 -30.06 -10.60
C ILE H 245 -108.05 -29.92 -11.11
N ARG H 246 -108.60 -28.70 -10.98
CA ARG H 246 -109.90 -28.32 -11.61
C ARG H 246 -109.82 -26.90 -12.12
N LEU H 247 -110.70 -26.59 -13.08
CA LEU H 247 -110.79 -25.22 -13.59
C LEU H 247 -111.21 -24.27 -12.49
N MET H 248 -110.74 -23.04 -12.58
CA MET H 248 -111.23 -21.95 -11.72
C MET H 248 -112.63 -21.58 -12.19
N CYS H 249 -113.59 -21.63 -11.26
CA CYS H 249 -115.05 -21.46 -11.52
C CYS H 249 -115.47 -19.98 -11.67
N THR H 250 -114.63 -19.05 -11.20
CA THR H 250 -114.92 -17.61 -11.25
C THR H 250 -115.28 -17.09 -12.63
N GLU H 251 -116.17 -16.10 -12.67
CA GLU H 251 -116.60 -15.49 -13.92
C GLU H 251 -115.55 -14.52 -14.46
N THR H 252 -114.57 -14.20 -13.60
CA THR H 252 -113.42 -13.35 -13.95
C THR H 252 -112.29 -14.20 -14.58
N TYR H 253 -112.52 -14.63 -15.81
CA TYR H 253 -111.52 -15.47 -16.52
C TYR H 253 -110.20 -14.77 -16.63
N LEU H 254 -109.12 -15.47 -16.28
CA LEU H 254 -107.84 -14.85 -16.05
C LEU H 254 -106.85 -15.06 -17.19
N ASP H 255 -107.24 -15.93 -18.12
CA ASP H 255 -106.39 -16.24 -19.27
C ASP H 255 -106.58 -15.23 -20.41
N THR H 256 -105.66 -15.27 -21.39
CA THR H 256 -105.74 -14.43 -22.58
C THR H 256 -105.31 -15.21 -23.79
N PRO H 257 -106.15 -15.26 -24.84
CA PRO H 257 -107.47 -14.62 -24.94
C PRO H 257 -108.51 -15.22 -24.02
N ARG H 258 -109.64 -14.52 -23.88
CA ARG H 258 -110.81 -14.96 -23.12
C ARG H 258 -112.08 -14.32 -23.72
N PRO H 259 -113.25 -14.91 -23.44
CA PRO H 259 -114.51 -14.25 -23.77
C PRO H 259 -114.92 -13.22 -22.69
N ASP H 260 -116.16 -12.76 -22.71
CA ASP H 260 -116.63 -11.88 -21.65
C ASP H 260 -116.80 -12.63 -20.31
N ASP H 261 -116.56 -11.91 -19.22
CA ASP H 261 -116.63 -12.49 -17.90
C ASP H 261 -118.04 -13.02 -17.76
N GLY H 262 -118.19 -14.18 -17.11
CA GLY H 262 -119.51 -14.78 -16.88
C GLY H 262 -120.23 -15.39 -18.07
N SER H 263 -119.64 -15.29 -19.25
CA SER H 263 -120.31 -15.70 -20.51
C SER H 263 -120.11 -17.17 -20.85
N ILE H 264 -119.21 -17.83 -20.14
CA ILE H 264 -119.10 -19.27 -20.30
C ILE H 264 -120.18 -19.94 -19.48
N THR H 265 -121.19 -20.42 -20.18
CA THR H 265 -122.38 -21.03 -19.61
C THR H 265 -122.13 -22.43 -19.09
N GLY H 266 -122.95 -22.86 -18.14
CA GLY H 266 -122.83 -24.21 -17.54
C GLY H 266 -122.20 -24.17 -16.16
N PRO H 267 -121.94 -25.35 -15.58
CA PRO H 267 -121.32 -25.39 -14.23
C PRO H 267 -119.82 -25.06 -14.26
N CYS H 268 -119.14 -25.27 -13.13
CA CYS H 268 -117.75 -24.88 -12.97
C CYS H 268 -116.79 -25.53 -13.93
N GLU H 269 -117.15 -26.71 -14.42
CA GLU H 269 -116.25 -27.44 -15.33
C GLU H 269 -116.36 -27.05 -16.84
N SER H 270 -117.31 -26.21 -17.23
CA SER H 270 -117.45 -25.87 -18.64
C SER H 270 -116.23 -25.18 -19.21
N ASN H 271 -115.79 -25.65 -20.38
CA ASN H 271 -114.64 -25.06 -21.02
C ASN H 271 -114.70 -23.53 -21.28
N GLY H 272 -115.45 -22.97 -22.22
CA GLY H 272 -116.02 -23.57 -23.40
C GLY H 272 -115.33 -22.83 -24.54
N ASP H 273 -115.60 -21.53 -24.66
CA ASP H 273 -115.15 -20.76 -25.85
C ASP H 273 -113.91 -19.85 -25.69
N LYS H 274 -113.20 -19.63 -26.80
CA LYS H 274 -111.97 -18.81 -26.91
C LYS H 274 -110.79 -19.36 -26.13
N GLY H 275 -110.86 -20.67 -25.85
CA GLY H 275 -109.90 -21.36 -25.00
C GLY H 275 -108.54 -21.67 -25.55
N SER H 276 -108.39 -21.66 -26.88
CA SER H 276 -107.08 -21.90 -27.49
C SER H 276 -106.24 -20.63 -27.33
N GLY H 277 -104.91 -20.77 -27.35
CA GLY H 277 -104.03 -19.66 -26.92
C GLY H 277 -104.04 -19.53 -25.39
N GLY H 278 -103.19 -18.67 -24.86
CA GLY H 278 -103.05 -18.60 -23.43
C GLY H 278 -102.02 -17.59 -22.99
N ILE H 279 -101.79 -17.55 -21.69
CA ILE H 279 -100.74 -16.70 -21.08
C ILE H 279 -100.42 -17.17 -19.65
N LYS H 280 -99.15 -17.06 -19.27
CA LYS H 280 -98.78 -17.37 -17.91
C LYS H 280 -99.35 -16.25 -17.04
N GLY H 281 -99.78 -16.60 -15.84
CA GLY H 281 -100.58 -15.62 -15.03
C GLY H 281 -100.15 -15.46 -13.59
N GLY H 282 -100.08 -14.23 -13.13
CA GLY H 282 -99.71 -13.91 -11.76
C GLY H 282 -100.65 -14.51 -10.73
N PHE H 283 -100.10 -14.85 -9.57
CA PHE H 283 -100.85 -15.50 -8.53
C PHE H 283 -100.00 -15.57 -7.32
N VAL H 284 -100.52 -15.04 -6.22
CA VAL H 284 -99.74 -15.06 -4.99
C VAL H 284 -100.67 -15.16 -3.76
N HIS H 285 -100.17 -15.70 -2.65
CA HIS H 285 -101.00 -15.91 -1.46
C HIS H 285 -100.69 -14.89 -0.40
N GLN H 286 -101.74 -14.44 0.27
CA GLN H 286 -101.66 -13.59 1.45
C GLN H 286 -102.18 -14.40 2.63
N ARG H 287 -101.28 -14.95 3.44
CA ARG H 287 -101.69 -15.87 4.52
C ARG H 287 -101.89 -15.11 5.81
N MET H 288 -103.11 -15.09 6.29
CA MET H 288 -103.45 -14.44 7.56
C MET H 288 -103.86 -15.52 8.56
N ALA H 289 -103.84 -15.16 9.85
CA ALA H 289 -104.13 -16.13 10.94
C ALA H 289 -105.27 -17.09 10.60
N SER H 290 -106.46 -16.52 10.35
CA SER H 290 -107.65 -17.29 10.01
C SER H 290 -108.32 -16.79 8.69
N LYS H 291 -107.52 -16.38 7.72
CA LYS H 291 -108.05 -15.95 6.45
C LYS H 291 -106.98 -16.07 5.36
N ILE H 292 -107.40 -16.47 4.17
CA ILE H 292 -106.50 -16.47 3.01
C ILE H 292 -106.97 -15.58 1.85
N GLY H 293 -106.14 -14.62 1.46
CA GLY H 293 -106.38 -13.86 0.25
C GLY H 293 -105.71 -14.53 -0.93
N ARG H 294 -106.36 -14.52 -2.08
CA ARG H 294 -105.71 -14.98 -3.31
C ARG H 294 -105.64 -13.87 -4.34
N TRP H 295 -104.42 -13.38 -4.58
CA TRP H 295 -104.21 -12.28 -5.52
C TRP H 295 -103.86 -12.82 -6.88
N TYR H 296 -104.45 -12.26 -7.93
CA TYR H 296 -104.22 -12.71 -9.30
C TYR H 296 -104.01 -11.51 -10.21
N SER H 297 -103.42 -11.71 -11.37
CA SER H 297 -103.40 -10.66 -12.40
C SER H 297 -103.88 -11.18 -13.74
N ARG H 298 -104.43 -10.29 -14.55
CA ARG H 298 -104.79 -10.62 -15.93
C ARG H 298 -104.70 -9.40 -16.83
N THR H 299 -104.37 -9.63 -18.10
CA THR H 299 -104.26 -8.56 -19.08
C THR H 299 -105.50 -7.70 -19.08
N MET H 300 -105.29 -6.42 -19.31
CA MET H 300 -106.39 -5.46 -19.40
C MET H 300 -107.22 -5.78 -20.64
N SER H 301 -106.55 -6.14 -21.74
CA SER H 301 -107.25 -6.53 -22.96
C SER H 301 -107.66 -8.01 -22.93
N LYS H 302 -108.84 -8.28 -23.48
CA LYS H 302 -109.32 -9.63 -23.63
C LYS H 302 -108.59 -10.55 -24.64
N THR H 303 -107.90 -9.97 -25.62
CA THR H 303 -107.30 -10.80 -26.71
C THR H 303 -105.83 -10.59 -26.88
N LYS H 304 -105.34 -9.48 -26.36
CA LYS H 304 -103.95 -9.12 -26.54
C LYS H 304 -103.16 -9.02 -25.26
N ARG H 305 -101.86 -9.04 -25.40
CA ARG H 305 -100.99 -9.01 -24.25
C ARG H 305 -100.64 -7.56 -23.90
N MET H 306 -101.72 -6.81 -23.62
CA MET H 306 -101.66 -5.39 -23.26
C MET H 306 -102.30 -5.15 -21.87
N GLY H 307 -101.62 -4.35 -21.06
CA GLY H 307 -102.06 -4.01 -19.72
C GLY H 307 -102.08 -5.20 -18.77
N MET H 308 -102.12 -4.90 -17.48
CA MET H 308 -102.26 -5.91 -16.45
C MET H 308 -103.05 -5.35 -15.27
N GLY H 309 -104.13 -6.03 -14.90
CA GLY H 309 -104.92 -5.65 -13.72
C GLY H 309 -104.75 -6.59 -12.53
N LEU H 310 -104.88 -6.06 -11.31
CA LEU H 310 -104.74 -6.89 -10.12
C LEU H 310 -106.10 -7.24 -9.61
N TYR H 311 -106.34 -8.52 -9.32
CA TYR H 311 -107.66 -8.97 -8.77
C TYR H 311 -107.41 -9.67 -7.45
N VAL H 312 -108.46 -9.89 -6.66
CA VAL H 312 -108.31 -10.54 -5.35
C VAL H 312 -109.60 -11.17 -4.84
N LYS H 313 -109.45 -12.26 -4.09
CA LYS H 313 -110.59 -12.89 -3.38
C LYS H 313 -110.09 -13.49 -2.07
N TYR H 314 -110.90 -13.40 -1.03
CA TYR H 314 -110.51 -13.86 0.28
C TYR H 314 -111.34 -15.08 0.61
N ASP H 315 -110.68 -16.18 0.98
CA ASP H 315 -111.33 -17.47 1.32
C ASP H 315 -112.17 -18.04 0.18
N GLY H 316 -112.87 -19.12 0.51
CA GLY H 316 -113.74 -19.80 -0.42
C GLY H 316 -112.94 -20.90 -1.07
N ASP H 317 -113.58 -21.59 -2.00
CA ASP H 317 -112.91 -22.59 -2.81
C ASP H 317 -112.89 -22.07 -4.26
N PRO H 318 -111.70 -21.83 -4.84
CA PRO H 318 -111.70 -21.32 -6.21
C PRO H 318 -112.28 -22.34 -7.19
N TRP H 319 -112.38 -23.59 -6.73
CA TRP H 319 -112.89 -24.65 -7.59
C TRP H 319 -114.36 -24.61 -7.77
N THR H 320 -115.07 -23.84 -6.94
CA THR H 320 -116.57 -23.81 -6.95
C THR H 320 -117.23 -22.41 -6.99
N ASP H 321 -116.51 -21.39 -6.54
CA ASP H 321 -117.02 -20.01 -6.49
C ASP H 321 -117.07 -19.36 -7.87
N SER H 322 -118.28 -19.06 -8.34
CA SER H 322 -118.43 -18.35 -9.63
C SER H 322 -118.41 -16.82 -9.41
N ASP H 323 -118.35 -16.45 -8.14
CA ASP H 323 -118.31 -15.06 -7.79
C ASP H 323 -117.20 -14.36 -8.61
N ALA H 324 -117.51 -13.15 -9.09
CA ALA H 324 -116.50 -12.31 -9.70
C ALA H 324 -115.38 -12.04 -8.70
N LEU H 325 -114.16 -11.98 -9.20
CA LEU H 325 -113.02 -11.57 -8.46
C LEU H 325 -113.04 -10.05 -8.35
N ALA H 326 -112.63 -9.53 -7.20
CA ALA H 326 -112.60 -8.09 -6.97
C ALA H 326 -111.46 -7.42 -7.74
N LEU H 327 -111.79 -6.52 -8.65
CA LEU H 327 -110.78 -5.72 -9.38
C LEU H 327 -110.12 -4.77 -8.42
N SER H 328 -108.82 -4.96 -8.18
CA SER H 328 -108.08 -4.18 -7.17
C SER H 328 -107.26 -3.00 -7.70
N GLY H 329 -106.88 -3.04 -8.99
CA GLY H 329 -106.18 -1.91 -9.61
C GLY H 329 -105.52 -2.21 -10.95
N VAL H 330 -105.26 -1.16 -11.73
CA VAL H 330 -104.59 -1.26 -13.02
C VAL H 330 -103.11 -1.06 -12.80
N MET H 331 -102.35 -2.15 -12.95
CA MET H 331 -100.88 -2.18 -12.79
C MET H 331 -100.15 -1.70 -14.05
N VAL H 332 -100.65 -2.15 -15.18
CA VAL H 332 -100.12 -1.68 -16.47
C VAL H 332 -101.33 -1.28 -17.30
N SER H 333 -101.34 -0.03 -17.76
CA SER H 333 -102.49 0.43 -18.56
C SER H 333 -102.56 -0.28 -19.89
N MET H 334 -103.75 -0.30 -20.48
CA MET H 334 -104.00 -0.86 -21.80
C MET H 334 -103.02 -0.38 -22.88
N GLU H 335 -102.32 0.72 -22.66
CA GLU H 335 -101.40 1.21 -23.68
C GLU H 335 -100.01 0.58 -23.63
N GLU H 336 -99.70 -0.14 -22.56
CA GLU H 336 -98.38 -0.73 -22.37
C GLU H 336 -98.49 -2.25 -22.47
N PRO H 337 -97.35 -2.94 -22.78
CA PRO H 337 -97.37 -4.39 -22.88
C PRO H 337 -97.46 -5.08 -21.51
N GLY H 338 -98.28 -6.12 -21.48
CA GLY H 338 -98.44 -6.98 -20.33
C GLY H 338 -98.46 -8.41 -20.84
N TRP H 339 -97.30 -9.04 -20.75
CA TRP H 339 -97.16 -10.41 -21.17
C TRP H 339 -97.29 -11.26 -19.91
N TYR H 340 -96.34 -12.17 -19.70
CA TYR H 340 -96.37 -13.11 -18.60
C TYR H 340 -96.42 -12.36 -17.28
N SER H 341 -97.08 -12.96 -16.29
CA SER H 341 -96.90 -12.50 -14.92
C SER H 341 -96.73 -13.67 -13.97
N PHE H 342 -96.19 -13.42 -12.79
CA PHE H 342 -95.81 -14.49 -11.86
C PHE H 342 -95.90 -13.91 -10.44
N GLY H 343 -96.07 -14.79 -9.44
CA GLY H 343 -95.99 -14.43 -8.02
C GLY H 343 -94.66 -14.80 -7.35
N PHE H 344 -94.34 -14.08 -6.27
CA PHE H 344 -93.23 -14.41 -5.37
C PHE H 344 -93.38 -13.69 -4.02
N GLU H 345 -92.51 -14.06 -3.08
CA GLU H 345 -92.61 -13.62 -1.71
C GLU H 345 -91.25 -13.21 -1.24
N ILE H 346 -91.13 -11.95 -0.82
CA ILE H 346 -89.93 -11.46 -0.19
C ILE H 346 -90.04 -11.76 1.29
N LYS H 347 -88.93 -12.05 1.95
CA LYS H 347 -89.03 -12.39 3.38
C LYS H 347 -88.53 -11.27 4.23
N ASP H 348 -89.46 -10.69 4.97
CA ASP H 348 -89.13 -9.71 6.00
C ASP H 348 -88.61 -10.48 7.23
N LYS H 349 -88.28 -9.75 8.29
CA LYS H 349 -87.69 -10.39 9.48
C LYS H 349 -88.56 -11.54 10.03
N LYS H 350 -89.86 -11.33 10.17
CA LYS H 350 -90.73 -12.34 10.78
C LYS H 350 -91.97 -12.68 9.98
N CYS H 351 -92.08 -12.13 8.77
CA CYS H 351 -93.25 -12.41 7.92
C CYS H 351 -92.91 -12.31 6.43
N ASP H 352 -93.74 -12.92 5.60
CA ASP H 352 -93.52 -12.98 4.16
C ASP H 352 -94.32 -11.90 3.39
N VAL H 353 -93.66 -11.23 2.44
CA VAL H 353 -94.32 -10.19 1.62
C VAL H 353 -94.70 -10.70 0.22
N PRO H 354 -95.99 -10.91 0.00
CA PRO H 354 -96.44 -11.41 -1.30
C PRO H 354 -96.34 -10.33 -2.39
N CYS H 355 -95.84 -10.70 -3.56
CA CYS H 355 -95.62 -9.75 -4.67
C CYS H 355 -96.06 -10.36 -5.99
N ILE H 356 -96.25 -9.55 -7.01
CA ILE H 356 -96.58 -10.05 -8.37
C ILE H 356 -95.69 -9.29 -9.35
N GLY H 357 -94.87 -10.02 -10.09
CA GLY H 357 -94.06 -9.41 -11.14
C GLY H 357 -94.77 -9.48 -12.48
N ILE H 358 -94.45 -8.53 -13.36
CA ILE H 358 -95.04 -8.51 -14.69
C ILE H 358 -93.98 -8.39 -15.77
N GLU H 359 -93.91 -9.39 -16.65
CA GLU H 359 -93.09 -9.32 -17.84
C GLU H 359 -93.75 -8.40 -18.82
N MET H 360 -93.09 -7.29 -19.08
CA MET H 360 -93.58 -6.27 -20.03
C MET H 360 -92.67 -6.28 -21.24
N VAL H 361 -93.02 -7.12 -22.20
CA VAL H 361 -92.16 -7.38 -23.36
C VAL H 361 -92.16 -6.23 -24.34
N HIS H 362 -91.00 -6.05 -24.99
CA HIS H 362 -90.82 -5.04 -26.03
C HIS H 362 -90.92 -5.77 -27.33
N ASP H 363 -92.08 -5.70 -27.95
CA ASP H 363 -92.32 -6.48 -29.17
C ASP H 363 -92.35 -5.58 -30.42
N GLY H 364 -91.38 -5.73 -31.31
CA GLY H 364 -91.46 -5.05 -32.62
C GLY H 364 -91.40 -6.01 -33.83
N GLY H 365 -91.94 -7.22 -33.66
CA GLY H 365 -91.90 -8.27 -34.69
C GLY H 365 -90.55 -9.00 -34.71
N LYS H 366 -90.43 -10.00 -35.58
CA LYS H 366 -89.17 -10.73 -35.69
C LYS H 366 -88.00 -9.96 -36.41
N GLU H 367 -88.30 -8.84 -37.07
CA GLU H 367 -87.25 -8.09 -37.79
C GLU H 367 -86.43 -7.14 -36.89
N THR H 368 -86.68 -7.19 -35.58
CA THR H 368 -85.82 -6.48 -34.60
C THR H 368 -85.67 -7.26 -33.29
N TRP H 369 -85.06 -6.64 -32.28
CA TRP H 369 -84.88 -7.34 -31.01
C TRP H 369 -86.20 -7.64 -30.26
N HIS H 370 -86.11 -8.56 -29.30
CA HIS H 370 -87.30 -8.98 -28.58
C HIS H 370 -86.90 -9.29 -27.14
N SER H 371 -87.11 -8.33 -26.25
CA SER H 371 -86.85 -8.58 -24.84
C SER H 371 -87.98 -8.04 -23.97
N ALA H 372 -87.79 -8.07 -22.65
CA ALA H 372 -88.80 -7.64 -21.69
C ALA H 372 -88.24 -6.72 -20.60
N ALA H 373 -89.07 -5.86 -20.05
CA ALA H 373 -88.81 -5.23 -18.74
C ALA H 373 -89.51 -6.06 -17.69
N THR H 374 -89.33 -5.71 -16.42
CA THR H 374 -90.03 -6.38 -15.32
C THR H 374 -90.58 -5.37 -14.34
N ALA H 375 -91.89 -5.36 -14.18
CA ALA H 375 -92.62 -4.51 -13.20
C ALA H 375 -92.90 -5.31 -11.91
N ILE H 376 -92.65 -4.72 -10.75
CA ILE H 376 -92.96 -5.40 -9.47
C ILE H 376 -93.98 -4.62 -8.60
N TYR H 377 -95.13 -5.23 -8.34
CA TYR H 377 -96.05 -4.77 -7.32
C TYR H 377 -95.98 -5.68 -6.10
N CYS H 378 -95.91 -5.08 -4.92
CA CYS H 378 -96.03 -5.85 -3.65
C CYS H 378 -97.15 -5.36 -2.68
N LEU H 379 -97.62 -6.29 -1.84
CA LEU H 379 -98.45 -5.96 -0.71
C LEU H 379 -97.66 -5.02 0.20
N MET H 380 -98.10 -3.78 0.25
CA MET H 380 -97.55 -2.82 1.21
C MET H 380 -98.62 -1.80 1.66
N GLY H 381 -98.89 -1.79 2.96
CA GLY H 381 -99.81 -0.80 3.59
C GLY H 381 -101.27 -1.03 3.30
N SER H 382 -102.03 0.03 3.52
CA SER H 382 -103.51 0.03 3.39
C SER H 382 -104.02 0.94 2.24
N GLY H 383 -105.30 0.84 1.85
CA GLY H 383 -105.86 1.79 0.85
C GLY H 383 -106.08 1.24 -0.56
N GLN H 384 -105.77 2.03 -1.59
CA GLN H 384 -106.06 1.60 -2.97
C GLN H 384 -104.81 1.62 -3.83
N LEU H 385 -104.64 0.61 -4.69
CA LEU H 385 -103.52 0.60 -5.59
C LEU H 385 -103.44 1.95 -6.33
N LEU H 386 -102.29 2.59 -6.23
CA LEU H 386 -102.17 3.98 -6.65
C LEU H 386 -101.58 4.26 -8.06
N TRP H 387 -100.50 3.59 -8.45
CA TRP H 387 -99.84 3.98 -9.72
C TRP H 387 -99.57 2.83 -10.65
N ASP H 388 -99.64 3.10 -11.95
CA ASP H 388 -99.32 2.10 -12.98
C ASP H 388 -97.85 2.17 -13.40
N THR H 389 -97.38 1.15 -14.10
CA THR H 389 -95.98 1.07 -14.55
C THR H 389 -95.84 1.20 -16.05
N VAL H 390 -94.79 1.89 -16.49
CA VAL H 390 -94.43 2.00 -17.92
C VAL H 390 -92.97 1.54 -18.10
N THR H 391 -92.62 1.04 -19.28
CA THR H 391 -91.24 0.63 -19.52
C THR H 391 -90.34 1.80 -19.84
N GLY H 392 -90.93 2.90 -20.28
CA GLY H 392 -90.18 4.06 -20.74
C GLY H 392 -89.37 3.85 -22.02
N VAL H 393 -89.47 2.65 -22.61
CA VAL H 393 -88.58 2.26 -23.74
C VAL H 393 -89.17 2.58 -25.12
N ASP H 394 -88.33 3.19 -25.96
CA ASP H 394 -88.64 3.38 -27.37
C ASP H 394 -87.74 2.40 -28.13
N MET H 395 -88.36 1.49 -28.87
CA MET H 395 -87.66 0.42 -29.52
C MET H 395 -86.83 0.79 -30.79
N ALA H 396 -86.99 2.04 -31.26
CA ALA H 396 -86.23 2.51 -32.44
C ALA H 396 -84.86 3.00 -32.06
N LEU H 397 -84.63 3.14 -30.74
CA LEU H 397 -83.38 3.70 -30.23
C LEU H 397 -82.25 2.66 -30.08
N PRO I 9 80.59 -26.02 66.27
CA PRO I 9 81.24 -26.71 65.15
C PRO I 9 82.65 -27.19 65.48
N GLU I 10 83.06 -28.27 64.81
CA GLU I 10 84.38 -28.87 64.98
C GLU I 10 85.15 -28.98 63.65
N TRP I 11 86.45 -29.30 63.72
CA TRP I 11 87.28 -29.41 62.52
C TRP I 11 86.82 -30.56 61.67
N THR I 12 87.00 -30.40 60.35
CA THR I 12 86.61 -31.40 59.39
C THR I 12 87.81 -32.28 59.02
N TYR I 13 87.52 -33.55 58.64
CA TYR I 13 88.51 -34.57 58.21
C TYR I 13 87.98 -35.30 56.98
N PRO I 14 88.85 -35.84 56.11
CA PRO I 14 88.35 -36.66 55.02
C PRO I 14 87.66 -37.92 55.53
N ARG I 15 86.53 -38.28 54.94
CA ARG I 15 85.79 -39.49 55.32
C ARG I 15 85.76 -40.46 54.17
N LEU I 16 85.10 -41.60 54.39
CA LEU I 16 84.94 -42.63 53.37
C LEU I 16 84.00 -42.06 52.32
N SER I 17 84.33 -42.18 51.04
CA SER I 17 83.47 -41.68 49.97
C SER I 17 82.12 -42.39 49.94
N CYS I 18 81.11 -41.70 49.41
CA CYS I 18 79.79 -42.31 49.27
C CYS I 18 79.81 -43.47 48.26
N PRO I 19 78.85 -44.41 48.41
CA PRO I 19 78.76 -45.53 47.48
C PRO I 19 78.59 -45.01 46.05
N GLY I 20 79.26 -45.71 45.12
CA GLY I 20 79.13 -45.49 43.69
C GLY I 20 80.29 -46.13 42.96
N SER I 21 80.07 -46.40 41.67
CA SER I 21 81.14 -46.81 40.81
C SER I 21 81.20 -46.07 39.47
N THR I 22 80.42 -45.02 39.28
CA THR I 22 80.55 -44.23 38.04
C THR I 22 80.29 -42.75 38.25
N PHE I 23 81.01 -41.89 37.55
CA PHE I 23 80.66 -40.47 37.50
C PHE I 23 79.50 -40.26 36.54
N GLN I 24 78.66 -39.27 36.83
CA GLN I 24 77.61 -38.87 35.91
C GLN I 24 77.64 -37.38 35.81
N LYS I 25 76.89 -36.84 34.85
CA LYS I 25 76.78 -35.40 34.62
C LYS I 25 75.90 -34.84 35.66
N ALA I 26 76.37 -33.79 36.35
CA ALA I 26 75.64 -33.25 37.49
C ALA I 26 74.98 -31.90 37.23
N LEU I 27 75.79 -30.92 36.85
CA LEU I 27 75.35 -29.55 36.78
C LEU I 27 76.22 -28.73 35.82
N LEU I 28 75.58 -27.81 35.12
CA LEU I 28 76.28 -26.89 34.25
C LEU I 28 76.12 -25.48 34.80
N ILE I 29 77.22 -24.79 35.01
CA ILE I 29 77.16 -23.34 35.25
C ILE I 29 77.68 -22.60 34.03
N SER I 30 76.78 -22.21 33.13
CA SER I 30 77.16 -21.44 31.96
C SER I 30 76.52 -20.07 32.05
N PRO I 31 77.21 -19.13 32.69
CA PRO I 31 76.63 -17.81 32.88
C PRO I 31 76.51 -16.99 31.59
N HIS I 32 77.30 -17.32 30.56
CA HIS I 32 77.25 -16.53 29.32
C HIS I 32 76.10 -16.86 28.38
N ARG I 33 75.33 -17.90 28.75
CA ARG I 33 74.00 -18.13 28.20
C ARG I 33 73.11 -16.89 28.37
N PHE I 34 73.60 -15.93 29.16
CA PHE I 34 72.84 -14.79 29.62
C PHE I 34 73.48 -13.45 29.32
N GLY I 35 74.63 -13.46 28.65
CA GLY I 35 75.32 -12.24 28.30
C GLY I 35 75.11 -11.79 26.86
N GLU I 36 73.92 -11.97 26.31
CA GLU I 36 73.60 -11.35 25.02
C GLU I 36 73.37 -9.83 25.07
N THR I 37 73.82 -9.15 24.02
CA THR I 37 73.39 -7.79 23.66
C THR I 37 71.87 -7.61 23.93
N LYS I 38 71.06 -8.56 23.46
CA LYS I 38 69.59 -8.50 23.54
C LYS I 38 69.02 -8.81 24.93
N GLY I 39 69.86 -9.27 25.85
CA GLY I 39 69.45 -9.63 27.19
C GLY I 39 69.72 -8.54 28.22
N ASN I 40 69.57 -8.92 29.49
CA ASN I 40 69.49 -7.96 30.58
C ASN I 40 70.12 -8.56 31.81
N SER I 41 71.22 -9.28 31.61
CA SER I 41 71.95 -9.89 32.71
C SER I 41 73.41 -9.47 32.58
N ALA I 42 74.19 -9.67 33.66
CA ALA I 42 75.57 -9.29 33.74
C ALA I 42 76.42 -10.42 34.37
N PRO I 43 76.67 -11.50 33.60
CA PRO I 43 77.59 -12.49 34.08
C PRO I 43 78.95 -11.86 34.09
N LEU I 44 79.78 -12.23 35.07
CA LEU I 44 81.13 -11.73 35.23
C LEU I 44 82.04 -12.47 34.31
N ILE I 45 83.05 -11.77 33.77
CA ILE I 45 84.09 -12.38 32.91
C ILE I 45 85.17 -13.01 33.77
N ILE I 46 85.30 -14.33 33.66
CA ILE I 46 86.18 -15.04 34.56
C ILE I 46 87.11 -16.00 33.83
N ARG I 47 87.99 -16.62 34.60
CA ARG I 47 88.61 -17.84 34.24
C ARG I 47 89.03 -18.57 35.53
N GLU I 48 89.73 -19.69 35.38
CA GLU I 48 90.19 -20.48 36.52
C GLU I 48 89.10 -20.63 37.59
N PRO I 49 87.94 -21.17 37.17
CA PRO I 49 86.94 -21.52 38.13
C PRO I 49 87.38 -22.69 39.01
N PHE I 50 86.69 -22.87 40.13
CA PHE I 50 86.91 -24.03 40.98
C PHE I 50 85.92 -24.05 42.11
N ILE I 51 85.56 -25.24 42.55
CA ILE I 51 84.61 -25.38 43.62
C ILE I 51 85.31 -25.89 44.89
N ALA I 52 84.92 -25.33 46.02
CA ALA I 52 85.33 -25.87 47.32
C ALA I 52 84.06 -25.99 48.17
N CYS I 53 83.93 -27.03 48.99
CA CYS I 53 82.76 -27.20 49.81
C CYS I 53 83.09 -27.25 51.28
N GLY I 54 82.14 -26.81 52.11
CA GLY I 54 82.15 -27.01 53.56
C GLY I 54 80.97 -27.88 53.98
N PRO I 55 80.75 -28.03 55.31
CA PRO I 55 79.77 -29.03 55.75
C PRO I 55 78.35 -28.70 55.33
N LYS I 56 78.03 -27.42 55.08
CA LYS I 56 76.66 -27.10 54.65
C LYS I 56 76.52 -26.48 53.22
N GLU I 57 77.60 -25.95 52.69
CA GLU I 57 77.57 -25.20 51.43
C GLU I 57 78.76 -25.50 50.49
N CYS I 58 78.52 -25.49 49.19
CA CYS I 58 79.56 -25.56 48.18
C CYS I 58 79.65 -24.25 47.45
N LYS I 59 80.83 -23.65 47.42
CA LYS I 59 81.01 -22.35 46.77
C LYS I 59 81.76 -22.49 45.45
N HIS I 60 81.36 -21.70 44.46
CA HIS I 60 81.90 -21.81 43.12
C HIS I 60 82.79 -20.61 42.95
N PHE I 61 84.09 -20.83 42.92
CA PHE I 61 85.05 -19.74 42.89
C PHE I 61 85.56 -19.47 41.46
N ALA I 62 86.09 -18.28 41.23
CA ALA I 62 86.66 -17.97 39.93
C ALA I 62 87.53 -16.74 40.02
N LEU I 63 88.48 -16.59 39.09
CA LEU I 63 89.26 -15.33 38.99
C LEU I 63 88.61 -14.40 37.98
N THR I 64 88.05 -13.28 38.42
CA THR I 64 87.40 -12.34 37.49
C THR I 64 88.33 -11.25 36.97
N HIS I 65 88.04 -10.75 35.76
CA HIS I 65 88.77 -9.59 35.19
C HIS I 65 88.10 -8.26 35.57
N TYR I 66 87.10 -8.33 36.46
CA TYR I 66 86.38 -7.14 36.92
C TYR I 66 85.63 -6.46 35.79
N ALA I 67 84.95 -7.30 34.99
CA ALA I 67 84.23 -6.91 33.79
C ALA I 67 83.13 -7.93 33.60
N ALA I 68 82.10 -7.56 32.81
CA ALA I 68 80.94 -8.40 32.60
C ALA I 68 80.58 -8.38 31.15
N GLN I 69 79.74 -9.32 30.75
CA GLN I 69 79.27 -9.45 29.41
C GLN I 69 77.75 -9.27 29.44
N PRO I 70 77.22 -8.32 28.64
CA PRO I 70 77.96 -7.43 27.77
C PRO I 70 78.60 -6.27 28.52
N GLY I 71 79.73 -5.80 28.02
CA GLY I 71 80.41 -4.69 28.65
C GLY I 71 81.34 -3.98 27.66
N GLY I 72 82.29 -3.24 28.20
CA GLY I 72 83.16 -2.40 27.40
C GLY I 72 84.62 -2.60 27.78
N TYR I 73 84.89 -3.58 28.66
CA TYR I 73 86.25 -3.88 29.10
C TYR I 73 86.75 -5.30 28.70
N TYR I 74 86.36 -5.73 27.50
CA TYR I 74 86.80 -7.00 26.94
C TYR I 74 88.31 -7.03 26.68
N ASN I 75 88.90 -5.89 26.31
CA ASN I 75 90.35 -5.85 26.05
C ASN I 75 91.18 -6.16 27.31
N GLY I 76 91.96 -7.24 27.24
CA GLY I 76 92.85 -7.65 28.34
C GLY I 76 92.26 -8.76 29.19
N THR I 77 91.10 -9.29 28.79
CA THR I 77 90.47 -10.41 29.49
C THR I 77 90.98 -11.75 29.00
N ARG I 78 91.83 -11.71 27.96
CA ARG I 78 92.68 -12.86 27.51
C ARG I 78 94.04 -12.91 28.21
N GLY I 79 94.43 -11.84 28.89
CA GLY I 79 95.67 -11.80 29.67
C GLY I 79 95.49 -12.63 30.92
N ASP I 80 96.43 -12.54 31.84
CA ASP I 80 96.27 -13.26 33.11
C ASP I 80 96.49 -12.35 34.31
N ARG I 81 97.66 -11.74 34.44
CA ARG I 81 97.93 -10.97 35.64
C ARG I 81 97.82 -9.46 35.45
N ASN I 82 96.72 -8.88 35.90
CA ASN I 82 96.57 -7.43 35.99
C ASN I 82 96.09 -6.97 37.39
N LYS I 83 96.13 -5.65 37.62
CA LYS I 83 95.76 -5.01 38.89
C LYS I 83 94.26 -4.96 39.20
N LEU I 84 93.42 -5.48 38.28
CA LEU I 84 91.97 -5.46 38.50
C LEU I 84 91.40 -6.82 38.87
N ARG I 85 92.20 -7.83 38.62
CA ARG I 85 91.83 -9.21 38.83
C ARG I 85 91.43 -9.53 40.27
N HIS I 86 90.39 -10.32 40.42
CA HIS I 86 89.85 -10.61 41.75
C HIS I 86 89.35 -12.04 41.88
N LEU I 87 89.57 -12.59 43.08
CA LEU I 87 88.90 -13.80 43.51
C LEU I 87 87.42 -13.50 43.92
N ILE I 88 86.49 -14.25 43.35
CA ILE I 88 85.08 -14.05 43.57
C ILE I 88 84.45 -15.40 43.86
N SER I 89 83.21 -15.36 44.43
CA SER I 89 82.47 -16.56 44.72
C SER I 89 80.96 -16.35 44.71
N VAL I 90 80.25 -17.42 44.35
CA VAL I 90 78.84 -17.55 44.54
C VAL I 90 78.56 -18.91 45.17
N LYS I 91 77.41 -19.04 45.82
CA LYS I 91 76.95 -20.35 46.22
C LYS I 91 76.83 -21.18 44.93
N LEU I 92 77.43 -22.37 44.96
CA LEU I 92 77.31 -23.26 43.82
C LEU I 92 75.83 -23.43 43.47
N GLY I 93 75.50 -23.20 42.22
CA GLY I 93 74.16 -23.28 41.75
C GLY I 93 73.67 -21.91 41.36
N LYS I 94 74.38 -20.87 41.78
CA LYS I 94 73.99 -19.51 41.42
C LYS I 94 74.88 -19.04 40.27
N ILE I 95 74.26 -18.37 39.31
CA ILE I 95 74.98 -17.76 38.21
C ILE I 95 75.87 -16.63 38.75
N PRO I 96 77.18 -16.69 38.49
CA PRO I 96 78.04 -15.63 38.98
C PRO I 96 77.94 -14.39 38.10
N THR I 97 77.01 -13.54 38.51
CA THR I 97 76.85 -12.22 37.93
C THR I 97 77.39 -11.16 38.88
N VAL I 98 77.31 -9.91 38.46
CA VAL I 98 77.91 -8.81 39.20
C VAL I 98 77.30 -8.74 40.59
N GLU I 99 75.99 -8.88 40.65
CA GLU I 99 75.27 -8.75 41.90
C GLU I 99 75.27 -10.01 42.79
N ASN I 100 75.15 -11.20 42.18
CA ASN I 100 75.22 -12.46 42.93
C ASN I 100 76.59 -12.79 43.57
N SER I 101 77.68 -12.40 42.90
CA SER I 101 79.05 -12.65 43.37
C SER I 101 79.40 -11.85 44.60
N ILE I 102 80.39 -12.33 45.35
CA ILE I 102 81.04 -11.56 46.38
C ILE I 102 82.51 -11.50 45.97
N PHE I 103 83.13 -10.35 46.18
CA PHE I 103 84.51 -10.15 45.86
C PHE I 103 85.30 -10.30 47.15
N HIS I 104 86.17 -11.31 47.17
CA HIS I 104 86.98 -11.67 48.33
C HIS I 104 88.26 -10.86 48.48
N MET I 105 89.06 -10.79 47.40
CA MET I 105 90.33 -10.08 47.41
C MET I 105 90.90 -9.93 46.01
N ALA I 106 91.83 -8.98 45.85
CA ALA I 106 92.51 -8.86 44.58
C ALA I 106 93.38 -10.11 44.43
N ALA I 107 93.31 -10.73 43.26
CA ALA I 107 94.08 -11.94 42.98
C ALA I 107 94.14 -12.22 41.49
N TRP I 108 95.32 -12.61 40.99
CA TRP I 108 95.40 -13.26 39.68
C TRP I 108 95.77 -14.71 39.77
N SER I 109 95.75 -15.27 40.97
CA SER I 109 95.91 -16.71 41.19
C SER I 109 95.25 -17.01 42.52
N GLY I 110 94.56 -18.13 42.63
CA GLY I 110 93.79 -18.36 43.84
C GLY I 110 93.45 -19.77 44.29
N SER I 111 92.87 -19.85 45.50
CA SER I 111 92.48 -21.13 46.10
C SER I 111 91.58 -20.81 47.26
N ALA I 112 90.84 -21.80 47.74
CA ALA I 112 90.11 -21.60 48.97
C ALA I 112 89.76 -22.91 49.60
N CYS I 113 89.41 -22.89 50.89
CA CYS I 113 88.95 -24.13 51.57
C CYS I 113 88.28 -23.89 52.92
N HIS I 114 87.38 -24.80 53.27
CA HIS I 114 86.74 -24.80 54.58
C HIS I 114 87.42 -25.79 55.54
N ASP I 115 87.58 -25.43 56.81
CA ASP I 115 88.22 -26.34 57.74
C ASP I 115 87.27 -27.02 58.74
N GLY I 116 85.97 -26.86 58.50
CA GLY I 116 84.96 -27.24 59.49
C GLY I 116 84.37 -26.05 60.19
N LYS I 117 85.22 -25.09 60.53
CA LYS I 117 84.80 -23.88 61.25
C LYS I 117 84.66 -22.61 60.38
N GLU I 118 85.56 -22.46 59.39
CA GLU I 118 85.57 -21.22 58.62
C GLU I 118 86.32 -21.34 57.30
N TRP I 119 86.00 -20.42 56.38
CA TRP I 119 86.61 -20.38 55.03
C TRP I 119 87.96 -19.72 55.06
N THR I 120 88.96 -20.39 54.46
CA THR I 120 90.24 -19.76 54.16
C THR I 120 90.23 -19.42 52.67
N TYR I 121 90.62 -18.20 52.32
CA TYR I 121 90.66 -17.75 50.90
C TYR I 121 92.05 -17.32 50.55
N ILE I 122 92.60 -17.86 49.48
CA ILE I 122 93.99 -17.57 49.09
C ILE I 122 94.03 -16.86 47.76
N GLY I 123 94.88 -15.85 47.67
CA GLY I 123 94.94 -15.06 46.46
C GLY I 123 96.27 -14.37 46.28
N VAL I 124 96.93 -14.66 45.15
CA VAL I 124 98.20 -14.06 44.85
C VAL I 124 97.99 -12.91 43.87
N ASP I 125 98.57 -11.75 44.21
CA ASP I 125 98.80 -10.69 43.24
C ASP I 125 100.14 -10.02 43.51
N GLY I 126 100.42 -8.90 42.85
CA GLY I 126 101.71 -8.23 42.97
C GLY I 126 102.45 -8.20 41.64
N PRO I 127 103.60 -7.51 41.59
CA PRO I 127 104.35 -7.51 40.34
C PRO I 127 104.88 -8.92 40.01
N GLU I 128 105.12 -9.17 38.73
CA GLU I 128 105.61 -10.47 38.28
C GLU I 128 106.90 -10.98 39.01
N ASN I 129 107.79 -10.04 39.30
CA ASN I 129 109.12 -10.36 39.85
C ASN I 129 109.17 -10.32 41.39
N ASN I 130 108.01 -10.14 42.01
CA ASN I 130 107.88 -10.05 43.45
C ASN I 130 106.38 -10.10 43.81
N ALA I 131 105.67 -11.05 43.23
CA ALA I 131 104.30 -11.27 43.60
C ALA I 131 104.17 -11.67 45.07
N LEU I 132 102.93 -11.80 45.54
CA LEU I 132 102.63 -11.90 46.97
C LEU I 132 101.35 -12.66 47.18
N LEU I 133 101.46 -13.76 47.90
CA LEU I 133 100.30 -14.56 48.24
C LEU I 133 99.68 -14.03 49.50
N LYS I 134 98.38 -13.83 49.46
CA LYS I 134 97.65 -13.27 50.56
C LYS I 134 96.62 -14.23 51.04
N ILE I 135 96.37 -14.24 52.36
CA ILE I 135 95.41 -15.15 53.01
C ILE I 135 94.37 -14.38 53.82
N LYS I 136 93.13 -14.79 53.63
CA LYS I 136 91.98 -14.14 54.25
C LYS I 136 91.24 -15.29 54.97
N TYR I 137 90.97 -15.11 56.26
CA TYR I 137 90.23 -16.10 57.05
C TYR I 137 88.88 -15.51 57.38
N GLY I 138 87.84 -16.01 56.72
CA GLY I 138 86.52 -15.42 56.78
C GLY I 138 86.65 -14.00 56.24
N GLU I 139 86.49 -13.02 57.13
CA GLU I 139 86.44 -11.59 56.77
C GLU I 139 87.77 -10.88 56.95
N ALA I 140 88.63 -11.47 57.79
CA ALA I 140 89.95 -10.92 58.13
C ALA I 140 91.10 -11.29 57.16
N TYR I 141 91.95 -10.32 56.86
CA TYR I 141 93.20 -10.58 56.18
C TYR I 141 94.22 -10.94 57.28
N THR I 142 94.82 -12.14 57.18
CA THR I 142 95.55 -12.73 58.33
C THR I 142 97.05 -12.93 58.16
N ASP I 143 97.51 -13.11 56.92
CA ASP I 143 98.90 -13.51 56.61
C ASP I 143 99.28 -13.36 55.14
N THR I 144 100.58 -13.39 54.86
CA THR I 144 101.09 -13.42 53.50
C THR I 144 102.38 -14.23 53.40
N TYR I 145 102.69 -14.65 52.20
CA TYR I 145 103.93 -15.35 51.93
C TYR I 145 104.52 -14.71 50.70
N HIS I 146 105.84 -14.49 50.71
CA HIS I 146 106.53 -13.77 49.66
C HIS I 146 107.13 -14.64 48.58
N SER I 147 107.23 -14.04 47.39
CA SER I 147 107.92 -14.63 46.24
C SER I 147 109.31 -15.04 46.63
N TYR I 148 109.69 -16.28 46.28
CA TYR I 148 111.02 -16.88 46.59
C TYR I 148 111.89 -17.22 45.37
N ALA I 149 111.30 -17.36 44.19
CA ALA I 149 112.11 -17.48 42.97
C ALA I 149 111.98 -16.25 42.07
N ASN I 150 111.37 -15.18 42.57
CA ASN I 150 111.18 -13.96 41.80
C ASN I 150 110.76 -14.14 40.34
N ASN I 151 109.85 -15.08 40.10
CA ASN I 151 109.23 -15.23 38.80
C ASN I 151 107.82 -15.81 38.88
N ILE I 152 106.87 -14.90 39.14
CA ILE I 152 105.43 -15.20 39.17
C ILE I 152 105.05 -16.25 40.20
N LEU I 153 105.06 -15.85 41.48
CA LEU I 153 104.53 -16.68 42.54
C LEU I 153 103.12 -17.05 42.22
N ARG I 154 102.84 -18.35 42.16
CA ARG I 154 101.53 -18.91 41.78
C ARG I 154 100.97 -19.86 42.83
N THR I 155 99.65 -20.04 42.82
CA THR I 155 99.05 -21.11 43.62
C THR I 155 98.18 -22.10 42.83
N GLN I 156 97.40 -22.95 43.50
CA GLN I 156 96.78 -24.13 42.89
C GLN I 156 95.78 -23.89 41.78
N GLU I 157 95.12 -22.75 41.78
CA GLU I 157 93.92 -22.59 40.95
C GLU I 157 92.77 -23.56 41.32
N SER I 158 92.88 -24.22 42.49
CA SER I 158 91.77 -25.02 43.06
C SER I 158 91.80 -25.14 44.60
N ALA I 159 90.83 -25.91 45.13
CA ALA I 159 90.57 -26.03 46.58
C ALA I 159 91.80 -26.49 47.33
N CYS I 160 92.13 -25.82 48.42
CA CYS I 160 93.12 -26.36 49.39
C CYS I 160 92.47 -27.46 50.22
N ASN I 161 93.19 -28.05 51.16
CA ASN I 161 92.68 -29.23 51.85
C ASN I 161 92.97 -29.19 53.33
N CYS I 162 91.92 -29.22 54.13
CA CYS I 162 92.14 -29.02 55.55
C CYS I 162 91.85 -30.30 56.31
N ILE I 163 92.71 -30.58 57.28
CA ILE I 163 92.54 -31.74 58.13
C ILE I 163 92.85 -31.31 59.55
N GLY I 164 91.91 -31.54 60.47
CA GLY I 164 92.08 -31.11 61.86
C GLY I 164 92.51 -29.66 61.97
N GLY I 165 91.98 -28.82 61.08
CA GLY I 165 92.20 -27.39 61.11
C GLY I 165 93.48 -26.93 60.49
N ASN I 166 94.25 -27.85 59.91
CA ASN I 166 95.42 -27.48 59.17
C ASN I 166 95.13 -27.58 57.70
N CYS I 167 95.04 -26.43 57.02
CA CYS I 167 94.92 -26.43 55.57
C CYS I 167 96.28 -26.45 54.88
N TYR I 168 96.40 -27.31 53.88
CA TYR I 168 97.65 -27.50 53.12
C TYR I 168 97.54 -26.93 51.68
N LEU I 169 98.49 -26.09 51.28
CA LEU I 169 98.37 -25.39 50.01
C LEU I 169 99.63 -25.43 49.16
N MET I 170 99.53 -25.92 47.92
CA MET I 170 100.67 -25.84 46.97
C MET I 170 100.83 -24.39 46.51
N ILE I 171 102.08 -23.95 46.46
CA ILE I 171 102.48 -22.71 45.83
C ILE I 171 103.71 -23.05 44.98
N THR I 172 103.84 -22.37 43.84
CA THR I 172 105.05 -22.51 43.02
C THR I 172 105.55 -21.17 42.57
N ASP I 173 106.81 -21.12 42.19
CA ASP I 173 107.47 -19.91 41.77
C ASP I 173 108.57 -20.36 40.85
N GLY I 174 108.69 -19.70 39.70
CA GLY I 174 109.72 -20.06 38.75
C GLY I 174 109.31 -19.83 37.31
N SER I 175 110.22 -20.11 36.40
CA SER I 175 109.93 -19.81 35.02
C SER I 175 108.92 -20.77 34.45
N ALA I 176 108.16 -20.26 33.48
CA ALA I 176 107.16 -21.07 32.79
C ALA I 176 107.80 -22.09 31.87
N SER I 177 109.07 -21.85 31.53
CA SER I 177 109.79 -22.66 30.53
C SER I 177 111.08 -23.20 31.11
N GLY I 178 111.18 -23.18 32.44
CA GLY I 178 112.35 -23.64 33.17
C GLY I 178 111.94 -24.16 34.54
N ILE I 179 112.79 -23.95 35.53
CA ILE I 179 112.63 -24.50 36.85
C ILE I 179 111.49 -23.74 37.56
N SER I 180 110.48 -24.47 38.02
CA SER I 180 109.51 -23.93 38.93
C SER I 180 109.35 -24.85 40.14
N GLU I 181 110.35 -24.88 40.99
CA GLU I 181 110.29 -25.62 42.25
C GLU I 181 109.10 -25.17 43.17
N CYS I 182 108.10 -26.02 43.33
CA CYS I 182 106.99 -25.76 44.25
C CYS I 182 107.30 -26.06 45.72
N ARG I 183 106.39 -25.56 46.55
CA ARG I 183 106.44 -25.64 47.99
C ARG I 183 105.01 -25.84 48.48
N PHE I 184 104.85 -26.31 49.71
CA PHE I 184 103.54 -26.36 50.34
C PHE I 184 103.54 -25.50 51.57
N LEU I 185 102.43 -24.81 51.78
CA LEU I 185 102.21 -24.09 53.02
C LEU I 185 101.25 -24.88 53.89
N LYS I 186 101.47 -24.86 55.19
CA LYS I 186 100.52 -25.40 56.16
C LYS I 186 99.87 -24.20 56.90
N ILE I 187 98.55 -24.08 56.77
CA ILE I 187 97.86 -22.89 57.24
C ILE I 187 96.83 -23.22 58.33
N ARG I 188 96.90 -22.50 59.46
CA ARG I 188 95.96 -22.74 60.56
C ARG I 188 95.32 -21.45 60.96
N GLU I 189 93.98 -21.43 60.92
CA GLU I 189 93.20 -20.24 61.15
C GLU I 189 93.81 -19.03 60.39
N GLY I 190 94.24 -19.31 59.15
CA GLY I 190 94.62 -18.27 58.20
C GLY I 190 96.03 -17.80 58.35
N ARG I 191 96.77 -18.46 59.23
CA ARG I 191 98.17 -18.12 59.43
C ARG I 191 99.05 -19.30 59.06
N ILE I 192 100.21 -18.99 58.50
CA ILE I 192 101.13 -19.96 58.03
C ILE I 192 101.96 -20.47 59.22
N ILE I 193 101.93 -21.79 59.42
CA ILE I 193 102.63 -22.38 60.58
C ILE I 193 103.79 -23.32 60.17
N LYS I 194 103.86 -23.66 58.89
CA LYS I 194 105.01 -24.40 58.40
C LYS I 194 105.18 -24.29 56.89
N GLU I 195 106.44 -24.23 56.46
CA GLU I 195 106.83 -24.38 55.07
C GLU I 195 107.35 -25.81 54.91
N ILE I 196 106.80 -26.52 53.92
CA ILE I 196 107.16 -27.88 53.62
C ILE I 196 107.83 -27.85 52.25
N PHE I 197 109.09 -28.26 52.20
CA PHE I 197 109.89 -28.32 50.99
C PHE I 197 109.90 -29.74 50.44
N PRO I 198 109.21 -29.97 49.31
CA PRO I 198 109.17 -31.35 48.82
C PRO I 198 110.54 -31.84 48.29
N THR I 199 110.66 -33.17 48.14
CA THR I 199 111.90 -33.83 47.73
C THR I 199 111.53 -34.72 46.54
N GLY I 200 112.55 -35.25 45.85
CA GLY I 200 112.32 -36.04 44.63
C GLY I 200 112.33 -35.17 43.36
N ARG I 201 111.42 -35.49 42.44
CA ARG I 201 111.34 -34.80 41.14
C ARG I 201 110.65 -33.43 41.38
N VAL I 202 111.44 -32.40 41.58
CA VAL I 202 110.95 -31.07 41.96
C VAL I 202 111.34 -30.05 40.88
N LYS I 203 111.76 -30.55 39.74
CA LYS I 203 112.28 -29.77 38.62
C LYS I 203 111.23 -28.72 38.25
N HIS I 204 110.01 -29.20 38.03
CA HIS I 204 108.94 -28.27 37.69
C HIS I 204 107.55 -28.84 38.02
N THR I 205 106.83 -28.09 38.85
CA THR I 205 105.50 -28.53 39.36
C THR I 205 104.68 -27.26 39.62
N GLU I 206 103.51 -27.23 39.02
CA GLU I 206 102.58 -26.09 39.20
C GLU I 206 101.14 -26.52 39.12
N GLU I 207 100.23 -25.73 39.68
CA GLU I 207 98.80 -26.04 39.62
C GLU I 207 98.42 -27.44 40.07
N CYS I 208 98.90 -27.82 41.25
CA CYS I 208 98.55 -29.12 41.80
C CYS I 208 97.09 -29.21 42.12
N THR I 209 96.44 -30.24 41.62
CA THR I 209 95.10 -30.55 42.01
C THR I 209 95.30 -31.58 43.10
N CYS I 210 95.10 -31.15 44.35
CA CYS I 210 95.32 -32.04 45.49
C CYS I 210 94.02 -32.53 46.08
N GLY I 211 94.04 -33.73 46.65
CA GLY I 211 92.93 -34.27 47.48
C GLY I 211 93.48 -35.19 48.57
N PHE I 212 92.66 -35.57 49.54
CA PHE I 212 93.06 -36.54 50.55
C PHE I 212 92.91 -37.94 50.01
N ALA I 213 94.03 -38.63 49.89
CA ALA I 213 93.99 -40.07 49.66
C ALA I 213 93.63 -40.81 50.95
N SER I 214 93.85 -40.16 52.09
CA SER I 214 93.39 -40.72 53.36
C SER I 214 93.63 -39.71 54.46
N ASN I 215 93.45 -40.10 55.73
CA ASN I 215 93.78 -39.22 56.86
C ASN I 215 95.27 -38.89 56.96
N LYS I 216 96.16 -39.73 56.43
CA LYS I 216 97.61 -39.51 56.51
C LYS I 216 98.22 -38.80 55.29
N THR I 217 97.60 -38.93 54.13
CA THR I 217 98.21 -38.47 52.86
C THR I 217 97.35 -37.55 51.97
N ILE I 218 97.86 -36.35 51.66
CA ILE I 218 97.39 -35.58 50.50
C ILE I 218 98.17 -35.99 49.26
N GLU I 219 97.49 -36.27 48.16
CA GLU I 219 98.14 -36.49 46.86
C GLU I 219 97.72 -35.40 45.86
N CYS I 220 98.64 -35.00 44.98
CA CYS I 220 98.32 -33.99 43.97
C CYS I 220 98.79 -34.40 42.60
N ALA I 221 98.00 -34.09 41.57
CA ALA I 221 98.37 -34.29 40.17
C ALA I 221 98.62 -32.92 39.54
N CYS I 222 99.85 -32.65 39.12
CA CYS I 222 100.22 -31.29 38.75
C CYS I 222 100.62 -31.07 37.29
N ARG I 223 101.07 -29.85 37.02
CA ARG I 223 101.44 -29.46 35.65
C ARG I 223 102.92 -29.22 35.57
N ASP I 224 103.57 -29.85 34.61
CA ASP I 224 104.92 -29.45 34.22
C ASP I 224 104.80 -28.78 32.86
N ASN I 225 105.23 -27.51 32.81
CA ASN I 225 105.05 -26.67 31.65
C ASN I 225 106.31 -26.60 30.76
N SER I 226 107.36 -27.27 31.22
CA SER I 226 108.65 -27.28 30.52
C SER I 226 109.03 -28.62 29.92
N TYR I 227 108.98 -29.67 30.73
CA TYR I 227 109.84 -30.84 30.50
C TYR I 227 109.17 -32.13 30.08
N THR I 228 107.94 -32.37 30.55
CA THR I 228 107.26 -33.63 30.27
C THR I 228 105.76 -33.42 30.14
N ALA I 229 105.10 -34.35 29.44
CA ALA I 229 103.61 -34.44 29.43
C ALA I 229 103.07 -35.41 30.48
N LYS I 230 103.96 -36.05 31.24
CA LYS I 230 103.52 -36.77 32.45
C LYS I 230 103.23 -35.74 33.54
N ARG I 231 102.14 -35.98 34.27
CA ARG I 231 101.86 -35.14 35.40
C ARG I 231 102.80 -35.48 36.56
N PRO I 232 103.49 -34.47 37.12
CA PRO I 232 104.14 -34.65 38.42
C PRO I 232 103.10 -35.09 39.45
N PHE I 233 103.43 -36.06 40.27
CA PHE I 233 102.43 -36.56 41.20
C PHE I 233 102.99 -36.42 42.62
N VAL I 234 102.33 -35.58 43.40
CA VAL I 234 102.82 -35.25 44.73
C VAL I 234 102.16 -36.14 45.76
N LYS I 235 102.95 -36.64 46.70
CA LYS I 235 102.45 -37.37 47.88
C LYS I 235 102.91 -36.68 49.15
N LEU I 236 101.96 -36.17 49.91
CA LEU I 236 102.26 -35.40 51.11
C LEU I 236 101.79 -36.19 52.34
N ASN I 237 102.70 -36.44 53.28
CA ASN I 237 102.30 -36.97 54.56
C ASN I 237 101.90 -35.81 55.50
N VAL I 238 100.63 -35.74 55.84
CA VAL I 238 100.17 -34.68 56.77
C VAL I 238 100.44 -34.95 58.28
N GLU I 239 100.95 -36.14 58.60
CA GLU I 239 101.39 -36.45 59.98
C GLU I 239 102.83 -36.02 60.25
N THR I 240 103.72 -36.14 59.27
CA THR I 240 105.11 -35.71 59.46
C THR I 240 105.45 -34.44 58.67
N ASP I 241 104.48 -33.95 57.90
CA ASP I 241 104.63 -32.76 57.08
C ASP I 241 105.85 -32.88 56.14
N THR I 242 105.86 -33.99 55.41
CA THR I 242 106.89 -34.29 54.44
C THR I 242 106.24 -34.47 53.08
N ALA I 243 106.85 -33.91 52.05
CA ALA I 243 106.35 -34.08 50.68
C ALA I 243 107.35 -34.70 49.73
N GLU I 244 106.88 -35.60 48.88
CA GLU I 244 107.68 -36.24 47.82
C GLU I 244 106.99 -36.09 46.45
N ILE I 245 107.76 -36.03 45.37
CA ILE I 245 107.20 -35.79 44.04
C ILE I 245 107.90 -36.65 42.99
N ARG I 246 107.12 -37.35 42.17
CA ARG I 246 107.65 -38.08 40.99
C ARG I 246 106.63 -38.04 39.90
N LEU I 247 107.09 -38.18 38.66
CA LEU I 247 106.22 -38.21 37.51
C LEU I 247 105.30 -39.40 37.60
N MET I 248 104.14 -39.28 36.98
CA MET I 248 103.18 -40.36 36.90
C MET I 248 103.65 -41.30 35.80
N CYS I 249 103.87 -42.55 36.19
CA CYS I 249 104.43 -43.58 35.32
C CYS I 249 103.48 -44.11 34.24
N THR I 250 102.16 -43.87 34.38
CA THR I 250 101.15 -44.40 33.44
C THR I 250 101.37 -43.99 31.98
N GLU I 251 100.94 -44.85 31.07
CA GLU I 251 101.10 -44.58 29.66
C GLU I 251 100.03 -43.62 29.18
N THR I 252 98.99 -43.46 30.01
CA THR I 252 97.91 -42.54 29.74
C THR I 252 98.30 -41.13 30.21
N TYR I 253 99.10 -40.47 29.40
CA TYR I 253 99.59 -39.12 29.76
C TYR I 253 98.43 -38.16 29.83
N LEU I 254 98.40 -37.37 30.92
CA LEU I 254 97.22 -36.55 31.30
C LEU I 254 97.41 -35.09 30.95
N ASP I 255 98.63 -34.69 30.62
CA ASP I 255 98.89 -33.31 30.22
C ASP I 255 98.50 -32.98 28.77
N THR I 256 98.54 -31.69 28.42
CA THR I 256 98.21 -31.22 27.07
C THR I 256 99.06 -29.98 26.77
N PRO I 257 99.91 -30.06 25.72
CA PRO I 257 100.03 -31.18 24.77
C PRO I 257 100.62 -32.42 25.39
N ARG I 258 100.44 -33.54 24.66
CA ARG I 258 101.10 -34.79 24.96
C ARG I 258 101.36 -35.61 23.68
N PRO I 259 102.32 -36.59 23.73
CA PRO I 259 102.51 -37.48 22.59
C PRO I 259 101.56 -38.67 22.67
N ASP I 260 101.74 -39.70 21.84
CA ASP I 260 100.87 -40.88 21.99
C ASP I 260 101.07 -41.59 23.33
N ASP I 261 100.01 -42.23 23.78
CA ASP I 261 100.06 -42.92 25.05
C ASP I 261 101.10 -43.98 24.88
N GLY I 262 101.91 -44.22 25.92
CA GLY I 262 102.90 -45.31 25.90
C GLY I 262 104.14 -45.09 25.05
N SER I 263 104.20 -43.96 24.35
CA SER I 263 105.26 -43.66 23.40
C SER I 263 106.49 -43.02 24.03
N ILE I 264 106.37 -42.57 25.27
CA ILE I 264 107.55 -42.11 25.97
C ILE I 264 108.30 -43.33 26.51
N THR I 265 109.44 -43.59 25.85
CA THR I 265 110.27 -44.76 26.11
C THR I 265 111.13 -44.58 27.36
N GLY I 266 111.54 -45.69 27.97
CA GLY I 266 112.41 -45.64 29.17
C GLY I 266 111.61 -45.98 30.41
N PRO I 267 112.22 -45.80 31.60
CA PRO I 267 111.52 -46.14 32.86
C PRO I 267 110.53 -45.05 33.26
N CYS I 268 110.00 -45.13 34.48
CA CYS I 268 108.95 -44.18 34.93
C CYS I 268 109.41 -42.74 34.99
N GLU I 269 110.71 -42.51 35.07
CA GLU I 269 111.19 -41.14 35.17
C GLU I 269 111.44 -40.39 33.84
N SER I 270 111.39 -41.10 32.73
CA SER I 270 111.66 -40.44 31.43
C SER I 270 110.69 -39.28 31.13
N ASN I 271 111.26 -38.18 30.66
CA ASN I 271 110.47 -36.99 30.36
C ASN I 271 109.33 -37.18 29.33
N GLY I 272 109.52 -37.29 28.03
CA GLY I 272 110.69 -36.95 27.29
C GLY I 272 110.17 -35.92 26.30
N ASP I 273 109.30 -36.35 25.37
CA ASP I 273 108.83 -35.47 24.26
C ASP I 273 107.44 -34.74 24.42
N LYS I 274 107.31 -33.60 23.73
CA LYS I 274 106.13 -32.72 23.74
C LYS I 274 105.78 -32.14 25.10
N GLY I 275 106.79 -32.11 25.97
CA GLY I 275 106.66 -31.71 27.36
C GLY I 275 106.42 -30.24 27.64
N SER I 276 106.85 -29.35 26.76
CA SER I 276 106.61 -27.91 26.99
C SER I 276 105.14 -27.59 26.74
N GLY I 277 104.61 -26.51 27.33
CA GLY I 277 103.15 -26.31 27.40
C GLY I 277 102.55 -27.22 28.49
N GLY I 278 101.26 -27.08 28.76
CA GLY I 278 100.64 -27.88 29.78
C GLY I 278 99.24 -27.41 30.02
N ILE I 279 98.60 -28.01 31.05
CA ILE I 279 97.23 -27.70 31.43
C ILE I 279 96.92 -28.23 32.85
N LYS I 280 96.12 -27.47 33.60
CA LYS I 280 95.66 -27.92 34.92
C LYS I 280 94.70 -29.06 34.74
N GLY I 281 94.81 -30.07 35.60
CA GLY I 281 94.15 -31.35 35.38
C GLY I 281 93.33 -31.88 36.52
N GLY I 282 92.18 -32.44 36.19
CA GLY I 282 91.25 -32.90 37.19
C GLY I 282 91.82 -34.09 37.92
N PHE I 283 91.43 -34.26 39.16
CA PHE I 283 91.93 -35.34 39.98
C PHE I 283 91.18 -35.31 41.29
N VAL I 284 90.63 -36.47 41.66
CA VAL I 284 89.86 -36.57 42.86
C VAL I 284 89.91 -38.02 43.35
N HIS I 285 89.77 -38.23 44.66
CA HIS I 285 89.90 -39.54 45.30
C HIS I 285 88.55 -40.15 45.64
N GLN I 286 88.42 -41.44 45.41
CA GLN I 286 87.30 -42.19 45.91
C GLN I 286 87.83 -43.10 47.05
N ARG I 287 87.63 -42.73 48.31
CA ARG I 287 88.13 -43.53 49.43
C ARG I 287 87.17 -44.60 49.83
N MET I 288 87.54 -45.86 49.64
CA MET I 288 86.73 -46.99 50.15
C MET I 288 87.45 -47.71 51.29
N ALA I 289 86.69 -48.54 52.05
CA ALA I 289 87.20 -49.18 53.29
C ALA I 289 88.61 -49.71 53.11
N SER I 290 88.80 -50.65 52.19
CA SER I 290 90.13 -51.17 51.86
C SER I 290 90.54 -51.01 50.37
N LYS I 291 90.17 -49.90 49.74
CA LYS I 291 90.51 -49.67 48.32
C LYS I 291 90.44 -48.18 48.01
N ILE I 292 91.37 -47.71 47.19
CA ILE I 292 91.33 -46.34 46.72
C ILE I 292 91.24 -46.23 45.20
N GLY I 293 90.19 -45.58 44.73
CA GLY I 293 90.12 -45.20 43.32
C GLY I 293 90.74 -43.83 43.07
N ARG I 294 91.41 -43.69 41.93
CA ARG I 294 91.94 -42.36 41.54
C ARG I 294 91.32 -41.95 40.23
N TRP I 295 90.50 -40.92 40.26
CA TRP I 295 89.83 -40.42 39.05
C TRP I 295 90.63 -39.28 38.45
N TYR I 296 90.74 -39.25 37.14
CA TYR I 296 91.50 -38.16 36.49
C TYR I 296 90.76 -37.76 35.24
N SER I 297 91.09 -36.59 34.71
CA SER I 297 90.53 -36.15 33.43
C SER I 297 91.65 -35.59 32.57
N ARG I 298 91.42 -35.61 31.27
CA ARG I 298 92.37 -35.06 30.32
C ARG I 298 91.66 -34.77 29.01
N THR I 299 92.13 -33.73 28.32
CA THR I 299 91.52 -33.29 27.06
C THR I 299 91.37 -34.44 26.10
N MET I 300 90.28 -34.40 25.32
CA MET I 300 90.04 -35.40 24.28
C MET I 300 91.06 -35.29 23.16
N SER I 301 91.51 -34.06 22.87
CA SER I 301 92.59 -33.82 21.90
C SER I 301 93.95 -33.83 22.57
N LYS I 302 94.95 -34.30 21.82
CA LYS I 302 96.33 -34.41 22.26
C LYS I 302 97.12 -33.09 22.31
N THR I 303 96.66 -32.07 21.60
CA THR I 303 97.41 -30.81 21.49
C THR I 303 96.63 -29.57 21.85
N LYS I 304 95.31 -29.70 21.83
CA LYS I 304 94.43 -28.59 21.99
C LYS I 304 93.51 -28.79 23.19
N ARG I 305 92.99 -27.66 23.68
CA ARG I 305 92.14 -27.62 24.84
C ARG I 305 90.70 -27.88 24.44
N MET I 306 90.49 -29.05 23.85
CA MET I 306 89.17 -29.48 23.34
C MET I 306 88.78 -30.83 23.97
N GLY I 307 87.56 -30.89 24.48
CA GLY I 307 87.00 -32.08 25.06
C GLY I 307 87.57 -32.40 26.42
N MET I 308 86.97 -33.38 27.08
CA MET I 308 87.51 -33.84 28.35
C MET I 308 86.98 -35.22 28.58
N GLY I 309 87.89 -36.13 28.91
CA GLY I 309 87.54 -37.52 29.21
C GLY I 309 87.88 -37.85 30.65
N LEU I 310 87.16 -38.81 31.20
CA LEU I 310 87.33 -39.18 32.59
C LEU I 310 88.04 -40.52 32.59
N TYR I 311 89.12 -40.61 33.36
CA TYR I 311 89.85 -41.88 33.50
C TYR I 311 89.85 -42.31 34.97
N VAL I 312 90.16 -43.59 35.23
CA VAL I 312 90.21 -44.12 36.60
C VAL I 312 91.16 -45.32 36.76
N LYS I 313 91.79 -45.42 37.95
CA LYS I 313 92.55 -46.59 38.36
C LYS I 313 92.35 -46.87 39.85
N TYR I 314 92.22 -48.14 40.21
CA TYR I 314 92.01 -48.51 41.58
C TYR I 314 93.34 -49.05 42.20
N ASP I 315 93.78 -48.52 43.34
CA ASP I 315 95.02 -49.01 44.02
C ASP I 315 96.28 -48.99 43.17
N GLY I 316 97.33 -49.57 43.68
CA GLY I 316 98.62 -49.42 43.02
C GLY I 316 99.36 -48.16 43.46
N ASP I 317 100.54 -47.98 42.92
CA ASP I 317 101.34 -46.77 43.15
C ASP I 317 101.43 -46.00 41.83
N PRO I 318 100.82 -44.81 41.76
CA PRO I 318 100.91 -44.08 40.47
C PRO I 318 102.34 -43.75 40.07
N TRP I 319 103.27 -43.84 41.01
CA TRP I 319 104.66 -43.51 40.72
C TRP I 319 105.39 -44.62 39.93
N THR I 320 104.79 -45.80 39.83
CA THR I 320 105.45 -46.96 39.27
C THR I 320 104.62 -47.72 38.22
N ASP I 321 103.29 -47.61 38.30
CA ASP I 321 102.37 -48.31 37.41
C ASP I 321 102.38 -47.71 36.04
N SER I 322 102.79 -48.47 35.04
CA SER I 322 102.77 -47.99 33.67
C SER I 322 101.44 -48.39 33.03
N ASP I 323 100.67 -49.18 33.77
CA ASP I 323 99.42 -49.67 33.26
C ASP I 323 98.61 -48.47 32.73
N ALA I 324 97.96 -48.65 31.57
CA ALA I 324 97.01 -47.63 31.09
C ALA I 324 95.89 -47.43 32.09
N LEU I 325 95.45 -46.17 32.19
CA LEU I 325 94.32 -45.75 32.97
C LEU I 325 93.05 -46.13 32.22
N ALA I 326 92.00 -46.54 32.95
CA ALA I 326 90.75 -46.99 32.36
C ALA I 326 89.92 -45.81 31.89
N LEU I 327 89.62 -45.77 30.58
CA LEU I 327 88.81 -44.68 30.02
C LEU I 327 87.40 -44.84 30.49
N SER I 328 86.89 -43.88 31.24
CA SER I 328 85.60 -44.06 31.91
C SER I 328 84.40 -43.38 31.23
N GLY I 329 84.65 -42.27 30.54
CA GLY I 329 83.66 -41.69 29.64
C GLY I 329 84.09 -40.35 29.09
N VAL I 330 83.36 -39.86 28.09
CA VAL I 330 83.62 -38.56 27.47
C VAL I 330 82.71 -37.53 28.13
N MET I 331 83.32 -36.65 28.89
CA MET I 331 82.59 -35.58 29.60
C MET I 331 82.26 -34.38 28.73
N VAL I 332 83.21 -33.97 27.90
CA VAL I 332 83.02 -32.91 26.94
C VAL I 332 83.55 -33.48 25.64
N SER I 333 82.72 -33.55 24.61
CA SER I 333 83.15 -34.03 23.30
C SER I 333 84.23 -33.15 22.67
N MET I 334 84.94 -33.73 21.71
CA MET I 334 86.05 -33.06 20.99
C MET I 334 85.61 -31.76 20.30
N GLU I 335 84.32 -31.58 20.08
CA GLU I 335 83.80 -30.36 19.50
C GLU I 335 83.65 -29.15 20.48
N GLU I 336 83.65 -29.41 21.79
CA GLU I 336 83.51 -28.36 22.81
C GLU I 336 84.82 -28.08 23.49
N PRO I 337 84.98 -26.87 24.02
CA PRO I 337 86.22 -26.54 24.73
C PRO I 337 86.37 -27.31 26.07
N GLY I 338 87.61 -27.68 26.37
CA GLY I 338 87.94 -28.31 27.63
C GLY I 338 89.27 -27.75 28.04
N TRP I 339 89.21 -26.71 28.85
CA TRP I 339 90.41 -26.11 29.39
C TRP I 339 90.69 -26.76 30.76
N TYR I 340 91.00 -25.95 31.77
CA TYR I 340 91.38 -26.43 33.09
C TYR I 340 90.38 -27.41 33.65
N SER I 341 90.84 -28.37 34.44
CA SER I 341 89.91 -29.17 35.24
C SER I 341 90.45 -29.37 36.64
N PHE I 342 89.57 -29.73 37.59
CA PHE I 342 89.87 -29.71 39.03
C PHE I 342 88.96 -30.70 39.72
N GLY I 343 89.35 -31.16 40.91
CA GLY I 343 88.53 -32.05 41.72
C GLY I 343 88.08 -31.36 42.99
N PHE I 344 87.00 -31.89 43.55
CA PHE I 344 86.44 -31.43 44.82
C PHE I 344 85.48 -32.47 45.37
N GLU I 345 85.02 -32.26 46.59
CA GLU I 345 84.22 -33.23 47.31
C GLU I 345 83.07 -32.54 47.99
N ILE I 346 81.85 -33.01 47.68
CA ILE I 346 80.65 -32.50 48.34
C ILE I 346 80.43 -33.37 49.57
N LYS I 347 79.91 -32.81 50.66
CA LYS I 347 79.73 -33.60 51.88
C LYS I 347 78.33 -34.00 52.12
N ASP I 348 78.04 -35.27 51.93
CA ASP I 348 76.74 -35.81 52.26
C ASP I 348 76.73 -36.03 53.77
N LYS I 349 75.65 -36.58 54.30
CA LYS I 349 75.44 -36.56 55.75
C LYS I 349 76.56 -37.32 56.48
N LYS I 350 76.89 -38.51 55.98
CA LYS I 350 77.96 -39.33 56.57
C LYS I 350 79.11 -39.75 55.65
N CYS I 351 79.13 -39.25 54.42
CA CYS I 351 80.20 -39.60 53.47
C CYS I 351 80.50 -38.49 52.47
N ASP I 352 81.69 -38.56 51.85
CA ASP I 352 82.16 -37.55 50.89
C ASP I 352 81.95 -37.90 49.40
N VAL I 353 81.38 -36.98 48.60
CA VAL I 353 81.07 -37.25 47.20
C VAL I 353 82.13 -36.63 46.30
N PRO I 354 82.95 -37.47 45.66
CA PRO I 354 84.03 -36.96 44.83
C PRO I 354 83.51 -36.45 43.47
N CYS I 355 83.98 -35.29 43.05
CA CYS I 355 83.51 -34.66 41.82
C CYS I 355 84.63 -34.05 41.03
N ILE I 356 84.42 -33.84 39.74
CA ILE I 356 85.42 -33.20 38.86
C ILE I 356 84.74 -32.09 38.08
N GLY I 357 85.25 -30.89 38.23
CA GLY I 357 84.74 -29.78 37.47
C GLY I 357 85.60 -29.47 36.27
N ILE I 358 84.98 -28.95 35.22
CA ILE I 358 85.69 -28.63 34.00
C ILE I 358 85.48 -27.18 33.58
N GLU I 359 86.56 -26.42 33.51
CA GLU I 359 86.54 -25.09 32.93
C GLU I 359 86.35 -25.18 31.44
N MET I 360 85.24 -24.69 30.95
CA MET I 360 84.93 -24.77 29.52
C MET I 360 85.00 -23.38 28.91
N VAL I 361 86.21 -22.93 28.59
CA VAL I 361 86.45 -21.54 28.18
C VAL I 361 85.82 -21.19 26.85
N HIS I 362 85.31 -19.96 26.74
CA HIS I 362 84.77 -19.43 25.50
C HIS I 362 85.90 -18.58 24.92
N ASP I 363 86.61 -19.13 23.94
CA ASP I 363 87.78 -18.43 23.34
C ASP I 363 87.49 -17.95 21.92
N GLY I 364 87.62 -16.65 21.70
CA GLY I 364 87.44 -16.09 20.37
C GLY I 364 88.60 -15.18 19.97
N GLY I 365 89.76 -15.40 20.58
CA GLY I 365 90.92 -14.54 20.35
C GLY I 365 90.88 -13.29 21.21
N LYS I 366 91.96 -12.50 21.17
CA LYS I 366 92.04 -11.31 22.04
C LYS I 366 91.16 -10.12 21.60
N GLU I 367 90.53 -10.22 20.43
CA GLU I 367 89.66 -9.13 19.93
C GLU I 367 88.17 -9.18 20.41
N THR I 368 87.89 -10.01 21.41
CA THR I 368 86.55 -10.11 22.02
C THR I 368 86.70 -10.62 23.46
N TRP I 369 85.59 -10.97 24.10
CA TRP I 369 85.62 -11.35 25.50
C TRP I 369 86.18 -12.76 25.69
N HIS I 370 86.65 -13.03 26.89
CA HIS I 370 87.26 -14.31 27.20
C HIS I 370 86.84 -14.78 28.60
N SER I 371 85.88 -15.68 28.63
CA SER I 371 85.43 -16.27 29.89
C SER I 371 85.19 -17.78 29.77
N ALA I 372 84.63 -18.37 30.82
CA ALA I 372 84.48 -19.83 30.87
C ALA I 372 83.16 -20.24 31.46
N ALA I 373 82.63 -21.39 31.04
CA ALA I 373 81.54 -22.03 31.76
C ALA I 373 82.17 -23.02 32.72
N THR I 374 81.36 -23.72 33.51
CA THR I 374 81.85 -24.76 34.42
C THR I 374 80.97 -25.97 34.39
N ALA I 375 81.52 -27.10 33.93
CA ALA I 375 80.82 -28.37 33.93
C ALA I 375 81.17 -29.18 35.18
N ILE I 376 80.17 -29.79 35.84
CA ILE I 376 80.40 -30.64 37.03
C ILE I 376 79.92 -32.07 36.82
N TYR I 377 80.86 -33.03 36.89
CA TYR I 377 80.55 -34.45 37.01
C TYR I 377 80.84 -34.93 38.46
N CYS I 378 79.96 -35.77 38.99
CA CYS I 378 80.16 -36.36 40.33
C CYS I 378 79.91 -37.85 40.30
N LEU I 379 80.57 -38.54 41.23
CA LEU I 379 80.31 -39.95 41.53
C LEU I 379 78.92 -40.10 41.99
N MET I 380 78.10 -40.76 41.20
CA MET I 380 76.73 -41.07 41.59
C MET I 380 76.23 -42.33 40.93
N GLY I 381 75.84 -43.31 41.75
CA GLY I 381 75.29 -44.55 41.27
C GLY I 381 76.27 -45.50 40.61
N SER I 382 75.69 -46.50 39.95
CA SER I 382 76.40 -47.55 39.22
C SER I 382 76.29 -47.40 37.68
N GLY I 383 77.09 -48.16 36.91
CA GLY I 383 76.88 -48.24 35.46
C GLY I 383 77.93 -47.49 34.65
N GLN I 384 77.54 -46.90 33.53
CA GLN I 384 78.52 -46.19 32.66
C GLN I 384 78.19 -44.71 32.54
N LEU I 385 79.20 -43.84 32.58
CA LEU I 385 79.00 -42.40 32.34
C LEU I 385 78.15 -42.18 31.07
N LEU I 386 77.03 -41.46 31.24
CA LEU I 386 76.00 -41.42 30.21
C LEU I 386 75.96 -40.20 29.28
N TRP I 387 76.15 -38.98 29.82
CA TRP I 387 75.98 -37.82 28.94
C TRP I 387 77.10 -36.77 28.99
N ASP I 388 77.36 -36.15 27.85
CA ASP I 388 78.38 -35.09 27.77
C ASP I 388 77.78 -33.74 28.03
N THR I 389 78.65 -32.74 28.17
CA THR I 389 78.23 -31.36 28.51
C THR I 389 78.62 -30.39 27.40
N VAL I 390 77.69 -29.49 27.09
CA VAL I 390 77.92 -28.38 26.13
C VAL I 390 77.66 -27.04 26.81
N THR I 391 78.31 -25.96 26.38
CA THR I 391 78.08 -24.66 27.01
C THR I 391 76.81 -24.02 26.53
N GLY I 392 76.39 -24.41 25.34
CA GLY I 392 75.24 -23.80 24.71
C GLY I 392 75.50 -22.42 24.16
N VAL I 393 76.67 -21.83 24.41
CA VAL I 393 76.96 -20.42 24.13
C VAL I 393 77.48 -20.13 22.71
N ASP I 394 76.87 -19.16 22.05
CA ASP I 394 77.39 -18.63 20.78
C ASP I 394 78.02 -17.29 21.13
N MET I 395 79.29 -17.12 20.78
CA MET I 395 80.07 -15.96 21.20
C MET I 395 79.85 -14.68 20.39
N ALA I 396 79.09 -14.78 19.29
CA ALA I 396 78.70 -13.59 18.49
C ALA I 396 77.52 -12.81 19.09
N LEU I 397 76.84 -13.42 20.05
CA LEU I 397 75.63 -12.81 20.62
C LEU I 397 75.92 -11.80 21.76
N PRO J 9 75.07 -12.22 72.93
CA PRO J 9 76.16 -11.30 72.56
C PRO J 9 76.41 -10.24 73.61
N GLU J 10 77.63 -9.69 73.61
CA GLU J 10 78.12 -8.76 74.61
C GLU J 10 78.80 -7.59 73.90
N TRP J 11 79.05 -6.50 74.64
CA TRP J 11 79.70 -5.32 74.08
C TRP J 11 81.11 -5.63 73.61
N THR J 12 81.52 -4.91 72.57
CA THR J 12 82.82 -5.05 71.99
C THR J 12 83.77 -3.99 72.54
N TYR J 13 85.08 -4.32 72.57
CA TYR J 13 86.18 -3.44 73.06
C TYR J 13 87.33 -3.55 72.05
N PRO J 14 88.20 -2.52 71.96
CA PRO J 14 89.41 -2.69 71.12
C PRO J 14 90.31 -3.79 71.67
N ARG J 15 90.84 -4.65 70.79
CA ARG J 15 91.82 -5.64 71.22
C ARG J 15 93.21 -5.34 70.68
N LEU J 16 94.19 -6.16 71.04
CA LEU J 16 95.54 -6.12 70.45
C LEU J 16 95.44 -6.40 68.96
N SER J 17 96.12 -5.62 68.13
CA SER J 17 96.09 -5.86 66.67
C SER J 17 96.73 -7.20 66.27
N CYS J 18 96.35 -7.71 65.11
CA CYS J 18 96.91 -8.97 64.65
C CYS J 18 98.39 -8.79 64.29
N PRO J 19 99.17 -9.89 64.31
CA PRO J 19 100.59 -9.80 63.90
C PRO J 19 100.72 -9.27 62.47
N GLY J 20 101.72 -8.44 62.26
CA GLY J 20 101.99 -7.86 60.96
C GLY J 20 102.90 -6.69 61.11
N SER J 21 103.62 -6.33 60.05
CA SER J 21 104.43 -5.13 60.06
C SER J 21 104.34 -4.40 58.71
N THR J 22 103.47 -4.86 57.82
CA THR J 22 103.27 -4.14 56.57
C THR J 22 101.83 -4.16 56.06
N PHE J 23 101.43 -3.08 55.43
CA PHE J 23 100.12 -3.07 54.74
C PHE J 23 100.27 -3.66 53.37
N GLN J 24 99.26 -4.38 52.90
CA GLN J 24 99.25 -4.88 51.52
C GLN J 24 97.90 -4.56 50.91
N LYS J 25 97.84 -4.64 49.58
CA LYS J 25 96.63 -4.42 48.82
C LYS J 25 95.67 -5.56 49.07
N ALA J 26 94.45 -5.24 49.52
CA ALA J 26 93.47 -6.26 49.91
C ALA J 26 92.33 -6.49 48.93
N LEU J 27 91.62 -5.41 48.59
CA LEU J 27 90.41 -5.54 47.83
C LEU J 27 90.06 -4.24 47.13
N LEU J 28 89.48 -4.36 45.95
CA LEU J 28 88.97 -3.21 45.23
C LEU J 28 87.47 -3.35 45.06
N ILE J 29 86.74 -2.30 45.43
CA ILE J 29 85.33 -2.18 45.08
C ILE J 29 85.18 -1.04 44.06
N SER J 30 85.11 -1.43 42.79
CA SER J 30 85.00 -0.46 41.72
C SER J 30 83.73 -0.78 41.00
N PRO J 31 82.59 -0.24 41.48
CA PRO J 31 81.32 -0.63 40.91
C PRO J 31 81.10 -0.08 39.51
N HIS J 32 81.76 1.01 39.17
CA HIS J 32 81.60 1.61 37.83
C HIS J 32 82.33 0.91 36.68
N ARG J 33 83.09 -0.13 37.02
CA ARG J 33 83.50 -1.11 36.05
C ARG J 33 82.31 -1.76 35.32
N PHE J 34 81.10 -1.50 35.82
CA PHE J 34 79.87 -2.17 35.42
C PHE J 34 78.75 -1.17 35.01
N GLY J 35 79.01 0.14 35.09
CA GLY J 35 78.07 1.13 34.59
C GLY J 35 78.27 1.59 33.14
N GLU J 36 78.49 0.68 32.20
CA GLU J 36 78.59 1.10 30.80
C GLU J 36 77.23 1.12 30.17
N THR J 37 77.03 2.08 29.28
CA THR J 37 75.97 2.07 28.25
C THR J 37 75.67 0.66 27.71
N LYS J 38 76.73 -0.04 27.33
CA LYS J 38 76.67 -1.39 26.73
C LYS J 38 76.30 -2.50 27.73
N GLY J 39 76.35 -2.18 29.02
CA GLY J 39 76.17 -3.17 30.09
C GLY J 39 74.75 -3.20 30.60
N ASN J 40 74.55 -3.88 31.72
CA ASN J 40 73.21 -4.23 32.20
C ASN J 40 73.29 -4.31 33.71
N SER J 41 74.06 -3.40 34.28
CA SER J 41 74.16 -3.26 35.73
C SER J 41 73.77 -1.81 36.17
N ALA J 42 73.56 -1.65 37.48
CA ALA J 42 73.18 -0.36 38.03
C ALA J 42 73.93 -0.05 39.32
N PRO J 43 75.21 0.30 39.20
CA PRO J 43 75.95 0.72 40.37
C PRO J 43 75.40 2.06 40.79
N LEU J 44 75.44 2.35 42.09
CA LEU J 44 74.86 3.57 42.63
C LEU J 44 75.87 4.65 42.56
N ILE J 45 75.44 5.85 42.20
CA ILE J 45 76.33 7.02 42.24
C ILE J 45 76.54 7.47 43.71
N ILE J 46 77.79 7.45 44.15
CA ILE J 46 78.10 7.70 45.54
C ILE J 46 79.31 8.60 45.70
N ARG J 47 79.59 8.91 46.96
CA ARG J 47 80.83 9.51 47.41
C ARG J 47 80.91 9.28 48.92
N GLU J 48 81.98 9.77 49.52
CA GLU J 48 82.25 9.53 50.94
C GLU J 48 81.99 8.07 51.39
N PRO J 49 82.64 7.10 50.71
CA PRO J 49 82.51 5.74 51.16
C PRO J 49 83.27 5.53 52.49
N PHE J 50 82.94 4.46 53.19
CA PHE J 50 83.68 4.09 54.41
C PHE J 50 83.22 2.76 54.91
N ILE J 51 84.08 2.09 55.64
CA ILE J 51 83.78 0.74 56.07
C ILE J 51 83.76 0.74 57.59
N ALA J 52 82.86 -0.05 58.14
CA ALA J 52 82.81 -0.26 59.57
C ALA J 52 82.48 -1.70 59.73
N CYS J 53 83.08 -2.34 60.74
CA CYS J 53 82.91 -3.78 60.92
C CYS J 53 82.37 -4.13 62.31
N GLY J 54 81.58 -5.19 62.36
CA GLY J 54 81.16 -5.81 63.63
C GLY J 54 81.81 -7.20 63.77
N PRO J 55 81.41 -7.98 64.79
CA PRO J 55 82.12 -9.23 65.07
C PRO J 55 81.97 -10.28 63.97
N LYS J 56 80.91 -10.22 63.17
CA LYS J 56 80.77 -11.20 62.07
C LYS J 56 80.75 -10.65 60.63
N GLU J 57 80.56 -9.34 60.48
CA GLU J 57 80.37 -8.73 59.17
C GLU J 57 81.01 -7.34 59.05
N CYS J 58 81.48 -7.03 57.85
CA CYS J 58 82.04 -5.70 57.54
C CYS J 58 81.15 -5.10 56.51
N LYS J 59 80.64 -3.91 56.80
CA LYS J 59 79.72 -3.20 55.89
C LYS J 59 80.38 -2.03 55.18
N HIS J 60 80.05 -1.87 53.90
CA HIS J 60 80.68 -0.86 53.06
C HIS J 60 79.66 0.21 52.92
N PHE J 61 79.90 1.34 53.56
CA PHE J 61 78.95 2.45 53.56
C PHE J 61 79.32 3.50 52.49
N ALA J 62 78.32 4.27 52.05
CA ALA J 62 78.56 5.44 51.18
C ALA J 62 77.38 6.41 51.23
N LEU J 63 77.62 7.67 50.84
CA LEU J 63 76.52 8.62 50.63
C LEU J 63 76.07 8.67 49.16
N THR J 64 74.92 8.09 48.84
CA THR J 64 74.39 8.12 47.47
C THR J 64 73.58 9.35 47.06
N HIS J 65 73.60 9.68 45.76
CA HIS J 65 72.80 10.79 45.21
C HIS J 65 71.49 10.26 44.72
N TYR J 66 71.24 8.99 44.98
CA TYR J 66 69.93 8.38 44.65
C TYR J 66 69.78 8.24 43.13
N ALA J 67 70.91 7.91 42.51
CA ALA J 67 71.02 7.81 41.07
C ALA J 67 71.94 6.66 40.79
N ALA J 68 71.84 6.08 39.59
CA ALA J 68 72.74 5.02 39.17
C ALA J 68 73.32 5.33 37.82
N GLN J 69 74.41 4.62 37.48
CA GLN J 69 75.09 4.71 36.19
C GLN J 69 74.91 3.37 35.48
N PRO J 70 74.35 3.38 34.25
CA PRO J 70 73.95 4.57 33.52
C PRO J 70 72.59 5.03 33.95
N GLY J 71 72.37 6.35 33.93
CA GLY J 71 71.07 6.88 34.30
C GLY J 71 70.82 8.24 33.67
N GLY J 72 69.97 9.03 34.33
CA GLY J 72 69.53 10.29 33.78
C GLY J 72 69.52 11.41 34.79
N TYR J 73 70.07 11.12 35.97
CA TYR J 73 70.16 12.11 37.04
C TYR J 73 71.61 12.38 37.42
N TYR J 74 72.45 12.57 36.41
CA TYR J 74 73.86 12.91 36.64
C TYR J 74 74.01 14.35 37.11
N ASN J 75 73.11 15.21 36.64
CA ASN J 75 73.16 16.60 37.08
C ASN J 75 72.94 16.76 38.60
N GLY J 76 73.96 17.25 39.30
CA GLY J 76 73.85 17.51 40.73
C GLY J 76 74.61 16.51 41.58
N THR J 77 75.25 15.54 40.91
CA THR J 77 75.97 14.46 41.63
C THR J 77 77.40 14.88 41.99
N ARG J 78 77.85 16.02 41.46
CA ARG J 78 79.04 16.77 41.92
C ARG J 78 78.75 17.71 43.10
N GLY J 79 77.50 17.97 43.42
CA GLY J 79 77.13 18.78 44.61
C GLY J 79 77.39 17.95 45.86
N ASP J 80 76.96 18.46 47.01
CA ASP J 80 77.13 17.67 48.24
C ASP J 80 75.80 17.52 48.99
N ARG J 81 75.19 18.62 49.43
CA ARG J 81 73.94 18.53 50.23
C ARG J 81 72.67 18.81 49.46
N ASN J 82 71.95 17.75 49.10
CA ASN J 82 70.59 17.85 48.59
C ASN J 82 69.60 16.93 49.36
N LYS J 83 68.30 17.06 49.00
CA LYS J 83 67.21 16.37 49.67
C LYS J 83 67.04 14.92 49.27
N LEU J 84 67.89 14.43 48.37
CA LEU J 84 67.75 13.05 47.85
C LEU J 84 68.85 12.16 48.38
N ARG J 85 69.87 12.82 48.91
CA ARG J 85 71.05 12.16 49.42
C ARG J 85 70.73 11.15 50.54
N HIS J 86 71.33 9.96 50.43
CA HIS J 86 71.09 8.90 51.41
C HIS J 86 72.36 8.17 51.85
N LEU J 87 72.37 7.73 53.11
CA LEU J 87 73.31 6.75 53.62
C LEU J 87 72.84 5.35 53.20
N ILE J 88 73.75 4.62 52.54
CA ILE J 88 73.48 3.28 52.03
C ILE J 88 74.65 2.34 52.44
N SER J 89 74.37 1.03 52.36
CA SER J 89 75.32 0.00 52.74
C SER J 89 75.08 -1.33 52.00
N VAL J 90 76.20 -2.03 51.78
CA VAL J 90 76.23 -3.40 51.33
C VAL J 90 77.22 -4.15 52.24
N LYS J 91 77.08 -5.47 52.27
CA LYS J 91 78.12 -6.28 52.86
C LYS J 91 79.42 -6.05 52.07
N LEU J 92 80.50 -5.76 52.80
CA LEU J 92 81.77 -5.54 52.15
C LEU J 92 82.09 -6.73 51.25
N GLY J 93 82.42 -6.43 50.00
CA GLY J 93 82.64 -7.46 49.02
C GLY J 93 81.55 -7.54 48.00
N LYS J 94 80.42 -6.88 48.28
CA LYS J 94 79.32 -6.82 47.31
C LYS J 94 79.38 -5.51 46.59
N ILE J 95 79.08 -5.53 45.30
CA ILE J 95 79.01 -4.30 44.50
C ILE J 95 77.77 -3.51 44.90
N PRO J 96 77.96 -2.25 45.35
CA PRO J 96 76.82 -1.47 45.77
C PRO J 96 76.00 -0.96 44.57
N THR J 97 75.02 -1.77 44.20
CA THR J 97 74.11 -1.44 43.14
C THR J 97 72.74 -1.10 43.74
N VAL J 98 71.77 -0.84 42.87
CA VAL J 98 70.49 -0.42 43.32
C VAL J 98 69.87 -1.51 44.19
N GLU J 99 69.86 -2.72 43.66
CA GLU J 99 69.27 -3.85 44.36
C GLU J 99 70.10 -4.46 45.52
N ASN J 100 71.43 -4.46 45.44
CA ASN J 100 72.26 -4.96 46.54
C ASN J 100 72.26 -4.10 47.81
N SER J 101 72.24 -2.79 47.62
CA SER J 101 72.26 -1.80 48.71
C SER J 101 71.01 -1.84 49.55
N ILE J 102 71.14 -1.34 50.76
CA ILE J 102 70.02 -1.06 51.60
C ILE J 102 70.18 0.43 51.87
N PHE J 103 69.04 1.13 51.85
CA PHE J 103 68.98 2.55 52.21
C PHE J 103 68.62 2.67 53.65
N HIS J 104 69.49 3.31 54.41
CA HIS J 104 69.34 3.47 55.87
C HIS J 104 68.55 4.70 56.27
N MET J 105 68.98 5.86 55.77
CA MET J 105 68.30 7.10 56.06
C MET J 105 68.73 8.21 55.11
N ALA J 106 67.91 9.27 54.99
CA ALA J 106 68.35 10.47 54.26
C ALA J 106 69.54 11.07 54.99
N ALA J 107 70.59 11.42 54.26
CA ALA J 107 71.80 12.01 54.83
C ALA J 107 72.65 12.59 53.71
N TRP J 108 73.25 13.76 53.98
CA TRP J 108 74.37 14.22 53.19
C TRP J 108 75.67 14.27 53.96
N SER J 109 75.70 13.60 55.12
CA SER J 109 76.92 13.43 55.94
C SER J 109 76.67 12.26 56.87
N GLY J 110 77.62 11.34 57.00
CA GLY J 110 77.33 10.08 57.66
C GLY J 110 78.42 9.44 58.50
N SER J 111 78.00 8.40 59.24
CA SER J 111 78.90 7.57 60.03
C SER J 111 78.14 6.36 60.47
N ALA J 112 78.84 5.31 60.87
CA ALA J 112 78.19 4.15 61.46
C ALA J 112 79.12 3.29 62.30
N CYS J 113 78.56 2.45 63.18
CA CYS J 113 79.38 1.60 64.02
C CYS J 113 78.62 0.50 64.71
N HIS J 114 79.30 -0.61 64.96
CA HIS J 114 78.73 -1.71 65.72
C HIS J 114 79.25 -1.64 67.17
N ASP J 115 78.44 -2.07 68.13
CA ASP J 115 78.91 -2.01 69.51
C ASP J 115 79.11 -3.38 70.14
N GLY J 116 79.00 -4.43 69.32
CA GLY J 116 78.98 -5.80 69.79
C GLY J 116 77.60 -6.39 69.65
N LYS J 117 76.59 -5.58 69.99
CA LYS J 117 75.18 -6.03 69.96
C LYS J 117 74.40 -5.58 68.74
N GLU J 118 74.67 -4.37 68.23
CA GLU J 118 73.84 -3.80 67.15
C GLU J 118 74.48 -2.59 66.47
N TRP J 119 74.12 -2.40 65.20
CA TRP J 119 74.56 -1.24 64.38
C TRP J 119 73.93 0.11 64.79
N THR J 120 74.76 1.13 64.99
CA THR J 120 74.31 2.49 65.08
C THR J 120 74.61 3.15 63.73
N TYR J 121 73.62 3.82 63.14
CA TYR J 121 73.82 4.57 61.88
C TYR J 121 73.60 6.05 62.06
N ILE J 122 74.55 6.86 61.64
CA ILE J 122 74.46 8.31 61.82
C ILE J 122 74.34 9.04 60.48
N GLY J 123 73.43 9.98 60.39
CA GLY J 123 73.24 10.72 59.15
C GLY J 123 72.69 12.11 59.35
N VAL J 124 73.45 13.11 58.89
CA VAL J 124 73.04 14.48 58.96
C VAL J 124 72.40 14.91 57.64
N ASP J 125 71.19 15.50 57.75
CA ASP J 125 70.56 16.28 56.69
C ASP J 125 69.84 17.51 57.23
N GLY J 126 69.10 18.20 56.38
CA GLY J 126 68.43 19.42 56.78
C GLY J 126 68.97 20.64 56.05
N PRO J 127 68.38 21.82 56.28
CA PRO J 127 68.89 23.00 55.60
C PRO J 127 70.30 23.29 56.05
N GLU J 128 71.04 24.03 55.24
CA GLU J 128 72.39 24.46 55.58
C GLU J 128 72.55 25.19 56.94
N ASN J 129 71.57 26.03 57.27
CA ASN J 129 71.67 26.95 58.40
C ASN J 129 71.03 26.38 59.68
N ASN J 130 70.57 25.14 59.58
CA ASN J 130 69.93 24.44 60.68
C ASN J 130 69.80 22.95 60.33
N ALA J 131 70.93 22.35 59.92
CA ALA J 131 71.00 20.91 59.69
C ALA J 131 70.72 20.11 60.96
N LEU J 132 70.62 18.80 60.79
CA LEU J 132 70.13 17.92 61.85
C LEU J 132 70.73 16.52 61.75
N LEU J 133 71.52 16.18 62.76
CA LEU J 133 72.11 14.87 62.84
C LEU J 133 71.10 13.91 63.39
N LYS J 134 70.94 12.78 62.73
CA LYS J 134 69.95 11.78 63.07
C LYS J 134 70.64 10.44 63.33
N ILE J 135 70.09 9.69 64.29
CA ILE J 135 70.65 8.43 64.75
C ILE J 135 69.60 7.33 64.64
N LYS J 136 70.02 6.19 64.12
CA LYS J 136 69.16 5.03 63.91
C LYS J 136 69.94 3.89 64.58
N TYR J 137 69.24 3.11 65.39
CA TYR J 137 69.83 1.96 66.06
C TYR J 137 69.14 0.76 65.51
N GLY J 138 69.85 -0.01 64.69
CA GLY J 138 69.27 -1.12 63.94
C GLY J 138 68.23 -0.55 63.01
N GLU J 139 66.96 -0.80 63.34
CA GLU J 139 65.81 -0.42 62.53
C GLU J 139 65.11 0.83 63.03
N ALA J 140 65.36 1.18 64.29
CA ALA J 140 64.66 2.30 64.96
C ALA J 140 65.38 3.64 64.87
N TYR J 141 64.64 4.70 64.58
CA TYR J 141 65.17 6.05 64.69
C TYR J 141 65.05 6.44 66.16
N THR J 142 66.18 6.79 66.78
CA THR J 142 66.25 6.87 68.25
C THR J 142 66.46 8.25 68.88
N ASP J 143 67.17 9.12 68.17
CA ASP J 143 67.61 10.43 68.71
C ASP J 143 68.08 11.38 67.61
N THR J 144 68.23 12.67 67.95
CA THR J 144 68.85 13.63 67.04
C THR J 144 69.61 14.64 67.83
N TYR J 145 70.50 15.34 67.16
CA TYR J 145 71.26 16.43 67.76
C TYR J 145 71.17 17.60 66.79
N HIS J 146 71.07 18.81 67.30
CA HIS J 146 70.79 19.99 66.49
C HIS J 146 72.02 20.78 66.16
N SER J 147 71.92 21.52 65.05
CA SER J 147 72.94 22.51 64.65
C SER J 147 73.19 23.52 65.74
N TYR J 148 74.46 23.78 66.04
CA TYR J 148 74.88 24.69 67.12
C TYR J 148 75.72 25.89 66.68
N ALA J 149 76.27 25.86 65.48
CA ALA J 149 76.86 27.06 64.92
C ALA J 149 76.14 27.50 63.64
N ASN J 150 74.99 26.91 63.39
CA ASN J 150 74.16 27.27 62.23
C ASN J 150 74.93 27.46 60.92
N ASN J 151 75.95 26.65 60.71
CA ASN J 151 76.62 26.57 59.41
C ASN J 151 77.07 25.15 59.04
N ILE J 152 76.14 24.39 58.48
CA ILE J 152 76.38 23.04 57.98
C ILE J 152 76.89 22.06 59.05
N LEU J 153 76.00 21.69 59.98
CA LEU J 153 76.30 20.58 60.87
C LEU J 153 76.79 19.35 60.09
N ARG J 154 78.00 18.91 60.38
CA ARG J 154 78.68 17.79 59.70
C ARG J 154 79.08 16.68 60.65
N THR J 155 79.22 15.46 60.12
CA THR J 155 79.92 14.42 60.91
C THR J 155 81.16 13.81 60.24
N GLN J 156 81.64 12.67 60.76
CA GLN J 156 82.98 12.13 60.43
C GLN J 156 83.22 11.70 59.00
N GLU J 157 82.17 11.23 58.30
CA GLU J 157 82.35 10.58 56.99
C GLU J 157 83.16 9.28 57.14
N SER J 158 83.20 8.75 58.36
CA SER J 158 83.75 7.41 58.62
C SER J 158 83.22 6.76 59.92
N ALA J 159 83.68 5.54 60.21
CA ALA J 159 83.15 4.74 61.34
C ALA J 159 83.30 5.47 62.66
N CYS J 160 82.24 5.41 63.47
CA CYS J 160 82.34 5.81 64.88
C CYS J 160 83.04 4.69 65.67
N ASN J 161 83.21 4.88 66.98
CA ASN J 161 83.96 3.90 67.76
C ASN J 161 83.32 3.53 69.08
N CYS J 162 82.93 2.27 69.23
CA CYS J 162 82.21 1.84 70.43
C CYS J 162 83.10 1.05 71.40
N ILE J 163 82.92 1.34 72.67
CA ILE J 163 83.64 0.65 73.71
C ILE J 163 82.66 0.46 74.85
N GLY J 164 82.45 -0.81 75.22
CA GLY J 164 81.51 -1.12 76.31
C GLY J 164 80.14 -0.53 76.07
N GLY J 165 79.76 -0.50 74.79
CA GLY J 165 78.45 -0.04 74.37
C GLY J 165 78.30 1.44 74.27
N ASN J 166 79.37 2.19 74.48
CA ASN J 166 79.38 3.62 74.29
C ASN J 166 80.07 3.96 72.98
N CYS J 167 79.27 4.39 72.00
CA CYS J 167 79.81 4.89 70.74
C CYS J 167 80.10 6.37 70.80
N TYR J 168 81.29 6.75 70.37
CA TYR J 168 81.79 8.12 70.39
C TYR J 168 81.89 8.66 68.95
N LEU J 169 81.34 9.84 68.71
CA LEU J 169 81.23 10.37 67.36
C LEU J 169 81.63 11.85 67.26
N MET J 170 82.56 12.20 66.38
CA MET J 170 82.84 13.63 66.13
C MET J 170 81.69 14.21 65.31
N ILE J 171 81.29 15.42 65.69
CA ILE J 171 80.44 16.29 64.87
C ILE J 171 81.10 17.67 64.80
N THR J 172 80.97 18.34 63.67
CA THR J 172 81.42 19.72 63.59
C THR J 172 80.37 20.64 62.95
N ASP J 173 80.53 21.94 63.20
CA ASP J 173 79.61 22.92 62.74
C ASP J 173 80.39 24.20 62.66
N GLY J 174 80.32 24.87 61.52
CA GLY J 174 81.07 26.10 61.38
C GLY J 174 81.34 26.37 59.93
N SER J 175 81.97 27.51 59.67
CA SER J 175 82.25 27.89 58.31
C SER J 175 83.36 27.04 57.73
N ALA J 176 83.31 26.81 56.42
CA ALA J 176 84.37 26.07 55.74
C ALA J 176 85.65 26.87 55.63
N SER J 177 85.60 28.18 55.86
CA SER J 177 86.75 29.07 55.63
C SER J 177 87.01 29.89 56.88
N GLY J 178 86.45 29.43 57.99
CA GLY J 178 86.55 30.13 59.28
C GLY J 178 86.43 29.12 60.39
N ILE J 179 85.83 29.53 61.50
CA ILE J 179 85.78 28.70 62.71
C ILE J 179 84.82 27.53 62.51
N SER J 180 85.31 26.31 62.75
CA SER J 180 84.43 25.14 62.81
C SER J 180 84.74 24.32 64.07
N GLU J 181 84.39 24.86 65.22
CA GLU J 181 84.65 24.20 66.50
C GLU J 181 83.87 22.89 66.60
N CYS J 182 84.57 21.76 66.63
CA CYS J 182 83.92 20.43 66.70
C CYS J 182 83.54 20.02 68.13
N ARG J 183 82.76 18.96 68.20
CA ARG J 183 82.27 18.38 69.44
C ARG J 183 82.29 16.88 69.32
N PHE J 184 82.18 16.17 70.43
CA PHE J 184 81.96 14.72 70.37
C PHE J 184 80.64 14.39 71.05
N LEU J 185 79.93 13.43 70.48
CA LEU J 185 78.77 12.85 71.10
C LEU J 185 79.12 11.49 71.64
N LYS J 186 78.55 11.14 72.79
CA LYS J 186 78.70 9.80 73.35
C LYS J 186 77.34 9.16 73.24
N ILE J 187 77.24 8.07 72.49
CA ILE J 187 75.95 7.50 72.18
C ILE J 187 75.82 6.09 72.77
N ARG J 188 74.69 5.82 73.43
CA ARG J 188 74.43 4.48 73.96
C ARG J 188 73.11 3.97 73.50
N GLU J 189 73.09 2.77 72.92
CA GLU J 189 71.90 2.22 72.29
C GLU J 189 71.10 3.27 71.48
N GLY J 190 71.86 4.09 70.74
CA GLY J 190 71.32 5.03 69.76
C GLY J 190 70.87 6.35 70.34
N ARG J 191 71.12 6.54 71.64
CA ARG J 191 70.70 7.76 72.31
C ARG J 191 71.91 8.48 72.84
N ILE J 192 71.89 9.78 72.70
CA ILE J 192 73.00 10.62 73.14
C ILE J 192 72.97 10.71 74.66
N ILE J 193 74.07 10.37 75.31
CA ILE J 193 74.13 10.45 76.78
C ILE J 193 75.16 11.46 77.33
N LYS J 194 75.97 12.02 76.46
CA LYS J 194 76.88 13.09 76.87
C LYS J 194 77.42 13.86 75.67
N GLU J 195 77.50 15.17 75.83
CA GLU J 195 78.20 16.09 74.94
C GLU J 195 79.58 16.33 75.54
N ILE J 196 80.62 16.12 74.74
CA ILE J 196 81.98 16.34 75.15
C ILE J 196 82.52 17.49 74.33
N PHE J 197 82.96 18.54 75.03
CA PHE J 197 83.49 19.75 74.43
C PHE J 197 85.01 19.72 74.53
N PRO J 198 85.69 19.54 73.38
CA PRO J 198 87.17 19.42 73.45
C PRO J 198 87.81 20.76 73.80
N THR J 199 89.10 20.73 74.18
CA THR J 199 89.86 21.87 74.66
C THR J 199 91.17 21.93 73.89
N GLY J 200 91.95 23.00 74.01
CA GLY J 200 93.18 23.17 73.20
C GLY J 200 92.93 23.83 71.83
N ARG J 201 93.63 23.38 70.80
CA ARG J 201 93.48 23.91 69.44
C ARG J 201 92.14 23.46 68.85
N VAL J 202 91.12 24.31 69.00
CA VAL J 202 89.74 23.97 68.61
C VAL J 202 89.19 24.87 67.50
N LYS J 203 90.07 25.72 66.98
CA LYS J 203 89.87 26.70 65.93
C LYS J 203 89.10 26.11 64.78
N HIS J 204 89.58 25.00 64.23
CA HIS J 204 88.87 24.36 63.14
C HIS J 204 89.25 22.87 63.05
N THR J 205 88.23 22.02 63.11
CA THR J 205 88.38 20.56 63.10
C THR J 205 87.14 19.92 62.47
N GLU J 206 87.36 19.11 61.43
CA GLU J 206 86.26 18.43 60.74
C GLU J 206 86.72 17.08 60.19
N GLU J 207 85.78 16.19 59.92
CA GLU J 207 86.03 14.87 59.35
C GLU J 207 87.11 14.07 60.08
N CYS J 208 86.98 13.96 61.39
CA CYS J 208 87.96 13.20 62.16
C CYS J 208 87.94 11.73 61.76
N THR J 209 89.11 11.18 61.49
CA THR J 209 89.23 9.77 61.29
C THR J 209 89.73 9.27 62.63
N CYS J 210 88.84 8.68 63.42
CA CYS J 210 89.14 8.30 64.78
C CYS J 210 89.27 6.81 64.90
N GLY J 211 90.14 6.38 65.80
CA GLY J 211 90.29 4.97 66.19
C GLY J 211 90.68 4.84 67.67
N PHE J 212 90.55 3.63 68.22
CA PHE J 212 91.12 3.34 69.55
C PHE J 212 92.66 3.17 69.50
N ALA J 213 93.36 4.09 70.14
CA ALA J 213 94.75 3.91 70.48
C ALA J 213 94.89 2.93 71.67
N SER J 214 93.82 2.78 72.44
CA SER J 214 93.79 1.77 73.51
C SER J 214 92.41 1.72 74.15
N ASN J 215 92.31 1.02 75.28
CA ASN J 215 91.01 0.97 76.00
C ASN J 215 90.69 2.30 76.69
N LYS J 216 91.70 3.15 76.91
CA LYS J 216 91.46 4.46 77.53
C LYS J 216 91.26 5.63 76.56
N THR J 217 91.80 5.53 75.33
CA THR J 217 91.96 6.68 74.42
C THR J 217 91.48 6.46 72.98
N ILE J 218 90.52 7.26 72.52
CA ILE J 218 90.29 7.45 71.08
C ILE J 218 91.20 8.58 70.57
N GLU J 219 91.87 8.36 69.44
CA GLU J 219 92.63 9.42 68.77
C GLU J 219 92.08 9.65 67.37
N CYS J 220 92.08 10.89 66.91
CA CYS J 220 91.55 11.20 65.59
C CYS J 220 92.49 12.11 64.84
N ALA J 221 92.56 11.89 63.54
CA ALA J 221 93.32 12.78 62.65
C ALA J 221 92.33 13.50 61.75
N CYS J 222 92.29 14.83 61.82
CA CYS J 222 91.19 15.55 61.19
C CYS J 222 91.60 16.54 60.11
N ARG J 223 90.60 17.28 59.61
CA ARG J 223 90.77 18.26 58.55
C ARG J 223 90.61 19.66 59.08
N ASP J 224 91.57 20.51 58.82
CA ASP J 224 91.36 21.94 58.95
C ASP J 224 91.33 22.48 57.52
N ASN J 225 90.21 23.11 57.18
CA ASN J 225 89.94 23.61 55.86
C ASN J 225 90.22 25.11 55.71
N SER J 226 90.78 25.73 56.76
CA SER J 226 90.99 27.18 56.76
C SER J 226 92.43 27.53 56.99
N TYR J 227 92.99 27.02 58.07
CA TYR J 227 94.18 27.62 58.64
C TYR J 227 95.54 26.94 58.46
N THR J 228 95.56 25.60 58.33
CA THR J 228 96.81 24.86 58.29
C THR J 228 96.68 23.58 57.46
N ALA J 229 97.82 23.10 56.95
CA ALA J 229 97.91 21.79 56.29
C ALA J 229 98.33 20.69 57.26
N LYS J 230 98.63 21.05 58.50
CA LYS J 230 98.76 20.07 59.57
C LYS J 230 97.40 19.54 59.93
N ARG J 231 97.31 18.24 60.11
CA ARG J 231 96.09 17.67 60.61
C ARG J 231 95.94 17.98 62.10
N PRO J 232 94.76 18.51 62.52
CA PRO J 232 94.42 18.58 63.95
C PRO J 232 94.39 17.18 64.49
N PHE J 233 94.95 16.97 65.66
CA PHE J 233 95.06 15.61 66.15
C PHE J 233 94.33 15.52 67.47
N VAL J 234 93.24 14.78 67.48
CA VAL J 234 92.39 14.74 68.69
C VAL J 234 92.75 13.51 69.55
N LYS J 235 92.88 13.74 70.87
CA LYS J 235 93.01 12.69 71.90
C LYS J 235 91.86 12.75 72.88
N LEU J 236 91.06 11.68 72.89
CA LEU J 236 89.85 11.56 73.69
C LEU J 236 90.06 10.52 74.78
N ASN J 237 89.89 10.89 76.04
CA ASN J 237 89.91 9.91 77.10
C ASN J 237 88.49 9.38 77.27
N VAL J 238 88.28 8.11 76.95
CA VAL J 238 86.95 7.53 77.12
C VAL J 238 86.52 7.16 78.56
N GLU J 239 87.46 7.23 79.51
CA GLU J 239 87.16 7.00 80.93
C GLU J 239 86.68 8.26 81.66
N THR J 240 87.27 9.42 81.34
CA THR J 240 86.76 10.69 81.92
C THR J 240 85.93 11.53 80.94
N ASP J 241 85.77 11.05 79.71
CA ASP J 241 85.03 11.77 78.64
C ASP J 241 85.53 13.19 78.46
N THR J 242 86.84 13.30 78.27
CA THR J 242 87.52 14.59 78.07
C THR J 242 88.27 14.54 76.77
N ALA J 243 88.32 15.65 76.04
CA ALA J 243 88.96 15.65 74.75
C ALA J 243 89.86 16.85 74.60
N GLU J 244 91.01 16.61 73.98
CA GLU J 244 92.01 17.62 73.74
C GLU J 244 92.42 17.57 72.26
N ILE J 245 92.84 18.71 71.71
CA ILE J 245 93.14 18.80 70.29
C ILE J 245 94.35 19.70 70.08
N ARG J 246 95.36 19.21 69.34
CA ARG J 246 96.49 20.05 68.86
C ARG J 246 96.84 19.61 67.47
N LEU J 247 97.49 20.51 66.72
CA LEU J 247 98.04 20.17 65.41
C LEU J 247 99.05 19.05 65.54
N MET J 248 99.19 18.26 64.49
CA MET J 248 100.26 17.27 64.36
C MET J 248 101.56 17.98 64.00
N CYS J 249 102.60 17.70 64.80
CA CYS J 249 103.88 18.41 64.76
C CYS J 249 104.80 17.91 63.66
N THR J 250 104.53 16.72 63.12
CA THR J 250 105.35 16.12 62.08
C THR J 250 105.59 17.00 60.84
N GLU J 251 106.76 16.86 60.24
CA GLU J 251 107.09 17.60 59.04
C GLU J 251 106.39 16.98 57.82
N THR J 252 105.86 15.77 58.00
CA THR J 252 105.14 15.07 56.96
C THR J 252 103.66 15.49 56.97
N TYR J 253 103.40 16.68 56.45
CA TYR J 253 102.03 17.22 56.47
C TYR J 253 101.14 16.31 55.67
N LEU J 254 99.96 15.99 56.24
CA LEU J 254 99.08 14.95 55.73
C LEU J 254 97.87 15.49 54.96
N ASP J 255 97.70 16.80 55.01
CA ASP J 255 96.54 17.43 54.36
C ASP J 255 96.82 17.74 52.90
N THR J 256 95.80 18.16 52.15
CA THR J 256 95.95 18.52 50.74
C THR J 256 94.94 19.63 50.43
N PRO J 257 95.43 20.81 49.97
CA PRO J 257 96.84 21.08 49.65
C PRO J 257 97.73 21.15 50.89
N ARG J 258 99.05 21.10 50.64
CA ARG J 258 100.08 21.33 51.64
C ARG J 258 101.36 21.93 51.04
N PRO J 259 102.20 22.57 51.86
CA PRO J 259 103.49 23.03 51.37
C PRO J 259 104.53 21.91 51.42
N ASP J 260 105.80 22.23 51.20
CA ASP J 260 106.79 21.17 51.35
C ASP J 260 106.88 20.71 52.80
N ASP J 261 107.27 19.45 52.95
CA ASP J 261 107.39 18.86 54.25
C ASP J 261 108.43 19.67 54.96
N GLY J 262 108.25 19.91 56.26
CA GLY J 262 109.25 20.63 57.07
C GLY J 262 109.37 22.11 56.86
N SER J 263 108.64 22.65 55.90
CA SER J 263 108.79 24.05 55.49
C SER J 263 107.95 25.00 56.32
N ILE J 264 107.03 24.47 57.10
CA ILE J 264 106.32 25.32 58.05
C ILE J 264 107.22 25.56 59.28
N THR J 265 107.71 26.79 59.35
CA THR J 265 108.69 27.22 60.34
C THR J 265 108.03 27.50 61.67
N GLY J 266 108.80 27.42 62.76
CA GLY J 266 108.27 27.69 64.10
C GLY J 266 108.06 26.42 64.89
N PRO J 267 107.40 26.51 66.07
CA PRO J 267 107.16 25.32 66.91
C PRO J 267 106.00 24.47 66.39
N CYS J 268 105.56 23.50 67.18
CA CYS J 268 104.51 22.54 66.73
C CYS J 268 103.17 23.18 66.42
N GLU J 269 102.93 24.35 67.01
CA GLU J 269 101.65 24.99 66.82
C GLU J 269 101.53 25.91 65.57
N SER J 270 102.62 26.19 64.87
CA SER J 270 102.54 27.08 63.72
C SER J 270 101.63 26.58 62.61
N ASN J 271 100.87 27.49 62.04
CA ASN J 271 99.88 27.10 61.06
C ASN J 271 100.45 26.46 59.77
N GLY J 272 101.14 27.15 58.86
CA GLY J 272 101.11 28.55 58.64
C GLY J 272 100.57 28.64 57.21
N ASP J 273 101.35 28.20 56.21
CA ASP J 273 101.00 28.40 54.78
C ASP J 273 100.31 27.23 54.01
N LYS J 274 99.55 27.62 52.97
CA LYS J 274 98.73 26.73 52.12
C LYS J 274 97.63 25.95 52.86
N GLY J 275 97.22 26.51 54.01
CA GLY J 275 96.31 25.88 54.95
C GLY J 275 94.86 25.81 54.57
N SER J 276 94.40 26.70 53.67
CA SER J 276 92.98 26.68 53.24
C SER J 276 92.77 25.52 52.26
N GLY J 277 91.55 25.01 52.20
CA GLY J 277 91.30 23.73 51.51
C GLY J 277 91.71 22.58 52.42
N GLY J 278 91.42 21.35 52.02
CA GLY J 278 91.78 20.22 52.84
C GLY J 278 91.31 18.91 52.23
N ILE J 279 91.45 17.83 53.00
CA ILE J 279 90.96 16.51 52.60
C ILE J 279 90.82 15.61 53.84
N LYS J 280 89.83 14.72 53.82
CA LYS J 280 89.69 13.71 54.86
C LYS J 280 90.78 12.67 54.65
N GLY J 281 91.35 12.21 55.76
CA GLY J 281 92.65 11.55 55.76
C GLY J 281 92.62 10.25 56.53
N GLY J 282 93.28 9.23 55.98
CA GLY J 282 93.30 7.90 56.53
C GLY J 282 94.06 7.92 57.82
N PHE J 283 93.71 7.01 58.71
CA PHE J 283 94.39 6.92 59.98
C PHE J 283 93.84 5.74 60.69
N VAL J 284 94.71 4.91 61.20
CA VAL J 284 94.31 3.68 61.86
C VAL J 284 95.44 3.27 62.83
N HIS J 285 95.08 2.51 63.87
CA HIS J 285 96.02 2.14 64.94
C HIS J 285 96.45 0.68 64.84
N GLN J 286 97.71 0.43 65.14
CA GLN J 286 98.18 -0.93 65.29
C GLN J 286 98.57 -1.04 66.76
N ARG J 287 97.77 -1.74 67.55
CA ARG J 287 98.02 -1.81 68.99
C ARG J 287 98.77 -3.08 69.31
N MET J 288 99.99 -2.93 69.77
CA MET J 288 100.82 -4.05 70.23
C MET J 288 101.03 -4.00 71.75
N ALA J 289 101.48 -5.12 72.33
CA ALA J 289 101.55 -5.31 73.81
C ALA J 289 102.05 -4.06 74.51
N SER J 290 103.28 -3.65 74.16
CA SER J 290 103.92 -2.45 74.69
C SER J 290 104.40 -1.47 73.58
N LYS J 291 103.63 -1.34 72.50
CA LYS J 291 104.01 -0.45 71.40
C LYS J 291 102.81 -0.10 70.55
N ILE J 292 102.72 1.15 70.12
CA ILE J 292 101.63 1.58 69.25
C ILE J 292 102.13 2.15 67.95
N GLY J 293 101.62 1.61 66.87
CA GLY J 293 101.92 2.14 65.54
C GLY J 293 100.79 3.01 65.04
N ARG J 294 101.14 4.09 64.36
CA ARG J 294 100.11 4.98 63.83
C ARG J 294 100.25 5.08 62.34
N TRP J 295 99.35 4.47 61.60
CA TRP J 295 99.41 4.46 60.15
C TRP J 295 98.58 5.58 59.58
N TYR J 296 99.13 6.32 58.63
CA TYR J 296 98.39 7.41 57.99
C TYR J 296 98.46 7.30 56.46
N SER J 297 97.59 8.00 55.77
CA SER J 297 97.76 8.16 54.32
C SER J 297 97.68 9.63 53.91
N ARG J 298 98.20 9.95 52.74
CA ARG J 298 98.12 11.29 52.19
C ARG J 298 98.36 11.25 50.71
N THR J 299 97.67 12.09 49.97
CA THR J 299 97.81 12.17 48.51
C THR J 299 99.24 12.27 48.07
N MET J 300 99.54 11.67 46.92
CA MET J 300 100.90 11.67 46.37
C MET J 300 101.26 13.07 45.90
N SER J 301 100.25 13.77 45.39
CA SER J 301 100.43 15.15 44.97
C SER J 301 100.22 16.07 46.14
N LYS J 302 100.97 17.16 46.16
CA LYS J 302 100.83 18.22 47.16
C LYS J 302 99.61 19.16 47.06
N THR J 303 98.97 19.24 45.89
CA THR J 303 97.86 20.18 45.68
C THR J 303 96.59 19.52 45.18
N LYS J 304 96.75 18.32 44.62
CA LYS J 304 95.66 17.66 43.96
C LYS J 304 95.27 16.35 44.58
N ARG J 305 94.06 15.92 44.30
CA ARG J 305 93.57 14.68 44.86
C ARG J 305 94.02 13.48 43.99
N MET J 306 95.32 13.38 43.82
CA MET J 306 95.92 12.34 43.01
C MET J 306 96.88 11.47 43.84
N GLY J 307 96.75 10.16 43.69
CA GLY J 307 97.59 9.23 44.40
C GLY J 307 97.39 9.16 45.90
N MET J 308 97.90 8.09 46.52
CA MET J 308 97.78 7.95 47.98
C MET J 308 98.93 7.12 48.49
N GLY J 309 99.66 7.70 49.45
CA GLY J 309 100.82 7.03 50.05
C GLY J 309 100.54 6.61 51.47
N LEU J 310 101.20 5.56 51.95
CA LEU J 310 100.95 5.08 53.28
C LEU J 310 102.14 5.45 54.11
N TYR J 311 101.91 6.01 55.29
CA TYR J 311 103.03 6.44 56.17
C TYR J 311 102.82 5.77 57.52
N VAL J 312 103.84 5.78 58.37
CA VAL J 312 103.76 5.14 59.69
C VAL J 312 104.78 5.65 60.70
N LYS J 313 104.37 5.67 61.97
CA LYS J 313 105.26 6.01 63.09
C LYS J 313 104.90 5.24 64.34
N TYR J 314 105.91 4.71 65.01
CA TYR J 314 105.71 3.86 66.18
C TYR J 314 105.98 4.68 67.46
N ASP J 315 105.05 4.67 68.40
CA ASP J 315 105.21 5.45 69.66
C ASP J 315 105.49 6.95 69.48
N GLY J 316 105.84 7.61 70.59
CA GLY J 316 105.98 9.06 70.64
C GLY J 316 104.61 9.75 70.86
N ASP J 317 104.65 11.07 70.91
CA ASP J 317 103.48 11.92 71.00
C ASP J 317 103.32 12.73 69.69
N PRO J 318 102.31 12.39 68.87
CA PRO J 318 102.13 13.13 67.60
C PRO J 318 102.02 14.63 67.79
N TRP J 319 101.69 15.04 69.02
CA TRP J 319 101.53 16.47 69.30
C TRP J 319 102.84 17.22 69.39
N THR J 320 103.97 16.49 69.47
CA THR J 320 105.29 17.12 69.74
C THR J 320 106.40 16.70 68.79
N ASP J 321 106.24 15.55 68.16
CA ASP J 321 107.26 14.92 67.30
C ASP J 321 107.28 15.58 65.96
N SER J 322 108.38 16.26 65.65
CA SER J 322 108.52 16.87 64.33
C SER J 322 109.18 15.89 63.34
N ASP J 323 109.64 14.77 63.88
CA ASP J 323 110.26 13.69 63.09
C ASP J 323 109.38 13.39 61.89
N ALA J 324 110.00 13.22 60.72
CA ALA J 324 109.27 12.79 59.52
C ALA J 324 108.64 11.43 59.76
N LEU J 325 107.49 11.25 59.14
CA LEU J 325 106.78 9.98 59.13
C LEU J 325 107.48 9.08 58.11
N ALA J 326 107.58 7.80 58.42
CA ALA J 326 108.16 6.80 57.52
C ALA J 326 107.26 6.48 56.32
N LEU J 327 107.72 6.80 55.11
CA LEU J 327 107.01 6.44 53.90
C LEU J 327 106.96 4.95 53.72
N SER J 328 105.78 4.36 53.73
CA SER J 328 105.67 2.90 53.77
C SER J 328 105.32 2.26 52.45
N GLY J 329 104.51 2.93 51.62
CA GLY J 329 104.34 2.55 50.22
C GLY J 329 103.39 3.39 49.41
N VAL J 330 103.42 3.24 48.08
CA VAL J 330 102.48 3.93 47.19
C VAL J 330 101.26 3.05 46.95
N MET J 331 100.13 3.49 47.51
CA MET J 331 98.87 2.75 47.41
C MET J 331 98.15 3.03 46.10
N VAL J 332 98.14 4.29 45.71
CA VAL J 332 97.54 4.70 44.44
C VAL J 332 98.55 5.62 43.83
N SER J 333 98.97 5.33 42.61
CA SER J 333 99.99 6.14 41.96
C SER J 333 99.46 7.52 41.61
N MET J 334 100.37 8.47 41.46
CA MET J 334 100.09 9.83 40.99
C MET J 334 99.19 9.92 39.74
N GLU J 335 99.01 8.82 39.04
CA GLU J 335 98.19 8.86 37.84
C GLU J 335 96.74 8.57 38.08
N GLU J 336 96.43 8.04 39.27
CA GLU J 336 95.07 7.68 39.63
C GLU J 336 94.53 8.66 40.67
N PRO J 337 93.18 8.78 40.78
CA PRO J 337 92.57 9.65 41.77
C PRO J 337 92.69 9.11 43.20
N GLY J 338 93.02 9.99 44.14
CA GLY J 338 93.02 9.65 45.54
C GLY J 338 92.36 10.79 46.25
N TRP J 339 91.07 10.62 46.51
CA TRP J 339 90.33 11.60 47.29
C TRP J 339 90.37 11.18 48.75
N TYR J 340 89.20 11.11 49.39
CA TYR J 340 89.09 10.85 50.81
C TYR J 340 89.75 9.53 51.20
N SER J 341 90.36 9.47 52.37
CA SER J 341 90.72 8.15 52.93
C SER J 341 90.32 8.03 54.41
N PHE J 342 90.20 6.78 54.88
CA PHE J 342 89.62 6.49 56.21
C PHE J 342 90.22 5.21 56.76
N GLY J 343 90.21 5.05 58.08
CA GLY J 343 90.65 3.81 58.73
C GLY J 343 89.50 2.95 59.24
N PHE J 344 89.76 1.66 59.39
CA PHE J 344 88.82 0.72 60.00
C PHE J 344 89.53 -0.56 60.40
N GLU J 345 88.84 -1.44 61.11
CA GLU J 345 89.45 -2.60 61.69
C GLU J 345 88.55 -3.77 61.48
N ILE J 346 89.05 -4.81 60.83
CA ILE J 346 88.33 -6.06 60.68
C ILE J 346 88.65 -6.93 61.90
N LYS J 347 87.71 -7.72 62.38
CA LYS J 347 87.95 -8.49 63.59
C LYS J 347 88.19 -9.92 63.30
N ASP J 348 89.43 -10.33 63.52
CA ASP J 348 89.77 -11.73 63.41
C ASP J 348 89.24 -12.46 64.67
N LYS J 349 89.59 -13.73 64.84
CA LYS J 349 88.98 -14.50 65.91
C LYS J 349 89.36 -13.92 67.26
N LYS J 350 90.64 -13.57 67.44
CA LYS J 350 91.14 -13.05 68.73
C LYS J 350 91.95 -11.74 68.65
N CYS J 351 91.97 -11.12 67.47
CA CYS J 351 92.70 -9.86 67.28
C CYS J 351 92.11 -9.01 66.18
N ASP J 352 92.46 -7.72 66.20
CA ASP J 352 91.89 -6.74 65.28
C ASP J 352 92.83 -6.38 64.08
N VAL J 353 92.28 -6.31 62.88
CA VAL J 353 93.12 -6.09 61.71
C VAL J 353 92.94 -4.67 61.18
N PRO J 354 93.96 -3.85 61.36
CA PRO J 354 93.84 -2.43 60.98
C PRO J 354 93.93 -2.24 59.46
N CYS J 355 93.01 -1.47 58.89
CA CYS J 355 93.00 -1.24 57.43
C CYS J 355 92.86 0.23 57.13
N ILE J 356 93.15 0.61 55.89
CA ILE J 356 92.91 1.98 55.40
C ILE J 356 92.21 1.89 54.04
N GLY J 357 91.01 2.45 53.96
CA GLY J 357 90.28 2.54 52.70
C GLY J 357 90.55 3.86 51.98
N ILE J 358 90.42 3.85 50.65
CA ILE J 358 90.71 5.04 49.86
C ILE J 358 89.61 5.27 48.91
N GLU J 359 88.94 6.42 49.05
CA GLU J 359 87.96 6.87 48.07
C GLU J 359 88.69 7.30 46.79
N MET J 360 88.43 6.60 45.70
CA MET J 360 89.05 6.92 44.43
C MET J 360 87.98 7.45 43.49
N VAL J 361 87.79 8.76 43.50
CA VAL J 361 86.65 9.37 42.81
C VAL J 361 86.88 9.45 41.31
N HIS J 362 85.83 9.22 40.55
CA HIS J 362 85.82 9.35 39.10
C HIS J 362 85.27 10.73 38.84
N ASP J 363 86.17 11.67 38.55
CA ASP J 363 85.77 13.07 38.37
C ASP J 363 85.91 13.45 36.90
N GLY J 364 84.82 13.85 36.28
CA GLY J 364 84.87 14.40 34.93
C GLY J 364 84.15 15.74 34.80
N GLY J 365 84.10 16.48 35.90
CA GLY J 365 83.43 17.79 35.95
C GLY J 365 81.93 17.66 36.16
N LYS J 366 81.25 18.78 36.31
CA LYS J 366 79.81 18.75 36.61
C LYS J 366 78.92 18.35 35.43
N GLU J 367 79.50 18.25 34.23
CA GLU J 367 78.69 17.93 33.05
C GLU J 367 78.49 16.42 32.83
N THR J 368 78.94 15.59 33.79
CA THR J 368 78.74 14.13 33.71
C THR J 368 78.63 13.55 35.12
N TRP J 369 78.69 12.24 35.25
CA TRP J 369 78.45 11.62 36.55
C TRP J 369 79.63 11.79 37.48
N HIS J 370 79.39 11.64 38.77
CA HIS J 370 80.43 11.83 39.76
C HIS J 370 80.30 10.83 40.89
N SER J 371 81.11 9.78 40.83
CA SER J 371 81.11 8.76 41.86
C SER J 371 82.51 8.30 42.19
N ALA J 372 82.62 7.26 43.01
CA ALA J 372 83.89 6.83 43.57
C ALA J 372 84.06 5.30 43.56
N ALA J 373 85.29 4.81 43.39
CA ALA J 373 85.59 3.44 43.73
C ALA J 373 86.12 3.41 45.15
N THR J 374 86.35 2.23 45.73
CA THR J 374 86.98 2.12 47.06
C THR J 374 88.10 1.10 47.05
N ALA J 375 89.32 1.55 47.29
CA ALA J 375 90.48 0.69 47.49
C ALA J 375 90.69 0.35 48.98
N ILE J 376 90.93 -0.92 49.30
CA ILE J 376 91.28 -1.32 50.68
C ILE J 376 92.71 -1.92 50.83
N TYR J 377 93.54 -1.28 51.64
CA TYR J 377 94.78 -1.87 52.13
C TYR J 377 94.63 -2.29 53.58
N CYS J 378 95.03 -3.51 53.93
CA CYS J 378 95.11 -3.94 55.36
C CYS J 378 96.51 -4.41 55.80
N LEU J 379 96.74 -4.39 57.11
CA LEU J 379 97.93 -4.93 57.73
C LEU J 379 97.87 -6.43 57.53
N MET J 380 98.86 -6.96 56.81
CA MET J 380 98.97 -8.40 56.58
C MET J 380 100.41 -8.83 56.32
N GLY J 381 100.95 -9.63 57.23
CA GLY J 381 102.25 -10.23 57.06
C GLY J 381 103.43 -9.30 57.24
N SER J 382 104.56 -9.72 56.70
CA SER J 382 105.84 -9.02 56.84
C SER J 382 106.34 -8.46 55.52
N GLY J 383 107.26 -7.50 55.52
CA GLY J 383 107.89 -7.06 54.28
C GLY J 383 107.65 -5.61 53.82
N GLN J 384 107.52 -5.40 52.51
CA GLN J 384 107.24 -4.06 51.98
C GLN J 384 105.97 -4.09 51.19
N LEU J 385 105.13 -3.04 51.33
CA LEU J 385 103.94 -2.86 50.51
C LEU J 385 104.25 -3.07 49.02
N LEU J 386 103.54 -4.01 48.42
CA LEU J 386 103.92 -4.48 47.11
C LEU J 386 103.20 -3.86 45.91
N TRP J 387 101.87 -3.70 45.93
CA TRP J 387 101.18 -3.28 44.71
C TRP J 387 100.23 -2.12 44.89
N ASP J 388 100.06 -1.34 43.82
CA ASP J 388 99.16 -0.19 43.84
C ASP J 388 97.79 -0.55 43.30
N THR J 389 96.82 0.31 43.54
CA THR J 389 95.45 0.08 43.07
C THR J 389 95.07 1.03 41.95
N VAL J 390 94.32 0.53 40.96
CA VAL J 390 93.69 1.31 39.89
C VAL J 390 92.18 1.05 39.82
N THR J 391 91.40 2.02 39.35
CA THR J 391 89.94 1.80 39.30
C THR J 391 89.57 0.98 38.09
N GLY J 392 90.37 1.10 37.04
CA GLY J 392 90.08 0.42 35.79
C GLY J 392 88.99 1.08 34.98
N VAL J 393 88.40 2.15 35.50
CA VAL J 393 87.24 2.77 34.88
C VAL J 393 87.58 3.85 33.85
N ASP J 394 86.96 3.75 32.69
CA ASP J 394 86.97 4.81 31.68
C ASP J 394 85.57 5.50 31.73
N MET J 395 85.59 6.80 32.01
CA MET J 395 84.38 7.54 32.27
C MET J 395 83.56 7.88 31.03
N ALA J 396 84.14 7.68 29.84
CA ALA J 396 83.41 7.87 28.58
C ALA J 396 82.45 6.72 28.23
N LEU J 397 82.61 5.57 28.89
CA LEU J 397 81.78 4.40 28.62
C LEU J 397 80.37 4.42 29.30
N PRO K 9 59.66 -17.10 70.94
CA PRO K 9 59.01 -15.81 70.79
C PRO K 9 57.62 -15.77 71.39
N GLU K 10 57.22 -14.58 71.85
CA GLU K 10 55.91 -14.35 72.45
C GLU K 10 55.08 -13.27 71.71
N TRP K 11 53.79 -13.15 72.05
CA TRP K 11 52.92 -12.16 71.40
C TRP K 11 53.34 -10.73 71.70
N THR K 12 53.08 -9.85 70.75
CA THR K 12 53.46 -8.46 70.89
C THR K 12 52.28 -7.59 71.38
N TYR K 13 52.60 -6.50 72.09
CA TYR K 13 51.62 -5.56 72.66
C TYR K 13 52.11 -4.12 72.39
N PRO K 14 51.20 -3.14 72.31
CA PRO K 14 51.70 -1.77 72.24
C PRO K 14 52.45 -1.36 73.49
N ARG K 15 53.55 -0.64 73.35
CA ARG K 15 54.32 -0.15 74.48
C ARG K 15 54.30 1.35 74.48
N LEU K 16 54.97 1.94 75.50
CA LEU K 16 55.15 3.39 75.62
C LEU K 16 56.04 3.84 74.48
N SER K 17 55.67 4.91 73.79
CA SER K 17 56.46 5.42 72.67
C SER K 17 57.83 5.91 73.12
N CYS K 18 58.79 5.92 72.21
CA CYS K 18 60.11 6.43 72.52
C CYS K 18 60.09 7.94 72.81
N PRO K 19 61.08 8.43 73.58
CA PRO K 19 61.16 9.85 73.85
C PRO K 19 61.28 10.64 72.53
N GLY K 20 60.64 11.80 72.52
CA GLY K 20 60.67 12.72 71.40
C GLY K 20 59.49 13.68 71.48
N SER K 21 59.65 14.83 70.84
CA SER K 21 58.53 15.75 70.69
C SER K 21 58.38 16.28 69.25
N THR K 22 59.13 15.75 68.30
CA THR K 22 58.99 16.20 66.90
C THR K 22 59.23 15.10 65.90
N PHE K 23 58.48 15.12 64.81
CA PHE K 23 58.81 14.27 63.67
C PHE K 23 59.91 14.91 62.84
N GLN K 24 60.76 14.08 62.24
CA GLN K 24 61.77 14.53 61.31
C GLN K 24 61.71 13.63 60.11
N LYS K 25 62.38 14.04 59.04
CA LYS K 25 62.48 13.29 57.78
C LYS K 25 63.39 12.13 58.03
N ALA K 26 62.94 10.92 57.66
CA ALA K 26 63.72 9.71 57.93
C ALA K 26 64.32 9.03 56.71
N LEU K 27 63.47 8.66 55.76
CA LEU K 27 63.89 7.87 54.62
C LEU K 27 63.00 8.12 53.44
N LEU K 28 63.61 8.08 52.25
CA LEU K 28 62.84 8.11 51.00
C LEU K 28 62.99 6.78 50.28
N ILE K 29 61.89 6.17 49.89
CA ILE K 29 61.93 5.07 48.94
C ILE K 29 61.35 5.54 47.60
N SER K 30 62.23 5.98 46.70
CA SER K 30 61.80 6.40 45.37
C SER K 30 62.41 5.46 44.33
N PRO K 31 61.70 4.36 44.04
CA PRO K 31 62.26 3.36 43.15
C PRO K 31 62.29 3.81 41.68
N HIS K 32 61.48 4.79 41.31
CA HIS K 32 61.49 5.29 39.91
C HIS K 32 62.62 6.27 39.56
N ARG K 33 63.42 6.62 40.56
CA ARG K 33 64.72 7.24 40.34
C ARG K 33 65.61 6.34 39.46
N PHE K 34 65.13 5.11 39.25
CA PHE K 34 65.91 4.04 38.62
C PHE K 34 65.22 3.37 37.43
N GLY K 35 64.03 3.85 37.04
CA GLY K 35 63.34 3.30 35.88
C GLY K 35 63.48 4.14 34.63
N GLU K 36 64.66 4.68 34.35
CA GLU K 36 64.85 5.33 33.04
C GLU K 36 65.07 4.31 31.91
N THR K 37 64.58 4.65 30.72
CA THR K 37 65.00 4.10 29.44
C THR K 37 66.52 3.79 29.42
N LYS K 38 67.33 4.78 29.82
CA LYS K 38 68.79 4.72 29.76
C LYS K 38 69.41 3.84 30.86
N GLY K 39 68.58 3.45 31.84
CA GLY K 39 69.00 2.66 32.99
C GLY K 39 68.81 1.16 32.79
N ASN K 40 69.03 0.40 33.88
CA ASN K 40 69.13 -1.04 33.84
C ASN K 40 68.58 -1.61 35.11
N SER K 41 67.49 -1.02 35.58
CA SER K 41 66.79 -1.49 36.78
C SER K 41 65.32 -1.72 36.45
N ALA K 42 64.64 -2.45 37.34
CA ALA K 42 63.23 -2.75 37.19
C ALA K 42 62.43 -2.48 38.48
N PRO K 43 62.18 -1.21 38.78
CA PRO K 43 61.26 -0.92 39.89
C PRO K 43 59.88 -1.32 39.48
N LEU K 44 59.11 -1.87 40.44
CA LEU K 44 57.76 -2.38 40.18
C LEU K 44 56.80 -1.24 40.20
N ILE K 45 55.78 -1.30 39.33
CA ILE K 45 54.71 -0.27 39.28
C ILE K 45 53.68 -0.55 40.36
N ILE K 46 53.55 0.37 41.30
CA ILE K 46 52.74 0.11 42.47
C ILE K 46 51.80 1.28 42.75
N ARG K 47 51.00 1.10 43.80
CA ARG K 47 50.35 2.17 44.52
C ARG K 47 49.93 1.62 45.91
N GLU K 48 49.32 2.44 46.73
CA GLU K 48 48.90 2.05 48.07
C GLU K 48 50.01 1.39 48.87
N PRO K 49 51.20 2.04 48.90
CA PRO K 49 52.26 1.54 49.74
C PRO K 49 51.89 1.61 51.21
N PHE K 50 52.66 0.94 52.05
CA PHE K 50 52.46 0.98 53.49
C PHE K 50 53.47 0.11 54.20
N ILE K 51 53.80 0.50 55.41
CA ILE K 51 54.82 -0.18 56.15
C ILE K 51 54.18 -0.82 57.37
N ALA K 52 54.64 -2.00 57.71
CA ALA K 52 54.24 -2.67 58.94
C ALA K 52 55.52 -3.25 59.51
N CYS K 53 55.67 -3.27 60.83
CA CYS K 53 56.92 -3.73 61.44
C CYS K 53 56.66 -4.80 62.45
N GLY K 54 57.61 -5.72 62.57
CA GLY K 54 57.63 -6.71 63.65
C GLY K 54 58.83 -6.45 64.57
N PRO K 55 59.11 -7.37 65.53
CA PRO K 55 60.15 -7.06 66.52
C PRO K 55 61.55 -6.95 65.91
N LYS K 56 61.84 -7.58 64.78
CA LYS K 56 63.18 -7.42 64.19
C LYS K 56 63.27 -6.73 62.80
N GLU K 57 62.15 -6.67 62.09
CA GLU K 57 62.14 -6.21 60.71
C GLU K 57 60.92 -5.31 60.37
N CYS K 58 61.15 -4.30 59.51
CA CYS K 58 60.07 -3.47 58.98
C CYS K 58 59.91 -3.75 57.50
N LYS K 59 58.72 -4.09 57.07
CA LYS K 59 58.46 -4.46 55.69
C LYS K 59 57.66 -3.38 54.95
N HIS K 60 58.06 -3.11 53.71
CA HIS K 60 57.48 -2.03 52.95
C HIS K 60 56.58 -2.67 51.96
N PHE K 61 55.28 -2.52 52.16
CA PHE K 61 54.27 -3.22 51.35
C PHE K 61 53.72 -2.29 50.26
N ALA K 62 53.12 -2.87 49.22
CA ALA K 62 52.52 -2.09 48.15
C ALA K 62 51.64 -2.98 47.29
N LEU K 63 50.65 -2.39 46.59
CA LEU K 63 49.85 -3.15 45.61
C LEU K 63 50.42 -2.93 44.21
N THR K 64 51.05 -3.96 43.62
CA THR K 64 51.61 -3.85 42.26
C THR K 64 50.62 -4.19 41.13
N HIS K 65 50.86 -3.58 39.95
CA HIS K 65 50.07 -3.90 38.74
C HIS K 65 50.77 -5.00 37.94
N TYR K 66 51.79 -5.62 38.54
CA TYR K 66 52.51 -6.74 37.90
C TYR K 66 53.23 -6.28 36.64
N ALA K 67 53.89 -5.13 36.74
CA ALA K 67 54.53 -4.45 35.63
C ALA K 67 55.67 -3.68 36.24
N ALA K 68 56.65 -3.28 35.42
CA ALA K 68 57.79 -2.53 35.89
C ALA K 68 58.07 -1.40 34.94
N GLN K 69 58.87 -0.44 35.39
CA GLN K 69 59.34 0.66 34.60
C GLN K 69 60.87 0.53 34.45
N PRO K 70 61.38 0.51 33.18
CA PRO K 70 60.58 0.65 31.97
C PRO K 70 59.96 -0.67 31.56
N GLY K 71 58.80 -0.62 30.94
CA GLY K 71 58.11 -1.81 30.51
C GLY K 71 57.15 -1.54 29.35
N GLY K 72 56.23 -2.47 29.13
CA GLY K 72 55.29 -2.37 28.04
C GLY K 72 53.87 -2.54 28.52
N TYR K 73 53.68 -2.63 29.84
CA TYR K 73 52.33 -2.80 30.39
C TYR K 73 51.83 -1.60 31.23
N TYR K 74 52.15 -0.39 30.76
CA TYR K 74 51.71 0.85 31.40
C TYR K 74 50.20 1.04 31.31
N ASN K 75 49.58 0.57 30.23
CA ASN K 75 48.13 0.73 30.10
C ASN K 75 47.33 -0.03 31.19
N GLY K 76 46.58 0.72 32.01
CA GLY K 76 45.73 0.14 33.06
C GLY K 76 46.39 0.18 34.44
N THR K 77 47.51 0.89 34.55
CA THR K 77 48.19 1.04 35.82
C THR K 77 47.67 2.24 36.59
N ARG K 78 46.84 3.06 35.93
CA ARG K 78 45.98 4.09 36.53
C ARG K 78 44.64 3.57 37.06
N GLY K 79 44.27 2.35 36.69
CA GLY K 79 43.04 1.71 37.20
C GLY K 79 43.28 1.22 38.62
N ASP K 80 42.35 0.47 39.17
CA ASP K 80 42.57 -0.04 40.52
C ASP K 80 42.38 -1.55 40.58
N ARG K 81 41.22 -2.06 40.23
CA ARG K 81 40.98 -3.49 40.44
C ARG K 81 41.05 -4.30 39.16
N ASN K 82 42.16 -5.00 38.96
CA ASN K 82 42.30 -5.99 37.89
C ASN K 82 42.79 -7.36 38.42
N LYS K 83 42.74 -8.37 37.54
CA LYS K 83 43.16 -9.75 37.84
C LYS K 83 44.67 -10.00 37.99
N LEU K 84 45.49 -8.96 37.80
CA LEU K 84 46.95 -9.14 37.84
C LEU K 84 47.53 -8.53 39.09
N ARG K 85 46.73 -7.68 39.71
CA ARG K 85 47.14 -6.93 40.89
C ARG K 85 47.61 -7.85 42.04
N HIS K 86 48.67 -7.44 42.73
CA HIS K 86 49.26 -8.26 43.78
C HIS K 86 49.80 -7.46 44.91
N LEU K 87 49.67 -8.03 46.11
CA LEU K 87 50.35 -7.56 47.30
C LEU K 87 51.79 -8.05 47.28
N ILE K 88 52.72 -7.12 47.43
CA ILE K 88 54.14 -7.40 47.40
C ILE K 88 54.80 -6.74 48.59
N SER K 89 56.03 -7.17 48.90
CA SER K 89 56.84 -6.62 49.98
C SER K 89 58.35 -6.71 49.75
N VAL K 90 59.05 -5.74 50.32
CA VAL K 90 60.48 -5.79 50.47
C VAL K 90 60.81 -5.42 51.91
N LYS K 91 61.99 -5.77 52.38
CA LYS K 91 62.46 -5.26 53.64
C LYS K 91 62.53 -3.76 53.45
N LEU K 92 62.00 -3.01 54.42
CA LEU K 92 62.09 -1.57 54.37
C LEU K 92 63.56 -1.18 54.22
N GLY K 93 63.82 -0.40 53.17
CA GLY K 93 65.15 0.12 52.92
C GLY K 93 65.64 -0.46 51.61
N LYS K 94 64.92 -1.46 51.11
CA LYS K 94 65.27 -2.05 49.83
C LYS K 94 64.34 -1.47 48.77
N ILE K 95 64.90 -1.19 47.60
CA ILE K 95 64.13 -0.73 46.44
C ILE K 95 63.24 -1.86 45.95
N PRO K 96 61.92 -1.63 45.88
CA PRO K 96 61.03 -2.72 45.44
C PRO K 96 61.05 -2.92 43.92
N THR K 97 62.00 -3.75 43.51
CA THR K 97 62.12 -4.15 42.12
C THR K 97 61.59 -5.55 41.90
N VAL K 98 61.55 -5.96 40.64
CA VAL K 98 61.04 -7.26 40.29
C VAL K 98 61.73 -8.39 41.08
N GLU K 99 63.05 -8.32 41.16
CA GLU K 99 63.80 -9.30 41.89
C GLU K 99 63.85 -9.19 43.43
N ASN K 100 64.02 -7.99 43.97
CA ASN K 100 63.94 -7.75 45.41
C ASN K 100 62.59 -8.06 46.10
N SER K 101 61.48 -7.80 45.42
CA SER K 101 60.15 -8.03 45.97
C SER K 101 59.84 -9.51 46.16
N ILE K 102 58.89 -9.78 47.04
CA ILE K 102 58.28 -11.10 47.12
C ILE K 102 56.78 -10.85 46.87
N PHE K 103 56.17 -11.74 46.09
CA PHE K 103 54.76 -11.69 45.81
C PHE K 103 54.02 -12.55 46.79
N HIS K 104 53.15 -11.92 47.59
CA HIS K 104 52.38 -12.58 48.66
C HIS K 104 51.08 -13.24 48.20
N MET K 105 50.25 -12.46 47.49
CA MET K 105 48.97 -12.95 47.00
C MET K 105 48.31 -11.99 46.03
N ALA K 106 47.39 -12.50 45.22
CA ALA K 106 46.65 -11.62 44.34
C ALA K 106 45.79 -10.71 45.21
N ALA K 107 45.91 -9.40 44.98
CA ALA K 107 45.11 -8.43 45.73
C ALA K 107 44.99 -7.09 44.99
N TRP K 108 43.81 -6.48 45.05
CA TRP K 108 43.68 -5.05 44.71
C TRP K 108 43.36 -4.17 45.91
N SER K 109 43.38 -4.77 47.09
CA SER K 109 43.28 -4.02 48.35
C SER K 109 44.01 -4.84 49.39
N GLY K 110 44.74 -4.20 50.28
CA GLY K 110 45.63 -4.93 51.17
C GLY K 110 45.90 -4.41 52.56
N SER K 111 46.56 -5.26 53.35
CA SER K 111 46.97 -4.94 54.72
C SER K 111 47.88 -6.04 55.20
N ALA K 112 48.69 -5.76 56.21
CA ALA K 112 49.46 -6.81 56.84
C ALA K 112 49.89 -6.41 58.24
N CYS K 113 50.24 -7.40 59.07
CA CYS K 113 50.75 -7.14 60.43
C CYS K 113 51.45 -8.33 61.09
N HIS K 114 52.38 -7.99 61.98
CA HIS K 114 53.07 -8.98 62.76
C HIS K 114 52.43 -9.10 64.16
N ASP K 115 52.34 -10.29 64.72
CA ASP K 115 51.74 -10.46 66.04
C ASP K 115 52.76 -10.81 67.13
N GLY K 116 54.03 -10.69 66.83
CA GLY K 116 55.07 -11.18 67.72
C GLY K 116 55.67 -12.47 67.22
N LYS K 117 54.83 -13.36 66.72
CA LYS K 117 55.25 -14.68 66.25
C LYS K 117 55.33 -14.82 64.70
N GLU K 118 54.41 -14.17 63.98
CA GLU K 118 54.33 -14.36 62.53
C GLU K 118 53.53 -13.27 61.82
N TRP K 119 53.82 -13.09 60.52
CA TRP K 119 53.14 -12.14 59.65
C TRP K 119 51.78 -12.61 59.22
N THR K 120 50.77 -11.76 59.35
CA THR K 120 49.47 -11.98 58.74
C THR K 120 49.41 -11.05 57.53
N TYR K 121 48.98 -11.58 56.38
CA TYR K 121 48.90 -10.77 55.14
C TYR K 121 47.48 -10.76 54.65
N ILE K 122 46.94 -9.58 54.40
CA ILE K 122 45.55 -9.49 53.97
C ILE K 122 45.43 -8.96 52.55
N GLY K 123 44.61 -9.61 51.74
CA GLY K 123 44.42 -9.16 50.38
C GLY K 123 43.06 -9.47 49.81
N VAL K 124 42.39 -8.43 49.34
CA VAL K 124 41.10 -8.57 48.72
C VAL K 124 41.26 -8.55 47.20
N ASP K 125 40.68 -9.56 46.54
CA ASP K 125 40.38 -9.51 45.12
C ASP K 125 39.02 -10.16 44.85
N GLY K 126 38.69 -10.37 43.58
CA GLY K 126 37.40 -10.92 43.19
C GLY K 126 36.64 -9.93 42.33
N PRO K 127 35.48 -10.35 41.77
CA PRO K 127 34.65 -9.41 41.02
C PRO K 127 34.13 -8.29 41.92
N GLU K 128 33.85 -7.14 41.30
CA GLU K 128 33.38 -5.97 42.01
C GLU K 128 32.15 -6.20 42.92
N ASN K 129 31.25 -7.07 42.45
CA ASN K 129 29.94 -7.27 43.09
C ASN K 129 29.94 -8.47 44.05
N ASN K 130 31.13 -9.05 44.23
CA ASN K 130 31.31 -10.24 45.07
C ASN K 130 32.80 -10.47 45.30
N ALA K 131 33.52 -9.40 45.62
CA ALA K 131 34.92 -9.52 46.00
C ALA K 131 35.11 -10.39 47.24
N LEU K 132 36.35 -10.67 47.55
CA LEU K 132 36.70 -11.67 48.55
C LEU K 132 38.01 -11.34 49.22
N LEU K 133 37.94 -11.11 50.52
CA LEU K 133 39.13 -10.86 51.31
C LEU K 133 39.75 -12.18 51.70
N LYS K 134 41.06 -12.25 51.53
CA LYS K 134 41.81 -13.47 51.77
C LYS K 134 42.83 -13.17 52.79
N ILE K 135 43.15 -14.18 53.60
CA ILE K 135 44.17 -14.10 54.67
C ILE K 135 45.21 -15.23 54.53
N LYS K 136 46.47 -14.83 54.71
CA LYS K 136 47.66 -15.68 54.57
C LYS K 136 48.40 -15.44 55.88
N TYR K 137 48.72 -16.51 56.58
CA TYR K 137 49.54 -16.48 57.79
C TYR K 137 50.89 -17.11 57.45
N GLY K 138 51.92 -16.27 57.37
CA GLY K 138 53.24 -16.70 56.93
C GLY K 138 53.09 -17.19 55.51
N GLU K 139 53.24 -18.50 55.34
CA GLU K 139 53.22 -19.16 54.03
C GLU K 139 51.88 -19.77 53.64
N ALA K 140 51.03 -20.01 54.64
CA ALA K 140 49.73 -20.65 54.48
C ALA K 140 48.55 -19.70 54.21
N TYR K 141 47.71 -20.09 53.26
CA TYR K 141 46.43 -19.43 53.07
C TYR K 141 45.45 -20.06 54.09
N THR K 142 44.87 -19.24 54.97
CA THR K 142 44.19 -19.74 56.20
C THR K 142 42.68 -19.52 56.30
N ASP K 143 42.18 -18.46 55.67
CA ASP K 143 40.78 -18.03 55.83
C ASP K 143 40.36 -17.03 54.75
N THR K 144 39.05 -16.76 54.69
CA THR K 144 38.49 -15.70 53.84
C THR K 144 37.20 -15.14 54.41
N TYR K 145 36.89 -13.93 53.99
CA TYR K 145 35.67 -13.27 54.41
C TYR K 145 35.02 -12.74 53.16
N HIS K 146 33.70 -12.89 53.08
CA HIS K 146 32.95 -12.58 51.85
C HIS K 146 32.36 -11.21 51.86
N SER K 147 32.11 -10.73 50.65
CA SER K 147 31.41 -9.48 50.39
C SER K 147 30.06 -9.52 51.04
N TYR K 148 29.71 -8.45 51.75
CA TYR K 148 28.40 -8.31 52.45
C TYR K 148 27.48 -7.19 51.97
N ALA K 149 28.02 -6.18 51.30
CA ALA K 149 27.17 -5.20 50.64
C ALA K 149 27.24 -5.30 49.10
N ASN K 150 27.87 -6.35 48.59
CA ASN K 150 28.01 -6.54 47.15
C ASN K 150 28.36 -5.27 46.33
N ASN K 151 29.24 -4.43 46.89
CA ASN K 151 29.85 -3.36 46.14
C ASN K 151 31.26 -3.05 46.60
N ILE K 152 32.22 -3.82 46.03
CA ILE K 152 33.67 -3.64 46.22
C ILE K 152 34.13 -3.76 47.66
N LEU K 153 34.11 -4.98 48.18
CA LEU K 153 34.75 -5.25 49.48
C LEU K 153 36.16 -4.74 49.51
N ARG K 154 36.44 -3.85 50.47
CA ARG K 154 37.74 -3.16 50.60
C ARG K 154 38.37 -3.36 51.97
N THR K 155 39.70 -3.20 52.06
CA THR K 155 40.35 -3.12 53.37
C THR K 155 41.25 -1.90 53.59
N GLN K 156 42.03 -1.86 54.67
CA GLN K 156 42.61 -0.61 55.17
C GLN K 156 43.59 0.12 54.27
N GLU K 157 44.21 -0.60 53.33
CA GLU K 157 45.39 -0.05 52.62
C GLU K 157 46.55 0.29 53.55
N SER K 158 46.53 -0.25 54.78
CA SER K 158 47.66 -0.09 55.75
C SER K 158 47.68 -1.15 56.85
N ALA K 159 48.67 -1.03 57.75
CA ALA K 159 48.96 -2.07 58.75
C ALA K 159 47.76 -2.41 59.61
N CYS K 160 47.48 -3.69 59.84
CA CYS K 160 46.54 -4.09 60.88
C CYS K 160 47.25 -3.99 62.24
N ASN K 161 46.58 -4.40 63.30
CA ASN K 161 47.13 -4.18 64.64
C ASN K 161 46.88 -5.34 65.56
N CYS K 162 47.96 -5.93 66.03
CA CYS K 162 47.83 -7.14 66.79
C CYS K 162 48.14 -6.91 68.26
N ILE K 163 47.29 -7.47 69.12
CA ILE K 163 47.52 -7.39 70.55
C ILE K 163 47.24 -8.75 71.17
N GLY K 164 48.24 -9.28 71.89
CA GLY K 164 48.14 -10.62 72.46
C GLY K 164 47.69 -11.65 71.44
N GLY K 165 48.19 -11.51 70.21
CA GLY K 165 47.93 -12.47 69.15
C GLY K 165 46.62 -12.29 68.45
N ASN K 166 45.87 -11.24 68.83
CA ASN K 166 44.65 -10.92 68.10
C ASN K 166 44.88 -9.73 67.19
N CYS K 167 44.90 -9.97 65.88
CA CYS K 167 44.95 -8.86 64.92
C CYS K 167 43.56 -8.35 64.54
N TYR K 168 43.42 -7.03 64.57
CA TYR K 168 42.16 -6.35 64.30
C TYR K 168 42.23 -5.59 62.95
N LEU K 169 41.26 -5.83 62.08
CA LEU K 169 41.33 -5.28 60.72
C LEU K 169 40.02 -4.61 60.26
N MET K 170 40.10 -3.37 59.78
CA MET K 170 38.92 -2.72 59.21
C MET K 170 38.68 -3.31 57.81
N ILE K 171 37.43 -3.57 57.52
CA ILE K 171 36.97 -3.87 56.16
C ILE K 171 35.74 -3.03 55.90
N THR K 172 35.55 -2.57 54.66
CA THR K 172 34.33 -1.85 54.29
C THR K 172 33.79 -2.38 52.99
N ASP K 173 32.50 -2.12 52.75
CA ASP K 173 31.81 -2.62 51.58
C ASP K 173 30.70 -1.66 51.36
N GLY K 174 30.50 -1.23 50.12
CA GLY K 174 29.46 -0.30 49.80
C GLY K 174 29.82 0.72 48.73
N SER K 175 28.88 1.57 48.41
CA SER K 175 29.09 2.46 47.28
C SER K 175 30.09 3.54 47.60
N ALA K 176 30.85 3.93 46.58
CA ALA K 176 31.82 5.01 46.73
C ALA K 176 31.15 6.37 46.92
N SER K 177 29.85 6.45 46.61
CA SER K 177 29.12 7.73 46.59
C SER K 177 27.85 7.64 47.43
N GLY K 178 27.81 6.63 48.31
CA GLY K 178 26.65 6.27 49.08
C GLY K 178 27.12 5.56 50.34
N ILE K 179 26.31 4.62 50.81
CA ILE K 179 26.53 3.95 52.08
C ILE K 179 27.72 2.98 51.96
N SER K 180 28.72 3.13 52.82
CA SER K 180 29.74 2.11 52.93
C SER K 180 29.95 1.79 54.39
N GLU K 181 29.03 1.04 54.97
CA GLU K 181 29.12 0.63 56.38
C GLU K 181 30.31 -0.32 56.63
N CYS K 182 31.32 0.14 57.36
CA CYS K 182 32.46 -0.73 57.67
C CYS K 182 32.24 -1.70 58.84
N ARG K 183 33.16 -2.65 58.95
CA ARG K 183 33.18 -3.70 59.93
C ARG K 183 34.66 -3.92 60.36
N PHE K 184 34.86 -4.56 61.52
CA PHE K 184 36.18 -5.00 61.90
C PHE K 184 36.23 -6.50 62.04
N LEU K 185 37.30 -7.10 61.54
CA LEU K 185 37.55 -8.50 61.78
C LEU K 185 38.53 -8.63 62.92
N LYS K 186 38.34 -9.65 63.75
CA LYS K 186 39.34 -10.04 64.74
C LYS K 186 39.99 -11.35 64.26
N ILE K 187 41.31 -11.31 64.02
CA ILE K 187 42.03 -12.43 63.40
C ILE K 187 43.09 -13.06 64.31
N ARG K 188 43.02 -14.36 64.50
CA ARG K 188 44.02 -15.04 65.34
C ARG K 188 44.67 -16.16 64.57
N GLU K 189 45.99 -16.12 64.48
CA GLU K 189 46.77 -17.08 63.68
C GLU K 189 46.10 -17.28 62.32
N GLY K 190 45.68 -16.15 61.72
CA GLY K 190 45.25 -16.11 60.32
C GLY K 190 43.83 -16.52 60.14
N ARG K 191 43.12 -16.75 61.24
CA ARG K 191 41.71 -17.16 61.16
C ARG K 191 40.83 -16.18 61.87
N ILE K 192 39.67 -15.93 61.27
CA ILE K 192 38.74 -14.96 61.77
C ILE K 192 38.01 -15.59 62.95
N ILE K 193 38.00 -14.90 64.09
CA ILE K 193 37.36 -15.44 65.29
C ILE K 193 36.22 -14.56 65.80
N LYS K 194 36.11 -13.35 65.27
CA LYS K 194 34.95 -12.49 65.57
C LYS K 194 34.74 -11.40 64.52
N GLU K 195 33.49 -11.14 64.23
CA GLU K 195 33.02 -9.97 63.47
C GLU K 195 32.52 -8.94 64.50
N ILE K 196 33.05 -7.72 64.40
CA ILE K 196 32.69 -6.62 65.27
C ILE K 196 31.99 -5.61 64.40
N PHE K 197 30.73 -5.30 64.75
CA PHE K 197 29.88 -4.37 64.02
C PHE K 197 29.86 -3.04 64.77
N PRO K 198 30.52 -2.00 64.21
CA PRO K 198 30.57 -0.72 64.92
C PRO K 198 29.20 -0.02 65.00
N THR K 199 29.09 0.92 65.96
CA THR K 199 27.84 1.61 66.25
C THR K 199 28.16 3.11 66.16
N GLY K 200 27.13 3.96 66.13
CA GLY K 200 27.34 5.39 65.95
C GLY K 200 27.28 5.83 64.50
N ARG K 201 28.17 6.75 64.13
CA ARG K 201 28.18 7.30 62.76
C ARG K 201 28.85 6.29 61.82
N VAL K 202 28.03 5.44 61.20
CA VAL K 202 28.51 4.32 60.41
C VAL K 202 28.09 4.45 58.94
N LYS K 203 27.57 5.62 58.60
CA LYS K 203 27.04 5.98 57.30
C LYS K 203 28.09 5.66 56.23
N HIS K 204 29.31 6.14 56.42
CA HIS K 204 30.34 5.88 55.45
C HIS K 204 31.75 5.95 56.03
N THR K 205 32.46 4.83 55.98
CA THR K 205 33.81 4.73 56.60
C THR K 205 34.62 3.79 55.76
N GLU K 206 35.78 4.26 55.31
CA GLU K 206 36.71 3.39 54.52
C GLU K 206 38.15 3.78 54.76
N GLU K 207 39.06 2.84 54.52
CA GLU K 207 40.52 3.08 54.62
C GLU K 207 40.96 3.62 55.95
N CYS K 208 40.51 2.95 57.01
CA CYS K 208 40.89 3.37 58.34
C CYS K 208 42.39 3.22 58.59
N THR K 209 43.03 4.29 59.02
CA THR K 209 44.40 4.22 59.45
C THR K 209 44.26 4.02 60.95
N CYS K 210 44.51 2.80 61.41
CA CYS K 210 44.33 2.47 62.83
C CYS K 210 45.63 2.31 63.53
N GLY K 211 45.63 2.55 64.83
CA GLY K 211 46.80 2.34 65.71
C GLY K 211 46.30 2.13 67.13
N PHE K 212 47.15 1.61 68.01
CA PHE K 212 46.83 1.49 69.43
C PHE K 212 46.97 2.83 70.15
N ALA K 213 45.86 3.33 70.65
CA ALA K 213 45.91 4.43 71.60
C ALA K 213 46.37 3.93 72.99
N SER K 214 46.22 2.64 73.23
CA SER K 214 46.72 2.03 74.47
C SER K 214 46.44 0.53 74.37
N ASN K 215 46.69 -0.19 75.47
CA ASN K 215 46.37 -1.62 75.55
C ASN K 215 44.87 -1.93 75.43
N LYS K 216 43.99 -0.98 75.76
CA LYS K 216 42.54 -1.21 75.69
C LYS K 216 41.87 -0.80 74.37
N THR K 217 42.45 0.17 73.68
CA THR K 217 41.79 0.88 72.57
C THR K 217 42.59 0.98 71.26
N ILE K 218 42.03 0.48 70.17
CA ILE K 218 42.49 0.87 68.81
C ILE K 218 41.68 2.07 68.36
N GLU K 219 42.32 3.12 67.87
CA GLU K 219 41.63 4.25 67.21
C GLU K 219 42.01 4.35 65.74
N CYS K 220 41.05 4.74 64.90
CA CYS K 220 41.30 4.86 63.46
C CYS K 220 40.80 6.17 62.92
N ALA K 221 41.55 6.78 62.00
CA ALA K 221 41.10 7.96 61.28
C ALA K 221 40.81 7.59 59.83
N CYS K 222 39.55 7.71 59.38
CA CYS K 222 39.15 7.11 58.13
C CYS K 222 38.70 8.09 57.04
N ARG K 223 38.15 7.53 55.97
CA ARG K 223 37.78 8.30 54.79
C ARG K 223 36.29 8.16 54.58
N ASP K 224 35.61 9.28 54.45
CA ASP K 224 34.25 9.29 53.97
C ASP K 224 34.34 9.92 52.58
N ASN K 225 33.85 9.17 51.60
CA ASN K 225 33.99 9.52 50.21
C ASN K 225 32.70 10.10 49.62
N SER K 226 31.68 10.19 50.47
CA SER K 226 30.37 10.72 50.10
C SER K 226 29.99 12.02 50.73
N TYR K 227 30.10 12.09 52.06
CA TYR K 227 29.24 13.00 52.83
C TYR K 227 29.93 14.17 53.52
N THR K 228 31.18 14.00 53.96
CA THR K 228 31.88 14.99 54.75
C THR K 228 33.37 14.98 54.46
N ALA K 229 34.04 16.11 54.69
CA ALA K 229 35.49 16.23 54.70
C ALA K 229 36.09 16.10 56.12
N LYS K 230 35.24 15.88 57.13
CA LYS K 230 35.72 15.40 58.44
C LYS K 230 36.02 13.91 58.32
N ARG K 231 37.13 13.49 58.92
CA ARG K 231 37.45 12.08 58.97
C ARG K 231 36.58 11.41 60.01
N PRO K 232 35.90 10.30 59.65
CA PRO K 232 35.29 9.43 60.63
C PRO K 232 36.36 8.96 61.59
N PHE K 233 36.08 8.96 62.88
CA PHE K 233 37.12 8.58 63.82
C PHE K 233 36.62 7.40 64.61
N VAL K 234 37.26 6.26 64.45
CA VAL K 234 36.81 5.02 65.08
C VAL K 234 37.52 4.77 66.38
N LYS K 235 36.77 4.43 67.42
CA LYS K 235 37.34 3.95 68.71
C LYS K 235 36.91 2.53 69.00
N LEU K 236 37.87 1.60 69.01
CA LEU K 236 37.63 0.18 69.23
C LEU K 236 38.19 -0.28 70.59
N ASN K 237 37.31 -0.80 71.45
CA ASN K 237 37.75 -1.42 72.67
C ASN K 237 38.15 -2.88 72.37
N VAL K 238 39.43 -3.19 72.51
CA VAL K 238 39.89 -4.57 72.24
C VAL K 238 39.67 -5.58 73.41
N GLU K 239 39.22 -5.09 74.57
CA GLU K 239 38.85 -5.97 75.68
C GLU K 239 37.41 -6.47 75.60
N THR K 240 36.49 -5.64 75.10
CA THR K 240 35.10 -6.07 74.94
C THR K 240 34.69 -6.29 73.46
N ASP K 241 35.61 -5.99 72.55
CA ASP K 241 35.43 -6.12 71.11
C ASP K 241 34.19 -5.36 70.64
N THR K 242 34.19 -4.06 70.96
CA THR K 242 33.11 -3.15 70.66
C THR K 242 33.71 -1.96 69.94
N ALA K 243 33.02 -1.48 68.92
CA ALA K 243 33.51 -0.34 68.13
C ALA K 243 32.48 0.74 68.02
N GLU K 244 32.92 1.98 68.14
CA GLU K 244 32.07 3.17 67.97
C GLU K 244 32.72 4.11 66.96
N ILE K 245 31.90 4.87 66.24
CA ILE K 245 32.42 5.78 65.19
C ILE K 245 31.70 7.13 65.22
N ARG K 246 32.48 8.21 65.18
CA ARG K 246 31.91 9.58 65.03
C ARG K 246 32.89 10.40 64.26
N LEU K 247 32.39 11.41 63.54
CA LEU K 247 33.25 12.37 62.85
C LEU K 247 34.20 13.06 63.82
N MET K 248 35.34 13.44 63.30
CA MET K 248 36.30 14.24 64.02
C MET K 248 35.78 15.66 64.05
N CYS K 249 35.69 16.20 65.27
CA CYS K 249 35.08 17.50 65.52
C CYS K 249 35.96 18.71 65.17
N THR K 250 37.27 18.46 64.97
CA THR K 250 38.24 19.55 64.80
C THR K 250 37.96 20.40 63.58
N GLU K 251 38.39 21.66 63.63
CA GLU K 251 38.18 22.58 62.52
C GLU K 251 39.21 22.32 61.45
N THR K 252 40.25 21.59 61.81
CA THR K 252 41.35 21.28 60.92
C THR K 252 40.99 20.03 60.12
N TYR K 253 40.13 20.20 59.11
CA TYR K 253 39.60 19.04 58.38
C TYR K 253 40.72 18.34 57.62
N LEU K 254 40.75 17.01 57.71
CA LEU K 254 41.94 16.24 57.30
C LEU K 254 41.74 15.60 55.94
N ASP K 255 40.50 15.62 55.46
CA ASP K 255 40.20 15.01 54.18
C ASP K 255 40.55 15.91 52.98
N THR K 256 40.49 15.33 51.77
CA THR K 256 40.75 16.07 50.54
C THR K 256 39.85 15.48 49.47
N PRO K 257 38.96 16.31 48.88
CA PRO K 257 38.83 17.77 49.12
C PRO K 257 38.30 18.09 50.48
N ARG K 258 38.44 19.36 50.87
CA ARG K 258 37.83 19.91 52.06
C ARG K 258 37.54 21.40 51.84
N PRO K 259 36.61 22.00 52.65
CA PRO K 259 36.40 23.44 52.62
C PRO K 259 37.41 24.15 53.53
N ASP K 260 37.21 25.43 53.83
CA ASP K 260 38.11 26.07 54.80
C ASP K 260 37.92 25.51 56.20
N ASP K 261 38.99 25.61 56.97
CA ASP K 261 39.00 25.05 58.31
C ASP K 261 38.00 25.87 59.05
N GLY K 262 37.21 25.22 59.93
CA GLY K 262 36.24 25.89 60.78
C GLY K 262 34.97 26.38 60.12
N SER K 263 34.90 26.22 58.80
CA SER K 263 33.76 26.74 58.01
C SER K 263 32.56 25.80 57.98
N ILE K 264 32.72 24.57 58.45
CA ILE K 264 31.57 23.70 58.56
C ILE K 264 30.86 24.05 59.85
N THR K 265 29.71 24.72 59.68
CA THR K 265 28.89 25.26 60.76
C THR K 265 28.04 24.19 61.44
N GLY K 266 27.72 24.40 62.72
CA GLY K 266 26.90 23.43 63.47
C GLY K 266 27.74 22.73 64.52
N PRO K 267 27.19 21.69 65.17
CA PRO K 267 27.91 20.93 66.19
C PRO K 267 28.91 19.95 65.56
N CYS K 268 29.50 19.08 66.39
CA CYS K 268 30.54 18.14 65.91
C CYS K 268 30.03 17.15 64.85
N GLU K 269 28.72 16.94 64.78
CA GLU K 269 28.24 15.96 63.83
C GLU K 269 27.94 16.48 62.39
N SER K 270 28.00 17.80 62.20
CA SER K 270 27.65 18.39 60.89
C SER K 270 28.55 17.89 59.77
N ASN K 271 27.94 17.47 58.67
CA ASN K 271 28.72 16.99 57.51
C ASN K 271 29.83 17.95 56.95
N GLY K 272 29.58 19.05 56.26
CA GLY K 272 28.37 19.37 55.57
C GLY K 272 28.80 19.49 54.11
N ASP K 273 29.68 20.46 53.80
CA ASP K 273 30.08 20.77 52.39
C ASP K 273 31.47 20.23 51.85
N LYS K 274 31.53 20.04 50.53
CA LYS K 274 32.70 19.46 49.82
C LYS K 274 33.09 18.07 50.26
N GLY K 275 32.11 17.34 50.81
CA GLY K 275 32.31 16.03 51.41
C GLY K 275 32.52 14.86 50.48
N SER K 276 31.98 14.92 49.25
CA SER K 276 32.24 13.86 48.26
C SER K 276 33.70 13.90 47.84
N GLY K 277 34.23 12.77 47.36
CA GLY K 277 35.69 12.60 47.19
C GLY K 277 36.35 12.34 48.55
N GLY K 278 37.66 12.05 48.57
CA GLY K 278 38.35 11.80 49.82
C GLY K 278 39.76 11.34 49.55
N ILE K 279 40.43 10.89 50.62
CA ILE K 279 41.80 10.43 50.57
C ILE K 279 42.12 9.65 51.86
N LYS K 280 42.96 8.61 51.74
CA LYS K 280 43.49 7.94 52.94
C LYS K 280 44.46 8.84 53.65
N GLY K 281 44.37 8.85 54.99
CA GLY K 281 45.07 9.83 55.83
C GLY K 281 45.97 9.26 56.92
N GLY K 282 47.13 9.88 57.07
CA GLY K 282 48.09 9.48 58.05
C GLY K 282 47.56 9.67 59.45
N PHE K 283 48.06 8.87 60.36
CA PHE K 283 47.57 8.90 61.74
C PHE K 283 48.36 7.87 62.52
N VAL K 284 48.91 8.33 63.63
CA VAL K 284 49.72 7.50 64.45
C VAL K 284 49.70 8.05 65.87
N HIS K 285 49.89 7.16 66.84
CA HIS K 285 49.83 7.50 68.27
C HIS K 285 51.18 7.63 68.92
N GLN K 286 51.33 8.65 69.75
CA GLN K 286 52.50 8.78 70.61
C GLN K 286 52.05 8.49 72.06
N ARG K 287 52.36 7.31 72.59
CA ARG K 287 51.83 6.93 73.91
C ARG K 287 52.81 7.30 74.99
N MET K 288 52.45 8.24 75.85
CA MET K 288 53.30 8.61 77.00
C MET K 288 52.65 8.16 78.29
N ALA K 289 53.46 8.04 79.36
CA ALA K 289 52.99 7.52 80.68
C ALA K 289 51.58 8.00 81.00
N SER K 290 51.38 9.32 81.12
CA SER K 290 50.05 9.89 81.39
C SER K 290 49.54 10.92 80.33
N LYS K 291 49.86 10.71 79.06
CA LYS K 291 49.52 11.67 77.99
C LYS K 291 49.55 10.98 76.64
N ILE K 292 48.59 11.31 75.80
CA ILE K 292 48.56 10.76 74.46
C ILE K 292 48.58 11.83 73.37
N GLY K 293 49.58 11.73 72.49
CA GLY K 293 49.65 12.61 71.32
C GLY K 293 49.04 11.98 70.10
N ARG K 294 48.28 12.75 69.32
CA ARG K 294 47.69 12.20 68.09
C ARG K 294 48.26 12.94 66.89
N TRP K 295 49.05 12.25 66.09
CA TRP K 295 49.69 12.88 64.93
C TRP K 295 48.85 12.56 63.69
N TYR K 296 48.70 13.54 62.82
CA TYR K 296 47.89 13.34 61.62
C TYR K 296 48.57 14.05 60.48
N SER K 297 48.23 13.69 59.27
CA SER K 297 48.72 14.43 58.10
C SER K 297 47.58 14.70 57.13
N ARG K 298 47.75 15.74 56.33
CA ARG K 298 46.74 16.10 55.34
C ARG K 298 47.40 16.94 54.25
N THR K 299 46.89 16.78 53.03
CA THR K 299 47.46 17.48 51.87
C THR K 299 47.59 18.96 52.11
N MET K 300 48.64 19.55 51.57
CA MET K 300 48.87 21.00 51.67
C MET K 300 47.79 21.76 50.90
N SER K 301 47.33 21.21 49.77
CA SER K 301 46.23 21.77 49.00
C SER K 301 44.89 21.26 49.48
N LYS K 302 43.87 22.12 49.39
CA LYS K 302 42.50 21.84 49.81
C LYS K 302 41.70 20.95 48.88
N THR K 303 42.09 20.88 47.60
CA THR K 303 41.31 20.12 46.62
C THR K 303 42.10 19.07 45.89
N LYS K 304 43.42 19.18 45.95
CA LYS K 304 44.28 18.35 45.15
C LYS K 304 45.25 17.54 46.00
N ARG K 305 45.76 16.46 45.41
CA ARG K 305 46.67 15.57 46.11
C ARG K 305 48.09 16.08 46.02
N MET K 306 48.27 17.32 46.47
CA MET K 306 49.56 17.99 46.48
C MET K 306 50.01 18.34 47.91
N GLY K 307 51.25 17.99 48.24
CA GLY K 307 51.88 18.33 49.50
C GLY K 307 51.39 17.48 50.63
N MET K 308 52.03 17.56 51.77
CA MET K 308 51.51 16.94 52.97
C MET K 308 52.06 17.68 54.15
N GLY K 309 51.18 18.01 55.11
CA GLY K 309 51.58 18.65 56.34
C GLY K 309 51.31 17.75 57.52
N LEU K 310 52.06 17.95 58.60
CA LEU K 310 51.95 17.10 59.77
C LEU K 310 51.29 17.93 60.82
N TYR K 311 50.24 17.39 61.43
CA TYR K 311 49.53 18.08 62.54
C TYR K 311 49.57 17.23 63.81
N VAL K 312 49.28 17.84 64.95
CA VAL K 312 49.30 17.12 66.23
C VAL K 312 48.41 17.75 67.29
N LYS K 313 47.84 16.90 68.16
CA LYS K 313 47.11 17.31 69.34
C LYS K 313 47.34 16.32 70.51
N TYR K 314 47.53 16.89 71.70
CA TYR K 314 47.75 16.08 72.89
C TYR K 314 46.47 15.96 73.74
N ASP K 315 46.04 14.74 74.08
CA ASP K 315 44.85 14.49 74.91
C ASP K 315 43.55 15.08 74.37
N GLY K 316 42.50 15.05 75.19
CA GLY K 316 41.20 15.43 74.70
C GLY K 316 40.47 14.28 74.05
N ASP K 317 39.26 14.57 73.59
CA ASP K 317 38.45 13.61 72.86
C ASP K 317 38.29 14.12 71.41
N PRO K 318 38.86 13.41 70.43
CA PRO K 318 38.74 13.92 69.04
C PRO K 318 37.31 14.02 68.58
N TRP K 319 36.42 13.30 69.26
CA TRP K 319 35.02 13.32 68.91
C TRP K 319 34.29 14.61 69.27
N THR K 320 34.91 15.45 70.10
CA THR K 320 34.22 16.63 70.68
C THR K 320 35.01 17.92 70.56
N ASP K 321 36.34 17.83 70.54
CA ASP K 321 37.22 19.01 70.45
C ASP K 321 37.16 19.64 69.09
N SER K 322 36.75 20.90 69.05
CA SER K 322 36.71 21.65 67.79
C SER K 322 38.03 22.42 67.63
N ASP K 323 38.82 22.40 68.68
CA ASP K 323 40.07 23.16 68.70
C ASP K 323 40.81 22.79 67.44
N ALA K 324 41.41 23.80 66.79
CA ALA K 324 42.34 23.54 65.67
C ALA K 324 43.48 22.62 66.09
N LEU K 325 43.89 21.75 65.18
CA LEU K 325 45.07 20.90 65.32
C LEU K 325 46.32 21.77 65.10
N ALA K 326 47.40 21.48 65.86
CA ALA K 326 48.63 22.25 65.76
C ALA K 326 49.44 21.84 64.53
N LEU K 327 49.67 22.81 63.63
CA LEU K 327 50.45 22.54 62.41
C LEU K 327 51.89 22.35 62.76
N SER K 328 52.42 21.16 62.54
CA SER K 328 53.75 20.79 63.05
C SER K 328 54.90 20.93 62.04
N GLY K 329 54.60 20.75 60.75
CA GLY K 329 55.57 20.99 59.69
C GLY K 329 55.11 20.54 58.30
N VAL K 330 55.78 21.04 57.26
CA VAL K 330 55.47 20.70 55.90
C VAL K 330 56.39 19.57 55.50
N MET K 331 55.79 18.40 55.32
CA MET K 331 56.50 17.19 54.95
C MET K 331 56.80 17.11 53.44
N VAL K 332 55.82 17.48 52.62
CA VAL K 332 55.95 17.50 51.18
C VAL K 332 55.35 18.83 50.77
N SER K 333 56.15 19.68 50.13
CA SER K 333 55.69 21.00 49.72
C SER K 333 54.59 20.91 48.66
N MET K 334 53.84 22.00 48.50
CA MET K 334 52.70 22.10 47.59
C MET K 334 53.10 21.78 46.13
N GLU K 335 54.39 21.80 45.85
CA GLU K 335 54.86 21.54 44.50
C GLU K 335 55.05 20.03 44.19
N GLU K 336 55.07 19.19 45.23
CA GLU K 336 55.23 17.76 45.06
C GLU K 336 53.92 17.03 45.33
N PRO K 337 53.76 15.83 44.75
CA PRO K 337 52.55 15.04 44.99
C PRO K 337 52.49 14.50 46.44
N GLY K 338 51.28 14.52 47.00
CA GLY K 338 51.01 13.88 48.26
C GLY K 338 49.67 13.23 48.15
N TRP K 339 49.70 11.95 47.87
CA TRP K 339 48.50 11.16 47.80
C TRP K 339 48.27 10.52 49.18
N TYR K 340 47.98 9.22 49.22
CA TYR K 340 47.68 8.49 50.44
C TYR K 340 48.73 8.70 51.52
N SER K 341 48.32 8.71 52.78
CA SER K 341 49.29 8.61 53.89
C SER K 341 48.81 7.68 54.97
N PHE K 342 49.75 7.18 55.77
CA PHE K 342 49.48 6.05 56.69
C PHE K 342 50.42 6.14 57.88
N GLY K 343 50.07 5.49 58.99
CA GLY K 343 50.92 5.45 60.17
C GLY K 343 51.46 4.06 60.41
N PHE K 344 52.56 4.00 61.14
CA PHE K 344 53.18 2.75 61.58
C PHE K 344 54.16 3.01 62.72
N GLU K 345 54.64 1.94 63.32
CA GLU K 345 55.49 2.04 64.48
C GLU K 345 56.65 1.06 64.33
N ILE K 346 57.86 1.59 64.40
CA ILE K 346 59.06 0.79 64.44
C ILE K 346 59.39 0.47 65.90
N LYS K 347 59.86 -0.75 66.17
CA LYS K 347 60.12 -1.16 67.55
C LYS K 347 61.57 -1.07 67.94
N ASP K 348 61.87 -0.10 68.79
CA ASP K 348 63.17 0.00 69.38
C ASP K 348 63.26 -1.05 70.48
N LYS K 349 64.35 -1.08 71.23
CA LYS K 349 64.61 -2.20 72.14
C LYS K 349 63.53 -2.31 73.22
N LYS K 350 63.18 -1.17 73.83
CA LYS K 350 62.18 -1.13 74.87
C LYS K 350 61.02 -0.15 74.66
N CYS K 351 60.92 0.46 73.47
CA CYS K 351 59.81 1.40 73.17
C CYS K 351 59.45 1.46 71.68
N ASP K 352 58.26 1.97 71.39
CA ASP K 352 57.75 2.05 70.02
C ASP K 352 57.92 3.41 69.33
N VAL K 353 58.48 3.45 68.12
CA VAL K 353 58.69 4.74 67.44
C VAL K 353 57.57 4.98 66.41
N PRO K 354 56.72 5.95 66.69
CA PRO K 354 55.63 6.28 65.77
C PRO K 354 56.14 6.98 64.51
N CYS K 355 55.67 6.53 63.35
CA CYS K 355 56.05 7.16 62.08
C CYS K 355 54.88 7.39 61.18
N ILE K 356 55.02 8.30 60.23
CA ILE K 356 53.99 8.50 59.17
C ILE K 356 54.63 8.35 57.78
N GLY K 357 54.07 7.45 56.97
CA GLY K 357 54.51 7.35 55.59
C GLY K 357 53.61 8.06 54.60
N ILE K 358 54.21 8.58 53.55
CA ILE K 358 53.45 9.29 52.51
C ILE K 358 53.64 8.67 51.11
N GLU K 359 52.56 8.19 50.54
CA GLU K 359 52.52 7.81 49.14
C GLU K 359 52.67 9.06 48.27
N MET K 360 53.76 9.16 47.55
CA MET K 360 53.95 10.30 46.65
C MET K 360 53.84 9.81 45.21
N VAL K 361 52.64 9.87 44.67
CA VAL K 361 52.35 9.23 43.37
C VAL K 361 52.93 10.02 42.21
N HIS K 362 53.41 9.31 41.21
CA HIS K 362 53.89 9.93 39.96
C HIS K 362 52.75 9.83 38.97
N ASP K 363 51.99 10.92 38.83
CA ASP K 363 50.81 10.95 37.95
C ASP K 363 51.05 11.73 36.65
N GLY K 364 50.88 11.05 35.52
CA GLY K 364 51.00 11.70 34.22
C GLY K 364 49.82 11.37 33.32
N GLY K 365 48.70 11.01 33.93
CA GLY K 365 47.49 10.65 33.19
C GLY K 365 47.52 9.20 32.75
N LYS K 366 46.42 8.71 32.18
CA LYS K 366 46.36 7.29 31.79
C LYS K 366 47.19 6.88 30.55
N GLU K 367 47.83 7.85 29.88
CA GLU K 367 48.66 7.56 28.68
C GLU K 367 50.15 7.24 28.97
N THR K 368 50.49 6.99 30.23
CA THR K 368 51.85 6.60 30.64
C THR K 368 51.75 5.81 31.94
N TRP K 369 52.89 5.53 32.56
CA TRP K 369 52.89 4.74 33.79
C TRP K 369 52.37 5.51 35.01
N HIS K 370 51.96 4.75 36.03
CA HIS K 370 51.39 5.32 37.22
C HIS K 370 51.86 4.55 38.46
N SER K 371 52.80 5.15 39.18
CA SER K 371 53.30 4.56 40.40
C SER K 371 53.62 5.63 41.44
N ALA K 372 54.28 5.24 42.53
CA ALA K 372 54.43 6.11 43.68
C ALA K 372 55.77 5.90 44.33
N ALA K 373 56.34 6.95 44.91
CA ALA K 373 57.43 6.84 45.84
C ALA K 373 56.85 6.71 47.24
N THR K 374 57.69 6.52 48.24
CA THR K 374 57.25 6.52 49.65
C THR K 374 58.14 7.36 50.55
N ALA K 375 57.60 8.42 51.13
CA ALA K 375 58.34 9.24 52.09
C ALA K 375 58.04 8.79 53.52
N ILE K 376 59.06 8.71 54.38
CA ILE K 376 58.88 8.35 55.79
C ILE K 376 59.39 9.44 56.72
N TYR K 377 58.46 9.94 57.57
CA TYR K 377 58.80 10.80 58.71
C TYR K 377 58.57 10.04 60.03
N CYS K 378 59.46 10.20 61.01
CA CYS K 378 59.29 9.49 62.31
C CYS K 378 59.59 10.44 63.44
N LEU K 379 59.01 10.14 64.58
CA LEU K 379 59.30 10.83 65.83
C LEU K 379 60.74 10.56 66.16
N MET K 380 61.54 11.64 66.15
CA MET K 380 62.90 11.58 66.60
C MET K 380 63.38 12.93 67.16
N GLY K 381 63.79 12.91 68.42
CA GLY K 381 64.38 14.06 69.05
C GLY K 381 63.42 15.18 69.40
N SER K 382 64.01 16.33 69.67
CA SER K 382 63.28 17.53 70.04
C SER K 382 63.29 18.62 68.93
N GLY K 383 62.49 19.70 69.08
CA GLY K 383 62.62 20.85 68.22
C GLY K 383 61.55 20.98 67.16
N GLN K 384 61.88 21.52 65.98
CA GLN K 384 60.87 21.67 64.89
C GLN K 384 61.19 20.80 63.67
N LEU K 385 60.18 20.16 63.07
CA LEU K 385 60.34 19.48 61.79
C LEU K 385 61.12 20.35 60.79
N LEU K 386 62.21 19.75 60.26
CA LEU K 386 63.21 20.51 59.57
C LEU K 386 63.22 20.47 58.02
N TRP K 387 62.95 19.32 57.41
CA TRP K 387 63.09 19.24 55.95
C TRP K 387 61.98 18.50 55.24
N ASP K 388 61.67 18.99 54.03
CA ASP K 388 60.67 18.35 53.21
C ASP K 388 61.26 17.28 52.31
N THR K 389 60.38 16.48 51.70
CA THR K 389 60.76 15.35 50.84
C THR K 389 60.33 15.60 49.40
N VAL K 390 61.20 15.28 48.46
CA VAL K 390 60.91 15.31 47.02
C VAL K 390 61.20 13.93 46.42
N THR K 391 60.52 13.55 45.34
CA THR K 391 60.73 12.22 44.74
C THR K 391 61.95 12.22 43.85
N GLY K 392 62.37 13.41 43.45
CA GLY K 392 63.45 13.56 42.49
C GLY K 392 63.15 13.04 41.08
N VAL K 393 61.95 12.48 40.85
CA VAL K 393 61.67 11.76 39.58
C VAL K 393 61.11 12.66 38.47
N ASP K 394 61.69 12.56 37.28
CA ASP K 394 61.11 13.16 36.08
C ASP K 394 60.44 12.00 35.30
N MET K 395 59.15 12.17 35.01
CA MET K 395 58.37 11.12 34.41
C MET K 395 58.55 10.92 32.89
N ALA K 396 59.25 11.85 32.23
CA ALA K 396 59.59 11.72 30.79
C ALA K 396 60.80 10.81 30.50
N LEU K 397 61.53 10.45 31.55
CA LEU K 397 62.74 9.63 31.43
C LEU K 397 62.45 8.12 31.40
N PRO L 9 65.18 -30.93 64.34
CA PRO L 9 64.06 -31.25 63.44
C PRO L 9 63.85 -32.76 63.26
N GLU L 10 62.60 -33.13 62.96
CA GLU L 10 62.13 -34.50 62.84
C GLU L 10 61.38 -34.73 61.52
N TRP L 11 61.16 -35.99 61.17
CA TRP L 11 60.48 -36.33 59.91
C TRP L 11 59.04 -35.81 59.90
N THR L 12 58.56 -35.53 58.68
CA THR L 12 57.26 -34.96 58.50
C THR L 12 56.30 -36.08 58.07
N TYR L 13 55.00 -35.88 58.37
CA TYR L 13 53.92 -36.83 58.06
C TYR L 13 52.75 -36.01 57.52
N PRO L 14 51.87 -36.62 56.71
CA PRO L 14 50.63 -35.91 56.36
C PRO L 14 49.76 -35.66 57.57
N ARG L 15 49.21 -34.46 57.69
CA ARG L 15 48.27 -34.14 58.77
C ARG L 15 46.86 -33.93 58.25
N LEU L 16 45.92 -33.69 59.15
CA LEU L 16 44.55 -33.29 58.79
C LEU L 16 44.58 -31.94 58.07
N SER L 17 43.81 -31.80 57.01
CA SER L 17 43.82 -30.55 56.24
C SER L 17 43.20 -29.40 57.03
N CYS L 18 43.62 -28.18 56.71
CA CYS L 18 43.02 -27.02 57.35
C CYS L 18 41.53 -26.91 57.00
N PRO L 19 40.74 -26.25 57.90
CA PRO L 19 39.32 -26.00 57.63
C PRO L 19 39.14 -25.24 56.32
N GLY L 20 38.13 -25.64 55.57
CA GLY L 20 37.75 -24.98 54.34
C GLY L 20 36.81 -25.88 53.58
N SER L 21 36.04 -25.30 52.65
CA SER L 21 35.23 -26.08 51.74
C SER L 21 35.27 -25.54 50.31
N THR L 22 36.13 -24.55 50.06
CA THR L 22 36.28 -24.04 48.69
C THR L 22 37.69 -23.62 48.33
N PHE L 23 38.09 -23.84 47.09
CA PHE L 23 39.35 -23.27 46.60
C PHE L 23 39.12 -21.82 46.19
N GLN L 24 40.12 -20.98 46.39
CA GLN L 24 40.10 -19.61 45.90
C GLN L 24 41.44 -19.32 45.21
N LYS L 25 41.46 -18.25 44.42
CA LYS L 25 42.65 -17.78 43.73
C LYS L 25 43.62 -17.21 44.72
N ALA L 26 44.85 -17.70 44.70
CA ALA L 26 45.85 -17.33 45.71
C ALA L 26 46.95 -16.42 45.21
N LEU L 27 47.63 -16.82 44.15
CA LEU L 27 48.82 -16.15 43.72
C LEU L 27 49.14 -16.47 42.27
N LEU L 28 49.75 -15.50 41.59
CA LEU L 28 50.16 -15.67 40.21
C LEU L 28 51.62 -15.41 40.15
N ILE L 29 52.35 -16.34 39.55
CA ILE L 29 53.73 -16.12 39.19
C ILE L 29 53.82 -16.04 37.66
N SER L 30 53.83 -14.82 37.15
CA SER L 30 53.94 -14.61 35.73
C SER L 30 55.20 -13.85 35.44
N PRO L 31 56.32 -14.56 35.28
CA PRO L 31 57.59 -13.85 35.17
C PRO L 31 57.78 -13.12 33.84
N HIS L 32 57.06 -13.54 32.82
CA HIS L 32 57.15 -12.89 31.51
C HIS L 32 56.38 -11.58 31.37
N ARG L 33 55.67 -11.18 32.42
CA ARG L 33 55.21 -9.84 32.57
C ARG L 33 56.40 -8.87 32.55
N PHE L 34 57.61 -9.40 32.64
CA PHE L 34 58.85 -8.64 32.83
C PHE L 34 59.95 -8.97 31.76
N GLY L 35 59.62 -9.81 30.79
CA GLY L 35 60.54 -10.02 29.68
C GLY L 35 60.30 -9.20 28.42
N GLU L 36 60.04 -7.91 28.56
CA GLU L 36 59.91 -7.07 27.36
C GLU L 36 61.26 -6.58 26.87
N THR L 37 61.38 -6.49 25.56
CA THR L 37 62.42 -5.71 24.88
C THR L 37 62.69 -4.39 25.61
N LYS L 38 61.62 -3.70 25.93
CA LYS L 38 61.68 -2.36 26.57
C LYS L 38 62.13 -2.41 28.04
N GLY L 39 62.11 -3.59 28.65
CA GLY L 39 62.36 -3.76 30.06
C GLY L 39 63.80 -4.13 30.35
N ASN L 40 64.07 -4.52 31.60
CA ASN L 40 65.43 -4.65 32.11
C ASN L 40 65.43 -5.78 33.12
N SER L 41 64.71 -6.85 32.79
CA SER L 41 64.62 -8.04 33.64
C SER L 41 64.94 -9.31 32.82
N ALA L 42 65.26 -10.40 33.54
CA ALA L 42 65.60 -11.65 32.89
C ALA L 42 64.85 -12.87 33.49
N PRO L 43 63.57 -12.99 33.17
CA PRO L 43 62.87 -14.20 33.61
C PRO L 43 63.40 -15.36 32.82
N LEU L 44 63.48 -16.53 33.46
CA LEU L 44 64.04 -17.71 32.86
C LEU L 44 62.97 -18.36 32.01
N ILE L 45 63.37 -18.89 30.86
CA ILE L 45 62.46 -19.64 30.00
C ILE L 45 62.31 -21.03 30.59
N ILE L 46 61.09 -21.38 30.97
CA ILE L 46 60.84 -22.64 31.65
C ILE L 46 59.65 -23.37 31.08
N ARG L 47 59.41 -24.55 31.66
CA ARG L 47 58.15 -25.29 31.54
C ARG L 47 58.07 -26.28 32.70
N GLU L 48 57.04 -27.09 32.73
CA GLU L 48 56.83 -28.06 33.82
C GLU L 48 57.12 -27.50 35.22
N PRO L 49 56.48 -26.36 35.55
CA PRO L 49 56.65 -25.82 36.88
C PRO L 49 55.98 -26.75 37.92
N PHE L 50 56.35 -26.58 39.18
CA PHE L 50 55.66 -27.29 40.26
C PHE L 50 56.12 -26.77 41.59
N ILE L 51 55.27 -26.86 42.60
CA ILE L 51 55.64 -26.38 43.90
C ILE L 51 55.73 -27.58 44.86
N ALA L 52 56.67 -27.48 45.80
CA ALA L 52 56.75 -28.44 46.88
C ALA L 52 57.11 -27.64 48.10
N CYS L 53 56.54 -28.01 49.25
CA CYS L 53 56.76 -27.24 50.46
C CYS L 53 57.37 -28.06 51.59
N GLY L 54 58.15 -27.39 52.42
CA GLY L 54 58.65 -27.95 53.68
C GLY L 54 58.01 -27.22 54.87
N PRO L 55 58.46 -27.54 56.11
CA PRO L 55 57.80 -26.95 57.27
C PRO L 55 57.92 -25.44 57.37
N LYS L 56 58.98 -24.83 56.80
CA LYS L 56 59.09 -23.35 56.83
C LYS L 56 59.05 -22.59 55.46
N GLU L 57 59.20 -23.31 54.36
CA GLU L 57 59.32 -22.67 53.05
C GLU L 57 58.66 -23.49 51.93
N CYS L 58 58.14 -22.79 50.93
CA CYS L 58 57.53 -23.41 49.73
C CYS L 58 58.37 -22.98 48.56
N LYS L 59 58.88 -23.94 47.82
CA LYS L 59 59.76 -23.68 46.69
C LYS L 59 59.05 -23.89 45.36
N HIS L 60 59.35 -23.01 44.41
CA HIS L 60 58.68 -23.01 43.11
C HIS L 60 59.68 -23.58 42.14
N PHE L 61 59.41 -24.79 41.70
CA PHE L 61 60.33 -25.50 40.83
C PHE L 61 59.91 -25.39 39.33
N ALA L 62 60.87 -25.55 38.43
CA ALA L 62 60.59 -25.61 36.98
C ALA L 62 61.76 -26.22 36.20
N LEU L 63 61.48 -26.68 34.98
CA LEU L 63 62.55 -27.13 34.10
C LEU L 63 62.95 -26.05 33.10
N THR L 64 64.13 -25.43 33.29
CA THR L 64 64.56 -24.36 32.40
C THR L 64 65.31 -24.84 31.16
N HIS L 65 65.28 -24.05 30.08
CA HIS L 65 66.05 -24.32 28.87
C HIS L 65 67.38 -23.58 28.93
N TYR L 66 67.64 -22.95 30.07
CA TYR L 66 68.93 -22.26 30.28
C TYR L 66 69.04 -21.01 29.40
N ALA L 67 67.91 -20.31 29.33
CA ALA L 67 67.76 -19.15 28.46
C ALA L 67 66.83 -18.21 29.20
N ALA L 68 66.86 -16.93 28.83
CA ALA L 68 65.98 -15.94 29.42
C ALA L 68 65.32 -15.10 28.34
N GLN L 69 64.22 -14.43 28.73
CA GLN L 69 63.51 -13.49 27.88
C GLN L 69 63.71 -12.08 28.45
N PRO L 70 64.25 -11.15 27.65
CA PRO L 70 64.60 -11.34 26.27
C PRO L 70 65.96 -11.99 26.13
N GLY L 71 66.13 -12.80 25.10
CA GLY L 71 67.43 -13.38 24.85
C GLY L 71 67.64 -13.74 23.40
N GLY L 72 68.55 -14.68 23.18
CA GLY L 72 68.94 -15.09 21.84
C GLY L 72 68.88 -16.58 21.63
N TYR L 73 68.41 -17.33 22.64
CA TYR L 73 68.36 -18.77 22.53
C TYR L 73 66.94 -19.31 22.60
N TYR L 74 66.04 -18.63 21.90
CA TYR L 74 64.64 -19.05 21.82
C TYR L 74 64.51 -20.35 21.02
N ASN L 75 65.41 -20.56 20.08
CA ASN L 75 65.33 -21.76 19.25
C ASN L 75 65.60 -23.06 20.05
N GLY L 76 64.60 -23.94 20.09
CA GLY L 76 64.72 -25.18 20.84
C GLY L 76 64.03 -25.17 22.20
N THR L 77 63.36 -24.07 22.54
CA THR L 77 62.68 -23.95 23.86
C THR L 77 61.27 -24.54 23.83
N ARG L 78 60.77 -24.82 22.63
CA ARG L 78 59.60 -25.67 22.40
C ARG L 78 59.91 -27.18 22.40
N GLY L 79 61.17 -27.56 22.43
CA GLY L 79 61.56 -28.98 22.52
C GLY L 79 61.41 -29.42 23.97
N ASP L 80 61.78 -30.66 24.26
CA ASP L 80 61.70 -31.10 25.65
C ASP L 80 63.07 -31.54 26.19
N ARG L 81 63.74 -32.52 25.56
CA ARG L 81 64.98 -33.09 26.14
C ARG L 81 66.21 -32.65 25.40
N ASN L 82 66.95 -31.70 25.98
CA ASN L 82 68.27 -31.34 25.50
C ASN L 82 69.29 -31.36 26.64
N LYS L 83 70.57 -31.13 26.29
CA LYS L 83 71.72 -31.17 27.21
C LYS L 83 71.91 -29.94 28.07
N LEU L 84 71.05 -28.93 27.90
CA LEU L 84 71.19 -27.65 28.64
C LEU L 84 70.09 -27.47 29.69
N ARG L 85 69.06 -28.27 29.56
CA ARG L 85 67.93 -28.30 30.47
C ARG L 85 68.33 -28.51 31.93
N HIS L 86 67.71 -27.73 32.81
CA HIS L 86 68.02 -27.80 34.23
C HIS L 86 66.80 -27.62 35.10
N LEU L 87 66.82 -28.34 36.23
CA LEU L 87 65.91 -28.14 37.35
C LEU L 87 66.37 -26.93 38.17
N ILE L 88 65.46 -26.00 38.36
CA ILE L 88 65.74 -24.74 39.03
C ILE L 88 64.64 -24.46 40.07
N SER L 89 64.94 -23.58 41.04
CA SER L 89 64.02 -23.21 42.07
C SER L 89 64.24 -21.78 42.58
N VAL L 90 63.12 -21.19 43.04
CA VAL L 90 63.09 -19.96 43.80
C VAL L 90 62.13 -20.21 44.96
N LYS L 91 62.28 -19.40 46.00
CA LYS L 91 61.29 -19.34 47.05
C LYS L 91 59.96 -18.91 46.42
N LEU L 92 58.90 -19.66 46.68
CA LEU L 92 57.61 -19.35 46.13
C LEU L 92 57.24 -17.91 46.54
N GLY L 93 56.82 -17.12 45.55
CA GLY L 93 56.65 -15.72 45.72
C GLY L 93 57.73 -14.90 45.07
N LYS L 94 58.85 -15.51 44.71
CA LYS L 94 59.90 -14.78 44.01
C LYS L 94 59.83 -15.08 42.52
N ILE L 95 60.10 -14.06 41.71
CA ILE L 95 60.08 -14.21 40.25
C ILE L 95 61.32 -15.00 39.85
N PRO L 96 61.12 -16.14 39.16
CA PRO L 96 62.28 -16.95 38.79
C PRO L 96 63.03 -16.31 37.60
N THR L 97 64.00 -15.48 37.95
CA THR L 97 64.87 -14.88 36.99
C THR L 97 66.24 -15.51 37.09
N VAL L 98 67.16 -15.06 36.26
CA VAL L 98 68.48 -15.63 36.20
C VAL L 98 69.14 -15.58 37.57
N GLU L 99 69.13 -14.40 38.18
CA GLU L 99 69.78 -14.23 39.44
C GLU L 99 69.01 -14.78 40.68
N ASN L 100 67.69 -14.68 40.71
CA ASN L 100 66.90 -15.23 41.81
C ASN L 100 66.93 -16.75 41.94
N SER L 101 66.92 -17.44 40.80
CA SER L 101 66.92 -18.90 40.73
C SER L 101 68.20 -19.50 41.29
N ILE L 102 68.10 -20.77 41.66
CA ILE L 102 69.25 -21.56 41.97
C ILE L 102 69.14 -22.76 41.03
N PHE L 103 70.28 -23.15 40.44
CA PHE L 103 70.29 -24.31 39.53
C PHE L 103 70.71 -25.53 40.32
N HIS L 104 69.85 -26.53 40.34
CA HIS L 104 70.04 -27.72 41.16
C HIS L 104 70.83 -28.81 40.44
N MET L 105 70.36 -29.18 39.25
CA MET L 105 71.00 -30.20 38.43
C MET L 105 70.52 -30.21 37.00
N ALA L 106 71.30 -30.79 36.10
CA ALA L 106 70.83 -30.98 34.73
C ALA L 106 69.64 -31.94 34.76
N ALA L 107 68.56 -31.57 34.09
CA ALA L 107 67.36 -32.38 34.06
C ALA L 107 66.46 -31.91 32.93
N TRP L 108 65.84 -32.88 32.24
CA TRP L 108 64.68 -32.60 31.40
C TRP L 108 63.39 -33.22 31.91
N SER L 109 63.43 -33.72 33.14
CA SER L 109 62.26 -34.27 33.83
C SER L 109 62.60 -34.24 35.29
N GLY L 110 61.68 -33.83 36.15
CA GLY L 110 62.05 -33.56 37.53
C GLY L 110 60.98 -33.73 38.59
N SER L 111 61.41 -33.59 39.85
CA SER L 111 60.55 -33.70 41.00
C SER L 111 61.33 -33.22 42.21
N ALA L 112 60.65 -32.90 43.31
CA ALA L 112 61.37 -32.61 44.55
C ALA L 112 60.51 -32.75 45.79
N CYS L 113 61.12 -32.95 46.95
CA CYS L 113 60.34 -33.03 48.18
C CYS L 113 61.14 -32.86 49.44
N HIS L 114 60.48 -32.35 50.47
CA HIS L 114 61.08 -32.17 51.78
C HIS L 114 60.59 -33.27 52.71
N ASP L 115 61.46 -33.79 53.55
CA ASP L 115 61.08 -34.90 54.43
C ASP L 115 60.91 -34.50 55.91
N GLY L 116 60.95 -33.19 56.17
CA GLY L 116 61.04 -32.69 57.53
C GLY L 116 62.43 -32.18 57.84
N LYS L 117 63.45 -32.92 57.39
CA LYS L 117 64.88 -32.60 57.67
C LYS L 117 65.60 -31.95 56.51
N GLU L 118 65.31 -32.41 55.28
CA GLU L 118 66.05 -31.91 54.10
C GLU L 118 65.36 -32.12 52.74
N TRP L 119 65.72 -31.28 51.77
CA TRP L 119 65.19 -31.35 50.41
C TRP L 119 65.84 -32.48 49.59
N THR L 120 64.99 -33.34 49.01
CA THR L 120 65.41 -34.28 47.97
C THR L 120 65.07 -33.65 46.61
N TYR L 121 66.04 -33.61 45.69
CA TYR L 121 65.77 -33.13 44.32
C TYR L 121 65.93 -34.26 43.30
N ILE L 122 64.97 -34.44 42.42
CA ILE L 122 65.06 -35.51 41.43
C ILE L 122 65.13 -34.93 40.02
N GLY L 123 66.02 -35.45 39.20
CA GLY L 123 66.19 -34.95 37.84
C GLY L 123 66.68 -36.00 36.86
N VAL L 124 65.90 -36.25 35.82
CA VAL L 124 66.29 -37.20 34.80
C VAL L 124 66.88 -36.46 33.62
N ASP L 125 68.06 -36.91 33.22
CA ASP L 125 68.64 -36.59 31.89
C ASP L 125 69.33 -37.79 31.26
N GLY L 126 70.08 -37.56 30.19
CA GLY L 126 70.67 -38.67 29.46
C GLY L 126 70.12 -38.85 28.04
N PRO L 127 70.72 -39.76 27.25
CA PRO L 127 70.17 -40.03 25.94
C PRO L 127 68.79 -40.62 26.04
N GLU L 128 68.01 -40.50 24.98
CA GLU L 128 66.63 -40.98 24.96
C GLU L 128 66.49 -42.48 25.24
N ASN L 129 67.46 -43.28 24.79
CA ASN L 129 67.39 -44.74 24.81
C ASN L 129 68.06 -45.36 26.04
N ASN L 130 68.53 -44.49 26.94
CA ASN L 130 69.24 -44.88 28.14
C ASN L 130 69.37 -43.66 29.07
N ALA L 131 68.26 -42.96 29.28
CA ALA L 131 68.25 -41.84 30.22
C ALA L 131 68.57 -42.30 31.63
N LEU L 132 68.71 -41.33 32.53
CA LEU L 132 69.22 -41.58 33.88
C LEU L 132 68.63 -40.64 34.91
N LEU L 133 67.91 -41.22 35.85
CA LEU L 133 67.34 -40.45 36.94
C LEU L 133 68.41 -40.24 37.99
N LYS L 134 68.52 -39.01 38.47
CA LYS L 134 69.54 -38.60 39.42
C LYS L 134 68.88 -37.98 40.64
N ILE L 135 69.48 -38.23 41.80
CA ILE L 135 68.94 -37.77 43.08
C ILE L 135 70.00 -36.97 43.82
N LYS L 136 69.60 -35.82 44.34
CA LYS L 136 70.46 -34.91 45.08
C LYS L 136 69.73 -34.71 46.41
N TYR L 137 70.46 -34.86 47.51
CA TYR L 137 69.92 -34.65 48.84
C TYR L 137 70.61 -33.41 49.41
N GLY L 138 69.87 -32.30 49.46
CA GLY L 138 70.44 -30.98 49.79
C GLY L 138 71.47 -30.61 48.74
N GLU L 139 72.74 -30.75 49.10
CA GLU L 139 73.85 -30.30 48.27
C GLU L 139 74.56 -31.44 47.57
N ALA L 140 74.35 -32.65 48.11
CA ALA L 140 75.07 -33.85 47.67
C ALA L 140 74.32 -34.64 46.62
N TYR L 141 75.03 -35.13 45.62
CA TYR L 141 74.46 -36.08 44.68
C TYR L 141 74.63 -37.46 45.32
N THR L 142 73.53 -38.18 45.49
CA THR L 142 73.52 -39.36 46.36
C THR L 142 73.28 -40.71 45.68
N ASP L 143 72.55 -40.72 44.55
CA ASP L 143 72.12 -41.98 43.94
C ASP L 143 71.63 -41.77 42.51
N THR L 144 71.45 -42.86 41.75
CA THR L 144 70.77 -42.81 40.45
C THR L 144 69.99 -44.07 40.22
N TYR L 145 69.10 -44.03 39.26
CA TYR L 145 68.35 -45.20 38.83
C TYR L 145 68.40 -45.18 37.32
N HIS L 146 68.53 -46.36 36.71
CA HIS L 146 68.74 -46.50 35.29
C HIS L 146 67.50 -46.81 34.52
N SER L 147 67.51 -46.41 33.24
CA SER L 147 66.45 -46.70 32.28
C SER L 147 66.20 -48.21 32.17
N TYR L 148 64.94 -48.62 32.23
CA TYR L 148 64.55 -50.05 32.22
C TYR L 148 63.68 -50.51 31.03
N ALA L 149 63.07 -49.57 30.34
CA ALA L 149 62.43 -49.91 29.06
C ALA L 149 63.10 -49.17 27.89
N ASN L 150 64.25 -48.55 28.15
CA ASN L 150 65.04 -47.91 27.09
C ASN L 150 64.20 -47.06 26.12
N ASN L 151 63.19 -46.39 26.65
CA ASN L 151 62.49 -45.36 25.90
C ASN L 151 62.05 -44.19 26.79
N ILE L 152 62.96 -43.23 26.97
CA ILE L 152 62.73 -41.98 27.72
C ILE L 152 62.28 -42.22 29.16
N LEU L 153 63.22 -42.61 30.01
CA LEU L 153 62.98 -42.66 31.42
C LEU L 153 62.47 -41.30 31.91
N ARG L 154 61.28 -41.28 32.51
CA ARG L 154 60.56 -40.05 32.94
C ARG L 154 60.21 -40.05 34.43
N THR L 155 60.14 -38.84 35.02
CA THR L 155 59.46 -38.76 36.34
C THR L 155 58.19 -37.88 36.42
N GLN L 156 57.75 -37.55 37.64
CA GLN L 156 56.40 -36.99 37.89
C GLN L 156 56.14 -35.61 37.31
N GLU L 157 57.19 -34.79 37.17
CA GLU L 157 56.96 -33.39 36.86
C GLU L 157 56.18 -32.67 38.00
N SER L 158 56.18 -33.28 39.19
CA SER L 158 55.66 -32.62 40.42
C SER L 158 56.23 -33.22 41.73
N ALA L 159 55.81 -32.66 42.86
CA ALA L 159 56.35 -33.01 44.18
C ALA L 159 56.28 -34.50 44.49
N CYS L 160 57.37 -35.03 45.05
CA CYS L 160 57.32 -36.39 45.62
C CYS L 160 56.71 -36.26 47.02
N ASN L 161 56.51 -37.38 47.70
CA ASN L 161 55.81 -37.36 48.96
C ASN L 161 56.54 -38.14 50.05
N CYS L 162 56.95 -37.45 51.09
CA CYS L 162 57.72 -38.09 52.16
C CYS L 162 56.94 -38.38 53.42
N ILE L 163 57.14 -39.58 53.96
CA ILE L 163 56.48 -39.97 55.19
C ILE L 163 57.48 -40.70 56.06
N GLY L 164 57.75 -40.17 57.25
CA GLY L 164 58.70 -40.80 58.15
C GLY L 164 60.05 -40.92 57.50
N GLY L 165 60.38 -39.93 56.67
CA GLY L 165 61.67 -39.87 55.99
C GLY L 165 61.78 -40.78 54.80
N ASN L 166 60.69 -41.42 54.39
CA ASN L 166 60.67 -42.19 53.16
C ASN L 166 59.93 -41.42 52.10
N CYS L 167 60.67 -40.91 51.11
CA CYS L 167 60.07 -40.27 49.95
C CYS L 167 59.74 -41.29 48.85
N TYR L 168 58.51 -41.24 48.37
CA TYR L 168 58.02 -42.11 47.30
C TYR L 168 57.90 -41.33 45.98
N LEU L 169 58.44 -41.89 44.90
CA LEU L 169 58.47 -41.23 43.60
C LEU L 169 58.03 -42.12 42.43
N MET L 170 57.05 -41.67 41.64
CA MET L 170 56.74 -42.38 40.41
C MET L 170 57.85 -42.08 39.38
N ILE L 171 58.24 -43.13 38.67
CA ILE L 171 59.03 -43.04 37.45
C ILE L 171 58.35 -43.89 36.39
N THR L 172 58.44 -43.46 35.13
CA THR L 172 57.97 -44.29 34.01
C THR L 172 58.98 -44.36 32.85
N ASP L 173 58.81 -45.39 32.03
CA ASP L 173 59.72 -45.65 30.95
C ASP L 173 58.91 -46.41 29.94
N GLY L 174 58.94 -45.95 28.70
CA GLY L 174 58.15 -46.63 27.70
C GLY L 174 57.83 -45.70 26.56
N SER L 175 57.20 -46.24 25.52
CA SER L 175 56.83 -45.45 24.38
C SER L 175 55.71 -44.46 24.74
N ALA L 176 55.74 -43.29 24.10
CA ALA L 176 54.65 -42.33 24.24
C ALA L 176 53.33 -42.81 23.62
N SER L 177 53.37 -43.83 22.77
CA SER L 177 52.19 -44.22 21.97
C SER L 177 51.95 -45.71 22.15
N GLY L 178 52.54 -46.28 23.19
CA GLY L 178 52.45 -47.70 23.45
C GLY L 178 52.69 -47.92 24.93
N ILE L 179 53.29 -49.05 25.30
CA ILE L 179 53.42 -49.44 26.71
C ILE L 179 54.38 -48.53 27.45
N SER L 180 53.91 -47.88 28.53
CA SER L 180 54.81 -47.20 29.46
C SER L 180 54.58 -47.65 30.92
N GLU L 181 54.88 -48.89 31.23
CA GLU L 181 54.73 -49.44 32.58
C GLU L 181 55.56 -48.69 33.61
N CYS L 182 54.92 -47.98 34.53
CA CYS L 182 55.62 -47.19 35.55
C CYS L 182 56.03 -48.04 36.76
N ARG L 183 56.84 -47.42 37.61
CA ARG L 183 57.36 -47.96 38.85
C ARG L 183 57.39 -46.88 39.90
N PHE L 184 57.55 -47.27 41.15
CA PHE L 184 57.77 -46.30 42.23
C PHE L 184 59.09 -46.58 42.91
N LEU L 185 59.83 -45.53 43.18
CA LEU L 185 61.01 -45.61 44.00
C LEU L 185 60.66 -45.18 45.41
N LYS L 186 61.28 -45.82 46.40
CA LYS L 186 61.20 -45.39 47.80
C LYS L 186 62.59 -44.90 48.15
N ILE L 187 62.69 -43.63 48.49
CA ILE L 187 63.98 -42.97 48.70
C ILE L 187 64.17 -42.49 50.15
N ARG L 188 65.30 -42.86 50.77
CA ARG L 188 65.60 -42.41 52.12
C ARG L 188 66.91 -41.68 52.18
N GLU L 189 66.90 -40.46 52.71
CA GLU L 189 68.08 -39.61 52.69
C GLU L 189 68.83 -39.65 51.34
N GLY L 190 68.06 -39.62 50.26
CA GLY L 190 68.55 -39.45 48.90
C GLY L 190 68.97 -40.74 48.23
N ARG L 191 68.76 -41.87 48.91
CA ARG L 191 69.19 -43.16 48.40
C ARG L 191 68.01 -44.07 48.26
N ILE L 192 67.99 -44.78 47.15
CA ILE L 192 66.90 -45.66 46.84
C ILE L 192 66.98 -46.90 47.72
N ILE L 193 65.89 -47.19 48.43
CA ILE L 193 65.89 -48.35 49.31
C ILE L 193 64.85 -49.44 48.96
N LYS L 194 64.00 -49.15 47.99
CA LYS L 194 63.10 -50.17 47.44
C LYS L 194 62.52 -49.74 46.09
N GLU L 195 62.39 -50.72 45.19
CA GLU L 195 61.64 -50.62 43.93
C GLU L 195 60.30 -51.29 44.18
N ILE L 196 59.23 -50.56 43.87
CA ILE L 196 57.87 -51.03 44.03
C ILE L 196 57.27 -51.15 42.63
N PHE L 197 56.82 -52.36 42.27
CA PHE L 197 56.28 -52.68 40.97
C PHE L 197 54.78 -52.77 41.09
N PRO L 198 54.05 -51.77 40.55
CA PRO L 198 52.61 -51.77 40.74
C PRO L 198 51.92 -52.92 39.97
N THR L 199 50.65 -53.20 40.33
CA THR L 199 49.89 -54.32 39.77
C THR L 199 48.54 -53.77 39.30
N GLY L 200 47.78 -54.55 38.54
CA GLY L 200 46.56 -54.02 37.94
C GLY L 200 46.74 -53.39 36.57
N ARG L 201 46.07 -52.28 36.33
CA ARG L 201 46.09 -51.65 35.01
C ARG L 201 47.39 -50.87 34.89
N VAL L 202 48.41 -51.51 34.32
CA VAL L 202 49.78 -50.98 34.27
C VAL L 202 50.28 -50.70 32.84
N LYS L 203 49.38 -50.89 31.88
CA LYS L 203 49.52 -50.66 30.44
C LYS L 203 50.26 -49.39 30.16
N HIS L 204 49.74 -48.28 30.64
CA HIS L 204 50.42 -47.02 30.42
C HIS L 204 50.07 -46.02 31.53
N THR L 205 51.09 -45.48 32.18
CA THR L 205 50.92 -44.55 33.31
C THR L 205 52.15 -43.66 33.35
N GLU L 206 51.93 -42.35 33.34
CA GLU L 206 53.03 -41.38 33.35
C GLU L 206 52.62 -40.04 34.00
N GLU L 207 53.59 -39.30 34.52
CA GLU L 207 53.32 -38.01 35.21
C GLU L 207 52.26 -38.08 36.30
N CYS L 208 52.39 -39.04 37.20
CA CYS L 208 51.48 -39.13 38.35
C CYS L 208 51.52 -37.87 39.21
N THR L 209 50.35 -37.34 39.53
CA THR L 209 50.23 -36.29 40.50
C THR L 209 49.82 -37.03 41.75
N CYS L 210 50.77 -37.24 42.65
CA CYS L 210 50.51 -38.01 43.85
C CYS L 210 50.40 -37.13 45.07
N GLY L 211 49.56 -37.57 46.01
CA GLY L 211 49.44 -36.96 47.36
C GLY L 211 49.11 -38.02 48.41
N PHE L 212 49.26 -37.64 49.68
CA PHE L 212 48.76 -38.52 50.78
C PHE L 212 47.23 -38.43 50.93
N ALA L 213 46.56 -39.55 50.67
CA ALA L 213 45.19 -39.71 51.08
C ALA L 213 45.12 -39.99 52.59
N SER L 214 46.22 -40.43 53.18
CA SER L 214 46.29 -40.66 54.62
C SER L 214 47.68 -41.09 55.01
N ASN L 215 47.86 -41.46 56.27
CA ASN L 215 49.17 -42.00 56.73
C ASN L 215 49.49 -43.37 56.10
N LYS L 216 48.49 -44.11 55.63
CA LYS L 216 48.72 -45.43 55.02
C LYS L 216 48.84 -45.42 53.49
N THR L 217 48.26 -44.43 52.82
CA THR L 217 48.05 -44.47 51.35
C THR L 217 48.43 -43.21 50.56
N ILE L 218 49.37 -43.35 49.61
CA ILE L 218 49.58 -42.34 48.55
C ILE L 218 48.65 -42.68 47.39
N GLU L 219 47.97 -41.69 46.84
CA GLU L 219 47.14 -41.89 45.65
C GLU L 219 47.62 -40.97 44.56
N CYS L 220 47.60 -41.44 43.33
CA CYS L 220 48.07 -40.62 42.21
C CYS L 220 47.10 -40.63 41.06
N ALA L 221 46.94 -39.49 40.41
CA ALA L 221 46.14 -39.38 39.21
C ALA L 221 47.09 -39.10 38.05
N CYS L 222 47.09 -39.99 37.06
CA CYS L 222 48.16 -39.97 36.06
C CYS L 222 47.72 -39.75 34.61
N ARG L 223 48.68 -39.86 33.69
CA ARG L 223 48.45 -39.64 32.27
C ARG L 223 48.60 -40.94 31.54
N ASP L 224 47.64 -41.30 30.72
CA ASP L 224 47.83 -42.32 29.72
C ASP L 224 47.82 -41.58 28.40
N ASN L 225 48.92 -41.72 27.65
CA ASN L 225 49.12 -40.97 26.41
C ASN L 225 48.79 -41.77 25.15
N SER L 226 48.22 -42.98 25.34
CA SER L 226 48.01 -43.92 24.26
C SER L 226 46.60 -44.37 24.17
N TYR L 227 46.09 -44.89 25.28
CA TYR L 227 44.91 -45.75 25.24
C TYR L 227 43.56 -45.19 25.70
N THR L 228 43.57 -44.28 26.69
CA THR L 228 42.34 -43.76 27.29
C THR L 228 42.45 -42.27 27.70
N ALA L 229 41.30 -41.61 27.79
CA ALA L 229 41.18 -40.27 28.38
C ALA L 229 40.80 -40.33 29.87
N LYS L 230 40.52 -41.52 30.38
CA LYS L 230 40.45 -41.72 31.82
C LYS L 230 41.82 -41.63 32.41
N ARG L 231 41.94 -40.93 33.53
CA ARG L 231 43.19 -40.94 34.24
C ARG L 231 43.39 -42.29 34.91
N PRO L 232 44.59 -42.91 34.73
CA PRO L 232 44.99 -44.04 35.57
C PRO L 232 45.04 -43.56 37.00
N PHE L 233 44.53 -44.32 37.94
CA PHE L 233 44.50 -43.86 39.30
C PHE L 233 45.29 -44.80 40.18
N VAL L 234 46.39 -44.32 40.73
CA VAL L 234 47.27 -45.17 41.53
C VAL L 234 46.93 -45.10 43.01
N LYS L 235 46.85 -46.26 43.67
CA LYS L 235 46.81 -46.36 45.15
C LYS L 235 48.00 -47.15 45.70
N LEU L 236 48.83 -46.45 46.47
CA LEU L 236 50.06 -46.99 47.05
C LEU L 236 49.91 -47.12 48.58
N ASN L 237 50.03 -48.34 49.09
CA ASN L 237 50.13 -48.55 50.52
C ASN L 237 51.57 -48.34 50.98
N VAL L 238 51.80 -47.28 51.75
CA VAL L 238 53.14 -47.00 52.22
C VAL L 238 53.63 -47.86 53.42
N GLU L 239 52.72 -48.65 54.00
CA GLU L 239 53.08 -49.58 55.08
C GLU L 239 53.54 -50.95 54.57
N THR L 240 52.95 -51.46 53.49
CA THR L 240 53.47 -52.70 52.86
C THR L 240 54.25 -52.48 51.57
N ASP L 241 54.36 -51.22 51.13
CA ASP L 241 55.06 -50.84 49.88
C ASP L 241 54.53 -51.62 48.68
N THR L 242 53.20 -51.55 48.52
CA THR L 242 52.49 -52.24 47.44
C THR L 242 51.68 -51.19 46.68
N ALA L 243 51.57 -51.34 45.37
CA ALA L 243 50.89 -50.36 44.56
C ALA L 243 49.99 -51.05 43.57
N GLU L 244 48.81 -50.47 43.39
CA GLU L 244 47.79 -50.96 42.47
C GLU L 244 47.34 -49.78 41.58
N ILE L 245 46.84 -50.07 40.39
CA ILE L 245 46.49 -49.04 39.43
C ILE L 245 45.28 -49.50 38.65
N ARG L 246 44.26 -48.65 38.56
CA ARG L 246 43.11 -48.85 37.67
C ARG L 246 42.72 -47.51 37.13
N LEU L 247 41.98 -47.51 36.03
CA LEU L 247 41.40 -46.29 35.48
C LEU L 247 40.42 -45.68 36.45
N MET L 248 40.31 -44.36 36.43
CA MET L 248 39.23 -43.65 37.07
C MET L 248 37.91 -43.91 36.34
N CYS L 249 36.92 -44.35 37.11
CA CYS L 249 35.62 -44.76 36.57
C CYS L 249 34.66 -43.61 36.32
N THR L 250 34.97 -42.41 36.86
CA THR L 250 34.09 -41.23 36.71
C THR L 250 33.78 -40.82 35.26
N GLU L 251 32.58 -40.31 35.04
CA GLU L 251 32.19 -39.87 33.69
C GLU L 251 32.85 -38.53 33.34
N THR L 252 33.40 -37.88 34.37
CA THR L 252 34.08 -36.61 34.23
C THR L 252 35.55 -36.87 33.87
N TYR L 253 35.78 -37.23 32.62
CA TYR L 253 37.15 -37.59 32.17
C TYR L 253 38.03 -36.37 32.31
N LEU L 254 39.21 -36.57 32.90
CA LEU L 254 40.09 -35.49 33.33
C LEU L 254 41.26 -35.23 32.37
N ASP L 255 41.44 -36.11 31.39
CA ASP L 255 42.56 -36.00 30.44
C ASP L 255 42.20 -35.07 29.29
N THR L 256 43.20 -34.71 28.49
CA THR L 256 42.99 -33.89 27.30
C THR L 256 43.96 -34.42 26.23
N PRO L 257 43.43 -34.81 25.04
CA PRO L 257 42.02 -34.75 24.66
C PRO L 257 41.17 -35.77 25.41
N ARG L 258 39.85 -35.61 25.29
CA ARG L 258 38.87 -36.51 25.82
C ARG L 258 37.58 -36.43 25.01
N PRO L 259 36.76 -37.48 25.05
CA PRO L 259 35.44 -37.39 24.45
C PRO L 259 34.41 -36.70 25.39
N ASP L 260 33.12 -36.83 25.10
CA ASP L 260 32.13 -36.26 26.02
C ASP L 260 32.11 -37.07 27.32
N ASP L 261 31.72 -36.39 28.38
CA ASP L 261 31.67 -37.02 29.67
C ASP L 261 30.62 -38.11 29.54
N GLY L 262 30.83 -39.24 30.19
CA GLY L 262 29.89 -40.35 30.20
C GLY L 262 29.74 -41.14 28.92
N SER L 263 30.48 -40.76 27.88
CA SER L 263 30.24 -41.32 26.54
C SER L 263 31.06 -42.57 26.29
N ILE L 264 32.01 -42.82 27.18
CA ILE L 264 32.79 -44.06 27.09
C ILE L 264 31.93 -45.18 27.70
N THR L 265 31.45 -46.04 26.82
CA THR L 265 30.48 -47.07 27.16
C THR L 265 31.18 -48.29 27.77
N GLY L 266 30.46 -49.07 28.56
CA GLY L 266 31.03 -50.24 29.21
C GLY L 266 31.24 -50.05 30.72
N PRO L 267 31.96 -50.99 31.36
CA PRO L 267 32.28 -50.86 32.79
C PRO L 267 33.45 -49.92 33.06
N CYS L 268 33.94 -49.92 34.29
CA CYS L 268 34.96 -48.95 34.73
C CYS L 268 36.28 -49.05 34.03
N GLU L 269 36.51 -50.22 33.42
CA GLU L 269 37.78 -50.47 32.77
C GLU L 269 37.84 -50.14 31.25
N SER L 270 36.71 -49.76 30.64
CA SER L 270 36.73 -49.45 29.22
C SER L 270 37.60 -48.25 28.87
N ASN L 271 38.34 -48.38 27.77
CA ASN L 271 39.32 -47.37 27.41
C ASN L 271 38.73 -46.00 27.09
N GLY L 272 38.00 -45.74 26.02
CA GLY L 272 37.90 -46.48 24.79
C GLY L 272 38.41 -45.47 23.76
N ASP L 273 37.63 -44.40 23.50
CA ASP L 273 37.94 -43.40 22.44
C ASP L 273 38.61 -42.06 22.81
N LYS L 274 39.30 -41.47 21.82
CA LYS L 274 40.13 -40.25 21.95
C LYS L 274 41.26 -40.32 22.97
N GLY L 275 41.74 -41.55 23.23
CA GLY L 275 42.67 -41.84 24.29
C GLY L 275 44.11 -41.47 24.07
N SER L 276 44.52 -41.35 22.80
CA SER L 276 45.91 -40.97 22.48
C SER L 276 46.10 -39.47 22.73
N GLY L 277 47.32 -39.03 23.01
CA GLY L 277 47.53 -37.69 23.56
C GLY L 277 47.20 -37.69 25.06
N GLY L 278 47.48 -36.60 25.75
CA GLY L 278 47.22 -36.53 27.17
C GLY L 278 47.66 -35.20 27.75
N ILE L 279 47.58 -35.10 29.08
CA ILE L 279 48.05 -33.93 29.83
C ILE L 279 48.23 -34.30 31.32
N LYS L 280 49.25 -33.71 31.95
CA LYS L 280 49.47 -33.87 33.39
C LYS L 280 48.40 -33.09 34.08
N GLY L 281 47.85 -33.66 35.16
CA GLY L 281 46.57 -33.24 35.73
C GLY L 281 46.67 -32.96 37.22
N GLY L 282 45.94 -31.95 37.66
CA GLY L 282 45.98 -31.52 39.04
C GLY L 282 45.32 -32.56 39.90
N PHE L 283 45.75 -32.65 41.14
CA PHE L 283 45.10 -33.56 42.05
C PHE L 283 45.68 -33.36 43.40
N VAL L 284 44.83 -33.25 44.40
CA VAL L 284 45.27 -32.95 45.75
C VAL L 284 44.19 -33.45 46.74
N HIS L 285 44.60 -33.74 47.96
CA HIS L 285 43.72 -34.35 48.96
C HIS L 285 43.31 -33.35 50.03
N GLN L 286 42.06 -33.43 50.44
CA GLN L 286 41.61 -32.72 51.60
C GLN L 286 41.32 -33.75 52.69
N ARG L 287 42.20 -33.87 53.68
CA ARG L 287 42.00 -34.91 54.68
C ARG L 287 41.23 -34.39 55.87
N MET L 288 40.03 -34.92 56.06
CA MET L 288 39.21 -34.56 57.24
C MET L 288 39.07 -35.75 58.19
N ALA L 289 38.67 -35.48 59.45
CA ALA L 289 38.65 -36.50 60.52
C ALA L 289 38.13 -37.85 60.00
N SER L 290 36.88 -37.85 59.55
CA SER L 290 36.24 -39.04 58.99
C SER L 290 35.71 -38.82 57.55
N LYS L 291 36.45 -38.08 56.72
CA LYS L 291 36.03 -37.81 55.35
C LYS L 291 37.22 -37.39 54.52
N ILE L 292 37.30 -37.92 53.29
CA ILE L 292 38.30 -37.45 52.33
C ILE L 292 37.70 -36.80 51.09
N GLY L 293 38.16 -35.59 50.83
CA GLY L 293 37.84 -34.89 49.57
C GLY L 293 38.93 -35.11 48.53
N ARG L 294 38.54 -35.26 47.27
CA ARG L 294 39.54 -35.39 46.20
C ARG L 294 39.34 -34.30 45.17
N TRP L 295 40.22 -33.31 45.16
CA TRP L 295 40.11 -32.18 44.23
C TRP L 295 40.91 -32.46 42.98
N TYR L 296 40.35 -32.17 41.82
CA TYR L 296 41.03 -32.40 40.54
C TYR L 296 40.89 -31.18 39.65
N SER L 297 41.71 -31.07 38.64
CA SER L 297 41.49 -30.04 37.60
C SER L 297 41.57 -30.63 36.21
N ARG L 298 40.93 -29.99 35.24
CA ARG L 298 41.00 -30.41 33.86
C ARG L 298 40.71 -29.24 32.95
N THR L 299 41.36 -29.20 31.81
CA THR L 299 41.17 -28.15 30.81
C THR L 299 39.74 -27.91 30.52
N MET L 300 39.41 -26.64 30.27
CA MET L 300 38.04 -26.22 29.97
C MET L 300 37.65 -26.75 28.59
N SER L 301 38.63 -26.85 27.71
CA SER L 301 38.42 -27.40 26.36
C SER L 301 38.66 -28.89 26.34
N LYS L 302 37.88 -29.59 25.53
CA LYS L 302 37.99 -31.03 25.39
C LYS L 302 39.20 -31.53 24.57
N THR L 303 39.77 -30.70 23.70
CA THR L 303 40.86 -31.12 22.84
C THR L 303 42.11 -30.29 22.95
N LYS L 304 41.98 -29.12 23.56
CA LYS L 304 43.07 -28.15 23.60
C LYS L 304 43.49 -27.77 24.99
N ARG L 305 44.68 -27.21 25.10
CA ARG L 305 45.22 -26.85 26.39
C ARG L 305 44.77 -25.43 26.79
N MET L 306 43.45 -25.26 26.79
CA MET L 306 42.82 -23.98 27.09
C MET L 306 41.90 -24.07 28.33
N GLY L 307 42.07 -23.14 29.24
CA GLY L 307 41.31 -23.12 30.45
C GLY L 307 41.61 -24.20 31.45
N MET L 308 41.13 -24.00 32.69
CA MET L 308 41.26 -25.02 33.71
C MET L 308 40.13 -24.92 34.69
N GLY L 309 39.39 -26.03 34.87
CA GLY L 309 38.26 -26.10 35.83
C GLY L 309 38.62 -26.93 37.04
N LEU L 310 38.08 -26.58 38.21
CA LEU L 310 38.34 -27.34 39.43
C LEU L 310 37.16 -28.22 39.70
N TYR L 311 37.39 -29.51 39.98
CA TYR L 311 36.31 -30.46 40.28
C TYR L 311 36.58 -31.09 41.65
N VAL L 312 35.59 -31.74 42.23
CA VAL L 312 35.76 -32.35 43.57
C VAL L 312 34.78 -33.47 43.85
N LYS L 313 35.21 -34.43 44.66
CA LYS L 313 34.36 -35.54 45.13
C LYS L 313 34.78 -35.97 46.53
N TYR L 314 33.80 -36.26 47.36
CA TYR L 314 34.07 -36.58 48.75
C TYR L 314 33.83 -38.08 48.94
N ASP L 315 34.77 -38.78 49.54
CA ASP L 315 34.66 -40.25 49.74
C ASP L 315 34.35 -41.08 48.50
N GLY L 316 34.04 -42.36 48.72
CA GLY L 316 33.89 -43.34 47.64
C GLY L 316 35.24 -43.92 47.18
N ASP L 317 35.16 -44.78 46.18
CA ASP L 317 36.32 -45.36 45.54
C ASP L 317 36.39 -44.84 44.09
N PRO L 318 37.41 -44.03 43.76
CA PRO L 318 37.50 -43.50 42.40
C PRO L 318 37.63 -44.61 41.35
N TRP L 319 37.98 -45.82 41.81
CA TRP L 319 38.14 -46.95 40.89
C TRP L 319 36.83 -47.50 40.42
N THR L 320 35.72 -47.15 41.09
CA THR L 320 34.40 -47.76 40.81
C THR L 320 33.24 -46.77 40.58
N ASP L 321 33.39 -45.55 41.08
CA ASP L 321 32.34 -44.52 41.03
C ASP L 321 32.24 -43.87 39.68
N SER L 322 31.15 -44.12 39.00
CA SER L 322 30.96 -43.50 37.67
C SER L 322 30.31 -42.10 37.83
N ASP L 323 29.91 -41.81 39.07
CA ASP L 323 29.27 -40.56 39.41
C ASP L 323 30.10 -39.41 38.83
N ALA L 324 29.43 -38.44 38.21
CA ALA L 324 30.09 -37.21 37.78
C ALA L 324 30.76 -36.51 38.95
N LEU L 325 31.89 -35.90 38.65
CA LEU L 325 32.62 -35.08 39.60
C LEU L 325 31.92 -33.73 39.64
N ALA L 326 31.84 -33.15 40.84
CA ALA L 326 31.24 -31.84 41.06
C ALA L 326 32.12 -30.71 40.52
N LEU L 327 31.62 -30.00 39.51
CA LEU L 327 32.32 -28.83 38.98
C LEU L 327 32.34 -27.76 40.03
N SER L 328 33.51 -27.33 40.43
CA SER L 328 33.65 -26.44 41.56
C SER L 328 33.91 -24.98 41.19
N GLY L 329 34.64 -24.75 40.09
CA GLY L 329 34.87 -23.40 39.58
C GLY L 329 35.80 -23.32 38.37
N VAL L 330 35.73 -22.21 37.64
CA VAL L 330 36.59 -21.95 36.47
C VAL L 330 37.80 -21.18 36.93
N MET L 331 38.94 -21.85 36.93
CA MET L 331 40.22 -21.30 37.39
C MET L 331 40.89 -20.49 36.30
N VAL L 332 40.84 -20.97 35.08
CA VAL L 332 41.38 -20.27 33.95
C VAL L 332 40.32 -20.38 32.88
N SER L 333 39.90 -19.26 32.33
CA SER L 333 38.84 -19.28 31.35
C SER L 333 39.34 -19.90 30.05
N MET L 334 38.41 -20.41 29.25
CA MET L 334 38.66 -20.92 27.89
C MET L 334 39.49 -20.00 27.00
N GLU L 335 39.62 -18.72 27.35
CA GLU L 335 40.41 -17.83 26.54
C GLU L 335 41.89 -17.77 26.91
N GLU L 336 42.24 -18.37 28.05
CA GLU L 336 43.64 -18.40 28.51
C GLU L 336 44.23 -19.82 28.40
N PRO L 337 45.58 -19.94 28.35
CA PRO L 337 46.20 -21.26 28.27
C PRO L 337 46.13 -22.01 29.62
N GLY L 338 45.81 -23.30 29.54
CA GLY L 338 45.86 -24.18 30.68
C GLY L 338 46.55 -25.45 30.26
N TRP L 339 47.84 -25.52 30.55
CA TRP L 339 48.60 -26.70 30.22
C TRP L 339 48.62 -27.59 31.46
N TYR L 340 49.80 -28.02 31.87
CA TYR L 340 49.97 -28.94 32.99
C TYR L 340 49.33 -28.40 34.25
N SER L 341 48.79 -29.28 35.08
CA SER L 341 48.46 -28.86 36.46
C SER L 341 48.89 -29.91 37.49
N PHE L 342 49.09 -29.48 38.75
CA PHE L 342 49.70 -30.29 39.79
C PHE L 342 49.14 -29.91 41.17
N GLY L 343 49.21 -30.83 42.13
CA GLY L 343 48.82 -30.52 43.51
C GLY L 343 50.00 -30.36 44.47
N PHE L 344 49.76 -29.65 45.55
CA PHE L 344 50.74 -29.52 46.63
C PHE L 344 50.07 -29.04 47.90
N GLU L 345 50.80 -29.04 48.99
CA GLU L 345 50.26 -28.74 50.29
C GLU L 345 51.19 -27.81 51.03
N ILE L 346 50.70 -26.63 51.39
CA ILE L 346 51.42 -25.70 52.25
C ILE L 346 51.17 -26.12 53.70
N LYS L 347 52.14 -25.96 54.57
CA LYS L 347 51.94 -26.38 55.95
C LYS L 347 51.68 -25.22 56.87
N ASP L 348 50.46 -25.17 57.38
CA ASP L 348 50.14 -24.19 58.40
C ASP L 348 50.68 -24.72 59.74
N LYS L 349 50.44 -23.98 60.83
CA LYS L 349 51.08 -24.32 62.09
C LYS L 349 50.74 -25.73 62.54
N LYS L 350 49.46 -26.12 62.45
CA LYS L 350 49.00 -27.46 62.87
C LYS L 350 48.18 -28.24 61.85
N CYS L 351 48.09 -27.73 60.63
CA CYS L 351 47.32 -28.41 59.57
C CYS L 351 47.85 -28.12 58.18
N ASP L 352 47.48 -28.97 57.23
CA ASP L 352 48.00 -28.88 55.85
C ASP L 352 46.99 -28.21 54.87
N VAL L 353 47.47 -27.28 54.04
CA VAL L 353 46.58 -26.55 53.11
C VAL L 353 46.76 -27.08 51.68
N PRO L 354 45.77 -27.80 51.19
CA PRO L 354 45.83 -28.35 49.85
C PRO L 354 45.71 -27.26 48.77
N CYS L 355 46.62 -27.29 47.80
CA CYS L 355 46.55 -26.35 46.67
C CYS L 355 46.65 -27.05 45.33
N ILE L 356 46.32 -26.34 44.24
CA ILE L 356 46.51 -26.83 42.87
C ILE L 356 47.14 -25.71 42.06
N GLY L 357 48.35 -25.95 41.54
CA GLY L 357 49.03 -25.06 40.62
C GLY L 357 48.71 -25.36 39.14
N ILE L 358 48.83 -24.36 38.30
CA ILE L 358 48.45 -24.50 36.89
C ILE L 358 49.50 -23.87 36.06
N GLU L 359 50.16 -24.70 35.25
CA GLU L 359 51.11 -24.22 34.24
C GLU L 359 50.31 -23.53 33.13
N MET L 360 50.52 -22.24 32.98
CA MET L 360 49.83 -21.48 31.94
C MET L 360 50.85 -21.06 30.89
N VAL L 361 51.03 -21.93 29.89
CA VAL L 361 52.13 -21.76 28.92
C VAL L 361 51.85 -20.67 27.92
N HIS L 362 52.89 -19.93 27.58
CA HIS L 362 52.88 -18.91 26.54
C HIS L 362 53.37 -19.56 25.26
N ASP L 363 52.43 -19.99 24.42
CA ASP L 363 52.79 -20.73 23.19
C ASP L 363 52.57 -19.89 21.95
N GLY L 364 53.64 -19.57 21.24
CA GLY L 364 53.56 -18.91 19.94
C GLY L 364 54.25 -19.67 18.82
N GLY L 365 54.31 -20.99 18.96
CA GLY L 365 54.96 -21.86 18.00
C GLY L 365 56.49 -21.89 18.12
N LYS L 366 57.15 -22.71 17.32
CA LYS L 366 58.60 -22.87 17.50
C LYS L 366 59.47 -21.70 17.00
N GLU L 367 58.85 -20.73 16.33
CA GLU L 367 59.61 -19.59 15.82
C GLU L 367 59.79 -18.46 16.85
N THR L 368 59.39 -18.68 18.09
CA THR L 368 59.62 -17.70 19.16
C THR L 368 59.80 -18.42 20.48
N TRP L 369 59.80 -17.66 21.59
CA TRP L 369 60.06 -18.26 22.89
C TRP L 369 58.90 -19.11 23.38
N HIS L 370 59.19 -19.98 24.33
CA HIS L 370 58.18 -20.86 24.83
C HIS L 370 58.38 -21.08 26.33
N SER L 371 57.56 -20.39 27.13
CA SER L 371 57.64 -20.51 28.58
C SER L 371 56.27 -20.47 29.21
N ALA L 372 56.21 -20.49 30.54
CA ALA L 372 54.96 -20.69 31.26
C ALA L 372 54.84 -19.72 32.44
N ALA L 373 53.61 -19.27 32.75
CA ALA L 373 53.33 -18.65 34.05
C ALA L 373 52.83 -19.74 34.98
N THR L 374 52.65 -19.41 36.26
CA THR L 374 52.09 -20.39 37.23
C THR L 374 50.97 -19.79 38.04
N ALA L 375 49.78 -20.38 37.91
CA ALA L 375 48.63 -19.95 38.71
C ALA L 375 48.45 -20.85 39.95
N ILE L 376 48.23 -20.29 41.14
CA ILE L 376 47.98 -21.09 42.35
C ILE L 376 46.60 -20.81 42.98
N TYR L 377 45.78 -21.87 43.05
CA TYR L 377 44.57 -21.85 43.84
C TYR L 377 44.77 -22.72 45.07
N CYS L 378 44.36 -22.21 46.24
CA CYS L 378 44.34 -23.06 47.48
C CYS L 378 42.98 -23.13 48.16
N LEU L 379 42.79 -24.17 48.97
CA LEU L 379 41.66 -24.30 49.87
C LEU L 379 41.79 -23.18 50.88
N MET L 380 40.79 -22.31 50.87
CA MET L 380 40.67 -21.22 51.84
C MET L 380 39.21 -20.81 52.03
N GLY L 381 38.73 -20.95 53.26
CA GLY L 381 37.41 -20.44 53.64
C GLY L 381 36.25 -21.26 53.11
N SER L 382 35.09 -20.63 53.13
CA SER L 382 33.82 -21.22 52.71
C SER L 382 33.22 -20.53 51.46
N GLY L 383 32.26 -21.15 50.78
CA GLY L 383 31.55 -20.48 49.67
C GLY L 383 31.82 -21.04 48.27
N GLN L 384 31.89 -20.17 47.25
CA GLN L 384 32.15 -20.64 45.88
C GLN L 384 33.39 -19.99 45.35
N LEU L 385 34.21 -20.76 44.61
CA LEU L 385 35.35 -20.21 43.88
C LEU L 385 34.98 -18.93 43.10
N LEU L 386 35.70 -17.85 43.40
CA LEU L 386 35.29 -16.53 42.96
C LEU L 386 35.96 -15.94 41.70
N TRP L 387 37.29 -16.07 41.55
CA TRP L 387 37.92 -15.41 40.40
C TRP L 387 38.85 -16.28 39.60
N ASP L 388 38.93 -15.99 38.30
CA ASP L 388 39.86 -16.68 37.39
C ASP L 388 41.21 -16.00 37.29
N THR L 389 42.16 -16.69 36.70
CA THR L 389 43.51 -16.16 36.54
C THR L 389 43.85 -15.92 35.08
N VAL L 390 44.58 -14.83 34.82
CA VAL L 390 45.13 -14.52 33.48
C VAL L 390 46.64 -14.26 33.60
N THR L 391 47.39 -14.47 32.52
CA THR L 391 48.85 -14.27 32.62
C THR L 391 49.17 -12.80 32.48
N GLY L 392 48.31 -12.09 31.78
CA GLY L 392 48.59 -10.71 31.46
C GLY L 392 49.66 -10.47 30.40
N VAL L 393 50.28 -11.54 29.91
CA VAL L 393 51.42 -11.43 28.98
C VAL L 393 51.01 -11.35 27.50
N ASP L 394 51.63 -10.42 26.80
CA ASP L 394 51.52 -10.31 25.34
C ASP L 394 52.88 -10.75 24.76
N MET L 395 52.84 -11.80 23.95
CA MET L 395 54.05 -12.47 23.48
C MET L 395 54.80 -11.73 22.38
N ALA L 396 54.20 -10.68 21.83
CA ALA L 396 54.88 -9.78 20.87
C ALA L 396 55.83 -8.76 21.51
N LEU L 397 55.72 -8.56 22.82
CA LEU L 397 56.57 -7.59 23.53
C LEU L 397 58.01 -8.09 23.90
N PRO M 9 -12.76 44.62 -58.65
CA PRO M 9 -11.58 43.85 -58.24
C PRO M 9 -11.16 42.79 -59.26
N GLU M 10 -9.85 42.49 -59.30
CA GLU M 10 -9.22 41.57 -60.24
C GLU M 10 -8.38 40.49 -59.51
N TRP M 11 -8.01 39.43 -60.24
CA TRP M 11 -7.28 38.31 -59.66
C TRP M 11 -5.93 38.73 -59.15
N THR M 12 -5.51 38.09 -58.07
CA THR M 12 -4.22 38.37 -57.48
C THR M 12 -3.09 37.46 -58.04
N TYR M 13 -1.84 37.94 -57.95
CA TYR M 13 -0.66 37.25 -58.48
C TYR M 13 0.46 37.51 -57.47
N PRO M 14 1.42 36.57 -57.33
CA PRO M 14 2.56 36.88 -56.49
C PRO M 14 3.34 38.05 -57.04
N ARG M 15 3.81 38.94 -56.15
CA ARG M 15 4.65 40.07 -56.56
C ARG M 15 6.08 39.94 -56.02
N LEU M 16 6.92 40.92 -56.35
CA LEU M 16 8.24 41.01 -55.73
C LEU M 16 8.03 41.26 -54.25
N SER M 17 8.83 40.64 -53.39
CA SER M 17 8.71 40.86 -51.96
C SER M 17 9.18 42.26 -51.58
N CYS M 18 8.74 42.73 -50.41
CA CYS M 18 9.14 44.04 -49.92
C CYS M 18 10.59 44.04 -49.54
N PRO M 19 11.27 45.22 -49.58
CA PRO M 19 12.64 45.33 -49.10
C PRO M 19 12.77 44.76 -47.69
N GLY M 20 13.88 44.05 -47.47
CA GLY M 20 14.30 43.54 -46.16
C GLY M 20 15.39 42.48 -46.29
N SER M 21 16.11 42.28 -45.20
CA SER M 21 17.04 41.14 -45.13
C SER M 21 16.97 40.43 -43.77
N THR M 22 16.00 40.76 -42.95
CA THR M 22 15.85 40.03 -41.69
C THR M 22 14.39 39.92 -41.24
N PHE M 23 14.01 38.77 -40.71
CA PHE M 23 12.77 38.67 -39.95
C PHE M 23 12.88 39.30 -38.58
N GLN M 24 11.79 39.85 -38.10
CA GLN M 24 11.70 40.37 -36.75
C GLN M 24 10.37 39.92 -36.18
N LYS M 25 10.28 39.93 -34.85
CA LYS M 25 9.08 39.57 -34.11
C LYS M 25 8.02 40.60 -34.43
N ALA M 26 6.85 40.15 -34.83
CA ALA M 26 5.78 41.07 -35.23
C ALA M 26 4.58 41.12 -34.27
N LEU M 27 3.99 39.98 -33.95
CA LEU M 27 2.76 40.01 -33.18
C LEU M 27 2.56 38.66 -32.51
N LEU M 28 1.87 38.66 -31.35
CA LEU M 28 1.56 37.46 -30.62
C LEU M 28 0.05 37.44 -30.46
N ILE M 29 -0.56 36.33 -30.86
CA ILE M 29 -1.93 36.08 -30.53
C ILE M 29 -1.97 34.94 -29.52
N SER M 30 -2.03 35.28 -28.24
CA SER M 30 -2.14 34.30 -27.16
C SER M 30 -3.47 34.52 -26.47
N PRO M 31 -4.50 33.81 -26.94
CA PRO M 31 -5.84 34.08 -26.42
C PRO M 31 -6.05 33.49 -25.02
N HIS M 32 -5.24 32.51 -24.64
CA HIS M 32 -5.39 31.91 -23.31
C HIS M 32 -4.79 32.72 -22.18
N ARG M 33 -4.16 33.86 -22.53
CA ARG M 33 -3.81 34.89 -21.55
C ARG M 33 -5.09 35.39 -20.84
N PHE M 34 -6.23 34.94 -21.34
CA PHE M 34 -7.57 35.47 -21.00
C PHE M 34 -8.55 34.38 -20.59
N GLY M 35 -8.11 33.13 -20.61
CA GLY M 35 -8.97 32.06 -20.11
C GLY M 35 -8.71 31.60 -18.65
N GLU M 36 -8.53 32.56 -17.72
CA GLU M 36 -8.51 32.16 -16.31
C GLU M 36 -9.93 31.95 -15.74
N THR M 37 -10.01 31.00 -14.80
CA THR M 37 -11.11 30.88 -13.85
C THR M 37 -11.52 32.26 -13.35
N LYS M 38 -10.53 33.07 -12.96
CA LYS M 38 -10.79 34.41 -12.38
C LYS M 38 -11.24 35.47 -13.39
N GLY M 39 -11.12 35.13 -14.67
CA GLY M 39 -11.37 36.05 -15.77
C GLY M 39 -12.79 35.98 -16.25
N ASN M 40 -13.08 36.69 -17.35
CA ASN M 40 -14.44 36.80 -17.90
C ASN M 40 -14.43 36.79 -19.41
N SER M 41 -13.54 35.99 -19.97
CA SER M 41 -13.34 35.87 -21.42
C SER M 41 -13.55 34.43 -21.85
N ALA M 42 -13.81 34.23 -23.15
CA ALA M 42 -13.96 32.91 -23.71
C ALA M 42 -13.13 32.75 -24.98
N PRO M 43 -11.80 32.56 -24.84
CA PRO M 43 -11.00 32.12 -25.97
C PRO M 43 -11.39 30.72 -26.36
N LEU M 44 -11.49 30.48 -27.67
CA LEU M 44 -11.79 29.17 -28.23
C LEU M 44 -10.60 28.23 -28.15
N ILE M 45 -10.88 26.95 -27.83
CA ILE M 45 -9.85 25.90 -27.78
C ILE M 45 -9.59 25.42 -29.21
N ILE M 46 -8.34 25.63 -29.65
CA ILE M 46 -7.96 25.41 -31.03
C ILE M 46 -6.66 24.64 -31.17
N ARG M 47 -6.34 24.34 -32.42
CA ARG M 47 -5.00 23.91 -32.85
C ARG M 47 -4.87 24.12 -34.39
N GLU M 48 -3.68 23.92 -34.90
CA GLU M 48 -3.43 24.09 -36.33
C GLU M 48 -3.85 25.46 -36.84
N PRO M 49 -3.43 26.52 -36.12
CA PRO M 49 -3.71 27.85 -36.56
C PRO M 49 -2.97 28.10 -37.87
N PHE M 50 -3.43 29.09 -38.61
CA PHE M 50 -2.72 29.57 -39.78
C PHE M 50 -3.32 30.84 -40.29
N ILE M 51 -2.53 31.65 -40.94
CA ILE M 51 -2.98 32.94 -41.45
C ILE M 51 -2.92 32.93 -42.98
N ALA M 52 -3.87 33.61 -43.61
CA ALA M 52 -3.90 33.78 -45.04
C ALA M 52 -4.43 35.15 -45.24
N CYS M 53 -3.85 35.88 -46.19
CA CYS M 53 -4.22 37.27 -46.41
C CYS M 53 -4.85 37.49 -47.79
N GLY M 54 -5.71 38.51 -47.88
CA GLY M 54 -6.19 39.06 -49.14
C GLY M 54 -5.67 40.49 -49.31
N PRO M 55 -6.15 41.23 -50.34
CA PRO M 55 -5.58 42.57 -50.62
C PRO M 55 -5.83 43.62 -49.52
N LYS M 56 -6.92 43.48 -48.79
CA LYS M 56 -7.18 44.41 -47.70
C LYS M 56 -7.12 43.84 -46.26
N GLU M 57 -7.26 42.53 -46.10
CA GLU M 57 -7.35 41.92 -44.76
C GLU M 57 -6.56 40.60 -44.59
N CYS M 58 -6.01 40.39 -43.40
CA CYS M 58 -5.35 39.12 -43.05
C CYS M 58 -6.17 38.40 -42.02
N LYS M 59 -6.63 37.19 -42.31
CA LYS M 59 -7.44 36.38 -41.41
C LYS M 59 -6.60 35.35 -40.66
N HIS M 60 -6.93 35.14 -39.39
CA HIS M 60 -6.22 34.19 -38.56
C HIS M 60 -7.11 32.98 -38.46
N PHE M 61 -6.72 31.88 -39.09
CA PHE M 61 -7.56 30.67 -39.08
C PHE M 61 -7.10 29.68 -38.01
N ALA M 62 -7.98 28.77 -37.59
CA ALA M 62 -7.61 27.68 -36.72
C ALA M 62 -8.64 26.55 -36.78
N LEU M 63 -8.26 25.35 -36.31
CA LEU M 63 -9.30 24.29 -36.12
C LEU M 63 -9.75 24.24 -34.65
N THR M 64 -11.01 24.60 -34.38
CA THR M 64 -11.54 24.52 -33.02
C THR M 64 -12.24 23.23 -32.67
N HIS M 65 -12.21 22.90 -31.37
CA HIS M 65 -12.85 21.69 -30.80
C HIS M 65 -14.25 22.03 -30.37
N TYR M 66 -14.67 23.26 -30.67
CA TYR M 66 -16.01 23.77 -30.30
C TYR M 66 -16.22 23.91 -28.78
N ALA M 67 -15.22 24.50 -28.14
CA ALA M 67 -15.12 24.57 -26.68
C ALA M 67 -14.32 25.79 -26.37
N ALA M 68 -14.43 26.29 -25.15
CA ALA M 68 -13.69 27.48 -24.76
C ALA M 68 -13.09 27.27 -23.37
N GLN M 69 -12.11 28.09 -23.05
CA GLN M 69 -11.49 28.10 -21.76
C GLN M 69 -11.85 29.41 -21.08
N PRO M 70 -12.46 29.35 -19.85
CA PRO M 70 -12.75 28.13 -19.11
C PRO M 70 -14.01 27.48 -19.56
N GLY M 71 -14.06 26.16 -19.51
CA GLY M 71 -15.27 25.49 -19.97
C GLY M 71 -15.35 24.16 -19.29
N GLY M 72 -16.00 23.22 -19.96
CA GLY M 72 -16.31 21.93 -19.36
C GLY M 72 -16.17 20.82 -20.35
N TYR M 73 -15.70 21.15 -21.55
CA TYR M 73 -15.51 20.14 -22.60
C TYR M 73 -14.04 20.03 -22.98
N TYR M 74 -13.18 20.06 -21.97
CA TYR M 74 -11.74 19.85 -22.14
C TYR M 74 -11.39 18.44 -22.60
N ASN M 75 -12.17 17.45 -22.21
CA ASN M 75 -11.92 16.07 -22.60
C ASN M 75 -12.12 15.84 -24.11
N GLY M 76 -11.04 15.41 -24.79
CA GLY M 76 -11.10 15.17 -26.24
C GLY M 76 -10.49 16.27 -27.12
N THR M 77 -9.95 17.32 -26.46
CA THR M 77 -9.36 18.46 -27.14
C THR M 77 -7.88 18.23 -27.43
N ARG M 78 -7.33 17.12 -26.89
CA ARG M 78 -6.03 16.51 -27.31
C ARG M 78 -6.15 15.54 -28.48
N GLY M 79 -7.35 15.05 -28.77
CA GLY M 79 -7.56 14.23 -29.99
C GLY M 79 -7.43 15.11 -31.25
N ASP M 80 -7.73 14.54 -32.40
CA ASP M 80 -7.68 15.34 -33.64
C ASP M 80 -9.05 15.34 -34.39
N ARG M 81 -9.49 14.20 -34.90
CA ARG M 81 -10.74 14.15 -35.70
C ARG M 81 -11.95 13.71 -34.92
N ASN M 82 -12.86 14.65 -34.66
CA ASN M 82 -14.20 14.36 -34.16
C ASN M 82 -15.24 15.17 -34.93
N LYS M 83 -16.53 14.92 -34.60
CA LYS M 83 -17.68 15.48 -35.27
C LYS M 83 -17.99 16.94 -34.95
N LEU M 84 -17.27 17.52 -33.99
CA LEU M 84 -17.57 18.86 -33.48
C LEU M 84 -16.55 19.88 -33.94
N ARG M 85 -15.42 19.39 -34.38
CA ARG M 85 -14.35 20.18 -34.91
C ARG M 85 -14.81 21.09 -36.07
N HIS M 86 -14.29 22.31 -36.05
CA HIS M 86 -14.66 23.33 -37.02
C HIS M 86 -13.50 24.23 -37.42
N LEU M 87 -13.51 24.63 -38.68
CA LEU M 87 -12.68 25.71 -39.17
C LEU M 87 -13.30 27.07 -38.78
N ILE M 88 -12.52 27.90 -38.09
CA ILE M 88 -12.94 29.22 -37.61
C ILE M 88 -11.95 30.31 -38.03
N SER M 89 -12.41 31.55 -38.10
CA SER M 89 -11.51 32.66 -38.35
C SER M 89 -11.87 33.93 -37.57
N VAL M 90 -10.89 34.82 -37.44
CA VAL M 90 -11.02 36.17 -36.99
C VAL M 90 -10.07 37.01 -37.81
N LYS M 91 -10.35 38.30 -37.92
CA LYS M 91 -9.40 39.22 -38.50
C LYS M 91 -8.12 39.05 -37.68
N LEU M 92 -7.00 39.00 -38.36
CA LEU M 92 -5.77 38.90 -37.66
C LEU M 92 -5.61 40.14 -36.79
N GLY M 93 -5.25 39.90 -35.52
CA GLY M 93 -5.10 40.95 -34.54
C GLY M 93 -6.23 40.93 -33.54
N LYS M 94 -7.28 40.15 -33.82
CA LYS M 94 -8.38 39.98 -32.89
C LYS M 94 -8.16 38.66 -32.21
N ILE M 95 -8.48 38.63 -30.91
CA ILE M 95 -8.41 37.41 -30.12
C ILE M 95 -9.57 36.51 -30.55
N PRO M 96 -9.27 35.26 -30.94
CA PRO M 96 -10.31 34.32 -31.35
C PRO M 96 -11.11 33.75 -30.14
N THR M 97 -12.18 34.44 -29.82
CA THR M 97 -13.03 34.02 -28.76
C THR M 97 -14.31 33.54 -29.42
N VAL M 98 -15.27 33.11 -28.60
CA VAL M 98 -16.50 32.54 -29.09
C VAL M 98 -17.27 33.59 -29.93
N GLU M 99 -17.26 34.83 -29.48
CA GLU M 99 -18.04 35.87 -30.11
C GLU M 99 -17.34 36.56 -31.27
N ASN M 100 -16.01 36.70 -31.19
CA ASN M 100 -15.20 37.30 -32.27
C ASN M 100 -15.06 36.42 -33.52
N SER M 101 -14.89 35.12 -33.29
CA SER M 101 -14.77 34.10 -34.37
C SER M 101 -15.98 34.00 -35.25
N ILE M 102 -15.76 33.52 -36.46
CA ILE M 102 -16.84 33.09 -37.32
C ILE M 102 -16.59 31.62 -37.59
N PHE M 103 -17.63 30.81 -37.53
CA PHE M 103 -17.49 29.37 -37.88
C PHE M 103 -17.78 29.20 -39.35
N HIS M 104 -16.82 28.68 -40.08
CA HIS M 104 -16.93 28.52 -41.54
C HIS M 104 -17.58 27.21 -41.95
N MET M 105 -17.09 26.11 -41.39
CA MET M 105 -17.59 24.77 -41.72
C MET M 105 -17.02 23.70 -40.79
N ALA M 106 -17.71 22.57 -40.68
CA ALA M 106 -17.15 21.49 -39.88
C ALA M 106 -15.89 21.00 -40.58
N ALA M 107 -14.80 20.87 -39.82
CA ALA M 107 -13.53 20.37 -40.36
C ALA M 107 -12.63 19.88 -39.25
N TRP M 108 -11.86 18.81 -39.52
CA TRP M 108 -10.72 18.46 -38.69
C TRP M 108 -9.42 18.56 -39.45
N SER M 109 -9.48 19.13 -40.64
CA SER M 109 -8.25 19.53 -41.35
C SER M 109 -8.66 20.65 -42.26
N GLY M 110 -7.83 21.69 -42.35
CA GLY M 110 -8.26 22.85 -43.13
C GLY M 110 -7.24 23.60 -43.95
N SER M 111 -7.72 24.59 -44.69
CA SER M 111 -6.89 25.56 -45.44
C SER M 111 -7.78 26.68 -45.91
N ALA M 112 -7.18 27.78 -46.33
CA ALA M 112 -7.98 28.83 -46.98
C ALA M 112 -7.10 29.76 -47.82
N CYS M 113 -7.71 30.52 -48.74
CA CYS M 113 -6.99 31.50 -49.56
C CYS M 113 -7.90 32.49 -50.30
N HIS M 114 -7.38 33.71 -50.46
CA HIS M 114 -8.00 34.74 -51.24
C HIS M 114 -7.47 34.77 -52.67
N ASP M 115 -8.35 34.92 -53.66
CA ASP M 115 -7.88 34.98 -55.04
C ASP M 115 -7.84 36.36 -55.69
N GLY M 116 -7.96 37.40 -54.87
CA GLY M 116 -8.18 38.76 -55.36
C GLY M 116 -9.65 39.14 -55.32
N LYS M 117 -10.55 38.20 -55.60
CA LYS M 117 -11.98 38.50 -55.61
C LYS M 117 -12.75 37.93 -54.40
N GLU M 118 -12.37 36.72 -53.94
CA GLU M 118 -13.11 36.13 -52.85
C GLU M 118 -12.33 35.06 -52.08
N TRP M 119 -12.81 34.74 -50.87
CA TRP M 119 -12.19 33.73 -50.00
C TRP M 119 -12.65 32.34 -50.39
N THR M 120 -11.67 31.45 -50.56
CA THR M 120 -11.96 30.00 -50.66
C THR M 120 -11.60 29.37 -49.31
N TYR M 121 -12.48 28.58 -48.74
CA TYR M 121 -12.23 27.89 -47.47
C TYR M 121 -12.29 26.38 -47.67
N ILE M 122 -11.26 25.70 -47.21
CA ILE M 122 -11.17 24.26 -47.36
C ILE M 122 -11.24 23.59 -46.00
N GLY M 123 -12.06 22.53 -45.95
CA GLY M 123 -12.24 21.75 -44.72
C GLY M 123 -12.58 20.29 -44.94
N VAL M 124 -11.79 19.40 -44.35
CA VAL M 124 -12.00 17.99 -44.47
C VAL M 124 -12.60 17.49 -43.18
N ASP M 125 -13.72 16.78 -43.29
CA ASP M 125 -14.21 15.92 -42.20
C ASP M 125 -14.74 14.62 -42.78
N GLY M 126 -15.41 13.83 -41.96
CA GLY M 126 -15.86 12.53 -42.41
C GLY M 126 -15.24 11.37 -41.62
N PRO M 127 -15.76 10.15 -41.81
CA PRO M 127 -15.16 9.02 -41.13
C PRO M 127 -13.71 8.83 -41.57
N GLU M 128 -12.92 8.15 -40.74
CA GLU M 128 -11.48 8.02 -41.00
C GLU M 128 -11.21 7.33 -42.32
N ASN M 129 -12.03 6.34 -42.65
CA ASN M 129 -11.80 5.45 -43.79
C ASN M 129 -12.43 5.92 -45.10
N ASN M 130 -13.04 7.10 -45.08
CA ASN M 130 -13.76 7.70 -46.21
C ASN M 130 -14.09 9.17 -45.92
N ALA M 131 -13.12 9.87 -45.35
CA ALA M 131 -13.24 11.30 -45.15
C ALA M 131 -13.56 12.03 -46.45
N LEU M 132 -13.86 13.33 -46.30
CA LEU M 132 -14.40 14.19 -47.38
C LEU M 132 -13.92 15.64 -47.31
N LEU M 133 -13.20 16.06 -48.33
CA LEU M 133 -12.76 17.43 -48.41
C LEU M 133 -13.93 18.25 -48.96
N LYS M 134 -14.17 19.40 -48.33
CA LYS M 134 -15.26 20.26 -48.69
C LYS M 134 -14.68 21.64 -48.96
N ILE M 135 -15.33 22.34 -49.91
CA ILE M 135 -14.91 23.67 -50.40
C ILE M 135 -16.09 24.62 -50.33
N LYS M 136 -15.81 25.80 -49.79
CA LYS M 136 -16.79 26.88 -49.57
C LYS M 136 -16.14 28.13 -50.20
N TYR M 137 -16.88 28.76 -51.11
CA TYR M 137 -16.41 29.97 -51.73
C TYR M 137 -17.24 31.11 -51.15
N GLY M 138 -16.58 31.96 -50.35
CA GLY M 138 -17.32 32.99 -49.61
C GLY M 138 -18.37 32.33 -48.72
N GLU M 139 -19.63 32.51 -49.08
CA GLU M 139 -20.74 31.96 -48.33
C GLU M 139 -21.27 30.61 -48.83
N ALA M 140 -21.00 30.30 -50.10
CA ALA M 140 -21.53 29.08 -50.73
C ALA M 140 -20.64 27.85 -50.56
N TYR M 141 -21.27 26.71 -50.27
CA TYR M 141 -20.63 25.42 -50.39
C TYR M 141 -20.68 24.98 -51.85
N THR M 142 -19.50 24.75 -52.46
CA THR M 142 -19.40 24.69 -53.94
C THR M 142 -18.99 23.34 -54.54
N ASP M 143 -18.21 22.55 -53.79
CA ASP M 143 -17.59 21.33 -54.32
C ASP M 143 -17.07 20.41 -53.20
N THR M 144 -16.75 19.17 -53.57
CA THR M 144 -16.06 18.24 -52.69
C THR M 144 -15.13 17.32 -53.46
N TYR M 145 -14.20 16.71 -52.73
CA TYR M 145 -13.29 15.73 -53.27
C TYR M 145 -13.26 14.58 -52.28
N HIS M 146 -13.27 13.36 -52.82
CA HIS M 146 -13.39 12.15 -52.02
C HIS M 146 -12.06 11.53 -51.65
N SER M 147 -12.07 10.82 -50.54
CA SER M 147 -10.96 10.01 -50.08
C SER M 147 -10.60 9.03 -51.17
N TYR M 148 -9.30 8.89 -51.43
CA TYR M 148 -8.78 8.02 -52.51
C TYR M 148 -7.78 6.96 -52.03
N ALA M 149 -7.23 7.10 -50.82
CA ALA M 149 -6.52 5.98 -50.21
C ALA M 149 -7.22 5.45 -48.98
N ASN M 150 -8.50 5.83 -48.77
CA ASN M 150 -9.28 5.35 -47.60
C ASN M 150 -8.49 5.21 -46.28
N ASN M 151 -7.59 6.16 -46.01
CA ASN M 151 -7.01 6.32 -44.69
C ASN M 151 -6.73 7.80 -44.36
N ILE M 152 -7.76 8.48 -43.88
CA ILE M 152 -7.67 9.87 -43.37
C ILE M 152 -7.23 10.88 -44.42
N LEU M 153 -8.15 11.25 -45.30
CA LEU M 153 -7.91 12.29 -46.25
C LEU M 153 -7.61 13.61 -45.52
N ARG M 154 -6.44 14.18 -45.82
CA ARG M 154 -5.90 15.34 -45.12
C ARG M 154 -5.57 16.51 -46.05
N THR M 155 -5.57 17.71 -45.51
CA THR M 155 -5.01 18.82 -46.27
C THR M 155 -3.91 19.63 -45.58
N GLN M 156 -3.54 20.77 -46.15
CA GLN M 156 -2.31 21.49 -45.77
C GLN M 156 -2.17 21.90 -44.32
N GLU M 157 -3.27 22.24 -43.66
CA GLU M 157 -3.20 22.92 -42.35
C GLU M 157 -2.61 24.35 -42.49
N SER M 158 -2.54 24.86 -43.72
CA SER M 158 -2.15 26.26 -43.98
C SER M 158 -2.71 26.83 -45.29
N ALA M 159 -2.40 28.10 -45.55
CA ALA M 159 -2.90 28.82 -46.74
C ALA M 159 -2.72 28.12 -48.05
N CYS M 160 -3.75 28.06 -48.87
CA CYS M 160 -3.57 27.66 -50.26
C CYS M 160 -2.99 28.84 -51.05
N ASN M 161 -2.84 28.70 -52.36
CA ASN M 161 -2.15 29.74 -53.14
C ASN M 161 -2.82 29.95 -54.44
N CYS M 162 -3.30 31.15 -54.66
CA CYS M 162 -4.05 31.46 -55.85
C CYS M 162 -3.27 32.32 -56.83
N ILE M 163 -3.37 31.96 -58.10
CA ILE M 163 -2.73 32.77 -59.14
C ILE M 163 -3.72 32.87 -60.29
N GLY M 164 -4.03 34.10 -60.71
CA GLY M 164 -4.97 34.32 -61.81
C GLY M 164 -6.24 33.57 -61.56
N GLY M 165 -6.62 33.47 -60.30
CA GLY M 165 -7.92 32.91 -59.96
C GLY M 165 -7.93 31.41 -59.89
N ASN M 166 -6.76 30.79 -60.03
CA ASN M 166 -6.61 29.35 -59.81
C ASN M 166 -5.89 29.13 -58.50
N CYS M 167 -6.65 28.68 -57.49
CA CYS M 167 -6.05 28.25 -56.20
C CYS M 167 -5.59 26.78 -56.27
N TYR M 168 -4.37 26.57 -55.80
CA TYR M 168 -3.70 25.25 -55.78
C TYR M 168 -3.59 24.71 -54.32
N LEU M 169 -3.99 23.47 -54.13
CA LEU M 169 -4.05 22.92 -52.76
C LEU M 169 -3.46 21.50 -52.67
N MET M 170 -2.53 21.28 -51.73
CA MET M 170 -2.09 19.93 -51.46
C MET M 170 -3.18 19.22 -50.65
N ILE M 171 -3.49 17.99 -51.04
CA ILE M 171 -4.24 17.03 -50.23
C ILE M 171 -3.42 15.74 -50.15
N THR M 172 -3.53 15.02 -49.03
CA THR M 172 -2.87 13.71 -48.90
C THR M 172 -3.76 12.67 -48.26
N ASP M 173 -3.53 11.42 -48.57
CA ASP M 173 -4.37 10.33 -48.10
C ASP M 173 -3.44 9.14 -47.94
N GLY M 174 -3.53 8.44 -46.82
CA GLY M 174 -2.67 7.30 -46.58
C GLY M 174 -2.28 7.12 -45.13
N SER M 175 -1.50 6.09 -44.87
CA SER M 175 -1.21 5.75 -43.50
C SER M 175 -0.24 6.73 -42.92
N ALA M 176 -0.33 6.95 -41.61
CA ALA M 176 0.64 7.79 -40.90
C ALA M 176 2.01 7.14 -40.81
N SER M 177 2.09 5.83 -41.00
CA SER M 177 3.34 5.10 -40.72
C SER M 177 3.78 4.29 -41.95
N GLY M 178 3.23 4.67 -43.11
CA GLY M 178 3.38 4.00 -44.37
C GLY M 178 3.14 5.01 -45.48
N ILE M 179 2.73 4.51 -46.65
CA ILE M 179 2.51 5.33 -47.85
C ILE M 179 1.39 6.36 -47.65
N SER M 180 1.73 7.62 -47.88
CA SER M 180 0.73 8.67 -47.98
C SER M 180 0.99 9.53 -49.21
N GLU M 181 0.75 8.95 -50.38
CA GLU M 181 0.95 9.64 -51.66
C GLU M 181 0.00 10.84 -51.77
N CYS M 182 0.55 12.06 -51.80
CA CYS M 182 -0.24 13.30 -51.97
C CYS M 182 -0.65 13.65 -53.42
N ARG M 183 -1.56 14.62 -53.51
CA ARG M 183 -2.16 15.13 -54.72
C ARG M 183 -2.34 16.61 -54.59
N PHE M 184 -2.41 17.29 -55.73
CA PHE M 184 -2.76 18.71 -55.72
C PHE M 184 -4.07 18.92 -56.44
N LEU M 185 -4.92 19.78 -55.88
CA LEU M 185 -6.15 20.19 -56.51
C LEU M 185 -5.91 21.57 -57.06
N LYS M 186 -6.47 21.82 -58.24
CA LYS M 186 -6.54 23.16 -58.82
C LYS M 186 -8.00 23.60 -58.73
N ILE M 187 -8.23 24.71 -58.01
CA ILE M 187 -9.60 25.13 -57.68
C ILE M 187 -9.94 26.51 -58.27
N ARG M 188 -11.05 26.64 -58.98
CA ARG M 188 -11.44 27.95 -59.51
C ARG M 188 -12.83 28.34 -59.10
N GLU M 189 -12.94 29.50 -58.45
CA GLU M 189 -14.25 29.94 -57.92
C GLU M 189 -14.93 28.85 -57.08
N GLY M 190 -14.07 28.13 -56.32
CA GLY M 190 -14.50 27.12 -55.36
C GLY M 190 -14.83 25.77 -55.97
N ARG M 191 -14.47 25.60 -57.25
CA ARG M 191 -14.73 24.33 -57.94
C ARG M 191 -13.44 23.72 -58.49
N ILE M 192 -13.34 22.42 -58.31
CA ILE M 192 -12.15 21.70 -58.71
C ILE M 192 -12.16 21.58 -60.25
N ILE M 193 -11.07 22.03 -60.88
CA ILE M 193 -10.96 21.97 -62.35
C ILE M 193 -9.82 21.07 -62.84
N LYS M 194 -8.96 20.64 -61.92
CA LYS M 194 -7.93 19.69 -62.27
C LYS M 194 -7.33 18.92 -61.06
N GLU M 195 -7.07 17.63 -61.25
CA GLU M 195 -6.27 16.84 -60.31
C GLU M 195 -4.86 16.74 -60.88
N ILE M 196 -3.89 17.14 -60.08
CA ILE M 196 -2.50 17.06 -60.46
C ILE M 196 -1.89 15.93 -59.63
N PHE M 197 -1.30 14.95 -60.31
CA PHE M 197 -0.60 13.82 -59.69
C PHE M 197 0.91 14.01 -59.75
N PRO M 198 1.54 14.26 -58.59
CA PRO M 198 2.99 14.55 -58.64
C PRO M 198 3.82 13.31 -58.99
N THR M 199 5.08 13.52 -59.33
CA THR M 199 6.00 12.47 -59.78
C THR M 199 7.28 12.61 -58.95
N GLY M 200 8.16 11.61 -59.02
CA GLY M 200 9.37 11.60 -58.21
C GLY M 200 9.15 10.94 -56.83
N ARG M 201 9.75 11.53 -55.80
CA ARG M 201 9.67 10.94 -54.47
C ARG M 201 8.32 11.24 -53.85
N VAL M 202 7.37 10.31 -54.01
CA VAL M 202 5.95 10.47 -53.64
C VAL M 202 5.56 9.47 -52.55
N LYS M 203 6.58 8.84 -51.99
CA LYS M 203 6.41 7.78 -50.99
C LYS M 203 5.47 8.26 -49.87
N HIS M 204 5.78 9.43 -49.31
CA HIS M 204 5.01 9.97 -48.23
C HIS M 204 5.24 11.49 -48.11
N THR M 205 4.15 12.25 -48.22
CA THR M 205 4.17 13.70 -48.22
C THR M 205 2.84 14.13 -47.60
N GLU M 206 2.94 15.01 -46.59
CA GLU M 206 1.75 15.57 -45.93
C GLU M 206 2.02 16.97 -45.34
N GLU M 207 0.97 17.78 -45.19
CA GLU M 207 1.09 19.12 -44.59
C GLU M 207 2.09 20.06 -45.27
N CYS M 208 1.96 20.12 -46.58
CA CYS M 208 2.84 20.98 -47.35
C CYS M 208 2.63 22.42 -47.01
N THR M 209 3.70 23.12 -46.72
CA THR M 209 3.61 24.54 -46.53
C THR M 209 4.08 25.11 -47.85
N CYS M 210 3.14 25.56 -48.66
CA CYS M 210 3.41 25.96 -50.02
C CYS M 210 3.44 27.44 -50.15
N GLY M 211 4.22 27.94 -51.09
CA GLY M 211 4.30 29.37 -51.44
C GLY M 211 4.71 29.57 -52.90
N PHE M 212 4.55 30.78 -53.44
CA PHE M 212 4.97 31.08 -54.78
C PHE M 212 6.43 31.41 -54.76
N ALA M 213 7.22 30.58 -55.42
CA ALA M 213 8.59 30.93 -55.66
C ALA M 213 8.65 31.94 -56.82
N SER M 214 7.63 31.94 -57.67
CA SER M 214 7.53 32.93 -58.74
C SER M 214 6.17 32.78 -59.41
N ASN M 215 5.94 33.49 -60.52
CA ASN M 215 4.66 33.37 -61.27
C ASN M 215 4.50 31.98 -61.86
N LYS M 216 5.60 31.27 -62.10
CA LYS M 216 5.52 29.94 -62.75
C LYS M 216 5.49 28.75 -61.76
N THR M 217 6.00 28.95 -60.54
CA THR M 217 6.28 27.83 -59.61
C THR M 217 5.75 28.03 -58.18
N ILE M 218 4.93 27.10 -57.72
CA ILE M 218 4.67 26.92 -56.29
C ILE M 218 5.68 25.90 -55.76
N GLU M 219 6.28 26.19 -54.61
CA GLU M 219 7.16 25.23 -53.91
C GLU M 219 6.66 24.93 -52.49
N CYS M 220 6.78 23.66 -52.07
CA CYS M 220 6.24 23.27 -50.77
C CYS M 220 7.22 22.50 -49.97
N ALA M 221 7.28 22.79 -48.68
CA ALA M 221 8.09 22.00 -47.74
C ALA M 221 7.14 21.19 -46.86
N CYS M 222 7.19 19.88 -46.99
CA CYS M 222 6.23 18.99 -46.36
C CYS M 222 6.78 18.05 -45.24
N ARG M 223 5.89 17.19 -44.77
CA ARG M 223 6.17 16.30 -43.68
C ARG M 223 6.16 14.88 -44.20
N ASP M 224 7.24 14.17 -43.93
CA ASP M 224 7.19 12.73 -43.99
C ASP M 224 7.07 12.22 -42.54
N ASN M 225 6.03 11.48 -42.28
CA ASN M 225 5.77 10.91 -40.96
C ASN M 225 6.32 9.46 -40.75
N SER M 226 6.92 8.88 -41.79
CA SER M 226 7.33 7.48 -41.76
C SER M 226 8.85 7.28 -41.91
N TYR M 227 9.40 7.93 -42.94
CA TYR M 227 10.62 7.41 -43.52
C TYR M 227 11.86 8.25 -43.33
N THR M 228 11.71 9.57 -43.27
CA THR M 228 12.89 10.45 -43.22
C THR M 228 12.63 11.65 -42.37
N ALA M 229 13.70 12.27 -41.86
CA ALA M 229 13.63 13.59 -41.24
C ALA M 229 14.02 14.73 -42.20
N LYS M 230 14.25 14.43 -43.46
CA LYS M 230 14.33 15.46 -44.50
C LYS M 230 12.90 15.81 -44.85
N ARG M 231 12.67 17.08 -45.13
CA ARG M 231 11.37 17.46 -45.62
C ARG M 231 11.29 17.14 -47.10
N PRO M 232 10.23 16.45 -47.51
CA PRO M 232 9.95 16.36 -48.94
C PRO M 232 9.79 17.76 -49.49
N PHE M 233 10.35 18.05 -50.64
CA PHE M 233 10.26 19.40 -51.19
C PHE M 233 9.56 19.35 -52.55
N VAL M 234 8.35 19.90 -52.60
CA VAL M 234 7.54 19.89 -53.84
C VAL M 234 7.78 21.13 -54.68
N LYS M 235 7.95 20.92 -55.98
CA LYS M 235 7.98 22.02 -56.99
C LYS M 235 6.89 21.82 -58.01
N LEU M 236 5.92 22.73 -58.02
CA LEU M 236 4.75 22.72 -58.89
C LEU M 236 4.85 23.81 -59.96
N ASN M 237 4.75 23.41 -61.23
CA ASN M 237 4.65 24.35 -62.33
C ASN M 237 3.18 24.68 -62.54
N VAL M 238 2.84 25.94 -62.31
CA VAL M 238 1.43 26.32 -62.46
C VAL M 238 1.04 26.65 -63.90
N GLU M 239 2.00 26.62 -64.82
CA GLU M 239 1.71 26.87 -66.24
C GLU M 239 1.37 25.58 -67.01
N THR M 240 2.05 24.48 -66.64
CA THR M 240 1.71 23.18 -67.21
C THR M 240 0.93 22.28 -66.24
N ASP M 241 0.78 22.70 -64.98
CA ASP M 241 0.08 21.94 -63.95
C ASP M 241 0.72 20.57 -63.73
N THR M 242 2.02 20.60 -63.49
CA THR M 242 2.84 19.42 -63.28
C THR M 242 3.59 19.60 -61.97
N ALA M 243 3.67 18.51 -61.21
CA ALA M 243 4.32 18.59 -59.89
C ALA M 243 5.38 17.52 -59.75
N GLU M 244 6.50 17.89 -59.15
CA GLU M 244 7.59 16.95 -58.87
C GLU M 244 7.96 17.06 -57.38
N ILE M 245 8.45 15.96 -56.80
CA ILE M 245 8.76 15.92 -55.35
C ILE M 245 10.05 15.14 -55.07
N ARG M 246 10.99 15.76 -54.36
CA ARG M 246 12.21 15.13 -53.88
C ARG M 246 12.55 15.62 -52.49
N LEU M 247 13.29 14.82 -51.73
CA LEU M 247 13.74 15.22 -50.41
C LEU M 247 14.60 16.46 -50.48
N MET M 248 14.63 17.22 -49.40
CA MET M 248 15.53 18.37 -49.27
C MET M 248 16.91 17.82 -48.90
N CYS M 249 17.89 18.16 -49.72
CA CYS M 249 19.27 17.62 -49.63
C CYS M 249 20.13 18.24 -48.52
N THR M 250 19.70 19.38 -47.98
CA THR M 250 20.47 20.12 -46.95
C THR M 250 20.76 19.31 -45.70
N GLU M 251 21.89 19.63 -45.06
CA GLU M 251 22.29 18.89 -43.87
C GLU M 251 21.53 19.39 -42.65
N THR M 252 20.83 20.50 -42.85
CA THR M 252 20.01 21.15 -41.82
C THR M 252 18.62 20.55 -41.90
N TYR M 253 18.48 19.32 -41.39
CA TYR M 253 17.17 18.63 -41.39
C TYR M 253 16.12 19.42 -40.61
N LEU M 254 14.96 19.63 -41.23
CA LEU M 254 13.96 20.58 -40.74
C LEU M 254 12.82 19.93 -39.99
N ASP M 255 12.69 18.62 -40.12
CA ASP M 255 11.64 17.86 -39.44
C ASP M 255 11.95 17.59 -37.96
N THR M 256 10.94 17.10 -37.22
CA THR M 256 11.10 16.74 -35.81
C THR M 256 10.28 15.50 -35.51
N PRO M 257 10.92 14.40 -35.00
CA PRO M 257 12.32 14.29 -34.63
C PRO M 257 13.22 14.28 -35.85
N ARG M 258 14.52 14.42 -35.58
CA ARG M 258 15.57 14.34 -36.57
C ARG M 258 16.88 13.87 -35.87
N PRO M 259 17.86 13.36 -36.66
CA PRO M 259 19.18 13.08 -36.12
C PRO M 259 20.05 14.34 -36.15
N ASP M 260 21.37 14.19 -35.94
CA ASP M 260 22.25 15.35 -36.09
C ASP M 260 22.32 15.81 -37.55
N ASP M 261 22.58 17.09 -37.73
CA ASP M 261 22.67 17.68 -39.03
C ASP M 261 23.84 17.03 -39.74
N GLY M 262 23.71 16.76 -41.04
CA GLY M 262 24.76 16.12 -41.85
C GLY M 262 25.12 14.66 -41.57
N SER M 263 24.38 14.02 -40.66
CA SER M 263 24.68 12.65 -40.23
C SER M 263 23.90 11.61 -41.03
N ILE M 264 23.03 12.03 -41.91
CA ILE M 264 22.39 11.10 -42.80
C ILE M 264 23.35 10.94 -43.98
N THR M 265 23.93 9.76 -44.06
CA THR M 265 24.99 9.44 -45.02
C THR M 265 24.40 9.05 -46.38
N GLY M 266 25.19 9.19 -47.43
CA GLY M 266 24.70 8.91 -48.80
C GLY M 266 24.36 10.16 -49.60
N PRO M 267 23.81 10.00 -50.81
CA PRO M 267 23.42 11.18 -51.64
C PRO M 267 22.11 11.86 -51.13
N CYS M 268 21.58 12.78 -51.93
CA CYS M 268 20.45 13.61 -51.50
C CYS M 268 19.18 12.85 -51.25
N GLU M 269 19.05 11.67 -51.86
CA GLU M 269 17.84 10.86 -51.68
C GLU M 269 17.82 9.97 -50.39
N SER M 270 18.93 9.84 -49.68
CA SER M 270 18.95 8.93 -48.52
C SER M 270 17.95 9.34 -47.44
N ASN M 271 17.21 8.34 -46.93
CA ASN M 271 16.22 8.57 -45.90
C ASN M 271 16.72 9.27 -44.62
N GLY M 272 17.53 8.69 -43.73
CA GLY M 272 17.66 7.28 -43.48
C GLY M 272 17.08 7.09 -42.08
N ASP M 273 17.74 7.68 -41.07
CA ASP M 273 17.35 7.46 -39.63
C ASP M 273 16.48 8.50 -38.91
N LYS M 274 15.73 8.03 -37.89
CA LYS M 274 14.85 8.86 -37.04
C LYS M 274 13.68 9.50 -37.80
N GLY M 275 13.37 8.91 -38.96
CA GLY M 275 12.39 9.44 -39.90
C GLY M 275 10.92 9.30 -39.55
N SER M 276 10.58 8.36 -38.66
CA SER M 276 9.18 8.23 -38.22
C SER M 276 8.84 9.36 -37.23
N GLY M 277 7.55 9.71 -37.15
CA GLY M 277 7.13 10.97 -36.52
C GLY M 277 7.43 12.14 -37.46
N GLY M 278 6.91 13.33 -37.11
CA GLY M 278 7.13 14.51 -37.95
C GLY M 278 6.61 15.76 -37.30
N ILE M 279 6.56 16.83 -38.10
CA ILE M 279 5.96 18.12 -37.70
C ILE M 279 5.76 18.98 -38.94
N LYS M 280 4.67 19.76 -38.94
CA LYS M 280 4.45 20.71 -40.01
C LYS M 280 5.46 21.85 -39.84
N GLY M 281 5.98 22.36 -40.95
CA GLY M 281 7.12 23.27 -40.88
C GLY M 281 6.98 24.53 -41.68
N GLY M 282 7.45 25.62 -41.10
CA GLY M 282 7.38 26.93 -41.72
C GLY M 282 8.17 27.02 -42.99
N PHE M 283 7.70 27.84 -43.90
CA PHE M 283 8.39 28.00 -45.15
C PHE M 283 7.73 29.13 -45.89
N VAL M 284 8.57 30.09 -46.31
CA VAL M 284 8.06 31.22 -47.03
C VAL M 284 9.11 31.77 -48.01
N HIS M 285 8.66 32.41 -49.09
CA HIS M 285 9.56 32.88 -50.14
C HIS M 285 9.80 34.36 -50.01
N GLN M 286 11.04 34.79 -50.22
CA GLN M 286 11.38 36.18 -50.44
C GLN M 286 11.80 36.34 -51.91
N ARG M 287 10.90 36.86 -52.76
CA ARG M 287 11.18 37.02 -54.20
C ARG M 287 11.82 38.38 -54.48
N MET M 288 13.05 38.36 -54.96
CA MET M 288 13.74 39.58 -55.38
C MET M 288 13.95 39.55 -56.90
N ALA M 289 14.29 40.71 -57.47
CA ALA M 289 14.34 40.85 -58.95
C ALA M 289 15.06 39.66 -59.60
N SER M 290 16.31 39.44 -59.20
CA SER M 290 17.11 38.34 -59.71
C SER M 290 17.66 37.45 -58.58
N LYS M 291 16.89 37.22 -57.52
CA LYS M 291 17.33 36.35 -56.43
C LYS M 291 16.13 35.83 -55.64
N ILE M 292 16.21 34.58 -55.21
CA ILE M 292 15.18 34.04 -54.32
C ILE M 292 15.72 33.56 -52.98
N GLY M 293 15.14 34.09 -51.91
CA GLY M 293 15.44 33.63 -50.56
C GLY M 293 14.46 32.55 -50.18
N ARG M 294 14.91 31.55 -49.45
CA ARG M 294 13.99 30.57 -48.92
C ARG M 294 14.12 30.51 -47.40
N TRP M 295 13.07 30.95 -46.71
CA TRP M 295 13.11 31.00 -45.25
C TRP M 295 12.37 29.82 -44.72
N TYR M 296 12.89 29.22 -43.66
CA TYR M 296 12.33 27.99 -43.07
C TYR M 296 12.43 28.09 -41.59
N SER M 297 11.69 27.26 -40.88
CA SER M 297 11.80 27.20 -39.42
C SER M 297 11.80 25.77 -38.98
N ARG M 298 12.43 25.51 -37.84
CA ARG M 298 12.46 24.15 -37.27
C ARG M 298 12.68 24.24 -35.79
N THR M 299 12.08 23.30 -35.05
CA THR M 299 12.20 23.24 -33.59
C THR M 299 13.63 23.39 -33.12
N MET M 300 13.80 24.04 -31.97
CA MET M 300 15.12 24.17 -31.35
C MET M 300 15.66 22.82 -30.89
N SER M 301 14.77 21.99 -30.35
CA SER M 301 15.11 20.62 -29.94
C SER M 301 14.96 19.63 -31.08
N LYS M 302 15.86 18.66 -31.08
CA LYS M 302 15.87 17.60 -32.07
C LYS M 302 14.73 16.56 -31.97
N THR M 303 14.13 16.39 -30.80
CA THR M 303 13.12 15.31 -30.61
C THR M 303 11.79 15.80 -30.10
N LYS M 304 11.80 17.02 -29.61
CA LYS M 304 10.60 17.56 -28.99
C LYS M 304 10.07 18.83 -29.65
N ARG M 305 8.81 19.12 -29.40
CA ARG M 305 8.20 20.26 -29.99
C ARG M 305 8.42 21.49 -29.11
N MET M 306 9.70 21.81 -28.93
CA MET M 306 10.16 22.93 -28.09
C MET M 306 11.07 23.86 -28.91
N GLY M 307 10.83 25.17 -28.76
CA GLY M 307 11.57 26.20 -29.47
C GLY M 307 11.28 26.28 -30.98
N MET M 308 11.68 27.37 -31.60
CA MET M 308 11.65 27.46 -33.05
C MET M 308 12.76 28.37 -33.52
N GLY M 309 13.58 27.89 -34.45
CA GLY M 309 14.62 28.72 -35.07
C GLY M 309 14.31 29.07 -36.51
N LEU M 310 14.79 30.23 -36.96
CA LEU M 310 14.57 30.66 -38.34
C LEU M 310 15.85 30.43 -39.14
N TYR M 311 15.72 29.78 -40.28
CA TYR M 311 16.87 29.50 -41.17
C TYR M 311 16.60 30.12 -42.54
N VAL M 312 17.63 30.27 -43.35
CA VAL M 312 17.49 30.86 -44.68
C VAL M 312 18.59 30.42 -45.66
N LYS M 313 18.22 30.35 -46.94
CA LYS M 313 19.15 30.13 -48.06
C LYS M 313 18.72 30.90 -49.30
N TYR M 314 19.67 31.48 -50.00
CA TYR M 314 19.41 32.27 -51.16
C TYR M 314 19.80 31.46 -52.41
N ASP M 315 18.90 31.34 -53.38
CA ASP M 315 19.15 30.60 -54.63
C ASP M 315 19.58 29.15 -54.42
N GLY M 316 20.05 28.55 -55.51
CA GLY M 316 20.40 27.15 -55.54
C GLY M 316 19.19 26.30 -55.79
N ASP M 317 19.39 24.98 -55.82
CA ASP M 317 18.30 24.00 -55.92
C ASP M 317 18.23 23.25 -54.59
N PRO M 318 17.13 23.40 -53.83
CA PRO M 318 17.04 22.67 -52.56
C PRO M 318 17.09 21.15 -52.77
N TRP M 319 16.82 20.71 -53.99
CA TRP M 319 16.81 19.27 -54.25
C TRP M 319 18.18 18.65 -54.25
N THR M 320 19.24 19.48 -54.37
CA THR M 320 20.61 19.02 -54.57
C THR M 320 21.64 19.62 -53.60
N ASP M 321 21.39 20.80 -53.05
CA ASP M 321 22.33 21.48 -52.16
C ASP M 321 22.38 20.82 -50.79
N SER M 322 23.53 20.29 -50.43
CA SER M 322 23.70 19.73 -49.08
C SER M 322 24.19 20.80 -48.11
N ASP M 323 24.46 21.97 -48.65
CA ASP M 323 25.01 23.04 -47.85
C ASP M 323 24.08 23.26 -46.66
N ALA M 324 24.70 23.52 -45.48
CA ALA M 324 23.92 23.88 -44.30
C ALA M 324 23.11 25.12 -44.62
N LEU M 325 21.89 25.18 -44.08
CA LEU M 325 21.07 26.38 -44.09
C LEU M 325 21.61 27.35 -43.06
N ALA M 326 21.57 28.65 -43.35
CA ALA M 326 22.08 29.68 -42.44
C ALA M 326 21.09 29.88 -41.26
N LEU M 327 21.57 29.74 -40.03
CA LEU M 327 20.71 29.95 -38.86
C LEU M 327 20.60 31.42 -38.70
N SER M 328 19.35 31.94 -38.69
CA SER M 328 19.04 33.37 -38.76
C SER M 328 18.63 33.97 -37.42
N GLY M 329 17.95 33.17 -36.59
CA GLY M 329 17.62 33.57 -35.23
C GLY M 329 16.72 32.60 -34.48
N VAL M 330 16.68 32.76 -33.15
CA VAL M 330 15.83 31.95 -32.26
C VAL M 330 14.55 32.72 -32.04
N MET M 331 13.45 32.19 -32.58
CA MET M 331 12.13 32.81 -32.53
C MET M 331 11.38 32.42 -31.25
N VAL M 332 11.56 31.16 -30.85
CA VAL M 332 10.99 30.65 -29.60
C VAL M 332 12.14 29.88 -28.96
N SER M 333 12.46 30.25 -27.72
CA SER M 333 13.53 29.58 -27.01
C SER M 333 13.12 28.15 -26.66
N MET M 334 14.14 27.31 -26.48
CA MET M 334 14.02 25.90 -26.05
C MET M 334 13.08 25.69 -24.84
N GLU M 335 12.88 26.73 -24.05
CA GLU M 335 11.99 26.59 -22.89
C GLU M 335 10.52 26.78 -23.22
N GLU M 336 10.20 27.26 -24.42
CA GLU M 336 8.81 27.45 -24.81
C GLU M 336 8.36 26.42 -25.82
N PRO M 337 7.05 26.20 -25.96
CA PRO M 337 6.58 25.23 -26.95
C PRO M 337 6.67 25.78 -28.38
N GLY M 338 7.06 24.90 -29.31
CA GLY M 338 7.09 25.21 -30.71
C GLY M 338 6.56 24.00 -31.43
N TRP M 339 5.27 24.03 -31.69
CA TRP M 339 4.66 22.97 -32.46
C TRP M 339 4.71 23.33 -33.96
N TYR M 340 3.56 23.21 -34.64
CA TYR M 340 3.43 23.51 -36.08
C TYR M 340 4.02 24.90 -36.43
N SER M 341 4.57 25.05 -37.62
CA SER M 341 4.79 26.40 -38.17
C SER M 341 4.41 26.52 -39.65
N PHE M 342 4.16 27.71 -40.15
CA PHE M 342 3.58 27.85 -41.48
C PHE M 342 4.04 29.19 -42.02
N GLY M 343 4.04 29.34 -43.34
CA GLY M 343 4.32 30.64 -43.96
C GLY M 343 3.09 31.34 -44.53
N PHE M 344 3.22 32.66 -44.67
CA PHE M 344 2.22 33.48 -45.35
C PHE M 344 2.81 34.83 -45.74
N GLU M 345 2.03 35.58 -46.51
CA GLU M 345 2.46 36.83 -47.07
C GLU M 345 1.34 37.87 -46.87
N ILE M 346 1.71 38.98 -46.21
CA ILE M 346 0.88 40.15 -46.11
C ILE M 346 1.12 41.02 -47.33
N LYS M 347 0.10 41.71 -47.83
CA LYS M 347 0.30 42.49 -49.05
C LYS M 347 0.31 43.95 -48.74
N ASP M 348 1.48 44.54 -48.92
CA ASP M 348 1.65 45.96 -48.83
C ASP M 348 1.14 46.56 -50.13
N LYS M 349 1.20 47.89 -50.24
CA LYS M 349 0.62 48.59 -51.39
C LYS M 349 1.11 48.05 -52.74
N LYS M 350 2.43 47.83 -52.87
CA LYS M 350 3.00 47.39 -54.14
C LYS M 350 3.99 46.23 -54.02
N CYS M 351 4.09 45.62 -52.84
CA CYS M 351 4.96 44.44 -52.65
C CYS M 351 4.46 43.51 -51.55
N ASP M 352 4.90 42.26 -51.56
CA ASP M 352 4.42 41.25 -50.62
C ASP M 352 5.38 41.03 -49.43
N VAL M 353 4.83 40.98 -48.20
CA VAL M 353 5.66 40.77 -47.01
C VAL M 353 5.62 39.31 -46.54
N PRO M 354 6.75 38.62 -46.66
CA PRO M 354 6.81 37.21 -46.25
C PRO M 354 6.91 37.06 -44.73
N CYS M 355 6.06 36.19 -44.17
CA CYS M 355 5.99 35.99 -42.73
C CYS M 355 5.92 34.52 -42.36
N ILE M 356 6.29 34.17 -41.14
CA ILE M 356 6.25 32.79 -40.65
C ILE M 356 5.50 32.85 -39.33
N GLY M 357 4.41 32.09 -39.25
CA GLY M 357 3.68 31.95 -37.98
C GLY M 357 4.09 30.67 -37.24
N ILE M 358 3.98 30.69 -35.91
CA ILE M 358 4.35 29.51 -35.11
C ILE M 358 3.24 29.18 -34.12
N GLU M 359 2.65 27.97 -34.30
CA GLU M 359 1.74 27.40 -33.33
C GLU M 359 2.50 27.03 -32.07
N MET M 360 2.23 27.72 -30.99
CA MET M 360 2.90 27.46 -29.70
C MET M 360 1.89 26.85 -28.75
N VAL M 361 1.73 25.53 -28.82
CA VAL M 361 0.64 24.82 -28.15
C VAL M 361 0.89 24.76 -26.66
N HIS M 362 -0.20 24.88 -25.89
CA HIS M 362 -0.23 24.73 -24.43
C HIS M 362 -0.61 23.28 -24.15
N ASP M 363 0.41 22.45 -23.89
CA ASP M 363 0.18 21.01 -23.64
C ASP M 363 0.35 20.61 -22.16
N GLY M 364 -0.71 20.12 -21.54
CA GLY M 364 -0.63 19.58 -20.17
C GLY M 364 -1.26 18.19 -20.08
N GLY M 365 -1.13 17.41 -21.17
CA GLY M 365 -1.61 16.03 -21.22
C GLY M 365 -3.09 16.01 -21.50
N LYS M 366 -3.69 14.84 -21.67
CA LYS M 366 -5.11 14.72 -21.96
C LYS M 366 -6.11 15.02 -20.76
N GLU M 367 -5.58 15.15 -19.53
CA GLU M 367 -6.44 15.42 -18.36
C GLU M 367 -6.78 16.93 -18.15
N THR M 368 -6.45 17.76 -19.14
CA THR M 368 -6.79 19.21 -19.11
C THR M 368 -6.95 19.75 -20.54
N TRP M 369 -7.10 21.08 -20.67
CA TRP M 369 -7.34 21.64 -21.99
C TRP M 369 -6.13 21.58 -22.90
N HIS M 370 -6.40 21.72 -24.20
CA HIS M 370 -5.28 21.64 -25.16
C HIS M 370 -5.54 22.60 -26.30
N SER M 371 -4.86 23.75 -26.24
CA SER M 371 -4.92 24.76 -27.29
C SER M 371 -3.56 25.38 -27.57
N ALA M 372 -3.54 26.40 -28.42
CA ALA M 372 -2.30 26.99 -28.92
C ALA M 372 -2.38 28.52 -28.96
N ALA M 373 -1.24 29.16 -28.77
CA ALA M 373 -1.07 30.56 -29.14
C ALA M 373 -0.49 30.59 -30.57
N THR M 374 -0.25 31.80 -31.09
CA THR M 374 0.30 31.98 -32.44
C THR M 374 1.24 33.15 -32.42
N ALA M 375 2.52 32.85 -32.66
CA ALA M 375 3.56 33.86 -32.78
C ALA M 375 3.77 34.21 -34.27
N ILE M 376 3.98 35.48 -34.58
CA ILE M 376 4.23 35.88 -35.97
C ILE M 376 5.54 36.64 -36.09
N TYR M 377 6.42 36.12 -36.94
CA TYR M 377 7.61 36.84 -37.38
C TYR M 377 7.48 37.21 -38.86
N CYS M 378 7.84 38.44 -39.21
CA CYS M 378 7.82 38.89 -40.62
C CYS M 378 9.13 39.56 -41.05
N LEU M 379 9.39 39.50 -42.36
CA LEU M 379 10.49 40.22 -42.97
C LEU M 379 10.22 41.71 -42.77
N MET M 380 11.12 42.34 -42.03
CA MET M 380 11.08 43.78 -41.80
C MET M 380 12.46 44.35 -41.48
N GLY M 381 12.94 45.20 -42.37
CA GLY M 381 14.16 45.98 -42.15
C GLY M 381 15.41 45.19 -42.38
N SER M 382 16.51 45.74 -41.90
CA SER M 382 17.85 45.16 -42.00
C SER M 382 18.38 44.64 -40.63
N GLY M 383 19.53 43.95 -40.61
CA GLY M 383 20.18 43.59 -39.32
C GLY M 383 19.95 42.13 -38.88
N GLN M 384 19.81 41.91 -37.57
CA GLN M 384 19.68 40.53 -37.03
C GLN M 384 18.39 40.34 -36.29
N LEU M 385 17.73 39.19 -36.46
CA LEU M 385 16.55 38.88 -35.65
C LEU M 385 16.82 39.14 -34.15
N LEU M 386 15.95 39.98 -33.57
CA LEU M 386 16.23 40.54 -32.24
C LEU M 386 15.55 39.90 -31.02
N TRP M 387 14.29 39.52 -31.13
CA TRP M 387 13.62 39.04 -29.91
C TRP M 387 12.81 37.76 -30.11
N ASP M 388 12.77 36.93 -29.06
CA ASP M 388 11.95 35.72 -29.04
C ASP M 388 10.56 35.98 -28.49
N THR M 389 9.70 34.98 -28.68
CA THR M 389 8.30 35.08 -28.24
C THR M 389 8.04 34.09 -27.14
N VAL M 390 7.14 34.46 -26.23
CA VAL M 390 6.65 33.60 -25.14
C VAL M 390 5.11 33.72 -25.12
N THR M 391 4.41 32.69 -24.62
CA THR M 391 2.95 32.71 -24.60
C THR M 391 2.47 33.49 -23.40
N GLY M 392 3.33 33.56 -22.39
CA GLY M 392 2.96 34.16 -21.11
C GLY M 392 1.94 33.36 -20.30
N VAL M 393 1.47 32.22 -20.84
CA VAL M 393 0.33 31.46 -20.24
C VAL M 393 0.76 30.42 -19.21
N ASP M 394 0.09 30.41 -18.08
CA ASP M 394 0.28 29.38 -17.06
C ASP M 394 -1.00 28.56 -17.11
N MET M 395 -0.83 27.28 -17.37
CA MET M 395 -1.96 26.39 -17.64
C MET M 395 -2.80 25.98 -16.42
N ALA M 396 -2.30 26.28 -15.23
CA ALA M 396 -3.01 25.97 -13.97
C ALA M 396 -4.12 26.98 -13.64
N LEU M 397 -4.10 28.13 -14.34
CA LEU M 397 -5.01 29.25 -14.08
C LEU M 397 -6.33 29.09 -14.80
N PRO N 9 -28.90 47.88 -56.78
CA PRO N 9 -29.39 46.48 -56.64
C PRO N 9 -30.75 46.29 -57.26
N GLU N 10 -31.04 45.07 -57.69
CA GLU N 10 -32.29 44.68 -58.33
C GLU N 10 -32.93 43.47 -57.63
N TRP N 11 -34.19 43.21 -57.97
CA TRP N 11 -34.94 42.13 -57.34
C TRP N 11 -34.31 40.80 -57.66
N THR N 12 -34.46 39.86 -56.73
CA THR N 12 -33.93 38.52 -56.89
C THR N 12 -34.98 37.55 -57.39
N TYR N 13 -34.55 36.48 -58.08
CA TYR N 13 -35.42 35.44 -58.65
C TYR N 13 -34.74 34.10 -58.37
N PRO N 14 -35.52 33.00 -58.25
CA PRO N 14 -34.88 31.67 -58.22
C PRO N 14 -34.03 31.36 -59.45
N ARG N 15 -32.80 30.85 -59.25
CA ARG N 15 -31.97 30.40 -60.40
C ARG N 15 -31.85 28.87 -60.48
N LEU N 16 -31.16 28.38 -61.51
CA LEU N 16 -30.78 26.96 -61.59
C LEU N 16 -29.86 26.65 -60.41
N SER N 17 -30.07 25.49 -59.78
CA SER N 17 -29.26 25.14 -58.63
C SER N 17 -27.86 24.82 -59.08
N CYS N 18 -26.92 24.91 -58.15
CA CYS N 18 -25.55 24.54 -58.39
C CYS N 18 -25.39 23.06 -58.67
N PRO N 19 -24.35 22.68 -59.46
CA PRO N 19 -24.07 21.26 -59.70
C PRO N 19 -23.90 20.52 -58.35
N GLY N 20 -24.43 19.29 -58.32
CA GLY N 20 -24.27 18.38 -57.21
C GLY N 20 -25.32 17.28 -57.30
N SER N 21 -25.03 16.16 -56.66
CA SER N 21 -26.03 15.07 -56.56
C SER N 21 -26.13 14.50 -55.14
N THR N 22 -25.42 15.10 -54.19
CA THR N 22 -25.56 14.65 -52.82
C THR N 22 -25.43 15.77 -51.80
N PHE N 23 -26.16 15.66 -50.71
CA PHE N 23 -26.00 16.58 -49.58
C PHE N 23 -24.83 16.12 -48.72
N GLN N 24 -24.12 17.06 -48.14
CA GLN N 24 -23.08 16.73 -47.19
C GLN N 24 -23.24 17.61 -45.98
N LYS N 25 -22.65 17.21 -44.85
CA LYS N 25 -22.64 17.98 -43.62
C LYS N 25 -21.86 19.24 -43.84
N ALA N 26 -22.45 20.38 -43.52
CA ALA N 26 -21.80 21.67 -43.79
C ALA N 26 -21.30 22.40 -42.54
N LEU N 27 -22.18 22.63 -41.58
CA LEU N 27 -21.83 23.46 -40.44
C LEU N 27 -22.73 23.13 -39.25
N LEU N 28 -22.19 23.31 -38.05
CA LEU N 28 -22.98 23.15 -36.86
C LEU N 28 -22.93 24.45 -36.11
N ILE N 29 -24.11 24.98 -35.76
CA ILE N 29 -24.24 26.07 -34.79
C ILE N 29 -24.80 25.51 -33.49
N SER N 30 -23.90 25.23 -32.54
CA SER N 30 -24.33 24.71 -31.23
C SER N 30 -23.86 25.69 -30.19
N PRO N 31 -24.71 26.67 -29.85
CA PRO N 31 -24.24 27.75 -28.97
C PRO N 31 -24.14 27.33 -27.51
N HIS N 32 -24.83 26.24 -27.15
CA HIS N 32 -24.78 25.80 -25.76
C HIS N 32 -23.57 24.96 -25.39
N ARG N 33 -22.71 24.68 -26.39
CA ARG N 33 -21.34 24.23 -26.15
C ARG N 33 -20.59 25.25 -25.29
N PHE N 34 -21.24 26.40 -25.10
CA PHE N 34 -20.61 27.56 -24.45
C PHE N 34 -21.37 28.07 -23.28
N GLY N 35 -22.48 27.41 -22.95
CA GLY N 35 -23.26 27.84 -21.80
C GLY N 35 -23.06 27.07 -20.51
N GLU N 36 -21.82 26.79 -20.15
CA GLU N 36 -21.57 26.16 -18.87
C GLU N 36 -21.51 27.18 -17.73
N THR N 37 -21.95 26.68 -16.57
CA THR N 37 -21.64 27.28 -15.27
C THR N 37 -20.22 27.77 -15.23
N LYS N 38 -19.28 26.92 -15.64
CA LYS N 38 -17.82 27.17 -15.54
C LYS N 38 -17.28 28.09 -16.64
N GLY N 39 -18.12 28.40 -17.62
CA GLY N 39 -17.75 29.24 -18.75
C GLY N 39 -18.08 30.70 -18.54
N ASN N 40 -17.97 31.48 -19.61
CA ASN N 40 -18.05 32.95 -19.56
C ASN N 40 -18.70 33.49 -20.84
N SER N 41 -19.69 32.74 -21.36
CA SER N 41 -20.44 33.11 -22.56
C SER N 41 -21.93 33.19 -22.23
N ALA N 42 -22.70 33.79 -23.15
CA ALA N 42 -24.10 33.91 -23.00
C ALA N 42 -24.82 33.59 -24.29
N PRO N 43 -24.95 32.30 -24.61
CA PRO N 43 -25.80 31.93 -25.73
C PRO N 43 -27.22 32.18 -25.35
N LEU N 44 -28.04 32.60 -26.32
CA LEU N 44 -29.44 32.89 -26.12
C LEU N 44 -30.27 31.61 -26.12
N ILE N 45 -31.32 31.60 -25.28
CA ILE N 45 -32.23 30.46 -25.22
C ILE N 45 -33.25 30.66 -26.34
N ILE N 46 -33.30 29.70 -27.26
CA ILE N 46 -34.07 29.85 -28.47
C ILE N 46 -34.82 28.57 -28.79
N ARG N 47 -35.59 28.65 -29.86
CA ARG N 47 -36.10 27.50 -30.57
C ARG N 47 -36.56 28.01 -31.94
N GLU N 48 -37.18 27.14 -32.73
CA GLU N 48 -37.58 27.44 -34.09
C GLU N 48 -36.53 28.26 -34.86
N PRO N 49 -35.29 27.72 -34.97
CA PRO N 49 -34.29 28.38 -35.74
C PRO N 49 -34.61 28.25 -37.23
N PHE N 50 -33.96 29.07 -38.04
CA PHE N 50 -34.10 28.97 -39.48
C PHE N 50 -33.20 29.93 -40.14
N ILE N 51 -32.83 29.62 -41.36
CA ILE N 51 -31.87 30.42 -42.10
C ILE N 51 -32.57 30.99 -43.36
N ALA N 52 -32.18 32.21 -43.72
CA ALA N 52 -32.65 32.81 -44.95
C ALA N 52 -31.48 33.59 -45.44
N CYS N 53 -31.28 33.60 -46.75
CA CYS N 53 -30.12 34.23 -47.33
C CYS N 53 -30.49 35.29 -48.34
N GLY N 54 -29.68 36.35 -48.43
CA GLY N 54 -29.73 37.29 -49.55
C GLY N 54 -28.49 37.15 -50.42
N PRO N 55 -28.29 38.11 -51.38
CA PRO N 55 -27.18 37.95 -52.38
C PRO N 55 -25.77 37.96 -51.79
N LYS N 56 -25.57 38.65 -50.67
CA LYS N 56 -24.24 38.66 -50.04
C LYS N 56 -24.14 38.01 -48.64
N GLU N 57 -25.26 37.79 -47.95
CA GLU N 57 -25.23 37.31 -46.56
C GLU N 57 -26.34 36.28 -46.22
N CYS N 58 -25.97 35.27 -45.46
CA CYS N 58 -26.92 34.33 -44.88
C CYS N 58 -27.13 34.63 -43.39
N LYS N 59 -28.38 34.91 -42.98
CA LYS N 59 -28.73 35.16 -41.57
C LYS N 59 -29.38 33.98 -40.87
N HIS N 60 -28.97 33.75 -39.63
CA HIS N 60 -29.45 32.62 -38.84
C HIS N 60 -30.47 33.17 -37.91
N PHE N 61 -31.74 32.83 -38.13
CA PHE N 61 -32.82 33.37 -37.31
C PHE N 61 -33.26 32.38 -36.23
N ALA N 62 -33.83 32.90 -35.15
CA ALA N 62 -34.45 32.05 -34.12
C ALA N 62 -35.53 32.80 -33.30
N LEU N 63 -36.40 32.07 -32.60
CA LEU N 63 -37.28 32.70 -31.62
C LEU N 63 -36.73 32.54 -30.21
N THR N 64 -36.18 33.62 -29.64
CA THR N 64 -35.65 33.60 -28.28
C THR N 64 -36.65 33.88 -27.15
N HIS N 65 -36.40 33.30 -25.97
CA HIS N 65 -37.27 33.51 -24.81
C HIS N 65 -36.78 34.67 -23.99
N TYR N 66 -35.79 35.37 -24.55
CA TYR N 66 -35.21 36.57 -23.92
C TYR N 66 -34.46 36.20 -22.65
N ALA N 67 -33.71 35.12 -22.75
CA ALA N 67 -32.94 34.54 -21.64
C ALA N 67 -31.72 33.89 -22.23
N ALA N 68 -30.69 33.71 -21.40
CA ALA N 68 -29.44 33.08 -21.82
C ALA N 68 -29.06 32.00 -20.83
N GLN N 69 -28.11 31.17 -21.26
CA GLN N 69 -27.58 30.10 -20.49
C GLN N 69 -26.12 30.41 -20.33
N PRO N 70 -25.62 30.44 -19.06
CA PRO N 70 -26.43 30.24 -17.84
C PRO N 70 -27.18 31.49 -17.46
N GLY N 71 -28.35 31.28 -16.85
CA GLY N 71 -29.15 32.38 -16.44
C GLY N 71 -30.08 31.95 -15.34
N GLY N 72 -31.21 32.67 -15.21
CA GLY N 72 -32.13 32.51 -14.10
C GLY N 72 -33.57 32.58 -14.54
N TYR N 73 -33.77 32.64 -15.85
CA TYR N 73 -35.11 32.65 -16.40
C TYR N 73 -35.37 31.41 -17.26
N TYR N 74 -34.84 30.27 -16.79
CA TYR N 74 -35.16 28.97 -17.39
C TYR N 74 -36.62 28.59 -17.34
N ASN N 75 -37.35 29.01 -16.30
CA ASN N 75 -38.77 28.71 -16.19
C ASN N 75 -39.65 29.37 -17.26
N GLY N 76 -40.34 28.57 -18.07
CA GLY N 76 -41.18 29.06 -19.18
C GLY N 76 -40.53 29.00 -20.57
N THR N 77 -39.29 28.51 -20.64
CA THR N 77 -38.56 28.38 -21.91
C THR N 77 -38.91 27.11 -22.70
N ARG N 78 -39.68 26.20 -22.08
CA ARG N 78 -40.37 25.06 -22.74
C ARG N 78 -41.78 25.45 -23.21
N GLY N 79 -42.28 26.62 -22.82
CA GLY N 79 -43.58 27.10 -23.34
C GLY N 79 -43.38 27.59 -24.78
N ASP N 80 -44.40 28.20 -25.36
CA ASP N 80 -44.23 28.73 -26.74
C ASP N 80 -44.55 30.24 -26.83
N ARG N 81 -45.79 30.63 -26.56
CA ARG N 81 -46.21 32.03 -26.69
C ARG N 81 -46.26 32.81 -25.38
N ASN N 82 -45.30 33.69 -25.17
CA ASN N 82 -45.30 34.68 -24.10
C ASN N 82 -44.88 36.06 -24.60
N LYS N 83 -45.05 37.06 -23.70
CA LYS N 83 -44.83 38.48 -23.97
C LYS N 83 -43.39 38.92 -24.12
N LEU N 84 -42.44 38.01 -23.84
CA LEU N 84 -40.99 38.31 -23.92
C LEU N 84 -40.29 37.73 -25.15
N ARG N 85 -40.91 36.73 -25.75
CA ARG N 85 -40.46 36.10 -26.98
C ARG N 85 -40.15 37.09 -28.09
N HIS N 86 -39.03 36.86 -28.77
CA HIS N 86 -38.54 37.74 -29.81
C HIS N 86 -37.91 37.01 -30.96
N LEU N 87 -38.09 37.56 -32.17
CA LEU N 87 -37.35 37.14 -33.35
C LEU N 87 -35.97 37.81 -33.27
N ILE N 88 -34.92 37.01 -33.45
CA ILE N 88 -33.51 37.47 -33.38
C ILE N 88 -32.73 36.89 -34.58
N SER N 89 -31.60 37.51 -34.88
CA SER N 89 -30.73 37.03 -35.94
C SER N 89 -29.25 37.31 -35.63
N VAL N 90 -28.40 36.47 -36.23
CA VAL N 90 -26.99 36.70 -36.35
C VAL N 90 -26.60 36.30 -37.78
N LYS N 91 -25.44 36.78 -38.23
CA LYS N 91 -24.91 36.37 -39.50
C LYS N 91 -24.65 34.87 -39.31
N LEU N 92 -25.09 34.06 -40.27
CA LEU N 92 -24.82 32.66 -40.18
C LEU N 92 -23.32 32.44 -40.03
N GLY N 93 -22.99 31.62 -39.04
CA GLY N 93 -21.60 31.31 -38.73
C GLY N 93 -21.20 31.97 -37.45
N LYS N 94 -22.02 32.89 -36.94
CA LYS N 94 -21.79 33.51 -35.64
C LYS N 94 -22.67 32.80 -34.62
N ILE N 95 -22.12 32.60 -33.43
CA ILE N 95 -22.85 32.06 -32.30
C ILE N 95 -23.85 33.10 -31.84
N PRO N 96 -25.15 32.75 -31.81
CA PRO N 96 -26.15 33.68 -31.34
C PRO N 96 -26.15 33.80 -29.82
N THR N 97 -25.35 34.76 -29.36
CA THR N 97 -25.28 35.13 -27.97
C THR N 97 -25.97 36.46 -27.78
N VAL N 98 -25.96 36.96 -26.54
CA VAL N 98 -26.71 38.15 -26.17
C VAL N 98 -26.21 39.34 -27.00
N GLU N 99 -24.89 39.46 -27.06
CA GLU N 99 -24.26 40.59 -27.72
C GLU N 99 -24.13 40.49 -29.25
N ASN N 100 -24.02 39.26 -29.79
CA ASN N 100 -23.92 39.04 -31.24
C ASN N 100 -25.24 39.23 -31.97
N SER N 101 -26.30 38.75 -31.34
CA SER N 101 -27.67 38.84 -31.89
C SER N 101 -28.14 40.26 -32.08
N ILE N 102 -29.13 40.39 -32.96
CA ILE N 102 -29.89 41.61 -33.04
C ILE N 102 -31.33 41.20 -32.82
N PHE N 103 -32.04 41.95 -31.99
CA PHE N 103 -33.48 41.73 -31.77
C PHE N 103 -34.29 42.50 -32.78
N HIS N 104 -35.11 41.80 -33.53
CA HIS N 104 -35.88 42.40 -34.63
C HIS N 104 -37.27 42.96 -34.22
N MET N 105 -38.02 42.13 -33.47
CA MET N 105 -39.34 42.45 -33.05
C MET N 105 -39.87 41.41 -32.06
N ALA N 106 -40.88 41.78 -31.26
CA ALA N 106 -41.49 40.78 -30.40
C ALA N 106 -42.19 39.79 -31.29
N ALA N 107 -41.94 38.49 -31.07
CA ALA N 107 -42.66 37.42 -31.80
C ALA N 107 -42.60 36.07 -31.07
N TRP N 108 -43.67 35.29 -31.19
CA TRP N 108 -43.62 33.91 -30.84
C TRP N 108 -43.88 33.03 -32.05
N SER N 109 -43.84 33.61 -33.24
CA SER N 109 -43.86 32.83 -34.47
C SER N 109 -43.25 33.72 -35.52
N GLY N 110 -42.39 33.17 -36.38
CA GLY N 110 -41.58 34.04 -37.26
C GLY N 110 -41.27 33.56 -38.68
N SER N 111 -40.65 34.44 -39.44
CA SER N 111 -40.22 34.14 -40.79
C SER N 111 -39.40 35.31 -41.25
N ALA N 112 -38.67 35.16 -42.33
CA ALA N 112 -37.94 36.29 -42.92
C ALA N 112 -37.48 35.99 -44.34
N CYS N 113 -37.04 37.00 -45.08
CA CYS N 113 -36.60 36.83 -46.47
C CYS N 113 -36.00 38.10 -47.09
N HIS N 114 -35.04 37.90 -47.97
CA HIS N 114 -34.49 38.97 -48.77
C HIS N 114 -35.11 38.98 -50.18
N ASP N 115 -35.30 40.17 -50.75
CA ASP N 115 -35.94 40.28 -52.05
C ASP N 115 -34.97 40.76 -53.13
N GLY N 116 -33.69 40.84 -52.78
CA GLY N 116 -32.69 41.42 -53.66
C GLY N 116 -32.31 42.80 -53.14
N LYS N 117 -33.28 43.55 -52.64
CA LYS N 117 -33.02 44.94 -52.17
C LYS N 117 -33.00 45.09 -50.63
N GLU N 118 -33.82 44.31 -49.94
CA GLU N 118 -33.91 44.46 -48.48
C GLU N 118 -34.56 43.29 -47.79
N TRP N 119 -34.29 43.19 -46.51
CA TRP N 119 -34.87 42.15 -45.64
C TRP N 119 -36.30 42.45 -45.21
N THR N 120 -37.17 41.46 -45.38
CA THR N 120 -38.50 41.50 -44.78
C THR N 120 -38.47 40.56 -43.54
N TYR N 121 -38.91 41.03 -42.40
CA TYR N 121 -38.98 40.20 -41.17
C TYR N 121 -40.41 40.05 -40.71
N ILE N 122 -40.85 38.81 -40.50
CA ILE N 122 -42.22 38.54 -40.10
C ILE N 122 -42.28 38.00 -38.69
N GLY N 123 -43.23 38.50 -37.90
CA GLY N 123 -43.37 38.09 -36.50
C GLY N 123 -44.77 38.22 -35.94
N VAL N 124 -45.33 37.11 -35.48
CA VAL N 124 -46.64 37.08 -34.91
C VAL N 124 -46.54 37.05 -33.40
N ASP N 125 -47.21 37.99 -32.73
CA ASP N 125 -47.46 37.90 -31.29
C ASP N 125 -48.89 38.35 -31.00
N GLY N 126 -49.25 38.52 -29.73
CA GLY N 126 -50.62 38.90 -29.37
C GLY N 126 -51.34 37.84 -28.57
N PRO N 127 -52.52 38.16 -28.06
CA PRO N 127 -53.20 37.13 -27.31
C PRO N 127 -53.50 35.91 -28.18
N GLU N 128 -53.84 34.81 -27.53
CA GLU N 128 -54.07 33.57 -28.26
C GLU N 128 -55.22 33.68 -29.21
N ASN N 129 -56.28 34.35 -28.76
CA ASN N 129 -57.58 34.42 -29.46
C ASN N 129 -57.72 35.59 -30.45
N ASN N 130 -56.67 36.39 -30.58
CA ASN N 130 -56.61 37.54 -31.46
C ASN N 130 -55.17 37.96 -31.68
N ALA N 131 -54.31 36.99 -31.96
CA ALA N 131 -52.93 37.31 -32.28
C ALA N 131 -52.83 38.23 -33.50
N LEU N 132 -51.60 38.61 -33.82
CA LEU N 132 -51.34 39.65 -34.81
C LEU N 132 -49.99 39.45 -35.49
N LEU N 133 -50.04 39.25 -36.80
CA LEU N 133 -48.82 39.15 -37.57
C LEU N 133 -48.32 40.56 -37.88
N LYS N 134 -47.05 40.79 -37.63
CA LYS N 134 -46.43 42.06 -37.90
C LYS N 134 -45.32 41.89 -38.93
N ILE N 135 -45.14 42.93 -39.75
CA ILE N 135 -44.14 42.99 -40.82
C ILE N 135 -43.21 44.19 -40.66
N LYS N 136 -41.90 43.95 -40.79
CA LYS N 136 -40.84 44.95 -40.62
C LYS N 136 -40.02 44.84 -41.90
N TYR N 137 -39.80 45.95 -42.58
CA TYR N 137 -38.99 45.96 -43.80
C TYR N 137 -37.74 46.72 -43.47
N GLY N 138 -36.63 46.00 -43.39
CA GLY N 138 -35.38 46.59 -42.91
C GLY N 138 -35.56 47.06 -41.49
N GLU N 139 -35.57 48.38 -41.30
CA GLU N 139 -35.75 49.02 -39.98
C GLU N 139 -37.20 49.44 -39.66
N ALA N 140 -38.02 49.62 -40.70
CA ALA N 140 -39.37 50.12 -40.51
C ALA N 140 -40.40 49.02 -40.26
N TYR N 141 -41.32 49.28 -39.33
CA TYR N 141 -42.53 48.49 -39.20
C TYR N 141 -43.54 49.01 -40.21
N THR N 142 -44.02 48.14 -41.10
CA THR N 142 -44.71 48.56 -42.33
C THR N 142 -46.17 48.15 -42.49
N ASP N 143 -46.58 47.07 -41.81
CA ASP N 143 -47.91 46.45 -42.03
C ASP N 143 -48.25 45.41 -40.95
N THR N 144 -49.55 45.05 -40.84
CA THR N 144 -49.97 43.89 -40.05
C THR N 144 -51.14 43.16 -40.68
N TYR N 145 -51.37 41.95 -40.22
CA TYR N 145 -52.49 41.16 -40.66
C TYR N 145 -53.08 40.57 -39.39
N HIS N 146 -54.39 40.43 -39.39
CA HIS N 146 -55.12 40.07 -38.17
C HIS N 146 -55.57 38.61 -38.15
N SER N 147 -55.63 38.06 -36.95
CA SER N 147 -56.22 36.75 -36.73
C SER N 147 -57.60 36.67 -37.37
N TYR N 148 -57.84 35.57 -38.08
CA TYR N 148 -59.08 35.33 -38.83
C TYR N 148 -59.83 34.09 -38.43
N ALA N 149 -59.21 33.20 -37.65
CA ALA N 149 -60.01 32.11 -37.07
C ALA N 149 -59.94 32.16 -35.56
N ASN N 150 -59.44 33.27 -35.01
CA ASN N 150 -59.34 33.52 -33.56
C ASN N 150 -58.87 32.31 -32.76
N ASN N 151 -57.88 31.59 -33.31
CA ASN N 151 -57.17 30.58 -32.54
C ASN N 151 -55.72 30.48 -32.95
N ILE N 152 -54.90 31.33 -32.35
CA ILE N 152 -53.41 31.29 -32.52
C ILE N 152 -53.00 31.44 -33.97
N LEU N 153 -53.02 32.70 -34.43
CA LEU N 153 -52.51 33.04 -35.75
C LEU N 153 -51.04 32.72 -35.78
N ARG N 154 -50.67 31.84 -36.71
CA ARG N 154 -49.30 31.28 -36.89
C ARG N 154 -48.67 31.54 -38.25
N THR N 155 -47.35 31.51 -38.32
CA THR N 155 -46.67 31.57 -39.62
C THR N 155 -45.62 30.45 -39.79
N GLN N 156 -44.78 30.55 -40.83
CA GLN N 156 -43.98 29.42 -41.35
C GLN N 156 -42.98 28.77 -40.41
N GLU N 157 -42.38 29.56 -39.54
CA GLU N 157 -41.23 29.13 -38.77
C GLU N 157 -40.06 28.85 -39.67
N SER N 158 -40.11 29.37 -40.90
CA SER N 158 -38.94 29.42 -41.82
C SER N 158 -39.01 30.52 -42.92
N ALA N 159 -37.96 30.61 -43.73
CA ALA N 159 -37.82 31.65 -44.76
C ALA N 159 -39.05 31.80 -45.64
N CYS N 160 -39.44 33.04 -45.89
CA CYS N 160 -40.42 33.32 -46.95
C CYS N 160 -39.68 33.37 -48.29
N ASN N 161 -40.38 33.65 -49.38
CA ASN N 161 -39.79 33.46 -50.72
C ASN N 161 -40.16 34.60 -51.62
N CYS N 162 -39.17 35.34 -52.09
CA CYS N 162 -39.44 36.52 -52.88
C CYS N 162 -39.07 36.34 -54.32
N ILE N 163 -39.96 36.76 -55.18
CA ILE N 163 -39.72 36.74 -56.61
C ILE N 163 -40.10 38.08 -57.21
N GLY N 164 -39.16 38.74 -57.86
CA GLY N 164 -39.49 40.03 -58.50
C GLY N 164 -40.04 41.01 -57.50
N GLY N 165 -39.50 40.95 -56.28
CA GLY N 165 -39.93 41.86 -55.23
C GLY N 165 -41.20 41.49 -54.50
N ASN N 166 -41.86 40.40 -54.91
CA ASN N 166 -43.05 39.92 -54.22
C ASN N 166 -42.74 38.74 -53.31
N CYS N 167 -42.67 38.99 -51.99
CA CYS N 167 -42.49 37.88 -51.03
C CYS N 167 -43.80 37.19 -50.70
N TYR N 168 -43.80 35.86 -50.78
CA TYR N 168 -44.98 35.05 -50.49
C TYR N 168 -44.82 34.34 -49.11
N LEU N 169 -45.87 34.34 -48.29
CA LEU N 169 -45.75 33.82 -46.91
C LEU N 169 -46.94 32.99 -46.49
N MET N 170 -46.73 31.77 -46.02
CA MET N 170 -47.85 31.00 -45.45
C MET N 170 -48.10 31.52 -44.05
N ILE N 171 -49.41 31.71 -43.76
CA ILE N 171 -49.96 31.91 -42.42
C ILE N 171 -51.07 30.90 -42.18
N THR N 172 -51.25 30.51 -40.92
CA THR N 172 -52.39 29.66 -40.56
C THR N 172 -53.03 30.10 -39.25
N ASP N 173 -54.30 29.75 -39.09
CA ASP N 173 -55.07 30.13 -37.95
C ASP N 173 -56.03 28.98 -37.76
N GLY N 174 -56.23 28.58 -36.49
CA GLY N 174 -57.13 27.48 -36.21
C GLY N 174 -56.67 26.58 -35.09
N SER N 175 -57.50 25.59 -34.77
CA SER N 175 -57.20 24.74 -33.64
C SER N 175 -56.02 23.86 -33.97
N ALA N 176 -55.27 23.47 -32.94
CA ALA N 176 -54.20 22.49 -33.08
C ALA N 176 -54.73 21.07 -33.35
N SER N 177 -56.01 20.81 -33.04
CA SER N 177 -56.53 19.43 -33.00
C SER N 177 -57.80 19.39 -33.82
N GLY N 178 -57.95 20.43 -34.65
CA GLY N 178 -59.11 20.60 -35.54
C GLY N 178 -58.69 21.38 -36.77
N ILE N 179 -59.66 22.09 -37.37
CA ILE N 179 -59.47 22.87 -38.59
C ILE N 179 -58.43 23.99 -38.42
N SER N 180 -57.43 24.02 -39.30
CA SER N 180 -56.52 25.12 -39.35
C SER N 180 -56.29 25.51 -40.79
N GLU N 181 -57.34 26.03 -41.40
CA GLU N 181 -57.25 26.50 -42.78
C GLU N 181 -56.20 27.62 -42.95
N CYS N 182 -55.12 27.33 -43.68
CA CYS N 182 -54.09 28.34 -43.97
C CYS N 182 -54.40 29.29 -45.15
N ARG N 183 -53.54 30.31 -45.25
CA ARG N 183 -53.63 31.37 -46.22
C ARG N 183 -52.23 31.79 -46.60
N PHE N 184 -52.11 32.44 -47.75
CA PHE N 184 -50.83 33.01 -48.13
C PHE N 184 -50.94 34.49 -48.29
N LEU N 185 -49.95 35.22 -47.83
CA LEU N 185 -49.89 36.65 -48.01
C LEU N 185 -48.88 36.93 -49.09
N LYS N 186 -49.15 37.92 -49.93
CA LYS N 186 -48.19 38.39 -50.94
C LYS N 186 -47.70 39.75 -50.48
N ILE N 187 -46.41 39.88 -50.24
CA ILE N 187 -45.91 41.08 -49.57
C ILE N 187 -44.94 41.84 -50.44
N ARG N 188 -45.12 43.15 -50.60
CA ARG N 188 -44.22 43.94 -51.42
C ARG N 188 -43.68 45.13 -50.67
N GLU N 189 -42.37 45.22 -50.56
CA GLU N 189 -41.75 46.26 -49.77
C GLU N 189 -42.42 46.38 -48.43
N GLY N 190 -42.81 45.23 -47.88
CA GLY N 190 -43.20 45.11 -46.48
C GLY N 190 -44.65 45.38 -46.23
N ARG N 191 -45.40 45.51 -47.32
CA ARG N 191 -46.84 45.75 -47.24
C ARG N 191 -47.59 44.69 -48.02
N ILE N 192 -48.68 44.22 -47.43
CA ILE N 192 -49.46 43.16 -48.00
C ILE N 192 -50.28 43.69 -49.19
N ILE N 193 -50.19 43.03 -50.34
CA ILE N 193 -50.88 43.51 -51.54
C ILE N 193 -51.85 42.48 -52.08
N LYS N 194 -51.86 41.28 -51.48
CA LYS N 194 -52.87 40.27 -51.82
C LYS N 194 -53.04 39.16 -50.76
N GLU N 195 -54.26 38.75 -50.54
CA GLU N 195 -54.57 37.54 -49.78
C GLU N 195 -54.94 36.45 -50.77
N ILE N 196 -54.23 35.32 -50.67
CA ILE N 196 -54.46 34.17 -51.54
C ILE N 196 -55.08 33.09 -50.69
N PHE N 197 -56.28 32.67 -51.07
CA PHE N 197 -57.01 31.59 -50.39
C PHE N 197 -56.81 30.30 -51.15
N PRO N 198 -56.06 29.35 -50.58
CA PRO N 198 -55.83 28.10 -51.31
C PRO N 198 -57.09 27.26 -51.44
N THR N 199 -57.05 26.26 -52.33
CA THR N 199 -58.18 25.38 -52.63
C THR N 199 -57.71 23.92 -52.50
N GLY N 200 -58.64 22.95 -52.56
CA GLY N 200 -58.30 21.53 -52.41
C GLY N 200 -58.32 21.09 -50.94
N ARG N 201 -57.32 20.31 -50.54
CA ARG N 201 -57.28 19.79 -49.18
C ARG N 201 -56.78 20.88 -48.24
N VAL N 202 -57.71 21.61 -47.63
CA VAL N 202 -57.37 22.81 -46.80
C VAL N 202 -57.78 22.59 -45.32
N LYS N 203 -58.25 21.37 -45.06
CA LYS N 203 -58.68 20.92 -43.72
C LYS N 203 -57.70 21.40 -42.64
N HIS N 204 -56.41 21.11 -42.81
CA HIS N 204 -55.42 21.51 -41.81
C HIS N 204 -54.01 21.58 -42.41
N THR N 205 -53.37 22.73 -42.27
CA THR N 205 -52.06 22.97 -42.88
C THR N 205 -51.40 24.06 -42.04
N GLU N 206 -50.17 23.79 -41.60
CA GLU N 206 -49.42 24.73 -40.77
C GLU N 206 -47.94 24.50 -40.93
N GLU N 207 -47.13 25.52 -40.70
CA GLU N 207 -45.68 25.41 -40.81
C GLU N 207 -45.16 24.89 -42.14
N CYS N 208 -45.69 25.46 -43.21
CA CYS N 208 -45.19 25.13 -44.56
C CYS N 208 -43.74 25.48 -44.70
N THR N 209 -42.95 24.55 -45.20
CA THR N 209 -41.60 24.84 -45.58
C THR N 209 -41.69 25.01 -47.09
N CYS N 210 -41.56 26.25 -47.53
CA CYS N 210 -41.80 26.56 -48.94
C CYS N 210 -40.50 26.89 -49.64
N GLY N 211 -40.45 26.55 -50.94
CA GLY N 211 -39.35 26.94 -51.84
C GLY N 211 -39.82 27.07 -53.29
N PHE N 212 -39.01 27.71 -54.13
CA PHE N 212 -39.35 27.84 -55.56
C PHE N 212 -39.02 26.58 -56.30
N ALA N 213 -40.04 25.90 -56.80
CA ALA N 213 -39.83 24.79 -57.70
C ALA N 213 -39.48 25.38 -59.09
N SER N 214 -39.91 26.61 -59.35
CA SER N 214 -39.42 27.31 -60.54
C SER N 214 -39.82 28.77 -60.44
N ASN N 215 -39.58 29.53 -61.51
CA ASN N 215 -40.08 30.93 -61.61
C ASN N 215 -41.60 31.03 -61.53
N LYS N 216 -42.34 29.95 -61.84
CA LYS N 216 -43.83 30.03 -61.82
C LYS N 216 -44.46 29.50 -60.53
N THR N 217 -43.76 28.67 -59.78
CA THR N 217 -44.37 27.87 -58.73
C THR N 217 -43.59 27.81 -57.42
N ILE N 218 -44.22 28.20 -56.32
CA ILE N 218 -43.72 27.89 -54.97
C ILE N 218 -44.40 26.61 -54.57
N GLU N 219 -43.65 25.72 -53.93
CA GLU N 219 -44.24 24.48 -53.37
C GLU N 219 -43.89 24.40 -51.88
N CYS N 220 -44.81 23.87 -51.09
CA CYS N 220 -44.54 23.79 -49.65
C CYS N 220 -44.93 22.46 -49.10
N ALA N 221 -44.16 21.99 -48.13
CA ALA N 221 -44.44 20.75 -47.41
C ALA N 221 -44.77 21.13 -45.98
N CYS N 222 -45.97 20.81 -45.55
CA CYS N 222 -46.51 21.38 -44.32
C CYS N 222 -46.93 20.32 -43.27
N ARG N 223 -47.45 20.82 -42.14
CA ARG N 223 -47.78 19.99 -40.99
C ARG N 223 -49.28 19.92 -40.88
N ASP N 224 -49.80 18.71 -40.77
CA ASP N 224 -51.15 18.52 -40.30
C ASP N 224 -51.00 17.89 -38.94
N ASN N 225 -51.50 18.60 -37.93
CA ASN N 225 -51.33 18.24 -36.51
C ASN N 225 -52.56 17.44 -35.98
N SER N 226 -53.58 17.23 -36.84
CA SER N 226 -54.81 16.60 -36.41
C SER N 226 -55.04 15.28 -37.11
N TYR N 227 -54.96 15.29 -38.44
CA TYR N 227 -55.67 14.26 -39.22
C TYR N 227 -54.84 13.18 -39.90
N THR N 228 -53.61 13.51 -40.29
CA THR N 228 -52.79 12.60 -41.07
C THR N 228 -51.35 12.78 -40.77
N ALA N 229 -50.57 11.74 -41.02
CA ALA N 229 -49.08 11.82 -41.01
C ALA N 229 -48.47 12.03 -42.41
N LYS N 230 -49.30 12.06 -43.45
CA LYS N 230 -48.86 12.65 -44.73
C LYS N 230 -48.70 14.14 -44.58
N ARG N 231 -47.63 14.68 -45.11
CA ARG N 231 -47.50 16.13 -45.23
C ARG N 231 -48.46 16.71 -46.27
N PRO N 232 -49.23 17.75 -45.90
CA PRO N 232 -49.96 18.46 -46.90
C PRO N 232 -48.95 19.08 -47.88
N PHE N 233 -49.25 19.02 -49.16
CA PHE N 233 -48.28 19.58 -50.12
C PHE N 233 -48.88 20.70 -50.94
N VAL N 234 -48.36 21.91 -50.73
CA VAL N 234 -48.92 23.10 -51.38
C VAL N 234 -48.20 23.40 -52.68
N LYS N 235 -48.95 23.71 -53.73
CA LYS N 235 -48.45 24.25 -55.01
C LYS N 235 -49.06 25.62 -55.31
N LEU N 236 -48.23 26.65 -55.35
CA LEU N 236 -48.66 28.04 -55.49
C LEU N 236 -48.17 28.59 -56.81
N ASN N 237 -49.09 29.01 -57.68
CA ASN N 237 -48.71 29.68 -58.92
C ASN N 237 -48.48 31.19 -58.62
N VAL N 238 -47.24 31.64 -58.70
CA VAL N 238 -46.97 33.04 -58.41
C VAL N 238 -47.23 33.98 -59.60
N GLU N 239 -47.73 33.45 -60.72
CA GLU N 239 -48.11 34.31 -61.85
C GLU N 239 -49.59 34.66 -61.85
N THR N 240 -50.43 33.71 -61.41
CA THR N 240 -51.87 33.94 -61.22
C THR N 240 -52.26 34.08 -59.76
N ASP N 241 -51.30 33.89 -58.86
CA ASP N 241 -51.54 34.01 -57.41
C ASP N 241 -52.69 33.07 -56.98
N THR N 242 -52.58 31.81 -57.38
CA THR N 242 -53.53 30.78 -57.02
C THR N 242 -52.81 29.64 -56.27
N ALA N 243 -53.47 29.09 -55.25
CA ALA N 243 -52.83 28.04 -54.46
C ALA N 243 -53.72 26.79 -54.39
N GLU N 244 -53.08 25.63 -54.43
CA GLU N 244 -53.78 24.36 -54.30
C GLU N 244 -53.03 23.47 -53.30
N ILE N 245 -53.77 22.64 -52.57
CA ILE N 245 -53.17 21.83 -51.51
C ILE N 245 -53.75 20.42 -51.54
N ARG N 246 -52.87 19.41 -51.58
CA ARG N 246 -53.25 17.99 -51.39
C ARG N 246 -52.20 17.28 -50.57
N LEU N 247 -52.61 16.18 -49.95
CA LEU N 247 -51.66 15.37 -49.21
C LEU N 247 -50.59 14.81 -50.15
N MET N 248 -49.39 14.58 -49.61
CA MET N 248 -48.32 13.88 -50.34
C MET N 248 -48.61 12.40 -50.33
N CYS N 249 -48.68 11.83 -51.54
CA CYS N 249 -49.16 10.46 -51.78
C CYS N 249 -48.11 9.37 -51.44
N THR N 250 -46.84 9.76 -51.32
CA THR N 250 -45.74 8.82 -51.10
C THR N 250 -45.93 7.93 -49.87
N GLU N 251 -45.37 6.73 -49.94
CA GLU N 251 -45.52 5.80 -48.81
C GLU N 251 -44.52 6.17 -47.69
N THR N 252 -43.61 7.08 -48.04
CA THR N 252 -42.58 7.56 -47.13
C THR N 252 -43.14 8.78 -46.38
N TYR N 253 -44.00 8.50 -45.40
CA TYR N 253 -44.66 9.55 -44.62
C TYR N 253 -43.61 10.34 -43.86
N LEU N 254 -43.68 11.67 -43.95
CA LEU N 254 -42.61 12.54 -43.50
C LEU N 254 -42.87 13.20 -42.16
N ASP N 255 -44.09 13.06 -41.66
CA ASP N 255 -44.48 13.68 -40.39
C ASP N 255 -44.06 12.80 -39.21
N THR N 256 -44.18 13.33 -37.99
CA THR N 256 -43.95 12.60 -36.75
C THR N 256 -44.95 13.04 -35.68
N PRO N 257 -45.70 12.10 -35.08
CA PRO N 257 -45.63 10.64 -35.31
C PRO N 257 -46.14 10.25 -36.69
N ARG N 258 -45.89 9.00 -37.05
CA ARG N 258 -46.40 8.36 -38.28
C ARG N 258 -46.50 6.84 -38.09
N PRO N 259 -47.33 6.17 -38.93
CA PRO N 259 -47.35 4.72 -38.89
C PRO N 259 -46.24 4.13 -39.76
N ASP N 260 -46.32 2.86 -40.12
CA ASP N 260 -45.33 2.32 -41.04
C ASP N 260 -45.53 2.86 -42.45
N ASP N 261 -44.40 2.96 -43.17
CA ASP N 261 -44.42 3.43 -44.56
C ASP N 261 -45.33 2.50 -45.37
N GLY N 262 -46.13 3.07 -46.27
CA GLY N 262 -47.06 2.28 -47.09
C GLY N 262 -48.28 1.66 -46.43
N SER N 263 -48.48 1.89 -45.12
CA SER N 263 -49.53 1.18 -44.34
C SER N 263 -50.84 1.96 -44.27
N ILE N 264 -50.81 3.19 -44.75
CA ILE N 264 -52.06 3.94 -44.89
C ILE N 264 -52.72 3.51 -46.19
N THR N 265 -53.72 2.67 -46.04
CA THR N 265 -54.42 2.06 -47.14
C THR N 265 -55.35 3.05 -47.85
N GLY N 266 -55.68 2.77 -49.11
CA GLY N 266 -56.59 3.63 -49.88
C GLY N 266 -55.82 4.46 -50.91
N PRO N 267 -56.52 5.39 -51.59
CA PRO N 267 -55.85 6.24 -52.59
C PRO N 267 -55.01 7.38 -51.97
N CYS N 268 -54.60 8.35 -52.78
CA CYS N 268 -53.66 9.36 -52.32
C CYS N 268 -54.20 10.24 -51.24
N GLU N 269 -55.53 10.41 -51.23
CA GLU N 269 -56.18 11.26 -50.23
C GLU N 269 -56.44 10.66 -48.81
N SER N 270 -56.25 9.36 -48.62
CA SER N 270 -56.53 8.74 -47.31
C SER N 270 -55.71 9.33 -46.20
N ASN N 271 -56.35 9.56 -45.06
CA ASN N 271 -55.69 10.19 -43.94
C ASN N 271 -54.48 9.45 -43.35
N GLY N 272 -54.63 8.31 -42.67
CA GLY N 272 -55.79 7.79 -41.99
C GLY N 272 -55.33 7.77 -40.52
N ASP N 273 -54.34 6.94 -40.19
CA ASP N 273 -53.95 6.70 -38.78
C ASP N 273 -52.66 7.39 -38.26
N LYS N 274 -52.60 7.60 -36.93
CA LYS N 274 -51.49 8.24 -36.22
C LYS N 274 -51.24 9.70 -36.66
N GLY N 275 -52.31 10.29 -37.21
CA GLY N 275 -52.31 11.63 -37.79
C GLY N 275 -52.22 12.80 -36.84
N SER N 276 -52.67 12.60 -35.59
CA SER N 276 -52.63 13.68 -34.59
C SER N 276 -51.16 13.89 -34.13
N GLY N 277 -50.83 15.09 -33.64
CA GLY N 277 -49.41 15.46 -33.46
C GLY N 277 -48.71 15.70 -34.81
N GLY N 278 -47.48 16.17 -34.79
CA GLY N 278 -46.84 16.56 -36.01
C GLY N 278 -45.47 17.13 -35.76
N ILE N 279 -44.87 17.64 -36.83
CA ILE N 279 -43.56 18.27 -36.77
C ILE N 279 -43.30 19.11 -38.04
N LYS N 280 -42.66 20.25 -37.89
CA LYS N 280 -42.24 21.00 -39.07
C LYS N 280 -41.15 20.19 -39.76
N GLY N 281 -41.16 20.21 -41.11
CA GLY N 281 -40.28 19.32 -41.86
C GLY N 281 -39.49 19.96 -42.98
N GLY N 282 -38.24 19.55 -43.11
CA GLY N 282 -37.36 20.12 -44.11
C GLY N 282 -37.90 19.87 -45.51
N PHE N 283 -37.49 20.72 -46.42
CA PHE N 283 -37.90 20.58 -47.80
C PHE N 283 -37.20 21.64 -48.57
N VAL N 284 -36.53 21.22 -49.64
CA VAL N 284 -35.81 22.16 -50.49
C VAL N 284 -35.79 21.65 -51.95
N HIS N 285 -35.64 22.56 -52.90
CA HIS N 285 -35.65 22.23 -54.32
C HIS N 285 -34.28 22.26 -54.90
N GLN N 286 -34.01 21.32 -55.78
CA GLN N 286 -32.82 21.33 -56.62
C GLN N 286 -33.35 21.51 -58.05
N ARG N 287 -33.19 22.72 -58.59
CA ARG N 287 -33.70 23.03 -59.96
C ARG N 287 -32.60 22.82 -61.00
N MET N 288 -32.82 21.85 -61.88
CA MET N 288 -31.90 21.61 -63.00
C MET N 288 -32.62 21.98 -64.30
N ALA N 289 -31.85 22.09 -65.39
CA ALA N 289 -32.38 22.56 -66.69
C ALA N 289 -33.74 21.96 -67.03
N SER N 290 -33.80 20.63 -67.09
CA SER N 290 -35.03 19.91 -67.41
C SER N 290 -35.30 18.79 -66.38
N LYS N 291 -34.97 19.04 -65.11
CA LYS N 291 -35.29 18.10 -64.06
C LYS N 291 -35.40 18.81 -62.70
N ILE N 292 -36.35 18.38 -61.88
CA ILE N 292 -36.45 18.89 -60.52
C ILE N 292 -36.30 17.81 -59.45
N GLY N 293 -35.34 18.02 -58.56
CA GLY N 293 -35.23 17.13 -57.42
C GLY N 293 -35.98 17.70 -56.23
N ARG N 294 -36.62 16.86 -55.45
CA ARG N 294 -37.23 17.34 -54.21
C ARG N 294 -36.62 16.67 -53.00
N TRP N 295 -35.95 17.44 -52.16
CA TRP N 295 -35.25 16.87 -51.02
C TRP N 295 -36.08 17.11 -49.81
N TYR N 296 -36.21 16.10 -48.95
CA TYR N 296 -37.00 16.20 -47.73
C TYR N 296 -36.20 15.60 -46.57
N SER N 297 -36.57 15.95 -45.34
CA SER N 297 -36.04 15.24 -44.16
C SER N 297 -37.18 14.77 -43.26
N ARG N 298 -36.91 13.74 -42.45
CA ARG N 298 -37.88 13.24 -41.46
C ARG N 298 -37.15 12.53 -40.35
N THR N 299 -37.66 12.63 -39.13
CA THR N 299 -37.07 12.00 -37.96
C THR N 299 -36.78 10.52 -38.23
N MET N 300 -35.68 10.05 -37.63
CA MET N 300 -35.27 8.67 -37.75
C MET N 300 -36.27 7.77 -37.02
N SER N 301 -36.78 8.25 -35.88
CA SER N 301 -37.84 7.55 -35.14
C SER N 301 -39.24 7.90 -35.68
N LYS N 302 -40.10 6.89 -35.68
CA LYS N 302 -41.49 7.07 -36.05
C LYS N 302 -42.40 7.87 -35.07
N THR N 303 -42.05 7.95 -33.79
CA THR N 303 -42.92 8.62 -32.79
C THR N 303 -42.23 9.75 -32.03
N LYS N 304 -40.92 9.81 -32.14
CA LYS N 304 -40.19 10.75 -31.32
C LYS N 304 -39.37 11.70 -32.15
N ARG N 305 -38.94 12.77 -31.51
CA ARG N 305 -38.17 13.77 -32.23
C ARG N 305 -36.69 13.47 -32.11
N MET N 306 -36.34 12.28 -32.58
CA MET N 306 -34.99 11.73 -32.53
C MET N 306 -34.47 11.37 -33.92
N GLY N 307 -33.26 11.81 -34.22
CA GLY N 307 -32.67 11.59 -35.52
C GLY N 307 -33.34 12.35 -36.67
N MET N 308 -32.62 12.49 -37.77
CA MET N 308 -33.12 13.08 -39.00
C MET N 308 -32.46 12.38 -40.19
N GLY N 309 -33.30 11.97 -41.13
CA GLY N 309 -32.80 11.37 -42.37
C GLY N 309 -33.14 12.22 -43.58
N LEU N 310 -32.32 12.15 -44.62
CA LEU N 310 -32.53 12.94 -45.81
C LEU N 310 -33.10 12.01 -46.88
N TYR N 311 -34.13 12.45 -47.58
CA TYR N 311 -34.77 11.65 -48.62
C TYR N 311 -34.84 12.51 -49.87
N VAL N 312 -35.09 11.88 -51.02
CA VAL N 312 -35.14 12.61 -52.30
C VAL N 312 -35.95 11.93 -53.39
N LYS N 313 -36.57 12.74 -54.24
CA LYS N 313 -37.23 12.23 -55.47
C LYS N 313 -37.08 13.23 -56.60
N TYR N 314 -36.83 12.70 -57.80
CA TYR N 314 -36.61 13.53 -58.99
C TYR N 314 -37.86 13.49 -59.87
N ASP N 315 -38.43 14.66 -60.18
CA ASP N 315 -39.67 14.75 -61.02
C ASP N 315 -40.87 14.01 -60.47
N GLY N 316 -41.93 14.00 -61.26
CA GLY N 316 -43.17 13.37 -60.90
C GLY N 316 -44.07 14.40 -60.30
N ASP N 317 -45.24 13.96 -59.84
CA ASP N 317 -46.16 14.82 -59.11
C ASP N 317 -46.26 14.27 -57.68
N PRO N 318 -45.86 15.03 -56.67
CA PRO N 318 -45.92 14.49 -55.31
C PRO N 318 -47.35 14.27 -54.87
N TRP N 319 -48.30 14.82 -55.63
CA TRP N 319 -49.69 14.65 -55.27
C TRP N 319 -50.25 13.30 -55.64
N THR N 320 -49.52 12.54 -56.44
CA THR N 320 -50.05 11.29 -56.99
C THR N 320 -49.09 10.07 -56.88
N ASP N 321 -47.79 10.34 -56.77
CA ASP N 321 -46.76 9.30 -56.68
C ASP N 321 -46.69 8.62 -55.34
N SER N 322 -47.06 7.33 -55.31
CA SER N 322 -47.06 6.59 -54.05
C SER N 322 -45.67 5.99 -53.84
N ASP N 323 -44.84 6.09 -54.90
CA ASP N 323 -43.51 5.54 -54.86
C ASP N 323 -42.81 6.00 -53.58
N ALA N 324 -42.01 5.10 -53.01
CA ALA N 324 -41.24 5.43 -51.85
C ALA N 324 -40.25 6.50 -52.26
N LEU N 325 -39.94 7.39 -51.33
CA LEU N 325 -38.86 8.35 -51.45
C LEU N 325 -37.52 7.67 -51.21
N ALA N 326 -36.49 8.08 -51.94
CA ALA N 326 -35.19 7.42 -51.85
C ALA N 326 -34.45 7.90 -50.59
N LEU N 327 -34.06 6.96 -49.72
CA LEU N 327 -33.33 7.33 -48.49
C LEU N 327 -31.90 7.68 -48.86
N SER N 328 -31.52 8.94 -48.60
CA SER N 328 -30.24 9.49 -49.07
C SER N 328 -29.12 9.51 -48.02
N GLY N 329 -29.49 9.59 -46.74
CA GLY N 329 -28.51 9.51 -45.64
C GLY N 329 -29.06 9.86 -44.27
N VAL N 330 -28.42 9.35 -43.22
CA VAL N 330 -28.71 9.71 -41.84
C VAL N 330 -27.95 10.98 -41.46
N MET N 331 -28.68 12.07 -41.26
CA MET N 331 -28.11 13.39 -40.88
C MET N 331 -27.91 13.56 -39.37
N VAL N 332 -28.86 13.05 -38.62
CA VAL N 332 -28.72 12.97 -37.19
C VAL N 332 -29.14 11.58 -36.80
N SER N 333 -28.23 10.84 -36.14
CA SER N 333 -28.55 9.48 -35.69
C SER N 333 -29.70 9.44 -34.67
N MET N 334 -30.39 8.31 -34.63
CA MET N 334 -31.44 8.05 -33.64
C MET N 334 -31.06 8.42 -32.17
N GLU N 335 -29.79 8.52 -31.85
CA GLU N 335 -29.39 8.83 -30.49
C GLU N 335 -29.41 10.33 -30.19
N GLU N 336 -29.56 11.16 -31.22
CA GLU N 336 -29.50 12.61 -31.06
C GLU N 336 -30.87 13.21 -31.33
N PRO N 337 -31.15 14.42 -30.79
CA PRO N 337 -32.45 15.04 -31.04
C PRO N 337 -32.58 15.58 -32.48
N GLY N 338 -33.74 15.34 -33.06
CA GLY N 338 -34.13 15.86 -34.36
C GLY N 338 -35.52 16.44 -34.25
N TRP N 339 -35.59 17.75 -34.01
CA TRP N 339 -36.87 18.40 -33.89
C TRP N 339 -37.17 19.00 -35.28
N TYR N 340 -37.61 20.26 -35.31
CA TYR N 340 -37.95 20.96 -36.53
C TYR N 340 -36.85 20.89 -37.57
N SER N 341 -37.25 20.82 -38.84
CA SER N 341 -36.30 21.07 -39.94
C SER N 341 -36.89 21.99 -41.00
N PHE N 342 -36.03 22.59 -41.79
CA PHE N 342 -36.42 23.62 -42.74
C PHE N 342 -35.42 23.62 -43.91
N GLY N 343 -35.87 24.10 -45.07
CA GLY N 343 -35.00 24.32 -46.24
C GLY N 343 -34.59 25.77 -46.43
N PHE N 344 -33.49 25.96 -47.14
CA PHE N 344 -33.03 27.28 -47.60
C PHE N 344 -32.01 27.14 -48.69
N GLU N 345 -31.60 28.28 -49.25
CA GLU N 345 -30.77 28.29 -50.43
C GLU N 345 -29.75 29.40 -50.27
N ILE N 346 -28.47 29.02 -50.36
CA ILE N 346 -27.38 29.96 -50.34
C ILE N 346 -27.11 30.38 -51.79
N LYS N 347 -26.72 31.65 -52.01
CA LYS N 347 -26.51 32.08 -53.39
C LYS N 347 -25.06 32.13 -53.76
N ASP N 348 -24.68 31.22 -54.65
CA ASP N 348 -23.36 31.28 -55.19
C ASP N 348 -23.33 32.38 -56.28
N LYS N 349 -22.20 32.55 -56.96
CA LYS N 349 -22.09 33.65 -57.92
C LYS N 349 -23.14 33.60 -59.02
N LYS N 350 -23.44 32.43 -59.56
CA LYS N 350 -24.37 32.29 -60.66
C LYS N 350 -25.34 31.16 -60.50
N CYS N 351 -25.33 30.51 -59.33
CA CYS N 351 -26.36 29.48 -59.04
C CYS N 351 -26.73 29.41 -57.57
N ASP N 352 -27.84 28.70 -57.26
CA ASP N 352 -28.37 28.62 -55.92
C ASP N 352 -28.08 27.26 -55.26
N VAL N 353 -27.61 27.27 -54.02
CA VAL N 353 -27.22 26.05 -53.28
C VAL N 353 -28.30 25.66 -52.27
N PRO N 354 -29.04 24.59 -52.59
CA PRO N 354 -30.10 24.11 -51.71
C PRO N 354 -29.58 23.45 -50.44
N CYS N 355 -30.13 23.80 -49.30
CA CYS N 355 -29.65 23.31 -47.99
C CYS N 355 -30.81 22.92 -47.11
N ILE N 356 -30.55 22.10 -46.08
CA ILE N 356 -31.60 21.72 -45.11
C ILE N 356 -31.04 21.90 -43.74
N GLY N 357 -31.63 22.80 -42.95
CA GLY N 357 -31.21 22.96 -41.55
C GLY N 357 -32.03 22.07 -40.61
N ILE N 358 -31.44 21.72 -39.46
CA ILE N 358 -32.12 20.88 -38.48
C ILE N 358 -32.00 21.46 -37.09
N GLU N 359 -33.14 21.79 -36.50
CA GLU N 359 -33.23 22.18 -35.10
C GLU N 359 -32.99 20.94 -34.27
N MET N 360 -31.92 20.97 -33.51
CA MET N 360 -31.58 19.86 -32.62
C MET N 360 -31.75 20.33 -31.19
N VAL N 361 -32.97 20.22 -30.69
CA VAL N 361 -33.32 20.79 -29.38
C VAL N 361 -32.71 20.02 -28.22
N HIS N 362 -32.32 20.77 -27.18
CA HIS N 362 -31.78 20.22 -25.93
C HIS N 362 -32.91 20.16 -24.96
N ASP N 363 -33.57 19.01 -24.87
CA ASP N 363 -34.77 18.87 -24.03
C ASP N 363 -34.48 18.11 -22.72
N GLY N 364 -34.67 18.78 -21.58
CA GLY N 364 -34.50 18.15 -20.24
C GLY N 364 -35.75 18.33 -19.37
N GLY N 365 -36.89 18.55 -20.01
CA GLY N 365 -38.17 18.76 -19.31
C GLY N 365 -38.33 20.22 -18.90
N LYS N 366 -39.48 20.56 -18.32
CA LYS N 366 -39.72 21.94 -17.92
C LYS N 366 -38.94 22.45 -16.66
N GLU N 367 -38.25 21.53 -15.96
CA GLU N 367 -37.48 21.92 -14.75
C GLU N 367 -36.07 22.44 -15.00
N THR N 368 -35.70 22.62 -16.28
CA THR N 368 -34.41 23.23 -16.68
C THR N 368 -34.58 24.02 -17.97
N TRP N 369 -33.46 24.46 -18.55
CA TRP N 369 -33.53 25.23 -19.78
C TRP N 369 -33.97 24.40 -21.00
N HIS N 370 -34.36 25.10 -22.06
CA HIS N 370 -34.85 24.45 -23.25
C HIS N 370 -34.49 25.29 -24.47
N SER N 371 -33.40 24.89 -25.15
CA SER N 371 -33.00 25.54 -26.39
C SER N 371 -32.62 24.51 -27.46
N ALA N 372 -32.03 25.00 -28.55
CA ALA N 372 -31.71 24.18 -29.71
C ALA N 372 -30.35 24.49 -30.32
N ALA N 373 -29.69 23.48 -30.87
CA ALA N 373 -28.57 23.71 -31.78
C ALA N 373 -29.15 23.78 -33.21
N THR N 374 -28.30 24.02 -34.21
CA THR N 374 -28.74 24.02 -35.61
C THR N 374 -27.69 23.34 -36.50
N ALA N 375 -28.08 22.21 -37.08
CA ALA N 375 -27.27 21.45 -38.01
C ALA N 375 -27.58 21.88 -39.46
N ILE N 376 -26.57 22.05 -40.29
CA ILE N 376 -26.77 22.42 -41.69
C ILE N 376 -26.14 21.39 -42.65
N TYR N 377 -26.98 20.78 -43.50
CA TYR N 377 -26.53 19.99 -44.63
C TYR N 377 -26.84 20.73 -45.93
N CYS N 378 -25.87 20.81 -46.84
CA CYS N 378 -26.10 21.41 -48.18
C CYS N 378 -25.71 20.46 -49.34
N LEU N 379 -26.30 20.72 -50.51
CA LEU N 379 -25.94 20.07 -51.74
C LEU N 379 -24.53 20.49 -52.05
N MET N 380 -23.61 19.53 -51.99
CA MET N 380 -22.23 19.76 -52.39
C MET N 380 -21.55 18.49 -52.94
N GLY N 381 -21.14 18.58 -54.20
CA GLY N 381 -20.39 17.49 -54.87
C GLY N 381 -21.22 16.28 -55.21
N SER N 382 -20.52 15.19 -55.49
CA SER N 382 -21.12 13.91 -55.87
C SER N 382 -20.95 12.80 -54.81
N GLY N 383 -21.59 11.64 -54.99
CA GLY N 383 -21.36 10.48 -54.08
C GLY N 383 -22.46 10.18 -53.05
N GLN N 384 -22.06 9.81 -51.82
CA GLN N 384 -23.06 9.49 -50.78
C GLN N 384 -22.86 10.35 -49.55
N LEU N 385 -23.97 10.83 -48.96
CA LEU N 385 -23.92 11.54 -47.69
C LEU N 385 -23.03 10.80 -46.68
N LEU N 386 -22.05 11.54 -46.16
CA LEU N 386 -20.97 10.90 -45.42
C LEU N 386 -21.07 10.93 -43.90
N TRP N 387 -21.39 12.08 -43.30
CA TRP N 387 -21.28 12.16 -41.84
C TRP N 387 -22.53 12.73 -41.17
N ASP N 388 -22.82 12.23 -39.97
CA ASP N 388 -23.94 12.71 -39.16
C ASP N 388 -23.48 13.83 -38.21
N THR N 389 -24.45 14.53 -37.60
CA THR N 389 -24.17 15.67 -36.72
C THR N 389 -24.54 15.34 -35.29
N VAL N 390 -23.77 15.87 -34.34
CA VAL N 390 -24.10 15.77 -32.92
C VAL N 390 -23.99 17.17 -32.33
N THR N 391 -24.75 17.44 -31.25
CA THR N 391 -24.69 18.76 -30.60
C THR N 391 -23.47 18.93 -29.74
N GLY N 392 -22.94 17.82 -29.24
CA GLY N 392 -21.83 17.85 -28.30
C GLY N 392 -22.18 18.27 -26.88
N VAL N 393 -23.44 18.66 -26.67
CA VAL N 393 -23.88 19.35 -25.44
C VAL N 393 -24.39 18.40 -24.32
N ASP N 394 -23.82 18.59 -23.15
CA ASP N 394 -24.29 17.91 -21.94
C ASP N 394 -25.11 18.95 -21.17
N MET N 395 -26.38 18.65 -20.99
CA MET N 395 -27.31 19.59 -20.36
C MET N 395 -27.20 19.80 -18.84
N ALA N 396 -26.39 18.98 -18.15
CA ALA N 396 -26.11 19.16 -16.70
C ALA N 396 -25.02 20.19 -16.43
N LEU N 397 -24.32 20.63 -17.48
CA LEU N 397 -23.21 21.58 -17.34
C LEU N 397 -23.62 23.06 -17.38
N PRO O 9 -25.39 62.43 -49.96
CA PRO O 9 -26.57 62.56 -49.08
C PRO O 9 -27.03 64.03 -48.91
N GLU O 10 -28.33 64.20 -48.64
CA GLU O 10 -28.97 65.50 -48.51
C GLU O 10 -29.73 65.62 -47.18
N TRP O 11 -30.13 66.85 -46.84
CA TRP O 11 -30.81 67.11 -45.57
C TRP O 11 -32.15 66.46 -45.54
N THR O 12 -32.53 66.00 -44.35
CA THR O 12 -33.80 65.33 -44.17
C THR O 12 -34.93 66.31 -43.72
N TYR O 13 -36.19 65.94 -44.00
CA TYR O 13 -37.36 66.78 -43.71
C TYR O 13 -38.46 65.82 -43.25
N PRO O 14 -39.40 66.28 -42.39
CA PRO O 14 -40.52 65.43 -42.07
C PRO O 14 -41.37 65.09 -43.29
N ARG O 15 -41.79 63.83 -43.41
CA ARG O 15 -42.66 63.40 -44.51
C ARG O 15 -44.07 63.03 -44.01
N LEU O 16 -44.94 62.65 -44.94
CA LEU O 16 -46.26 62.10 -44.54
C LEU O 16 -46.02 60.80 -43.82
N SER O 17 -46.73 60.56 -42.74
CA SER O 17 -46.57 59.30 -42.01
C SER O 17 -47.03 58.09 -42.85
N CYS O 18 -46.59 56.90 -42.45
CA CYS O 18 -46.99 55.68 -43.12
C CYS O 18 -48.44 55.33 -42.82
N PRO O 19 -49.12 54.64 -43.75
CA PRO O 19 -50.47 54.18 -43.48
C PRO O 19 -50.58 53.43 -42.14
N GLY O 20 -51.69 53.64 -41.45
CA GLY O 20 -51.97 52.99 -40.19
C GLY O 20 -53.02 53.76 -39.42
N SER O 21 -53.73 53.06 -38.56
CA SER O 21 -54.65 53.70 -37.60
C SER O 21 -54.54 53.14 -36.17
N THR O 22 -53.52 52.34 -35.88
CA THR O 22 -53.31 51.83 -34.52
C THR O 22 -51.84 51.54 -34.23
N PHE O 23 -51.41 51.83 -33.01
CA PHE O 23 -50.12 51.40 -32.53
C PHE O 23 -50.19 49.95 -32.13
N GLN O 24 -49.10 49.23 -32.35
CA GLN O 24 -48.97 47.87 -31.84
C GLN O 24 -47.61 47.73 -31.16
N LYS O 25 -47.47 46.67 -30.37
CA LYS O 25 -46.27 46.35 -29.64
C LYS O 25 -45.22 45.96 -30.64
N ALA O 26 -44.04 46.60 -30.58
CA ALA O 26 -43.03 46.34 -31.59
C ALA O 26 -41.81 45.57 -31.06
N LEU O 27 -41.19 46.07 -30.00
CA LEU O 27 -39.93 45.51 -29.59
C LEU O 27 -39.66 45.84 -28.14
N LEU O 28 -38.96 44.95 -27.44
CA LEU O 28 -38.58 45.17 -26.07
C LEU O 28 -37.08 45.09 -26.00
N ILE O 29 -36.45 46.13 -25.45
CA ILE O 29 -35.07 46.08 -25.07
C ILE O 29 -34.96 46.00 -23.53
N SER O 30 -34.87 44.76 -23.01
CA SER O 30 -34.69 44.56 -21.58
C SER O 30 -33.34 43.93 -21.36
N PRO O 31 -32.32 44.77 -21.18
CA PRO O 31 -30.97 44.24 -21.05
C PRO O 31 -30.71 43.55 -19.72
N HIS O 32 -31.53 43.81 -18.70
CA HIS O 32 -31.31 43.19 -17.39
C HIS O 32 -31.89 41.79 -17.28
N ARG O 33 -32.46 41.32 -18.37
CA ARG O 33 -32.83 39.91 -18.51
C ARG O 33 -31.54 39.07 -18.48
N PHE O 34 -30.41 39.78 -18.47
CA PHE O 34 -29.08 39.23 -18.70
C PHE O 34 -28.08 39.62 -17.65
N GLY O 35 -28.50 40.42 -16.69
CA GLY O 35 -27.60 40.74 -15.56
C GLY O 35 -27.78 39.89 -14.29
N GLU O 36 -27.94 38.58 -14.42
CA GLU O 36 -27.87 37.73 -13.23
C GLU O 36 -26.43 37.48 -12.72
N THR O 37 -26.31 37.39 -11.40
CA THR O 37 -25.18 36.72 -10.75
C THR O 37 -24.78 35.47 -11.50
N LYS O 38 -25.76 34.63 -11.85
CA LYS O 38 -25.54 33.30 -12.51
C LYS O 38 -25.13 33.39 -13.99
N GLY O 39 -25.32 34.57 -14.57
CA GLY O 39 -25.09 34.82 -15.99
C GLY O 39 -23.69 35.32 -16.26
N ASN O 40 -23.47 35.73 -17.52
CA ASN O 40 -22.12 36.09 -18.01
C ASN O 40 -22.19 37.23 -19.00
N SER O 41 -23.11 38.16 -18.72
CA SER O 41 -23.31 39.38 -19.53
C SER O 41 -23.10 40.64 -18.67
N ALA O 42 -22.95 41.79 -19.35
CA ALA O 42 -22.78 43.05 -18.69
C ALA O 42 -23.62 44.11 -19.37
N PRO O 43 -24.94 44.12 -19.07
CA PRO O 43 -25.76 45.23 -19.45
C PRO O 43 -25.36 46.43 -18.65
N LEU O 44 -25.39 47.60 -19.29
CA LEU O 44 -25.02 48.87 -18.64
C LEU O 44 -26.17 49.41 -17.81
N ILE O 45 -25.84 49.95 -16.62
CA ILE O 45 -26.85 50.58 -15.77
C ILE O 45 -27.17 51.96 -16.35
N ILE O 46 -28.42 52.15 -16.72
CA ILE O 46 -28.86 53.37 -17.40
C ILE O 46 -30.13 53.97 -16.80
N ARG O 47 -30.52 55.11 -17.37
CA ARG O 47 -31.88 55.65 -17.29
C ARG O 47 -32.04 56.68 -18.42
N GLU O 48 -33.23 57.24 -18.53
CA GLU O 48 -33.54 58.22 -19.59
C GLU O 48 -33.12 57.70 -20.97
N PRO O 49 -33.58 56.49 -21.33
CA PRO O 49 -33.39 56.00 -22.64
C PRO O 49 -34.18 56.83 -23.64
N PHE O 50 -33.80 56.74 -24.91
CA PHE O 50 -34.54 57.35 -25.98
C PHE O 50 -33.99 56.93 -27.28
N ILE O 51 -34.77 57.04 -28.33
CA ILE O 51 -34.38 56.55 -29.65
C ILE O 51 -34.47 57.71 -30.61
N ALA O 52 -33.56 57.75 -31.56
CA ALA O 52 -33.57 58.73 -32.62
C ALA O 52 -33.13 57.98 -33.82
N CYS O 53 -33.70 58.29 -34.99
CA CYS O 53 -33.38 57.58 -36.20
C CYS O 53 -32.84 58.48 -37.29
N GLY O 54 -32.00 57.92 -38.16
CA GLY O 54 -31.56 58.54 -39.41
C GLY O 54 -32.08 57.71 -40.60
N PRO O 55 -31.69 58.08 -41.83
CA PRO O 55 -32.29 57.43 -43.02
C PRO O 55 -31.99 55.94 -43.15
N LYS O 56 -30.89 55.46 -42.58
CA LYS O 56 -30.61 54.03 -42.60
C LYS O 56 -30.60 53.28 -41.23
N GLU O 57 -30.43 54.00 -40.13
CA GLU O 57 -30.27 53.40 -38.83
C GLU O 57 -31.03 54.08 -37.67
N CYS O 58 -31.52 53.26 -36.75
CA CYS O 58 -32.12 53.74 -35.51
C CYS O 58 -31.23 53.45 -34.32
N LYS O 59 -30.79 54.49 -33.63
CA LYS O 59 -29.93 54.34 -32.45
C LYS O 59 -30.69 54.46 -31.13
N HIS O 60 -30.32 53.60 -30.17
CA HIS O 60 -31.05 53.52 -28.90
C HIS O 60 -30.18 54.18 -27.91
N PHE O 61 -30.56 55.36 -27.44
CA PHE O 61 -29.67 56.15 -26.56
C PHE O 61 -30.06 55.99 -25.10
N ALA O 62 -29.12 56.18 -24.18
CA ALA O 62 -29.44 56.23 -22.75
C ALA O 62 -28.41 57.04 -21.93
N LEU O 63 -28.75 57.37 -20.67
CA LEU O 63 -27.71 57.98 -19.80
C LEU O 63 -27.20 56.93 -18.83
N THR O 64 -25.95 56.50 -19.00
CA THR O 64 -25.35 55.50 -18.11
C THR O 64 -24.60 56.07 -16.93
N HIS O 65 -24.58 55.28 -15.85
CA HIS O 65 -23.91 55.62 -14.59
C HIS O 65 -22.52 55.08 -14.62
N TYR O 66 -22.14 54.54 -15.77
CA TYR O 66 -20.80 53.97 -15.99
C TYR O 66 -20.55 52.77 -15.09
N ALA O 67 -21.60 51.92 -15.02
CA ALA O 67 -21.56 50.71 -14.21
C ALA O 67 -22.35 49.67 -14.96
N ALA O 68 -22.20 48.41 -14.58
CA ALA O 68 -22.98 47.37 -15.19
C ALA O 68 -23.53 46.43 -14.11
N GLN O 69 -24.48 45.59 -14.52
CA GLN O 69 -25.06 44.58 -13.67
C GLN O 69 -24.71 43.22 -14.27
N PRO O 70 -24.06 42.32 -13.47
CA PRO O 70 -23.73 42.54 -12.05
C PRO O 70 -22.48 43.32 -11.90
N GLY O 71 -22.37 44.10 -10.85
CA GLY O 71 -21.17 44.90 -10.65
C GLY O 71 -21.05 45.23 -9.19
N GLY O 72 -20.34 46.33 -8.90
CA GLY O 72 -20.10 46.74 -7.52
C GLY O 72 -20.19 48.23 -7.33
N TYR O 73 -20.74 48.91 -8.34
CA TYR O 73 -20.95 50.38 -8.26
C TYR O 73 -22.42 50.73 -8.36
N TYR O 74 -23.24 49.93 -7.68
CA TYR O 74 -24.67 50.15 -7.60
C TYR O 74 -25.03 51.39 -6.80
N ASN O 75 -24.23 51.71 -5.78
CA ASN O 75 -24.48 52.90 -4.96
C ASN O 75 -24.32 54.22 -5.76
N GLY O 76 -25.43 54.96 -5.88
CA GLY O 76 -25.42 56.25 -6.58
C GLY O 76 -26.07 56.19 -7.96
N THR O 77 -26.59 55.01 -8.31
CA THR O 77 -27.22 54.79 -9.61
C THR O 77 -28.70 55.15 -9.57
N ARG O 78 -29.22 55.43 -8.37
CA ARG O 78 -30.51 56.13 -8.11
C ARG O 78 -30.43 57.67 -8.09
N GLY O 79 -29.24 58.25 -7.97
CA GLY O 79 -29.08 59.70 -8.12
C GLY O 79 -29.33 60.15 -9.58
N ASP O 80 -28.98 61.39 -9.91
CA ASP O 80 -29.06 61.81 -11.34
C ASP O 80 -27.72 62.42 -11.86
N ARG O 81 -27.30 63.55 -11.31
CA ARG O 81 -26.09 64.21 -11.82
C ARG O 81 -24.82 63.90 -11.06
N ASN O 82 -23.94 63.11 -11.64
CA ASN O 82 -22.58 62.88 -11.15
C ASN O 82 -21.56 62.98 -12.31
N LYS O 83 -20.26 62.93 -11.93
CA LYS O 83 -19.14 63.14 -12.83
C LYS O 83 -18.84 61.96 -13.74
N LEU O 84 -19.54 60.84 -13.53
CA LEU O 84 -19.24 59.60 -14.28
C LEU O 84 -20.29 59.30 -15.34
N ARG O 85 -21.45 59.90 -15.17
CA ARG O 85 -22.55 59.80 -16.09
C ARG O 85 -22.17 60.11 -17.56
N HIS O 86 -22.70 59.29 -18.45
CA HIS O 86 -22.38 59.41 -19.86
C HIS O 86 -23.55 59.14 -20.78
N LEU O 87 -23.55 59.83 -21.93
CA LEU O 87 -24.45 59.51 -23.01
C LEU O 87 -23.84 58.33 -23.82
N ILE O 88 -24.63 57.27 -24.00
CA ILE O 88 -24.22 56.07 -24.72
C ILE O 88 -25.24 55.71 -25.79
N SER O 89 -24.81 54.91 -26.77
CA SER O 89 -25.76 54.40 -27.76
C SER O 89 -25.35 53.02 -28.29
N VAL O 90 -26.35 52.34 -28.85
CA VAL O 90 -26.22 51.11 -29.58
C VAL O 90 -27.23 51.19 -30.73
N LYS O 91 -26.98 50.46 -31.80
CA LYS O 91 -27.96 50.32 -32.84
C LYS O 91 -29.20 49.73 -32.15
N LEU O 92 -30.35 50.27 -32.50
CA LEU O 92 -31.56 49.79 -31.95
C LEU O 92 -31.66 48.33 -32.32
N GLY O 93 -31.90 47.51 -31.29
CA GLY O 93 -32.10 46.10 -31.48
C GLY O 93 -30.94 45.36 -30.85
N LYS O 94 -29.91 46.10 -30.48
CA LYS O 94 -28.78 45.50 -29.80
C LYS O 94 -28.94 45.80 -28.32
N ILE O 95 -28.60 44.82 -27.50
CA ILE O 95 -28.58 44.97 -26.05
C ILE O 95 -27.44 45.89 -25.64
N PRO O 96 -27.75 46.98 -24.92
CA PRO O 96 -26.70 47.94 -24.56
C PRO O 96 -25.86 47.44 -23.39
N THR O 97 -24.78 46.78 -23.74
CA THR O 97 -23.89 46.21 -22.76
C THR O 97 -22.62 47.04 -22.86
N VAL O 98 -21.64 46.70 -22.03
CA VAL O 98 -20.41 47.42 -21.95
C VAL O 98 -19.72 47.46 -23.32
N GLU O 99 -19.62 46.30 -23.95
CA GLU O 99 -18.91 46.17 -25.21
C GLU O 99 -19.71 46.61 -26.45
N ASN O 100 -21.04 46.41 -26.45
CA ASN O 100 -21.90 46.85 -27.57
C ASN O 100 -22.07 48.37 -27.69
N SER O 101 -22.19 49.04 -26.55
CA SER O 101 -22.36 50.48 -26.48
C SER O 101 -21.16 51.22 -27.02
N ILE O 102 -21.41 52.47 -27.40
CA ILE O 102 -20.36 53.45 -27.65
C ILE O 102 -20.61 54.58 -26.68
N PHE O 103 -19.56 55.08 -26.08
CA PHE O 103 -19.68 56.24 -25.17
C PHE O 103 -19.41 57.52 -25.96
N HIS O 104 -20.42 58.38 -26.00
CA HIS O 104 -20.35 59.61 -26.81
C HIS O 104 -19.71 60.79 -26.09
N MET O 105 -20.18 61.07 -24.88
CA MET O 105 -19.62 62.16 -24.08
C MET O 105 -20.10 62.09 -22.63
N ALA O 106 -19.42 62.78 -21.73
CA ALA O 106 -19.93 62.86 -20.37
C ALA O 106 -21.21 63.68 -20.39
N ALA O 107 -22.26 63.18 -19.73
CA ALA O 107 -23.56 63.88 -19.65
C ALA O 107 -24.40 63.29 -18.55
N TRP O 108 -25.15 64.16 -17.86
CA TRP O 108 -26.24 63.71 -17.04
C TRP O 108 -27.55 64.20 -17.55
N SER O 109 -27.55 64.79 -18.73
CA SER O 109 -28.83 65.07 -19.47
C SER O 109 -28.51 65.03 -20.94
N GLY O 110 -29.37 64.41 -21.74
CA GLY O 110 -29.02 64.23 -23.15
C GLY O 110 -30.08 64.36 -24.23
N SER O 111 -29.63 64.29 -25.47
CA SER O 111 -30.49 64.36 -26.67
C SER O 111 -29.63 64.06 -27.87
N ALA O 112 -30.25 63.73 -28.98
CA ALA O 112 -29.51 63.48 -30.22
C ALA O 112 -30.43 63.46 -31.44
N CYS O 113 -29.85 63.63 -32.63
CA CYS O 113 -30.62 63.64 -33.88
C CYS O 113 -29.75 63.58 -35.14
N HIS O 114 -30.32 62.98 -36.17
CA HIS O 114 -29.72 62.94 -37.48
C HIS O 114 -30.32 64.02 -38.39
N ASP O 115 -29.48 64.65 -39.22
CA ASP O 115 -30.00 65.71 -40.09
C ASP O 115 -30.10 65.33 -41.57
N GLY O 116 -29.97 64.05 -41.85
CA GLY O 116 -29.80 63.56 -43.21
C GLY O 116 -28.35 63.28 -43.53
N LYS O 117 -27.43 64.11 -43.02
CA LYS O 117 -26.00 63.95 -43.31
C LYS O 117 -25.17 63.38 -42.14
N GLU O 118 -25.52 63.75 -40.91
CA GLU O 118 -24.70 63.33 -39.76
C GLU O 118 -25.43 63.44 -38.42
N TRP O 119 -24.95 62.68 -37.44
CA TRP O 119 -25.51 62.70 -36.07
C TRP O 119 -25.07 63.94 -35.27
N THR O 120 -26.05 64.58 -34.64
CA THR O 120 -25.74 65.58 -33.60
C THR O 120 -26.01 64.94 -32.24
N TYR O 121 -25.08 65.05 -31.30
CA TYR O 121 -25.24 64.49 -29.94
C TYR O 121 -25.17 65.57 -28.90
N ILE O 122 -26.17 65.61 -28.03
CA ILE O 122 -26.26 66.68 -27.03
C ILE O 122 -26.12 66.14 -25.63
N GLY O 123 -25.30 66.80 -24.85
CA GLY O 123 -25.01 66.33 -23.48
C GLY O 123 -24.69 67.46 -22.50
N VAL O 124 -25.48 67.56 -21.44
CA VAL O 124 -25.25 68.52 -20.40
C VAL O 124 -24.59 67.87 -19.21
N ASP O 125 -23.46 68.44 -18.78
CA ASP O 125 -22.89 68.15 -17.47
C ASP O 125 -22.35 69.42 -16.84
N GLY O 126 -21.65 69.30 -15.72
CA GLY O 126 -21.15 70.47 -15.01
C GLY O 126 -21.75 70.63 -13.62
N PRO O 127 -21.22 71.59 -12.84
CA PRO O 127 -21.77 71.73 -11.51
C PRO O 127 -23.23 72.16 -11.61
N GLU O 128 -23.98 71.96 -10.53
CA GLU O 128 -25.42 72.22 -10.53
C GLU O 128 -25.74 73.66 -10.83
N ASN O 129 -24.90 74.56 -10.32
CA ASN O 129 -25.18 75.99 -10.34
C ASN O 129 -24.59 76.69 -11.56
N ASN O 130 -23.98 75.92 -12.47
CA ASN O 130 -23.32 76.43 -13.67
C ASN O 130 -22.98 75.28 -14.61
N ALA O 131 -23.93 74.35 -14.75
CA ALA O 131 -23.85 73.30 -15.74
C ALA O 131 -23.60 73.85 -17.15
N LEU O 132 -23.36 72.92 -18.08
CA LEU O 132 -22.87 73.22 -19.45
C LEU O 132 -23.35 72.22 -20.50
N LEU O 133 -24.09 72.74 -21.48
CA LEU O 133 -24.57 71.91 -22.54
C LEU O 133 -23.48 71.82 -23.58
N LYS O 134 -23.24 70.59 -24.04
CA LYS O 134 -22.16 70.34 -24.97
C LYS O 134 -22.75 69.67 -26.20
N ILE O 135 -22.13 69.96 -27.35
CA ILE O 135 -22.60 69.49 -28.68
C ILE O 135 -21.42 68.86 -29.42
N LYS O 136 -21.70 67.68 -29.98
CA LYS O 136 -20.75 66.82 -30.69
C LYS O 136 -21.40 66.49 -32.05
N TYR O 137 -20.69 66.75 -33.12
CA TYR O 137 -21.23 66.50 -34.44
C TYR O 137 -20.44 65.35 -35.00
N GLY O 138 -21.07 64.19 -35.11
CA GLY O 138 -20.33 62.97 -35.44
C GLY O 138 -19.25 62.73 -34.40
N GLU O 139 -17.98 62.89 -34.80
CA GLU O 139 -16.84 62.69 -33.92
C GLU O 139 -16.34 63.95 -33.20
N ALA O 140 -16.60 65.13 -33.79
CA ALA O 140 -16.09 66.41 -33.28
C ALA O 140 -16.96 67.05 -32.22
N TYR O 141 -16.31 67.56 -31.18
CA TYR O 141 -16.93 68.47 -30.25
C TYR O 141 -16.93 69.85 -30.87
N THR O 142 -18.12 70.43 -31.04
CA THR O 142 -18.27 71.60 -31.90
C THR O 142 -18.64 72.94 -31.23
N ASP O 143 -19.40 72.85 -30.13
CA ASP O 143 -20.05 74.02 -29.49
C ASP O 143 -20.53 73.74 -28.06
N THR O 144 -20.77 74.83 -27.30
CA THR O 144 -21.44 74.72 -26.01
C THR O 144 -22.39 75.88 -25.73
N TYR O 145 -23.31 75.66 -24.82
CA TYR O 145 -24.20 76.71 -24.37
C TYR O 145 -24.18 76.68 -22.84
N HIS O 146 -24.13 77.87 -22.25
CA HIS O 146 -23.99 78.03 -20.79
C HIS O 146 -25.29 78.17 -20.02
N SER O 147 -25.23 77.75 -18.77
CA SER O 147 -26.30 77.92 -17.80
C SER O 147 -26.68 79.38 -17.71
N TYR O 148 -27.99 79.62 -17.80
CA TYR O 148 -28.58 80.97 -17.77
C TYR O 148 -29.56 81.26 -16.64
N ALA O 149 -30.03 80.24 -15.95
CA ALA O 149 -30.69 80.49 -14.67
C ALA O 149 -29.93 79.89 -13.49
N ASN O 150 -28.65 79.58 -13.66
CA ASN O 150 -27.81 78.98 -12.60
C ASN O 150 -28.54 78.03 -11.64
N ASN O 151 -29.44 77.21 -12.18
CA ASN O 151 -29.98 76.06 -11.44
C ASN O 151 -30.27 74.88 -12.36
N ILE O 152 -29.23 74.08 -12.59
CA ILE O 152 -29.32 72.79 -13.30
C ILE O 152 -29.83 72.92 -14.73
N LEU O 153 -28.97 73.42 -15.62
CA LEU O 153 -29.26 73.47 -17.03
C LEU O 153 -29.55 72.05 -17.54
N ARG O 154 -30.73 71.87 -18.14
CA ARG O 154 -31.27 70.57 -18.54
C ARG O 154 -31.70 70.55 -20.00
N THR O 155 -31.79 69.37 -20.58
CA THR O 155 -32.33 69.25 -21.94
C THR O 155 -33.41 68.17 -22.09
N GLN O 156 -33.82 67.89 -23.32
CA GLN O 156 -35.03 67.12 -23.57
C GLN O 156 -35.12 65.73 -22.98
N GLU O 157 -33.99 65.02 -22.84
CA GLU O 157 -33.99 63.58 -22.55
C GLU O 157 -34.61 62.77 -23.68
N SER O 158 -34.70 63.37 -24.88
CA SER O 158 -35.16 62.67 -26.11
C SER O 158 -34.68 63.32 -27.41
N ALA O 159 -35.02 62.69 -28.54
CA ALA O 159 -34.52 63.14 -29.88
C ALA O 159 -34.76 64.60 -30.19
N CYS O 160 -33.76 65.31 -30.67
CA CYS O 160 -34.00 66.63 -31.25
C CYS O 160 -34.67 66.49 -32.63
N ASN O 161 -34.80 67.59 -33.37
CA ASN O 161 -35.56 67.50 -34.62
C ASN O 161 -34.95 68.36 -35.65
N CYS O 162 -34.54 67.76 -36.75
CA CYS O 162 -33.82 68.49 -37.76
C CYS O 162 -34.66 68.68 -39.02
N ILE O 163 -34.58 69.88 -39.57
CA ILE O 163 -35.27 70.17 -40.81
C ILE O 163 -34.31 71.01 -41.65
N GLY O 164 -34.04 70.55 -42.88
CA GLY O 164 -33.14 71.27 -43.78
C GLY O 164 -31.85 71.59 -43.08
N GLY O 165 -31.44 70.70 -42.19
CA GLY O 165 -30.12 70.78 -41.61
C GLY O 165 -30.05 71.66 -40.39
N ASN O 166 -31.22 72.18 -39.99
CA ASN O 166 -31.36 72.93 -38.75
C ASN O 166 -32.01 72.06 -37.72
N CYS O 167 -31.23 71.63 -36.73
CA CYS O 167 -31.77 70.88 -35.57
C CYS O 167 -32.20 71.86 -34.48
N TYR O 168 -33.41 71.65 -33.98
CA TYR O 168 -34.02 72.45 -32.92
C TYR O 168 -34.08 71.65 -31.59
N LEU O 169 -33.71 72.29 -30.49
CA LEU O 169 -33.56 71.59 -29.20
C LEU O 169 -34.11 72.39 -28.04
N MET O 170 -34.97 71.79 -27.23
CA MET O 170 -35.36 72.43 -26.00
C MET O 170 -34.24 72.31 -24.97
N ILE O 171 -33.97 73.42 -24.27
CA ILE O 171 -33.16 73.44 -23.04
C ILE O 171 -33.93 74.23 -21.97
N THR O 172 -33.80 73.80 -20.71
CA THR O 172 -34.42 74.52 -19.60
C THR O 172 -33.46 74.69 -18.46
N ASP O 173 -33.70 75.71 -17.66
CA ASP O 173 -32.83 76.06 -16.56
C ASP O 173 -33.75 76.67 -15.53
N GLY O 174 -33.60 76.29 -14.27
CA GLY O 174 -34.46 76.81 -13.23
C GLY O 174 -34.77 75.82 -12.14
N SER O 175 -35.50 76.25 -11.13
CA SER O 175 -35.72 75.41 -9.98
C SER O 175 -36.68 74.29 -10.32
N ALA O 176 -36.57 73.17 -9.62
CA ALA O 176 -37.50 72.05 -9.80
C ALA O 176 -38.87 72.35 -9.19
N SER O 177 -38.94 73.35 -8.33
CA SER O 177 -40.17 73.59 -7.55
C SER O 177 -40.63 75.03 -7.72
N GLY O 178 -40.07 75.70 -8.73
CA GLY O 178 -40.31 77.10 -9.04
C GLY O 178 -40.17 77.34 -10.54
N ILE O 179 -39.69 78.52 -10.89
CA ILE O 179 -39.57 78.96 -12.29
C ILE O 179 -38.47 78.20 -13.02
N SER O 180 -38.84 77.53 -14.11
CA SER O 180 -37.89 76.93 -15.03
C SER O 180 -38.21 77.32 -16.46
N GLU O 181 -37.99 78.60 -16.79
CA GLU O 181 -38.26 79.13 -18.11
C GLU O 181 -37.31 78.48 -19.14
N CYS O 182 -37.90 77.71 -20.08
CA CYS O 182 -37.14 77.07 -21.16
C CYS O 182 -36.78 77.98 -22.37
N ARG O 183 -35.86 77.47 -23.18
CA ARG O 183 -35.37 78.07 -24.41
C ARG O 183 -35.24 77.00 -25.47
N PHE O 184 -35.19 77.44 -26.71
CA PHE O 184 -34.86 76.54 -27.79
C PHE O 184 -33.56 76.96 -28.45
N LEU O 185 -32.73 75.98 -28.83
CA LEU O 185 -31.52 76.26 -29.57
C LEU O 185 -31.76 75.79 -30.99
N LYS O 186 -31.28 76.58 -31.95
CA LYS O 186 -31.26 76.17 -33.36
C LYS O 186 -29.82 75.81 -33.72
N ILE O 187 -29.60 74.56 -34.12
CA ILE O 187 -28.23 74.05 -34.27
C ILE O 187 -27.95 73.60 -35.72
N ARG O 188 -26.85 74.09 -36.30
CA ARG O 188 -26.50 73.69 -37.66
C ARG O 188 -25.08 73.14 -37.76
N GLU O 189 -24.97 71.91 -38.22
CA GLU O 189 -23.66 71.23 -38.26
C GLU O 189 -22.93 71.32 -36.90
N GLY O 190 -23.75 71.17 -35.85
CA GLY O 190 -23.29 71.10 -34.48
C GLY O 190 -22.91 72.40 -33.85
N ARG O 191 -23.30 73.50 -34.50
CA ARG O 191 -23.06 74.86 -33.98
C ARG O 191 -24.36 75.66 -33.80
N ILE O 192 -24.44 76.35 -32.69
CA ILE O 192 -25.63 77.10 -32.35
C ILE O 192 -25.70 78.37 -33.22
N ILE O 193 -26.81 78.54 -33.94
CA ILE O 193 -26.95 79.70 -34.83
C ILE O 193 -28.09 80.65 -34.40
N LYS O 194 -28.95 80.16 -33.50
CA LYS O 194 -30.00 81.01 -32.96
C LYS O 194 -30.51 80.59 -31.57
N GLU O 195 -30.73 81.57 -30.70
CA GLU O 195 -31.48 81.35 -29.45
C GLU O 195 -32.93 81.82 -29.68
N ILE O 196 -33.88 80.93 -29.44
CA ILE O 196 -35.26 81.24 -29.55
C ILE O 196 -35.83 81.30 -28.13
N PHE O 197 -36.41 82.46 -27.78
CA PHE O 197 -37.08 82.69 -26.49
C PHE O 197 -38.60 82.59 -26.64
N PRO O 198 -39.19 81.52 -26.07
CA PRO O 198 -40.64 81.35 -26.29
C PRO O 198 -41.46 82.37 -25.51
N THR O 199 -42.73 82.51 -25.87
CA THR O 199 -43.63 83.51 -25.29
C THR O 199 -44.87 82.76 -24.83
N GLY O 200 -45.73 83.42 -24.05
CA GLY O 200 -46.92 82.79 -23.48
C GLY O 200 -46.64 82.16 -22.10
N ARG O 201 -47.21 80.97 -21.87
CA ARG O 201 -47.11 80.33 -20.57
C ARG O 201 -45.72 79.70 -20.44
N VAL O 202 -44.77 80.46 -19.88
CA VAL O 202 -43.35 80.11 -19.83
C VAL O 202 -42.88 79.90 -18.38
N LYS O 203 -43.84 79.91 -17.48
CA LYS O 203 -43.61 79.77 -16.05
C LYS O 203 -42.68 78.56 -15.79
N HIS O 204 -43.06 77.40 -16.29
CA HIS O 204 -42.26 76.21 -16.04
C HIS O 204 -42.45 75.14 -17.13
N THR O 205 -41.35 74.83 -17.81
CA THR O 205 -41.35 73.89 -18.91
C THR O 205 -40.01 73.09 -18.92
N GLU O 206 -40.12 71.77 -18.92
CA GLU O 206 -38.95 70.93 -18.98
C GLU O 206 -39.24 69.59 -19.67
N GLU O 207 -38.20 68.97 -20.24
CA GLU O 207 -38.30 67.66 -20.89
C GLU O 207 -39.32 67.56 -22.03
N CYS O 208 -39.19 68.48 -22.97
CA CYS O 208 -40.19 68.55 -24.02
C CYS O 208 -40.00 67.39 -24.94
N THR O 209 -41.06 66.68 -25.22
CA THR O 209 -41.01 65.64 -26.19
C THR O 209 -41.53 66.32 -27.44
N CYS O 210 -40.64 66.63 -28.36
CA CYS O 210 -40.99 67.41 -29.52
C CYS O 210 -41.03 66.55 -30.75
N GLY O 211 -41.87 66.95 -31.70
CA GLY O 211 -41.98 66.32 -33.02
C GLY O 211 -42.38 67.32 -34.11
N PHE O 212 -42.23 66.97 -35.38
CA PHE O 212 -42.75 67.80 -36.45
C PHE O 212 -44.22 67.54 -36.64
N ALA O 213 -45.03 68.55 -36.34
CA ALA O 213 -46.41 68.51 -36.75
C ALA O 213 -46.52 68.74 -38.27
N SER O 214 -45.56 69.46 -38.83
CA SER O 214 -45.49 69.63 -40.28
C SER O 214 -44.17 70.28 -40.63
N ASN O 215 -44.02 70.67 -41.90
CA ASN O 215 -42.76 71.33 -42.35
C ASN O 215 -42.57 72.66 -41.70
N LYS O 216 -43.65 73.31 -41.25
CA LYS O 216 -43.56 74.64 -40.63
C LYS O 216 -43.44 74.62 -39.09
N THR O 217 -43.89 73.55 -38.45
CA THR O 217 -44.14 73.55 -37.00
C THR O 217 -43.58 72.33 -36.27
N ILE O 218 -42.71 72.58 -35.30
CA ILE O 218 -42.43 71.61 -34.24
C ILE O 218 -43.45 71.82 -33.10
N GLU O 219 -44.00 70.74 -32.57
CA GLU O 219 -44.84 70.81 -31.32
C GLU O 219 -44.26 69.92 -30.21
N CYS O 220 -44.38 70.37 -28.97
CA CYS O 220 -43.75 69.65 -27.85
C CYS O 220 -44.66 69.53 -26.70
N ALA O 221 -44.63 68.39 -26.05
CA ALA O 221 -45.45 68.12 -24.88
C ALA O 221 -44.50 67.97 -23.69
N CYS O 222 -44.52 68.94 -22.80
CA CYS O 222 -43.53 69.04 -21.74
C CYS O 222 -44.02 68.79 -20.26
N ARG O 223 -43.10 69.00 -19.34
CA ARG O 223 -43.29 68.67 -17.95
C ARG O 223 -43.28 69.96 -17.18
N ASP O 224 -44.33 70.16 -16.40
CA ASP O 224 -44.27 71.16 -15.34
C ASP O 224 -44.12 70.38 -14.03
N ASN O 225 -43.02 70.65 -13.36
CA ASN O 225 -42.71 70.01 -12.09
C ASN O 225 -43.22 70.76 -10.83
N SER O 226 -43.80 71.96 -11.02
CA SER O 226 -44.23 72.82 -9.90
C SER O 226 -45.74 73.04 -9.82
N TYR O 227 -46.33 73.41 -10.96
CA TYR O 227 -47.56 74.15 -10.89
C TYR O 227 -48.82 73.45 -11.32
N THR O 228 -48.71 72.51 -12.27
CA THR O 228 -49.90 71.93 -12.88
C THR O 228 -49.63 70.50 -13.33
N ALA O 229 -50.72 69.71 -13.38
CA ALA O 229 -50.69 68.40 -14.03
C ALA O 229 -51.13 68.40 -15.51
N LYS O 230 -51.37 69.57 -16.07
CA LYS O 230 -51.47 69.71 -17.53
C LYS O 230 -50.06 69.79 -18.04
N ARG O 231 -49.82 69.15 -19.18
CA ARG O 231 -48.56 69.34 -19.88
C ARG O 231 -48.52 70.70 -20.60
N PRO O 232 -47.48 71.49 -20.37
CA PRO O 232 -47.25 72.65 -21.21
C PRO O 232 -47.14 72.19 -22.66
N PHE O 233 -47.74 72.89 -23.60
CA PHE O 233 -47.69 72.40 -24.99
C PHE O 233 -47.05 73.47 -25.85
N VAL O 234 -45.83 73.21 -26.31
CA VAL O 234 -45.07 74.16 -27.13
C VAL O 234 -45.40 74.03 -28.61
N LYS O 235 -45.60 75.18 -29.27
CA LYS O 235 -45.68 75.25 -30.76
C LYS O 235 -44.62 76.19 -31.30
N LEU O 236 -43.67 75.61 -32.04
CA LEU O 236 -42.54 76.32 -32.62
C LEU O 236 -42.70 76.44 -34.14
N ASN O 237 -42.62 77.67 -34.64
CA ASN O 237 -42.60 77.91 -36.08
C ASN O 237 -41.14 77.87 -36.51
N VAL O 238 -40.79 76.88 -37.33
CA VAL O 238 -39.40 76.79 -37.79
C VAL O 238 -39.08 77.69 -38.99
N GLU O 239 -40.09 78.40 -39.51
CA GLU O 239 -39.85 79.33 -40.63
C GLU O 239 -39.52 80.74 -40.15
N THR O 240 -40.13 81.15 -39.04
CA THR O 240 -39.83 82.43 -38.42
C THR O 240 -38.98 82.28 -37.15
N ASP O 241 -38.80 81.05 -36.70
CA ASP O 241 -38.06 80.75 -35.48
C ASP O 241 -38.67 81.45 -34.26
N THR O 242 -39.95 81.20 -34.06
CA THR O 242 -40.73 81.80 -32.98
C THR O 242 -41.45 80.69 -32.23
N ALA O 243 -41.48 80.82 -30.91
CA ALA O 243 -42.10 79.75 -30.10
C ALA O 243 -43.14 80.31 -29.14
N GLU O 244 -44.22 79.57 -28.98
CA GLU O 244 -45.29 79.95 -28.05
C GLU O 244 -45.60 78.72 -27.18
N ILE O 245 -46.06 78.96 -25.96
CA ILE O 245 -46.30 77.87 -24.99
C ILE O 245 -47.56 78.13 -24.18
N ARG O 246 -48.48 77.16 -24.15
CA ARG O 246 -49.68 77.17 -23.30
C ARG O 246 -49.97 75.78 -22.81
N LEU O 247 -50.68 75.68 -21.68
CA LEU O 247 -51.08 74.40 -21.13
C LEU O 247 -51.97 73.65 -22.10
N MET O 248 -51.97 72.33 -22.01
CA MET O 248 -52.89 71.50 -22.76
C MET O 248 -54.21 71.53 -22.03
N CYS O 249 -55.26 71.94 -22.77
CA CYS O 249 -56.62 72.20 -22.24
C CYS O 249 -57.45 70.93 -21.98
N THR O 250 -57.00 69.78 -22.50
CA THR O 250 -57.75 68.52 -22.42
C THR O 250 -58.01 68.07 -20.99
N GLU O 251 -59.15 67.39 -20.79
CA GLU O 251 -59.46 66.88 -19.47
C GLU O 251 -58.65 65.64 -19.10
N THR O 252 -58.01 65.04 -20.12
CA THR O 252 -57.17 63.88 -19.96
C THR O 252 -55.78 64.34 -19.62
N TYR O 253 -55.57 64.71 -18.35
CA TYR O 253 -54.25 65.22 -17.89
C TYR O 253 -53.19 64.14 -18.02
N LEU O 254 -52.07 64.49 -18.65
CA LEU O 254 -51.06 63.53 -19.08
C LEU O 254 -49.89 63.38 -18.10
N ASP O 255 -49.74 64.34 -17.20
CA ASP O 255 -48.64 64.33 -16.23
C ASP O 255 -48.90 63.35 -15.08
N THR O 256 -47.86 63.08 -14.28
CA THR O 256 -47.97 62.25 -13.08
C THR O 256 -47.09 62.84 -11.96
N PRO O 257 -47.68 63.15 -10.78
CA PRO O 257 -49.08 62.90 -10.40
C PRO O 257 -50.02 63.80 -11.15
N ARG O 258 -51.31 63.46 -11.04
CA ARG O 258 -52.41 64.29 -11.55
C ARG O 258 -53.69 64.05 -10.72
N PRO O 259 -54.67 64.97 -10.80
CA PRO O 259 -55.98 64.72 -10.19
C PRO O 259 -56.88 63.92 -11.14
N ASP O 260 -58.16 63.79 -10.82
CA ASP O 260 -59.07 63.17 -11.77
C ASP O 260 -59.23 64.00 -13.05
N ASP O 261 -59.51 63.29 -14.13
CA ASP O 261 -59.66 63.91 -15.42
C ASP O 261 -60.84 64.87 -15.32
N GLY O 262 -60.70 66.06 -15.91
CA GLY O 262 -61.80 67.04 -15.96
C GLY O 262 -62.12 67.78 -14.67
N SER O 263 -61.37 67.48 -13.60
CA SER O 263 -61.60 68.05 -12.26
C SER O 263 -60.83 69.34 -11.99
N ILE O 264 -59.99 69.77 -12.91
CA ILE O 264 -59.37 71.06 -12.77
C ILE O 264 -60.35 72.03 -13.40
N THR O 265 -60.95 72.84 -12.52
CA THR O 265 -62.04 73.74 -12.87
C THR O 265 -61.49 75.04 -13.45
N GLY O 266 -62.31 75.75 -14.23
CA GLY O 266 -61.85 77.01 -14.86
C GLY O 266 -61.57 76.84 -16.34
N PRO O 267 -61.05 77.88 -17.00
CA PRO O 267 -60.75 77.78 -18.44
C PRO O 267 -59.43 76.97 -18.71
N CYS O 268 -58.94 77.00 -19.94
CA CYS O 268 -57.81 76.17 -20.34
C CYS O 268 -56.52 76.51 -19.62
N GLU O 269 -56.43 77.72 -19.09
CA GLU O 269 -55.19 78.12 -18.42
C GLU O 269 -55.08 77.70 -16.94
N SER O 270 -56.13 77.17 -16.35
CA SER O 270 -56.10 76.86 -14.92
C SER O 270 -55.05 75.81 -14.57
N ASN O 271 -54.28 76.07 -13.53
CA ASN O 271 -53.27 75.14 -13.09
C ASN O 271 -53.80 73.71 -12.79
N GLY O 272 -54.55 73.40 -11.73
CA GLY O 272 -54.57 74.09 -10.46
C GLY O 272 -53.93 73.09 -9.47
N ASP O 273 -54.60 71.96 -9.22
CA ASP O 273 -54.17 71.01 -8.14
C ASP O 273 -53.28 69.77 -8.51
N LYS O 274 -52.49 69.32 -7.53
CA LYS O 274 -51.57 68.16 -7.65
C LYS O 274 -50.48 68.37 -8.70
N GLY O 275 -50.20 69.65 -8.99
CA GLY O 275 -49.27 70.07 -10.04
C GLY O 275 -47.79 69.87 -9.77
N SER O 276 -47.40 69.76 -8.48
CA SER O 276 -45.98 69.55 -8.15
C SER O 276 -45.60 68.08 -8.39
N GLY O 277 -44.32 67.84 -8.65
CA GLY O 277 -43.88 66.57 -9.26
C GLY O 277 -44.25 66.52 -10.74
N GLY O 278 -43.80 65.48 -11.45
CA GLY O 278 -44.10 65.34 -12.86
C GLY O 278 -43.49 64.09 -13.43
N ILE O 279 -43.50 64.02 -14.76
CA ILE O 279 -42.88 62.94 -15.53
C ILE O 279 -42.72 63.37 -16.99
N LYS O 280 -41.64 62.92 -17.62
CA LYS O 280 -41.52 63.06 -19.05
C LYS O 280 -42.57 62.18 -19.74
N GLY O 281 -43.13 62.72 -20.83
CA GLY O 281 -44.26 62.07 -21.48
C GLY O 281 -44.16 61.86 -22.98
N GLY O 282 -44.64 60.70 -23.42
CA GLY O 282 -44.66 60.33 -24.81
C GLY O 282 -45.50 61.24 -25.67
N PHE O 283 -45.09 61.40 -26.92
CA PHE O 283 -45.80 62.27 -27.80
C PHE O 283 -45.16 62.12 -29.13
N VAL O 284 -46.02 61.82 -30.12
CA VAL O 284 -45.56 61.67 -31.48
C VAL O 284 -46.67 62.07 -32.49
N HIS O 285 -46.26 62.50 -33.69
CA HIS O 285 -47.20 62.98 -34.69
C HIS O 285 -47.48 61.93 -35.73
N GLN O 286 -48.73 61.86 -36.17
CA GLN O 286 -49.12 61.10 -37.35
C GLN O 286 -49.57 62.09 -38.43
N ARG O 287 -48.70 62.38 -39.40
CA ARG O 287 -49.01 63.39 -40.43
C ARG O 287 -49.69 62.76 -41.65
N MET O 288 -50.97 63.07 -41.85
CA MET O 288 -51.69 62.63 -43.05
C MET O 288 -51.96 63.83 -43.98
N ALA O 289 -52.32 63.55 -45.23
CA ALA O 289 -52.45 64.59 -46.27
C ALA O 289 -53.14 65.86 -45.74
N SER O 290 -54.38 65.70 -45.28
CA SER O 290 -55.18 66.78 -44.71
C SER O 290 -55.68 66.46 -43.28
N LYS O 291 -54.86 65.81 -42.46
CA LYS O 291 -55.27 65.49 -41.09
C LYS O 291 -54.03 65.20 -40.24
N ILE O 292 -54.06 65.65 -39.00
CA ILE O 292 -52.99 65.35 -38.06
C ILE O 292 -53.49 64.62 -36.82
N GLY O 293 -52.87 63.49 -36.54
CA GLY O 293 -53.16 62.76 -35.32
C GLY O 293 -52.15 63.12 -34.28
N ARG O 294 -52.55 63.18 -33.03
CA ARG O 294 -51.56 63.42 -31.98
C ARG O 294 -51.61 62.29 -30.99
N TRP O 295 -50.52 61.55 -30.88
CA TRP O 295 -50.52 60.40 -29.99
C TRP O 295 -49.79 60.78 -28.76
N TYR O 296 -50.28 60.34 -27.61
CA TYR O 296 -49.68 60.64 -26.32
C TYR O 296 -49.68 59.37 -25.48
N SER O 297 -48.86 59.35 -24.44
CA SER O 297 -48.94 58.32 -23.41
C SER O 297 -48.96 58.94 -22.02
N ARG O 298 -49.50 58.19 -21.05
CA ARG O 298 -49.49 58.63 -19.65
C ARG O 298 -49.65 57.43 -18.76
N THR O 299 -48.98 57.49 -17.61
CA THR O 299 -49.06 56.37 -16.63
C THR O 299 -50.50 55.91 -16.40
N MET O 300 -50.64 54.61 -16.15
CA MET O 300 -51.95 54.02 -15.81
C MET O 300 -52.42 54.48 -14.43
N SER O 301 -51.49 54.64 -13.50
CA SER O 301 -51.81 55.19 -12.17
C SER O 301 -51.66 56.69 -12.13
N LYS O 302 -52.54 57.30 -11.35
CA LYS O 302 -52.58 58.76 -11.19
C LYS O 302 -51.43 59.38 -10.35
N THR O 303 -50.78 58.60 -9.48
CA THR O 303 -49.75 59.15 -8.58
C THR O 303 -48.39 58.44 -8.72
N LYS O 304 -48.44 57.25 -9.32
CA LYS O 304 -47.24 56.47 -9.37
C LYS O 304 -46.74 56.14 -10.78
N ARG O 305 -45.46 55.87 -10.88
CA ARG O 305 -44.88 55.56 -12.16
C ARG O 305 -45.10 54.09 -12.54
N MET O 306 -46.39 53.72 -12.62
CA MET O 306 -46.83 52.37 -12.95
C MET O 306 -47.79 52.39 -14.16
N GLY O 307 -47.57 51.45 -15.08
CA GLY O 307 -48.38 51.34 -16.28
C GLY O 307 -48.19 52.48 -17.29
N MET O 308 -48.55 52.23 -18.54
CA MET O 308 -48.58 53.30 -19.54
C MET O 308 -49.71 53.06 -20.50
N GLY O 309 -50.56 54.06 -20.68
CA GLY O 309 -51.62 54.01 -21.68
C GLY O 309 -51.38 54.89 -22.90
N LEU O 310 -51.92 54.47 -24.04
CA LEU O 310 -51.74 55.24 -25.27
C LEU O 310 -53.03 55.98 -25.56
N TYR O 311 -52.94 57.28 -25.80
CA TYR O 311 -54.13 58.11 -26.10
C TYR O 311 -53.94 58.75 -27.47
N VAL O 312 -54.99 59.35 -28.02
CA VAL O 312 -54.90 59.98 -29.34
C VAL O 312 -56.02 60.97 -29.61
N LYS O 313 -55.68 62.02 -30.39
CA LYS O 313 -56.66 62.96 -30.91
C LYS O 313 -56.29 63.44 -32.31
N TYR O 314 -57.28 63.52 -33.18
CA TYR O 314 -57.09 63.95 -34.55
C TYR O 314 -57.53 65.42 -34.73
N ASP O 315 -56.64 66.27 -35.26
CA ASP O 315 -56.92 67.73 -35.46
C ASP O 315 -57.31 68.49 -34.20
N GLY O 316 -57.81 69.70 -34.41
CA GLY O 316 -58.14 70.61 -33.34
C GLY O 316 -56.93 71.37 -32.86
N ASP O 317 -57.13 72.21 -31.86
CA ASP O 317 -56.02 72.96 -31.22
C ASP O 317 -55.86 72.41 -29.80
N PRO O 318 -54.74 71.74 -29.49
CA PRO O 318 -54.59 71.23 -28.12
C PRO O 318 -54.63 72.34 -27.09
N TRP O 319 -54.41 73.59 -27.53
CA TRP O 319 -54.38 74.72 -26.59
C TRP O 319 -55.74 75.14 -26.10
N THR O 320 -56.82 74.62 -26.74
CA THR O 320 -58.19 75.06 -26.48
C THR O 320 -59.20 73.93 -26.29
N ASP O 321 -58.94 72.76 -26.87
CA ASP O 321 -59.84 71.62 -26.76
C ASP O 321 -59.82 71.01 -25.38
N SER O 322 -60.96 71.01 -24.71
CA SER O 322 -61.07 70.36 -23.40
C SER O 322 -61.55 68.92 -23.57
N ASP O 323 -61.93 68.57 -24.80
CA ASP O 323 -62.42 67.24 -25.09
C ASP O 323 -61.44 66.21 -24.56
N ALA O 324 -61.99 65.13 -23.99
CA ALA O 324 -61.16 64.01 -23.52
C ALA O 324 -60.38 63.47 -24.70
N LEU O 325 -59.15 63.05 -24.44
CA LEU O 325 -58.35 62.29 -25.39
C LEU O 325 -58.87 60.86 -25.46
N ALA O 326 -58.93 60.26 -26.65
CA ALA O 326 -59.42 58.89 -26.82
C ALA O 326 -58.37 57.88 -26.28
N LEU O 327 -58.81 57.01 -25.37
CA LEU O 327 -57.93 55.99 -24.84
C LEU O 327 -57.80 54.91 -25.88
N SER O 328 -56.56 54.63 -26.32
CA SER O 328 -56.28 53.75 -27.48
C SER O 328 -55.78 52.35 -27.08
N GLY O 329 -55.06 52.25 -25.97
CA GLY O 329 -54.74 50.96 -25.38
C GLY O 329 -53.79 50.98 -24.20
N VAL O 330 -53.73 49.84 -23.50
CA VAL O 330 -52.83 49.69 -22.36
C VAL O 330 -51.55 49.07 -22.85
N MET O 331 -50.47 49.85 -22.79
CA MET O 331 -49.16 49.44 -23.29
C MET O 331 -48.39 48.71 -22.20
N VAL O 332 -48.50 49.20 -20.97
CA VAL O 332 -47.86 48.59 -19.82
C VAL O 332 -48.96 48.59 -18.76
N SER O 333 -49.25 47.39 -18.25
CA SER O 333 -50.29 47.25 -17.25
C SER O 333 -49.86 47.89 -15.93
N MET O 334 -50.84 48.31 -15.14
CA MET O 334 -50.64 48.85 -13.78
C MET O 334 -49.69 48.05 -12.88
N GLU O 335 -49.45 46.80 -13.20
CA GLU O 335 -48.54 45.99 -12.38
C GLU O 335 -47.09 46.15 -12.77
N GLU O 336 -46.81 46.75 -13.94
CA GLU O 336 -45.43 46.98 -14.39
C GLU O 336 -45.01 48.43 -14.28
N PRO O 337 -43.69 48.69 -14.22
CA PRO O 337 -43.25 50.08 -14.11
C PRO O 337 -43.38 50.84 -15.45
N GLY O 338 -43.84 52.08 -15.37
CA GLY O 338 -43.90 52.98 -16.52
C GLY O 338 -43.40 54.31 -16.04
N TRP O 339 -42.12 54.55 -16.30
CA TRP O 339 -41.52 55.83 -15.96
C TRP O 339 -41.64 56.75 -17.21
N TYR O 340 -40.49 57.33 -17.63
CA TYR O 340 -40.44 58.30 -18.72
C TYR O 340 -41.01 57.68 -20.00
N SER O 341 -41.63 58.47 -20.86
CA SER O 341 -41.90 58.00 -22.23
C SER O 341 -41.57 59.06 -23.27
N PHE O 342 -41.36 58.67 -24.52
CA PHE O 342 -40.85 59.60 -25.52
C PHE O 342 -41.35 59.16 -26.88
N GLY O 343 -41.34 60.07 -27.84
CA GLY O 343 -41.68 59.73 -29.22
C GLY O 343 -40.49 59.77 -30.16
N PHE O 344 -40.64 59.06 -31.28
CA PHE O 344 -39.67 59.06 -32.36
C PHE O 344 -40.27 58.48 -33.61
N GLU O 345 -39.55 58.64 -34.71
CA GLU O 345 -40.03 58.24 -36.02
C GLU O 345 -38.97 57.42 -36.75
N ILE O 346 -39.34 56.19 -37.12
CA ILE O 346 -38.53 55.38 -38.03
C ILE O 346 -38.83 55.73 -39.49
N LYS O 347 -37.80 55.75 -40.34
CA LYS O 347 -38.06 56.15 -41.72
C LYS O 347 -38.14 54.98 -42.66
N ASP O 348 -39.34 54.77 -43.18
CA ASP O 348 -39.53 53.77 -44.21
C ASP O 348 -39.05 54.39 -45.53
N LYS O 349 -39.16 53.63 -46.61
CA LYS O 349 -38.60 54.06 -47.91
C LYS O 349 -39.14 55.45 -48.34
N LYS O 350 -40.45 55.67 -48.20
CA LYS O 350 -41.07 56.93 -48.64
C LYS O 350 -42.03 57.55 -47.63
N CYS O 351 -42.06 57.02 -46.40
CA CYS O 351 -42.87 57.60 -45.32
C CYS O 351 -42.31 57.37 -43.92
N ASP O 352 -42.78 58.14 -42.95
CA ASP O 352 -42.23 58.10 -41.61
C ASP O 352 -43.14 57.31 -40.64
N VAL O 353 -42.54 56.45 -39.82
CA VAL O 353 -43.34 55.61 -38.90
C VAL O 353 -43.25 56.13 -37.47
N PRO O 354 -44.36 56.71 -36.97
CA PRO O 354 -44.40 57.28 -35.64
C PRO O 354 -44.44 56.19 -34.54
N CYS O 355 -43.60 56.34 -33.53
CA CYS O 355 -43.47 55.35 -32.46
C CYS O 355 -43.36 56.01 -31.11
N ILE O 356 -43.65 55.27 -30.05
CA ILE O 356 -43.57 55.78 -28.68
C ILE O 356 -42.77 54.78 -27.89
N GLY O 357 -41.68 55.23 -27.30
CA GLY O 357 -40.89 54.36 -26.43
C GLY O 357 -41.22 54.58 -24.95
N ILE O 358 -41.02 53.55 -24.12
CA ILE O 358 -41.37 53.65 -22.70
C ILE O 358 -40.26 53.13 -21.84
N GLU O 359 -39.67 54.03 -21.04
CA GLU O 359 -38.68 53.69 -20.03
C GLU O 359 -39.38 52.93 -18.91
N MET O 360 -39.06 51.65 -18.78
CA MET O 360 -39.66 50.81 -17.73
C MET O 360 -38.65 50.52 -16.67
N VAL O 361 -38.49 51.44 -15.72
CA VAL O 361 -37.37 51.37 -14.75
C VAL O 361 -37.57 50.26 -13.74
N HIS O 362 -36.45 49.59 -13.44
CA HIS O 362 -36.35 48.58 -12.38
C HIS O 362 -35.93 49.29 -11.10
N ASP O 363 -36.92 49.63 -10.25
CA ASP O 363 -36.66 50.37 -9.00
C ASP O 363 -36.77 49.49 -7.74
N GLY O 364 -35.68 49.38 -7.00
CA GLY O 364 -35.71 48.62 -5.72
C GLY O 364 -35.11 49.45 -4.58
N GLY O 365 -35.23 50.77 -4.69
CA GLY O 365 -34.68 51.71 -3.70
C GLY O 365 -33.22 51.94 -3.92
N LYS O 366 -32.61 52.85 -3.16
CA LYS O 366 -31.19 53.17 -3.31
C LYS O 366 -30.17 52.07 -2.82
N GLU O 367 -30.67 51.06 -2.08
CA GLU O 367 -29.79 49.97 -1.56
C GLU O 367 -29.43 48.87 -2.61
N THR O 368 -29.87 49.05 -3.86
CA THR O 368 -29.52 48.14 -4.99
C THR O 368 -29.46 48.91 -6.31
N TRP O 369 -29.28 48.20 -7.42
CA TRP O 369 -29.09 48.85 -8.69
C TRP O 369 -30.34 49.53 -9.20
N HIS O 370 -30.12 50.46 -10.13
CA HIS O 370 -31.28 51.21 -10.63
C HIS O 370 -31.12 51.48 -12.12
N SER O 371 -31.81 50.67 -12.92
CA SER O 371 -31.78 50.83 -14.37
C SER O 371 -33.17 50.61 -14.98
N ALA O 372 -33.23 50.64 -16.31
CA ALA O 372 -34.48 50.62 -17.05
C ALA O 372 -34.43 49.67 -18.23
N ALA O 373 -35.58 49.10 -18.57
CA ALA O 373 -35.79 48.49 -19.87
C ALA O 373 -36.41 49.57 -20.81
N THR O 374 -36.70 49.21 -22.05
CA THR O 374 -37.31 50.12 -23.00
C THR O 374 -38.28 49.33 -23.85
N ALA O 375 -39.57 49.65 -23.72
CA ALA O 375 -40.61 49.13 -24.58
C ALA O 375 -40.88 50.06 -25.80
N ILE O 376 -41.09 49.48 -26.98
CA ILE O 376 -41.39 50.28 -28.17
C ILE O 376 -42.72 49.87 -28.77
N TYR O 377 -43.66 50.82 -28.87
CA TYR O 377 -44.89 50.69 -29.67
C TYR O 377 -44.81 51.59 -30.89
N CYS O 378 -45.18 51.06 -32.06
CA CYS O 378 -45.21 51.86 -33.31
C CYS O 378 -46.54 51.73 -34.04
N LEU O 379 -46.85 52.75 -34.83
CA LEU O 379 -48.02 52.75 -35.72
C LEU O 379 -47.77 51.68 -36.73
N MET O 380 -48.64 50.67 -36.72
CA MET O 380 -48.62 49.59 -37.69
C MET O 380 -50.01 48.96 -37.87
N GLY O 381 -50.55 49.12 -39.08
CA GLY O 381 -51.74 48.43 -39.51
C GLY O 381 -53.01 49.05 -39.01
N SER O 382 -54.08 48.28 -39.10
CA SER O 382 -55.39 48.70 -38.64
C SER O 382 -55.87 47.98 -37.36
N GLY O 383 -57.01 48.41 -36.76
CA GLY O 383 -57.61 47.65 -35.63
C GLY O 383 -57.34 48.22 -34.23
N GLN O 384 -57.20 47.34 -33.22
CA GLN O 384 -57.01 47.83 -31.82
C GLN O 384 -55.67 47.41 -31.26
N LEU O 385 -54.99 48.28 -30.51
CA LEU O 385 -53.78 47.87 -29.79
C LEU O 385 -54.00 46.54 -29.05
N LEU O 386 -53.11 45.57 -29.34
CA LEU O 386 -53.36 44.19 -28.91
C LEU O 386 -52.65 43.71 -27.63
N TRP O 387 -51.39 44.05 -27.44
CA TRP O 387 -50.64 43.44 -26.33
C TRP O 387 -49.81 44.44 -25.54
N ASP O 388 -49.68 44.15 -24.24
CA ASP O 388 -48.89 44.96 -23.31
C ASP O 388 -47.50 44.38 -23.19
N THR O 389 -46.60 45.17 -22.60
CA THR O 389 -45.21 44.77 -22.44
C THR O 389 -44.84 44.62 -20.97
N VAL O 390 -43.98 43.65 -20.68
CA VAL O 390 -43.42 43.38 -19.35
C VAL O 390 -41.88 43.28 -19.50
N THR O 391 -41.13 43.63 -18.45
CA THR O 391 -39.68 43.59 -18.50
C THR O 391 -39.16 42.17 -18.34
N GLY O 392 -39.98 41.31 -17.76
CA GLY O 392 -39.57 39.95 -17.42
C GLY O 392 -38.53 39.87 -16.29
N VAL O 393 -38.06 41.03 -15.79
CA VAL O 393 -36.90 41.08 -14.86
C VAL O 393 -37.28 40.91 -13.40
N ASP O 394 -36.56 40.00 -12.71
CA ASP O 394 -36.64 39.89 -11.25
C ASP O 394 -35.35 40.50 -10.68
N MET O 395 -35.52 41.55 -9.89
CA MET O 395 -34.39 42.35 -9.40
C MET O 395 -33.53 41.72 -8.32
N ALA O 396 -33.99 40.59 -7.75
CA ALA O 396 -33.20 39.80 -6.76
C ALA O 396 -32.14 38.89 -7.37
N LEU O 397 -32.17 38.71 -8.69
CA LEU O 397 -31.25 37.82 -9.41
C LEU O 397 -29.96 38.51 -9.81
N PRO P 9 -9.28 59.17 -51.87
CA PRO P 9 -8.79 59.96 -50.73
C PRO P 9 -7.45 60.60 -51.04
N GLU P 10 -7.15 61.71 -50.37
CA GLU P 10 -5.91 62.46 -50.52
C GLU P 10 -5.22 62.72 -49.16
N TRP P 11 -3.96 63.20 -49.23
CA TRP P 11 -3.18 63.42 -48.02
C TRP P 11 -3.78 64.50 -47.16
N THR P 12 -3.57 64.36 -45.85
CA THR P 12 -4.08 65.31 -44.91
C THR P 12 -3.05 66.36 -44.52
N TYR P 13 -3.49 67.56 -44.15
CA TYR P 13 -2.63 68.67 -43.72
C TYR P 13 -3.28 69.32 -42.50
N PRO P 14 -2.49 69.95 -41.62
CA PRO P 14 -3.10 70.77 -40.55
C PRO P 14 -3.99 71.92 -41.05
N ARG P 15 -5.19 72.05 -40.51
CA ARG P 15 -6.05 73.19 -40.86
C ARG P 15 -6.13 74.23 -39.74
N LEU P 16 -6.89 75.30 -39.97
CA LEU P 16 -7.25 76.27 -38.92
C LEU P 16 -8.08 75.54 -37.90
N SER P 17 -7.81 75.77 -36.62
CA SER P 17 -8.58 75.11 -35.56
C SER P 17 -10.01 75.64 -35.57
N CYS P 18 -10.92 74.84 -34.99
CA CYS P 18 -12.29 75.25 -34.82
C CYS P 18 -12.42 76.45 -33.85
N PRO P 19 -13.49 77.28 -34.05
CA PRO P 19 -13.76 78.36 -33.10
C PRO P 19 -13.88 77.79 -31.69
N GLY P 20 -13.33 78.55 -30.72
CA GLY P 20 -13.42 78.24 -29.30
C GLY P 20 -12.37 79.06 -28.57
N SER P 21 -12.60 79.29 -27.28
CA SER P 21 -11.57 79.92 -26.41
C SER P 21 -11.41 79.22 -25.06
N THR P 22 -12.02 78.05 -24.90
CA THR P 22 -11.89 77.29 -23.66
C THR P 22 -12.03 75.79 -23.86
N PHE P 23 -11.26 75.03 -23.09
CA PHE P 23 -11.38 73.59 -23.11
C PHE P 23 -12.48 73.21 -22.16
N GLN P 24 -13.20 72.15 -22.46
CA GLN P 24 -14.19 71.60 -21.55
C GLN P 24 -14.02 70.10 -21.49
N LYS P 25 -14.59 69.49 -20.44
CA LYS P 25 -14.56 68.07 -20.24
C LYS P 25 -15.35 67.40 -21.31
N ALA P 26 -14.74 66.44 -22.01
CA ALA P 26 -15.43 65.83 -23.14
C ALA P 26 -15.90 64.38 -22.93
N LEU P 27 -15.01 63.49 -22.52
CA LEU P 27 -15.33 62.09 -22.41
C LEU P 27 -14.40 61.40 -21.44
N LEU P 28 -14.87 60.32 -20.82
CA LEU P 28 -14.03 59.53 -19.95
C LEU P 28 -14.07 58.11 -20.46
N ILE P 29 -12.89 57.52 -20.65
CA ILE P 29 -12.77 56.10 -20.90
C ILE P 29 -12.14 55.46 -19.65
N SER P 30 -13.00 54.93 -18.78
CA SER P 30 -12.52 54.25 -17.57
C SER P 30 -12.99 52.83 -17.65
N PRO P 31 -12.14 51.95 -18.22
CA PRO P 31 -12.58 50.59 -18.48
C PRO P 31 -12.61 49.73 -17.22
N HIS P 32 -11.88 50.15 -16.19
CA HIS P 32 -11.87 49.38 -14.94
C HIS P 32 -13.07 49.61 -14.05
N ARG P 33 -13.98 50.48 -14.51
CA ARG P 33 -15.30 50.60 -13.91
C ARG P 33 -16.03 49.28 -14.08
N PHE P 34 -15.38 48.39 -14.82
CA PHE P 34 -16.00 47.14 -15.30
C PHE P 34 -15.21 45.92 -14.98
N GLY P 35 -14.07 46.11 -14.34
CA GLY P 35 -13.28 44.95 -13.94
C GLY P 35 -13.42 44.48 -12.48
N GLU P 36 -14.64 44.41 -11.98
CA GLU P 36 -14.85 43.79 -10.67
C GLU P 36 -14.88 42.25 -10.74
N THR P 37 -14.39 41.65 -9.66
CA THR P 37 -14.65 40.27 -9.30
C THR P 37 -16.08 39.89 -9.57
N LYS P 38 -17.01 40.74 -9.12
CA LYS P 38 -18.48 40.50 -9.22
C LYS P 38 -19.05 40.71 -10.62
N GLY P 39 -18.24 41.25 -11.53
CA GLY P 39 -18.68 41.65 -12.85
C GLY P 39 -18.43 40.56 -13.85
N ASN P 40 -18.66 40.88 -15.13
CA ASN P 40 -18.53 39.94 -16.23
C ASN P 40 -17.90 40.59 -17.46
N SER P 41 -16.94 41.48 -17.23
CA SER P 41 -16.21 42.17 -18.32
C SER P 41 -14.69 41.86 -18.25
N ALA P 42 -13.99 42.18 -19.34
CA ALA P 42 -12.58 42.02 -19.39
C ALA P 42 -11.91 43.24 -20.00
N PRO P 43 -11.78 44.31 -19.20
CA PRO P 43 -10.96 45.43 -19.67
C PRO P 43 -9.52 45.03 -19.67
N LEU P 44 -8.77 45.51 -20.64
CA LEU P 44 -7.36 45.15 -20.80
C LEU P 44 -6.51 45.98 -19.87
N ILE P 45 -5.43 45.37 -19.33
CA ILE P 45 -4.51 46.09 -18.45
C ILE P 45 -3.52 46.85 -19.35
N ILE P 46 -3.49 48.17 -19.21
CA ILE P 46 -2.78 49.01 -20.14
C ILE P 46 -2.04 50.10 -19.38
N ARG P 47 -1.31 50.90 -20.15
CA ARG P 47 -0.77 52.19 -19.72
C ARG P 47 -0.35 52.93 -21.00
N GLU P 48 0.24 54.11 -20.85
CA GLU P 48 0.58 54.96 -22.00
C GLU P 48 -0.51 55.01 -23.08
N PRO P 49 -1.76 55.37 -22.68
CA PRO P 49 -2.81 55.58 -23.64
C PRO P 49 -2.55 56.83 -24.46
N PHE P 50 -3.28 56.95 -25.57
CA PHE P 50 -3.14 58.10 -26.46
C PHE P 50 -4.06 57.94 -27.60
N ILE P 51 -4.44 59.06 -28.19
CA ILE P 51 -5.47 59.07 -29.21
C ILE P 51 -4.87 59.72 -30.45
N ALA P 52 -5.26 59.16 -31.61
CA ALA P 52 -4.85 59.75 -32.87
C ALA P 52 -6.03 59.63 -33.73
N CYS P 53 -6.24 60.62 -34.59
CA CYS P 53 -7.45 60.67 -35.39
C CYS P 53 -7.18 60.80 -36.87
N GLY P 54 -8.03 60.16 -37.67
CA GLY P 54 -8.05 60.36 -39.11
C GLY P 54 -9.33 61.10 -39.55
N PRO P 55 -9.55 61.24 -40.89
CA PRO P 55 -10.68 62.11 -41.34
C PRO P 55 -12.05 61.60 -40.93
N LYS P 56 -12.21 60.29 -40.76
CA LYS P 56 -13.50 59.78 -40.31
C LYS P 56 -13.59 59.16 -38.88
N GLU P 57 -12.44 58.79 -38.29
CA GLU P 57 -12.42 58.02 -37.05
C GLU P 57 -11.29 58.42 -36.10
N CYS P 58 -11.57 58.38 -34.81
CA CYS P 58 -10.56 58.62 -33.78
C CYS P 58 -10.30 57.32 -33.06
N LYS P 59 -9.03 56.87 -33.04
CA LYS P 59 -8.65 55.63 -32.37
C LYS P 59 -7.98 55.87 -31.04
N HIS P 60 -8.37 55.07 -30.05
CA HIS P 60 -7.84 55.16 -28.70
C HIS P 60 -6.80 54.10 -28.56
N PHE P 61 -5.52 54.48 -28.49
CA PHE P 61 -4.42 53.52 -28.43
C PHE P 61 -3.89 53.36 -27.01
N ALA P 62 -3.26 52.23 -26.71
CA ALA P 62 -2.59 52.02 -25.41
C ALA P 62 -1.54 50.90 -25.51
N LEU P 63 -0.64 50.82 -24.54
CA LEU P 63 0.28 49.67 -24.46
C LEU P 63 -0.22 48.66 -23.43
N THR P 64 -0.73 47.52 -23.87
CA THR P 64 -1.22 46.50 -22.95
C THR P 64 -0.15 45.52 -22.45
N HIS P 65 -0.38 44.96 -21.27
CA HIS P 65 0.52 43.93 -20.71
C HIS P 65 0.01 42.55 -21.08
N TYR P 66 -0.99 42.51 -21.95
CA TYR P 66 -1.60 41.25 -22.44
C TYR P 66 -2.29 40.48 -21.29
N ALA P 67 -3.07 41.24 -20.52
CA ALA P 67 -3.74 40.74 -19.33
C ALA P 67 -4.98 41.58 -19.17
N ALA P 68 -5.95 41.07 -18.42
CA ALA P 68 -7.20 41.76 -18.17
C ALA P 68 -7.52 41.67 -16.72
N GLN P 69 -8.45 42.54 -16.30
CA GLN P 69 -8.94 42.60 -14.96
C GLN P 69 -10.42 42.23 -15.06
N PRO P 70 -10.87 41.24 -14.25
CA PRO P 70 -10.04 40.45 -13.35
C PRO P 70 -9.30 39.34 -14.06
N GLY P 71 -8.10 39.03 -13.58
CA GLY P 71 -7.29 38.05 -14.20
C GLY P 71 -6.33 37.46 -13.21
N GLY P 72 -5.21 36.94 -13.74
CA GLY P 72 -4.23 36.18 -12.97
C GLY P 72 -2.81 36.53 -13.32
N TYR P 73 -2.66 37.54 -14.17
CA TYR P 73 -1.35 37.97 -14.61
C TYR P 73 -1.08 39.43 -14.22
N TYR P 74 -1.56 39.78 -13.01
CA TYR P 74 -1.26 41.07 -12.40
C TYR P 74 0.22 41.34 -12.15
N ASN P 75 0.99 40.28 -11.85
CA ASN P 75 2.41 40.42 -11.55
C ASN P 75 3.24 40.83 -12.78
N GLY P 76 3.90 41.98 -12.69
CA GLY P 76 4.70 42.54 -13.79
C GLY P 76 3.99 43.62 -14.64
N THR P 77 2.76 43.94 -14.29
CA THR P 77 2.00 45.00 -14.98
C THR P 77 2.35 46.42 -14.51
N ARG P 78 3.13 46.54 -13.42
CA ARG P 78 3.84 47.79 -13.00
C ARG P 78 5.23 47.92 -13.66
N GLY P 79 5.70 46.87 -14.34
CA GLY P 79 6.97 47.00 -15.09
C GLY P 79 6.72 47.78 -16.38
N ASP P 80 7.73 47.91 -17.21
CA ASP P 80 7.50 48.59 -18.51
C ASP P 80 7.75 47.70 -19.76
N ARG P 81 8.98 47.20 -19.92
CA ARG P 81 9.39 46.46 -21.12
C ARG P 81 9.50 44.97 -20.90
N ASN P 82 8.50 44.22 -21.38
CA ASN P 82 8.53 42.76 -21.44
C ASN P 82 8.07 42.23 -22.84
N LYS P 83 8.23 40.91 -22.99
CA LYS P 83 7.99 40.21 -24.26
C LYS P 83 6.54 40.06 -24.65
N LEU P 84 5.62 40.44 -23.76
CA LEU P 84 4.17 40.24 -23.97
C LEU P 84 3.42 41.55 -24.29
N ARG P 85 4.06 42.66 -23.97
CA ARG P 85 3.58 43.99 -24.22
C ARG P 85 3.20 44.21 -25.68
N HIS P 86 2.07 44.86 -25.89
CA HIS P 86 1.52 45.07 -27.23
C HIS P 86 0.82 46.40 -27.38
N LEU P 87 0.94 46.98 -28.58
CA LEU P 87 0.17 48.16 -28.97
C LEU P 87 -1.21 47.67 -29.39
N ILE P 88 -2.24 48.28 -28.83
CA ILE P 88 -3.64 47.89 -29.08
C ILE P 88 -4.46 49.16 -29.37
N SER P 89 -5.61 48.97 -29.99
CA SER P 89 -6.51 50.08 -30.29
C SER P 89 -7.99 49.66 -30.26
N VAL P 90 -8.85 50.64 -29.96
CA VAL P 90 -10.27 50.58 -30.16
C VAL P 90 -10.69 51.91 -30.75
N LYS P 91 -11.84 51.94 -31.40
CA LYS P 91 -12.41 53.17 -31.87
C LYS P 91 -12.69 53.99 -30.60
N LEU P 92 -12.28 55.25 -30.61
CA LEU P 92 -12.51 56.08 -29.45
C LEU P 92 -13.98 56.11 -29.11
N GLY P 93 -14.26 55.79 -27.85
CA GLY P 93 -15.63 55.73 -27.34
C GLY P 93 -16.01 54.30 -27.03
N LYS P 94 -15.17 53.34 -27.43
CA LYS P 94 -15.38 51.92 -27.08
C LYS P 94 -14.44 51.59 -25.94
N ILE P 95 -14.96 50.81 -24.99
CA ILE P 95 -14.16 50.33 -23.87
C ILE P 95 -13.15 49.32 -24.40
N PRO P 96 -11.85 49.53 -24.11
CA PRO P 96 -10.84 48.63 -24.59
C PRO P 96 -10.78 47.35 -23.76
N THR P 97 -11.62 46.41 -24.16
CA THR P 97 -11.64 45.10 -23.55
C THR P 97 -10.94 44.12 -24.47
N VAL P 98 -10.85 42.87 -24.00
CA VAL P 98 -10.18 41.80 -24.75
C VAL P 98 -10.77 41.66 -26.17
N GLU P 99 -12.08 41.66 -26.25
CA GLU P 99 -12.72 41.44 -27.53
C GLU P 99 -12.85 42.67 -28.41
N ASN P 100 -13.08 43.84 -27.81
CA ASN P 100 -13.18 45.10 -28.58
C ASN P 100 -11.85 45.56 -29.21
N SER P 101 -10.76 45.37 -28.48
CA SER P 101 -9.42 45.76 -28.96
C SER P 101 -8.96 45.02 -30.17
N ILE P 102 -8.04 45.64 -30.90
CA ILE P 102 -7.31 44.92 -31.94
C ILE P 102 -5.88 45.02 -31.49
N PHE P 103 -5.14 43.92 -31.62
CA PHE P 103 -3.69 43.93 -31.36
C PHE P 103 -2.92 44.23 -32.63
N HIS P 104 -2.10 45.26 -32.58
CA HIS P 104 -1.39 45.73 -33.77
C HIS P 104 0.00 45.09 -33.99
N MET P 105 0.78 45.06 -32.91
CA MET P 105 2.14 44.56 -32.92
C MET P 105 2.71 44.50 -31.52
N ALA P 106 3.76 43.70 -31.32
CA ALA P 106 4.39 43.66 -30.03
C ALA P 106 5.08 45.01 -29.85
N ALA P 107 4.84 45.65 -28.71
CA ALA P 107 5.50 46.91 -28.38
C ALA P 107 5.53 47.21 -26.88
N TRP P 108 6.58 47.87 -26.43
CA TRP P 108 6.59 48.45 -25.10
C TRP P 108 6.88 49.92 -25.19
N SER P 109 6.83 50.47 -26.39
CA SER P 109 6.77 51.93 -26.62
C SER P 109 6.08 52.14 -27.95
N GLY P 110 5.19 53.12 -28.04
CA GLY P 110 4.28 53.21 -29.20
C GLY P 110 3.98 54.59 -29.72
N SER P 111 3.33 54.62 -30.89
CA SER P 111 2.84 55.82 -31.53
C SER P 111 1.97 55.41 -32.69
N ALA P 112 1.24 56.33 -33.28
CA ALA P 112 0.45 56.03 -34.48
C ALA P 112 -0.10 57.30 -35.10
N CYS P 113 -0.47 57.25 -36.37
CA CYS P 113 -0.98 58.42 -37.08
C CYS P 113 -1.61 58.10 -38.44
N HIS P 114 -2.60 58.89 -38.82
CA HIS P 114 -3.20 58.77 -40.13
C HIS P 114 -2.66 59.86 -41.06
N ASP P 115 -2.51 59.53 -42.34
CA ASP P 115 -1.95 60.50 -43.28
C ASP P 115 -2.96 60.97 -44.29
N GLY P 116 -4.21 60.64 -44.09
CA GLY P 116 -5.22 60.97 -45.06
C GLY P 116 -5.65 59.70 -45.77
N LYS P 117 -4.69 58.81 -46.05
CA LYS P 117 -4.98 57.58 -46.78
C LYS P 117 -4.96 56.31 -45.92
N GLU P 118 -4.11 56.30 -44.88
CA GLU P 118 -3.94 55.08 -44.10
C GLU P 118 -3.22 55.29 -42.77
N TRP P 119 -3.46 54.36 -41.87
CA TRP P 119 -2.81 54.34 -40.56
C TRP P 119 -1.36 53.84 -40.58
N THR P 120 -0.48 54.61 -39.97
CA THR P 120 0.85 54.15 -39.66
C THR P 120 0.87 53.79 -38.15
N TYR P 121 1.34 52.60 -37.78
CA TYR P 121 1.48 52.23 -36.36
C TYR P 121 2.95 52.03 -35.99
N ILE P 122 3.41 52.72 -34.95
CA ILE P 122 4.79 52.58 -34.53
C ILE P 122 4.91 51.79 -33.23
N GLY P 123 5.89 50.89 -33.15
CA GLY P 123 6.09 50.07 -31.95
C GLY P 123 7.53 49.62 -31.75
N VAL P 124 8.10 49.96 -30.61
CA VAL P 124 9.43 49.56 -30.27
C VAL P 124 9.38 48.39 -29.29
N ASP P 125 10.06 47.31 -29.62
CA ASP P 125 10.40 46.27 -28.65
C ASP P 125 11.83 45.80 -28.85
N GLY P 126 12.23 44.73 -28.17
CA GLY P 126 13.60 44.25 -28.31
C GLY P 126 14.33 44.29 -26.98
N PRO P 127 15.52 43.70 -26.92
CA PRO P 127 16.24 43.79 -25.67
C PRO P 127 16.54 45.25 -25.32
N GLU P 128 16.91 45.48 -24.06
CA GLU P 128 17.15 46.82 -23.58
C GLU P 128 18.30 47.48 -24.32
N ASN P 129 19.33 46.72 -24.63
CA ASN P 129 20.61 47.24 -25.13
C ASN P 129 20.72 47.25 -26.68
N ASN P 130 19.63 46.88 -27.33
CA ASN P 130 19.52 46.82 -28.77
C ASN P 130 18.06 46.66 -29.18
N ALA P 131 17.21 47.47 -28.58
CA ALA P 131 15.81 47.51 -28.97
C ALA P 131 15.63 47.87 -30.45
N LEU P 132 14.38 47.80 -30.90
CA LEU P 132 14.05 47.88 -32.32
C LEU P 132 12.68 48.54 -32.57
N LEU P 133 12.72 49.70 -33.24
CA LEU P 133 11.48 50.34 -33.64
C LEU P 133 10.92 49.71 -34.90
N LYS P 134 9.66 49.34 -34.86
CA LYS P 134 9.02 48.70 -35.98
C LYS P 134 7.86 49.57 -36.47
N ILE P 135 7.64 49.55 -37.79
CA ILE P 135 6.59 50.30 -38.48
C ILE P 135 5.68 49.35 -39.25
N LYS P 136 4.38 49.56 -39.10
CA LYS P 136 3.30 48.83 -39.73
C LYS P 136 2.45 49.91 -40.44
N TYR P 137 2.17 49.71 -41.71
CA TYR P 137 1.30 50.60 -42.47
C TYR P 137 0.05 49.81 -42.79
N GLY P 138 -1.06 50.20 -42.18
CA GLY P 138 -2.28 49.42 -42.29
C GLY P 138 -2.06 48.04 -41.73
N GLU P 139 -2.10 47.05 -42.61
CA GLU P 139 -1.86 45.63 -42.26
C GLU P 139 -0.41 45.15 -42.43
N ALA P 140 0.36 45.83 -43.28
CA ALA P 140 1.72 45.41 -43.59
C ALA P 140 2.77 45.93 -42.63
N TYR P 141 3.71 45.05 -42.25
CA TYR P 141 4.95 45.49 -41.60
C TYR P 141 5.92 45.95 -42.66
N THR P 142 6.38 47.21 -42.58
CA THR P 142 7.06 47.89 -43.72
C THR P 142 8.52 48.26 -43.55
N ASP P 143 8.96 48.47 -42.32
CA ASP P 143 10.29 49.04 -42.05
C ASP P 143 10.70 48.91 -40.57
N THR P 144 12.00 49.07 -40.28
CA THR P 144 12.44 49.23 -38.90
C THR P 144 13.60 50.20 -38.79
N TYR P 145 13.83 50.66 -37.57
CA TYR P 145 14.97 51.50 -37.27
C TYR P 145 15.62 50.88 -36.05
N HIS P 146 16.95 50.89 -36.04
CA HIS P 146 17.74 50.26 -34.98
C HIS P 146 18.17 51.19 -33.84
N SER P 147 18.33 50.59 -32.67
CA SER P 147 18.95 51.27 -31.55
C SER P 147 20.31 51.90 -31.89
N TYR P 148 20.51 53.16 -31.50
CA TYR P 148 21.74 53.93 -31.85
C TYR P 148 22.53 54.44 -30.66
N ALA P 149 21.95 54.40 -29.48
CA ALA P 149 22.78 54.63 -28.29
C ALA P 149 22.77 53.42 -27.37
N ASN P 150 22.26 52.28 -27.88
CA ASN P 150 22.23 51.00 -27.14
C ASN P 150 21.84 51.15 -25.67
N ASN P 151 20.85 52.02 -25.40
CA ASN P 151 20.17 52.07 -24.11
C ASN P 151 18.72 52.45 -24.26
N ILE P 152 17.90 51.44 -24.53
CA ILE P 152 16.41 51.55 -24.53
C ILE P 152 15.89 52.53 -25.57
N LEU P 153 15.92 52.12 -26.83
CA LEU P 153 15.30 52.88 -27.90
C LEU P 153 13.84 53.10 -27.62
N ARG P 154 13.46 54.37 -27.53
CA ARG P 154 12.10 54.84 -27.14
C ARG P 154 11.40 55.72 -28.17
N THR P 155 10.08 55.72 -28.17
CA THR P 155 9.35 56.69 -29.00
C THR P 155 8.31 57.53 -28.22
N GLN P 156 7.48 58.28 -28.93
CA GLN P 156 6.70 59.37 -28.34
C GLN P 156 5.69 59.03 -27.23
N GLU P 157 5.11 57.84 -27.26
CA GLU P 157 3.97 57.50 -26.40
C GLU P 157 2.78 58.32 -26.75
N SER P 158 2.82 58.94 -27.93
CA SER P 158 1.63 59.65 -28.50
C SER P 158 1.64 59.78 -30.04
N ALA P 159 0.56 60.37 -30.58
CA ALA P 159 0.39 60.48 -32.04
C ALA P 159 1.56 61.08 -32.76
N CYS P 160 1.95 60.48 -33.89
CA CYS P 160 2.87 61.14 -34.82
C CYS P 160 2.05 62.13 -35.69
N ASN P 161 2.68 62.78 -36.63
CA ASN P 161 2.05 63.92 -37.31
C ASN P 161 2.37 63.92 -38.76
N CYS P 162 1.36 63.77 -39.59
CA CYS P 162 1.58 63.60 -41.01
C CYS P 162 1.16 64.81 -41.80
N ILE P 163 2.02 65.23 -42.71
CA ILE P 163 1.71 66.33 -43.60
C ILE P 163 2.03 65.93 -45.02
N GLY P 164 1.06 66.05 -45.91
CA GLY P 164 1.33 65.70 -47.32
C GLY P 164 1.92 64.31 -47.45
N GLY P 165 1.44 63.40 -46.60
CA GLY P 165 1.90 62.00 -46.66
C GLY P 165 3.21 61.70 -45.97
N ASN P 166 3.83 62.72 -45.35
CA ASN P 166 5.07 62.52 -44.61
C ASN P 166 4.81 62.57 -43.13
N CYS P 167 4.79 61.41 -42.46
CA CYS P 167 4.67 61.37 -41.00
C CYS P 167 6.00 61.58 -40.30
N TYR P 168 6.04 62.50 -39.35
CA TYR P 168 7.24 62.81 -38.58
C TYR P 168 7.15 62.22 -37.16
N LEU P 169 8.22 61.62 -36.64
CA LEU P 169 8.14 60.89 -35.36
C LEU P 169 9.38 61.14 -34.50
N MET P 170 9.22 61.47 -33.24
CA MET P 170 10.37 61.56 -32.37
C MET P 170 10.69 60.17 -31.90
N ILE P 171 11.99 59.84 -31.90
CA ILE P 171 12.56 58.69 -31.21
C ILE P 171 13.68 59.17 -30.32
N THR P 172 13.85 58.51 -29.17
CA THR P 172 15.05 58.75 -28.35
C THR P 172 15.76 57.49 -27.88
N ASP P 173 17.05 57.62 -27.57
CA ASP P 173 17.84 56.50 -27.15
C ASP P 173 18.84 57.10 -26.20
N GLY P 174 19.09 56.41 -25.09
CA GLY P 174 20.01 56.91 -24.07
C GLY P 174 19.61 56.62 -22.64
N SER P 175 20.48 57.00 -21.71
CA SER P 175 20.24 56.65 -20.33
C SER P 175 19.11 57.47 -19.81
N ALA P 176 18.36 56.88 -18.87
CA ALA P 176 17.32 57.58 -18.14
C ALA P 176 17.86 58.72 -17.23
N SER P 177 19.14 58.68 -16.87
CA SER P 177 19.69 59.56 -15.82
C SER P 177 20.92 60.26 -16.36
N GLY P 178 21.05 60.24 -17.68
CA GLY P 178 22.15 60.86 -18.42
C GLY P 178 21.67 61.28 -19.81
N ILE P 179 22.59 61.24 -20.78
CA ILE P 179 22.35 61.69 -22.14
C ILE P 179 21.31 60.82 -22.87
N SER P 180 20.26 61.45 -23.36
CA SER P 180 19.33 60.78 -24.23
C SER P 180 19.03 61.64 -25.45
N GLU P 181 20.06 61.80 -26.30
CA GLU P 181 19.92 62.59 -27.54
C GLU P 181 18.87 62.01 -28.48
N CYS P 182 17.75 62.71 -28.68
CA CYS P 182 16.68 62.25 -29.59
C CYS P 182 16.92 62.55 -31.08
N ARG P 183 16.05 61.96 -31.90
CA ARG P 183 16.09 62.03 -33.36
C ARG P 183 14.66 62.06 -33.84
N PHE P 184 14.49 62.57 -35.06
CA PHE P 184 13.21 62.44 -35.74
C PHE P 184 13.28 61.58 -36.99
N LEU P 185 12.28 60.75 -37.19
CA LEU P 185 12.19 59.99 -38.40
C LEU P 185 11.18 60.67 -39.24
N LYS P 186 11.40 60.69 -40.55
CA LYS P 186 10.37 61.12 -41.52
C LYS P 186 9.91 59.86 -42.26
N ILE P 187 8.63 59.55 -42.14
CA ILE P 187 8.11 58.28 -42.65
C ILE P 187 7.11 58.48 -43.77
N ARG P 188 7.25 57.74 -44.87
CA ARG P 188 6.29 57.86 -45.96
C ARG P 188 5.77 56.49 -46.37
N GLU P 189 4.47 56.33 -46.34
CA GLU P 189 3.86 55.04 -46.62
C GLU P 189 4.55 53.93 -45.86
N GLY P 190 4.86 54.21 -44.59
CA GLY P 190 5.41 53.19 -43.69
C GLY P 190 6.88 52.87 -43.83
N ARG P 191 7.59 53.64 -44.65
CA ARG P 191 9.04 53.50 -44.81
C ARG P 191 9.77 54.77 -44.51
N ILE P 192 10.88 54.63 -43.81
CA ILE P 192 11.67 55.77 -43.40
C ILE P 192 12.42 56.36 -44.62
N ILE P 193 12.31 57.67 -44.81
CA ILE P 193 12.94 58.31 -45.96
C ILE P 193 13.90 59.41 -45.56
N LYS P 194 13.91 59.77 -44.26
CA LYS P 194 14.95 60.67 -43.75
C LYS P 194 15.17 60.58 -42.21
N GLU P 195 16.42 60.68 -41.79
CA GLU P 195 16.78 60.85 -40.38
C GLU P 195 17.15 62.31 -40.16
N ILE P 196 16.46 62.94 -39.23
CA ILE P 196 16.67 64.35 -38.91
C ILE P 196 17.37 64.39 -37.56
N PHE P 197 18.53 65.02 -37.53
CA PHE P 197 19.32 65.16 -36.31
C PHE P 197 19.15 66.58 -35.78
N PRO P 198 18.44 66.73 -34.63
CA PRO P 198 18.19 68.08 -34.16
C PRO P 198 19.45 68.77 -33.62
N THR P 199 19.39 70.08 -33.46
CA THR P 199 20.53 70.89 -33.03
C THR P 199 20.10 71.70 -31.80
N GLY P 200 21.04 72.34 -31.11
CA GLY P 200 20.71 73.14 -29.92
C GLY P 200 20.79 72.30 -28.64
N ARG P 201 19.82 72.46 -27.74
CA ARG P 201 19.85 71.79 -26.47
C ARG P 201 19.36 70.36 -26.70
N VAL P 202 20.30 69.44 -26.96
CA VAL P 202 19.99 68.03 -27.29
C VAL P 202 20.44 67.04 -26.17
N LYS P 203 20.89 67.61 -25.06
CA LYS P 203 21.40 66.91 -23.89
C LYS P 203 20.49 65.73 -23.52
N HIS P 204 19.19 66.01 -23.37
CA HIS P 204 18.22 64.96 -23.05
C HIS P 204 16.82 65.39 -23.43
N THR P 205 16.16 64.54 -24.21
CA THR P 205 14.82 64.81 -24.70
C THR P 205 14.16 63.44 -24.93
N GLU P 206 12.96 63.26 -24.38
CA GLU P 206 12.18 62.03 -24.56
C GLU P 206 10.67 62.29 -24.46
N GLU P 207 9.87 61.44 -25.08
CA GLU P 207 8.41 61.54 -25.03
C GLU P 207 7.85 62.86 -25.49
N CYS P 208 8.41 63.38 -26.58
CA CYS P 208 7.84 64.61 -27.18
C CYS P 208 6.36 64.45 -27.48
N THR P 209 5.57 65.42 -27.05
CA THR P 209 4.20 65.52 -27.46
C THR P 209 4.26 66.56 -28.55
N CYS P 210 4.08 66.12 -29.80
CA CYS P 210 4.26 67.00 -30.95
C CYS P 210 2.95 67.30 -31.61
N GLY P 211 2.87 68.48 -32.21
CA GLY P 211 1.70 68.87 -33.04
C GLY P 211 2.09 69.92 -34.06
N PHE P 212 1.26 70.14 -35.06
CA PHE P 212 1.52 71.19 -36.06
C PHE P 212 1.21 72.59 -35.52
N ALA P 213 2.24 73.40 -35.39
CA ALA P 213 2.03 74.79 -35.11
C ALA P 213 1.59 75.49 -36.41
N SER P 214 1.94 74.89 -37.54
CA SER P 214 1.44 75.38 -38.85
C SER P 214 1.82 74.39 -39.90
N ASN P 215 1.52 74.73 -41.17
CA ASN P 215 2.00 73.94 -42.33
C ASN P 215 3.53 73.84 -42.41
N LYS P 216 4.27 74.76 -41.82
CA LYS P 216 5.75 74.73 -41.89
C LYS P 216 6.44 74.07 -40.69
N THR P 217 5.79 74.01 -39.54
CA THR P 217 6.46 73.73 -38.28
C THR P 217 5.73 72.73 -37.39
N ILE P 218 6.41 71.68 -36.96
CA ILE P 218 5.93 70.81 -35.90
C ILE P 218 6.63 71.33 -34.68
N GLU P 219 5.95 71.39 -33.54
CA GLU P 219 6.58 71.76 -32.27
C GLU P 219 6.29 70.67 -31.25
N CYS P 220 7.22 70.42 -30.35
CA CYS P 220 7.04 69.35 -29.38
C CYS P 220 7.45 69.81 -28.01
N ALA P 221 6.75 69.32 -27.00
CA ALA P 221 7.06 69.59 -25.61
C ALA P 221 7.44 68.26 -24.99
N CYS P 222 8.69 68.16 -24.57
CA CYS P 222 9.25 66.86 -24.19
C CYS P 222 9.69 66.69 -22.69
N ARG P 223 10.30 65.52 -22.41
CA ARG P 223 10.66 65.15 -21.05
C ARG P 223 12.16 65.17 -20.94
N ASP P 224 12.67 65.87 -19.95
CA ASP P 224 14.06 65.66 -19.56
C ASP P 224 13.96 64.96 -18.22
N ASN P 225 14.49 63.77 -18.15
CA ASN P 225 14.39 62.92 -16.97
C ASN P 225 15.63 63.05 -16.04
N SER P 226 16.61 63.86 -16.46
CA SER P 226 17.88 63.95 -15.75
C SER P 226 18.10 65.37 -15.20
N TYR P 227 18.00 66.36 -16.08
CA TYR P 227 18.70 67.62 -15.81
C TYR P 227 17.86 68.84 -15.39
N THR P 228 16.61 68.90 -15.85
CA THR P 228 15.78 70.06 -15.60
C THR P 228 14.32 69.67 -15.48
N ALA P 229 13.55 70.51 -14.78
CA ALA P 229 12.07 70.46 -14.79
C ALA P 229 11.39 71.40 -15.82
N LYS P 230 12.17 72.17 -16.57
CA LYS P 230 11.68 72.76 -17.82
C LYS P 230 11.54 71.70 -18.87
N ARG P 231 10.45 71.77 -19.62
CA ARG P 231 10.31 70.90 -20.80
C ARG P 231 11.22 71.36 -21.94
N PRO P 232 11.98 70.44 -22.51
CA PRO P 232 12.65 70.72 -23.76
C PRO P 232 11.61 71.07 -24.81
N PHE P 233 11.82 72.13 -25.56
CA PHE P 233 10.81 72.50 -26.56
C PHE P 233 11.37 72.42 -27.97
N VAL P 234 10.90 71.43 -28.75
CA VAL P 234 11.39 71.16 -30.10
C VAL P 234 10.61 71.93 -31.15
N LYS P 235 11.31 72.59 -32.07
CA LYS P 235 10.73 73.21 -33.29
C LYS P 235 11.33 72.56 -34.53
N LEU P 236 10.49 71.89 -35.29
CA LEU P 236 10.88 71.17 -36.51
C LEU P 236 10.32 71.83 -37.76
N ASN P 237 11.20 72.29 -38.64
CA ASN P 237 10.74 72.82 -39.93
C ASN P 237 10.51 71.64 -40.90
N VAL P 238 9.28 71.40 -41.29
CA VAL P 238 8.98 70.25 -42.17
C VAL P 238 9.18 70.55 -43.66
N GLU P 239 9.68 71.75 -43.99
CA GLU P 239 9.98 72.10 -45.38
C GLU P 239 11.44 71.91 -45.70
N THR P 240 12.29 72.16 -44.70
CA THR P 240 13.74 71.88 -44.84
C THR P 240 14.19 70.64 -44.06
N ASP P 241 13.29 70.06 -43.28
CA ASP P 241 13.56 68.90 -42.42
C ASP P 241 14.74 69.16 -41.48
N THR P 242 14.62 70.24 -40.73
CA THR P 242 15.64 70.68 -39.78
C THR P 242 14.96 70.85 -38.41
N ALA P 243 15.64 70.45 -37.35
CA ALA P 243 15.02 70.52 -36.02
C ALA P 243 15.93 71.23 -35.06
N GLU P 244 15.34 72.05 -34.20
CA GLU P 244 16.09 72.75 -33.15
C GLU P 244 15.40 72.49 -31.79
N ILE P 245 16.18 72.49 -30.71
CA ILE P 245 15.65 72.19 -29.36
C ILE P 245 16.23 73.13 -28.30
N ARG P 246 15.35 73.81 -27.56
CA ARG P 246 15.76 74.58 -26.36
C ARG P 246 14.76 74.40 -25.25
N LEU P 247 15.20 74.58 -24.01
CA LEU P 247 14.29 74.52 -22.88
C LEU P 247 13.22 75.60 -23.00
N MET P 248 12.04 75.30 -22.44
CA MET P 248 10.94 76.29 -22.30
C MET P 248 11.28 77.26 -21.19
N CYS P 249 11.33 78.54 -21.55
CA CYS P 249 11.82 79.61 -20.66
C CYS P 249 10.78 80.04 -19.59
N THR P 250 9.51 79.64 -19.78
CA THR P 250 8.44 80.04 -18.85
C THR P 250 8.70 79.65 -17.39
N GLU P 251 8.13 80.44 -16.47
CA GLU P 251 8.34 80.21 -15.05
C GLU P 251 7.37 79.15 -14.56
N THR P 252 6.46 78.76 -15.47
CA THR P 252 5.44 77.76 -15.18
C THR P 252 6.00 76.43 -15.66
N TYR P 253 6.91 75.87 -14.86
CA TYR P 253 7.56 74.59 -15.20
C TYR P 253 6.50 73.51 -15.30
N LEU P 254 6.54 72.77 -16.40
CA LEU P 254 5.50 71.80 -16.75
C LEU P 254 5.86 70.36 -16.41
N ASP P 255 7.08 70.13 -16.00
CA ASP P 255 7.51 68.76 -15.66
C ASP P 255 7.15 68.38 -14.19
N THR P 256 7.32 67.10 -13.84
CA THR P 256 7.08 66.60 -12.49
C THR P 256 8.11 65.53 -12.21
N PRO P 257 8.91 65.69 -11.14
CA PRO P 257 8.82 66.77 -10.17
C PRO P 257 9.29 68.10 -10.76
N ARG P 258 9.03 69.18 -10.01
CA ARG P 258 9.52 70.52 -10.33
C ARG P 258 9.69 71.35 -9.03
N PRO P 259 10.51 72.41 -9.08
CA PRO P 259 10.55 73.32 -7.94
C PRO P 259 9.39 74.33 -8.00
N ASP P 260 9.48 75.42 -7.23
CA ASP P 260 8.49 76.47 -7.38
C ASP P 260 8.62 77.22 -8.71
N ASP P 261 7.49 77.73 -9.19
CA ASP P 261 7.46 78.45 -10.44
C ASP P 261 8.36 79.68 -10.28
N GLY P 262 9.13 80.00 -11.33
CA GLY P 262 10.04 81.16 -11.33
C GLY P 262 11.27 81.10 -10.46
N SER P 263 11.51 79.95 -9.79
CA SER P 263 12.59 79.84 -8.77
C SER P 263 13.90 79.34 -9.37
N ILE P 264 13.84 78.84 -10.60
CA ILE P 264 15.06 78.50 -11.31
C ILE P 264 15.67 79.79 -11.86
N THR P 265 16.73 80.22 -11.19
CA THR P 265 17.36 81.51 -11.43
C THR P 265 18.25 81.45 -12.66
N GLY P 266 18.50 82.60 -13.28
CA GLY P 266 19.37 82.62 -14.46
C GLY P 266 18.56 82.88 -15.72
N PRO P 267 19.22 82.77 -16.89
CA PRO P 267 18.50 82.99 -18.16
C PRO P 267 17.67 81.75 -18.59
N CYS P 268 17.19 81.78 -19.83
CA CYS P 268 16.25 80.80 -20.28
C CYS P 268 16.84 79.41 -20.35
N GLU P 269 18.17 79.32 -20.46
CA GLU P 269 18.84 78.02 -20.52
C GLU P 269 19.16 77.31 -19.17
N SER P 270 18.99 77.97 -18.04
CA SER P 270 19.32 77.37 -16.74
C SER P 270 18.52 76.14 -16.46
N ASN P 271 19.23 75.10 -16.00
CA ASN P 271 18.60 73.81 -15.71
C ASN P 271 17.45 73.85 -14.70
N GLY P 272 17.63 74.06 -13.39
CA GLY P 272 18.83 73.89 -12.59
C GLY P 272 18.42 72.77 -11.62
N ASP P 273 17.44 73.04 -10.75
CA ASP P 273 17.11 72.10 -9.64
C ASP P 273 15.84 71.21 -9.80
N LYS P 274 15.84 70.07 -9.09
CA LYS P 274 14.74 69.08 -9.09
C LYS P 274 14.47 68.46 -10.47
N GLY P 275 15.52 68.53 -11.32
CA GLY P 275 15.45 68.15 -12.73
C GLY P 275 15.35 66.68 -13.03
N SER P 276 15.89 65.82 -12.14
CA SER P 276 15.85 64.35 -12.31
C SER P 276 14.41 63.84 -12.10
N GLY P 277 14.06 62.72 -12.73
CA GLY P 277 12.64 62.31 -12.82
C GLY P 277 11.85 63.21 -13.81
N GLY P 278 10.63 62.84 -14.12
CA GLY P 278 9.94 63.51 -15.19
C GLY P 278 8.57 62.92 -15.45
N ILE P 279 7.91 63.45 -16.47
CA ILE P 279 6.59 62.97 -16.87
C ILE P 279 6.30 63.42 -18.31
N LYS P 280 5.61 62.56 -19.06
CA LYS P 280 5.15 62.96 -20.37
C LYS P 280 4.08 64.04 -20.15
N GLY P 281 4.09 65.05 -21.01
CA GLY P 281 3.17 66.19 -20.83
C GLY P 281 2.28 66.55 -22.00
N GLY P 282 1.06 66.95 -21.69
CA GLY P 282 0.10 67.37 -22.70
C GLY P 282 0.58 68.61 -23.43
N PHE P 283 0.10 68.76 -24.66
CA PHE P 283 0.48 69.89 -25.48
C PHE P 283 -0.23 69.77 -26.78
N VAL P 284 -0.96 70.84 -27.10
CA VAL P 284 -1.73 70.90 -28.32
C VAL P 284 -1.81 72.34 -28.87
N HIS P 285 -1.98 72.47 -30.18
CA HIS P 285 -1.99 73.78 -30.84
C HIS P 285 -3.39 74.21 -31.18
N GLN P 286 -3.67 75.50 -30.99
CA GLN P 286 -4.87 76.12 -31.49
C GLN P 286 -4.44 77.10 -32.57
N ARG P 287 -4.69 76.75 -33.83
CA ARG P 287 -4.22 77.57 -34.97
C ARG P 287 -5.32 78.52 -35.41
N MET P 288 -5.07 79.81 -35.26
CA MET P 288 -6.02 80.81 -35.75
C MET P 288 -5.39 81.60 -36.87
N ALA P 289 -6.20 82.31 -37.64
CA ALA P 289 -5.72 83.03 -38.85
C ALA P 289 -4.36 83.71 -38.65
N SER P 290 -4.28 84.59 -37.67
CA SER P 290 -3.08 85.34 -37.37
C SER P 290 -2.73 85.23 -35.86
N LYS P 291 -2.96 84.07 -35.27
CA LYS P 291 -2.64 83.90 -33.87
C LYS P 291 -2.51 82.41 -33.56
N ILE P 292 -1.56 82.10 -32.68
CA ILE P 292 -1.40 80.72 -32.25
C ILE P 292 -1.50 80.56 -30.72
N GLY P 293 -2.39 79.69 -30.31
CA GLY P 293 -2.48 79.37 -28.89
C GLY P 293 -1.70 78.13 -28.57
N ARG P 294 -1.03 78.10 -27.44
CA ARG P 294 -0.35 76.87 -27.03
C ARG P 294 -0.89 76.34 -25.72
N TRP P 295 -1.59 75.23 -25.78
CA TRP P 295 -2.22 74.66 -24.59
C TRP P 295 -1.35 73.57 -24.03
N TYR P 296 -1.20 73.55 -22.71
CA TYR P 296 -0.32 72.59 -22.01
C TYR P 296 -1.03 72.07 -20.77
N SER P 297 -0.59 70.93 -20.27
CA SER P 297 -1.07 70.45 -18.97
C SER P 297 0.09 70.06 -18.06
N ARG P 298 -0.16 70.09 -16.76
CA ARG P 298 0.84 69.67 -15.79
C ARG P 298 0.15 69.26 -14.53
N THR P 299 0.74 68.32 -13.83
CA THR P 299 0.19 67.81 -12.57
C THR P 299 -0.10 68.95 -11.60
N MET P 300 -1.18 68.78 -10.83
CA MET P 300 -1.53 69.73 -9.78
C MET P 300 -0.48 69.74 -8.66
N SER P 301 0.08 68.56 -8.37
CA SER P 301 1.15 68.47 -7.38
C SER P 301 2.51 68.65 -8.02
N LYS P 302 3.40 69.31 -7.29
CA LYS P 302 4.76 69.52 -7.72
C LYS P 302 5.69 68.27 -7.75
N THR P 303 5.39 67.23 -6.98
CA THR P 303 6.31 66.07 -6.90
C THR P 303 5.63 64.77 -7.25
N LYS P 304 4.32 64.77 -7.29
CA LYS P 304 3.60 63.53 -7.48
C LYS P 304 2.71 63.54 -8.69
N ARG P 305 2.30 62.35 -9.10
CA ARG P 305 1.48 62.23 -10.27
C ARG P 305 0.00 62.33 -9.93
N MET P 306 -0.34 63.48 -9.32
CA MET P 306 -1.67 63.78 -8.81
C MET P 306 -2.24 65.08 -9.42
N GLY P 307 -3.47 65.01 -9.90
CA GLY P 307 -4.09 66.14 -10.53
C GLY P 307 -3.50 66.49 -11.90
N MET P 308 -4.28 67.23 -12.68
CA MET P 308 -3.82 67.81 -13.93
C MET P 308 -4.51 69.19 -14.13
N GLY P 309 -3.69 70.20 -14.44
CA GLY P 309 -4.19 71.54 -14.74
C GLY P 309 -3.96 71.90 -16.18
N LEU P 310 -4.82 72.72 -16.75
CA LEU P 310 -4.64 73.12 -18.14
C LEU P 310 -4.11 74.53 -18.12
N TYR P 311 -3.12 74.84 -18.94
CA TYR P 311 -2.48 76.17 -19.02
C TYR P 311 -2.51 76.59 -20.47
N VAL P 312 -2.28 77.86 -20.76
CA VAL P 312 -2.29 78.37 -22.15
C VAL P 312 -1.54 79.66 -22.32
N LYS P 313 -0.92 79.83 -23.50
CA LYS P 313 -0.31 81.09 -23.92
C LYS P 313 -0.53 81.32 -25.42
N TYR P 314 -0.81 82.57 -25.77
CA TYR P 314 -1.06 82.97 -27.15
C TYR P 314 0.17 83.71 -27.74
N ASP P 315 0.70 83.21 -28.85
CA ASP P 315 1.90 83.79 -29.53
C ASP P 315 3.14 83.85 -28.64
N GLY P 316 4.16 84.53 -29.16
CA GLY P 316 5.43 84.67 -28.49
C GLY P 316 6.33 83.54 -28.93
N ASP P 317 7.52 83.49 -28.34
CA ASP P 317 8.44 82.39 -28.56
C ASP P 317 8.60 81.64 -27.21
N PRO P 318 8.16 80.39 -27.13
CA PRO P 318 8.34 79.65 -25.88
C PRO P 318 9.80 79.48 -25.48
N TRP P 319 10.72 79.64 -26.44
CA TRP P 319 12.13 79.57 -26.12
C TRP P 319 12.68 80.76 -25.35
N THR P 320 11.94 81.87 -25.27
CA THR P 320 12.47 83.11 -24.66
C THR P 320 11.56 83.77 -23.62
N ASP P 321 10.26 83.51 -23.71
CA ASP P 321 9.26 84.08 -22.80
C ASP P 321 9.28 83.46 -21.43
N SER P 322 9.65 84.26 -20.44
CA SER P 322 9.68 83.78 -19.05
C SER P 322 8.29 83.97 -18.43
N ASP P 323 7.42 84.63 -19.18
CA ASP P 323 6.11 85.01 -18.65
C ASP P 323 5.43 83.73 -18.15
N ALA P 324 4.67 83.88 -17.06
CA ALA P 324 3.93 82.76 -16.54
C ALA P 324 2.95 82.36 -17.63
N LEU P 325 2.65 81.06 -17.67
CA LEU P 325 1.55 80.53 -18.45
C LEU P 325 0.23 80.77 -17.72
N ALA P 326 -0.86 81.08 -18.44
CA ALA P 326 -2.15 81.37 -17.81
C ALA P 326 -2.83 80.08 -17.38
N LEU P 327 -3.11 79.94 -16.08
CA LEU P 327 -3.82 78.76 -15.58
C LEU P 327 -5.25 78.82 -16.06
N SER P 328 -5.65 77.81 -16.84
CA SER P 328 -6.98 77.81 -17.49
C SER P 328 -8.06 76.97 -16.78
N GLY P 329 -7.65 75.91 -16.08
CA GLY P 329 -8.60 75.11 -15.28
C GLY P 329 -8.02 73.84 -14.71
N VAL P 330 -8.62 73.36 -13.63
CA VAL P 330 -8.26 72.08 -13.02
C VAL P 330 -9.04 70.97 -13.68
N MET P 331 -8.33 70.13 -14.42
CA MET P 331 -8.93 68.99 -15.16
C MET P 331 -9.09 67.74 -14.29
N VAL P 332 -8.09 67.50 -13.47
CA VAL P 332 -8.14 66.43 -12.50
C VAL P 332 -7.67 67.02 -11.20
N SER P 333 -8.52 66.95 -10.17
CA SER P 333 -8.18 67.49 -8.86
C SER P 333 -7.01 66.73 -8.23
N MET P 334 -6.30 67.43 -7.35
CA MET P 334 -5.20 66.86 -6.57
C MET P 334 -5.52 65.52 -5.88
N GLU P 335 -6.78 65.16 -5.74
CA GLU P 335 -7.12 63.91 -5.08
C GLU P 335 -7.16 62.73 -6.05
N GLU P 336 -7.06 63.00 -7.35
CA GLU P 336 -7.13 61.95 -8.37
C GLU P 336 -5.77 61.79 -9.07
N PRO P 337 -5.51 60.60 -9.66
CA PRO P 337 -4.25 60.41 -10.34
C PRO P 337 -4.17 61.15 -11.68
N GLY P 338 -3.02 61.79 -11.90
CA GLY P 338 -2.70 62.48 -13.15
C GLY P 338 -1.31 62.07 -13.56
N TRP P 339 -1.23 61.07 -14.44
CA TRP P 339 0.04 60.59 -14.89
C TRP P 339 0.31 61.29 -16.24
N TYR P 340 0.75 60.52 -17.25
CA TYR P 340 1.01 61.00 -18.61
C TYR P 340 -0.16 61.81 -19.17
N SER P 341 0.16 62.81 -19.97
CA SER P 341 -0.87 63.49 -20.75
C SER P 341 -0.34 63.78 -22.14
N PHE P 342 -1.21 64.01 -23.11
CA PHE P 342 -0.82 64.04 -24.51
C PHE P 342 -1.85 64.90 -25.24
N GLY P 343 -1.46 65.50 -26.36
CA GLY P 343 -2.39 66.23 -27.24
C GLY P 343 -2.83 65.45 -28.47
N PHE P 344 -4.00 65.82 -29.01
CA PHE P 344 -4.47 65.35 -30.31
C PHE P 344 -5.51 66.27 -30.88
N GLU P 345 -5.92 65.99 -32.11
CA GLU P 345 -6.82 66.84 -32.84
C GLU P 345 -7.84 65.95 -33.54
N ILE P 346 -9.12 66.19 -33.25
CA ILE P 346 -10.23 65.58 -33.95
C ILE P 346 -10.56 66.47 -35.15
N LYS P 347 -11.01 65.87 -36.25
CA LYS P 347 -11.28 66.65 -37.45
C LYS P 347 -12.74 66.86 -37.66
N ASP P 348 -13.13 68.11 -37.55
CA ASP P 348 -14.49 68.45 -37.89
C ASP P 348 -14.56 68.62 -39.42
N LYS P 349 -15.71 69.00 -39.95
CA LYS P 349 -15.88 69.04 -41.41
C LYS P 349 -14.85 69.93 -42.11
N LYS P 350 -14.59 71.13 -41.58
CA LYS P 350 -13.68 72.07 -42.21
C LYS P 350 -12.68 72.69 -41.26
N CYS P 351 -12.62 72.16 -40.04
CA CYS P 351 -11.59 72.63 -39.08
C CYS P 351 -11.16 71.54 -38.10
N ASP P 352 -10.03 71.76 -37.43
CA ASP P 352 -9.45 70.78 -36.50
C ASP P 352 -9.71 71.14 -35.03
N VAL P 353 -10.11 70.15 -34.24
CA VAL P 353 -10.44 70.39 -32.83
C VAL P 353 -9.32 69.89 -31.91
N PRO P 354 -8.59 70.84 -31.30
CA PRO P 354 -7.49 70.48 -30.41
C PRO P 354 -8.00 69.91 -29.09
N CYS P 355 -7.41 68.81 -28.64
CA CYS P 355 -7.82 68.17 -27.37
C CYS P 355 -6.61 67.77 -26.57
N ILE P 356 -6.80 67.48 -25.28
CA ILE P 356 -5.72 66.96 -24.43
C ILE P 356 -6.25 65.76 -23.67
N GLY P 357 -5.63 64.60 -23.89
CA GLY P 357 -5.97 63.41 -23.11
C GLY P 357 -5.11 63.28 -21.85
N ILE P 358 -5.65 62.68 -20.80
CA ILE P 358 -4.92 62.45 -19.54
C ILE P 358 -5.02 61.00 -19.11
N GLU P 359 -3.86 60.36 -18.98
CA GLU P 359 -3.74 59.02 -18.42
C GLU P 359 -3.92 59.18 -16.94
N MET P 360 -4.94 58.52 -16.43
CA MET P 360 -5.23 58.55 -15.01
C MET P 360 -5.03 57.15 -14.47
N VAL P 361 -3.79 56.86 -14.09
CA VAL P 361 -3.40 55.51 -13.71
C VAL P 361 -3.97 55.10 -12.36
N HIS P 362 -4.33 53.83 -12.26
CA HIS P 362 -4.81 53.21 -11.00
C HIS P 362 -3.63 52.51 -10.39
N ASP P 363 -2.97 53.18 -9.44
CA ASP P 363 -1.71 52.65 -8.85
C ASP P 363 -1.93 52.11 -7.43
N GLY P 364 -1.73 50.81 -7.25
CA GLY P 364 -1.84 50.18 -5.90
C GLY P 364 -0.57 49.42 -5.52
N GLY P 365 0.55 49.80 -6.15
CA GLY P 365 1.86 49.15 -5.91
C GLY P 365 2.01 47.91 -6.75
N LYS P 366 3.17 47.29 -6.73
CA LYS P 366 3.37 46.07 -7.55
C LYS P 366 2.57 44.77 -7.12
N GLU P 367 1.95 44.82 -5.92
CA GLU P 367 1.27 43.61 -5.40
C GLU P 367 -0.16 43.41 -5.92
N THR P 368 -0.56 44.27 -6.87
CA THR P 368 -1.89 44.17 -7.52
C THR P 368 -1.79 44.70 -8.96
N TRP P 369 -2.92 44.74 -9.65
CA TRP P 369 -2.91 45.26 -11.02
C TRP P 369 -2.50 46.75 -11.17
N HIS P 370 -2.13 47.10 -12.39
CA HIS P 370 -1.68 48.45 -12.67
C HIS P 370 -2.12 48.84 -14.10
N SER P 371 -3.22 49.58 -14.17
CA SER P 371 -3.69 50.13 -15.44
C SER P 371 -4.12 51.60 -15.32
N ALA P 372 -4.74 52.12 -16.38
CA ALA P 372 -5.09 53.55 -16.44
C ALA P 372 -6.47 53.77 -17.05
N ALA P 373 -7.16 54.81 -16.61
CA ALA P 373 -8.30 55.36 -17.35
C ALA P 373 -7.75 56.46 -18.26
N THR P 374 -8.63 57.13 -19.01
CA THR P 374 -8.24 58.17 -19.96
C THR P 374 -9.32 59.25 -19.98
N ALA P 375 -8.93 60.43 -19.53
CA ALA P 375 -9.77 61.61 -19.53
C ALA P 375 -9.51 62.43 -20.80
N ILE P 376 -10.56 62.89 -21.45
CA ILE P 376 -10.42 63.78 -22.60
C ILE P 376 -11.07 65.18 -22.35
N TYR P 377 -10.26 66.23 -22.49
CA TYR P 377 -10.76 67.59 -22.59
C TYR P 377 -10.51 68.13 -24.00
N CYS P 378 -11.50 68.76 -24.61
CA CYS P 378 -11.35 69.43 -25.94
C CYS P 378 -11.74 70.91 -25.94
N LEU P 379 -11.16 71.66 -26.89
CA LEU P 379 -11.58 73.02 -27.16
C LEU P 379 -13.01 72.96 -27.63
N MET P 380 -13.91 73.49 -26.82
CA MET P 380 -15.32 73.67 -27.20
C MET P 380 -15.98 74.93 -26.55
N GLY P 381 -16.47 75.82 -27.40
CA GLY P 381 -17.20 77.02 -27.01
C GLY P 381 -16.38 78.08 -26.32
N SER P 382 -17.08 78.97 -25.62
CA SER P 382 -16.48 80.09 -24.89
C SER P 382 -16.58 79.96 -23.35
N GLY P 383 -15.91 80.85 -22.60
CA GLY P 383 -16.06 80.85 -21.13
C GLY P 383 -14.93 80.23 -20.29
N GLN P 384 -15.29 79.57 -19.17
CA GLN P 384 -14.25 78.98 -18.27
C GLN P 384 -14.41 77.49 -18.16
N LEU P 385 -13.29 76.74 -18.14
CA LEU P 385 -13.31 75.30 -17.95
C LEU P 385 -14.11 74.96 -16.71
N LEU P 386 -15.08 74.07 -16.88
CA LEU P 386 -16.12 73.91 -15.90
C LEU P 386 -16.01 72.71 -14.96
N TRP P 387 -15.63 71.54 -15.47
CA TRP P 387 -15.71 70.36 -14.59
C TRP P 387 -14.47 69.52 -14.66
N ASP P 388 -14.12 68.91 -13.53
CA ASP P 388 -12.98 68.02 -13.41
C ASP P 388 -13.45 66.58 -13.65
N THR P 389 -12.47 65.66 -13.82
CA THR P 389 -12.75 64.25 -14.12
C THR P 389 -12.29 63.37 -13.00
N VAL P 390 -13.05 62.32 -12.72
CA VAL P 390 -12.66 61.27 -11.76
C VAL P 390 -12.74 59.91 -12.47
N THR P 391 -11.96 58.92 -11.99
CA THR P 391 -12.02 57.57 -12.61
C THR P 391 -13.17 56.77 -12.12
N GLY P 392 -13.70 57.14 -10.94
CA GLY P 392 -14.77 56.37 -10.28
C GLY P 392 -14.37 54.98 -9.80
N VAL P 393 -13.10 54.59 -10.01
CA VAL P 393 -12.63 53.22 -9.75
C VAL P 393 -12.05 52.99 -8.34
N ASP P 394 -12.62 51.97 -7.68
CA ASP P 394 -12.09 51.46 -6.42
C ASP P 394 -11.25 50.22 -6.78
N MET P 395 -9.98 50.27 -6.45
CA MET P 395 -9.05 49.21 -6.80
C MET P 395 -9.14 47.91 -6.00
N ALA P 396 -9.96 47.89 -4.94
CA ALA P 396 -10.15 46.68 -4.12
C ALA P 396 -11.24 45.77 -4.69
N LEU P 397 -11.96 46.27 -5.70
CA LEU P 397 -13.09 45.56 -6.27
C LEU P 397 -12.69 44.61 -7.41
C1 NAG Q . 29.02 -38.81 -37.52
C2 NAG Q . 30.43 -38.21 -37.43
C3 NAG Q . 30.36 -36.69 -37.13
C4 NAG Q . 29.47 -35.97 -38.14
C5 NAG Q . 28.09 -36.63 -38.23
C6 NAG Q . 27.35 -36.00 -39.41
C7 NAG Q . 32.17 -39.64 -36.49
C8 NAG Q . 32.67 -40.36 -35.24
N2 NAG Q . 31.06 -38.94 -36.35
O3 NAG Q . 31.65 -36.07 -37.18
O4 NAG Q . 29.40 -34.56 -37.88
O5 NAG Q . 28.17 -38.06 -38.41
O6 NAG Q . 26.07 -36.60 -39.48
O7 NAG Q . 32.74 -39.76 -37.58
CA CA R . 28.37 -65.73 -16.03
C1 G39 S . 22.57 -58.39 -9.18
O1A G39 S . 23.17 -57.37 -8.74
O1B G39 S . 23.09 -59.44 -9.50
C2 G39 S . 21.31 -58.18 -9.53
C3 G39 S . 20.77 -56.83 -9.13
C4 G39 S . 19.60 -56.44 -10.07
C5 G39 S . 18.93 -57.72 -10.61
N5 G39 S . 17.85 -57.26 -11.50
C10 G39 S . 16.55 -56.98 -11.43
O10 G39 S . 15.83 -57.26 -10.49
C11 G39 S . 15.91 -56.34 -12.66
C6 G39 S . 19.69 -58.80 -11.24
C7 G39 S . 20.82 -59.12 -10.30
O7 G39 S . 18.72 -59.88 -11.53
C8 G39 S . 19.00 -60.52 -12.79
C9 G39 S . 17.83 -61.41 -13.20
C81 G39 S . 20.28 -61.35 -12.79
C82 G39 S . 20.11 -62.40 -11.69
C91 G39 S . 16.58 -60.61 -13.17
N4 G39 S . 18.55 -55.56 -9.43
Y YT3 T . 17.89 -29.56 2.76
C1 NAG U . -8.23 -26.57 -31.16
C2 NAG U . -7.64 -27.79 -31.85
C3 NAG U . -6.13 -27.58 -32.15
C4 NAG U . -5.89 -26.26 -32.91
C5 NAG U . -6.56 -25.10 -32.17
C6 NAG U . -6.46 -23.85 -33.05
C7 NAG U . -8.62 -29.97 -31.21
C8 NAG U . -8.73 -31.03 -30.12
N2 NAG U . -7.84 -28.90 -30.95
O3 NAG U . -5.60 -28.66 -32.91
O4 NAG U . -4.52 -26.04 -33.21
O5 NAG U . -7.94 -25.38 -31.88
O6 NAG U . -7.00 -22.77 -32.32
O7 NAG U . -9.24 -30.10 -32.26
CA CA V . -23.14 -38.78 -2.40
C1 G39 W . -13.44 -34.51 2.65
O1A G39 W . -12.43 -35.06 2.28
O1B G39 W . -14.63 -34.65 2.67
C2 G39 W . -13.38 -33.25 2.95
C3 G39 W . -12.12 -32.47 2.72
C4 G39 W . -12.24 -30.94 2.31
C5 G39 W . -13.40 -30.21 2.93
N5 G39 W . -13.66 -28.92 2.30
C10 G39 W . -13.27 -27.63 2.53
O10 G39 W . -12.90 -27.07 3.60
C11 G39 W . -13.40 -26.87 1.25
C6 G39 W . -14.61 -31.04 2.58
C7 G39 W . -14.42 -32.45 3.20
O7 G39 W . -15.87 -30.39 3.05
C8 G39 W . -17.03 -30.33 2.18
C9 G39 W . -18.06 -29.28 2.65
C81 G39 W . -17.78 -31.64 2.01
C82 G39 W . -18.47 -32.14 3.31
C91 G39 W . -17.46 -27.88 2.87
N4 G39 W . -10.97 -30.21 2.57
C1 NAG X . 5.42 7.30 -15.33
C2 NAG X . 4.01 6.82 -15.65
C3 NAG X . 4.04 5.64 -16.66
C4 NAG X . 4.89 5.98 -17.89
C5 NAG X . 6.25 6.53 -17.48
C6 NAG X . 6.99 6.96 -18.76
C7 NAG X . 2.34 6.98 -13.89
C8 NAG X . 1.86 6.45 -12.54
N2 NAG X . 3.42 6.42 -14.40
O3 NAG X . 2.71 5.29 -17.04
O4 NAG X . 5.02 4.88 -18.79
O5 NAG X . 6.18 7.60 -16.52
O6 NAG X . 8.25 7.48 -18.37
O7 NAG X . 1.74 7.90 -14.47
CA CA Y . 7.23 8.06 19.13
C1 G39 Z . 13.36 -1.70 17.49
O1A G39 Z . 12.89 -2.80 17.12
O1B G39 Z . 12.84 -0.73 18.09
C2 G39 Z . 14.62 -1.53 17.01
C3 G39 Z . 15.09 -2.69 16.15
C4 G39 Z . 16.11 -2.20 15.10
C5 G39 Z . 16.83 -1.05 15.78
N5 G39 Z . 17.99 -0.70 14.96
C10 G39 Z . 19.31 -0.83 15.22
O10 G39 Z . 19.79 -1.37 16.24
C11 G39 Z . 20.24 -0.24 14.13
C6 G39 Z . 16.01 0.17 16.03
C7 G39 Z . 15.14 -0.29 17.18
O7 G39 Z . 17.05 1.11 16.44
C8 G39 Z . 16.80 2.46 16.88
C9 G39 Z . 17.95 2.83 17.83
C81 G39 Z . 15.47 2.85 17.54
C82 G39 Z . 15.57 2.79 19.08
C91 G39 Z . 19.19 3.19 17.05
N4 G39 Z . 17.14 -3.29 14.73
C1 NAG AA . 42.66 -4.77 -22.03
C2 NAG AA . 42.07 -3.46 -21.53
C3 NAG AA . 40.57 -3.38 -21.84
C4 NAG AA . 40.26 -3.69 -23.31
C5 NAG AA . 40.94 -4.98 -23.76
C6 NAG AA . 40.83 -5.10 -25.27
C7 NAG AA . 43.11 -2.59 -19.46
C8 NAG AA . 43.27 -2.72 -17.97
N2 NAG AA . 42.30 -3.43 -20.09
O3 NAG AA . 40.08 -2.06 -21.54
O4 NAG AA . 38.85 -3.69 -23.61
O5 NAG AA . 42.33 -5.03 -23.40
O6 NAG AA . 41.38 -6.36 -25.60
O7 NAG AA . 43.76 -1.73 -20.05
CA CA BA . 58.65 -18.94 5.26
C1 G39 CA . 49.37 -25.29 5.39
O1A G39 CA . 48.36 -24.82 5.86
O1B G39 CA . 50.52 -24.77 5.30
C2 G39 CA . 49.19 -26.51 4.72
C3 G39 CA . 47.84 -26.97 4.31
C4 G39 CA . 47.89 -27.45 2.85
C5 G39 CA . 49.17 -28.23 2.59
N5 G39 CA . 49.25 -28.74 1.20
C10 G39 CA . 48.94 -29.86 0.53
O10 G39 CA . 48.67 -30.99 0.97
C11 G39 CA . 48.98 -29.70 -0.98
C6 G39 CA . 50.47 -27.50 2.82
C7 G39 CA . 50.39 -26.88 4.26
O7 G39 CA . 51.57 -28.42 2.55
C8 G39 CA . 52.81 -27.97 1.96
C9 G39 CA . 53.75 -29.18 1.84
C81 G39 CA . 53.51 -26.75 2.56
C82 G39 CA . 54.83 -27.07 3.28
C91 G39 CA . 53.34 -30.09 0.67
N4 G39 CA . 46.65 -28.25 2.77
Y YT3 DA . -68.94 -2.37 -17.16
C1 NAG EA . -60.22 -40.70 0.37
C2 NAG EA . -61.67 -41.17 0.25
C3 NAG EA . -62.63 -40.35 1.12
C4 NAG EA . -62.14 -40.19 2.57
C5 NAG EA . -60.67 -39.72 2.59
C6 NAG EA . -60.12 -39.81 4.02
C7 NAG EA . -62.35 -42.18 -1.90
C8 NAG EA . -62.67 -41.93 -3.36
N2 NAG EA . -62.01 -41.10 -1.16
O3 NAG EA . -63.91 -40.99 1.12
O4 NAG EA . -63.05 -39.37 3.37
O5 NAG EA . -59.82 -40.44 1.72
O6 NAG EA . -58.83 -39.25 3.95
O7 NAG EA . -62.42 -43.32 -1.45
CA CA FA . -49.88 -36.97 -32.48
C1 G39 GA . -51.83 -25.87 -29.63
O1A G39 GA . -52.97 -25.65 -29.44
O1B G39 GA . -51.41 -26.85 -30.07
C2 G39 GA . -50.85 -25.25 -28.99
C3 G39 GA . -51.44 -24.25 -28.12
C4 G39 GA . -50.39 -23.75 -27.19
C5 G39 GA . -49.05 -24.06 -27.67
N5 G39 GA . -48.27 -23.85 -26.46
C10 G39 GA . -47.49 -22.87 -26.04
O10 G39 GA . -47.56 -21.74 -26.49
C11 G39 GA . -46.56 -23.28 -24.90
C6 G39 GA . -48.75 -25.51 -28.07
C7 G39 GA . -49.70 -25.86 -29.12
O7 G39 GA . -47.41 -25.70 -28.62
C8 G39 GA . -46.70 -26.91 -28.35
C9 G39 GA . -45.18 -26.71 -28.53
C81 G39 GA . -47.12 -27.99 -29.33
C82 G39 GA . -46.32 -27.83 -30.62
C91 G39 GA . -44.56 -25.84 -27.44
N4 G39 GA . -50.50 -22.31 -27.11
C1 NAG HA . -41.22 -8.84 15.13
C2 NAG HA . -40.78 -10.20 14.56
C3 NAG HA . -41.95 -11.21 14.51
C4 NAG HA . -42.64 -11.32 15.88
C5 NAG HA . -43.04 -9.93 16.38
C6 NAG HA . -43.60 -10.05 17.81
C7 NAG HA . -38.96 -10.19 12.88
C8 NAG HA . -38.57 -9.84 11.46
N2 NAG HA . -40.24 -9.95 13.23
O3 NAG HA . -41.52 -12.50 14.18
O4 NAG HA . -43.76 -12.23 15.86
O5 NAG HA . -41.98 -8.95 16.33
O6 NAG HA . -43.92 -8.76 18.27
O7 NAG HA . -38.13 -10.67 13.67
CA CA IA . -31.11 14.35 -8.41
C1 G39 JA . -42.09 13.60 -11.18
O1A G39 JA . -42.55 12.51 -11.63
O1B G39 JA . -40.93 13.98 -11.52
C2 G39 JA . -42.99 14.18 -10.23
C3 G39 JA . -44.33 13.49 -10.06
C4 G39 JA . -45.15 14.18 -8.96
C5 G39 JA . -44.76 15.62 -8.76
N5 G39 JA . -45.26 16.12 -7.49
C10 G39 JA . -46.20 17.03 -7.23
O10 G39 JA . -46.71 17.77 -8.07
C11 G39 JA . -46.56 17.00 -5.76
C6 G39 JA . -43.33 15.70 -8.36
C7 G39 JA . -42.53 15.22 -9.54
O7 G39 JA . -43.03 17.06 -7.89
C8 G39 JA . -41.90 17.14 -6.96
C9 G39 JA . -41.66 18.43 -6.15
C81 G39 JA . -40.61 16.96 -7.76
C82 G39 JA . -40.35 18.15 -8.66
C91 G39 JA . -42.91 19.22 -5.79
N4 G39 JA . -46.56 14.02 -9.30
C1 NAG KA . -76.31 8.39 23.80
C2 NAG KA . -74.85 8.79 24.02
C3 NAG KA . -73.88 7.58 23.88
C4 NAG KA . -74.32 6.38 24.72
C5 NAG KA . -75.78 6.06 24.43
C6 NAG KA . -76.27 4.98 25.42
C7 NAG KA . -74.20 11.07 23.41
C8 NAG KA . -73.92 12.07 22.30
N2 NAG KA . -74.55 9.84 23.06
O3 NAG KA . -72.58 7.96 24.32
O4 NAG KA . -73.40 5.27 24.56
O5 NAG KA . -76.68 7.19 24.46
O6 NAG KA . -77.59 4.70 25.05
O7 NAG KA . -74.10 11.45 24.60
CA CA LA . -87.69 31.00 0.27
C1 G39 MA . -86.29 22.01 -6.23
O1A G39 MA . -85.12 21.68 -6.49
O1B G39 MA . -86.76 23.05 -5.67
C2 G39 MA . -87.15 20.96 -6.45
C3 G39 MA . -86.52 19.69 -6.91
C4 G39 MA . -87.38 18.54 -6.40
C5 G39 MA . -88.83 18.89 -6.35
N5 G39 MA . -89.41 17.77 -5.64
C10 G39 MA . -90.26 16.82 -6.07
O10 G39 MA . -90.50 16.64 -7.25
C11 G39 MA . -90.91 16.01 -4.96
C6 G39 MA . -89.10 20.08 -5.46
C7 G39 MA . -88.36 21.25 -6.04
O7 G39 MA . -90.54 20.20 -5.30
C8 G39 MA . -91.16 21.14 -4.43
C9 G39 MA . -92.62 21.24 -4.94
C81 G39 MA . -90.52 22.51 -4.50
C82 G39 MA . -91.47 23.55 -5.05
C91 G39 MA . -93.38 19.92 -4.96
N4 G39 MA . -87.29 17.43 -7.33
C1 NAG NA . -95.27 -23.64 9.30
C2 NAG NA . -95.72 -22.35 10.00
C3 NAG NA . -94.56 -21.65 10.74
C4 NAG NA . -93.80 -22.63 11.66
C5 NAG NA . -93.40 -23.89 10.86
C6 NAG NA . -92.82 -24.92 11.85
C7 NAG NA . -97.59 -21.12 8.99
C8 NAG NA . -98.06 -20.26 7.83
N2 NAG NA . -96.31 -21.51 8.96
O3 NAG NA . -94.98 -20.58 11.56
O4 NAG NA . -92.67 -22.02 12.29
O5 NAG NA . -94.45 -24.49 10.11
O6 NAG NA . -92.46 -26.07 11.11
O7 NAG NA . -98.36 -21.43 9.90
CA CA OA . -106.59 -20.59 -23.10
C1 G39 PA . -95.73 -17.88 -24.88
O1A G39 PA . -95.27 -16.79 -24.44
O1B G39 PA . -96.79 -18.51 -25.09
C2 G39 PA . -94.74 -18.73 -25.02
C3 G39 PA . -93.46 -18.20 -24.47
C4 G39 PA . -92.55 -19.44 -24.24
C5 G39 PA . -92.97 -20.73 -24.97
N5 G39 PA . -92.41 -21.85 -24.21
C10 G39 PA . -91.48 -22.76 -24.60
O10 G39 PA . -90.88 -22.73 -25.69
C11 G39 PA . -91.23 -23.87 -23.57
C6 G39 PA . -94.43 -21.10 -24.96
C7 G39 PA . -95.26 -19.89 -25.41
O7 G39 PA . -94.70 -22.34 -25.71
C8 G39 PA . -95.64 -23.21 -25.01
C9 G39 PA . -95.85 -24.64 -25.60
C81 G39 PA . -96.97 -22.49 -24.99
C82 G39 PA . -97.55 -22.58 -26.40
C91 G39 PA . -94.59 -25.48 -25.70
N4 G39 PA . -91.14 -19.06 -24.44
C1 NAG QA . 89.77 -39.78 59.78
C2 NAG QA . 88.72 -40.84 59.45
C3 NAG QA . 87.35 -40.49 60.06
C4 NAG QA . 87.48 -40.21 61.57
C5 NAG QA . 88.57 -39.17 61.84
C6 NAG QA . 88.79 -39.04 63.36
C7 NAG QA . 88.97 -41.95 57.27
C8 NAG QA . 88.83 -41.81 55.75
N2 NAG QA . 88.63 -40.88 58.01
O3 NAG QA . 86.41 -41.55 59.85
O4 NAG QA . 86.20 -39.93 62.19
O5 NAG QA . 89.82 -39.46 61.19
O6 NAG QA . 89.77 -38.05 63.60
O7 NAG QA . 89.39 -42.98 57.80
CA CA RA . 103.82 -30.39 29.58
C1 G39 SA . 97.17 -21.10 30.88
O1A G39 SA . 96.02 -21.44 30.85
O1B G39 SA . 97.98 -21.90 30.51
C2 G39 SA . 97.47 -20.01 31.57
C3 G39 SA . 96.33 -19.39 32.31
C4 G39 SA . 96.78 -18.90 33.70
C5 G39 SA . 98.25 -18.50 33.84
N5 G39 SA . 98.63 -18.23 35.19
C10 G39 SA . 99.10 -17.04 35.65
O10 G39 SA . 99.20 -15.98 34.96
C11 G39 SA . 99.51 -17.03 37.11
C6 G39 SA . 99.14 -19.57 33.28
C7 G39 SA . 98.74 -19.73 31.82
O7 G39 SA . 100.56 -19.19 33.23
C8 G39 SA . 101.50 -20.10 33.88
C9 G39 SA . 102.85 -19.39 34.14
C81 G39 SA . 101.66 -21.49 33.21
C82 G39 SA . 101.99 -21.44 31.72
C91 G39 SA . 102.60 -18.15 35.01
N4 G39 SA . 95.84 -17.79 33.86
Y YT3 TA . 69.34 -7.83 39.47
C1 NAG UA . 90.27 -3.89 76.81
C2 NAG UA . 91.37 -4.88 76.42
C3 NAG UA . 90.80 -6.29 76.18
C4 NAG UA . 89.91 -6.74 77.34
C5 NAG UA . 88.85 -5.69 77.67
C6 NAG UA . 88.13 -6.11 78.95
C7 NAG UA . 93.28 -3.98 75.17
C8 NAG UA . 93.77 -3.44 73.84
N2 NAG UA . 92.01 -4.37 75.22
O3 NAG UA . 91.86 -7.22 76.01
O4 NAG UA . 89.29 -7.99 77.08
O5 NAG UA . 89.45 -4.39 77.88
O6 NAG UA . 87.19 -5.10 79.30
O7 NAG UA . 94.03 -4.01 76.14
CA CA VA . 93.97 22.78 54.95
C1 G39 WA . 85.15 17.80 49.90
O1A G39 WA . 85.30 16.61 49.69
O1B G39 WA . 85.77 18.82 50.24
C2 G39 WA . 83.93 17.91 50.25
C3 G39 WA . 83.05 16.69 50.18
C4 G39 WA . 81.93 16.59 51.29
C5 G39 WA . 81.56 17.99 51.77
N5 G39 WA . 80.64 17.86 52.89
C10 G39 WA . 79.36 18.35 53.15
O10 G39 WA . 78.53 18.87 52.36
C11 G39 WA . 78.91 18.21 54.60
C6 G39 WA . 82.68 18.76 52.35
C7 G39 WA . 83.61 18.95 51.06
O7 G39 WA . 82.20 20.03 52.95
C8 G39 WA . 83.04 20.63 53.99
C9 G39 WA . 82.39 21.88 54.65
C81 G39 WA . 84.39 21.07 53.58
C82 G39 WA . 84.29 22.27 52.60
C91 G39 WA . 80.93 21.70 54.98
N4 G39 WA . 80.79 15.83 50.67
C1 NAG XA . 50.48 -3.47 77.71
C2 NAG XA . 51.53 -2.51 78.25
C3 NAG XA . 52.93 -3.18 78.30
C4 NAG XA . 52.87 -4.52 79.04
C5 NAG XA . 51.75 -5.41 78.48
C6 NAG XA . 51.59 -6.65 79.36
C7 NAG XA . 51.23 -0.14 77.73
C8 NAG XA . 51.30 0.98 76.70
N2 NAG XA . 51.56 -1.36 77.36
O3 NAG XA . 53.90 -2.34 78.94
O4 NAG XA . 54.16 -5.18 79.06
O5 NAG XA . 50.49 -4.74 78.40
O6 NAG XA . 50.56 -7.46 78.81
O7 NAG XA . 50.87 0.11 78.88
CA CA YA . 35.26 13.41 51.64
C1 G39 ZA . 41.69 6.48 45.14
O1A G39 ZA . 42.78 6.89 45.18
O1B G39 ZA . 40.76 7.14 45.53
C2 G39 ZA . 41.47 5.15 45.15
C3 G39 ZA . 42.68 4.15 45.13
C4 G39 ZA . 42.18 2.72 45.67
C5 G39 ZA . 40.70 2.86 45.48
N5 G39 ZA . 40.50 1.56 45.75
C10 G39 ZA . 40.05 0.33 45.13
O10 G39 ZA . 39.95 -0.08 43.91
C11 G39 ZA . 39.49 -0.71 46.12
C6 G39 ZA . 39.74 3.70 46.21
C7 G39 ZA . 40.16 4.81 45.27
O7 G39 ZA . 38.40 3.06 45.96
C8 G39 ZA . 37.37 3.56 46.84
C9 G39 ZA . 36.05 2.85 46.55
C81 G39 ZA . 37.17 5.09 46.83
C82 G39 ZA . 36.44 5.59 45.56
C91 G39 ZA . 36.29 1.49 45.93
N4 G39 ZA . 42.68 1.69 44.75
C1 NAG AB . 49.99 -39.49 60.94
C2 NAG AB . 48.89 -38.62 61.52
C3 NAG AB . 49.48 -37.51 62.42
C4 NAG AB . 50.45 -38.10 63.46
C5 NAG AB . 51.49 -39.00 62.81
C6 NAG AB . 52.25 -39.70 63.93
C7 NAG AB . 46.92 -38.26 60.07
C8 NAG AB . 46.41 -37.58 58.81
N2 NAG AB . 48.20 -38.06 60.38
O3 NAG AB . 48.45 -36.77 63.08
O4 NAG AB . 51.10 -37.11 64.25
O5 NAG AB . 50.89 -39.97 61.95
O6 NAG AB . 53.19 -40.58 63.33
O7 NAG AB . 46.18 -38.99 60.74
CA CA BB . 45.10 -39.85 26.69
C1 G39 CB . 53.77 -32.60 26.91
O1A G39 CB . 53.65 -31.50 27.52
O1B G39 CB . 53.11 -33.57 26.38
C2 G39 CB . 55.00 -32.93 27.02
C3 G39 CB . 55.89 -32.13 27.90
C4 G39 CB . 56.92 -33.03 28.63
C5 G39 CB . 57.20 -34.18 27.72
N5 G39 CB . 58.36 -34.82 28.37
C10 G39 CB . 59.66 -35.27 28.05
O10 G39 CB . 60.33 -35.00 27.03
C11 G39 CB . 60.37 -36.14 29.07
C6 G39 CB . 56.07 -35.13 27.68
C7 G39 CB . 55.22 -34.19 26.76
O7 G39 CB . 56.73 -36.23 26.98
C8 G39 CB . 56.04 -37.50 26.97
C9 G39 CB . 56.83 -38.55 26.17
C81 G39 CB . 54.67 -37.49 26.40
C82 G39 CB . 54.78 -37.26 24.91
C91 G39 CB . 58.32 -38.58 26.55
N4 G39 CB . 57.98 -32.01 28.78
C1 NAG DB . 3.41 38.12 -62.16
C2 NAG DB . 4.36 39.24 -61.74
C3 NAG DB . 3.63 40.59 -61.53
C4 NAG DB . 2.73 40.93 -62.72
C5 NAG DB . 1.79 39.76 -63.06
C6 NAG DB . 1.06 40.07 -64.37
C7 NAG DB . 6.34 38.62 -60.41
C8 NAG DB . 6.90 38.13 -59.10
N2 NAG DB . 5.01 38.79 -60.51
O3 NAG DB . 4.58 41.65 -61.39
O4 NAG DB . 2.03 42.17 -62.51
O5 NAG DB . 2.47 38.50 -63.18
O6 NAG DB . 0.28 38.95 -64.71
O7 NAG DB . 7.11 38.85 -61.35
CA CA EB . 9.88 12.37 -40.04
C1 G39 FB . 0.48 16.27 -35.19
O1A G39 FB . 0.34 17.41 -34.65
O1B G39 FB . 1.65 15.87 -35.37
C2 G39 FB . -0.77 15.91 -35.66
C3 G39 FB . -1.78 17.08 -35.50
C4 G39 FB . -2.87 16.94 -36.61
C5 G39 FB . -3.07 15.54 -37.18
N5 G39 FB . -3.98 15.63 -38.31
C10 G39 FB . -5.15 15.00 -38.44
O10 G39 FB . -5.66 14.40 -37.51
C11 G39 FB . -5.79 15.12 -39.83
C6 G39 FB . -1.76 14.91 -37.64
C7 G39 FB . -0.88 14.82 -36.41
O7 G39 FB . -2.05 13.59 -38.13
C8 G39 FB . -1.33 13.09 -39.25
C9 G39 FB . -1.91 11.75 -39.78
C81 G39 FB . 0.07 12.81 -38.69
C82 G39 FB . 0.03 11.59 -37.77
C91 G39 FB . -3.40 11.55 -39.75
N4 G39 FB . -4.12 17.39 -36.04
C1 NAG GB . -36.23 33.22 -63.72
C2 NAG GB . -35.00 32.42 -64.22
C3 NAG GB . -33.71 33.26 -64.26
C4 NAG GB . -33.93 34.58 -65.02
C5 NAG GB . -35.16 35.33 -64.46
C6 NAG GB . -35.46 36.54 -65.37
C7 NAG GB . -35.03 30.00 -63.67
C8 NAG GB . -34.93 28.98 -62.56
N2 NAG GB . -34.89 31.27 -63.32
O3 NAG GB . -32.63 32.57 -64.86
O4 NAG GB . -32.73 35.37 -65.05
O5 NAG GB . -36.36 34.53 -64.31
O6 NAG GB . -36.66 37.17 -64.93
O7 NAG GB . -35.22 29.65 -64.84
CA CA HB . -49.78 14.54 -38.04
C1 G39 IB . -44.03 22.11 -31.61
O1A G39 IB . -42.78 22.19 -31.55
O1B G39 IB . -44.58 21.02 -31.76
C2 G39 IB . -44.64 23.42 -31.68
C3 G39 IB . -43.63 24.52 -31.58
C4 G39 IB . -44.14 25.91 -31.92
C5 G39 IB . -45.58 25.99 -31.67
N5 G39 IB . -45.83 27.37 -32.06
C10 G39 IB . -46.69 28.25 -31.54
O10 G39 IB . -46.67 28.48 -30.35
C11 G39 IB . -47.59 28.95 -32.53
C6 G39 IB . -46.31 24.95 -32.53
C7 G39 IB . -45.94 23.62 -31.91
O7 G39 IB . -47.72 25.30 -32.48
C8 G39 IB . -48.85 24.45 -32.76
C9 G39 IB . -49.98 24.87 -31.78
C81 G39 IB . -48.71 22.93 -32.68
C82 G39 IB . -49.62 22.25 -31.67
C91 G39 IB . -50.31 26.35 -31.83
N4 G39 IB . -43.42 26.94 -31.08
C1 NAG JB . -41.57 68.98 -46.60
C2 NAG JB . -42.54 67.93 -47.14
C3 NAG JB . -41.84 66.94 -48.08
C4 NAG JB . -41.00 67.63 -49.16
C5 NAG JB . -40.06 68.67 -48.52
C6 NAG JB . -39.36 69.49 -49.62
C7 NAG JB . -44.45 67.24 -45.76
C8 NAG JB . -44.93 66.51 -44.53
N2 NAG JB . -43.13 67.26 -46.00
O3 NAG JB . -42.81 66.14 -48.72
O4 NAG JB . -40.28 66.67 -49.97
O5 NAG JB . -40.73 69.55 -47.61
O6 NAG JB . -38.53 70.44 -49.00
O7 NAG JB . -45.27 67.79 -46.49
CA CA KB . -46.82 68.37 -12.41
C1 G39 LB . -37.19 62.36 -12.84
O1A G39 LB . -37.07 61.26 -13.38
O1B G39 LB . -38.29 62.78 -12.54
C2 G39 LB . -36.06 63.05 -13.02
C3 G39 LB . -35.01 62.24 -13.76
C4 G39 LB . -33.85 63.06 -14.34
C5 G39 LB . -33.72 64.39 -13.64
N5 G39 LB . -32.80 65.17 -14.45
C10 G39 LB . -31.75 65.87 -14.03
O10 G39 LB . -31.16 65.65 -12.95
C11 G39 LB . -31.32 66.94 -15.03
C6 G39 LB . -35.00 65.22 -13.35
C7 G39 LB . -36.04 64.33 -12.72
O7 G39 LB . -34.76 66.34 -12.43
C8 G39 LB . -35.49 67.61 -12.47
C9 G39 LB . -34.87 68.66 -11.54
C81 G39 LB . -36.93 67.52 -11.98
C82 G39 LB . -36.96 67.06 -10.54
C91 G39 LB . -33.61 69.28 -12.05
N4 G39 LB . -32.54 62.25 -14.28
Y YT3 MB . -18.28 39.69 -25.11
C1 NAG NB . -1.95 74.02 -45.32
C2 NAG NB . -3.17 74.89 -44.95
C3 NAG NB . -4.48 74.36 -45.58
C4 NAG NB . -4.32 74.11 -47.10
C5 NAG NB . -3.11 73.21 -47.36
C6 NAG NB . -2.87 73.12 -48.86
C7 NAG NB . -3.03 76.01 -42.75
C8 NAG NB . -3.13 75.81 -41.26
N2 NAG NB . -3.24 74.92 -43.49
O3 NAG NB . -5.58 75.24 -45.40
O4 NAG NB . -5.53 73.60 -47.67
O5 NAG NB . -1.89 73.65 -46.70
O6 NAG NB . -1.66 72.42 -49.09
O7 NAG NB . -2.77 77.12 -43.22
CA CA OB . 12.77 66.18 -15.07
C1 G39 PB . 7.27 56.68 -16.64
O1A G39 PB . 6.07 56.47 -16.42
O1B G39 PB . 7.92 57.63 -16.18
C2 G39 PB . 7.73 55.81 -17.66
C3 G39 PB . 6.66 54.94 -18.20
C4 G39 PB . 7.28 54.29 -19.45
C5 G39 PB . 8.73 54.00 -19.44
N5 G39 PB . 8.93 53.50 -20.79
C10 G39 PB . 9.82 52.61 -21.28
O10 G39 PB . 10.29 51.71 -20.61
C11 G39 PB . 10.17 52.83 -22.74
C6 G39 PB . 9.60 55.21 -19.18
C7 G39 PB . 9.00 55.92 -18.02
O7 G39 PB . 11.01 54.91 -18.97
C8 G39 PB . 11.97 55.98 -19.09
C9 G39 PB . 13.43 55.49 -19.25
C81 G39 PB . 11.83 57.00 -17.93
C82 G39 PB . 12.88 56.98 -16.82
C91 G39 PB . 13.63 54.38 -20.27
N4 G39 PB . 6.49 53.04 -19.50
#